data_8SGX
#
_entry.id   8SGX
#
loop_
_entity.id
_entity.type
_entity.pdbx_description
1 polymer 'Propionyl-coa carboxylase beta chain, putative'
2 polymer 'propionyl-CoA carboxylase'
3 non-polymer 5-(HEXAHYDRO-2-OXO-1H-THIENO[3,4-D]IMIDAZOL-6-YL)PENTANAL
#
loop_
_entity_poly.entity_id
_entity_poly.type
_entity_poly.pdbx_seq_one_letter_code
_entity_poly.pdbx_strand_id
1 'polypeptide(L)'
;PTAAEDLRHKKKRLTAMERVQLFCDPGTFRERDALVEHECHNFGMEKRKVPGDGFITGTGKVFGRPVFLFSHDFTVFGGS
LSRTNAAKVVRIMEEAAKIGVPVIGFNDSGGARIHEGVDSLAGYADIFLRNTLFSGVIPQISVIMGPCAGGAVYSPAITD
FTFMVETSSYMFVTGPEVVSAVGGKLVTKDELGGPHVHATKSGVSAGTFPNDIVAMAQLRRLYSYLPLSNRDPVPVLPTA
DERYRDVSSLNTVVPTEVKEAYDMRDVIYPVIDHDSFFEIQPQFAKNIICGFARVEGRSVCIIANQPKVQAGVLDIDSSV
KGARMVRFADAFNIPIITFVDVPGFLPGVQQEYGGIIRHGAKLLYAYAEATVPKVTIITRKAYGGAYDVMSSKHLRGDSN
YAWPHAEIAVMGAAGACKLLYSKETAEQQAQRIADYEKTFCTPLSAARKGFVDAVIDPSETRMRVCEDLERLARKQLQNP
WKKHGNIPL
;
C,D,E,F,G,H
2 'polypeptide(L)'
;VLVANRGEIACRVMATCRRLGIKTVAVYSTADEQAKHVKVADESVCIGPPASVESYLCIDKIVDACKKTGAQAVHPGYGF
LSENGEFQSALQKNNIVFVGPDAHSIESMGDKIESKRLAQRAGVTCIPGFIGEVKTHEDLLRFAREIGYPVMIKASGGGG
GKGMRVAYNDTQCVEYYDMCREEAKAAFHSDKMLVERFIDHPRHIEIQVIADRRGNTVYLPERECSIQRRNQKVIEEAPS
VLLDATTRKAMGEEAVAMARAVQYVSAGTVENVVNPQKQFYFLEMNTRLQVEHPITEEITGVDLVEQMLRAAADLPLSIT
QDDITINGHATECRVYAEDPMKNYFPSIGRLTMYQEPTGAGVRCDSGIIEGSQISVYYDPLICKLSTWGRDRAECIGRME
KALDEYVIRGLRHNICLLRDVVTEPRYRSGSITTNYLQEQYPNGFKKAELTAEEMQLMYEVAACVHLKRERLHYTQGTAP
SERQLYLSVGAGQEGETPVYVRYLDDSHFEIGASKHGPFRKMEVVWKASYPIIRVKDGEAETVLQFWGTNEVTYGMQMRG
TTFDVNVMSDLQSTLAHFVPITEATTNTKQILSPMPGVIVAIKVQPGQMVVAGEELLTLEAMKMRNKIHAQADGKVKEVK
VKLGATVEDNEVLVELE
;
S,V,X,Z
#
loop_
_chem_comp.id
_chem_comp.type
_chem_comp.name
_chem_comp.formula
BTI non-polymer 5-(HEXAHYDRO-2-OXO-1H-THIENO[3,4-D]IMIDAZOL-6-YL)PENTANAL 'C10 H16 N2 O2 S'
#
# COMPACT_ATOMS: atom_id res chain seq x y z
N PRO A 1 56.56 -10.69 12.25
CA PRO A 1 56.25 -10.83 10.81
C PRO A 1 55.61 -9.57 10.23
N THR A 2 56.38 -8.83 9.45
CA THR A 2 55.91 -7.60 8.80
C THR A 2 56.27 -7.62 7.33
N ALA A 3 55.95 -8.74 6.67
CA ALA A 3 56.39 -8.99 5.30
C ALA A 3 55.55 -8.23 4.29
N ALA A 4 56.21 -7.82 3.20
CA ALA A 4 55.56 -7.32 1.98
C ALA A 4 54.88 -5.97 2.16
N GLU A 5 54.84 -5.45 3.39
CA GLU A 5 54.33 -4.11 3.64
C GLU A 5 55.43 -3.11 3.92
N ASP A 6 56.70 -3.54 3.91
CA ASP A 6 57.80 -2.59 4.05
C ASP A 6 57.90 -1.69 2.83
N LEU A 7 57.63 -2.24 1.64
CA LEU A 7 57.67 -1.43 0.43
C LEU A 7 56.61 -0.34 0.46
N ARG A 8 55.44 -0.65 1.00
CA ARG A 8 54.38 0.36 1.09
C ARG A 8 54.73 1.48 2.09
N HIS A 9 55.03 1.11 3.34
CA HIS A 9 55.31 2.11 4.37
C HIS A 9 56.51 3.00 4.05
N LYS A 10 57.45 2.50 3.26
CA LYS A 10 58.62 3.29 2.90
C LYS A 10 58.24 4.55 2.14
N LYS A 11 57.08 4.53 1.50
CA LYS A 11 56.61 5.71 0.78
C LYS A 11 55.68 6.53 1.65
N LYS A 12 55.80 6.38 2.97
CA LYS A 12 54.96 7.15 3.90
C LYS A 12 53.48 6.96 3.61
N ARG A 13 53.06 5.72 3.37
CA ARG A 13 51.65 5.45 3.09
C ARG A 13 51.19 4.17 3.77
N LEU A 14 49.90 4.10 4.09
CA LEU A 14 49.37 2.92 4.77
C LEU A 14 48.76 1.91 3.81
N THR A 15 48.38 0.74 4.33
CA THR A 15 47.82 -0.30 3.48
C THR A 15 46.32 -0.42 3.69
N ALA A 16 45.63 -1.05 2.75
CA ALA A 16 44.18 -1.19 2.85
C ALA A 16 43.79 -1.94 4.13
N MET A 17 44.48 -3.04 4.40
CA MET A 17 44.13 -3.83 5.58
C MET A 17 44.36 -3.03 6.86
N GLU A 18 45.43 -2.23 6.90
CA GLU A 18 45.67 -1.40 8.08
C GLU A 18 44.57 -0.38 8.27
N ARG A 19 44.08 0.21 7.18
CA ARG A 19 42.97 1.16 7.27
C ARG A 19 41.71 0.48 7.80
N VAL A 20 41.43 -0.72 7.30
CA VAL A 20 40.26 -1.46 7.78
C VAL A 20 40.40 -1.78 9.26
N GLN A 21 41.60 -2.19 9.68
CA GLN A 21 41.84 -2.48 11.08
C GLN A 21 41.64 -1.25 11.95
N LEU A 22 42.11 -0.10 11.49
CA LEU A 22 41.93 1.14 12.23
C LEU A 22 40.47 1.56 12.33
N PHE A 23 39.67 1.32 11.29
CA PHE A 23 38.29 1.80 11.31
C PHE A 23 37.44 1.04 12.31
N CYS A 24 37.37 -0.27 12.19
CA CYS A 24 36.42 -1.06 12.96
C CYS A 24 36.89 -1.26 14.41
N ASP A 25 36.16 -2.10 15.12
CA ASP A 25 36.49 -2.45 16.49
C ASP A 25 37.74 -3.31 16.51
N PRO A 26 38.37 -3.49 17.68
CA PRO A 26 39.67 -4.17 17.71
C PRO A 26 39.68 -5.56 17.09
N GLY A 27 38.63 -6.36 17.29
CA GLY A 27 38.67 -7.72 16.79
C GLY A 27 37.39 -8.20 16.15
N THR A 28 36.65 -7.30 15.50
CA THR A 28 35.33 -7.62 14.97
C THR A 28 35.25 -7.51 13.46
N PHE A 29 36.35 -7.73 12.75
CA PHE A 29 36.32 -7.72 11.28
C PHE A 29 36.39 -9.16 10.78
N ARG A 30 35.47 -9.53 9.91
CA ARG A 30 35.41 -10.86 9.32
C ARG A 30 35.45 -10.70 7.80
N GLU A 31 36.64 -10.87 7.22
CA GLU A 31 36.81 -10.72 5.78
C GLU A 31 35.92 -11.73 5.06
N ARG A 32 35.20 -11.25 4.03
CA ARG A 32 34.21 -12.11 3.40
C ARG A 32 34.85 -13.01 2.36
N ASP A 33 35.49 -12.43 1.35
CA ASP A 33 36.03 -13.20 0.24
C ASP A 33 37.51 -12.90 0.11
N ALA A 34 38.34 -13.94 0.01
CA ALA A 34 39.78 -13.74 0.01
C ALA A 34 40.54 -14.52 -1.04
N LEU A 35 39.96 -15.53 -1.69
CA LEU A 35 40.67 -16.34 -2.68
C LEU A 35 39.90 -16.25 -3.99
N VAL A 36 40.17 -15.21 -4.78
CA VAL A 36 39.47 -14.97 -6.04
C VAL A 36 40.49 -14.48 -7.06
N GLU A 37 40.38 -14.99 -8.29
CA GLU A 37 41.31 -14.65 -9.36
C GLU A 37 40.58 -14.04 -10.54
N HIS A 38 41.35 -13.40 -11.43
CA HIS A 38 40.76 -12.54 -12.45
C HIS A 38 40.27 -13.30 -13.67
N GLU A 39 40.84 -14.48 -13.93
CA GLU A 39 40.49 -15.32 -15.09
C GLU A 39 40.32 -14.48 -16.37
N CYS A 40 41.41 -13.83 -16.77
CA CYS A 40 41.38 -12.90 -17.90
C CYS A 40 41.77 -13.57 -19.21
N HIS A 41 42.97 -14.15 -19.26
CA HIS A 41 43.48 -14.87 -20.43
C HIS A 41 43.56 -13.97 -21.67
N ASN A 42 44.31 -12.88 -21.53
CA ASN A 42 44.56 -11.96 -22.62
C ASN A 42 45.85 -11.20 -22.34
N PHE A 43 46.44 -10.65 -23.41
CA PHE A 43 47.60 -9.77 -23.34
C PHE A 43 48.64 -10.19 -22.30
N GLY A 44 48.99 -11.48 -22.27
CA GLY A 44 49.97 -11.94 -21.31
C GLY A 44 49.58 -11.74 -19.86
N MET A 45 48.29 -11.90 -19.55
CA MET A 45 47.80 -11.80 -18.19
C MET A 45 47.44 -13.17 -17.63
N GLU A 46 47.60 -14.24 -18.41
CA GLU A 46 47.31 -15.59 -17.94
C GLU A 46 48.16 -15.95 -16.73
N LYS A 47 49.28 -15.27 -16.53
CA LYS A 47 50.14 -15.45 -15.37
C LYS A 47 49.80 -14.39 -14.33
N ARG A 48 50.66 -14.30 -13.31
CA ARG A 48 50.56 -13.33 -12.22
C ARG A 48 49.12 -13.18 -11.71
N LYS A 49 48.53 -14.32 -11.32
CA LYS A 49 47.26 -14.28 -10.62
C LYS A 49 47.48 -13.87 -9.17
N VAL A 50 46.45 -13.27 -8.57
CA VAL A 50 46.54 -12.75 -7.21
C VAL A 50 45.41 -13.33 -6.38
N PRO A 51 45.66 -13.75 -5.14
CA PRO A 51 44.60 -14.36 -4.33
C PRO A 51 43.47 -13.42 -3.98
N GLY A 52 43.79 -12.23 -3.45
CA GLY A 52 42.75 -11.31 -3.07
C GLY A 52 42.07 -10.59 -4.22
N ASP A 53 42.75 -10.48 -5.35
CA ASP A 53 42.25 -9.75 -6.52
C ASP A 53 42.00 -8.28 -6.21
N GLY A 54 42.86 -7.70 -5.37
CA GLY A 54 42.93 -6.27 -5.22
C GLY A 54 41.84 -5.63 -4.39
N PHE A 55 40.95 -6.40 -3.77
CA PHE A 55 39.86 -5.86 -2.98
C PHE A 55 39.80 -6.55 -1.63
N ILE A 56 39.42 -5.80 -0.61
CA ILE A 56 39.18 -6.34 0.73
C ILE A 56 37.77 -5.94 1.13
N THR A 57 36.87 -6.92 1.23
CA THR A 57 35.49 -6.68 1.62
C THR A 57 35.18 -7.53 2.84
N GLY A 58 34.45 -6.95 3.79
CA GLY A 58 34.12 -7.66 5.01
C GLY A 58 32.84 -7.10 5.60
N THR A 59 32.66 -7.35 6.90
CA THR A 59 31.51 -6.81 7.60
C THR A 59 31.91 -5.83 8.71
N GLY A 60 32.70 -6.25 9.68
CA GLY A 60 33.13 -5.35 10.74
C GLY A 60 32.00 -4.97 11.68
N LYS A 61 32.34 -4.08 12.61
CA LYS A 61 31.42 -3.60 13.64
C LYS A 61 31.96 -2.34 14.30
N VAL A 62 31.17 -1.27 14.34
CA VAL A 62 31.60 0.01 14.89
C VAL A 62 30.68 0.40 16.04
N PHE A 63 31.27 0.65 17.20
CA PHE A 63 30.53 1.10 18.40
C PHE A 63 29.40 0.12 18.74
N GLY A 64 29.64 -1.16 18.50
CA GLY A 64 28.65 -2.17 18.76
C GLY A 64 27.56 -2.29 17.71
N ARG A 65 27.61 -1.48 16.67
CA ARG A 65 26.61 -1.50 15.61
C ARG A 65 27.24 -2.03 14.32
N PRO A 66 26.50 -2.80 13.53
CA PRO A 66 27.09 -3.41 12.34
C PRO A 66 27.35 -2.38 11.24
N VAL A 67 28.22 -2.78 10.32
CA VAL A 67 28.60 -1.96 9.18
C VAL A 67 28.99 -2.91 8.05
N PHE A 68 29.20 -2.36 6.85
CA PHE A 68 29.79 -3.08 5.74
C PHE A 68 30.81 -2.16 5.08
N LEU A 69 31.89 -2.73 4.55
CA LEU A 69 32.91 -1.88 3.95
C LEU A 69 33.69 -2.65 2.91
N PHE A 70 34.42 -1.90 2.09
CA PHE A 70 35.36 -2.45 1.13
C PHE A 70 36.49 -1.44 0.93
N SER A 71 37.66 -1.94 0.56
CA SER A 71 38.83 -1.10 0.40
C SER A 71 39.63 -1.54 -0.83
N HIS A 72 40.01 -0.56 -1.65
CA HIS A 72 40.87 -0.85 -2.78
C HIS A 72 42.31 -1.09 -2.33
N ASP A 73 43.06 -1.77 -3.17
CA ASP A 73 44.45 -2.11 -2.90
C ASP A 73 45.31 -1.54 -4.03
N PHE A 74 46.28 -0.69 -3.67
CA PHE A 74 47.07 -0.03 -4.71
C PHE A 74 48.23 -0.89 -5.19
N THR A 75 48.74 -1.79 -4.36
CA THR A 75 49.87 -2.61 -4.75
C THR A 75 49.51 -3.56 -5.89
N VAL A 76 48.32 -4.14 -5.84
CA VAL A 76 47.91 -5.17 -6.79
C VAL A 76 47.25 -4.51 -7.98
N PHE A 77 47.95 -4.50 -9.12
CA PHE A 77 47.44 -4.02 -10.40
C PHE A 77 47.01 -2.56 -10.37
N GLY A 78 47.48 -1.79 -9.38
CA GLY A 78 47.08 -0.40 -9.29
C GLY A 78 45.66 -0.17 -8.82
N GLY A 79 44.98 -1.21 -8.36
CA GLY A 79 43.61 -1.06 -7.88
C GLY A 79 42.55 -1.05 -8.96
N SER A 80 42.89 -1.47 -10.17
CA SER A 80 41.95 -1.41 -11.28
C SER A 80 40.78 -2.36 -11.04
N LEU A 81 39.60 -1.93 -11.48
CA LEU A 81 38.41 -2.77 -11.39
C LEU A 81 38.33 -3.72 -12.58
N SER A 82 37.50 -4.74 -12.42
CA SER A 82 37.38 -5.79 -13.42
C SER A 82 35.99 -6.38 -13.36
N ARG A 83 35.75 -7.37 -14.23
CA ARG A 83 34.49 -8.12 -14.14
C ARG A 83 34.38 -8.84 -12.81
N THR A 84 35.51 -9.13 -12.17
CA THR A 84 35.54 -9.95 -10.96
C THR A 84 35.60 -9.11 -9.69
N ASN A 85 36.33 -7.98 -9.71
CA ASN A 85 36.36 -7.10 -8.55
C ASN A 85 34.97 -6.57 -8.22
N ALA A 86 34.24 -6.13 -9.25
CA ALA A 86 32.95 -5.51 -9.01
C ALA A 86 31.91 -6.49 -8.47
N ALA A 87 32.09 -7.79 -8.70
CA ALA A 87 31.13 -8.77 -8.20
C ALA A 87 31.07 -8.75 -6.68
N LYS A 88 32.23 -8.68 -6.01
CA LYS A 88 32.26 -8.64 -4.56
C LYS A 88 31.54 -7.41 -4.03
N VAL A 89 31.79 -6.25 -4.65
CA VAL A 89 31.15 -5.01 -4.20
C VAL A 89 29.64 -5.10 -4.39
N VAL A 90 29.22 -5.66 -5.53
CA VAL A 90 27.78 -5.81 -5.78
C VAL A 90 27.15 -6.71 -4.74
N ARG A 91 27.82 -7.82 -4.40
CA ARG A 91 27.28 -8.72 -3.39
C ARG A 91 27.16 -8.02 -2.03
N ILE A 92 28.18 -7.25 -1.66
CA ILE A 92 28.14 -6.53 -0.39
C ILE A 92 26.99 -5.53 -0.37
N MET A 93 26.83 -4.75 -1.43
CA MET A 93 25.76 -3.75 -1.45
C MET A 93 24.39 -4.41 -1.44
N GLU A 94 24.22 -5.54 -2.15
CA GLU A 94 22.94 -6.22 -2.13
C GLU A 94 22.62 -6.75 -0.74
N GLU A 95 23.61 -7.35 -0.06
CA GLU A 95 23.38 -7.82 1.29
C GLU A 95 23.05 -6.67 2.24
N ALA A 96 23.75 -5.54 2.10
CA ALA A 96 23.46 -4.37 2.92
C ALA A 96 22.16 -3.70 2.51
N ALA A 97 21.57 -4.10 1.40
CA ALA A 97 20.23 -3.61 1.05
C ALA A 97 19.16 -4.48 1.69
N LYS A 98 19.38 -5.80 1.72
CA LYS A 98 18.43 -6.68 2.40
C LYS A 98 18.35 -6.35 3.89
N ILE A 99 19.50 -6.21 4.54
CA ILE A 99 19.56 -5.86 5.95
C ILE A 99 19.77 -4.36 6.03
N GLY A 100 19.17 -3.73 7.04
CA GLY A 100 19.28 -2.28 7.16
C GLY A 100 20.61 -1.80 7.68
N VAL A 101 21.67 -1.91 6.87
CA VAL A 101 23.03 -1.57 7.29
C VAL A 101 23.64 -0.63 6.26
N PRO A 102 24.45 0.34 6.66
CA PRO A 102 25.10 1.23 5.68
C PRO A 102 26.35 0.62 5.09
N VAL A 103 26.96 1.35 4.16
CA VAL A 103 28.15 0.92 3.43
C VAL A 103 29.15 2.06 3.40
N ILE A 104 30.42 1.75 3.64
CA ILE A 104 31.51 2.72 3.61
C ILE A 104 32.64 2.16 2.76
N GLY A 105 33.10 2.94 1.80
CA GLY A 105 34.14 2.48 0.89
C GLY A 105 35.33 3.42 0.84
N PHE A 106 36.53 2.82 0.87
CA PHE A 106 37.78 3.57 0.79
C PHE A 106 38.37 3.40 -0.60
N ASN A 107 38.23 4.43 -1.44
CA ASN A 107 38.60 4.35 -2.84
C ASN A 107 40.09 4.62 -3.02
N ASP A 108 40.75 3.78 -3.82
CA ASP A 108 42.16 3.98 -4.14
C ASP A 108 42.50 3.59 -5.56
N SER A 109 41.51 3.30 -6.41
CA SER A 109 41.78 2.73 -7.73
C SER A 109 42.49 3.72 -8.63
N GLY A 110 43.42 3.20 -9.43
CA GLY A 110 44.11 3.99 -10.42
C GLY A 110 43.39 4.15 -11.74
N GLY A 111 42.24 3.52 -11.89
CA GLY A 111 41.46 3.56 -13.10
C GLY A 111 40.97 2.19 -13.47
N ALA A 112 40.48 2.05 -14.70
CA ALA A 112 39.98 0.76 -15.17
C ALA A 112 41.14 -0.15 -15.57
N ARG A 113 40.83 -1.45 -15.64
CA ARG A 113 41.79 -2.45 -16.08
C ARG A 113 41.61 -2.66 -17.58
N ILE A 114 42.62 -2.27 -18.36
CA ILE A 114 42.48 -2.30 -19.81
C ILE A 114 42.45 -3.73 -20.32
N HIS A 115 43.16 -4.63 -19.64
CA HIS A 115 43.32 -6.00 -20.13
C HIS A 115 42.02 -6.79 -20.13
N GLU A 116 40.97 -6.30 -19.48
CA GLU A 116 39.67 -6.97 -19.49
C GLU A 116 38.75 -6.49 -20.59
N GLY A 117 39.08 -5.41 -21.28
CA GLY A 117 38.18 -4.90 -22.30
C GLY A 117 36.98 -4.21 -21.67
N VAL A 118 35.80 -4.50 -22.20
CA VAL A 118 34.58 -3.81 -21.79
C VAL A 118 34.00 -4.37 -20.51
N ASP A 119 34.61 -5.42 -19.95
CA ASP A 119 34.12 -5.98 -18.70
C ASP A 119 34.25 -4.98 -17.56
N SER A 120 35.28 -4.13 -17.60
CA SER A 120 35.41 -3.07 -16.61
C SER A 120 34.24 -2.11 -16.69
N LEU A 121 33.82 -1.76 -17.91
CA LEU A 121 32.64 -0.91 -18.09
C LEU A 121 31.40 -1.59 -17.53
N ALA A 122 31.28 -2.90 -17.75
CA ALA A 122 30.14 -3.63 -17.19
C ALA A 122 30.11 -3.53 -15.67
N GLY A 123 31.26 -3.77 -15.02
CA GLY A 123 31.31 -3.67 -13.58
C GLY A 123 30.99 -2.27 -13.08
N TYR A 124 31.54 -1.25 -13.75
CA TYR A 124 31.22 0.12 -13.38
C TYR A 124 29.73 0.38 -13.47
N ALA A 125 29.09 -0.10 -14.54
CA ALA A 125 27.66 0.14 -14.70
C ALA A 125 26.87 -0.53 -13.59
N ASP A 126 27.24 -1.75 -13.22
CA ASP A 126 26.52 -2.43 -12.14
C ASP A 126 26.65 -1.68 -10.83
N ILE A 127 27.86 -1.21 -10.51
CA ILE A 127 28.06 -0.45 -9.28
C ILE A 127 27.25 0.85 -9.32
N PHE A 128 27.23 1.52 -10.46
CA PHE A 128 26.46 2.75 -10.59
C PHE A 128 24.98 2.49 -10.35
N LEU A 129 24.45 1.41 -10.92
CA LEU A 129 23.03 1.10 -10.73
C LEU A 129 22.72 0.79 -9.28
N ARG A 130 23.59 0.04 -8.61
CA ARG A 130 23.33 -0.25 -7.20
C ARG A 130 23.34 1.03 -6.37
N ASN A 131 24.30 1.92 -6.63
CA ASN A 131 24.33 3.19 -5.92
C ASN A 131 23.06 4.00 -6.18
N THR A 132 22.61 4.04 -7.44
CA THR A 132 21.42 4.81 -7.77
C THR A 132 20.19 4.25 -7.09
N LEU A 133 20.03 2.92 -7.12
CA LEU A 133 18.82 2.32 -6.54
C LEU A 133 18.81 2.45 -5.02
N PHE A 134 19.95 2.25 -4.37
CA PHE A 134 19.97 2.19 -2.92
C PHE A 134 20.23 3.54 -2.25
N SER A 135 20.33 4.62 -3.02
CA SER A 135 20.48 5.93 -2.41
C SER A 135 19.17 6.38 -1.81
N GLY A 136 19.18 6.76 -0.54
CA GLY A 136 17.96 7.02 0.19
C GLY A 136 17.42 5.84 0.97
N VAL A 137 18.01 4.65 0.79
CA VAL A 137 17.65 3.47 1.56
C VAL A 137 18.62 3.26 2.71
N ILE A 138 19.91 3.23 2.39
CA ILE A 138 20.97 3.09 3.40
C ILE A 138 21.98 4.22 3.18
N PRO A 139 22.47 4.86 4.23
CA PRO A 139 23.47 5.92 4.04
C PRO A 139 24.74 5.36 3.43
N GLN A 140 25.35 6.14 2.55
CA GLN A 140 26.59 5.76 1.88
C GLN A 140 27.62 6.84 2.10
N ILE A 141 28.78 6.46 2.62
CA ILE A 141 29.90 7.36 2.86
C ILE A 141 31.09 6.84 2.08
N SER A 142 31.84 7.76 1.47
CA SER A 142 33.01 7.40 0.68
C SER A 142 34.19 8.26 1.09
N VAL A 143 35.37 7.64 1.18
CA VAL A 143 36.61 8.33 1.50
C VAL A 143 37.62 8.01 0.40
N ILE A 144 38.38 9.01 -0.02
CA ILE A 144 39.34 8.87 -1.10
C ILE A 144 40.73 9.00 -0.51
N MET A 145 41.48 7.89 -0.51
CA MET A 145 42.78 7.86 0.13
C MET A 145 43.93 8.04 -0.84
N GLY A 146 43.70 7.81 -2.14
CA GLY A 146 44.74 7.94 -3.13
C GLY A 146 44.20 8.44 -4.44
N PRO A 147 44.90 8.13 -5.53
CA PRO A 147 44.41 8.56 -6.85
C PRO A 147 43.05 7.94 -7.17
N CYS A 148 42.25 8.71 -7.89
CA CYS A 148 40.92 8.26 -8.30
C CYS A 148 40.59 8.99 -9.60
N ALA A 149 40.79 8.32 -10.73
CA ALA A 149 40.66 8.96 -12.03
C ALA A 149 39.75 8.12 -12.91
N GLY A 150 39.58 8.57 -14.15
CA GLY A 150 38.74 7.87 -15.10
C GLY A 150 37.27 8.00 -14.76
N GLY A 151 36.48 7.06 -15.29
CA GLY A 151 35.06 7.05 -15.01
C GLY A 151 34.67 6.51 -13.65
N ALA A 152 35.63 5.99 -12.89
CA ALA A 152 35.35 5.49 -11.56
C ALA A 152 34.96 6.60 -10.59
N VAL A 153 35.18 7.85 -10.97
CA VAL A 153 34.89 8.98 -10.10
C VAL A 153 33.40 9.14 -9.84
N TYR A 154 32.55 8.56 -10.69
CA TYR A 154 31.13 8.86 -10.62
C TYR A 154 30.46 8.18 -9.43
N SER A 155 30.88 6.97 -9.08
CA SER A 155 30.26 6.28 -7.95
C SER A 155 30.46 7.02 -6.62
N PRO A 156 31.63 7.59 -6.29
CA PRO A 156 31.69 8.46 -5.10
C PRO A 156 30.74 9.64 -5.19
N ALA A 157 30.49 10.16 -6.39
CA ALA A 157 29.64 11.34 -6.53
C ALA A 157 28.21 11.06 -6.09
N ILE A 158 27.68 9.89 -6.44
CA ILE A 158 26.30 9.58 -6.08
C ILE A 158 26.17 9.33 -4.58
N THR A 159 27.26 8.94 -3.92
CA THR A 159 27.21 8.70 -2.49
C THR A 159 26.93 10.00 -1.73
N ASP A 160 26.42 9.84 -0.50
CA ASP A 160 25.91 10.99 0.23
C ASP A 160 27.02 11.96 0.62
N PHE A 161 28.14 11.44 1.13
CA PHE A 161 29.23 12.29 1.57
C PHE A 161 30.55 11.74 1.05
N THR A 162 31.42 12.63 0.60
CA THR A 162 32.75 12.28 0.14
C THR A 162 33.78 13.08 0.91
N PHE A 163 34.76 12.38 1.47
CA PHE A 163 35.85 13.01 2.21
C PHE A 163 37.16 12.75 1.49
N MET A 164 38.16 13.57 1.80
CA MET A 164 39.43 13.52 1.09
C MET A 164 40.58 13.59 2.08
N VAL A 165 41.69 12.95 1.73
CA VAL A 165 42.92 13.01 2.50
C VAL A 165 43.85 14.02 1.85
N GLU A 166 44.61 14.74 2.67
CA GLU A 166 45.24 15.97 2.22
C GLU A 166 46.40 15.72 1.26
N THR A 167 47.43 15.01 1.72
CA THR A 167 48.70 15.02 1.00
C THR A 167 48.63 14.20 -0.29
N SER A 168 48.00 13.02 -0.24
CA SER A 168 48.20 11.99 -1.25
C SER A 168 46.88 11.51 -1.82
N SER A 169 46.03 12.44 -2.25
CA SER A 169 44.78 12.08 -2.89
C SER A 169 44.39 13.13 -3.92
N TYR A 170 43.69 12.69 -4.96
CA TYR A 170 43.17 13.58 -5.97
C TYR A 170 42.08 12.86 -6.74
N MET A 171 41.26 13.63 -7.46
CA MET A 171 40.17 13.07 -8.22
C MET A 171 39.79 14.01 -9.35
N PHE A 172 39.56 13.44 -10.54
CA PHE A 172 39.15 14.18 -11.72
C PHE A 172 38.70 13.19 -12.79
N VAL A 173 38.03 13.72 -13.80
CA VAL A 173 37.52 12.85 -14.86
C VAL A 173 38.61 12.53 -15.88
N THR A 174 39.31 13.54 -16.37
CA THR A 174 40.31 13.37 -17.42
C THR A 174 41.67 13.84 -16.95
N GLY A 175 42.71 13.10 -17.32
CA GLY A 175 44.06 13.38 -16.89
C GLY A 175 44.63 14.63 -17.53
N PRO A 176 45.71 15.16 -16.96
CA PRO A 176 46.32 16.37 -17.52
C PRO A 176 46.98 16.15 -18.87
N GLU A 177 47.29 14.90 -19.24
CA GLU A 177 47.89 14.64 -20.55
C GLU A 177 46.93 15.04 -21.67
N VAL A 178 45.65 14.66 -21.53
CA VAL A 178 44.67 15.03 -22.55
C VAL A 178 44.45 16.54 -22.57
N VAL A 179 44.47 17.17 -21.39
CA VAL A 179 44.33 18.62 -21.33
C VAL A 179 45.45 19.30 -22.09
N SER A 180 46.68 18.81 -21.92
CA SER A 180 47.80 19.35 -22.69
C SER A 180 47.63 19.06 -24.17
N ALA A 181 47.10 17.88 -24.51
CA ALA A 181 46.97 17.51 -25.91
C ALA A 181 46.00 18.41 -26.65
N VAL A 182 44.88 18.78 -26.02
CA VAL A 182 43.83 19.54 -26.68
C VAL A 182 43.99 21.04 -26.47
N GLY A 183 44.15 21.48 -25.22
CA GLY A 183 44.21 22.91 -24.95
C GLY A 183 45.62 23.46 -25.00
N GLY A 184 46.60 22.65 -24.60
CA GLY A 184 47.99 23.08 -24.62
C GLY A 184 48.51 23.66 -23.34
N LYS A 185 47.80 23.50 -22.22
CA LYS A 185 48.23 24.03 -20.93
C LYS A 185 48.79 22.91 -20.07
N LEU A 186 49.89 23.20 -19.39
CA LEU A 186 50.57 22.22 -18.53
C LEU A 186 50.13 22.45 -17.09
N VAL A 187 49.33 21.53 -16.57
CA VAL A 187 48.81 21.61 -15.21
C VAL A 187 49.12 20.30 -14.51
N THR A 188 49.62 20.39 -13.28
CA THR A 188 49.95 19.19 -12.52
C THR A 188 48.69 18.50 -12.01
N LYS A 189 48.86 17.27 -11.52
CA LYS A 189 47.72 16.52 -11.01
C LYS A 189 47.09 17.21 -9.80
N ASP A 190 47.91 17.70 -8.88
CA ASP A 190 47.39 18.38 -7.71
C ASP A 190 46.74 19.71 -8.08
N GLU A 191 47.33 20.45 -9.01
CA GLU A 191 46.73 21.70 -9.46
C GLU A 191 45.40 21.46 -10.15
N LEU A 192 45.18 20.26 -10.69
CA LEU A 192 43.94 19.97 -11.39
C LEU A 192 42.87 19.46 -10.45
N GLY A 193 43.17 18.38 -9.71
CA GLY A 193 42.16 17.78 -8.86
C GLY A 193 42.56 17.53 -7.44
N GLY A 194 43.37 18.41 -6.85
CA GLY A 194 43.82 18.24 -5.50
C GLY A 194 42.71 18.44 -4.49
N PRO A 195 42.95 18.02 -3.24
CA PRO A 195 41.90 18.16 -2.22
C PRO A 195 41.46 19.59 -1.98
N HIS A 196 42.38 20.55 -2.07
CA HIS A 196 41.99 21.94 -1.88
C HIS A 196 41.03 22.41 -2.96
N VAL A 197 41.29 22.00 -4.21
CA VAL A 197 40.46 22.42 -5.33
C VAL A 197 39.02 21.97 -5.14
N HIS A 198 38.83 20.71 -4.74
CA HIS A 198 37.49 20.20 -4.51
C HIS A 198 36.91 20.66 -3.18
N ALA A 199 37.75 21.14 -2.26
CA ALA A 199 37.25 21.66 -1.00
C ALA A 199 36.70 23.07 -1.17
N THR A 200 37.30 23.88 -2.05
CA THR A 200 36.92 25.28 -2.18
C THR A 200 36.25 25.61 -3.49
N LYS A 201 36.70 25.03 -4.61
CA LYS A 201 36.25 25.52 -5.91
C LYS A 201 35.04 24.76 -6.43
N SER A 202 35.10 23.43 -6.49
CA SER A 202 34.04 22.64 -7.09
C SER A 202 32.94 22.25 -6.12
N GLY A 203 33.23 22.21 -4.82
CA GLY A 203 32.23 21.85 -3.84
C GLY A 203 31.84 20.40 -3.80
N VAL A 204 32.68 19.51 -4.33
CA VAL A 204 32.34 18.09 -4.35
C VAL A 204 32.69 17.45 -3.00
N SER A 205 33.89 17.70 -2.51
CA SER A 205 34.37 17.05 -1.29
C SER A 205 33.70 17.67 -0.06
N ALA A 206 33.25 16.82 0.85
CA ALA A 206 32.53 17.31 2.02
C ALA A 206 33.46 17.61 3.19
N GLY A 207 34.74 17.30 3.06
CA GLY A 207 35.69 17.59 4.12
C GLY A 207 37.08 17.16 3.71
N THR A 208 38.06 17.54 4.53
CA THR A 208 39.44 17.16 4.31
C THR A 208 40.09 16.84 5.66
N PHE A 209 40.91 15.80 5.67
CA PHE A 209 41.60 15.37 6.87
C PHE A 209 43.11 15.42 6.67
N PRO A 210 43.88 15.64 7.72
CA PRO A 210 45.34 15.73 7.54
C PRO A 210 46.03 14.39 7.42
N ASN A 211 45.53 13.38 8.13
CA ASN A 211 46.14 12.06 8.14
C ASN A 211 45.07 10.99 8.04
N ASP A 212 45.51 9.78 7.69
CA ASP A 212 44.59 8.64 7.66
C ASP A 212 44.09 8.29 9.06
N ILE A 213 44.98 8.40 10.05
CA ILE A 213 44.61 8.07 11.43
C ILE A 213 43.50 8.99 11.92
N VAL A 214 43.66 10.30 11.69
CA VAL A 214 42.63 11.26 12.06
C VAL A 214 41.37 11.01 11.24
N ALA A 215 41.54 10.61 9.98
CA ALA A 215 40.38 10.32 9.14
C ALA A 215 39.54 9.21 9.75
N MET A 216 40.16 8.10 10.16
CA MET A 216 39.42 7.03 10.80
C MET A 216 38.80 7.49 12.12
N ALA A 217 39.57 8.21 12.93
CA ALA A 217 39.09 8.60 14.24
C ALA A 217 37.84 9.47 14.13
N GLN A 218 37.81 10.39 13.17
CA GLN A 218 36.63 11.22 13.01
C GLN A 218 35.53 10.55 12.19
N LEU A 219 35.88 9.57 11.35
CA LEU A 219 34.84 8.85 10.64
C LEU A 219 33.99 8.02 11.60
N ARG A 220 34.64 7.46 12.64
CA ARG A 220 33.86 6.79 13.68
C ARG A 220 32.89 7.76 14.35
N ARG A 221 33.36 8.97 14.66
CA ARG A 221 32.50 9.95 15.29
C ARG A 221 31.33 10.34 14.40
N LEU A 222 31.58 10.50 13.10
CA LEU A 222 30.49 10.77 12.18
C LEU A 222 29.50 9.62 12.16
N TYR A 223 30.01 8.38 12.13
CA TYR A 223 29.13 7.22 12.09
C TYR A 223 28.25 7.14 13.33
N SER A 224 28.73 7.66 14.46
CA SER A 224 27.92 7.62 15.67
C SER A 224 26.64 8.43 15.55
N TYR A 225 26.51 9.29 14.55
CA TYR A 225 25.32 10.13 14.40
C TYR A 225 24.24 9.46 13.55
N LEU A 226 24.64 8.69 12.55
CA LEU A 226 23.72 8.28 11.50
C LEU A 226 22.75 7.20 11.99
N PRO A 227 21.54 7.17 11.43
CA PRO A 227 20.65 6.03 11.66
C PRO A 227 21.04 4.86 10.78
N LEU A 228 20.66 3.66 11.24
CA LEU A 228 21.17 2.45 10.60
C LEU A 228 20.57 2.24 9.21
N SER A 229 19.31 2.63 9.02
CA SER A 229 18.64 2.37 7.76
C SER A 229 17.56 3.41 7.52
N ASN A 230 16.73 3.14 6.51
CA ASN A 230 15.64 4.04 6.16
C ASN A 230 14.50 3.94 7.16
N ARG A 231 14.20 2.73 7.63
CA ARG A 231 13.05 2.51 8.50
C ARG A 231 13.39 2.58 9.98
N ASP A 232 14.67 2.58 10.34
CA ASP A 232 15.05 2.64 11.75
C ASP A 232 14.93 4.06 12.29
N PRO A 233 14.70 4.21 13.59
CA PRO A 233 14.52 5.54 14.17
C PRO A 233 15.86 6.24 14.43
N VAL A 234 15.75 7.52 14.69
CA VAL A 234 16.95 8.34 14.95
C VAL A 234 17.61 7.88 16.24
N PRO A 235 18.93 7.65 16.24
CA PRO A 235 19.58 7.18 17.47
C PRO A 235 19.53 8.22 18.58
N VAL A 236 19.44 7.73 19.81
CA VAL A 236 19.46 8.58 21.00
C VAL A 236 20.50 8.01 21.96
N LEU A 237 21.44 8.86 22.38
CA LEU A 237 22.50 8.42 23.26
C LEU A 237 22.33 9.03 24.65
N PRO A 238 22.79 8.34 25.70
CA PRO A 238 22.76 8.95 27.04
C PRO A 238 23.68 10.16 27.09
N THR A 239 23.29 11.14 27.90
CA THR A 239 24.06 12.36 28.02
C THR A 239 23.72 13.02 29.35
N ALA A 240 24.76 13.49 30.06
CA ALA A 240 24.55 14.15 31.34
C ALA A 240 24.06 15.58 31.18
N ASP A 241 24.20 16.16 30.00
CA ASP A 241 23.71 17.52 29.77
C ASP A 241 22.19 17.54 29.86
N GLU A 242 21.66 18.69 30.30
CA GLU A 242 20.23 18.82 30.57
C GLU A 242 19.70 20.14 30.02
N ARG A 243 18.39 20.15 29.76
CA ARG A 243 17.74 21.32 29.18
C ARG A 243 17.64 22.49 30.15
N TYR A 244 17.94 22.27 31.42
CA TYR A 244 17.84 23.33 32.42
C TYR A 244 19.15 24.07 32.63
N ARG A 245 20.17 23.75 31.85
CA ARG A 245 21.42 24.50 31.90
C ARG A 245 21.16 25.96 31.52
N ASP A 246 21.75 26.87 32.27
CA ASP A 246 21.49 28.29 32.06
C ASP A 246 22.23 28.82 30.85
N VAL A 247 21.50 29.46 29.94
CA VAL A 247 22.08 30.19 28.81
C VAL A 247 21.48 31.59 28.83
N SER A 248 22.16 32.51 29.52
CA SER A 248 21.78 33.92 29.49
C SER A 248 22.72 34.75 28.64
N SER A 249 23.80 34.16 28.14
CA SER A 249 24.73 34.91 27.30
C SER A 249 24.13 35.25 25.94
N LEU A 250 22.99 34.63 25.59
CA LEU A 250 22.36 34.92 24.31
C LEU A 250 21.68 36.28 24.29
N ASN A 251 21.48 36.90 25.46
CA ASN A 251 20.82 38.20 25.49
C ASN A 251 21.68 39.29 24.90
N THR A 252 22.99 39.07 24.81
CA THR A 252 23.94 40.10 24.41
C THR A 252 24.62 39.82 23.08
N VAL A 253 24.31 38.69 22.43
CA VAL A 253 25.04 38.32 21.21
C VAL A 253 24.75 39.31 20.10
N VAL A 254 23.49 39.68 19.91
CA VAL A 254 23.11 40.58 18.83
C VAL A 254 23.47 42.01 19.20
N PRO A 255 24.32 42.67 18.42
CA PRO A 255 24.66 44.06 18.72
C PRO A 255 23.47 44.98 18.55
N THR A 256 23.50 46.12 19.24
CA THR A 256 22.42 47.10 19.13
C THR A 256 22.50 47.94 17.87
N GLU A 257 23.59 47.81 17.10
CA GLU A 257 23.67 48.53 15.83
C GLU A 257 23.29 47.59 14.70
N VAL A 258 22.65 48.11 13.67
CA VAL A 258 22.18 47.26 12.58
C VAL A 258 23.23 47.00 11.51
N LYS A 259 24.38 47.67 11.60
CA LYS A 259 25.41 47.54 10.57
C LYS A 259 26.65 46.83 11.07
N GLU A 260 26.60 46.31 12.29
CA GLU A 260 27.74 45.59 12.86
C GLU A 260 27.54 44.11 12.69
N ALA A 261 28.64 43.36 12.57
CA ALA A 261 28.52 41.93 12.32
C ALA A 261 28.76 41.07 13.55
N TYR A 262 28.30 39.83 13.52
CA TYR A 262 28.58 38.92 14.62
C TYR A 262 28.69 37.50 14.10
N ASP A 263 29.19 36.62 14.95
CA ASP A 263 29.43 35.22 14.58
C ASP A 263 28.23 34.38 15.01
N MET A 264 27.62 33.68 14.05
CA MET A 264 26.43 32.90 14.36
C MET A 264 26.74 31.70 15.25
N ARG A 265 28.00 31.27 15.27
CA ARG A 265 28.36 30.16 16.15
C ARG A 265 28.13 30.51 17.60
N ASP A 266 28.21 31.80 17.95
CA ASP A 266 27.91 32.23 19.31
C ASP A 266 26.46 31.98 19.67
N VAL A 267 25.60 31.81 18.68
CA VAL A 267 24.21 31.43 18.92
C VAL A 267 24.01 29.92 18.79
N ILE A 268 24.74 29.29 17.86
CA ILE A 268 24.57 27.86 17.63
C ILE A 268 25.06 27.06 18.84
N TYR A 269 26.24 27.40 19.35
CA TYR A 269 26.88 26.56 20.36
C TYR A 269 26.10 26.45 21.67
N PRO A 270 25.57 27.54 22.26
CA PRO A 270 24.84 27.38 23.53
C PRO A 270 23.65 26.46 23.45
N VAL A 271 22.91 26.45 22.34
CA VAL A 271 21.67 25.69 22.27
C VAL A 271 21.94 24.19 22.26
N ILE A 272 22.92 23.75 21.48
CA ILE A 272 23.21 22.33 21.36
C ILE A 272 24.02 21.87 22.55
N ASP A 273 24.19 20.55 22.68
CA ASP A 273 24.97 20.00 23.77
C ASP A 273 26.47 20.27 23.56
N HIS A 274 27.22 20.20 24.65
CA HIS A 274 28.62 20.61 24.63
C HIS A 274 29.45 19.70 23.74
N ASP A 275 30.30 20.32 22.93
CA ASP A 275 31.27 19.63 22.08
C ASP A 275 30.60 18.56 21.23
N SER A 276 29.52 18.96 20.55
CA SER A 276 28.76 18.03 19.73
C SER A 276 28.37 18.64 18.40
N PHE A 277 29.31 19.29 17.72
CA PHE A 277 29.07 19.84 16.40
C PHE A 277 30.04 19.22 15.41
N PHE A 278 29.53 18.81 14.24
CA PHE A 278 30.34 18.19 13.20
C PHE A 278 30.04 18.93 11.90
N GLU A 279 30.81 19.99 11.64
CA GLU A 279 30.56 20.83 10.48
C GLU A 279 30.78 20.06 9.18
N ILE A 280 29.94 20.34 8.20
CA ILE A 280 30.01 19.72 6.87
C ILE A 280 30.39 20.80 5.87
N GLN A 281 31.41 20.52 5.07
CA GLN A 281 31.93 21.48 4.09
C GLN A 281 32.33 22.81 4.75
N PRO A 282 33.35 22.80 5.62
CA PRO A 282 33.65 24.02 6.39
C PRO A 282 34.28 25.12 5.58
N GLN A 283 34.92 24.82 4.45
CA GLN A 283 35.69 25.81 3.70
C GLN A 283 35.01 26.26 2.42
N PHE A 284 33.76 25.88 2.20
CA PHE A 284 33.06 26.18 0.95
C PHE A 284 31.78 26.92 1.26
N ALA A 285 31.58 28.06 0.61
CA ALA A 285 30.40 28.90 0.80
C ALA A 285 30.21 29.22 2.28
N LYS A 286 31.17 29.96 2.82
CA LYS A 286 31.23 30.18 4.26
C LYS A 286 30.08 31.01 4.79
N ASN A 287 29.28 31.63 3.92
CA ASN A 287 28.15 32.43 4.40
C ASN A 287 27.00 31.58 4.93
N ILE A 288 27.08 30.25 4.81
CA ILE A 288 26.07 29.35 5.35
C ILE A 288 26.76 28.20 6.06
N ILE A 289 26.20 27.75 7.17
CA ILE A 289 26.76 26.68 7.99
C ILE A 289 25.79 25.51 7.98
N CYS A 290 26.32 24.31 7.74
CA CYS A 290 25.52 23.09 7.80
C CYS A 290 26.33 22.02 8.53
N GLY A 291 25.62 21.14 9.24
CA GLY A 291 26.30 20.08 9.95
C GLY A 291 25.32 19.30 10.80
N PHE A 292 25.88 18.43 11.64
CA PHE A 292 25.10 17.63 12.57
C PHE A 292 25.39 18.05 14.00
N ALA A 293 24.41 17.83 14.87
CA ALA A 293 24.55 18.18 16.28
C ALA A 293 23.52 17.39 17.07
N ARG A 294 23.71 17.36 18.39
CA ARG A 294 22.80 16.66 19.29
C ARG A 294 22.08 17.66 20.18
N VAL A 295 20.80 17.41 20.43
CA VAL A 295 19.98 18.21 21.33
C VAL A 295 19.33 17.25 22.30
N GLU A 296 19.77 17.27 23.56
CA GLU A 296 19.25 16.38 24.60
C GLU A 296 19.47 14.92 24.23
N GLY A 297 20.61 14.63 23.61
CA GLY A 297 20.99 13.26 23.33
C GLY A 297 20.48 12.66 22.04
N ARG A 298 19.84 13.46 21.18
CA ARG A 298 19.36 12.97 19.90
C ARG A 298 19.92 13.84 18.77
N SER A 299 20.32 13.19 17.69
CA SER A 299 20.98 13.90 16.60
C SER A 299 19.97 14.74 15.81
N VAL A 300 20.38 15.97 15.48
CA VAL A 300 19.56 16.88 14.69
C VAL A 300 20.43 17.49 13.60
N CYS A 301 19.79 18.23 12.70
CA CYS A 301 20.45 18.88 11.59
C CYS A 301 20.41 20.39 11.78
N ILE A 302 21.54 21.05 11.51
CA ILE A 302 21.72 22.47 11.76
C ILE A 302 22.00 23.17 10.44
N ILE A 303 21.25 24.23 10.16
CA ILE A 303 21.44 25.05 8.96
C ILE A 303 21.19 26.51 9.35
N ALA A 304 22.25 27.32 9.32
CA ALA A 304 22.14 28.70 9.76
C ALA A 304 22.97 29.61 8.86
N ASN A 305 22.50 30.85 8.70
CA ASN A 305 23.24 31.86 7.97
C ASN A 305 24.35 32.44 8.84
N GLN A 306 25.24 33.18 8.20
CA GLN A 306 26.32 33.81 8.94
C GLN A 306 26.57 35.22 8.44
N PRO A 307 26.22 36.24 9.21
CA PRO A 307 26.48 37.62 8.77
C PRO A 307 27.94 37.99 8.80
N LYS A 308 28.81 37.11 9.31
CA LYS A 308 30.24 37.40 9.29
C LYS A 308 30.77 37.49 7.86
N VAL A 309 30.30 36.60 6.98
CA VAL A 309 30.82 36.48 5.63
C VAL A 309 29.76 37.00 4.66
N GLN A 310 30.09 38.08 3.95
CA GLN A 310 29.25 38.63 2.89
C GLN A 310 27.84 38.98 3.38
N ALA A 311 27.72 39.41 4.63
CA ALA A 311 26.46 39.87 5.20
C ALA A 311 25.39 38.78 5.19
N GLY A 312 25.80 37.51 5.18
CA GLY A 312 24.86 36.42 5.26
C GLY A 312 23.87 36.37 4.13
N VAL A 313 24.37 36.54 2.91
CA VAL A 313 23.53 36.65 1.72
C VAL A 313 23.48 35.32 1.00
N LEU A 314 22.28 34.89 0.62
CA LEU A 314 22.13 33.65 -0.12
C LEU A 314 22.75 33.76 -1.50
N ASP A 315 23.11 32.62 -2.08
CA ASP A 315 23.93 32.57 -3.28
C ASP A 315 23.66 31.25 -3.99
N ILE A 316 24.46 30.97 -5.03
CA ILE A 316 24.34 29.71 -5.74
C ILE A 316 24.90 28.56 -4.91
N ASP A 317 26.15 28.71 -4.48
CA ASP A 317 26.83 27.64 -3.76
C ASP A 317 26.14 27.34 -2.43
N SER A 318 25.76 28.39 -1.71
CA SER A 318 25.04 28.19 -0.46
C SER A 318 23.72 27.46 -0.70
N SER A 319 23.03 27.80 -1.78
CA SER A 319 21.76 27.14 -2.09
C SER A 319 21.98 25.65 -2.34
N VAL A 320 23.00 25.30 -3.13
CA VAL A 320 23.27 23.90 -3.40
C VAL A 320 23.62 23.15 -2.13
N LYS A 321 24.49 23.74 -1.31
CA LYS A 321 24.91 23.11 -0.05
C LYS A 321 23.72 22.85 0.86
N GLY A 322 22.91 23.87 1.11
CA GLY A 322 21.75 23.70 1.96
C GLY A 322 20.74 22.72 1.40
N ALA A 323 20.54 22.72 0.08
CA ALA A 323 19.58 21.81 -0.52
C ALA A 323 20.00 20.37 -0.33
N ARG A 324 21.28 20.07 -0.58
CA ARG A 324 21.75 18.70 -0.41
C ARG A 324 21.62 18.27 1.05
N MET A 325 21.99 19.15 1.98
CA MET A 325 21.89 18.79 3.39
C MET A 325 20.46 18.52 3.81
N VAL A 326 19.52 19.39 3.40
CA VAL A 326 18.12 19.19 3.77
C VAL A 326 17.58 17.90 3.18
N ARG A 327 17.89 17.63 1.91
CA ARG A 327 17.38 16.42 1.29
C ARG A 327 17.88 15.18 2.02
N PHE A 328 19.18 15.14 2.34
CA PHE A 328 19.69 13.98 3.07
C PHE A 328 19.05 13.86 4.44
N ALA A 329 18.92 14.97 5.16
CA ALA A 329 18.37 14.92 6.50
C ALA A 329 16.93 14.42 6.49
N ASP A 330 16.13 14.88 5.54
CA ASP A 330 14.75 14.43 5.47
C ASP A 330 14.65 12.99 5.03
N ALA A 331 15.54 12.53 4.15
CA ALA A 331 15.43 11.16 3.65
C ALA A 331 15.50 10.15 4.77
N PHE A 332 16.15 10.48 5.89
CA PHE A 332 16.38 9.53 6.97
C PHE A 332 15.74 9.95 8.29
N ASN A 333 14.76 10.84 8.25
CA ASN A 333 13.96 11.21 9.42
C ASN A 333 14.83 11.80 10.53
N ILE A 334 15.45 12.93 10.23
CA ILE A 334 16.30 13.65 11.16
C ILE A 334 15.73 15.06 11.33
N PRO A 335 15.48 15.52 12.55
CA PRO A 335 14.89 16.85 12.72
C PRO A 335 15.82 17.95 12.23
N ILE A 336 15.23 19.06 11.82
CA ILE A 336 15.95 20.18 11.24
C ILE A 336 15.72 21.42 12.10
N ILE A 337 16.80 22.11 12.46
CA ILE A 337 16.73 23.36 13.21
C ILE A 337 17.48 24.41 12.41
N THR A 338 16.85 25.57 12.19
CA THR A 338 17.41 26.61 11.35
C THR A 338 17.43 27.94 12.09
N PHE A 339 18.46 28.73 11.82
CA PHE A 339 18.59 30.09 12.32
C PHE A 339 18.66 31.03 11.13
N VAL A 340 17.87 32.09 11.14
CA VAL A 340 17.63 32.91 9.96
C VAL A 340 18.21 34.30 10.17
N ASP A 341 19.06 34.73 9.24
CA ASP A 341 19.52 36.12 9.20
C ASP A 341 19.97 36.40 7.77
N VAL A 342 19.08 36.98 6.96
CA VAL A 342 19.34 37.18 5.54
C VAL A 342 18.80 38.52 5.06
N PRO A 343 19.62 39.34 4.38
CA PRO A 343 19.10 40.55 3.76
C PRO A 343 18.59 40.35 2.34
N GLY A 344 18.82 39.20 1.73
CA GLY A 344 18.34 38.96 0.38
C GLY A 344 19.32 38.09 -0.39
N PHE A 345 19.28 38.25 -1.71
CA PHE A 345 20.14 37.48 -2.62
C PHE A 345 21.27 38.35 -3.14
N LEU A 346 22.34 37.70 -3.57
CA LEU A 346 23.53 38.42 -3.97
C LEU A 346 23.31 39.02 -5.36
N PRO A 347 23.46 40.36 -5.48
CA PRO A 347 23.17 40.98 -6.78
C PRO A 347 24.40 41.03 -7.68
N GLY A 348 24.24 40.68 -8.95
CA GLY A 348 25.34 40.73 -9.89
C GLY A 348 25.03 40.07 -11.21
N VAL A 349 25.65 40.53 -12.29
CA VAL A 349 25.41 39.96 -13.60
C VAL A 349 25.87 38.52 -13.67
N GLN A 350 27.03 38.24 -13.10
CA GLN A 350 27.55 36.88 -13.11
C GLN A 350 26.54 35.91 -12.54
N GLN A 351 25.75 36.36 -11.58
CA GLN A 351 24.77 35.48 -10.96
C GLN A 351 23.69 35.07 -11.95
N GLU A 352 23.13 36.04 -12.68
CA GLU A 352 22.12 35.70 -13.68
C GLU A 352 22.75 34.95 -14.85
N TYR A 353 23.98 35.28 -15.22
CA TYR A 353 24.65 34.55 -16.27
C TYR A 353 24.97 33.13 -15.85
N GLY A 354 24.97 32.84 -14.55
CA GLY A 354 25.20 31.52 -14.01
C GLY A 354 23.96 30.78 -13.57
N GLY A 355 22.79 31.37 -13.70
CA GLY A 355 21.55 30.70 -13.33
C GLY A 355 21.23 30.71 -11.86
N ILE A 356 21.02 31.91 -11.29
CA ILE A 356 20.56 32.00 -9.91
C ILE A 356 19.15 31.46 -9.78
N ILE A 357 18.34 31.61 -10.83
CA ILE A 357 16.94 31.21 -10.75
C ILE A 357 16.81 29.71 -10.53
N ARG A 358 17.62 28.91 -11.23
CA ARG A 358 17.58 27.46 -11.03
C ARG A 358 18.09 27.10 -9.64
N HIS A 359 19.25 27.62 -9.26
CA HIS A 359 19.91 27.15 -8.04
C HIS A 359 19.17 27.58 -6.79
N GLY A 360 18.67 28.81 -6.77
CA GLY A 360 17.96 29.28 -5.59
C GLY A 360 16.66 28.55 -5.35
N ALA A 361 16.09 27.95 -6.39
CA ALA A 361 14.86 27.20 -6.24
C ALA A 361 15.11 25.84 -5.58
N LYS A 362 16.33 25.33 -5.61
CA LYS A 362 16.61 24.02 -5.03
C LYS A 362 16.41 24.03 -3.53
N LEU A 363 16.89 25.06 -2.85
CA LEU A 363 16.72 25.15 -1.41
C LEU A 363 15.24 25.25 -1.04
N LEU A 364 14.48 26.05 -1.80
CA LEU A 364 13.05 26.16 -1.54
C LEU A 364 12.34 24.84 -1.75
N TYR A 365 12.69 24.13 -2.82
CA TYR A 365 12.10 22.81 -3.05
C TYR A 365 12.41 21.86 -1.92
N ALA A 366 13.66 21.85 -1.46
CA ALA A 366 14.05 20.95 -0.38
C ALA A 366 13.32 21.28 0.91
N TYR A 367 13.15 22.56 1.20
CA TYR A 367 12.45 22.94 2.43
C TYR A 367 10.95 22.64 2.35
N ALA A 368 10.35 22.82 1.17
CA ALA A 368 8.91 22.60 1.06
C ALA A 368 8.58 21.11 1.01
N GLU A 369 9.43 20.31 0.38
CA GLU A 369 9.14 18.88 0.25
C GLU A 369 9.30 18.13 1.55
N ALA A 370 10.06 18.69 2.49
CA ALA A 370 10.42 17.96 3.70
C ALA A 370 9.22 17.75 4.61
N THR A 371 9.22 16.60 5.30
CA THR A 371 8.14 16.25 6.22
C THR A 371 8.61 15.98 7.64
N VAL A 372 9.90 16.16 7.95
CA VAL A 372 10.41 15.97 9.29
C VAL A 372 10.05 17.19 10.14
N PRO A 373 10.05 17.10 11.47
CA PRO A 373 9.77 18.28 12.28
C PRO A 373 10.80 19.38 12.04
N LYS A 374 10.32 20.61 11.95
CA LYS A 374 11.17 21.76 11.71
C LYS A 374 10.98 22.79 12.81
N VAL A 375 12.08 23.42 13.21
CA VAL A 375 12.06 24.52 14.16
C VAL A 375 12.84 25.68 13.54
N THR A 376 12.28 26.87 13.58
CA THR A 376 12.89 28.05 12.96
C THR A 376 12.97 29.18 13.97
N ILE A 377 14.12 29.86 13.99
CA ILE A 377 14.34 30.99 14.87
C ILE A 377 14.86 32.15 14.04
N ILE A 378 14.15 33.28 14.07
CA ILE A 378 14.55 34.48 13.36
C ILE A 378 15.22 35.40 14.37
N THR A 379 16.52 35.61 14.21
CA THR A 379 17.27 36.41 15.17
C THR A 379 17.14 37.90 14.89
N ARG A 380 17.56 38.33 13.70
CA ARG A 380 17.56 39.76 13.40
C ARG A 380 16.67 40.15 12.24
N LYS A 381 16.85 39.56 11.05
CA LYS A 381 16.15 40.10 9.90
C LYS A 381 15.83 39.00 8.89
N ALA A 382 14.84 39.29 8.05
CA ALA A 382 14.43 38.38 6.98
C ALA A 382 13.65 39.20 5.97
N TYR A 383 14.18 39.33 4.75
CA TYR A 383 13.61 40.21 3.75
C TYR A 383 13.36 39.46 2.45
N GLY A 384 12.28 39.83 1.78
CA GLY A 384 11.97 39.37 0.44
C GLY A 384 11.79 37.87 0.36
N GLY A 385 12.18 37.32 -0.79
CA GLY A 385 12.01 35.89 -1.00
C GLY A 385 12.91 35.04 -0.13
N ALA A 386 13.97 35.65 0.42
CA ALA A 386 14.84 34.91 1.32
C ALA A 386 14.08 34.47 2.57
N TYR A 387 13.18 35.32 3.06
CA TYR A 387 12.35 34.92 4.19
C TYR A 387 11.47 33.73 3.83
N ASP A 388 10.91 33.72 2.63
CA ASP A 388 10.10 32.59 2.20
C ASP A 388 10.92 31.31 2.11
N VAL A 389 12.13 31.40 1.55
CA VAL A 389 12.93 30.21 1.29
C VAL A 389 13.36 29.55 2.58
N MET A 390 13.84 30.32 3.55
CA MET A 390 14.45 29.76 4.75
C MET A 390 13.38 29.30 5.74
N SER A 391 12.65 28.26 5.32
CA SER A 391 11.71 27.53 6.18
C SER A 391 10.73 28.47 6.87
N SER A 392 9.93 29.16 6.07
CA SER A 392 8.90 30.02 6.62
C SER A 392 7.74 29.17 7.15
N LYS A 393 6.91 29.80 7.98
CA LYS A 393 5.79 29.10 8.61
C LYS A 393 4.80 28.56 7.59
N HIS A 394 4.69 29.21 6.43
CA HIS A 394 3.70 28.79 5.44
C HIS A 394 4.09 27.49 4.76
N LEU A 395 5.37 27.12 4.78
CA LEU A 395 5.82 25.86 4.19
C LEU A 395 5.70 24.71 5.19
N ARG A 396 4.51 24.58 5.79
CA ARG A 396 4.19 23.49 6.72
C ARG A 396 5.20 23.39 7.85
N GLY A 397 5.69 24.54 8.30
CA GLY A 397 6.60 24.57 9.43
C GLY A 397 5.86 24.29 10.72
N ASP A 398 6.55 23.60 11.64
CA ASP A 398 5.90 23.21 12.89
C ASP A 398 5.81 24.38 13.86
N SER A 399 6.95 24.93 14.27
CA SER A 399 6.96 26.04 15.21
C SER A 399 7.99 27.06 14.77
N ASN A 400 7.62 28.32 14.80
CA ASN A 400 8.50 29.42 14.41
C ASN A 400 8.59 30.42 15.54
N TYR A 401 9.79 30.93 15.79
CA TYR A 401 10.05 31.86 16.88
C TYR A 401 10.86 33.03 16.37
N ALA A 402 10.77 34.15 17.08
CA ALA A 402 11.52 35.35 16.74
C ALA A 402 12.08 35.98 18.01
N TRP A 403 13.13 36.77 17.83
CA TRP A 403 13.74 37.47 18.94
C TRP A 403 13.26 38.91 18.98
N PRO A 404 13.29 39.56 20.15
CA PRO A 404 12.53 40.81 20.31
C PRO A 404 12.98 41.94 19.40
N HIS A 405 14.19 41.87 18.84
CA HIS A 405 14.69 42.93 17.95
C HIS A 405 14.70 42.50 16.49
N ALA A 406 13.86 41.55 16.12
CA ALA A 406 13.86 41.06 14.75
C ALA A 406 13.20 42.06 13.81
N GLU A 407 13.30 41.80 12.51
CA GLU A 407 12.67 42.60 11.48
C GLU A 407 12.22 41.70 10.35
N ILE A 408 10.94 41.79 9.98
CA ILE A 408 10.42 41.02 8.85
C ILE A 408 9.65 41.97 7.94
N ALA A 409 10.23 42.31 6.80
CA ALA A 409 9.62 43.28 5.89
C ALA A 409 9.81 42.81 4.46
N VAL A 410 9.05 43.43 3.56
CA VAL A 410 9.13 43.08 2.14
C VAL A 410 10.50 43.40 1.58
N MET A 411 11.04 44.58 1.90
CA MET A 411 12.38 44.96 1.48
C MET A 411 12.89 46.04 2.41
N GLY A 412 14.08 46.53 2.11
CA GLY A 412 14.67 47.59 2.91
C GLY A 412 13.82 48.84 2.90
N ALA A 413 14.06 49.70 3.89
CA ALA A 413 13.24 50.89 4.06
C ALA A 413 13.38 51.84 2.89
N ALA A 414 14.58 51.95 2.32
CA ALA A 414 14.83 52.90 1.25
C ALA A 414 13.98 52.57 0.01
N GLY A 415 13.99 51.32 -0.41
CA GLY A 415 13.23 50.95 -1.60
C GLY A 415 11.74 51.11 -1.41
N ALA A 416 11.23 50.74 -0.22
CA ALA A 416 9.82 50.91 0.06
C ALA A 416 9.43 52.39 0.04
N CYS A 417 10.25 53.23 0.66
CA CYS A 417 9.96 54.66 0.64
C CYS A 417 9.99 55.22 -0.78
N LYS A 418 10.92 54.74 -1.60
CA LYS A 418 10.99 55.21 -2.98
C LYS A 418 9.74 54.80 -3.76
N LEU A 419 9.33 53.53 -3.64
CA LEU A 419 8.19 53.06 -4.41
C LEU A 419 6.87 53.62 -3.91
N LEU A 420 6.76 53.95 -2.62
CA LEU A 420 5.51 54.45 -2.07
C LEU A 420 5.30 55.94 -2.29
N TYR A 421 6.33 56.67 -2.77
CA TYR A 421 6.19 58.11 -3.02
C TYR A 421 7.07 58.44 -4.23
N SER A 422 6.43 58.51 -5.39
CA SER A 422 7.13 58.67 -6.66
C SER A 422 7.90 59.98 -6.75
N LYS A 423 7.19 61.11 -6.77
CA LYS A 423 7.79 62.42 -6.87
C LYS A 423 7.46 63.29 -5.67
N GLU A 424 7.40 62.69 -4.49
CA GLU A 424 7.09 63.43 -3.27
C GLU A 424 8.20 64.43 -2.98
N THR A 425 7.87 65.50 -2.25
CA THR A 425 8.79 66.60 -2.02
C THR A 425 10.15 66.13 -1.54
N ALA A 426 11.20 66.80 -1.99
CA ALA A 426 12.56 66.43 -1.63
C ALA A 426 12.75 66.52 -0.12
N GLU A 427 13.84 65.91 0.35
CA GLU A 427 14.19 65.68 1.75
C GLU A 427 13.25 64.65 2.37
N GLN A 428 12.46 63.92 1.57
CA GLN A 428 11.50 62.96 2.11
C GLN A 428 12.20 61.83 2.85
N GLN A 429 13.50 61.67 2.59
CA GLN A 429 14.28 60.61 3.22
C GLN A 429 14.14 60.64 4.73
N ALA A 430 14.41 61.80 5.34
CA ALA A 430 14.60 61.86 6.79
C ALA A 430 13.32 61.56 7.55
N GLN A 431 12.19 62.10 7.10
CA GLN A 431 10.94 61.97 7.84
C GLN A 431 10.07 60.83 7.34
N ARG A 432 10.54 60.04 6.38
CA ARG A 432 9.78 58.90 5.89
C ARG A 432 10.49 57.57 6.13
N ILE A 433 11.79 57.48 5.87
CA ILE A 433 12.48 56.21 6.07
C ILE A 433 12.48 55.81 7.55
N ALA A 434 12.74 56.78 8.43
CA ALA A 434 12.72 56.48 9.86
C ALA A 434 11.34 56.01 10.30
N ASP A 435 10.29 56.71 9.84
CA ASP A 435 8.93 56.33 10.24
C ASP A 435 8.57 54.95 9.72
N TYR A 436 8.90 54.65 8.46
CA TYR A 436 8.54 53.35 7.91
C TYR A 436 9.28 52.22 8.63
N GLU A 437 10.58 52.42 8.90
CA GLU A 437 11.33 51.41 9.62
C GLU A 437 10.78 51.21 11.03
N LYS A 438 10.38 52.31 11.69
CA LYS A 438 9.81 52.20 13.02
C LYS A 438 8.49 51.44 13.00
N THR A 439 7.65 51.69 11.99
CA THR A 439 6.29 51.17 12.02
C THR A 439 6.19 49.75 11.48
N PHE A 440 7.01 49.38 10.49
CA PHE A 440 6.83 48.10 9.82
C PHE A 440 8.08 47.23 9.78
N CYS A 441 9.24 47.72 10.20
CA CYS A 441 10.43 46.89 10.30
C CYS A 441 10.61 46.42 11.74
N THR A 442 9.65 45.60 12.17
CA THR A 442 9.58 45.10 13.54
C THR A 442 8.73 43.84 13.53
N PRO A 443 8.93 42.91 14.47
CA PRO A 443 8.15 41.66 14.43
C PRO A 443 6.70 41.83 14.86
N LEU A 444 6.27 43.03 15.25
CA LEU A 444 4.89 43.19 15.70
C LEU A 444 3.90 42.93 14.59
N SER A 445 4.17 43.43 13.38
CA SER A 445 3.23 43.21 12.27
C SER A 445 3.17 41.74 11.88
N ALA A 446 4.34 41.09 11.77
CA ALA A 446 4.34 39.68 11.41
C ALA A 446 3.69 38.83 12.50
N ALA A 447 3.79 39.26 13.75
CA ALA A 447 3.10 38.55 14.83
C ALA A 447 1.61 38.78 14.77
N ARG A 448 1.19 39.99 14.39
CA ARG A 448 -0.23 40.27 14.22
C ARG A 448 -0.83 39.41 13.12
N LYS A 449 -0.11 39.25 12.02
CA LYS A 449 -0.62 38.41 10.93
C LYS A 449 -0.65 36.94 11.32
N GLY A 450 0.16 36.51 12.27
CA GLY A 450 0.22 35.12 12.66
C GLY A 450 1.33 34.31 12.01
N PHE A 451 2.46 34.93 11.69
CA PHE A 451 3.51 34.22 10.98
C PHE A 451 4.59 33.69 11.93
N VAL A 452 4.64 34.20 13.15
CA VAL A 452 5.51 33.70 14.20
C VAL A 452 4.64 33.30 15.37
N ASP A 453 4.94 32.15 15.98
CA ASP A 453 4.13 31.68 17.10
C ASP A 453 4.21 32.65 18.27
N ALA A 454 5.42 32.99 18.70
CA ALA A 454 5.57 33.89 19.84
C ALA A 454 6.90 34.60 19.75
N VAL A 455 6.98 35.74 20.43
CA VAL A 455 8.22 36.50 20.57
C VAL A 455 8.81 36.15 21.93
N ILE A 456 10.03 35.63 21.92
CA ILE A 456 10.62 35.03 23.11
C ILE A 456 11.89 35.76 23.49
N ASP A 457 12.21 35.71 24.78
CA ASP A 457 13.52 36.14 25.24
C ASP A 457 14.59 35.21 24.67
N PRO A 458 15.75 35.74 24.31
CA PRO A 458 16.81 34.88 23.77
C PRO A 458 17.35 33.88 24.77
N SER A 459 16.99 34.00 26.05
CA SER A 459 17.51 33.06 27.05
C SER A 459 16.69 31.78 27.13
N GLU A 460 15.53 31.73 26.47
CA GLU A 460 14.64 30.59 26.54
C GLU A 460 14.74 29.67 25.34
N THR A 461 15.72 29.89 24.46
CA THR A 461 15.76 29.15 23.21
C THR A 461 15.98 27.66 23.45
N ARG A 462 16.89 27.32 24.35
CA ARG A 462 17.16 25.91 24.63
C ARG A 462 15.93 25.22 25.19
N MET A 463 15.25 25.88 26.13
CA MET A 463 14.03 25.31 26.71
C MET A 463 12.98 25.08 25.64
N ARG A 464 12.73 26.08 24.80
CA ARG A 464 11.69 25.95 23.78
C ARG A 464 12.04 24.87 22.77
N VAL A 465 13.30 24.83 22.34
CA VAL A 465 13.71 23.85 21.34
C VAL A 465 13.58 22.43 21.90
N CYS A 466 14.04 22.22 23.14
CA CYS A 466 13.92 20.88 23.73
C CYS A 466 12.47 20.48 23.89
N GLU A 467 11.61 21.39 24.36
CA GLU A 467 10.19 21.09 24.52
C GLU A 467 9.57 20.70 23.17
N ASP A 468 9.77 21.53 22.16
CA ASP A 468 9.14 21.28 20.86
C ASP A 468 9.67 20.00 20.22
N LEU A 469 10.98 19.77 20.31
CA LEU A 469 11.55 18.59 19.70
C LEU A 469 11.14 17.32 20.44
N GLU A 470 10.86 17.42 21.73
CA GLU A 470 10.34 16.26 22.46
C GLU A 470 8.89 16.00 22.07
N ARG A 471 8.08 17.06 21.96
CA ARG A 471 6.67 16.86 21.63
C ARG A 471 6.49 16.35 20.21
N LEU A 472 7.29 16.83 19.26
CA LEU A 472 7.13 16.50 17.85
C LEU A 472 7.73 15.15 17.47
N ALA A 473 7.97 14.28 18.44
CA ALA A 473 8.72 13.06 18.17
C ALA A 473 7.95 12.10 17.25
N ARG A 474 6.63 12.21 17.21
CA ARG A 474 5.80 11.23 16.51
C ARG A 474 4.87 11.87 15.48
N LYS A 475 5.39 12.79 14.68
CA LYS A 475 4.60 13.38 13.62
C LYS A 475 4.59 12.47 12.39
N GLN A 476 3.42 12.34 11.76
CA GLN A 476 3.25 11.49 10.58
C GLN A 476 2.59 12.31 9.48
N LEU A 477 3.38 12.74 8.50
CA LEU A 477 2.89 13.52 7.37
C LEU A 477 3.29 12.83 6.08
N GLN A 478 2.41 12.91 5.08
CA GLN A 478 2.63 12.24 3.81
C GLN A 478 2.25 13.15 2.66
N ASN A 479 3.05 13.10 1.60
CA ASN A 479 2.85 13.85 0.37
C ASN A 479 1.94 13.07 -0.57
N PRO A 480 1.37 13.74 -1.58
CA PRO A 480 0.53 13.02 -2.55
C PRO A 480 1.33 11.99 -3.31
N TRP A 481 0.61 11.01 -3.88
CA TRP A 481 1.28 9.90 -4.53
C TRP A 481 2.02 10.36 -5.79
N LYS A 482 3.29 9.98 -5.88
CA LYS A 482 4.13 10.30 -7.03
C LYS A 482 5.09 9.16 -7.27
N LYS A 483 5.47 8.94 -8.53
CA LYS A 483 6.59 8.07 -8.81
C LYS A 483 7.87 8.68 -8.27
N HIS A 484 8.06 9.97 -8.46
CA HIS A 484 9.10 10.78 -7.84
C HIS A 484 8.85 12.23 -8.24
N GLY A 485 9.56 13.13 -7.60
CA GLY A 485 9.42 14.54 -7.90
C GLY A 485 10.14 14.92 -9.19
N ASN A 486 10.13 16.21 -9.48
CA ASN A 486 10.88 16.79 -10.59
C ASN A 486 11.54 18.06 -10.06
N ILE A 487 12.69 17.88 -9.41
CA ILE A 487 13.41 18.99 -8.77
C ILE A 487 14.08 19.81 -9.87
N PRO A 488 14.20 21.13 -9.73
CA PRO A 488 14.95 21.90 -10.74
C PRO A 488 16.43 21.60 -10.66
N LEU A 489 16.94 20.82 -11.62
CA LEU A 489 18.35 20.45 -11.61
C LEU A 489 19.20 21.65 -12.01
N PRO B 1 -13.52 -39.77 45.46
CA PRO B 1 -14.44 -39.93 44.35
C PRO B 1 -13.73 -40.24 43.04
N THR B 2 -13.81 -41.48 42.60
CA THR B 2 -13.20 -41.93 41.35
C THR B 2 -14.22 -42.70 40.52
N ALA B 3 -15.40 -42.12 40.35
CA ALA B 3 -16.53 -42.80 39.74
C ALA B 3 -16.41 -42.84 38.22
N ALA B 4 -16.92 -43.94 37.64
CA ALA B 4 -17.17 -44.07 36.21
C ALA B 4 -15.89 -44.14 35.37
N GLU B 5 -14.73 -43.96 35.99
CA GLU B 5 -13.46 -44.13 35.32
C GLU B 5 -12.76 -45.42 35.69
N ASP B 6 -13.35 -46.22 36.58
CA ASP B 6 -12.78 -47.53 36.89
C ASP B 6 -12.88 -48.46 35.70
N LEU B 7 -13.99 -48.38 34.95
CA LEU B 7 -14.14 -49.21 33.76
C LEU B 7 -13.07 -48.89 32.72
N ARG B 8 -12.72 -47.62 32.57
CA ARG B 8 -11.68 -47.25 31.62
C ARG B 8 -10.29 -47.75 32.04
N HIS B 9 -9.87 -47.39 33.25
CA HIS B 9 -8.52 -47.77 33.71
C HIS B 9 -8.29 -49.28 33.77
N LYS B 10 -9.37 -50.04 33.96
CA LYS B 10 -9.24 -51.50 34.01
C LYS B 10 -8.68 -52.07 32.72
N LYS B 11 -8.85 -51.34 31.63
CA LYS B 11 -8.32 -51.79 30.35
C LYS B 11 -6.96 -51.18 30.09
N LYS B 12 -6.27 -50.76 31.16
CA LYS B 12 -4.95 -50.16 31.01
C LYS B 12 -4.96 -48.98 30.06
N ARG B 13 -5.95 -48.10 30.19
CA ARG B 13 -6.04 -46.93 29.31
C ARG B 13 -6.48 -45.70 30.09
N LEU B 14 -6.06 -44.52 29.62
CA LEU B 14 -6.41 -43.28 30.31
C LEU B 14 -7.65 -42.61 29.73
N THR B 15 -8.13 -41.56 30.37
CA THR B 15 -9.32 -40.87 29.90
C THR B 15 -8.97 -39.53 29.26
N ALA B 16 -9.89 -38.99 28.48
CA ALA B 16 -9.62 -37.72 27.80
C ALA B 16 -9.31 -36.61 28.80
N MET B 17 -10.12 -36.52 29.86
CA MET B 17 -9.90 -35.46 30.83
C MET B 17 -8.55 -35.62 31.52
N GLU B 18 -8.15 -36.85 31.82
CA GLU B 18 -6.84 -37.06 32.42
C GLU B 18 -5.72 -36.63 31.50
N ARG B 19 -5.86 -36.90 30.20
CA ARG B 19 -4.86 -36.46 29.24
C ARG B 19 -4.77 -34.93 29.20
N VAL B 20 -5.92 -34.27 29.20
CA VAL B 20 -5.93 -32.81 29.20
C VAL B 20 -5.28 -32.26 30.47
N GLN B 21 -5.59 -32.87 31.61
CA GLN B 21 -4.98 -32.45 32.87
C GLN B 21 -3.47 -32.61 32.84
N LEU B 22 -2.99 -33.72 32.27
CA LEU B 22 -1.55 -33.95 32.18
C LEU B 22 -0.87 -32.96 31.23
N PHE B 23 -1.53 -32.54 30.16
CA PHE B 23 -0.87 -31.68 29.19
C PHE B 23 -0.63 -30.27 29.75
N CYS B 24 -1.69 -29.60 30.20
CA CYS B 24 -1.61 -28.19 30.53
C CYS B 24 -0.96 -28.00 31.91
N ASP B 25 -0.99 -26.75 32.37
CA ASP B 25 -0.46 -26.38 33.67
C ASP B 25 -1.36 -26.95 34.75
N PRO B 26 -0.89 -26.98 36.02
CA PRO B 26 -1.68 -27.67 37.06
C PRO B 26 -3.11 -27.19 37.21
N GLY B 27 -3.36 -25.90 37.12
CA GLY B 27 -4.71 -25.42 37.37
C GLY B 27 -5.20 -24.36 36.40
N THR B 28 -4.77 -24.43 35.14
CA THR B 28 -5.07 -23.39 34.17
C THR B 28 -5.91 -23.89 33.00
N PHE B 29 -6.75 -24.90 33.20
CA PHE B 29 -7.65 -25.36 32.16
C PHE B 29 -9.06 -24.87 32.46
N ARG B 30 -9.69 -24.25 31.48
CA ARG B 30 -11.05 -23.73 31.59
C ARG B 30 -11.89 -24.35 30.48
N GLU B 31 -12.62 -25.40 30.81
CA GLU B 31 -13.44 -26.10 29.83
C GLU B 31 -14.47 -25.13 29.25
N ARG B 32 -14.59 -25.12 27.92
CA ARG B 32 -15.43 -24.12 27.27
C ARG B 32 -16.89 -24.53 27.28
N ASP B 33 -17.21 -25.66 26.68
CA ASP B 33 -18.60 -26.08 26.53
C ASP B 33 -18.76 -27.47 27.13
N ALA B 34 -19.78 -27.64 27.98
CA ALA B 34 -19.93 -28.90 28.70
C ALA B 34 -21.34 -29.47 28.73
N LEU B 35 -22.38 -28.72 28.37
CA LEU B 35 -23.75 -29.21 28.41
C LEU B 35 -24.35 -29.08 27.01
N VAL B 36 -24.11 -30.07 26.17
CA VAL B 36 -24.56 -30.06 24.79
C VAL B 36 -25.05 -31.46 24.42
N GLU B 37 -26.17 -31.53 23.71
CA GLU B 37 -26.78 -32.79 23.34
C GLU B 37 -26.90 -32.91 21.83
N HIS B 38 -27.14 -34.14 21.35
CA HIS B 38 -27.00 -34.43 19.93
C HIS B 38 -28.23 -34.07 19.12
N GLU B 39 -29.40 -34.02 19.75
CA GLU B 39 -30.69 -33.72 19.10
C GLU B 39 -30.82 -34.41 17.74
N CYS B 40 -30.80 -35.75 17.79
CA CYS B 40 -30.79 -36.56 16.57
C CYS B 40 -32.20 -36.99 16.16
N HIS B 41 -32.92 -37.68 17.04
CA HIS B 41 -34.30 -38.11 16.81
C HIS B 41 -34.40 -39.04 15.59
N ASN B 42 -33.65 -40.13 15.65
CA ASN B 42 -33.69 -41.16 14.61
C ASN B 42 -33.22 -42.47 15.21
N PHE B 43 -33.60 -43.57 14.56
CA PHE B 43 -33.13 -44.93 14.88
C PHE B 43 -33.02 -45.20 16.37
N GLY B 44 -34.04 -44.83 17.14
CA GLY B 44 -34.00 -45.06 18.58
C GLY B 44 -32.86 -44.36 19.30
N MET B 45 -32.51 -43.16 18.86
CA MET B 45 -31.50 -42.35 19.50
C MET B 45 -32.10 -41.19 20.29
N GLU B 46 -33.43 -41.06 20.28
CA GLU B 46 -34.08 -40.00 21.03
C GLU B 46 -33.79 -40.09 22.51
N LYS B 47 -33.39 -41.26 22.99
CA LYS B 47 -32.98 -41.47 24.37
C LYS B 47 -31.46 -41.37 24.47
N ARG B 48 -30.93 -41.76 25.64
CA ARG B 48 -29.50 -41.80 25.93
C ARG B 48 -28.77 -40.56 25.42
N LYS B 49 -29.26 -39.39 25.85
CA LYS B 49 -28.53 -38.16 25.61
C LYS B 49 -27.36 -38.06 26.59
N VAL B 50 -26.33 -37.34 26.18
CA VAL B 50 -25.11 -37.22 26.97
C VAL B 50 -24.79 -35.74 27.17
N PRO B 51 -24.39 -35.32 28.37
CA PRO B 51 -24.11 -33.90 28.61
C PRO B 51 -22.95 -33.35 27.80
N GLY B 52 -21.79 -34.02 27.86
CA GLY B 52 -20.64 -33.51 27.15
C GLY B 52 -20.68 -33.71 25.65
N ASP B 53 -21.44 -34.69 25.18
CA ASP B 53 -21.52 -35.04 23.76
C ASP B 53 -20.16 -35.47 23.21
N GLY B 54 -19.38 -36.17 24.04
CA GLY B 54 -18.22 -36.89 23.56
C GLY B 54 -16.99 -36.05 23.26
N PHE B 55 -17.01 -34.75 23.53
CA PHE B 55 -15.87 -33.88 23.25
C PHE B 55 -15.55 -33.04 24.47
N ILE B 56 -14.26 -32.76 24.66
CA ILE B 56 -13.79 -31.86 25.70
C ILE B 56 -12.94 -30.79 25.02
N THR B 57 -13.42 -29.56 25.01
CA THR B 57 -12.71 -28.44 24.41
C THR B 57 -12.52 -27.36 25.46
N GLY B 58 -11.35 -26.75 25.48
CA GLY B 58 -11.05 -25.73 26.45
C GLY B 58 -10.01 -24.79 25.91
N THR B 59 -9.34 -24.09 26.83
CA THR B 59 -8.25 -23.20 26.46
C THR B 59 -6.91 -23.63 27.04
N GLY B 60 -6.79 -23.74 28.36
CA GLY B 60 -5.54 -24.17 28.95
C GLY B 60 -4.42 -23.15 28.83
N LYS B 61 -3.24 -23.55 29.30
CA LYS B 61 -2.05 -22.71 29.30
C LYS B 61 -0.80 -23.54 29.53
N VAL B 62 0.19 -23.43 28.66
CA VAL B 62 1.41 -24.23 28.73
C VAL B 62 2.61 -23.30 28.86
N PHE B 63 3.41 -23.51 29.92
CA PHE B 63 4.63 -22.75 30.15
C PHE B 63 4.35 -21.25 30.18
N GLY B 64 3.19 -20.88 30.69
CA GLY B 64 2.80 -19.49 30.75
C GLY B 64 2.28 -18.91 29.46
N ARG B 65 2.23 -19.71 28.39
CA ARG B 65 1.76 -19.25 27.10
C ARG B 65 0.44 -19.92 26.76
N PRO B 66 -0.48 -19.20 26.11
CA PRO B 66 -1.82 -19.77 25.87
C PRO B 66 -1.78 -20.85 24.80
N VAL B 67 -2.83 -21.66 24.80
CA VAL B 67 -3.00 -22.76 23.85
C VAL B 67 -4.51 -22.97 23.68
N PHE B 68 -4.89 -23.81 22.73
CA PHE B 68 -6.25 -24.31 22.58
C PHE B 68 -6.17 -25.79 22.28
N LEU B 69 -7.16 -26.55 22.77
CA LEU B 69 -7.10 -27.99 22.55
C LEU B 69 -8.50 -28.58 22.58
N PHE B 70 -8.59 -29.81 22.08
CA PHE B 70 -9.80 -30.61 22.16
C PHE B 70 -9.41 -32.07 22.22
N SER B 71 -10.26 -32.89 22.83
CA SER B 71 -9.97 -34.30 23.01
C SER B 71 -11.22 -35.13 22.79
N HIS B 72 -11.09 -36.19 22.01
CA HIS B 72 -12.19 -37.12 21.81
C HIS B 72 -12.38 -37.99 23.04
N ASP B 73 -13.58 -38.55 23.15
CA ASP B 73 -13.95 -39.40 24.27
C ASP B 73 -14.41 -40.74 23.72
N PHE B 74 -13.76 -41.82 24.15
CA PHE B 74 -14.06 -43.13 23.58
C PHE B 74 -15.26 -43.79 24.25
N THR B 75 -15.53 -43.47 25.52
CA THR B 75 -16.63 -44.11 26.23
C THR B 75 -17.97 -43.72 25.62
N VAL B 76 -18.12 -42.47 25.24
CA VAL B 76 -19.41 -41.94 24.79
C VAL B 76 -19.52 -42.14 23.28
N PHE B 77 -20.36 -43.09 22.87
CA PHE B 77 -20.70 -43.34 21.47
C PHE B 77 -19.49 -43.72 20.62
N GLY B 78 -18.39 -44.13 21.26
CA GLY B 78 -17.21 -44.48 20.50
C GLY B 78 -16.44 -43.30 19.94
N GLY B 79 -16.79 -42.07 20.33
CA GLY B 79 -16.10 -40.91 19.83
C GLY B 79 -16.54 -40.42 18.47
N SER B 80 -17.68 -40.90 17.98
CA SER B 80 -18.13 -40.54 16.65
C SER B 80 -18.46 -39.05 16.56
N LEU B 81 -18.17 -38.46 15.41
CA LEU B 81 -18.49 -37.07 15.16
C LEU B 81 -19.93 -36.92 14.69
N SER B 82 -20.43 -35.70 14.77
CA SER B 82 -21.81 -35.42 14.44
C SER B 82 -21.92 -33.98 13.95
N ARG B 83 -23.16 -33.58 13.63
CA ARG B 83 -23.42 -32.19 13.31
C ARG B 83 -23.11 -31.30 14.50
N THR B 84 -23.15 -31.84 15.72
CA THR B 84 -23.02 -31.05 16.93
C THR B 84 -21.61 -31.10 17.51
N ASN B 85 -20.93 -32.24 17.41
CA ASN B 85 -19.55 -32.32 17.88
C ASN B 85 -18.66 -31.37 17.10
N ALA B 86 -18.81 -31.33 15.78
CA ALA B 86 -17.93 -30.52 14.95
C ALA B 86 -18.10 -29.04 15.18
N ALA B 87 -19.27 -28.61 15.68
CA ALA B 87 -19.49 -27.18 15.91
C ALA B 87 -18.53 -26.64 16.95
N LYS B 88 -18.29 -27.39 18.02
CA LYS B 88 -17.37 -26.95 19.06
C LYS B 88 -15.96 -26.81 18.50
N VAL B 89 -15.52 -27.78 17.70
CA VAL B 89 -14.19 -27.73 17.14
C VAL B 89 -14.05 -26.55 16.19
N VAL B 90 -15.09 -26.31 15.39
CA VAL B 90 -15.06 -25.17 14.46
C VAL B 90 -14.95 -23.86 15.24
N ARG B 91 -15.72 -23.75 16.33
CA ARG B 91 -15.66 -22.52 17.13
C ARG B 91 -14.27 -22.32 17.72
N ILE B 92 -13.66 -23.40 18.22
CA ILE B 92 -12.32 -23.30 18.80
C ILE B 92 -11.31 -22.87 17.74
N MET B 93 -11.36 -23.48 16.55
CA MET B 93 -10.39 -23.13 15.52
C MET B 93 -10.60 -21.69 15.04
N GLU B 94 -11.85 -21.25 14.93
CA GLU B 94 -12.08 -19.87 14.50
C GLU B 94 -11.55 -18.88 15.54
N GLU B 95 -11.78 -19.16 16.83
CA GLU B 95 -11.24 -18.29 17.86
C GLU B 95 -9.72 -18.28 17.86
N ALA B 96 -9.10 -19.45 17.66
CA ALA B 96 -7.65 -19.53 17.57
C ALA B 96 -7.12 -18.95 16.27
N ALA B 97 -8.00 -18.66 15.32
CA ALA B 97 -7.57 -17.95 14.12
C ALA B 97 -7.60 -16.45 14.34
N LYS B 98 -8.63 -15.96 15.05
CA LYS B 98 -8.66 -14.53 15.38
C LYS B 98 -7.47 -14.13 16.24
N ILE B 99 -7.20 -14.90 17.28
CA ILE B 99 -6.07 -14.65 18.18
C ILE B 99 -4.93 -15.54 17.71
N GLY B 100 -3.70 -15.04 17.81
CA GLY B 100 -2.56 -15.80 17.33
C GLY B 100 -2.15 -16.94 18.25
N VAL B 101 -2.96 -17.99 18.31
CA VAL B 101 -2.72 -19.12 19.23
C VAL B 101 -2.78 -20.41 18.44
N PRO B 102 -1.97 -21.43 18.76
CA PRO B 102 -2.04 -22.70 18.05
C PRO B 102 -3.15 -23.61 18.59
N VAL B 103 -3.29 -24.76 17.96
CA VAL B 103 -4.32 -25.74 18.30
C VAL B 103 -3.69 -27.13 18.35
N ILE B 104 -4.05 -27.91 19.37
CA ILE B 104 -3.56 -29.27 19.54
C ILE B 104 -4.74 -30.18 19.81
N GLY B 105 -4.85 -31.26 19.07
CA GLY B 105 -5.98 -32.16 19.20
C GLY B 105 -5.56 -33.60 19.43
N PHE B 106 -6.23 -34.26 20.38
CA PHE B 106 -5.99 -35.65 20.71
C PHE B 106 -7.11 -36.50 20.12
N ASN B 107 -6.83 -37.18 19.01
CA ASN B 107 -7.83 -37.91 18.27
C ASN B 107 -8.06 -39.30 18.85
N ASP B 108 -9.32 -39.68 19.02
CA ASP B 108 -9.66 -41.00 19.51
C ASP B 108 -10.92 -41.56 18.85
N SER B 109 -11.46 -40.91 17.82
CA SER B 109 -12.75 -41.27 17.28
C SER B 109 -12.73 -42.64 16.61
N GLY B 110 -13.81 -43.40 16.80
CA GLY B 110 -13.97 -44.68 16.15
C GLY B 110 -14.53 -44.61 14.74
N GLY B 111 -14.86 -43.43 14.26
CA GLY B 111 -15.42 -43.23 12.94
C GLY B 111 -16.58 -42.27 13.00
N ALA B 112 -17.35 -42.23 11.92
CA ALA B 112 -18.50 -41.34 11.86
C ALA B 112 -19.68 -41.94 12.62
N ARG B 113 -20.64 -41.08 12.95
CA ARG B 113 -21.87 -41.49 13.61
C ARG B 113 -22.92 -41.74 12.53
N ILE B 114 -23.33 -43.00 12.38
CA ILE B 114 -24.22 -43.36 11.29
C ILE B 114 -25.62 -42.80 11.53
N HIS B 115 -26.03 -42.69 12.79
CA HIS B 115 -27.39 -42.30 13.12
C HIS B 115 -27.72 -40.86 12.73
N GLU B 116 -26.72 -40.05 12.39
CA GLU B 116 -26.96 -38.69 11.95
C GLU B 116 -27.09 -38.55 10.44
N GLY B 117 -26.78 -39.58 9.68
CA GLY B 117 -26.84 -39.46 8.23
C GLY B 117 -25.68 -38.63 7.71
N VAL B 118 -25.98 -37.71 6.79
CA VAL B 118 -24.95 -36.95 6.10
C VAL B 118 -24.45 -35.78 6.92
N ASP B 119 -25.02 -35.56 8.11
CA ASP B 119 -24.56 -34.46 8.96
C ASP B 119 -23.13 -34.69 9.41
N SER B 120 -22.74 -35.95 9.60
CA SER B 120 -21.34 -36.24 9.91
C SER B 120 -20.42 -35.83 8.78
N LEU B 121 -20.84 -36.06 7.53
CA LEU B 121 -20.04 -35.60 6.39
C LEU B 121 -19.95 -34.09 6.37
N ALA B 122 -21.06 -33.40 6.72
CA ALA B 122 -21.02 -31.95 6.78
C ALA B 122 -19.99 -31.46 7.80
N GLY B 123 -20.01 -32.06 9.00
CA GLY B 123 -19.04 -31.67 10.01
C GLY B 123 -17.61 -31.93 9.59
N TYR B 124 -17.37 -33.10 8.97
CA TYR B 124 -16.04 -33.41 8.47
C TYR B 124 -15.59 -32.37 7.46
N ALA B 125 -16.48 -31.98 6.56
CA ALA B 125 -16.11 -31.01 5.53
C ALA B 125 -15.75 -29.67 6.15
N ASP B 126 -16.53 -29.23 7.15
CA ASP B 126 -16.21 -27.97 7.81
C ASP B 126 -14.85 -28.01 8.49
N ILE B 127 -14.55 -29.11 9.19
CA ILE B 127 -13.26 -29.22 9.84
C ILE B 127 -12.13 -29.24 8.81
N PHE B 128 -12.34 -29.94 7.70
CA PHE B 128 -11.32 -29.98 6.65
C PHE B 128 -11.06 -28.59 6.09
N LEU B 129 -12.12 -27.81 5.86
CA LEU B 129 -11.94 -26.46 5.33
C LEU B 129 -11.21 -25.57 6.31
N ARG B 130 -11.54 -25.66 7.60
CA ARG B 130 -10.82 -24.85 8.58
C ARG B 130 -9.34 -25.22 8.62
N ASN B 131 -9.03 -26.52 8.60
CA ASN B 131 -7.63 -26.93 8.56
C ASN B 131 -6.93 -26.42 7.33
N THR B 132 -7.59 -26.49 6.17
CA THR B 132 -6.97 -26.03 4.93
C THR B 132 -6.71 -24.53 4.96
N LEU B 133 -7.68 -23.75 5.41
CA LEU B 133 -7.53 -22.30 5.42
C LEU B 133 -6.49 -21.85 6.42
N PHE B 134 -6.47 -22.44 7.61
CA PHE B 134 -5.61 -21.94 8.67
C PHE B 134 -4.24 -22.60 8.72
N SER B 135 -3.92 -23.47 7.76
CA SER B 135 -2.58 -24.05 7.71
C SER B 135 -1.60 -23.01 7.21
N GLY B 136 -0.52 -22.79 7.95
CA GLY B 136 0.39 -21.71 7.67
C GLY B 136 0.09 -20.43 8.43
N VAL B 137 -1.03 -20.36 9.14
CA VAL B 137 -1.36 -19.23 9.99
C VAL B 137 -1.02 -19.52 11.44
N ILE B 138 -1.50 -20.65 11.96
CA ILE B 138 -1.21 -21.09 13.31
C ILE B 138 -0.70 -22.53 13.25
N PRO B 139 0.33 -22.89 13.99
CA PRO B 139 0.80 -24.27 13.95
C PRO B 139 -0.26 -25.22 14.48
N GLN B 140 -0.35 -26.39 13.86
CA GLN B 140 -1.32 -27.42 14.25
C GLN B 140 -0.58 -28.72 14.52
N ILE B 141 -0.78 -29.27 15.71
CA ILE B 141 -0.20 -30.54 16.11
C ILE B 141 -1.32 -31.51 16.46
N SER B 142 -1.16 -32.76 16.06
CA SER B 142 -2.18 -33.78 16.30
C SER B 142 -1.51 -35.01 16.89
N VAL B 143 -2.17 -35.62 17.87
CA VAL B 143 -1.71 -36.84 18.51
C VAL B 143 -2.84 -37.85 18.43
N ILE B 144 -2.51 -39.11 18.13
CA ILE B 144 -3.50 -40.17 17.97
C ILE B 144 -3.32 -41.15 19.11
N MET B 145 -4.31 -41.20 20.00
CA MET B 145 -4.21 -42.02 21.21
C MET B 145 -4.92 -43.35 21.08
N GLY B 146 -5.85 -43.47 20.14
CA GLY B 146 -6.58 -44.71 19.97
C GLY B 146 -6.92 -44.97 18.51
N PRO B 147 -7.97 -45.73 18.26
CA PRO B 147 -8.38 -45.99 16.88
C PRO B 147 -8.75 -44.70 16.16
N CYS B 148 -8.46 -44.67 14.86
CA CYS B 148 -8.78 -43.53 14.02
C CYS B 148 -8.97 -44.06 12.61
N ALA B 149 -10.22 -44.27 12.21
CA ALA B 149 -10.52 -44.91 10.94
C ALA B 149 -11.51 -44.06 10.17
N GLY B 150 -11.90 -44.57 9.00
CA GLY B 150 -12.84 -43.86 8.16
C GLY B 150 -12.22 -42.64 7.50
N GLY B 151 -13.09 -41.71 7.11
CA GLY B 151 -12.64 -40.47 6.51
C GLY B 151 -12.12 -39.44 7.48
N ALA B 152 -12.24 -39.71 8.78
CA ALA B 152 -11.72 -38.78 9.79
C ALA B 152 -10.20 -38.69 9.76
N VAL B 153 -9.54 -39.63 9.09
CA VAL B 153 -8.09 -39.67 9.06
C VAL B 153 -7.50 -38.46 8.33
N TYR B 154 -8.29 -37.79 7.50
CA TYR B 154 -7.72 -36.77 6.63
C TYR B 154 -7.35 -35.49 7.38
N SER B 155 -8.15 -35.11 8.38
CA SER B 155 -7.81 -33.90 9.13
C SER B 155 -6.47 -33.98 9.87
N PRO B 156 -6.09 -35.09 10.51
CA PRO B 156 -4.70 -35.17 11.01
C PRO B 156 -3.66 -35.04 9.92
N ALA B 157 -3.97 -35.49 8.70
CA ALA B 157 -2.99 -35.45 7.63
C ALA B 157 -2.63 -34.02 7.25
N ILE B 158 -3.61 -33.13 7.21
CA ILE B 158 -3.34 -31.74 6.81
C ILE B 158 -2.56 -31.02 7.91
N THR B 159 -2.67 -31.48 9.15
CA THR B 159 -1.95 -30.84 10.25
C THR B 159 -0.45 -31.00 10.06
N ASP B 160 0.31 -30.11 10.71
CA ASP B 160 1.74 -30.03 10.46
C ASP B 160 2.48 -31.28 10.94
N PHE B 161 2.17 -31.74 12.15
CA PHE B 161 2.86 -32.90 12.72
C PHE B 161 1.84 -33.84 13.32
N THR B 162 2.06 -35.14 13.12
CA THR B 162 1.22 -36.18 13.68
C THR B 162 2.09 -37.14 14.46
N PHE B 163 1.71 -37.40 15.70
CA PHE B 163 2.42 -38.34 16.57
C PHE B 163 1.50 -39.50 16.91
N MET B 164 2.10 -40.60 17.33
CA MET B 164 1.36 -41.82 17.58
C MET B 164 1.79 -42.45 18.89
N VAL B 165 0.86 -43.14 19.53
CA VAL B 165 1.12 -43.90 20.75
C VAL B 165 1.29 -45.36 20.38
N GLU B 166 2.18 -46.05 21.08
CA GLU B 166 2.69 -47.33 20.58
C GLU B 166 1.66 -48.45 20.66
N THR B 167 1.20 -48.77 21.87
CA THR B 167 0.49 -50.02 22.07
C THR B 167 -0.92 -50.00 21.47
N SER B 168 -1.63 -48.88 21.65
CA SER B 168 -3.09 -48.87 21.50
C SER B 168 -3.53 -47.76 20.56
N SER B 169 -2.92 -47.69 19.38
CA SER B 169 -3.34 -46.72 18.38
C SER B 169 -3.09 -47.27 16.99
N TYR B 170 -3.93 -46.85 16.05
CA TYR B 170 -3.77 -47.21 14.65
C TYR B 170 -4.57 -46.23 13.80
N MET B 171 -4.27 -46.20 12.51
CA MET B 171 -4.95 -45.30 11.59
C MET B 171 -4.86 -45.84 10.18
N PHE B 172 -5.98 -45.77 9.45
CA PHE B 172 -6.06 -46.20 8.07
C PHE B 172 -7.38 -45.70 7.49
N VAL B 173 -7.48 -45.77 6.17
CA VAL B 173 -8.69 -45.28 5.50
C VAL B 173 -9.80 -46.33 5.54
N THR B 174 -9.49 -47.57 5.15
CA THR B 174 -10.47 -48.63 5.03
C THR B 174 -10.11 -49.80 5.93
N GLY B 175 -11.12 -50.39 6.57
CA GLY B 175 -10.92 -51.46 7.51
C GLY B 175 -10.50 -52.75 6.84
N PRO B 176 -9.96 -53.69 7.63
CA PRO B 176 -9.53 -54.98 7.05
C PRO B 176 -10.68 -55.84 6.56
N GLU B 177 -11.91 -55.59 7.01
CA GLU B 177 -13.05 -56.37 6.53
C GLU B 177 -13.24 -56.18 5.03
N VAL B 178 -13.17 -54.93 4.57
CA VAL B 178 -13.33 -54.65 3.14
C VAL B 178 -12.16 -55.24 2.36
N VAL B 179 -10.96 -55.18 2.94
CA VAL B 179 -9.79 -55.76 2.28
C VAL B 179 -9.99 -57.26 2.07
N SER B 180 -10.51 -57.94 3.10
CA SER B 180 -10.82 -59.35 2.95
C SER B 180 -11.92 -59.58 1.93
N ALA B 181 -12.91 -58.68 1.90
CA ALA B 181 -14.04 -58.86 1.00
C ALA B 181 -13.61 -58.77 -0.46
N VAL B 182 -12.72 -57.85 -0.80
CA VAL B 182 -12.34 -57.61 -2.18
C VAL B 182 -11.10 -58.41 -2.59
N GLY B 183 -10.03 -58.34 -1.80
CA GLY B 183 -8.80 -59.02 -2.20
C GLY B 183 -8.70 -60.43 -1.68
N GLY B 184 -9.27 -60.68 -0.49
CA GLY B 184 -9.25 -62.01 0.08
C GLY B 184 -8.12 -62.29 1.04
N LYS B 185 -7.40 -61.27 1.50
CA LYS B 185 -6.28 -61.45 2.42
C LYS B 185 -6.72 -61.06 3.83
N LEU B 186 -6.30 -61.84 4.82
CA LEU B 186 -6.64 -61.62 6.21
C LEU B 186 -5.49 -60.91 6.89
N VAL B 187 -5.68 -59.63 7.20
CA VAL B 187 -4.67 -58.80 7.84
C VAL B 187 -5.28 -58.16 9.08
N THR B 188 -4.54 -58.20 10.19
CA THR B 188 -5.05 -57.61 11.41
C THR B 188 -4.98 -56.09 11.37
N LYS B 189 -5.64 -55.45 12.33
CA LYS B 189 -5.66 -53.99 12.38
C LYS B 189 -4.25 -53.43 12.58
N ASP B 190 -3.48 -54.03 13.48
CA ASP B 190 -2.13 -53.56 13.73
C ASP B 190 -1.22 -53.82 12.53
N GLU B 191 -1.38 -54.98 11.89
CA GLU B 191 -0.58 -55.26 10.70
C GLU B 191 -0.91 -54.31 9.56
N LEU B 192 -2.10 -53.72 9.57
CA LEU B 192 -2.51 -52.82 8.51
C LEU B 192 -2.08 -51.39 8.80
N GLY B 193 -2.48 -50.84 9.94
CA GLY B 193 -2.20 -49.45 10.22
C GLY B 193 -1.60 -49.17 11.58
N GLY B 194 -0.73 -50.06 12.06
CA GLY B 194 -0.11 -49.89 13.35
C GLY B 194 0.91 -48.77 13.35
N PRO B 195 1.31 -48.34 14.55
CA PRO B 195 2.27 -47.21 14.63
C PRO B 195 3.59 -47.49 13.93
N HIS B 196 4.07 -48.74 13.97
CA HIS B 196 5.32 -49.06 13.30
C HIS B 196 5.19 -48.89 11.79
N VAL B 197 4.05 -49.29 11.23
CA VAL B 197 3.84 -49.23 9.79
C VAL B 197 3.92 -47.78 9.30
N HIS B 198 3.27 -46.87 10.03
CA HIS B 198 3.31 -45.46 9.65
C HIS B 198 4.61 -44.79 10.07
N ALA B 199 5.36 -45.39 10.99
CA ALA B 199 6.65 -44.83 11.37
C ALA B 199 7.72 -45.15 10.34
N THR B 200 7.66 -46.32 9.71
CA THR B 200 8.72 -46.76 8.81
C THR B 200 8.28 -46.82 7.35
N LYS B 201 7.05 -47.27 7.07
CA LYS B 201 6.70 -47.60 5.69
C LYS B 201 6.06 -46.41 4.96
N SER B 202 5.00 -45.82 5.53
CA SER B 202 4.26 -44.78 4.85
C SER B 202 4.81 -43.39 5.08
N GLY B 203 5.51 -43.16 6.19
CA GLY B 203 6.08 -41.86 6.46
C GLY B 203 5.08 -40.81 6.90
N VAL B 204 3.90 -41.21 7.37
CA VAL B 204 2.90 -40.24 7.78
C VAL B 204 3.17 -39.75 9.20
N SER B 205 3.42 -40.67 10.13
CA SER B 205 3.60 -40.32 11.53
C SER B 205 4.96 -39.70 11.76
N ALA B 206 4.99 -38.60 12.52
CA ALA B 206 6.24 -37.88 12.73
C ALA B 206 7.00 -38.39 13.95
N GLY B 207 6.41 -39.30 14.72
CA GLY B 207 7.09 -39.85 15.87
C GLY B 207 6.22 -40.89 16.55
N THR B 208 6.82 -41.58 17.51
CA THR B 208 6.11 -42.56 18.30
C THR B 208 6.57 -42.49 19.75
N PHE B 209 5.62 -42.62 20.67
CA PHE B 209 5.90 -42.56 22.09
C PHE B 209 5.48 -43.86 22.76
N PRO B 210 6.15 -44.24 23.85
CA PRO B 210 5.81 -45.51 24.51
C PRO B 210 4.57 -45.43 25.38
N ASN B 211 4.36 -44.30 26.04
CA ASN B 211 3.24 -44.13 26.95
C ASN B 211 2.60 -42.77 26.74
N ASP B 212 1.38 -42.63 27.26
CA ASP B 212 0.70 -41.34 27.21
C ASP B 212 1.41 -40.30 28.07
N ILE B 213 1.92 -40.73 29.23
CA ILE B 213 2.61 -39.81 30.14
C ILE B 213 3.84 -39.22 29.45
N VAL B 214 4.65 -40.08 28.83
CA VAL B 214 5.82 -39.60 28.10
C VAL B 214 5.38 -38.74 26.92
N ALA B 215 4.27 -39.10 26.29
CA ALA B 215 3.76 -38.31 25.18
C ALA B 215 3.48 -36.88 25.60
N MET B 216 2.77 -36.69 26.73
CA MET B 216 2.52 -35.34 27.22
C MET B 216 3.82 -34.65 27.61
N ALA B 217 4.70 -35.35 28.30
CA ALA B 217 5.92 -34.72 28.80
C ALA B 217 6.76 -34.19 27.65
N GLN B 218 6.86 -34.94 26.56
CA GLN B 218 7.63 -34.47 25.41
C GLN B 218 6.85 -33.53 24.51
N LEU B 219 5.52 -33.59 24.53
CA LEU B 219 4.74 -32.64 23.75
C LEU B 219 4.90 -31.23 24.31
N ARG B 220 4.99 -31.13 25.64
CA ARG B 220 5.29 -29.82 26.24
C ARG B 220 6.65 -29.30 25.76
N ARG B 221 7.64 -30.17 25.71
CA ARG B 221 8.97 -29.77 25.26
C ARG B 221 8.94 -29.32 23.81
N LEU B 222 8.20 -30.03 22.96
CA LEU B 222 8.07 -29.60 21.58
C LEU B 222 7.39 -28.25 21.50
N TYR B 223 6.34 -28.05 22.30
CA TYR B 223 5.61 -26.78 22.27
C TYR B 223 6.51 -25.62 22.68
N SER B 224 7.50 -25.89 23.53
CA SER B 224 8.40 -24.82 23.96
C SER B 224 9.21 -24.22 22.80
N TYR B 225 9.26 -24.89 21.65
CA TYR B 225 10.05 -24.41 20.52
C TYR B 225 9.24 -23.50 19.60
N LEU B 226 7.95 -23.76 19.46
CA LEU B 226 7.18 -23.17 18.37
C LEU B 226 6.87 -21.70 18.63
N PRO B 227 6.75 -20.90 17.57
CA PRO B 227 6.23 -19.54 17.72
C PRO B 227 4.71 -19.56 17.82
N LEU B 228 4.17 -18.52 18.44
CA LEU B 228 2.75 -18.53 18.79
C LEU B 228 1.87 -18.40 17.57
N SER B 229 2.30 -17.65 16.56
CA SER B 229 1.45 -17.41 15.40
C SER B 229 2.31 -17.13 14.17
N ASN B 230 1.65 -16.68 13.12
CA ASN B 230 2.35 -16.38 11.88
C ASN B 230 3.14 -15.07 11.98
N ARG B 231 2.57 -14.08 12.66
CA ARG B 231 3.18 -12.76 12.73
C ARG B 231 4.09 -12.56 13.93
N ASP B 232 4.06 -13.47 14.91
CA ASP B 232 4.89 -13.34 16.09
C ASP B 232 6.32 -13.77 15.80
N PRO B 233 7.30 -13.22 16.53
CA PRO B 233 8.70 -13.55 16.27
C PRO B 233 9.10 -14.88 16.90
N VAL B 234 10.26 -15.36 16.47
CA VAL B 234 10.78 -16.63 16.97
C VAL B 234 11.10 -16.49 18.46
N PRO B 235 10.67 -17.44 19.30
CA PRO B 235 10.93 -17.31 20.74
C PRO B 235 12.42 -17.42 21.04
N VAL B 236 12.84 -16.70 22.07
CA VAL B 236 14.21 -16.74 22.58
C VAL B 236 14.16 -16.98 24.07
N LEU B 237 14.87 -18.01 24.53
CA LEU B 237 14.87 -18.34 25.94
C LEU B 237 16.23 -18.05 26.56
N PRO B 238 16.26 -17.72 27.86
CA PRO B 238 17.56 -17.56 28.52
C PRO B 238 18.32 -18.87 28.57
N THR B 239 19.64 -18.77 28.50
CA THR B 239 20.48 -19.97 28.50
C THR B 239 21.88 -19.58 28.96
N ALA B 240 22.45 -20.40 29.85
CA ALA B 240 23.79 -20.14 30.35
C ALA B 240 24.87 -20.51 29.35
N ASP B 241 24.55 -21.32 28.34
CA ASP B 241 25.53 -21.67 27.32
C ASP B 241 25.92 -20.44 26.51
N GLU B 242 27.16 -20.43 26.04
CA GLU B 242 27.73 -19.27 25.38
C GLU B 242 28.50 -19.67 24.13
N ARG B 243 28.61 -18.73 23.19
CA ARG B 243 29.27 -18.97 21.92
C ARG B 243 30.78 -19.15 22.05
N TYR B 244 31.35 -18.86 23.21
CA TYR B 244 32.78 -18.97 23.41
C TYR B 244 33.20 -20.32 23.97
N ARG B 245 32.26 -21.24 24.12
CA ARG B 245 32.60 -22.60 24.54
C ARG B 245 33.51 -23.25 23.50
N ASP B 246 34.54 -23.93 23.97
CA ASP B 246 35.54 -24.49 23.07
C ASP B 246 35.02 -25.75 22.40
N VAL B 247 35.10 -25.78 21.08
CA VAL B 247 34.81 -26.99 20.30
C VAL B 247 36.01 -27.21 19.37
N SER B 248 36.99 -27.98 19.84
CA SER B 248 38.11 -28.38 19.00
C SER B 248 38.02 -29.83 18.57
N SER B 249 37.04 -30.58 19.07
CA SER B 249 36.88 -31.97 18.67
C SER B 249 36.41 -32.10 17.24
N LEU B 250 35.97 -31.01 16.61
CA LEU B 250 35.52 -31.08 15.24
C LEU B 250 36.67 -31.21 14.25
N ASN B 251 37.91 -30.96 14.70
CA ASN B 251 39.06 -31.07 13.80
C ASN B 251 39.32 -32.52 13.39
N THR B 252 38.83 -33.47 14.16
CA THR B 252 39.16 -34.88 13.96
C THR B 252 37.98 -35.73 13.52
N VAL B 253 36.78 -35.14 13.39
CA VAL B 253 35.60 -35.94 13.08
C VAL B 253 35.71 -36.58 11.71
N VAL B 254 36.13 -35.81 10.70
CA VAL B 254 36.21 -36.31 9.34
C VAL B 254 37.44 -37.20 9.20
N PRO B 255 37.28 -38.47 8.84
CA PRO B 255 38.45 -39.33 8.65
C PRO B 255 39.28 -38.89 7.46
N THR B 256 40.57 -39.25 7.47
CA THR B 256 41.46 -38.91 6.37
C THR B 256 41.29 -39.81 5.16
N GLU B 257 40.49 -40.87 5.28
CA GLU B 257 40.22 -41.72 4.13
C GLU B 257 38.90 -41.34 3.51
N VAL B 258 38.77 -41.42 2.19
CA VAL B 258 37.55 -40.98 1.53
C VAL B 258 36.47 -42.06 1.47
N LYS B 259 36.79 -43.27 1.89
CA LYS B 259 35.84 -44.37 1.81
C LYS B 259 35.35 -44.85 3.17
N GLU B 260 35.73 -44.15 4.22
CA GLU B 260 35.31 -44.51 5.57
C GLU B 260 34.12 -43.67 5.98
N ALA B 261 33.25 -44.21 6.83
CA ALA B 261 32.04 -43.48 7.20
C ALA B 261 32.12 -42.85 8.57
N TYR B 262 31.26 -41.87 8.83
CA TYR B 262 31.20 -41.28 10.15
C TYR B 262 29.79 -40.82 10.45
N ASP B 263 29.54 -40.51 11.72
CA ASP B 263 28.22 -40.12 12.19
C ASP B 263 28.09 -38.60 12.18
N MET B 264 27.09 -38.09 11.46
CA MET B 264 26.95 -36.65 11.34
C MET B 264 26.53 -36.01 12.66
N ARG B 265 25.97 -36.79 13.57
CA ARG B 265 25.59 -36.24 14.87
C ARG B 265 26.81 -35.74 15.62
N ASP B 266 27.99 -36.32 15.35
CA ASP B 266 29.22 -35.84 15.98
C ASP B 266 29.56 -34.43 15.51
N VAL B 267 28.98 -33.99 14.40
CA VAL B 267 29.15 -32.61 13.95
C VAL B 267 27.97 -31.75 14.39
N ILE B 268 26.78 -32.33 14.42
CA ILE B 268 25.59 -31.55 14.78
C ILE B 268 25.62 -31.15 16.24
N TYR B 269 25.96 -32.08 17.13
CA TYR B 269 25.81 -31.84 18.56
C TYR B 269 26.71 -30.73 19.09
N PRO B 270 28.00 -30.66 18.75
CA PRO B 270 28.83 -29.57 19.31
C PRO B 270 28.34 -28.17 18.98
N VAL B 271 27.80 -27.96 17.78
CA VAL B 271 27.44 -26.60 17.36
C VAL B 271 26.24 -26.08 18.15
N ILE B 272 25.23 -26.90 18.33
CA ILE B 272 24.01 -26.47 19.02
C ILE B 272 24.24 -26.50 20.52
N ASP B 273 23.30 -25.93 21.27
CA ASP B 273 23.40 -25.91 22.72
C ASP B 273 23.15 -27.32 23.29
N HIS B 274 23.62 -27.52 24.52
CA HIS B 274 23.62 -28.85 25.11
C HIS B 274 22.21 -29.36 25.34
N ASP B 275 22.00 -30.63 24.98
CA ASP B 275 20.74 -31.34 25.22
C ASP B 275 19.55 -30.54 24.70
N SER B 276 19.65 -30.11 23.44
CA SER B 276 18.60 -29.32 22.83
C SER B 276 18.31 -29.75 21.40
N PHE B 277 18.19 -31.06 21.18
CA PHE B 277 17.83 -31.58 19.87
C PHE B 277 16.54 -32.37 19.99
N PHE B 278 15.61 -32.15 19.05
CA PHE B 278 14.32 -32.83 19.03
C PHE B 278 14.14 -33.40 17.63
N GLU B 279 14.61 -34.62 17.42
CA GLU B 279 14.57 -35.22 16.09
C GLU B 279 13.14 -35.46 15.63
N ILE B 280 12.91 -35.25 14.34
CA ILE B 280 11.60 -35.44 13.72
C ILE B 280 11.71 -36.62 12.75
N GLN B 281 10.79 -37.57 12.88
CA GLN B 281 10.79 -38.78 12.07
C GLN B 281 12.12 -39.54 12.20
N PRO B 282 12.44 -40.07 13.38
CA PRO B 282 13.78 -40.65 13.57
C PRO B 282 13.97 -41.99 12.88
N GLN B 283 12.91 -42.71 12.56
CA GLN B 283 13.02 -44.08 12.05
C GLN B 283 12.70 -44.19 10.57
N PHE B 284 12.54 -43.07 9.87
CA PHE B 284 12.14 -43.08 8.46
C PHE B 284 13.17 -42.31 7.65
N ALA B 285 13.65 -42.94 6.58
CA ALA B 285 14.65 -42.35 5.69
C ALA B 285 15.85 -41.86 6.50
N LYS B 286 16.56 -42.82 7.10
CA LYS B 286 17.60 -42.50 8.07
C LYS B 286 18.80 -41.81 7.43
N ASN B 287 18.89 -41.77 6.11
CA ASN B 287 20.02 -41.11 5.47
C ASN B 287 19.95 -39.59 5.56
N ILE B 288 18.87 -39.03 6.09
CA ILE B 288 18.75 -37.59 6.29
C ILE B 288 18.15 -37.34 7.67
N ILE B 289 18.64 -36.29 8.34
CA ILE B 289 18.22 -35.93 9.69
C ILE B 289 17.54 -34.58 9.64
N CYS B 290 16.37 -34.48 10.28
CA CYS B 290 15.66 -33.22 10.41
C CYS B 290 15.14 -33.09 11.83
N GLY B 291 15.06 -31.85 12.32
CA GLY B 291 14.56 -31.62 13.65
C GLY B 291 14.72 -30.17 14.05
N PHE B 292 14.47 -29.90 15.32
CA PHE B 292 14.60 -28.57 15.88
C PHE B 292 15.74 -28.53 16.89
N ALA B 293 16.34 -27.36 17.05
CA ALA B 293 17.44 -27.17 17.98
C ALA B 293 17.56 -25.69 18.29
N ARG B 294 18.32 -25.38 19.34
CA ARG B 294 18.54 -24.01 19.76
C ARG B 294 20.00 -23.64 19.56
N VAL B 295 20.23 -22.40 19.12
CA VAL B 295 21.57 -21.84 18.95
C VAL B 295 21.58 -20.52 19.70
N GLU B 296 22.29 -20.47 20.82
CA GLU B 296 22.38 -19.26 21.64
C GLU B 296 20.99 -18.82 22.14
N GLY B 297 20.16 -19.80 22.46
CA GLY B 297 18.87 -19.52 23.07
C GLY B 297 17.73 -19.25 22.12
N ARG B 298 17.92 -19.42 20.81
CA ARG B 298 16.86 -19.21 19.84
C ARG B 298 16.70 -20.47 18.99
N SER B 299 15.45 -20.83 18.73
CA SER B 299 15.17 -22.07 18.01
C SER B 299 15.51 -21.95 16.54
N VAL B 300 16.16 -23.00 16.01
CA VAL B 300 16.52 -23.06 14.60
C VAL B 300 16.12 -24.42 14.05
N CYS B 301 16.25 -24.57 12.73
CA CYS B 301 15.90 -25.80 12.04
C CYS B 301 17.17 -26.46 11.51
N ILE B 302 17.26 -27.78 11.68
CA ILE B 302 18.45 -28.54 11.33
C ILE B 302 18.10 -29.56 10.26
N ILE B 303 18.88 -29.58 9.18
CA ILE B 303 18.71 -30.54 8.10
C ILE B 303 20.10 -30.94 7.60
N ALA B 304 20.48 -32.20 7.82
CA ALA B 304 21.82 -32.66 7.48
C ALA B 304 21.76 -34.06 6.91
N ASN B 305 22.70 -34.36 6.02
CA ASN B 305 22.85 -35.69 5.48
C ASN B 305 23.59 -36.59 6.47
N GLN B 306 23.57 -37.89 6.19
CA GLN B 306 24.28 -38.82 7.07
C GLN B 306 24.97 -39.88 6.24
N PRO B 307 26.31 -39.85 6.14
CA PRO B 307 27.02 -40.89 5.39
C PRO B 307 27.00 -42.25 6.08
N LYS B 308 26.48 -42.33 7.29
CA LYS B 308 26.38 -43.63 7.97
C LYS B 308 25.45 -44.57 7.22
N VAL B 309 24.33 -44.04 6.72
CA VAL B 309 23.29 -44.85 6.10
C VAL B 309 23.29 -44.58 4.59
N GLN B 310 23.60 -45.61 3.81
CA GLN B 310 23.53 -45.57 2.35
C GLN B 310 24.39 -44.46 1.76
N ALA B 311 25.52 -44.16 2.40
CA ALA B 311 26.48 -43.19 1.89
C ALA B 311 25.88 -41.79 1.75
N GLY B 312 24.83 -41.49 2.51
CA GLY B 312 24.26 -40.16 2.52
C GLY B 312 23.71 -39.73 1.18
N VAL B 313 22.99 -40.62 0.51
CA VAL B 313 22.51 -40.40 -0.84
C VAL B 313 21.07 -39.94 -0.80
N LEU B 314 20.75 -38.89 -1.57
CA LEU B 314 19.39 -38.40 -1.64
C LEU B 314 18.48 -39.42 -2.32
N ASP B 315 17.19 -39.33 -2.02
CA ASP B 315 16.23 -40.36 -2.40
C ASP B 315 14.85 -39.72 -2.48
N ILE B 316 13.83 -40.57 -2.65
CA ILE B 316 12.45 -40.07 -2.68
C ILE B 316 12.00 -39.68 -1.28
N ASP B 317 12.11 -40.61 -0.34
CA ASP B 317 11.60 -40.39 1.01
C ASP B 317 12.35 -39.25 1.69
N SER B 318 13.67 -39.21 1.54
CA SER B 318 14.45 -38.13 2.10
C SER B 318 14.03 -36.78 1.51
N SER B 319 13.76 -36.76 0.21
CA SER B 319 13.32 -35.52 -0.43
C SER B 319 12.01 -35.04 0.14
N VAL B 320 11.05 -35.95 0.31
CA VAL B 320 9.75 -35.56 0.87
C VAL B 320 9.91 -35.03 2.29
N LYS B 321 10.68 -35.75 3.10
CA LYS B 321 10.91 -35.36 4.49
C LYS B 321 11.52 -33.96 4.58
N GLY B 322 12.62 -33.75 3.86
CA GLY B 322 13.28 -32.45 3.90
C GLY B 322 12.40 -31.34 3.35
N ALA B 323 11.61 -31.63 2.30
CA ALA B 323 10.76 -30.60 1.73
C ALA B 323 9.70 -30.16 2.72
N ARG B 324 9.04 -31.11 3.39
CA ARG B 324 8.03 -30.74 4.37
C ARG B 324 8.64 -29.94 5.51
N MET B 325 9.80 -30.37 5.99
CA MET B 325 10.43 -29.64 7.09
C MET B 325 10.78 -28.21 6.69
N VAL B 326 11.38 -28.04 5.51
CA VAL B 326 11.76 -26.70 5.07
C VAL B 326 10.53 -25.82 4.90
N ARG B 327 9.47 -26.36 4.30
CA ARG B 327 8.28 -25.56 4.09
C ARG B 327 7.70 -25.09 5.42
N PHE B 328 7.59 -26.00 6.40
CA PHE B 328 7.05 -25.59 7.69
C PHE B 328 7.95 -24.56 8.35
N ALA B 329 9.27 -24.78 8.31
CA ALA B 329 10.18 -23.86 8.98
C ALA B 329 10.10 -22.46 8.38
N ASP B 330 10.03 -22.37 7.05
CA ASP B 330 9.93 -21.06 6.42
C ASP B 330 8.59 -20.41 6.68
N ALA B 331 7.51 -21.19 6.74
CA ALA B 331 6.19 -20.60 6.92
C ALA B 331 6.11 -19.76 8.19
N PHE B 332 6.92 -20.08 9.19
CA PHE B 332 6.82 -19.43 10.50
C PHE B 332 8.10 -18.69 10.90
N ASN B 333 8.96 -18.36 9.93
CA ASN B 333 10.13 -17.50 10.16
C ASN B 333 11.08 -18.12 11.18
N ILE B 334 11.61 -19.29 10.82
CA ILE B 334 12.56 -20.02 11.65
C ILE B 334 13.84 -20.20 10.85
N PRO B 335 15.01 -19.83 11.37
CA PRO B 335 16.24 -19.96 10.60
C PRO B 335 16.57 -21.41 10.30
N ILE B 336 17.28 -21.63 9.20
CA ILE B 336 17.61 -22.96 8.70
C ILE B 336 19.13 -23.10 8.65
N ILE B 337 19.65 -24.19 9.23
CA ILE B 337 21.06 -24.52 9.18
C ILE B 337 21.21 -25.90 8.58
N THR B 338 22.07 -26.04 7.57
CA THR B 338 22.22 -27.29 6.85
C THR B 338 23.68 -27.72 6.82
N PHE B 339 23.89 -29.03 6.87
CA PHE B 339 25.20 -29.64 6.70
C PHE B 339 25.15 -30.57 5.50
N VAL B 340 26.11 -30.45 4.60
CA VAL B 340 26.05 -31.07 3.28
C VAL B 340 27.11 -32.15 3.17
N ASP B 341 26.68 -33.36 2.80
CA ASP B 341 27.61 -34.43 2.43
C ASP B 341 26.82 -35.40 1.55
N VAL B 342 26.96 -35.26 0.23
CA VAL B 342 26.16 -36.05 -0.72
C VAL B 342 26.98 -36.44 -1.94
N PRO B 343 27.00 -37.72 -2.31
CA PRO B 343 27.64 -38.12 -3.57
C PRO B 343 26.71 -38.09 -4.76
N GLY B 344 25.42 -37.90 -4.57
CA GLY B 344 24.49 -37.85 -5.68
C GLY B 344 23.16 -38.46 -5.31
N PHE B 345 22.45 -38.94 -6.32
CA PHE B 345 21.14 -39.54 -6.17
C PHE B 345 21.23 -41.05 -6.27
N LEU B 346 20.25 -41.73 -5.70
CA LEU B 346 20.28 -43.18 -5.63
C LEU B 346 19.93 -43.77 -6.98
N PRO B 347 20.82 -44.59 -7.57
CA PRO B 347 20.55 -45.10 -8.91
C PRO B 347 19.77 -46.41 -8.88
N GLY B 348 18.74 -46.53 -9.72
CA GLY B 348 17.97 -47.76 -9.78
C GLY B 348 16.71 -47.61 -10.61
N VAL B 349 16.26 -48.70 -11.22
CA VAL B 349 15.06 -48.66 -12.05
C VAL B 349 13.84 -48.33 -11.21
N GLN B 350 13.74 -48.94 -10.04
CA GLN B 350 12.59 -48.68 -9.17
C GLN B 350 12.43 -47.20 -8.92
N GLN B 351 13.54 -46.47 -8.88
CA GLN B 351 13.47 -45.05 -8.61
C GLN B 351 12.76 -44.30 -9.74
N GLU B 352 13.15 -44.58 -10.98
CA GLU B 352 12.48 -43.94 -12.12
C GLU B 352 11.05 -44.46 -12.28
N TYR B 353 10.83 -45.73 -11.97
CA TYR B 353 9.47 -46.25 -12.03
C TYR B 353 8.59 -45.67 -10.94
N GLY B 354 9.20 -45.08 -9.90
CA GLY B 354 8.49 -44.43 -8.83
C GLY B 354 8.46 -42.92 -8.89
N GLY B 355 9.08 -42.32 -9.90
CA GLY B 355 9.05 -40.88 -10.04
C GLY B 355 10.05 -40.14 -9.18
N ILE B 356 11.35 -40.37 -9.41
CA ILE B 356 12.37 -39.60 -8.74
C ILE B 356 12.34 -38.15 -9.21
N ILE B 357 11.97 -37.92 -10.47
CA ILE B 357 12.00 -36.57 -11.03
C ILE B 357 11.04 -35.65 -10.29
N ARG B 358 9.84 -36.13 -10.00
CA ARG B 358 8.88 -35.33 -9.25
C ARG B 358 9.37 -35.08 -7.83
N HIS B 359 9.76 -36.15 -7.13
CA HIS B 359 10.02 -36.03 -5.70
C HIS B 359 11.27 -35.24 -5.41
N GLY B 360 12.32 -35.44 -6.20
CA GLY B 360 13.56 -34.72 -5.97
C GLY B 360 13.44 -33.22 -6.22
N ALA B 361 12.44 -32.83 -7.02
CA ALA B 361 12.22 -31.41 -7.27
C ALA B 361 11.57 -30.70 -6.10
N LYS B 362 10.91 -31.45 -5.22
CA LYS B 362 10.22 -30.83 -4.09
C LYS B 362 11.21 -30.17 -3.13
N LEU B 363 12.32 -30.85 -2.82
CA LEU B 363 13.31 -30.26 -1.94
C LEU B 363 13.93 -29.01 -2.55
N LEU B 364 14.21 -29.05 -3.85
CA LEU B 364 14.77 -27.88 -4.52
C LEU B 364 13.79 -26.72 -4.50
N TYR B 365 12.51 -27.00 -4.76
CA TYR B 365 11.49 -25.96 -4.70
C TYR B 365 11.41 -25.35 -3.30
N ALA B 366 11.44 -26.20 -2.27
CA ALA B 366 11.34 -25.70 -0.91
C ALA B 366 12.55 -24.85 -0.54
N TYR B 367 13.74 -25.24 -1.00
CA TYR B 367 14.94 -24.47 -0.68
C TYR B 367 14.96 -23.15 -1.44
N ALA B 368 14.49 -23.15 -2.68
CA ALA B 368 14.56 -21.92 -3.49
C ALA B 368 13.48 -20.93 -3.07
N GLU B 369 12.31 -21.42 -2.69
CA GLU B 369 11.20 -20.53 -2.34
C GLU B 369 11.42 -19.85 -0.99
N ALA B 370 12.27 -20.42 -0.14
CA ALA B 370 12.39 -19.94 1.22
C ALA B 370 13.06 -18.57 1.29
N THR B 371 12.62 -17.77 2.26
CA THR B 371 13.15 -16.43 2.46
C THR B 371 13.73 -16.19 3.85
N VAL B 372 13.79 -17.20 4.70
CA VAL B 372 14.38 -17.08 6.03
C VAL B 372 15.90 -17.12 5.90
N PRO B 373 16.65 -16.62 6.88
CA PRO B 373 18.12 -16.72 6.79
C PRO B 373 18.57 -18.17 6.73
N LYS B 374 19.56 -18.44 5.87
CA LYS B 374 20.09 -19.76 5.68
C LYS B 374 21.59 -19.76 5.92
N VAL B 375 22.08 -20.82 6.55
CA VAL B 375 23.52 -21.04 6.72
C VAL B 375 23.83 -22.44 6.24
N THR B 376 24.88 -22.58 5.43
CA THR B 376 25.24 -23.85 4.83
C THR B 376 26.71 -24.14 5.10
N ILE B 377 26.99 -25.39 5.47
CA ILE B 377 28.36 -25.84 5.74
C ILE B 377 28.60 -27.11 4.94
N ILE B 378 29.62 -27.10 4.08
CA ILE B 378 30.00 -28.25 3.28
C ILE B 378 31.18 -28.92 3.98
N THR B 379 30.97 -30.11 4.51
CA THR B 379 32.02 -30.78 5.27
C THR B 379 32.99 -31.52 4.35
N ARG B 380 32.48 -32.46 3.56
CA ARG B 380 33.37 -33.28 2.74
C ARG B 380 33.13 -33.14 1.25
N LYS B 381 31.91 -33.39 0.76
CA LYS B 381 31.74 -33.48 -0.68
C LYS B 381 30.35 -33.01 -1.09
N ALA B 382 30.26 -32.65 -2.37
CA ALA B 382 28.99 -32.22 -2.97
C ALA B 382 29.14 -32.35 -4.48
N TYR B 383 28.37 -33.25 -5.09
CA TYR B 383 28.52 -33.55 -6.50
C TYR B 383 27.20 -33.41 -7.24
N GLY B 384 27.29 -32.95 -8.48
CA GLY B 384 26.18 -32.93 -9.40
C GLY B 384 25.03 -32.06 -8.91
N GLY B 385 23.81 -32.48 -9.27
CA GLY B 385 22.64 -31.71 -8.90
C GLY B 385 22.37 -31.72 -7.42
N ALA B 386 22.94 -32.68 -6.69
CA ALA B 386 22.76 -32.71 -5.25
C ALA B 386 23.37 -31.47 -4.60
N TYR B 387 24.50 -31.00 -5.12
CA TYR B 387 25.08 -29.76 -4.62
C TYR B 387 24.15 -28.59 -4.85
N ASP B 388 23.50 -28.54 -6.02
CA ASP B 388 22.55 -27.46 -6.30
C ASP B 388 21.36 -27.52 -5.35
N VAL B 389 20.83 -28.72 -5.11
CA VAL B 389 19.59 -28.85 -4.34
C VAL B 389 19.81 -28.43 -2.89
N MET B 390 20.90 -28.89 -2.27
CA MET B 390 21.09 -28.69 -0.83
C MET B 390 21.59 -27.27 -0.54
N SER B 391 20.69 -26.32 -0.79
CA SER B 391 20.88 -24.91 -0.40
C SER B 391 22.23 -24.36 -0.87
N SER B 392 22.42 -24.34 -2.18
CA SER B 392 23.62 -23.76 -2.73
C SER B 392 23.55 -22.23 -2.65
N LYS B 393 24.72 -21.59 -2.80
CA LYS B 393 24.82 -20.15 -2.68
C LYS B 393 23.99 -19.42 -3.73
N HIS B 394 23.76 -20.04 -4.89
CA HIS B 394 23.05 -19.36 -5.96
C HIS B 394 21.55 -19.27 -5.67
N LEU B 395 21.03 -20.10 -4.78
CA LEU B 395 19.62 -20.02 -4.39
C LEU B 395 19.40 -19.02 -3.27
N ARG B 396 19.92 -17.81 -3.45
CA ARG B 396 19.74 -16.70 -2.51
C ARG B 396 20.16 -17.08 -1.11
N GLY B 397 21.21 -17.90 -1.00
CA GLY B 397 21.74 -18.26 0.29
C GLY B 397 22.49 -17.09 0.91
N ASP B 398 22.41 -17.00 2.25
CA ASP B 398 23.02 -15.88 2.93
C ASP B 398 24.53 -16.06 3.06
N SER B 399 24.95 -17.10 3.76
CA SER B 399 26.37 -17.36 3.96
C SER B 399 26.65 -18.84 3.78
N ASN B 400 27.72 -19.15 3.05
CA ASN B 400 28.11 -20.53 2.81
C ASN B 400 29.55 -20.73 3.23
N TYR B 401 29.84 -21.86 3.87
CA TYR B 401 31.15 -22.17 4.38
C TYR B 401 31.55 -23.57 3.96
N ALA B 402 32.86 -23.82 3.94
CA ALA B 402 33.40 -25.13 3.60
C ALA B 402 34.54 -25.47 4.55
N TRP B 403 34.81 -26.76 4.68
CA TRP B 403 35.90 -27.24 5.50
C TRP B 403 37.12 -27.55 4.63
N PRO B 404 38.32 -27.50 5.20
CA PRO B 404 39.52 -27.47 4.35
C PRO B 404 39.72 -28.70 3.48
N HIS B 405 39.06 -29.82 3.79
CA HIS B 405 39.20 -31.03 2.99
C HIS B 405 37.96 -31.33 2.15
N ALA B 406 37.18 -30.30 1.82
CA ALA B 406 35.96 -30.51 1.05
C ALA B 406 36.28 -30.80 -0.41
N GLU B 407 35.24 -31.18 -1.15
CA GLU B 407 35.34 -31.42 -2.59
C GLU B 407 34.05 -30.99 -3.25
N ILE B 408 34.15 -30.13 -4.27
CA ILE B 408 32.99 -29.70 -5.03
C ILE B 408 33.29 -29.86 -6.51
N ALA B 409 32.72 -30.87 -7.14
CA ALA B 409 33.00 -31.17 -8.54
C ALA B 409 31.71 -31.57 -9.25
N VAL B 410 31.79 -31.58 -10.59
CA VAL B 410 30.62 -31.93 -11.39
C VAL B 410 30.22 -33.38 -11.15
N MET B 411 31.20 -34.28 -11.12
CA MET B 411 30.95 -35.68 -10.83
C MET B 411 32.23 -36.33 -10.35
N GLY B 412 32.17 -37.63 -10.10
CA GLY B 412 33.35 -38.35 -9.67
C GLY B 412 34.46 -38.30 -10.69
N ALA B 413 35.67 -38.59 -10.22
CA ALA B 413 36.85 -38.47 -11.07
C ALA B 413 36.81 -39.45 -12.24
N ALA B 414 36.28 -40.65 -12.00
CA ALA B 414 36.27 -41.68 -13.03
C ALA B 414 35.45 -41.25 -14.24
N GLY B 415 34.22 -40.78 -14.00
CA GLY B 415 33.37 -40.38 -15.11
C GLY B 415 33.92 -39.20 -15.87
N ALA B 416 34.48 -38.22 -15.16
CA ALA B 416 35.08 -37.07 -15.83
C ALA B 416 36.27 -37.50 -16.69
N CYS B 417 37.12 -38.38 -16.17
CA CYS B 417 38.25 -38.86 -16.95
C CYS B 417 37.78 -39.64 -18.17
N LYS B 418 36.71 -40.42 -18.03
CA LYS B 418 36.17 -41.16 -19.17
C LYS B 418 35.64 -40.22 -20.25
N LEU B 419 34.86 -39.23 -19.84
CA LEU B 419 34.26 -38.34 -20.83
C LEU B 419 35.27 -37.38 -21.46
N LEU B 420 36.35 -37.05 -20.75
CA LEU B 420 37.32 -36.11 -21.27
C LEU B 420 38.35 -36.76 -22.19
N TYR B 421 38.39 -38.09 -22.27
CA TYR B 421 39.35 -38.78 -23.13
C TYR B 421 38.66 -40.05 -23.64
N SER B 422 38.12 -39.97 -24.86
CA SER B 422 37.30 -41.03 -25.43
C SER B 422 38.07 -42.33 -25.62
N LYS B 423 39.07 -42.31 -26.51
CA LYS B 423 39.87 -43.50 -26.81
C LYS B 423 41.34 -43.26 -26.53
N GLU B 424 41.63 -42.52 -25.47
CA GLU B 424 43.01 -42.23 -25.09
C GLU B 424 43.72 -43.52 -24.69
N THR B 425 45.04 -43.55 -24.81
CA THR B 425 45.82 -44.76 -24.62
C THR B 425 45.49 -45.45 -23.30
N ALA B 426 45.49 -46.77 -23.32
CA ALA B 426 45.16 -47.57 -22.15
C ALA B 426 46.13 -47.25 -21.01
N GLU B 427 45.73 -47.66 -19.80
CA GLU B 427 46.36 -47.37 -18.53
C GLU B 427 46.16 -45.89 -18.16
N GLN B 428 45.28 -45.16 -18.86
CA GLN B 428 45.09 -43.74 -18.61
C GLN B 428 44.55 -43.49 -17.21
N GLN B 429 44.01 -44.54 -16.59
CA GLN B 429 43.43 -44.42 -15.25
C GLN B 429 44.42 -43.82 -14.27
N ALA B 430 45.62 -44.41 -14.19
CA ALA B 430 46.54 -44.12 -13.09
C ALA B 430 47.04 -42.68 -13.13
N GLN B 431 47.41 -42.20 -14.32
CA GLN B 431 48.03 -40.88 -14.44
C GLN B 431 47.04 -39.79 -14.79
N ARG B 432 45.75 -40.10 -14.88
CA ARG B 432 44.74 -39.08 -15.16
C ARG B 432 43.75 -38.90 -14.02
N ILE B 433 43.24 -39.99 -13.43
CA ILE B 433 42.26 -39.84 -12.35
C ILE B 433 42.89 -39.15 -11.15
N ALA B 434 44.11 -39.55 -10.78
CA ALA B 434 44.78 -38.91 -9.66
C ALA B 434 44.99 -37.42 -9.93
N ASP B 435 45.45 -37.08 -11.14
CA ASP B 435 45.70 -35.68 -11.45
C ASP B 435 44.41 -34.87 -11.43
N TYR B 436 43.33 -35.40 -12.00
CA TYR B 436 42.08 -34.65 -12.04
C TYR B 436 41.52 -34.45 -10.63
N GLU B 437 41.57 -35.50 -9.80
CA GLU B 437 41.10 -35.35 -8.43
C GLU B 437 41.95 -34.34 -7.66
N LYS B 438 43.27 -34.35 -7.89
CA LYS B 438 44.14 -33.39 -7.22
C LYS B 438 43.82 -31.96 -7.66
N THR B 439 43.55 -31.75 -8.94
CA THR B 439 43.47 -30.40 -9.47
C THR B 439 42.09 -29.79 -9.28
N PHE B 440 41.02 -30.59 -9.37
CA PHE B 440 39.67 -30.03 -9.39
C PHE B 440 38.73 -30.60 -8.34
N CYS B 441 39.12 -31.65 -7.62
CA CYS B 441 38.30 -32.16 -6.52
C CYS B 441 38.82 -31.58 -5.19
N THR B 442 38.66 -30.26 -5.07
CA THR B 442 39.16 -29.50 -3.93
C THR B 442 38.37 -28.20 -3.88
N PRO B 443 38.22 -27.57 -2.71
CA PRO B 443 37.41 -26.35 -2.64
C PRO B 443 38.11 -25.13 -3.21
N LEU B 444 39.34 -25.25 -3.69
CA LEU B 444 40.04 -24.08 -4.21
C LEU B 444 39.35 -23.52 -5.45
N SER B 445 38.92 -24.39 -6.37
CA SER B 445 38.27 -23.90 -7.58
C SER B 445 36.93 -23.24 -7.27
N ALA B 446 36.13 -23.89 -6.42
CA ALA B 446 34.83 -23.32 -6.05
C ALA B 446 35.00 -22.02 -5.29
N ALA B 447 36.10 -21.89 -4.52
CA ALA B 447 36.38 -20.62 -3.84
C ALA B 447 36.82 -19.56 -4.82
N ARG B 448 37.59 -19.95 -5.85
CA ARG B 448 37.99 -19.01 -6.89
C ARG B 448 36.78 -18.47 -7.64
N LYS B 449 35.81 -19.33 -7.94
CA LYS B 449 34.62 -18.87 -8.63
C LYS B 449 33.75 -17.98 -7.74
N GLY B 450 33.86 -18.11 -6.43
CA GLY B 450 33.04 -17.33 -5.52
C GLY B 450 31.80 -18.03 -5.03
N PHE B 451 31.83 -19.35 -4.88
CA PHE B 451 30.62 -20.08 -4.48
C PHE B 451 30.59 -20.36 -2.98
N VAL B 452 31.73 -20.24 -2.31
CA VAL B 452 31.82 -20.35 -0.85
C VAL B 452 32.44 -19.06 -0.35
N ASP B 453 31.88 -18.52 0.74
CA ASP B 453 32.40 -17.27 1.29
C ASP B 453 33.84 -17.43 1.74
N ALA B 454 34.11 -18.42 2.59
CA ALA B 454 35.46 -18.60 3.09
C ALA B 454 35.67 -20.06 3.46
N VAL B 455 36.94 -20.46 3.50
CA VAL B 455 37.35 -21.78 3.96
C VAL B 455 37.79 -21.62 5.41
N ILE B 456 37.15 -22.35 6.32
CA ILE B 456 37.31 -22.12 7.75
C ILE B 456 37.83 -23.39 8.41
N ASP B 457 38.53 -23.18 9.52
CA ASP B 457 38.87 -24.29 10.40
C ASP B 457 37.59 -24.87 11.00
N PRO B 458 37.52 -26.19 11.17
CA PRO B 458 36.31 -26.79 11.75
C PRO B 458 36.07 -26.39 13.19
N SER B 459 37.03 -25.74 13.84
CA SER B 459 36.84 -25.35 15.24
C SER B 459 36.11 -24.03 15.39
N GLU B 460 35.89 -23.30 14.29
CA GLU B 460 35.26 -21.98 14.34
C GLU B 460 33.80 -22.01 13.92
N THR B 461 33.22 -23.20 13.76
CA THR B 461 31.86 -23.29 13.22
C THR B 461 30.85 -22.64 14.15
N ARG B 462 30.96 -22.90 15.46
CA ARG B 462 30.01 -22.32 16.40
C ARG B 462 30.10 -20.80 16.40
N MET B 463 31.33 -20.27 16.40
CA MET B 463 31.52 -18.82 16.37
C MET B 463 30.90 -18.22 15.13
N ARG B 464 31.18 -18.80 13.96
CA ARG B 464 30.67 -18.25 12.71
C ARG B 464 29.15 -18.32 12.66
N VAL B 465 28.57 -19.46 13.09
CA VAL B 465 27.13 -19.62 13.03
C VAL B 465 26.44 -18.63 13.95
N CYS B 466 26.96 -18.48 15.18
CA CYS B 466 26.35 -17.52 16.10
C CYS B 466 26.44 -16.10 15.57
N GLU B 467 27.61 -15.72 15.04
CA GLU B 467 27.76 -14.38 14.48
C GLU B 467 26.78 -14.13 13.35
N ASP B 468 26.72 -15.05 12.38
CA ASP B 468 25.85 -14.85 11.23
C ASP B 468 24.38 -14.84 11.61
N LEU B 469 23.99 -15.75 12.52
CA LEU B 469 22.59 -15.83 12.92
C LEU B 469 22.18 -14.62 13.74
N GLU B 470 23.13 -14.01 14.47
CA GLU B 470 22.82 -12.78 15.17
C GLU B 470 22.68 -11.62 14.20
N ARG B 471 23.58 -11.53 13.22
CA ARG B 471 23.52 -10.42 12.27
C ARG B 471 22.28 -10.49 11.39
N LEU B 472 21.89 -11.69 10.96
CA LEU B 472 20.79 -11.87 10.01
C LEU B 472 19.42 -11.80 10.66
N ALA B 473 19.31 -11.23 11.86
CA ALA B 473 18.07 -11.32 12.61
C ALA B 473 16.94 -10.54 11.95
N ARG B 474 17.27 -9.55 11.12
CA ARG B 474 16.27 -8.62 10.59
C ARG B 474 16.30 -8.54 9.06
N LYS B 475 16.39 -9.68 8.39
CA LYS B 475 16.34 -9.69 6.93
C LYS B 475 14.89 -9.64 6.45
N GLN B 476 14.65 -8.84 5.41
CA GLN B 476 13.31 -8.69 4.85
C GLN B 476 13.37 -8.94 3.34
N LEU B 477 12.92 -10.11 2.90
CA LEU B 477 12.91 -10.48 1.51
C LEU B 477 11.50 -10.89 1.10
N GLN B 478 11.13 -10.55 -0.13
CA GLN B 478 9.78 -10.82 -0.61
C GLN B 478 9.83 -11.36 -2.03
N ASN B 479 8.96 -12.33 -2.32
CA ASN B 479 8.80 -12.94 -3.62
C ASN B 479 7.82 -12.15 -4.46
N PRO B 480 7.81 -12.35 -5.79
CA PRO B 480 6.84 -11.64 -6.63
C PRO B 480 5.42 -12.02 -6.28
N TRP B 481 4.49 -11.16 -6.65
CA TRP B 481 3.10 -11.36 -6.27
C TRP B 481 2.51 -12.59 -6.94
N LYS B 482 1.89 -13.45 -6.13
CA LYS B 482 1.26 -14.67 -6.61
C LYS B 482 0.04 -14.95 -5.75
N LYS B 483 -0.98 -15.57 -6.34
CA LYS B 483 -2.05 -16.13 -5.53
C LYS B 483 -1.53 -17.28 -4.69
N HIS B 484 -0.71 -18.13 -5.28
CA HIS B 484 0.06 -19.16 -4.60
C HIS B 484 0.96 -19.81 -5.65
N GLY B 485 1.89 -20.62 -5.18
CA GLY B 485 2.80 -21.32 -6.07
C GLY B 485 2.12 -22.50 -6.74
N ASN B 486 2.93 -23.23 -7.51
CA ASN B 486 2.51 -24.49 -8.12
C ASN B 486 3.66 -25.48 -7.92
N ILE B 487 3.69 -26.10 -6.75
CA ILE B 487 4.78 -27.00 -6.37
C ILE B 487 4.57 -28.32 -7.11
N PRO B 488 5.63 -29.02 -7.51
CA PRO B 488 5.42 -30.35 -8.13
C PRO B 488 4.93 -31.36 -7.12
N LEU B 489 3.64 -31.69 -7.18
CA LEU B 489 3.08 -32.64 -6.23
C LEU B 489 3.55 -34.05 -6.53
N PRO C 1 -0.05 41.90 42.10
CA PRO C 1 -0.67 42.35 40.86
C PRO C 1 -1.87 41.49 40.46
N THR C 2 -3.07 42.03 40.63
CA THR C 2 -4.31 41.34 40.30
C THR C 2 -5.20 42.26 39.47
N ALA C 3 -4.61 42.86 38.44
CA ALA C 3 -5.27 43.91 37.66
C ALA C 3 -6.27 43.32 36.67
N ALA C 4 -7.35 44.08 36.44
CA ALA C 4 -8.30 43.87 35.35
C ALA C 4 -9.13 42.61 35.49
N GLU C 5 -8.85 41.80 36.52
CA GLU C 5 -9.67 40.64 36.82
C GLU C 5 -10.55 40.85 38.05
N ASP C 6 -10.48 42.02 38.68
CA ASP C 6 -11.39 42.31 39.78
C ASP C 6 -12.82 42.46 39.28
N LEU C 7 -12.99 43.05 38.09
CA LEU C 7 -14.32 43.19 37.52
C LEU C 7 -14.95 41.84 37.25
N ARG C 8 -14.16 40.87 36.79
CA ARG C 8 -14.69 39.54 36.55
C ARG C 8 -15.09 38.81 37.83
N HIS C 9 -14.17 38.70 38.78
CA HIS C 9 -14.45 37.96 40.02
C HIS C 9 -15.59 38.56 40.84
N LYS C 10 -15.83 39.85 40.71
CA LYS C 10 -16.91 40.51 41.44
C LYS C 10 -18.26 39.91 41.08
N LYS C 11 -18.37 39.31 39.89
CA LYS C 11 -19.61 38.69 39.49
C LYS C 11 -19.60 37.20 39.81
N LYS C 12 -18.76 36.80 40.76
CA LYS C 12 -18.67 35.39 41.15
C LYS C 12 -18.37 34.49 39.95
N ARG C 13 -17.43 34.90 39.11
CA ARG C 13 -17.07 34.10 37.95
C ARG C 13 -15.58 34.09 37.71
N LEU C 14 -15.06 33.02 37.11
CA LEU C 14 -13.62 32.90 36.88
C LEU C 14 -13.23 33.36 35.48
N THR C 15 -11.93 33.44 35.22
CA THR C 15 -11.46 33.90 33.92
C THR C 15 -10.93 32.74 33.09
N ALA C 16 -10.80 32.94 31.78
CA ALA C 16 -10.33 31.87 30.92
C ALA C 16 -8.94 31.40 31.32
N MET C 17 -8.04 32.34 31.57
CA MET C 17 -6.68 31.97 31.93
C MET C 17 -6.65 31.20 33.24
N GLU C 18 -7.49 31.59 34.20
CA GLU C 18 -7.53 30.85 35.47
C GLU C 18 -8.02 29.43 35.26
N ARG C 19 -9.01 29.24 34.37
CA ARG C 19 -9.47 27.90 34.07
C ARG C 19 -8.37 27.06 33.43
N VAL C 20 -7.63 27.66 32.50
CA VAL C 20 -6.53 26.93 31.86
C VAL C 20 -5.47 26.57 32.89
N GLN C 21 -5.15 27.50 33.80
CA GLN C 21 -4.17 27.22 34.85
C GLN C 21 -4.63 26.08 35.75
N LEU C 22 -5.92 26.06 36.09
CA LEU C 22 -6.45 24.98 36.92
C LEU C 22 -6.43 23.63 36.21
N PHE C 23 -6.66 23.60 34.90
CA PHE C 23 -6.75 22.31 34.22
C PHE C 23 -5.39 21.61 34.15
N CYS C 24 -4.39 22.27 33.58
CA CYS C 24 -3.12 21.61 33.27
C CYS C 24 -2.26 21.45 34.51
N ASP C 25 -1.03 21.01 34.29
CA ASP C 25 -0.05 20.84 35.35
C ASP C 25 0.39 22.21 35.85
N PRO C 26 1.05 22.27 37.01
CA PRO C 26 1.35 23.58 37.61
C PRO C 26 2.11 24.54 36.71
N GLY C 27 3.08 24.07 35.94
CA GLY C 27 3.88 24.99 35.16
C GLY C 27 4.17 24.53 33.75
N THR C 28 3.23 23.81 33.13
CA THR C 28 3.48 23.21 31.82
C THR C 28 2.56 23.74 30.74
N PHE C 29 2.10 24.98 30.85
CA PHE C 29 1.29 25.59 29.80
C PHE C 29 2.14 26.58 29.01
N ARG C 30 2.12 26.44 27.68
CA ARG C 30 2.88 27.30 26.79
C ARG C 30 1.89 27.91 25.80
N GLU C 31 1.46 29.13 26.07
CA GLU C 31 0.49 29.81 25.21
C GLU C 31 1.07 29.95 23.81
N ARG C 32 0.27 29.61 22.80
CA ARG C 32 0.81 29.57 21.44
C ARG C 32 0.81 30.94 20.81
N ASP C 33 -0.36 31.57 20.68
CA ASP C 33 -0.47 32.83 19.98
C ASP C 33 -1.11 33.85 20.92
N ALA C 34 -0.50 35.04 21.00
CA ALA C 34 -0.95 36.03 21.98
C ALA C 34 -1.08 37.44 21.45
N LEU C 35 -0.52 37.78 20.29
CA LEU C 35 -0.58 39.15 19.76
C LEU C 35 -1.22 39.08 18.38
N VAL C 36 -2.55 39.11 18.35
CA VAL C 36 -3.31 39.01 17.10
C VAL C 36 -4.49 39.97 17.18
N GLU C 37 -4.74 40.67 16.07
CA GLU C 37 -5.81 41.66 16.00
C GLU C 37 -6.81 41.31 14.92
N HIS C 38 -7.98 41.95 14.97
CA HIS C 38 -9.12 41.51 14.17
C HIS C 38 -9.09 42.05 12.76
N GLU C 39 -8.41 43.18 12.52
CA GLU C 39 -8.33 43.84 11.21
C GLU C 39 -9.67 43.84 10.47
N CYS C 40 -10.65 44.50 11.09
CA CYS C 40 -12.02 44.50 10.59
C CYS C 40 -12.30 45.70 9.68
N HIS C 41 -12.12 46.91 10.20
CA HIS C 41 -12.31 48.15 9.45
C HIS C 41 -13.74 48.29 8.92
N ASN C 42 -14.69 48.26 9.85
CA ASN C 42 -16.10 48.45 9.54
C ASN C 42 -16.81 48.94 10.79
N PHE C 43 -17.97 49.56 10.59
CA PHE C 43 -18.89 49.97 11.65
C PHE C 43 -18.19 50.51 12.90
N GLY C 44 -17.21 51.39 12.71
CA GLY C 44 -16.50 51.97 13.85
C GLY C 44 -15.77 50.94 14.69
N MET C 45 -15.20 49.93 14.06
CA MET C 45 -14.41 48.91 14.75
C MET C 45 -12.92 49.08 14.46
N GLU C 46 -12.55 50.07 13.65
CA GLU C 46 -11.14 50.32 13.36
C GLU C 46 -10.35 50.62 14.62
N LYS C 47 -11.01 51.05 15.68
CA LYS C 47 -10.40 51.28 16.98
C LYS C 47 -10.58 50.05 17.87
N ARG C 48 -10.26 50.23 19.15
CA ARG C 48 -10.41 49.19 20.18
C ARG C 48 -9.94 47.82 19.69
N LYS C 49 -8.69 47.77 19.22
CA LYS C 49 -8.06 46.50 18.94
C LYS C 49 -7.62 45.83 20.24
N VAL C 50 -7.55 44.51 20.22
CA VAL C 50 -7.23 43.72 21.41
C VAL C 50 -6.05 42.81 21.10
N PRO C 51 -5.07 42.69 21.99
CA PRO C 51 -3.91 41.83 21.71
C PRO C 51 -4.23 40.36 21.55
N GLY C 52 -4.95 39.79 22.53
CA GLY C 52 -5.25 38.37 22.46
C GLY C 52 -6.34 38.00 21.46
N ASP C 53 -7.21 38.95 21.11
CA ASP C 53 -8.34 38.71 20.22
C ASP C 53 -9.29 37.65 20.78
N GLY C 54 -9.46 37.66 22.09
CA GLY C 54 -10.53 36.92 22.72
C GLY C 54 -10.36 35.42 22.85
N PHE C 55 -9.20 34.87 22.47
CA PHE C 55 -8.97 33.45 22.53
C PHE C 55 -7.63 33.17 23.21
N ILE C 56 -7.58 32.07 23.96
CA ILE C 56 -6.35 31.58 24.57
C ILE C 56 -6.15 30.14 24.11
N THR C 57 -5.13 29.91 23.31
CA THR C 57 -4.81 28.59 22.80
C THR C 57 -3.37 28.25 23.17
N GLY C 58 -3.15 27.01 23.58
CA GLY C 58 -1.84 26.58 24.01
C GLY C 58 -1.68 25.10 23.81
N THR C 59 -0.72 24.53 24.54
CA THR C 59 -0.51 23.09 24.50
C THR C 59 -0.75 22.42 25.86
N GLY C 60 -0.04 22.81 26.90
CA GLY C 60 -0.26 22.23 28.21
C GLY C 60 0.20 20.78 28.31
N LYS C 61 -0.06 20.20 29.47
CA LYS C 61 0.33 18.83 29.77
C LYS C 61 -0.42 18.33 31.01
N VAL C 62 -1.08 17.17 30.90
CA VAL C 62 -1.89 16.62 31.98
C VAL C 62 -1.37 15.25 32.35
N PHE C 63 -1.04 15.06 33.63
CA PHE C 63 -0.58 13.78 34.15
C PHE C 63 0.64 13.27 33.37
N GLY C 64 1.48 14.18 32.93
CA GLY C 64 2.64 13.82 32.15
C GLY C 64 2.38 13.53 30.70
N ARG C 65 1.12 13.60 30.26
CA ARG C 65 0.77 13.32 28.88
C ARG C 65 0.33 14.60 28.18
N PRO C 66 0.66 14.77 26.91
CA PRO C 66 0.35 16.03 26.23
C PRO C 66 -1.14 16.19 25.95
N VAL C 67 -1.53 17.43 25.72
CA VAL C 67 -2.90 17.80 25.42
C VAL C 67 -2.85 19.05 24.54
N PHE C 68 -4.01 19.45 24.01
CA PHE C 68 -4.18 20.73 23.35
C PHE C 68 -5.50 21.32 23.83
N LEU C 69 -5.57 22.65 23.94
CA LEU C 69 -6.80 23.25 24.44
C LEU C 69 -6.93 24.67 23.92
N PHE C 70 -8.15 25.20 24.05
CA PHE C 70 -8.45 26.59 23.77
C PHE C 70 -9.60 27.03 24.67
N SER C 71 -9.65 28.32 24.97
CA SER C 71 -10.67 28.84 25.86
C SER C 71 -11.17 30.18 25.36
N HIS C 72 -12.48 30.35 25.33
CA HIS C 72 -13.07 31.62 24.97
C HIS C 72 -12.93 32.63 26.11
N ASP C 73 -13.02 33.91 25.76
CA ASP C 73 -12.89 35.00 26.71
C ASP C 73 -14.15 35.84 26.63
N PHE C 74 -14.83 36.01 27.77
CA PHE C 74 -16.10 36.71 27.75
C PHE C 74 -15.93 38.22 27.85
N THR C 75 -14.85 38.69 28.45
CA THR C 75 -14.66 40.13 28.61
C THR C 75 -14.46 40.82 27.27
N VAL C 76 -13.72 40.18 26.36
CA VAL C 76 -13.33 40.80 25.09
C VAL C 76 -14.40 40.48 24.05
N PHE C 77 -15.19 41.50 23.70
CA PHE C 77 -16.19 41.42 22.62
C PHE C 77 -17.25 40.35 22.87
N GLY C 78 -17.41 39.90 24.11
CA GLY C 78 -18.38 38.87 24.39
C GLY C 78 -18.00 37.49 23.92
N GLY C 79 -16.77 37.29 23.47
CA GLY C 79 -16.34 35.99 23.01
C GLY C 79 -16.73 35.64 21.59
N SER C 80 -17.16 36.63 20.80
CA SER C 80 -17.63 36.36 19.45
C SER C 80 -16.48 35.85 18.58
N LEU C 81 -16.83 34.94 17.67
CA LEU C 81 -15.86 34.42 16.71
C LEU C 81 -15.75 35.35 15.50
N SER C 82 -14.67 35.17 14.76
CA SER C 82 -14.36 36.03 13.62
C SER C 82 -13.57 35.24 12.60
N ARG C 83 -13.21 35.92 11.52
CA ARG C 83 -12.30 35.32 10.55
C ARG C 83 -10.94 35.02 11.17
N THR C 84 -10.60 35.74 12.24
CA THR C 84 -9.28 35.65 12.83
C THR C 84 -9.24 34.74 14.05
N ASN C 85 -10.31 34.72 14.87
CA ASN C 85 -10.37 33.82 16.00
C ASN C 85 -10.31 32.37 15.55
N ALA C 86 -11.08 32.03 14.51
CA ALA C 86 -11.18 30.65 14.07
C ALA C 86 -9.88 30.12 13.49
N ALA C 87 -9.00 31.01 13.00
CA ALA C 87 -7.73 30.55 12.43
C ALA C 87 -6.88 29.86 13.48
N LYS C 88 -6.82 30.40 14.70
CA LYS C 88 -6.04 29.78 15.76
C LYS C 88 -6.57 28.40 16.09
N VAL C 89 -7.90 28.27 16.20
CA VAL C 89 -8.50 26.99 16.52
C VAL C 89 -8.22 25.98 15.41
N VAL C 90 -8.32 26.42 14.16
CA VAL C 90 -8.05 25.53 13.04
C VAL C 90 -6.61 25.05 13.08
N ARG C 91 -5.67 25.96 13.38
CA ARG C 91 -4.26 25.57 13.45
C ARG C 91 -4.04 24.55 14.57
N ILE C 92 -4.66 24.77 15.73
CA ILE C 92 -4.51 23.83 16.84
C ILE C 92 -5.06 22.47 16.47
N MET C 93 -6.25 22.42 15.87
CA MET C 93 -6.84 21.12 15.53
C MET C 93 -6.01 20.41 14.46
N GLU C 94 -5.48 21.15 13.49
CA GLU C 94 -4.65 20.52 12.47
C GLU C 94 -3.38 19.94 13.07
N GLU C 95 -2.74 20.69 13.97
CA GLU C 95 -1.54 20.18 14.63
C GLU C 95 -1.86 18.95 15.48
N ALA C 96 -3.00 18.97 16.19
CA ALA C 96 -3.41 17.82 16.97
C ALA C 96 -3.90 16.67 16.11
N ALA C 97 -4.08 16.91 14.81
CA ALA C 97 -4.39 15.81 13.90
C ALA C 97 -3.10 15.16 13.40
N LYS C 98 -2.08 15.97 13.12
CA LYS C 98 -0.79 15.40 12.71
C LYS C 98 -0.20 14.55 13.82
N ILE C 99 -0.20 15.06 15.04
CA ILE C 99 0.30 14.33 16.20
C ILE C 99 -0.90 13.69 16.89
N GLY C 100 -0.71 12.50 17.44
CA GLY C 100 -1.82 11.81 18.07
C GLY C 100 -2.19 12.35 19.43
N VAL C 101 -2.78 13.54 19.47
CA VAL C 101 -3.10 14.22 20.74
C VAL C 101 -4.56 14.65 20.70
N PRO C 102 -5.29 14.61 21.82
CA PRO C 102 -6.68 15.06 21.83
C PRO C 102 -6.79 16.58 21.98
N VAL C 103 -8.03 17.07 21.95
CA VAL C 103 -8.33 18.49 22.03
C VAL C 103 -9.48 18.69 23.01
N ILE C 104 -9.37 19.71 23.87
CA ILE C 104 -10.39 20.05 24.85
C ILE C 104 -10.65 21.54 24.76
N GLY C 105 -11.91 21.93 24.64
CA GLY C 105 -12.27 23.32 24.48
C GLY C 105 -13.29 23.78 25.50
N PHE C 106 -13.06 24.96 26.07
CA PHE C 106 -13.96 25.56 27.05
C PHE C 106 -14.72 26.68 26.36
N ASN C 107 -15.99 26.44 26.04
CA ASN C 107 -16.79 27.36 25.25
C ASN C 107 -17.42 28.42 26.14
N ASP C 108 -17.34 29.67 25.70
CA ASP C 108 -17.96 30.77 26.43
C ASP C 108 -18.53 31.84 25.50
N SER C 109 -18.57 31.60 24.19
CA SER C 109 -18.91 32.64 23.23
C SER C 109 -20.36 33.07 23.37
N GLY C 110 -20.58 34.38 23.22
CA GLY C 110 -21.92 34.93 23.20
C GLY C 110 -22.64 34.88 21.88
N GLY C 111 -21.97 34.38 20.84
CA GLY C 111 -22.53 34.30 19.51
C GLY C 111 -21.53 34.78 18.49
N ALA C 112 -22.00 35.01 17.27
CA ALA C 112 -21.13 35.47 16.20
C ALA C 112 -20.87 36.97 16.33
N ARG C 113 -19.80 37.41 15.66
CA ARG C 113 -19.45 38.83 15.61
C ARG C 113 -20.09 39.43 14.36
N ILE C 114 -21.05 40.33 14.58
CA ILE C 114 -21.81 40.87 13.45
C ILE C 114 -20.95 41.79 12.60
N HIS C 115 -19.99 42.47 13.21
CA HIS C 115 -19.21 43.48 12.51
C HIS C 115 -18.30 42.90 11.44
N GLU C 116 -18.11 41.58 11.41
CA GLU C 116 -17.31 40.94 10.38
C GLU C 116 -18.11 40.47 9.18
N GLY C 117 -19.44 40.49 9.25
CA GLY C 117 -20.22 40.00 8.15
C GLY C 117 -20.17 38.48 8.07
N VAL C 118 -19.99 37.96 6.86
CA VAL C 118 -20.07 36.52 6.62
C VAL C 118 -18.76 35.80 6.98
N ASP C 119 -17.74 36.55 7.41
CA ASP C 119 -16.49 35.92 7.80
C ASP C 119 -16.68 35.03 9.02
N SER C 120 -17.60 35.41 9.91
CA SER C 120 -17.91 34.55 11.05
C SER C 120 -18.50 33.23 10.58
N LEU C 121 -19.37 33.26 9.57
CA LEU C 121 -19.90 32.03 9.00
C LEU C 121 -18.78 31.19 8.39
N ALA C 122 -17.82 31.85 7.73
CA ALA C 122 -16.69 31.11 7.17
C ALA C 122 -15.91 30.38 8.26
N GLY C 123 -15.60 31.09 9.35
CA GLY C 123 -14.88 30.46 10.45
C GLY C 123 -15.65 29.31 11.06
N TYR C 124 -16.96 29.50 11.26
CA TYR C 124 -17.78 28.42 11.79
C TYR C 124 -17.73 27.20 10.88
N ALA C 125 -17.81 27.42 9.57
CA ALA C 125 -17.79 26.30 8.64
C ALA C 125 -16.47 25.56 8.69
N ASP C 126 -15.35 26.28 8.79
CA ASP C 126 -14.06 25.63 8.88
C ASP C 126 -13.96 24.79 10.15
N ILE C 127 -14.41 25.33 11.28
CA ILE C 127 -14.36 24.56 12.52
C ILE C 127 -15.24 23.33 12.43
N PHE C 128 -16.43 23.47 11.83
CA PHE C 128 -17.32 22.33 11.67
C PHE C 128 -16.67 21.24 10.82
N LEU C 129 -16.02 21.63 9.73
CA LEU C 129 -15.37 20.63 8.89
C LEU C 129 -14.23 19.92 9.61
N ARG C 130 -13.44 20.66 10.37
CA ARG C 130 -12.36 20.01 11.12
C ARG C 130 -12.92 19.03 12.14
N ASN C 131 -13.98 19.41 12.85
CA ASN C 131 -14.60 18.50 13.79
C ASN C 131 -15.14 17.25 13.09
N THR C 132 -15.77 17.44 11.93
CA THR C 132 -16.34 16.29 11.21
C THR C 132 -15.24 15.36 10.73
N LEU C 133 -14.16 15.90 10.17
CA LEU C 133 -13.11 15.06 9.64
C LEU C 133 -12.35 14.33 10.74
N PHE C 134 -12.07 15.00 11.84
CA PHE C 134 -11.20 14.42 12.86
C PHE C 134 -11.97 13.67 13.94
N SER C 135 -13.28 13.52 13.83
CA SER C 135 -14.02 12.73 14.79
C SER C 135 -13.78 11.25 14.54
N GLY C 136 -13.36 10.53 15.57
CA GLY C 136 -12.90 9.17 15.43
C GLY C 136 -11.41 9.02 15.25
N VAL C 137 -10.69 10.12 15.09
CA VAL C 137 -9.23 10.10 15.01
C VAL C 137 -8.61 10.47 16.36
N ILE C 138 -9.05 11.58 16.94
CA ILE C 138 -8.59 12.02 18.25
C ILE C 138 -9.82 12.30 19.10
N PRO C 139 -9.85 11.90 20.37
CA PRO C 139 -11.01 12.21 21.20
C PRO C 139 -11.17 13.72 21.38
N GLN C 140 -12.42 14.16 21.40
CA GLN C 140 -12.74 15.57 21.58
C GLN C 140 -13.71 15.71 22.74
N ILE C 141 -13.35 16.55 23.70
CA ILE C 141 -14.19 16.85 24.86
C ILE C 141 -14.45 18.35 24.88
N SER C 142 -15.68 18.71 25.23
CA SER C 142 -16.09 20.11 25.27
C SER C 142 -16.80 20.39 26.59
N VAL C 143 -16.49 21.55 27.18
CA VAL C 143 -17.13 22.01 28.41
C VAL C 143 -17.69 23.39 28.16
N ILE C 144 -18.89 23.65 28.66
CA ILE C 144 -19.58 24.90 28.45
C ILE C 144 -19.65 25.64 29.78
N MET C 145 -18.92 26.75 29.87
CA MET C 145 -18.81 27.48 31.13
C MET C 145 -19.74 28.68 31.21
N GLY C 146 -20.23 29.16 30.08
CA GLY C 146 -21.11 30.31 30.08
C GLY C 146 -22.14 30.21 28.97
N PRO C 147 -22.65 31.36 28.53
CA PRO C 147 -23.62 31.36 27.44
C PRO C 147 -23.03 30.77 26.16
N CYS C 148 -23.88 30.09 25.41
CA CYS C 148 -23.47 29.49 24.13
C CYS C 148 -24.71 29.44 23.26
N ALA C 149 -24.86 30.41 22.36
CA ALA C 149 -26.07 30.55 21.57
C ALA C 149 -25.71 30.66 20.10
N GLY C 150 -26.73 30.83 19.27
CA GLY C 150 -26.52 30.96 17.85
C GLY C 150 -26.13 29.63 17.21
N GLY C 151 -25.50 29.74 16.04
CA GLY C 151 -25.04 28.56 15.33
C GLY C 151 -23.76 27.96 15.87
N ALA C 152 -23.13 28.61 16.84
CA ALA C 152 -21.91 28.08 17.44
C ALA C 152 -22.18 26.82 18.25
N VAL C 153 -23.45 26.52 18.54
CA VAL C 153 -23.80 25.37 19.34
C VAL C 153 -23.47 24.05 18.65
N TYR C 154 -23.31 24.07 17.33
CA TYR C 154 -23.21 22.81 16.58
C TYR C 154 -21.85 22.14 16.79
N SER C 155 -20.78 22.91 16.89
CA SER C 155 -19.46 22.29 17.08
C SER C 155 -19.35 21.51 18.39
N PRO C 156 -19.87 21.97 19.54
CA PRO C 156 -19.90 21.07 20.70
C PRO C 156 -20.70 19.79 20.46
N ALA C 157 -21.74 19.87 19.62
CA ALA C 157 -22.58 18.70 19.39
C ALA C 157 -21.81 17.57 18.72
N ILE C 158 -20.96 17.91 17.74
CA ILE C 158 -20.22 16.87 17.03
C ILE C 158 -19.16 16.25 17.93
N THR C 159 -18.70 16.98 18.95
CA THR C 159 -17.69 16.45 19.85
C THR C 159 -18.25 15.26 20.64
N ASP C 160 -17.33 14.43 21.13
CA ASP C 160 -17.73 13.16 21.73
C ASP C 160 -18.51 13.35 23.02
N PHE C 161 -18.05 14.24 23.90
CA PHE C 161 -18.71 14.44 25.18
C PHE C 161 -18.84 15.93 25.44
N THR C 162 -19.98 16.33 25.97
CA THR C 162 -20.25 17.71 26.35
C THR C 162 -20.66 17.76 27.80
N PHE C 163 -20.00 18.61 28.58
CA PHE C 163 -20.31 18.79 29.99
C PHE C 163 -20.78 20.22 30.21
N MET C 164 -21.48 20.43 31.33
CA MET C 164 -22.09 21.71 31.61
C MET C 164 -21.83 22.12 33.05
N VAL C 165 -21.76 23.43 33.27
CA VAL C 165 -21.62 23.99 34.61
C VAL C 165 -23.00 24.47 35.07
N GLU C 166 -23.27 24.33 36.36
CA GLU C 166 -24.64 24.38 36.84
C GLU C 166 -25.22 25.80 36.81
N THR C 167 -24.61 26.73 37.53
CA THR C 167 -25.29 27.99 37.81
C THR C 167 -25.34 28.91 36.60
N SER C 168 -24.24 28.99 35.85
CA SER C 168 -24.03 30.09 34.91
C SER C 168 -23.69 29.59 33.52
N SER C 169 -24.49 28.67 32.99
CA SER C 169 -24.29 28.18 31.65
C SER C 169 -25.63 27.81 31.03
N TYR C 170 -25.72 27.94 29.71
CA TYR C 170 -26.90 27.53 28.96
C TYR C 170 -26.52 27.40 27.50
N MET C 171 -27.37 26.71 26.74
CA MET C 171 -27.12 26.50 25.32
C MET C 171 -28.43 26.23 24.60
N PHE C 172 -28.59 26.85 23.44
CA PHE C 172 -29.77 26.68 22.59
C PHE C 172 -29.48 27.29 21.24
N VAL C 173 -30.33 26.96 20.26
CA VAL C 173 -30.13 27.46 18.91
C VAL C 173 -30.66 28.88 18.76
N THR C 174 -31.90 29.12 19.19
CA THR C 174 -32.57 30.40 19.00
C THR C 174 -32.95 30.99 20.35
N GLY C 175 -32.79 32.30 20.49
CA GLY C 175 -33.06 33.00 21.72
C GLY C 175 -34.54 33.08 22.04
N PRO C 176 -34.87 33.38 23.30
CA PRO C 176 -36.28 33.49 23.68
C PRO C 176 -37.00 34.66 23.07
N GLU C 177 -36.27 35.67 22.58
CA GLU C 177 -36.92 36.81 21.95
C GLU C 177 -37.67 36.38 20.68
N VAL C 178 -37.03 35.55 19.86
CA VAL C 178 -37.68 35.05 18.66
C VAL C 178 -38.86 34.15 19.01
N VAL C 179 -38.70 33.34 20.06
CA VAL C 179 -39.80 32.49 20.50
C VAL C 179 -41.01 33.32 20.89
N SER C 180 -40.78 34.42 21.62
CA SER C 180 -41.86 35.32 21.94
C SER C 180 -42.43 35.97 20.69
N ALA C 181 -41.58 36.32 19.74
CA ALA C 181 -42.03 37.01 18.53
C ALA C 181 -42.98 36.13 17.71
N VAL C 182 -42.67 34.84 17.58
CA VAL C 182 -43.44 33.96 16.71
C VAL C 182 -44.55 33.23 17.46
N GLY C 183 -44.23 32.60 18.59
CA GLY C 183 -45.25 31.82 19.30
C GLY C 183 -46.01 32.62 20.33
N GLY C 184 -45.34 33.59 20.95
CA GLY C 184 -45.98 34.43 21.94
C GLY C 184 -45.83 33.99 23.37
N LYS C 185 -44.94 33.06 23.67
CA LYS C 185 -44.72 32.57 25.01
C LYS C 185 -43.45 33.18 25.60
N LEU C 186 -43.53 33.56 26.87
CA LEU C 186 -42.42 34.20 27.56
C LEU C 186 -41.70 33.14 28.39
N VAL C 187 -40.50 32.77 27.96
CA VAL C 187 -39.69 31.75 28.62
C VAL C 187 -38.32 32.34 28.88
N THR C 188 -37.80 32.14 30.09
CA THR C 188 -36.49 32.66 30.43
C THR C 188 -35.38 31.82 29.77
N LYS C 189 -34.16 32.36 29.81
CA LYS C 189 -33.03 31.66 29.21
C LYS C 189 -32.77 30.32 29.90
N ASP C 190 -32.83 30.30 31.23
CA ASP C 190 -32.60 29.06 31.97
C ASP C 190 -33.73 28.07 31.74
N GLU C 191 -34.98 28.56 31.69
CA GLU C 191 -36.10 27.67 31.42
C GLU C 191 -36.01 27.08 30.02
N LEU C 192 -35.32 27.75 29.11
CA LEU C 192 -35.21 27.27 27.74
C LEU C 192 -34.05 26.31 27.57
N GLY C 193 -32.84 26.74 27.91
CA GLY C 193 -31.67 25.91 27.67
C GLY C 193 -30.74 25.75 28.86
N GLY C 194 -31.30 25.66 30.06
CA GLY C 194 -30.50 25.50 31.26
C GLY C 194 -29.86 24.14 31.34
N PRO C 195 -28.87 23.99 32.24
CA PRO C 195 -28.19 22.69 32.35
C PRO C 195 -29.10 21.54 32.72
N HIS C 196 -30.12 21.79 33.55
CA HIS C 196 -31.04 20.72 33.90
C HIS C 196 -31.83 20.23 32.69
N VAL C 197 -32.24 21.17 31.83
CA VAL C 197 -33.05 20.81 30.66
C VAL C 197 -32.27 19.87 29.76
N HIS C 198 -31.01 20.18 29.50
CA HIS C 198 -30.19 19.33 28.66
C HIS C 198 -29.69 18.09 29.39
N ALA C 199 -29.72 18.10 30.73
CA ALA C 199 -29.34 16.91 31.48
C ALA C 199 -30.44 15.87 31.48
N THR C 200 -31.71 16.30 31.51
CA THR C 200 -32.82 15.37 31.66
C THR C 200 -33.69 15.26 30.41
N LYS C 201 -33.95 16.37 29.71
CA LYS C 201 -34.97 16.34 28.67
C LYS C 201 -34.39 16.04 27.29
N SER C 202 -33.38 16.78 26.85
CA SER C 202 -32.87 16.63 25.50
C SER C 202 -31.78 15.57 25.37
N GLY C 203 -31.07 15.26 26.45
CA GLY C 203 -30.03 14.25 26.41
C GLY C 203 -28.76 14.68 25.71
N VAL C 204 -28.53 15.98 25.56
CA VAL C 204 -27.32 16.43 24.87
C VAL C 204 -26.14 16.44 25.82
N SER C 205 -26.30 17.02 27.00
CA SER C 205 -25.19 17.17 27.94
C SER C 205 -24.88 15.83 28.60
N ALA C 206 -23.58 15.52 28.69
CA ALA C 206 -23.17 14.23 29.24
C ALA C 206 -22.95 14.28 30.73
N GLY C 207 -23.04 15.46 31.34
CA GLY C 207 -22.87 15.57 32.78
C GLY C 207 -23.05 17.01 33.21
N THR C 208 -23.10 17.20 34.52
CA THR C 208 -23.19 18.53 35.11
C THR C 208 -22.33 18.60 36.36
N PHE C 209 -21.66 19.73 36.53
CA PHE C 209 -20.78 19.94 37.66
C PHE C 209 -21.25 21.15 38.46
N PRO C 210 -21.01 21.18 39.78
CA PRO C 210 -21.49 22.30 40.59
C PRO C 210 -20.62 23.54 40.48
N ASN C 211 -19.31 23.37 40.34
CA ASN C 211 -18.38 24.49 40.29
C ASN C 211 -17.36 24.24 39.19
N ASP C 212 -16.67 25.32 38.82
CA ASP C 212 -15.58 25.21 37.84
C ASP C 212 -14.42 24.42 38.41
N ILE C 213 -14.13 24.60 39.70
CA ILE C 213 -13.01 23.90 40.33
C ILE C 213 -13.24 22.40 40.29
N VAL C 214 -14.45 21.97 40.66
CA VAL C 214 -14.79 20.55 40.60
C VAL C 214 -14.79 20.07 39.16
N ALA C 215 -15.21 20.94 38.24
CA ALA C 215 -15.21 20.58 36.83
C ALA C 215 -13.81 20.23 36.35
N MET C 216 -12.83 21.08 36.67
CA MET C 216 -11.44 20.77 36.30
C MET C 216 -10.95 19.51 37.00
N ALA C 217 -11.24 19.39 38.30
CA ALA C 217 -10.70 18.26 39.05
C ALA C 217 -11.20 16.93 38.49
N GLN C 218 -12.47 16.88 38.10
CA GLN C 218 -12.98 15.64 37.53
C GLN C 218 -12.67 15.51 36.04
N LEU C 219 -12.44 16.60 35.33
CA LEU C 219 -12.03 16.48 33.94
C LEU C 219 -10.66 15.85 33.82
N ARG C 220 -9.76 16.16 34.76
CA ARG C 220 -8.48 15.48 34.79
C ARG C 220 -8.67 13.97 34.98
N ARG C 221 -9.56 13.59 35.90
CA ARG C 221 -9.82 12.18 36.14
C ARG C 221 -10.38 11.49 34.91
N LEU C 222 -11.29 12.16 34.20
CA LEU C 222 -11.80 11.59 32.96
C LEU C 222 -10.69 11.44 31.94
N TYR C 223 -9.81 12.43 31.83
CA TYR C 223 -8.72 12.38 30.86
C TYR C 223 -7.78 11.22 31.16
N SER C 224 -7.66 10.84 32.44
CA SER C 224 -6.78 9.74 32.78
C SER C 224 -7.22 8.41 32.16
N TYR C 225 -8.45 8.31 31.66
CA TYR C 225 -8.95 7.06 31.09
C TYR C 225 -8.68 6.95 29.60
N LEU C 226 -8.69 8.07 28.88
CA LEU C 226 -8.76 8.03 27.43
C LEU C 226 -7.43 7.62 26.81
N PRO C 227 -7.46 6.97 25.66
CA PRO C 227 -6.24 6.76 24.88
C PRO C 227 -5.87 8.01 24.11
N LEU C 228 -4.59 8.13 23.80
CA LEU C 228 -4.07 9.39 23.26
C LEU C 228 -4.56 9.64 21.83
N SER C 229 -4.71 8.58 21.04
CA SER C 229 -5.08 8.76 19.64
C SER C 229 -5.81 7.53 19.14
N ASN C 230 -5.99 7.46 17.82
CA ASN C 230 -6.68 6.34 17.21
C ASN C 230 -5.80 5.10 17.17
N ARG C 231 -4.51 5.28 16.91
CA ARG C 231 -3.60 4.16 16.73
C ARG C 231 -2.89 3.74 18.01
N ASP C 232 -2.97 4.55 19.07
CA ASP C 232 -2.31 4.21 20.32
C ASP C 232 -3.10 3.17 21.10
N PRO C 233 -2.44 2.37 21.92
CA PRO C 233 -3.14 1.32 22.67
C PRO C 233 -3.83 1.86 23.91
N VAL C 234 -4.70 1.03 24.47
CA VAL C 234 -5.47 1.42 25.66
C VAL C 234 -4.50 1.59 26.83
N PRO C 235 -4.59 2.68 27.59
CA PRO C 235 -3.67 2.89 28.71
C PRO C 235 -3.86 1.86 29.80
N VAL C 236 -2.76 1.51 30.46
CA VAL C 236 -2.78 0.60 31.59
C VAL C 236 -2.01 1.25 32.73
N LEU C 237 -2.65 1.36 33.90
CA LEU C 237 -2.01 1.99 35.04
C LEU C 237 -1.69 0.96 36.11
N PRO C 238 -0.65 1.20 36.91
CA PRO C 238 -0.38 0.30 38.04
C PRO C 238 -1.50 0.36 39.06
N THR C 239 -1.75 -0.76 39.71
CA THR C 239 -2.82 -0.84 40.69
C THR C 239 -2.54 -2.00 41.64
N ALA C 240 -2.73 -1.75 42.94
CA ALA C 240 -2.50 -2.79 43.94
C ALA C 240 -3.62 -3.81 43.99
N ASP C 241 -4.79 -3.49 43.45
CA ASP C 241 -5.90 -4.43 43.43
C ASP C 241 -5.55 -5.63 42.55
N GLU C 242 -6.11 -6.78 42.90
CA GLU C 242 -5.76 -8.04 42.26
C GLU C 242 -7.01 -8.86 41.98
N ARG C 243 -6.91 -9.74 40.97
CA ARG C 243 -8.02 -10.57 40.55
C ARG C 243 -8.39 -11.63 41.56
N TYR C 244 -7.56 -11.86 42.58
CA TYR C 244 -7.83 -12.88 43.58
C TYR C 244 -8.58 -12.36 44.78
N ARG C 245 -8.98 -11.09 44.76
CA ARG C 245 -9.81 -10.55 45.83
C ARG C 245 -11.13 -11.30 45.88
N ASP C 246 -11.58 -11.63 47.09
CA ASP C 246 -12.76 -12.46 47.26
C ASP C 246 -14.02 -11.63 47.03
N VAL C 247 -14.89 -12.12 46.14
CA VAL C 247 -16.24 -11.56 45.95
C VAL C 247 -17.23 -12.71 46.06
N SER C 248 -17.72 -12.95 47.27
CA SER C 248 -18.77 -13.93 47.49
C SER C 248 -20.12 -13.27 47.75
N SER C 249 -20.16 -11.95 47.88
CA SER C 249 -21.42 -11.26 48.10
C SER C 249 -22.32 -11.30 46.88
N LEU C 250 -21.79 -11.69 45.72
CA LEU C 250 -22.61 -11.76 44.52
C LEU C 250 -23.57 -12.95 44.54
N ASN C 251 -23.36 -13.92 45.44
CA ASN C 251 -24.25 -15.07 45.49
C ASN C 251 -25.64 -14.71 45.97
N THR C 252 -25.78 -13.57 46.65
CA THR C 252 -27.04 -13.21 47.30
C THR C 252 -27.70 -11.98 46.69
N VAL C 253 -27.09 -11.37 45.67
CA VAL C 253 -27.63 -10.12 45.13
C VAL C 253 -29.00 -10.35 44.49
N VAL C 254 -29.13 -11.40 43.70
CA VAL C 254 -30.37 -11.68 42.99
C VAL C 254 -31.39 -12.26 43.96
N PRO C 255 -32.54 -11.63 44.16
CA PRO C 255 -33.55 -12.19 45.05
C PRO C 255 -34.14 -13.47 44.49
N THR C 256 -34.66 -14.31 45.38
CA THR C 256 -35.29 -15.57 44.95
C THR C 256 -36.68 -15.38 44.39
N GLU C 257 -37.23 -14.18 44.47
CA GLU C 257 -38.54 -13.92 43.88
C GLU C 257 -38.35 -13.26 42.53
N VAL C 258 -39.21 -13.56 41.57
CA VAL C 258 -39.04 -13.02 40.22
C VAL C 258 -39.66 -11.64 40.04
N LYS C 259 -40.38 -11.14 41.03
CA LYS C 259 -41.07 -9.87 40.90
C LYS C 259 -40.48 -8.79 41.80
N GLU C 260 -39.36 -9.09 42.46
CA GLU C 260 -38.72 -8.12 43.34
C GLU C 260 -37.58 -7.45 42.60
N ALA C 261 -37.26 -6.21 42.94
CA ALA C 261 -36.24 -5.48 42.21
C ALA C 261 -34.92 -5.39 42.95
N TYR C 262 -33.85 -5.11 42.23
CA TYR C 262 -32.56 -4.92 42.89
C TYR C 262 -31.74 -3.91 42.10
N ASP C 263 -30.66 -3.45 42.73
CA ASP C 263 -29.80 -2.42 42.14
C ASP C 263 -28.63 -3.08 41.42
N MET C 264 -28.49 -2.78 40.13
CA MET C 264 -27.44 -3.43 39.35
C MET C 264 -26.05 -2.97 39.77
N ARG C 265 -25.95 -1.82 40.42
CA ARG C 265 -24.65 -1.37 40.90
C ARG C 265 -24.06 -2.35 41.90
N ASP C 266 -24.92 -3.07 42.63
CA ASP C 266 -24.43 -4.10 43.55
C ASP C 266 -23.72 -5.23 42.82
N VAL C 267 -23.95 -5.36 41.51
CA VAL C 267 -23.24 -6.33 40.69
C VAL C 267 -22.06 -5.67 39.98
N ILE C 268 -22.23 -4.41 39.57
CA ILE C 268 -21.18 -3.73 38.83
C ILE C 268 -19.97 -3.47 39.71
N TYR C 269 -20.19 -2.97 40.93
CA TYR C 269 -19.08 -2.50 41.75
C TYR C 269 -18.09 -3.60 42.16
N PRO C 270 -18.53 -4.79 42.61
CA PRO C 270 -17.54 -5.80 43.00
C PRO C 270 -16.58 -6.22 41.89
N VAL C 271 -17.06 -6.29 40.64
CA VAL C 271 -16.22 -6.82 39.58
C VAL C 271 -15.09 -5.87 39.23
N ILE C 272 -15.39 -4.57 39.14
CA ILE C 272 -14.37 -3.59 38.76
C ILE C 272 -13.50 -3.25 39.96
N ASP C 273 -12.41 -2.54 39.72
CA ASP C 273 -11.52 -2.14 40.80
C ASP C 273 -12.16 -1.06 41.67
N HIS C 274 -11.65 -0.92 42.88
CA HIS C 274 -12.28 -0.06 43.88
C HIS C 274 -12.24 1.40 43.47
N ASP C 275 -13.37 2.08 43.64
CA ASP C 275 -13.49 3.52 43.41
C ASP C 275 -12.97 3.91 42.03
N SER C 276 -13.45 3.19 41.01
CA SER C 276 -13.00 3.43 39.64
C SER C 276 -14.16 3.41 38.66
N PHE C 277 -15.26 4.08 38.98
CA PHE C 277 -16.40 4.20 38.08
C PHE C 277 -16.65 5.67 37.78
N PHE C 278 -16.87 5.98 36.51
CA PHE C 278 -17.13 7.34 36.06
C PHE C 278 -18.39 7.31 35.20
N GLU C 279 -19.54 7.47 35.85
CA GLU C 279 -20.81 7.36 35.15
C GLU C 279 -20.98 8.47 34.12
N ILE C 280 -21.57 8.12 32.98
CA ILE C 280 -21.83 9.05 31.89
C ILE C 280 -23.35 9.23 31.79
N GLN C 281 -23.79 10.48 31.75
CA GLN C 281 -25.21 10.82 31.70
C GLN C 281 -25.98 10.17 32.87
N PRO C 282 -25.71 10.57 34.10
CA PRO C 282 -26.30 9.86 35.25
C PRO C 282 -27.79 10.14 35.44
N GLN C 283 -28.31 11.25 34.93
CA GLN C 283 -29.68 11.66 35.21
C GLN C 283 -30.62 11.47 34.03
N PHE C 284 -30.18 10.82 32.97
CA PHE C 284 -30.97 10.67 31.75
C PHE C 284 -31.13 9.20 31.42
N ALA C 285 -32.37 8.77 31.21
CA ALA C 285 -32.68 7.38 30.89
C ALA C 285 -32.06 6.44 31.93
N LYS C 286 -32.55 6.56 33.16
CA LYS C 286 -31.93 5.88 34.28
C LYS C 286 -32.06 4.37 34.22
N ASN C 287 -32.87 3.83 33.32
CA ASN C 287 -33.01 2.38 33.21
C ASN C 287 -31.80 1.71 32.59
N ILE C 288 -30.81 2.48 32.12
CA ILE C 288 -29.58 1.94 31.56
C ILE C 288 -28.40 2.74 32.11
N ILE C 289 -27.31 2.05 32.40
CA ILE C 289 -26.10 2.66 32.96
C ILE C 289 -24.97 2.51 31.97
N CYS C 290 -24.25 3.61 31.73
CA CYS C 290 -23.07 3.60 30.87
C CYS C 290 -21.98 4.42 31.53
N GLY C 291 -20.74 4.03 31.30
CA GLY C 291 -19.63 4.75 31.87
C GLY C 291 -18.32 4.04 31.61
N PHE C 292 -17.27 4.54 32.25
CA PHE C 292 -15.93 3.95 32.16
C PHE C 292 -15.53 3.35 33.50
N ALA C 293 -14.66 2.34 33.44
CA ALA C 293 -14.18 1.67 34.64
C ALA C 293 -12.89 0.94 34.28
N ARG C 294 -12.16 0.54 35.33
CA ARG C 294 -10.91 -0.19 35.17
C ARG C 294 -11.05 -1.61 35.68
N VAL C 295 -10.45 -2.55 34.96
CA VAL C 295 -10.42 -3.96 35.36
C VAL C 295 -8.96 -4.38 35.32
N GLU C 296 -8.36 -4.61 36.49
CA GLU C 296 -6.96 -5.00 36.61
C GLU C 296 -6.04 -3.94 35.99
N GLY C 297 -6.39 -2.68 36.17
CA GLY C 297 -5.54 -1.59 35.76
C GLY C 297 -5.68 -1.12 34.33
N ARG C 298 -6.66 -1.63 33.58
CA ARG C 298 -6.90 -1.20 32.21
C ARG C 298 -8.34 -0.73 32.06
N SER C 299 -8.51 0.36 31.32
CA SER C 299 -9.83 0.97 31.20
C SER C 299 -10.73 0.13 30.30
N VAL C 300 -11.99 -0.03 30.72
CA VAL C 300 -12.99 -0.76 29.96
C VAL C 300 -14.27 0.06 29.93
N CYS C 301 -15.23 -0.41 29.14
CA CYS C 301 -16.51 0.25 28.99
C CYS C 301 -17.61 -0.62 29.59
N ILE C 302 -18.52 0.02 30.34
CA ILE C 302 -19.55 -0.67 31.09
C ILE C 302 -20.93 -0.24 30.57
N ILE C 303 -21.77 -1.21 30.26
CA ILE C 303 -23.14 -0.96 29.81
C ILE C 303 -24.03 -2.04 30.41
N ALA C 304 -24.93 -1.63 31.31
CA ALA C 304 -25.77 -2.60 32.02
C ALA C 304 -27.17 -2.04 32.19
N ASN C 305 -28.14 -2.94 32.21
CA ASN C 305 -29.53 -2.57 32.49
C ASN C 305 -29.73 -2.40 33.99
N GLN C 306 -30.87 -1.81 34.35
CA GLN C 306 -31.18 -1.63 35.75
C GLN C 306 -32.65 -1.93 36.01
N PRO C 307 -32.96 -3.04 36.68
CA PRO C 307 -34.36 -3.34 36.99
C PRO C 307 -34.95 -2.43 38.05
N LYS C 308 -34.14 -1.57 38.66
CA LYS C 308 -34.68 -0.62 39.64
C LYS C 308 -35.66 0.34 38.98
N VAL C 309 -35.35 0.82 37.78
CA VAL C 309 -36.13 1.85 37.10
C VAL C 309 -36.86 1.20 35.93
N GLN C 310 -38.19 1.22 35.99
CA GLN C 310 -39.05 0.77 34.89
C GLN C 310 -38.77 -0.68 34.49
N ALA C 311 -38.38 -1.52 35.44
CA ALA C 311 -38.16 -2.94 35.20
C ALA C 311 -37.07 -3.20 34.16
N GLY C 312 -36.15 -2.26 34.00
CA GLY C 312 -35.03 -2.45 33.10
C GLY C 312 -35.43 -2.70 31.66
N VAL C 313 -36.34 -1.87 31.17
CA VAL C 313 -36.93 -2.06 29.84
C VAL C 313 -36.25 -1.12 28.86
N LEU C 314 -35.87 -1.65 27.70
CA LEU C 314 -35.26 -0.83 26.67
C LEU C 314 -36.27 0.18 26.12
N ASP C 315 -35.75 1.27 25.56
CA ASP C 315 -36.56 2.42 25.20
C ASP C 315 -35.85 3.19 24.09
N ILE C 316 -36.37 4.37 23.76
CA ILE C 316 -35.73 5.21 22.75
C ILE C 316 -34.47 5.84 23.32
N ASP C 317 -34.60 6.54 24.45
CA ASP C 317 -33.49 7.27 25.02
C ASP C 317 -32.36 6.33 25.44
N SER C 318 -32.71 5.22 26.05
CA SER C 318 -31.69 4.23 26.42
C SER C 318 -30.97 3.71 25.19
N SER C 319 -31.70 3.47 24.11
CA SER C 319 -31.08 2.99 22.88
C SER C 319 -30.08 4.01 22.34
N VAL C 320 -30.46 5.28 22.31
CA VAL C 320 -29.54 6.30 21.81
C VAL C 320 -28.30 6.39 22.69
N LYS C 321 -28.49 6.39 24.00
CA LYS C 321 -27.38 6.49 24.94
C LYS C 321 -26.40 5.34 24.75
N GLY C 322 -26.92 4.10 24.76
CA GLY C 322 -26.05 2.95 24.59
C GLY C 322 -25.37 2.92 23.24
N ALA C 323 -26.08 3.33 22.18
CA ALA C 323 -25.49 3.32 20.85
C ALA C 323 -24.31 4.28 20.77
N ARG C 324 -24.48 5.50 21.28
CA ARG C 324 -23.38 6.46 21.25
C ARG C 324 -22.19 5.95 22.06
N MET C 325 -22.45 5.39 23.23
CA MET C 325 -21.36 4.90 24.07
C MET C 325 -20.61 3.77 23.37
N VAL C 326 -21.32 2.80 22.78
CA VAL C 326 -20.67 1.68 22.11
C VAL C 326 -19.85 2.17 20.93
N ARG C 327 -20.41 3.09 20.13
CA ARG C 327 -19.68 3.57 18.97
C ARG C 327 -18.40 4.25 19.38
N PHE C 328 -18.45 5.12 20.40
CA PHE C 328 -17.22 5.77 20.85
C PHE C 328 -16.22 4.76 21.38
N ALA C 329 -16.68 3.80 22.18
CA ALA C 329 -15.77 2.83 22.77
C ALA C 329 -15.07 2.01 21.70
N ASP C 330 -15.82 1.58 20.68
CA ASP C 330 -15.20 0.79 19.61
C ASP C 330 -14.26 1.62 18.77
N ALA C 331 -14.59 2.90 18.54
CA ALA C 331 -13.76 3.72 17.68
C ALA C 331 -12.32 3.79 18.16
N PHE C 332 -12.09 3.63 19.47
CA PHE C 332 -10.77 3.82 20.06
C PHE C 332 -10.24 2.57 20.74
N ASN C 333 -10.77 1.39 20.39
CA ASN C 333 -10.23 0.11 20.85
C ASN C 333 -10.26 -0.01 22.37
N ILE C 334 -11.47 0.03 22.92
CA ILE C 334 -11.71 -0.09 24.35
C ILE C 334 -12.61 -1.29 24.58
N PRO C 335 -12.25 -2.23 25.45
CA PRO C 335 -13.09 -3.42 25.65
C PRO C 335 -14.44 -3.05 26.25
N ILE C 336 -15.44 -3.88 25.95
CA ILE C 336 -16.82 -3.65 26.36
C ILE C 336 -17.27 -4.81 27.24
N ILE C 337 -17.84 -4.49 28.40
CA ILE C 337 -18.41 -5.49 29.30
C ILE C 337 -19.87 -5.10 29.57
N THR C 338 -20.77 -6.06 29.39
CA THR C 338 -22.20 -5.80 29.50
C THR C 338 -22.85 -6.77 30.48
N PHE C 339 -23.85 -6.26 31.19
CA PHE C 339 -24.69 -7.06 32.08
C PHE C 339 -26.13 -6.96 31.60
N VAL C 340 -26.80 -8.09 31.46
CA VAL C 340 -28.07 -8.18 30.75
C VAL C 340 -29.19 -8.52 31.73
N ASP C 341 -30.23 -7.70 31.74
CA ASP C 341 -31.47 -8.03 32.46
C ASP C 341 -32.59 -7.20 31.82
N VAL C 342 -33.32 -7.82 30.89
CA VAL C 342 -34.33 -7.11 30.12
C VAL C 342 -35.57 -7.98 29.89
N PRO C 343 -36.77 -7.48 30.18
CA PRO C 343 -37.98 -8.21 29.82
C PRO C 343 -38.52 -7.89 28.44
N GLY C 344 -37.98 -6.88 27.76
CA GLY C 344 -38.45 -6.54 26.44
C GLY C 344 -38.39 -5.04 26.21
N PHE C 345 -39.24 -4.58 25.30
CA PHE C 345 -39.33 -3.17 24.93
C PHE C 345 -40.55 -2.52 25.57
N LEU C 346 -40.49 -1.21 25.71
CA LEU C 346 -41.55 -0.49 26.40
C LEU C 346 -42.76 -0.36 25.49
N PRO C 347 -43.92 -0.87 25.94
CA PRO C 347 -45.09 -0.84 25.06
C PRO C 347 -45.90 0.44 25.20
N GLY C 348 -46.29 1.06 24.09
CA GLY C 348 -47.09 2.26 24.12
C GLY C 348 -47.24 2.92 22.77
N VAL C 349 -48.35 3.62 22.56
CA VAL C 349 -48.58 4.28 21.29
C VAL C 349 -47.56 5.37 21.04
N GLN C 350 -47.26 6.15 22.07
CA GLN C 350 -46.29 7.23 21.94
C GLN C 350 -44.98 6.71 21.39
N GLN C 351 -44.64 5.46 21.73
CA GLN C 351 -43.38 4.90 21.26
C GLN C 351 -43.38 4.72 19.76
N GLU C 352 -44.44 4.13 19.20
CA GLU C 352 -44.53 3.98 17.75
C GLU C 352 -44.72 5.32 17.06
N TYR C 353 -45.44 6.24 17.70
CA TYR C 353 -45.59 7.56 17.11
C TYR C 353 -44.27 8.34 17.15
N GLY C 354 -43.33 7.90 17.96
CA GLY C 354 -42.01 8.51 18.05
C GLY C 354 -40.91 7.76 17.35
N GLY C 355 -41.20 6.63 16.72
CA GLY C 355 -40.20 5.88 15.98
C GLY C 355 -39.32 5.00 16.84
N ILE C 356 -39.91 4.00 17.49
CA ILE C 356 -39.12 3.02 18.22
C ILE C 356 -38.32 2.17 17.25
N ILE C 357 -38.85 1.94 16.06
CA ILE C 357 -38.20 1.04 15.10
C ILE C 357 -36.84 1.60 14.69
N ARG C 358 -36.77 2.90 14.42
CA ARG C 358 -35.50 3.51 14.06
C ARG C 358 -34.52 3.48 15.24
N HIS C 359 -34.97 3.94 16.40
CA HIS C 359 -34.05 4.15 17.52
C HIS C 359 -33.53 2.84 18.08
N GLY C 360 -34.40 1.83 18.20
CA GLY C 360 -33.97 0.56 18.75
C GLY C 360 -32.98 -0.16 17.86
N ALA C 361 -32.97 0.16 16.57
CA ALA C 361 -32.01 -0.46 15.66
C ALA C 361 -30.61 0.12 15.83
N LYS C 362 -30.48 1.31 16.39
CA LYS C 362 -29.16 1.92 16.54
C LYS C 362 -28.28 1.12 17.49
N LEU C 363 -28.83 0.67 18.62
CA LEU C 363 -28.05 -0.12 19.56
C LEU C 363 -27.61 -1.43 18.93
N LEU C 364 -28.52 -2.07 18.18
CA LEU C 364 -28.17 -3.33 17.52
C LEU C 364 -27.08 -3.12 16.49
N TYR C 365 -27.17 -2.03 15.71
CA TYR C 365 -26.14 -1.72 14.73
C TYR C 365 -24.80 -1.49 15.41
N ALA C 366 -24.80 -0.75 16.52
CA ALA C 366 -23.56 -0.46 17.22
C ALA C 366 -22.94 -1.74 17.78
N TYR C 367 -23.77 -2.64 18.31
CA TYR C 367 -23.23 -3.88 18.87
C TYR C 367 -22.73 -4.82 17.78
N ALA C 368 -23.40 -4.86 16.63
CA ALA C 368 -22.99 -5.78 15.58
C ALA C 368 -21.76 -5.28 14.84
N GLU C 369 -21.64 -3.96 14.66
CA GLU C 369 -20.53 -3.41 13.91
C GLU C 369 -19.23 -3.48 14.69
N ALA C 370 -19.30 -3.59 16.01
CA ALA C 370 -18.12 -3.46 16.86
C ALA C 370 -17.18 -4.65 16.68
N THR C 371 -15.87 -4.38 16.78
CA THR C 371 -14.85 -5.41 16.64
C THR C 371 -13.93 -5.53 17.85
N VAL C 372 -14.18 -4.79 18.92
CA VAL C 372 -13.37 -4.88 20.13
C VAL C 372 -13.81 -6.13 20.91
N PRO C 373 -12.98 -6.65 21.82
CA PRO C 373 -13.42 -7.80 22.61
C PRO C 373 -14.64 -7.47 23.45
N LYS C 374 -15.58 -8.40 23.51
CA LYS C 374 -16.81 -8.24 24.25
C LYS C 374 -16.98 -9.36 25.25
N VAL C 375 -17.49 -9.01 26.43
CA VAL C 375 -17.84 -9.99 27.46
C VAL C 375 -19.27 -9.71 27.89
N THR C 376 -20.09 -10.75 27.96
CA THR C 376 -21.50 -10.61 28.29
C THR C 376 -21.86 -11.54 29.43
N ILE C 377 -22.63 -11.03 30.39
CA ILE C 377 -23.09 -11.80 31.54
C ILE C 377 -24.60 -11.63 31.66
N ILE C 378 -25.33 -12.74 31.61
CA ILE C 378 -26.78 -12.74 31.75
C ILE C 378 -27.09 -13.12 33.19
N THR C 379 -27.61 -12.17 33.96
CA THR C 379 -27.86 -12.43 35.38
C THR C 379 -29.20 -13.14 35.59
N ARG C 380 -30.30 -12.53 35.16
CA ARG C 380 -31.61 -13.11 35.42
C ARG C 380 -32.39 -13.48 34.17
N LYS C 381 -32.62 -12.54 33.25
CA LYS C 381 -33.55 -12.84 32.18
C LYS C 381 -33.16 -12.10 30.90
N ALA C 382 -33.66 -12.63 29.78
CA ALA C 382 -33.46 -12.03 28.47
C ALA C 382 -34.52 -12.59 27.54
N TYR C 383 -35.41 -11.73 27.06
CA TYR C 383 -36.57 -12.17 26.29
C TYR C 383 -36.63 -11.43 24.96
N GLY C 384 -37.08 -12.15 23.93
CA GLY C 384 -37.40 -11.57 22.65
C GLY C 384 -36.21 -10.92 21.97
N GLY C 385 -36.49 -9.86 21.22
CA GLY C 385 -35.44 -9.19 20.49
C GLY C 385 -34.46 -8.47 21.38
N ALA C 386 -34.85 -8.20 22.63
CA ALA C 386 -33.94 -7.57 23.57
C ALA C 386 -32.73 -8.46 23.83
N TYR C 387 -32.94 -9.77 23.89
CA TYR C 387 -31.81 -10.68 24.05
C TYR C 387 -30.88 -10.59 22.86
N ASP C 388 -31.43 -10.49 21.65
CA ASP C 388 -30.60 -10.35 20.45
C ASP C 388 -29.80 -9.06 20.49
N VAL C 389 -30.44 -7.96 20.88
CA VAL C 389 -29.80 -6.64 20.78
C VAL C 389 -28.63 -6.55 21.75
N MET C 390 -28.81 -6.98 22.99
CA MET C 390 -27.81 -6.76 24.03
C MET C 390 -26.66 -7.77 23.90
N SER C 391 -25.91 -7.62 22.82
CA SER C 391 -24.65 -8.33 22.59
C SER C 391 -24.81 -9.84 22.79
N SER C 392 -25.64 -10.43 21.95
CA SER C 392 -25.80 -11.87 21.98
C SER C 392 -24.59 -12.55 21.35
N LYS C 393 -24.45 -13.85 21.64
CA LYS C 393 -23.30 -14.61 21.15
C LYS C 393 -23.23 -14.66 19.62
N HIS C 394 -24.38 -14.56 18.95
CA HIS C 394 -24.39 -14.68 17.50
C HIS C 394 -23.83 -13.43 16.82
N LEU C 395 -23.78 -12.30 17.52
CA LEU C 395 -23.19 -11.09 16.96
C LEU C 395 -21.69 -11.04 17.21
N ARG C 396 -21.00 -12.11 16.85
CA ARG C 396 -19.54 -12.21 16.93
C ARG C 396 -19.04 -11.88 18.34
N GLY C 397 -19.81 -12.29 19.35
CA GLY C 397 -19.39 -12.10 20.72
C GLY C 397 -18.27 -13.07 21.08
N ASP C 398 -17.36 -12.61 21.93
CA ASP C 398 -16.21 -13.43 22.28
C ASP C 398 -16.58 -14.51 23.29
N SER C 399 -17.03 -14.09 24.48
CA SER C 399 -17.38 -15.04 25.52
C SER C 399 -18.67 -14.57 26.19
N ASN C 400 -19.59 -15.51 26.40
CA ASN C 400 -20.86 -15.23 27.04
C ASN C 400 -21.05 -16.15 28.23
N TYR C 401 -21.57 -15.59 29.33
CA TYR C 401 -21.75 -16.33 30.57
C TYR C 401 -23.15 -16.08 31.11
N ALA C 402 -23.63 -17.01 31.92
CA ALA C 402 -24.94 -16.91 32.54
C ALA C 402 -24.84 -17.33 34.01
N TRP C 403 -25.79 -16.86 34.80
CA TRP C 403 -25.86 -17.23 36.20
C TRP C 403 -26.89 -18.33 36.40
N PRO C 404 -26.76 -19.13 37.46
CA PRO C 404 -27.52 -20.39 37.52
C PRO C 404 -29.03 -20.22 37.55
N HIS C 405 -29.54 -19.04 37.88
CA HIS C 405 -30.98 -18.81 37.91
C HIS C 405 -31.47 -17.96 36.74
N ALA C 406 -30.74 -17.96 35.63
CA ALA C 406 -31.11 -17.13 34.50
C ALA C 406 -32.31 -17.72 33.77
N GLU C 407 -32.84 -16.95 32.82
CA GLU C 407 -33.94 -17.40 31.97
C GLU C 407 -33.75 -16.79 30.58
N ILE C 408 -33.77 -17.64 29.55
CA ILE C 408 -33.68 -17.17 28.18
C ILE C 408 -34.78 -17.83 27.36
N ALA C 409 -35.83 -17.08 27.03
CA ALA C 409 -36.98 -17.62 26.34
C ALA C 409 -37.45 -16.63 25.27
N VAL C 410 -38.30 -17.12 24.38
CA VAL C 410 -38.83 -16.29 23.31
C VAL C 410 -39.69 -15.16 23.87
N MET C 411 -40.56 -15.49 24.82
CA MET C 411 -41.38 -14.49 25.49
C MET C 411 -41.82 -15.05 26.83
N GLY C 412 -42.64 -14.26 27.53
CA GLY C 412 -43.16 -14.70 28.82
C GLY C 412 -43.99 -15.96 28.69
N ALA C 413 -44.17 -16.63 29.83
CA ALA C 413 -44.85 -17.91 29.83
C ALA C 413 -46.31 -17.78 29.41
N ALA C 414 -46.96 -16.67 29.79
CA ALA C 414 -48.38 -16.50 29.49
C ALA C 414 -48.64 -16.46 28.00
N GLY C 415 -47.87 -15.63 27.28
CA GLY C 415 -48.07 -15.52 25.84
C GLY C 415 -47.79 -16.80 25.10
N ALA C 416 -46.72 -17.50 25.50
CA ALA C 416 -46.41 -18.78 24.88
C ALA C 416 -47.51 -19.80 25.11
N CYS C 417 -48.02 -19.87 26.34
CA CYS C 417 -49.12 -20.79 26.62
C CYS C 417 -50.36 -20.44 25.84
N LYS C 418 -50.64 -19.14 25.67
CA LYS C 418 -51.79 -18.73 24.88
C LYS C 418 -51.64 -19.13 23.42
N LEU C 419 -50.48 -18.86 22.83
CA LEU C 419 -50.29 -19.15 21.41
C LEU C 419 -50.18 -20.64 21.13
N LEU C 420 -49.72 -21.44 22.09
CA LEU C 420 -49.54 -22.87 21.87
C LEU C 420 -50.81 -23.67 22.08
N TYR C 421 -51.87 -23.07 22.62
CA TYR C 421 -53.13 -23.77 22.84
C TYR C 421 -54.26 -22.76 22.64
N SER C 422 -54.84 -22.78 21.43
CA SER C 422 -55.83 -21.78 21.03
C SER C 422 -57.08 -21.82 21.89
N LYS C 423 -57.84 -22.91 21.81
CA LYS C 423 -59.09 -23.06 22.55
C LYS C 423 -59.04 -24.27 23.47
N GLU C 424 -57.88 -24.52 24.07
CA GLU C 424 -57.72 -25.64 24.99
C GLU C 424 -58.59 -25.42 26.22
N THR C 425 -58.97 -26.51 26.89
CA THR C 425 -59.92 -26.47 27.99
C THR C 425 -59.55 -25.42 29.03
N ALA C 426 -60.57 -24.77 29.58
CA ALA C 426 -60.35 -23.72 30.56
C ALA C 426 -59.61 -24.27 31.78
N GLU C 427 -59.09 -23.34 32.60
CA GLU C 427 -58.19 -23.57 33.72
C GLU C 427 -56.83 -24.03 33.23
N GLN C 428 -56.52 -23.92 31.94
CA GLN C 428 -55.25 -24.40 31.39
C GLN C 428 -54.08 -23.61 31.98
N GLN C 429 -54.36 -22.45 32.55
CA GLN C 429 -53.33 -21.61 33.12
C GLN C 429 -52.47 -22.37 34.13
N ALA C 430 -53.11 -23.01 35.11
CA ALA C 430 -52.39 -23.52 36.26
C ALA C 430 -51.45 -24.66 35.90
N GLN C 431 -51.90 -25.59 35.07
CA GLN C 431 -51.11 -26.78 34.76
C GLN C 431 -50.30 -26.66 33.49
N ARG C 432 -50.32 -25.49 32.84
CA ARG C 432 -49.52 -25.28 31.63
C ARG C 432 -48.47 -24.20 31.80
N ILE C 433 -48.82 -23.06 32.41
CA ILE C 433 -47.82 -21.99 32.56
C ILE C 433 -46.68 -22.43 33.46
N ALA C 434 -47.01 -23.09 34.58
CA ALA C 434 -45.97 -23.57 35.47
C ALA C 434 -45.06 -24.57 34.76
N ASP C 435 -45.64 -25.50 34.02
CA ASP C 435 -44.84 -26.51 33.33
C ASP C 435 -43.95 -25.89 32.27
N TYR C 436 -44.48 -24.94 31.50
CA TYR C 436 -43.68 -24.33 30.45
C TYR C 436 -42.54 -23.51 31.05
N GLU C 437 -42.82 -22.75 32.11
CA GLU C 437 -41.75 -21.99 32.75
C GLU C 437 -40.69 -22.92 33.34
N LYS C 438 -41.11 -24.03 33.92
CA LYS C 438 -40.16 -24.99 34.46
C LYS C 438 -39.29 -25.59 33.38
N THR C 439 -39.88 -25.92 32.22
CA THR C 439 -39.16 -26.69 31.23
C THR C 439 -38.30 -25.83 30.31
N PHE C 440 -38.74 -24.62 30.00
CA PHE C 440 -38.04 -23.81 28.99
C PHE C 440 -37.63 -22.43 29.44
N CYS C 441 -38.04 -21.98 30.62
CA CYS C 441 -37.56 -20.70 31.17
C CYS C 441 -36.41 -20.96 32.14
N THR C 442 -35.31 -21.45 31.58
CA THR C 442 -34.13 -21.85 32.33
C THR C 442 -32.96 -21.85 31.36
N PRO C 443 -31.72 -21.64 31.85
CA PRO C 443 -30.58 -21.59 30.91
C PRO C 443 -30.16 -22.95 30.38
N LEU C 444 -30.81 -24.04 30.79
CA LEU C 444 -30.41 -25.36 30.30
C LEU C 444 -30.62 -25.49 28.80
N SER C 445 -31.75 -25.02 28.28
CA SER C 445 -32.00 -25.14 26.85
C SER C 445 -31.04 -24.29 26.04
N ALA C 446 -30.82 -23.04 26.47
CA ALA C 446 -29.89 -22.17 25.76
C ALA C 446 -28.46 -22.71 25.83
N ALA C 447 -28.12 -23.38 26.92
CA ALA C 447 -26.80 -24.01 27.02
C ALA C 447 -26.71 -25.23 26.12
N ARG C 448 -27.81 -25.98 26.00
CA ARG C 448 -27.83 -27.12 25.08
C ARG C 448 -27.63 -26.68 23.65
N LYS C 449 -28.27 -25.58 23.25
CA LYS C 449 -28.10 -25.08 21.90
C LYS C 449 -26.70 -24.54 21.65
N GLY C 450 -26.00 -24.12 22.69
CA GLY C 450 -24.67 -23.54 22.55
C GLY C 450 -24.64 -22.04 22.50
N PHE C 451 -25.55 -21.34 23.20
CA PHE C 451 -25.59 -19.89 23.11
C PHE C 451 -24.86 -19.24 24.27
N VAL C 452 -24.59 -19.98 25.34
CA VAL C 452 -23.78 -19.51 26.46
C VAL C 452 -22.62 -20.47 26.62
N ASP C 453 -21.43 -19.93 26.84
CA ASP C 453 -20.25 -20.79 26.98
C ASP C 453 -20.39 -21.71 28.18
N ALA C 454 -20.67 -21.16 29.36
CA ALA C 454 -20.77 -21.99 30.55
C ALA C 454 -21.68 -21.29 31.55
N VAL C 455 -22.23 -22.10 32.46
CA VAL C 455 -23.02 -21.61 33.59
C VAL C 455 -22.10 -21.57 34.80
N ILE C 456 -21.94 -20.38 35.38
CA ILE C 456 -20.91 -20.15 36.39
C ILE C 456 -21.56 -19.72 37.70
N ASP C 457 -20.86 -20.01 38.80
CA ASP C 457 -21.21 -19.44 40.07
C ASP C 457 -21.00 -17.93 40.03
N PRO C 458 -21.89 -17.16 40.67
CA PRO C 458 -21.72 -15.70 40.66
C PRO C 458 -20.47 -15.22 41.37
N SER C 459 -19.77 -16.09 42.10
CA SER C 459 -18.57 -15.68 42.82
C SER C 459 -17.33 -15.69 41.93
N GLU C 460 -17.42 -16.25 40.73
CA GLU C 460 -16.26 -16.38 39.85
C GLU C 460 -16.24 -15.34 38.74
N THR C 461 -17.11 -14.33 38.81
CA THR C 461 -17.24 -13.39 37.70
C THR C 461 -15.96 -12.59 37.52
N ARG C 462 -15.36 -12.12 38.61
CA ARG C 462 -14.13 -11.34 38.49
C ARG C 462 -13.01 -12.16 37.90
N MET C 463 -12.87 -13.40 38.36
CA MET C 463 -11.83 -14.29 37.82
C MET C 463 -12.02 -14.50 36.33
N ARG C 464 -13.25 -14.83 35.92
CA ARG C 464 -13.50 -15.12 34.51
C ARG C 464 -13.27 -13.88 33.65
N VAL C 465 -13.74 -12.71 34.12
CA VAL C 465 -13.60 -11.49 33.34
C VAL C 465 -12.13 -11.12 33.18
N CYS C 466 -11.36 -11.21 34.27
CA CYS C 466 -9.94 -10.88 34.17
C CYS C 466 -9.22 -11.85 33.23
N GLU C 467 -9.51 -13.15 33.34
CA GLU C 467 -8.88 -14.12 32.46
C GLU C 467 -9.19 -13.84 31.00
N ASP C 468 -10.47 -13.65 30.68
CA ASP C 468 -10.87 -13.45 29.29
C ASP C 468 -10.31 -12.14 28.75
N LEU C 469 -10.35 -11.08 29.55
CA LEU C 469 -9.86 -9.79 29.08
C LEU C 469 -8.35 -9.79 28.92
N GLU C 470 -7.64 -10.60 29.70
CA GLU C 470 -6.20 -10.73 29.50
C GLU C 470 -5.90 -11.53 28.24
N ARG C 471 -6.64 -12.62 28.01
CA ARG C 471 -6.38 -13.44 26.82
C ARG C 471 -6.72 -12.71 25.53
N LEU C 472 -7.81 -11.94 25.53
CA LEU C 472 -8.30 -11.29 24.32
C LEU C 472 -7.57 -10.01 23.97
N ALA C 473 -6.36 -9.81 24.51
CA ALA C 473 -5.71 -8.51 24.39
C ALA C 473 -5.29 -8.22 22.95
N ARG C 474 -5.13 -9.25 22.13
CA ARG C 474 -4.56 -9.09 20.79
C ARG C 474 -5.45 -9.66 19.69
N LYS C 475 -6.75 -9.40 19.75
CA LYS C 475 -7.66 -9.83 18.70
C LYS C 475 -7.61 -8.86 17.53
N GLN C 476 -7.62 -9.41 16.32
CA GLN C 476 -7.57 -8.60 15.09
C GLN C 476 -8.70 -9.03 14.17
N LEU C 477 -9.77 -8.23 14.11
CA LEU C 477 -10.92 -8.51 13.27
C LEU C 477 -11.18 -7.31 12.37
N GLN C 478 -11.62 -7.59 11.14
CA GLN C 478 -11.84 -6.53 10.16
C GLN C 478 -13.14 -6.78 9.41
N ASN C 479 -13.86 -5.70 9.15
CA ASN C 479 -15.11 -5.69 8.40
C ASN C 479 -14.82 -5.59 6.91
N PRO C 480 -15.81 -5.92 6.06
CA PRO C 480 -15.60 -5.78 4.62
C PRO C 480 -15.37 -4.33 4.22
N TRP C 481 -14.75 -4.14 3.06
CA TRP C 481 -14.37 -2.80 2.64
C TRP C 481 -15.60 -1.94 2.36
N LYS C 482 -15.61 -0.75 2.96
CA LYS C 482 -16.69 0.21 2.78
C LYS C 482 -16.11 1.61 2.83
N LYS C 483 -16.73 2.53 2.10
CA LYS C 483 -16.42 3.95 2.32
C LYS C 483 -16.86 4.38 3.70
N HIS C 484 -18.05 3.95 4.11
CA HIS C 484 -18.58 4.07 5.46
C HIS C 484 -19.89 3.33 5.51
N GLY C 485 -20.42 3.14 6.71
CA GLY C 485 -21.68 2.46 6.88
C GLY C 485 -22.86 3.37 6.54
N ASN C 486 -24.05 2.84 6.77
CA ASN C 486 -25.30 3.60 6.64
C ASN C 486 -26.15 3.23 7.85
N ILE C 487 -25.89 3.91 8.97
CA ILE C 487 -26.57 3.62 10.23
C ILE C 487 -27.97 4.19 10.15
N PRO C 488 -28.99 3.56 10.76
CA PRO C 488 -30.32 4.18 10.77
C PRO C 488 -30.35 5.41 11.65
N LEU C 489 -30.37 6.59 11.03
CA LEU C 489 -30.37 7.83 11.79
C LEU C 489 -31.73 8.05 12.44
N PRO D 1 19.86 -22.93 -51.06
CA PRO D 1 20.83 -23.05 -49.98
C PRO D 1 20.30 -23.85 -48.81
N THR D 2 20.78 -25.08 -48.66
CA THR D 2 20.38 -25.97 -47.57
C THR D 2 21.61 -26.56 -46.89
N ALA D 3 22.56 -25.69 -46.56
CA ALA D 3 23.86 -26.11 -46.08
C ALA D 3 23.82 -26.53 -44.62
N ALA D 4 24.67 -27.51 -44.28
CA ALA D 4 25.00 -27.90 -42.91
C ALA D 4 23.84 -28.53 -42.16
N GLU D 5 22.66 -28.59 -42.77
CA GLU D 5 21.53 -29.29 -42.20
C GLU D 5 21.25 -30.61 -42.88
N ASP D 6 22.03 -30.97 -43.90
CA ASP D 6 21.88 -32.28 -44.53
C ASP D 6 22.30 -33.39 -43.58
N LEU D 7 23.36 -33.14 -42.79
CA LEU D 7 23.80 -34.13 -41.82
C LEU D 7 22.73 -34.40 -40.78
N ARG D 8 22.01 -33.38 -40.35
CA ARG D 8 20.94 -33.56 -39.37
C ARG D 8 19.76 -34.36 -39.95
N HIS D 9 19.20 -33.89 -41.06
CA HIS D 9 18.02 -34.56 -41.64
C HIS D 9 18.27 -36.00 -42.06
N LYS D 10 19.52 -36.33 -42.37
CA LYS D 10 19.85 -37.70 -42.77
C LYS D 10 19.54 -38.69 -41.66
N LYS D 11 19.51 -38.22 -40.42
CA LYS D 11 19.20 -39.09 -39.29
C LYS D 11 17.72 -39.00 -38.96
N LYS D 12 16.91 -38.59 -39.93
CA LYS D 12 15.47 -38.47 -39.70
C LYS D 12 15.15 -37.60 -38.49
N ARG D 13 15.81 -36.46 -38.39
CA ARG D 13 15.56 -35.55 -37.27
C ARG D 13 15.57 -34.10 -37.72
N LEU D 14 14.83 -33.25 -37.01
CA LEU D 14 14.75 -31.83 -37.38
C LEU D 14 15.74 -30.97 -36.61
N THR D 15 15.84 -29.70 -36.99
CA THR D 15 16.79 -28.80 -36.34
C THR D 15 16.06 -27.83 -35.42
N ALA D 16 16.79 -27.21 -34.50
CA ALA D 16 16.17 -26.28 -33.56
C ALA D 16 15.50 -25.13 -34.29
N MET D 17 16.19 -24.54 -35.27
CA MET D 17 15.62 -23.42 -35.98
C MET D 17 14.36 -23.82 -36.74
N GLU D 18 14.35 -25.02 -37.32
CA GLU D 18 13.16 -25.48 -38.01
C GLU D 18 11.98 -25.64 -37.05
N ARG D 19 12.25 -26.14 -35.85
CA ARG D 19 11.19 -26.26 -34.84
C ARG D 19 10.65 -24.90 -34.46
N VAL D 20 11.54 -23.92 -34.27
CA VAL D 20 11.10 -22.57 -33.93
C VAL D 20 10.26 -21.99 -35.07
N GLN D 21 10.70 -22.19 -36.31
CA GLN D 21 9.94 -21.70 -37.46
C GLN D 21 8.56 -22.33 -37.52
N LEU D 22 8.46 -23.63 -37.24
CA LEU D 22 7.17 -24.30 -37.25
C LEU D 22 6.25 -23.82 -36.14
N PHE D 23 6.80 -23.48 -34.97
CA PHE D 23 5.93 -23.10 -33.85
C PHE D 23 5.25 -21.75 -34.08
N CYS D 24 6.04 -20.71 -34.32
CA CYS D 24 5.50 -19.35 -34.34
C CYS D 24 4.78 -19.06 -35.65
N ASP D 25 4.41 -17.80 -35.82
CA ASP D 25 3.74 -17.32 -37.01
C ASP D 25 4.74 -17.31 -38.17
N PRO D 26 4.25 -17.19 -39.41
CA PRO D 26 5.17 -17.35 -40.56
C PRO D 26 6.38 -16.43 -40.55
N GLY D 27 6.22 -15.17 -40.15
CA GLY D 27 7.34 -14.26 -40.23
C GLY D 27 7.51 -13.36 -39.03
N THR D 28 7.17 -13.85 -37.84
CA THR D 28 7.17 -13.01 -36.64
C THR D 28 8.17 -13.48 -35.60
N PHE D 29 9.27 -14.11 -35.99
CA PHE D 29 10.31 -14.49 -35.05
C PHE D 29 11.49 -13.54 -35.18
N ARG D 30 11.93 -12.99 -34.05
CA ARG D 30 13.06 -12.06 -34.00
C ARG D 30 14.08 -12.62 -33.03
N GLU D 31 15.10 -13.30 -33.56
CA GLU D 31 16.12 -13.90 -32.73
C GLU D 31 16.82 -12.84 -31.91
N ARG D 32 16.99 -13.10 -30.61
CA ARG D 32 17.50 -12.06 -29.72
C ARG D 32 19.01 -11.98 -29.78
N ASP D 33 19.69 -13.07 -29.43
CA ASP D 33 21.14 -13.05 -29.34
C ASP D 33 21.70 -14.14 -30.23
N ALA D 34 22.70 -13.79 -31.05
CA ALA D 34 23.20 -14.74 -32.04
C ALA D 34 24.71 -14.83 -32.14
N LEU D 35 25.48 -13.90 -31.58
CA LEU D 35 26.94 -13.91 -31.69
C LEU D 35 27.51 -13.93 -30.28
N VAL D 36 27.62 -15.12 -29.69
CA VAL D 36 28.11 -15.27 -28.33
C VAL D 36 29.01 -16.50 -28.27
N GLU D 37 30.13 -16.37 -27.55
CA GLU D 37 31.12 -17.45 -27.45
C GLU D 37 31.31 -17.86 -26.01
N HIS D 38 31.94 -19.02 -25.81
CA HIS D 38 31.95 -19.67 -24.51
C HIS D 38 33.04 -19.14 -23.59
N GLU D 39 34.12 -18.59 -24.15
CA GLU D 39 35.27 -18.06 -23.40
C GLU D 39 35.66 -18.97 -22.24
N CYS D 40 36.05 -20.19 -22.58
CA CYS D 40 36.34 -21.23 -21.59
C CYS D 40 37.83 -21.27 -21.23
N HIS D 41 38.68 -21.48 -22.23
CA HIS D 41 40.14 -21.51 -22.05
C HIS D 41 40.57 -22.61 -21.07
N ASN D 42 40.20 -23.84 -21.40
CA ASN D 42 40.59 -25.02 -20.63
C ASN D 42 40.53 -26.24 -21.53
N PHE D 43 41.25 -27.29 -21.13
CA PHE D 43 41.21 -28.60 -21.76
C PHE D 43 41.13 -28.55 -23.29
N GLY D 44 41.96 -27.72 -23.92
CA GLY D 44 41.95 -27.62 -25.37
C GLY D 44 40.63 -27.16 -25.95
N MET D 45 39.94 -26.26 -25.25
CA MET D 45 38.69 -25.68 -25.74
C MET D 45 38.88 -24.24 -26.22
N GLU D 46 40.09 -23.71 -26.12
CA GLU D 46 40.37 -22.36 -26.59
C GLU D 46 40.05 -22.19 -28.07
N LYS D 47 40.02 -23.29 -28.82
CA LYS D 47 39.64 -23.29 -30.22
C LYS D 47 38.17 -23.66 -30.35
N ARG D 48 37.75 -23.92 -31.59
CA ARG D 48 36.39 -24.32 -31.94
C ARG D 48 35.33 -23.51 -31.19
N LYS D 49 35.42 -22.20 -31.32
CA LYS D 49 34.35 -21.34 -30.84
C LYS D 49 33.17 -21.38 -31.81
N VAL D 50 31.98 -21.12 -31.28
CA VAL D 50 30.76 -21.22 -32.07
C VAL D 50 29.99 -19.90 -31.93
N PRO D 51 29.44 -19.37 -33.03
CA PRO D 51 28.73 -18.08 -32.94
C PRO D 51 27.48 -18.11 -32.08
N GLY D 52 26.59 -19.07 -32.32
CA GLY D 52 25.36 -19.13 -31.56
C GLY D 52 25.51 -19.66 -30.14
N ASP D 53 26.56 -20.43 -29.88
CA ASP D 53 26.80 -21.05 -28.57
C ASP D 53 25.66 -22.00 -28.19
N GLY D 54 25.10 -22.69 -29.18
CA GLY D 54 24.23 -23.82 -28.93
C GLY D 54 22.82 -23.50 -28.49
N PHE D 55 22.43 -22.23 -28.45
CA PHE D 55 21.09 -21.85 -28.03
C PHE D 55 20.47 -20.89 -29.02
N ILE D 56 19.16 -20.99 -29.20
CA ILE D 56 18.39 -20.06 -30.02
C ILE D 56 17.28 -19.50 -29.15
N THR D 57 17.35 -18.21 -28.84
CA THR D 57 16.35 -17.54 -28.02
C THR D 57 15.81 -16.36 -28.80
N GLY D 58 14.50 -16.15 -28.72
CA GLY D 58 13.87 -15.08 -29.46
C GLY D 58 12.60 -14.66 -28.75
N THR D 59 11.71 -14.00 -29.51
CA THR D 59 10.42 -13.61 -28.99
C THR D 59 9.26 -14.29 -29.70
N GLY D 60 9.12 -14.13 -31.01
CA GLY D 60 8.05 -14.78 -31.73
C GLY D 60 6.67 -14.21 -31.42
N LYS D 61 5.66 -14.84 -32.01
CA LYS D 61 4.28 -14.43 -31.86
C LYS D 61 3.34 -15.54 -32.33
N VAL D 62 2.38 -15.93 -31.49
CA VAL D 62 1.48 -17.03 -31.79
C VAL D 62 0.04 -16.53 -31.74
N PHE D 63 -0.69 -16.73 -32.84
CA PHE D 63 -2.10 -16.34 -32.95
C PHE D 63 -2.29 -14.86 -32.62
N GLY D 64 -1.32 -14.05 -33.00
CA GLY D 64 -1.38 -12.63 -32.72
C GLY D 64 -1.03 -12.23 -31.31
N ARG D 65 -0.69 -13.19 -30.45
CA ARG D 65 -0.34 -12.92 -29.07
C ARG D 65 1.14 -13.20 -28.85
N PRO D 66 1.81 -12.41 -28.02
CA PRO D 66 3.26 -12.58 -27.86
C PRO D 66 3.61 -13.83 -27.07
N VAL D 67 4.86 -14.26 -27.22
CA VAL D 67 5.39 -15.43 -26.54
C VAL D 67 6.89 -15.19 -26.37
N PHE D 68 7.55 -16.08 -25.61
CA PHE D 68 9.00 -16.14 -25.53
C PHE D 68 9.40 -17.60 -25.59
N LEU D 69 10.55 -17.89 -26.20
CA LEU D 69 10.95 -19.28 -26.31
C LEU D 69 12.47 -19.39 -26.43
N PHE D 70 12.96 -20.62 -26.22
CA PHE D 70 14.35 -20.96 -26.44
C PHE D 70 14.43 -22.42 -26.85
N SER D 71 15.47 -22.76 -27.60
CA SER D 71 15.62 -24.12 -28.11
C SER D 71 17.07 -24.54 -28.03
N HIS D 72 17.31 -25.74 -27.52
CA HIS D 72 18.65 -26.31 -27.49
C HIS D 72 19.05 -26.76 -28.89
N ASP D 73 20.37 -26.88 -29.08
CA ASP D 73 20.94 -27.30 -30.35
C ASP D 73 21.81 -28.52 -30.10
N PHE D 74 21.51 -29.63 -30.79
CA PHE D 74 22.22 -30.86 -30.53
C PHE D 74 23.54 -30.96 -31.29
N THR D 75 23.64 -30.28 -32.43
CA THR D 75 24.87 -30.37 -33.22
C THR D 75 26.05 -29.74 -32.51
N VAL D 76 25.82 -28.62 -31.83
CA VAL D 76 26.89 -27.83 -31.23
C VAL D 76 27.11 -28.33 -29.81
N PHE D 77 28.22 -29.04 -29.59
CA PHE D 77 28.67 -29.49 -28.28
C PHE D 77 27.66 -30.40 -27.58
N GLY D 78 26.73 -30.98 -28.33
CA GLY D 78 25.74 -31.84 -27.71
C GLY D 78 24.67 -31.12 -26.93
N GLY D 79 24.61 -29.80 -27.02
CA GLY D 79 23.61 -29.04 -26.30
C GLY D 79 23.92 -28.77 -24.85
N SER D 80 25.18 -28.96 -24.44
CA SER D 80 25.53 -28.79 -23.04
C SER D 80 25.39 -27.35 -22.61
N LEU D 81 24.98 -27.16 -21.35
CA LEU D 81 24.86 -25.83 -20.79
C LEU D 81 26.19 -25.36 -20.24
N SER D 82 26.30 -24.05 -20.02
CA SER D 82 27.54 -23.44 -19.59
C SER D 82 27.22 -22.19 -18.79
N ARG D 83 28.28 -21.52 -18.33
CA ARG D 83 28.10 -20.21 -17.70
C ARG D 83 27.48 -19.21 -18.66
N THR D 84 27.65 -19.43 -19.95
CA THR D 84 27.24 -18.47 -20.97
C THR D 84 25.89 -18.81 -21.59
N ASN D 85 25.61 -20.10 -21.79
CA ASN D 85 24.31 -20.49 -22.30
C ASN D 85 23.18 -20.06 -21.37
N ALA D 86 23.36 -20.29 -20.06
CA ALA D 86 22.31 -20.01 -19.10
C ALA D 86 22.01 -18.52 -18.98
N ALA D 87 22.97 -17.66 -19.33
CA ALA D 87 22.72 -16.22 -19.22
C ALA D 87 21.60 -15.78 -20.14
N LYS D 88 21.57 -16.29 -21.37
CA LYS D 88 20.51 -15.94 -22.30
C LYS D 88 19.15 -16.37 -21.78
N VAL D 89 19.07 -17.59 -21.25
CA VAL D 89 17.81 -18.09 -20.73
C VAL D 89 17.35 -17.26 -19.54
N VAL D 90 18.29 -16.89 -18.67
CA VAL D 90 17.94 -16.07 -17.52
C VAL D 90 17.41 -14.72 -17.98
N ARG D 91 18.05 -14.12 -18.98
CA ARG D 91 17.58 -12.82 -19.48
C ARG D 91 16.18 -12.94 -20.06
N ILE D 92 15.92 -14.00 -20.82
CA ILE D 92 14.59 -14.20 -21.40
C ILE D 92 13.54 -14.35 -20.31
N MET D 93 13.82 -15.18 -19.30
CA MET D 93 12.83 -15.39 -18.24
C MET D 93 12.60 -14.11 -17.45
N GLU D 94 13.66 -13.34 -17.19
CA GLU D 94 13.48 -12.08 -16.46
C GLU D 94 12.62 -11.11 -17.25
N GLU D 95 12.88 -11.00 -18.56
CA GLU D 95 12.06 -10.11 -19.39
C GLU D 95 10.61 -10.59 -19.44
N ALA D 96 10.39 -11.90 -19.53
CA ALA D 96 9.04 -12.43 -19.52
C ALA D 96 8.41 -12.37 -18.15
N ALA D 97 9.18 -12.05 -17.12
CA ALA D 97 8.60 -11.80 -15.81
C ALA D 97 8.15 -10.35 -15.68
N LYS D 98 8.94 -9.42 -16.22
CA LYS D 98 8.54 -8.02 -16.20
C LYS D 98 7.25 -7.82 -17.01
N ILE D 99 7.19 -8.37 -18.20
CA ILE D 99 6.01 -8.29 -19.05
C ILE D 99 5.21 -9.57 -18.84
N GLY D 100 3.88 -9.47 -18.88
CA GLY D 100 3.06 -10.63 -18.63
C GLY D 100 2.99 -11.60 -19.79
N VAL D 101 4.09 -12.31 -20.06
CA VAL D 101 4.17 -13.21 -21.22
C VAL D 101 4.66 -14.57 -20.75
N PRO D 102 4.19 -15.68 -21.32
CA PRO D 102 4.67 -17.00 -20.92
C PRO D 102 5.99 -17.36 -21.61
N VAL D 103 6.51 -18.54 -21.26
CA VAL D 103 7.78 -19.04 -21.77
C VAL D 103 7.60 -20.50 -22.16
N ILE D 104 8.14 -20.88 -23.32
CA ILE D 104 8.10 -22.25 -23.81
C ILE D 104 9.50 -22.66 -24.24
N GLY D 105 9.96 -23.80 -23.77
CA GLY D 105 11.32 -24.25 -24.06
C GLY D 105 11.35 -25.65 -24.62
N PHE D 106 12.16 -25.83 -25.66
CA PHE D 106 12.34 -27.13 -26.31
C PHE D 106 13.69 -27.69 -25.90
N ASN D 107 13.67 -28.67 -24.99
CA ASN D 107 14.89 -29.19 -24.39
C ASN D 107 15.50 -30.26 -25.27
N ASP D 108 16.81 -30.19 -25.47
CA ASP D 108 17.53 -31.20 -26.24
C ASP D 108 18.93 -31.48 -25.68
N SER D 109 19.27 -30.94 -24.51
CA SER D 109 20.64 -31.00 -24.02
C SER D 109 21.06 -32.42 -23.69
N GLY D 110 22.32 -32.74 -24.00
CA GLY D 110 22.89 -34.02 -23.65
C GLY D 110 23.45 -34.11 -22.25
N GLY D 111 23.41 -33.02 -21.50
CA GLY D 111 23.93 -32.97 -20.14
C GLY D 111 24.74 -31.71 -19.95
N ALA D 112 25.50 -31.68 -18.85
CA ALA D 112 26.32 -30.52 -18.55
C ALA D 112 27.60 -30.53 -19.38
N ARG D 113 28.23 -29.37 -19.47
CA ARG D 113 29.50 -29.22 -20.16
C ARG D 113 30.61 -29.37 -19.14
N ILE D 114 31.40 -30.44 -19.26
CA ILE D 114 32.41 -30.74 -18.25
C ILE D 114 33.55 -29.74 -18.30
N HIS D 115 33.85 -29.22 -19.48
CA HIS D 115 35.02 -28.36 -19.67
C HIS D 115 34.89 -27.03 -18.96
N GLU D 116 33.71 -26.66 -18.47
CA GLU D 116 33.53 -25.43 -17.72
C GLU D 116 33.66 -25.60 -16.21
N GLY D 117 33.72 -26.83 -15.72
CA GLY D 117 33.79 -27.03 -14.29
C GLY D 117 32.45 -26.75 -13.63
N VAL D 118 32.49 -26.02 -12.51
CA VAL D 118 31.29 -25.78 -11.70
C VAL D 118 30.42 -24.66 -12.26
N ASP D 119 30.86 -24.02 -13.35
CA ASP D 119 30.05 -22.96 -13.94
C ASP D 119 28.74 -23.51 -14.48
N SER D 120 28.75 -24.75 -14.96
CA SER D 120 27.50 -25.38 -15.38
C SER D 120 26.54 -25.54 -14.22
N LEU D 121 27.06 -25.91 -13.05
CA LEU D 121 26.21 -25.99 -11.87
C LEU D 121 25.66 -24.62 -11.50
N ALA D 122 26.48 -23.58 -11.64
CA ALA D 122 25.99 -22.22 -11.37
C ALA D 122 24.82 -21.87 -12.30
N GLY D 123 24.98 -22.13 -13.59
CA GLY D 123 23.90 -21.85 -14.53
C GLY D 123 22.64 -22.64 -14.23
N TYR D 124 22.80 -23.92 -13.91
CA TYR D 124 21.65 -24.73 -13.54
C TYR D 124 20.93 -24.15 -12.33
N ALA D 125 21.70 -23.72 -11.33
CA ALA D 125 21.08 -23.17 -10.12
C ALA D 125 20.30 -21.90 -10.44
N ASP D 126 20.86 -21.03 -11.28
CA ASP D 126 20.15 -19.81 -11.63
C ASP D 126 18.84 -20.11 -12.36
N ILE D 127 18.88 -21.06 -13.30
CA ILE D 127 17.66 -21.42 -14.01
C ILE D 127 16.63 -22.02 -13.06
N PHE D 128 17.08 -22.86 -12.13
CA PHE D 128 16.18 -23.44 -11.15
C PHE D 128 15.52 -22.37 -10.30
N LEU D 129 16.30 -21.38 -9.85
CA LEU D 129 15.71 -20.31 -9.04
C LEU D 129 14.71 -19.50 -9.82
N ARG D 130 15.00 -19.18 -11.08
CA ARG D 130 14.03 -18.43 -11.88
C ARG D 130 12.74 -19.21 -12.06
N ASN D 131 12.85 -20.51 -12.34
CA ASN D 131 11.65 -21.35 -12.45
C ASN D 131 10.86 -21.36 -11.15
N THR D 132 11.56 -21.49 -10.02
CA THR D 132 10.87 -21.54 -8.74
C THR D 132 10.16 -20.24 -8.43
N LEU D 133 10.83 -19.11 -8.66
CA LEU D 133 10.24 -17.82 -8.34
C LEU D 133 9.07 -17.49 -9.25
N PHE D 134 9.19 -17.77 -10.54
CA PHE D 134 8.18 -17.34 -11.49
C PHE D 134 7.08 -18.36 -11.74
N SER D 135 7.08 -19.48 -11.02
CA SER D 135 5.99 -20.44 -11.15
C SER D 135 4.75 -19.91 -10.45
N GLY D 136 3.63 -19.86 -11.17
CA GLY D 136 2.44 -19.20 -10.69
C GLY D 136 2.30 -17.77 -11.12
N VAL D 137 3.32 -17.19 -11.75
CA VAL D 137 3.25 -15.85 -12.31
C VAL D 137 2.97 -15.88 -13.80
N ILE D 138 3.75 -16.67 -14.54
CA ILE D 138 3.56 -16.85 -15.98
C ILE D 138 3.53 -18.35 -16.25
N PRO D 139 2.62 -18.83 -17.10
CA PRO D 139 2.62 -20.27 -17.40
C PRO D 139 3.90 -20.69 -18.09
N GLN D 140 4.37 -21.88 -17.75
CA GLN D 140 5.58 -22.44 -18.33
C GLN D 140 5.28 -23.81 -18.92
N ILE D 141 5.61 -23.99 -20.19
CA ILE D 141 5.42 -25.26 -20.89
C ILE D 141 6.78 -25.70 -21.40
N SER D 142 7.04 -27.01 -21.31
CA SER D 142 8.29 -27.58 -21.74
C SER D 142 8.03 -28.79 -22.62
N VAL D 143 8.80 -28.92 -23.69
CA VAL D 143 8.73 -30.05 -24.61
C VAL D 143 10.12 -30.65 -24.73
N ILE D 144 10.21 -31.97 -24.74
CA ILE D 144 11.48 -32.69 -24.77
C ILE D 144 11.57 -33.39 -26.12
N MET D 145 12.49 -32.93 -26.96
CA MET D 145 12.61 -33.44 -28.32
C MET D 145 13.70 -34.47 -28.48
N GLY D 146 14.66 -34.51 -27.56
CA GLY D 146 15.74 -35.46 -27.64
C GLY D 146 16.18 -35.93 -26.28
N PRO D 147 17.44 -36.37 -26.17
CA PRO D 147 17.95 -36.79 -24.88
C PRO D 147 17.94 -35.66 -23.87
N CYS D 148 17.69 -36.02 -22.60
CA CYS D 148 17.67 -35.06 -21.51
C CYS D 148 18.08 -35.82 -20.25
N ALA D 149 19.34 -35.71 -19.86
CA ALA D 149 19.87 -36.50 -18.76
C ALA D 149 20.58 -35.58 -17.78
N GLY D 150 21.15 -36.20 -16.75
CA GLY D 150 21.86 -35.44 -15.73
C GLY D 150 20.91 -34.65 -14.85
N GLY D 151 21.47 -33.62 -14.21
CA GLY D 151 20.68 -32.75 -13.35
C GLY D 151 19.83 -31.74 -14.09
N ALA D 152 19.97 -31.66 -15.42
CA ALA D 152 19.15 -30.73 -16.20
C ALA D 152 17.70 -31.12 -16.22
N VAL D 153 17.37 -32.35 -15.79
CA VAL D 153 16.01 -32.84 -15.82
C VAL D 153 15.11 -32.08 -14.86
N TYR D 154 15.68 -31.39 -13.87
CA TYR D 154 14.85 -30.83 -12.81
C TYR D 154 14.08 -29.60 -13.27
N SER D 155 14.68 -28.77 -14.13
CA SER D 155 13.96 -27.58 -14.59
C SER D 155 12.69 -27.91 -15.37
N PRO D 156 12.64 -28.90 -16.27
CA PRO D 156 11.33 -29.29 -16.83
C PRO D 156 10.33 -29.74 -15.77
N ALA D 157 10.81 -30.34 -14.68
CA ALA D 157 9.91 -30.85 -13.66
C ALA D 157 9.13 -29.73 -12.98
N ILE D 158 9.80 -28.61 -12.70
CA ILE D 158 9.12 -27.51 -12.01
C ILE D 158 8.12 -26.84 -12.93
N THR D 159 8.31 -26.94 -14.25
CA THR D 159 7.40 -26.32 -15.19
C THR D 159 6.03 -26.98 -15.10
N ASP D 160 5.00 -26.25 -15.56
CA ASP D 160 3.63 -26.68 -15.35
C ASP D 160 3.30 -27.94 -16.13
N PHE D 161 3.70 -27.99 -17.40
CA PHE D 161 3.38 -29.14 -18.24
C PHE D 161 4.61 -29.57 -19.01
N THR D 162 4.81 -30.88 -19.11
CA THR D 162 5.91 -31.44 -19.87
C THR D 162 5.35 -32.43 -20.88
N PHE D 163 5.76 -32.26 -22.14
CA PHE D 163 5.33 -33.15 -23.21
C PHE D 163 6.55 -33.85 -23.77
N MET D 164 6.31 -34.97 -24.47
CA MET D 164 7.39 -35.81 -24.95
C MET D 164 7.12 -36.22 -26.39
N VAL D 165 8.20 -36.42 -27.14
CA VAL D 165 8.14 -36.93 -28.50
C VAL D 165 8.45 -38.42 -28.48
N GLU D 166 7.78 -39.18 -29.35
CA GLU D 166 7.71 -40.62 -29.18
C GLU D 166 9.03 -41.31 -29.48
N THR D 167 9.54 -41.18 -30.71
CA THR D 167 10.59 -42.08 -31.17
C THR D 167 11.94 -41.75 -30.53
N SER D 168 12.27 -40.47 -30.43
CA SER D 168 13.65 -40.04 -30.22
C SER D 168 13.75 -39.09 -29.03
N SER D 169 13.20 -39.49 -27.89
CA SER D 169 13.33 -38.69 -26.68
C SER D 169 13.33 -39.60 -25.47
N TYR D 170 14.02 -39.15 -24.42
CA TYR D 170 14.04 -39.86 -23.15
C TYR D 170 14.53 -38.90 -22.07
N MET D 171 14.27 -39.26 -20.81
CA MET D 171 14.68 -38.42 -19.69
C MET D 171 14.81 -39.28 -18.44
N PHE D 172 15.88 -39.03 -17.69
CA PHE D 172 16.15 -39.73 -16.43
C PHE D 172 17.26 -38.99 -15.70
N VAL D 173 17.44 -39.32 -14.43
CA VAL D 173 18.45 -38.65 -13.62
C VAL D 173 19.82 -39.27 -13.85
N THR D 174 19.93 -40.60 -13.78
CA THR D 174 21.20 -41.29 -13.87
C THR D 174 21.18 -42.27 -15.04
N GLY D 175 22.30 -42.36 -15.74
CA GLY D 175 22.41 -43.20 -16.90
C GLY D 175 22.43 -44.67 -16.57
N PRO D 176 22.19 -45.53 -17.57
CA PRO D 176 22.19 -46.98 -17.32
C PRO D 176 23.57 -47.54 -17.00
N GLU D 177 24.65 -46.82 -17.33
CA GLU D 177 25.99 -47.30 -17.00
C GLU D 177 26.18 -47.40 -15.49
N VAL D 178 25.74 -46.37 -14.76
CA VAL D 178 25.85 -46.40 -13.30
C VAL D 178 24.95 -47.47 -12.72
N VAL D 179 23.76 -47.67 -13.30
CA VAL D 179 22.86 -48.72 -12.84
C VAL D 179 23.52 -50.08 -12.98
N SER D 180 24.18 -50.32 -14.12
CA SER D 180 24.92 -51.56 -14.28
C SER D 180 26.08 -51.65 -13.30
N ALA D 181 26.74 -50.53 -13.03
CA ALA D 181 27.90 -50.55 -12.15
C ALA D 181 27.53 -50.94 -10.72
N VAL D 182 26.40 -50.44 -10.23
CA VAL D 182 26.02 -50.65 -8.83
C VAL D 182 25.11 -51.86 -8.67
N GLY D 183 24.03 -51.96 -9.45
CA GLY D 183 23.09 -53.05 -9.27
C GLY D 183 23.42 -54.27 -10.11
N GLY D 184 23.99 -54.05 -11.29
CA GLY D 184 24.36 -55.16 -12.15
C GLY D 184 23.34 -55.55 -13.20
N LYS D 185 22.32 -54.72 -13.43
CA LYS D 185 21.29 -55.01 -14.41
C LYS D 185 21.52 -54.19 -15.68
N LEU D 186 21.33 -54.84 -16.83
CA LEU D 186 21.54 -54.20 -18.12
C LEU D 186 20.19 -53.74 -18.67
N VAL D 187 19.97 -52.43 -18.67
CA VAL D 187 18.73 -51.83 -19.13
C VAL D 187 19.07 -50.78 -20.17
N THR D 188 18.34 -50.78 -21.29
CA THR D 188 18.59 -49.80 -22.33
C THR D 188 18.06 -48.43 -21.93
N LYS D 189 18.45 -47.42 -22.70
CA LYS D 189 18.02 -46.05 -22.41
C LYS D 189 16.50 -45.92 -22.54
N ASP D 190 15.91 -46.51 -23.58
CA ASP D 190 14.47 -46.43 -23.77
C ASP D 190 13.74 -47.23 -22.70
N GLU D 191 14.27 -48.40 -22.32
CA GLU D 191 13.64 -49.18 -21.27
C GLU D 191 13.70 -48.46 -19.93
N LEU D 192 14.65 -47.55 -19.76
CA LEU D 192 14.80 -46.83 -18.50
C LEU D 192 13.93 -45.58 -18.47
N GLY D 193 14.11 -44.68 -19.44
CA GLY D 193 13.40 -43.43 -19.41
C GLY D 193 12.69 -43.04 -20.69
N GLY D 194 12.13 -44.03 -21.39
CA GLY D 194 11.44 -43.77 -22.63
C GLY D 194 10.13 -43.05 -22.42
N PRO D 195 9.56 -42.49 -23.49
CA PRO D 195 8.31 -41.75 -23.35
C PRO D 195 7.15 -42.57 -22.79
N HIS D 196 7.09 -43.86 -23.13
CA HIS D 196 6.02 -44.70 -22.59
C HIS D 196 6.15 -44.84 -21.07
N VAL D 197 7.38 -44.99 -20.58
CA VAL D 197 7.60 -45.19 -19.16
C VAL D 197 7.09 -44.00 -18.36
N HIS D 198 7.41 -42.79 -18.83
CA HIS D 198 6.96 -41.59 -18.14
C HIS D 198 5.50 -41.27 -18.45
N ALA D 199 4.94 -41.84 -19.51
CA ALA D 199 3.53 -41.64 -19.79
C ALA D 199 2.64 -42.50 -18.90
N THR D 200 3.08 -43.71 -18.56
CA THR D 200 2.25 -44.65 -17.82
C THR D 200 2.74 -44.90 -16.40
N LYS D 201 4.05 -45.01 -16.18
CA LYS D 201 4.53 -45.51 -14.89
C LYS D 201 4.81 -44.39 -13.90
N SER D 202 5.60 -43.38 -14.29
CA SER D 202 6.02 -42.35 -13.35
C SER D 202 5.05 -41.17 -13.28
N GLY D 203 4.27 -40.93 -14.33
CA GLY D 203 3.32 -39.84 -14.32
C GLY D 203 3.93 -38.46 -14.48
N VAL D 204 5.16 -38.37 -14.98
CA VAL D 204 5.79 -37.06 -15.12
C VAL D 204 5.34 -36.37 -16.40
N SER D 205 5.35 -37.09 -17.52
CA SER D 205 5.02 -36.50 -18.81
C SER D 205 3.52 -36.29 -18.94
N ALA D 206 3.12 -35.12 -19.42
CA ALA D 206 1.70 -34.79 -19.52
C ALA D 206 1.10 -35.22 -20.85
N GLY D 207 1.90 -35.70 -21.78
CA GLY D 207 1.39 -36.15 -23.06
C GLY D 207 2.52 -36.69 -23.92
N THR D 208 2.12 -37.29 -25.03
CA THR D 208 3.08 -37.80 -26.00
C THR D 208 2.57 -37.54 -27.41
N PHE D 209 3.47 -37.15 -28.30
CA PHE D 209 3.14 -36.86 -29.68
C PHE D 209 3.91 -37.78 -30.62
N PRO D 210 3.35 -38.09 -31.79
CA PRO D 210 4.04 -39.01 -32.69
C PRO D 210 5.16 -38.35 -33.49
N ASN D 211 4.99 -37.08 -33.86
CA ASN D 211 5.97 -36.38 -34.67
C ASN D 211 6.16 -34.98 -34.13
N ASP D 212 7.26 -34.35 -34.55
CA ASP D 212 7.51 -32.96 -34.19
C ASP D 212 6.48 -32.03 -34.82
N ILE D 213 6.09 -32.31 -36.06
CA ILE D 213 5.12 -31.47 -36.75
C ILE D 213 3.79 -31.46 -36.01
N VAL D 214 3.31 -32.64 -35.62
CA VAL D 214 2.07 -32.74 -34.84
C VAL D 214 2.26 -32.08 -33.49
N ALA D 215 3.46 -32.20 -32.92
CA ALA D 215 3.74 -31.58 -31.63
C ALA D 215 3.55 -30.07 -31.71
N MET D 216 4.12 -29.42 -32.72
CA MET D 216 3.92 -27.99 -32.89
C MET D 216 2.46 -27.65 -33.15
N ALA D 217 1.80 -28.42 -34.03
CA ALA D 217 0.43 -28.11 -34.41
C ALA D 217 -0.49 -28.13 -33.20
N GLN D 218 -0.30 -29.11 -32.32
CA GLN D 218 -1.14 -29.17 -31.13
C GLN D 218 -0.66 -28.27 -30.01
N LEU D 219 0.64 -27.92 -29.98
CA LEU D 219 1.10 -26.97 -28.99
C LEU D 219 0.49 -25.59 -29.22
N ARG D 220 0.32 -25.21 -30.49
CA ARG D 220 -0.39 -23.97 -30.78
C ARG D 220 -1.81 -24.02 -30.24
N ARG D 221 -2.49 -25.14 -30.44
CA ARG D 221 -3.86 -25.29 -29.95
C ARG D 221 -3.92 -25.19 -28.44
N LEU D 222 -2.97 -25.81 -27.75
CA LEU D 222 -2.92 -25.69 -26.30
C LEU D 222 -2.69 -24.25 -25.88
N TYR D 223 -1.79 -23.55 -26.58
CA TYR D 223 -1.49 -22.16 -26.24
C TYR D 223 -2.71 -21.28 -26.41
N SER D 224 -3.61 -21.64 -27.33
CA SER D 224 -4.81 -20.83 -27.54
C SER D 224 -5.72 -20.80 -26.31
N TYR D 225 -5.51 -21.70 -25.34
CA TYR D 225 -6.37 -21.75 -24.16
C TYR D 225 -5.85 -20.88 -23.02
N LEU D 226 -4.54 -20.75 -22.89
CA LEU D 226 -3.95 -20.22 -21.68
C LEU D 226 -4.13 -18.70 -21.58
N PRO D 227 -4.22 -18.17 -20.37
CA PRO D 227 -4.15 -16.72 -20.18
C PRO D 227 -2.71 -16.24 -20.23
N LEU D 228 -2.53 -14.97 -20.57
CA LEU D 228 -1.20 -14.47 -20.87
C LEU D 228 -0.35 -14.35 -19.61
N SER D 229 -0.95 -14.02 -18.47
CA SER D 229 -0.18 -13.80 -17.26
C SER D 229 -1.03 -14.10 -16.04
N ASN D 230 -0.51 -13.70 -14.88
CA ASN D 230 -1.23 -13.93 -13.62
C ASN D 230 -2.38 -12.95 -13.46
N ARG D 231 -2.18 -11.70 -13.88
CA ARG D 231 -3.17 -10.66 -13.66
C ARG D 231 -4.14 -10.48 -14.82
N ASP D 232 -3.85 -11.09 -15.98
CA ASP D 232 -4.73 -10.96 -17.13
C ASP D 232 -5.96 -11.86 -16.99
N PRO D 233 -7.07 -11.49 -17.61
CA PRO D 233 -8.29 -12.29 -17.49
C PRO D 233 -8.29 -13.49 -18.41
N VAL D 234 -9.23 -14.38 -18.15
CA VAL D 234 -9.36 -15.61 -18.95
C VAL D 234 -9.75 -15.25 -20.38
N PRO D 235 -9.07 -15.79 -21.40
CA PRO D 235 -9.42 -15.43 -22.78
C PRO D 235 -10.81 -15.92 -23.16
N VAL D 236 -11.47 -15.15 -24.01
CA VAL D 236 -12.78 -15.49 -24.55
C VAL D 236 -12.72 -15.36 -26.06
N LEU D 237 -13.08 -16.42 -26.78
CA LEU D 237 -13.03 -16.40 -28.22
C LEU D 237 -14.44 -16.41 -28.81
N PRO D 238 -14.62 -15.83 -29.99
CA PRO D 238 -15.93 -15.92 -30.65
C PRO D 238 -16.24 -17.36 -31.03
N THR D 239 -17.52 -17.71 -30.98
CA THR D 239 -17.95 -19.06 -31.29
C THR D 239 -19.42 -19.04 -31.70
N ALA D 240 -19.74 -19.77 -32.77
CA ALA D 240 -21.11 -19.82 -33.25
C ALA D 240 -22.00 -20.73 -32.40
N ASP D 241 -21.39 -21.60 -31.58
CA ASP D 241 -22.18 -22.47 -30.72
C ASP D 241 -22.91 -21.63 -29.66
N GLU D 242 -24.07 -22.13 -29.25
CA GLU D 242 -24.94 -21.38 -28.36
C GLU D 242 -25.50 -22.28 -27.26
N ARG D 243 -25.87 -21.65 -26.13
CA ARG D 243 -26.38 -22.38 -24.98
C ARG D 243 -27.75 -22.98 -25.20
N TYR D 244 -28.43 -22.62 -26.28
CA TYR D 244 -29.77 -23.12 -26.56
C TYR D 244 -29.76 -24.37 -27.43
N ARG D 245 -28.59 -24.89 -27.76
CA ARG D 245 -28.51 -26.15 -28.49
C ARG D 245 -29.13 -27.26 -27.66
N ASP D 246 -29.92 -28.11 -28.31
CA ASP D 246 -30.66 -29.14 -27.60
C ASP D 246 -29.75 -30.30 -27.21
N VAL D 247 -29.77 -30.65 -25.93
CA VAL D 247 -29.09 -31.86 -25.43
C VAL D 247 -30.13 -32.65 -24.63
N SER D 248 -30.84 -33.55 -25.30
CA SER D 248 -31.75 -34.46 -24.62
C SER D 248 -31.20 -35.87 -24.52
N SER D 249 -30.05 -36.13 -25.15
CA SER D 249 -29.45 -37.46 -25.08
C SER D 249 -28.91 -37.77 -23.69
N LEU D 250 -28.81 -36.77 -22.82
CA LEU D 250 -28.31 -37.01 -21.47
C LEU D 250 -29.34 -37.71 -20.59
N ASN D 251 -30.60 -37.77 -21.02
CA ASN D 251 -31.62 -38.43 -20.20
C ASN D 251 -31.41 -39.93 -20.15
N THR D 252 -30.68 -40.50 -21.10
CA THR D 252 -30.55 -41.94 -21.24
C THR D 252 -29.14 -42.45 -20.97
N VAL D 253 -28.19 -41.58 -20.65
CA VAL D 253 -26.80 -42.01 -20.50
C VAL D 253 -26.66 -42.95 -19.31
N VAL D 254 -27.26 -42.60 -18.17
CA VAL D 254 -27.13 -43.40 -16.96
C VAL D 254 -28.02 -44.63 -17.07
N PRO D 255 -27.47 -45.84 -17.00
CA PRO D 255 -28.30 -47.03 -17.06
C PRO D 255 -29.18 -47.17 -15.83
N THR D 256 -30.29 -47.89 -15.98
CA THR D 256 -31.20 -48.10 -14.86
C THR D 256 -30.71 -49.16 -13.88
N GLU D 257 -29.64 -49.86 -14.21
CA GLU D 257 -29.08 -50.83 -13.27
C GLU D 257 -27.91 -50.19 -12.54
N VAL D 258 -27.72 -50.54 -11.27
CA VAL D 258 -26.67 -49.91 -10.48
C VAL D 258 -25.31 -50.58 -10.63
N LYS D 259 -25.24 -51.71 -11.33
CA LYS D 259 -23.99 -52.45 -11.47
C LYS D 259 -23.44 -52.42 -12.88
N GLU D 260 -24.06 -51.65 -13.75
CA GLU D 260 -23.59 -51.55 -15.13
C GLU D 260 -22.73 -50.31 -15.30
N ALA D 261 -21.78 -50.35 -16.21
CA ALA D 261 -20.87 -49.21 -16.36
C ALA D 261 -21.19 -48.34 -17.56
N TYR D 262 -20.68 -47.12 -17.55
CA TYR D 262 -20.87 -46.25 -18.70
C TYR D 262 -19.67 -45.31 -18.84
N ASP D 263 -19.59 -44.66 -19.99
CA ASP D 263 -18.46 -43.79 -20.31
C ASP D 263 -18.81 -42.35 -19.95
N MET D 264 -18.00 -41.73 -19.09
CA MET D 264 -18.30 -40.38 -18.64
C MET D 264 -18.16 -39.36 -19.76
N ARG D 265 -17.40 -39.70 -20.81
CA ARG D 265 -17.26 -38.77 -21.93
C ARG D 265 -18.61 -38.52 -22.60
N ASP D 266 -19.53 -39.49 -22.51
CA ASP D 266 -20.87 -39.28 -23.04
C ASP D 266 -21.62 -38.20 -22.29
N VAL D 267 -21.17 -37.86 -21.09
CA VAL D 267 -21.73 -36.75 -20.35
C VAL D 267 -20.90 -35.48 -20.53
N ILE D 268 -19.58 -35.63 -20.64
CA ILE D 268 -18.71 -34.47 -20.77
C ILE D 268 -18.93 -33.78 -22.11
N TYR D 269 -18.98 -34.54 -23.19
CA TYR D 269 -18.97 -33.95 -24.53
C TYR D 269 -20.19 -33.08 -24.83
N PRO D 270 -21.44 -33.49 -24.52
CA PRO D 270 -22.58 -32.61 -24.84
C PRO D 270 -22.52 -31.25 -24.19
N VAL D 271 -22.04 -31.15 -22.95
CA VAL D 271 -22.11 -29.89 -22.22
C VAL D 271 -21.16 -28.85 -22.81
N ILE D 272 -19.93 -29.26 -23.15
CA ILE D 272 -18.94 -28.33 -23.68
C ILE D 272 -19.21 -28.08 -25.16
N ASP D 273 -18.52 -27.08 -25.72
CA ASP D 273 -18.67 -26.78 -27.13
C ASP D 273 -18.03 -27.87 -28.00
N HIS D 274 -18.46 -27.92 -29.25
CA HIS D 274 -18.07 -29.01 -30.13
C HIS D 274 -16.57 -29.00 -30.42
N ASP D 275 -15.97 -30.18 -30.35
CA ASP D 275 -14.57 -30.38 -30.70
C ASP D 275 -13.66 -29.40 -29.97
N SER D 276 -13.84 -29.32 -28.66
CA SER D 276 -13.06 -28.40 -27.85
C SER D 276 -12.60 -29.04 -26.54
N PHE D 277 -12.07 -30.26 -26.61
CA PHE D 277 -11.51 -30.93 -25.44
C PHE D 277 -10.05 -31.24 -25.69
N PHE D 278 -9.21 -30.96 -24.70
CA PHE D 278 -7.77 -31.19 -24.78
C PHE D 278 -7.37 -31.98 -23.54
N GLU D 279 -7.42 -33.31 -23.64
CA GLU D 279 -7.16 -34.15 -22.48
C GLU D 279 -5.70 -34.03 -22.05
N ILE D 280 -5.50 -34.06 -20.73
CA ILE D 280 -4.18 -33.98 -20.11
C ILE D 280 -3.89 -35.32 -19.46
N GLN D 281 -2.72 -35.88 -19.76
CA GLN D 281 -2.31 -37.19 -19.25
C GLN D 281 -3.34 -38.27 -19.59
N PRO D 282 -3.53 -38.58 -20.87
CA PRO D 282 -4.62 -39.49 -21.24
C PRO D 282 -4.38 -40.94 -20.88
N GLN D 283 -3.13 -41.35 -20.70
CA GLN D 283 -2.80 -42.76 -20.52
C GLN D 283 -2.41 -43.11 -19.09
N PHE D 284 -2.57 -42.19 -18.14
CA PHE D 284 -2.13 -42.39 -16.77
C PHE D 284 -3.31 -42.19 -15.84
N ALA D 285 -3.54 -43.16 -14.96
CA ALA D 285 -4.65 -43.12 -14.00
C ALA D 285 -5.96 -42.87 -14.72
N LYS D 286 -6.36 -43.83 -15.55
CA LYS D 286 -7.48 -43.64 -16.45
C LYS D 286 -8.81 -43.52 -15.72
N ASN D 287 -8.87 -43.81 -14.42
CA ASN D 287 -10.13 -43.70 -13.70
C ASN D 287 -10.54 -42.25 -13.43
N ILE D 288 -9.69 -41.27 -13.79
CA ILE D 288 -10.02 -39.87 -13.65
C ILE D 288 -9.60 -39.13 -14.91
N ILE D 289 -10.41 -38.17 -15.34
CA ILE D 289 -10.17 -37.40 -16.56
C ILE D 289 -9.93 -35.95 -16.17
N CYS D 290 -8.89 -35.35 -16.73
CA CYS D 290 -8.59 -33.94 -16.54
C CYS D 290 -8.20 -33.32 -17.88
N GLY D 291 -8.52 -32.05 -18.06
CA GLY D 291 -8.18 -31.38 -19.29
C GLY D 291 -8.78 -30.00 -19.34
N PHE D 292 -8.67 -29.38 -20.51
CA PHE D 292 -9.23 -28.06 -20.76
C PHE D 292 -10.37 -28.16 -21.77
N ALA D 293 -11.30 -27.21 -21.68
CA ALA D 293 -12.44 -27.17 -22.58
C ALA D 293 -13.03 -25.77 -22.54
N ARG D 294 -13.88 -25.49 -23.54
CA ARG D 294 -14.54 -24.19 -23.64
C ARG D 294 -16.03 -24.34 -23.42
N VAL D 295 -16.62 -23.37 -22.71
CA VAL D 295 -18.06 -23.31 -22.47
C VAL D 295 -18.50 -21.92 -22.89
N GLU D 296 -19.24 -21.84 -24.00
CA GLU D 296 -19.73 -20.57 -24.52
C GLU D 296 -18.56 -19.63 -24.86
N GLY D 297 -17.48 -20.18 -25.36
CA GLY D 297 -16.36 -19.39 -25.84
C GLY D 297 -15.32 -19.00 -24.81
N ARG D 298 -15.41 -19.51 -23.59
CA ARG D 298 -14.42 -19.22 -22.55
C ARG D 298 -13.86 -20.52 -22.01
N SER D 299 -12.54 -20.54 -21.79
CA SER D 299 -11.87 -21.76 -21.38
C SER D 299 -12.18 -22.09 -19.93
N VAL D 300 -12.44 -23.37 -19.66
CA VAL D 300 -12.72 -23.87 -18.32
C VAL D 300 -11.89 -25.13 -18.09
N CYS D 301 -11.92 -25.60 -16.84
CA CYS D 301 -11.19 -26.79 -16.45
C CYS D 301 -12.17 -27.92 -16.12
N ILE D 302 -11.86 -29.12 -16.59
CA ILE D 302 -12.74 -30.27 -16.47
C ILE D 302 -12.05 -31.35 -15.65
N ILE D 303 -12.74 -31.86 -14.63
CA ILE D 303 -12.25 -32.93 -13.78
C ILE D 303 -13.42 -33.85 -13.46
N ALA D 304 -13.40 -35.07 -13.96
CA ALA D 304 -14.52 -35.99 -13.79
C ALA D 304 -14.01 -37.41 -13.55
N ASN D 305 -14.78 -38.17 -12.79
CA ASN D 305 -14.48 -39.58 -12.57
C ASN D 305 -14.95 -40.40 -13.76
N GLN D 306 -14.52 -41.65 -13.80
CA GLN D 306 -14.93 -42.53 -14.89
C GLN D 306 -15.23 -43.92 -14.35
N PRO D 307 -16.51 -44.33 -14.30
CA PRO D 307 -16.83 -45.68 -13.82
C PRO D 307 -16.42 -46.76 -14.80
N LYS D 308 -15.94 -46.41 -15.98
CA LYS D 308 -15.47 -47.41 -16.93
C LYS D 308 -14.27 -48.17 -16.38
N VAL D 309 -13.35 -47.46 -15.74
CA VAL D 309 -12.09 -48.02 -15.28
C VAL D 309 -12.12 -48.12 -13.76
N GLN D 310 -12.06 -49.35 -13.24
CA GLN D 310 -11.96 -49.62 -11.81
C GLN D 310 -13.09 -49.00 -11.01
N ALA D 311 -14.29 -48.92 -11.61
CA ALA D 311 -15.48 -48.43 -10.92
C ALA D 311 -15.34 -46.99 -10.45
N GLY D 312 -14.46 -46.22 -11.08
CA GLY D 312 -14.33 -44.82 -10.77
C GLY D 312 -13.91 -44.55 -9.34
N VAL D 313 -12.90 -45.29 -8.88
CA VAL D 313 -12.47 -45.25 -7.48
C VAL D 313 -11.25 -44.37 -7.37
N LEU D 314 -11.24 -43.48 -6.37
CA LEU D 314 -10.09 -42.62 -6.14
C LEU D 314 -8.89 -43.44 -5.68
N ASP D 315 -7.70 -42.88 -5.90
CA ASP D 315 -6.46 -43.63 -5.73
C ASP D 315 -5.34 -42.64 -5.45
N ILE D 316 -4.11 -43.14 -5.44
CA ILE D 316 -2.95 -42.26 -5.25
C ILE D 316 -2.70 -41.44 -6.50
N ASP D 317 -2.55 -42.12 -7.64
CA ASP D 317 -2.18 -41.44 -8.89
C ASP D 317 -3.27 -40.46 -9.31
N SER D 318 -4.52 -40.88 -9.20
CA SER D 318 -5.63 -39.99 -9.53
C SER D 318 -5.62 -38.76 -8.63
N SER D 319 -5.32 -38.95 -7.35
CA SER D 319 -5.28 -37.81 -6.43
C SER D 319 -4.18 -36.83 -6.83
N VAL D 320 -3.00 -37.34 -7.16
CA VAL D 320 -1.91 -36.44 -7.57
C VAL D 320 -2.28 -35.69 -8.84
N LYS D 321 -2.83 -36.40 -9.83
CA LYS D 321 -3.20 -35.79 -11.09
C LYS D 321 -4.22 -34.67 -10.88
N GLY D 322 -5.31 -34.97 -10.18
CA GLY D 322 -6.33 -33.97 -9.93
C GLY D 322 -5.82 -32.79 -9.12
N ALA D 323 -4.95 -33.07 -8.14
CA ALA D 323 -4.43 -31.98 -7.31
C ALA D 323 -3.60 -31.02 -8.14
N ARG D 324 -2.71 -31.55 -8.97
CA ARG D 324 -1.89 -30.67 -9.81
C ARG D 324 -2.76 -29.86 -10.76
N MET D 325 -3.76 -30.50 -11.38
CA MET D 325 -4.62 -29.78 -12.30
C MET D 325 -5.38 -28.66 -11.60
N VAL D 326 -5.96 -28.95 -10.43
CA VAL D 326 -6.72 -27.93 -9.71
C VAL D 326 -5.82 -26.77 -9.31
N ARG D 327 -4.62 -27.09 -8.79
CA ARG D 327 -3.73 -26.02 -8.37
C ARG D 327 -3.37 -25.11 -9.53
N PHE D 328 -3.02 -25.68 -10.68
CA PHE D 328 -2.68 -24.85 -11.84
C PHE D 328 -3.89 -24.03 -12.27
N ALA D 329 -5.07 -24.64 -12.33
CA ALA D 329 -6.24 -23.93 -12.81
C ALA D 329 -6.57 -22.75 -11.90
N ASP D 330 -6.49 -22.94 -10.58
CA ASP D 330 -6.78 -21.85 -9.67
C ASP D 330 -5.71 -20.77 -9.72
N ALA D 331 -4.45 -21.14 -9.92
CA ALA D 331 -3.39 -20.15 -9.91
C ALA D 331 -3.62 -19.06 -10.95
N PHE D 332 -4.32 -19.37 -12.04
CA PHE D 332 -4.49 -18.45 -13.15
C PHE D 332 -5.94 -18.07 -13.42
N ASN D 333 -6.82 -18.25 -12.43
CA ASN D 333 -8.20 -17.78 -12.50
C ASN D 333 -8.95 -18.41 -13.67
N ILE D 334 -9.09 -19.73 -13.61
CA ILE D 334 -9.80 -20.51 -14.62
C ILE D 334 -10.92 -21.26 -13.92
N PRO D 335 -12.16 -21.15 -14.38
CA PRO D 335 -13.27 -21.84 -13.71
C PRO D 335 -13.12 -23.34 -13.77
N ILE D 336 -13.68 -24.01 -12.76
CA ILE D 336 -13.58 -25.46 -12.61
C ILE D 336 -14.97 -26.07 -12.65
N ILE D 337 -15.14 -27.11 -13.47
CA ILE D 337 -16.38 -27.86 -13.55
C ILE D 337 -16.07 -29.32 -13.30
N THR D 338 -16.81 -29.94 -12.38
CA THR D 338 -16.54 -31.31 -11.96
C THR D 338 -17.79 -32.16 -12.08
N PHE D 339 -17.58 -33.43 -12.43
CA PHE D 339 -18.64 -34.44 -12.47
C PHE D 339 -18.25 -35.56 -11.51
N VAL D 340 -19.19 -35.95 -10.64
CA VAL D 340 -18.88 -36.79 -9.49
C VAL D 340 -19.54 -38.16 -9.67
N ASP D 341 -18.75 -39.22 -9.57
CA ASP D 341 -19.28 -40.58 -9.50
C ASP D 341 -18.21 -41.44 -8.82
N VAL D 342 -18.32 -41.64 -7.52
CA VAL D 342 -17.29 -42.33 -6.75
C VAL D 342 -17.90 -43.24 -5.68
N PRO D 343 -17.51 -44.51 -5.61
CA PRO D 343 -17.95 -45.35 -4.50
C PRO D 343 -17.04 -45.32 -3.30
N GLY D 344 -15.87 -44.70 -3.40
CA GLY D 344 -14.97 -44.62 -2.26
C GLY D 344 -13.52 -44.68 -2.72
N PHE D 345 -12.67 -45.14 -1.82
CA PHE D 345 -11.24 -45.25 -2.05
C PHE D 345 -10.85 -46.71 -2.30
N LEU D 346 -9.73 -46.89 -2.98
CA LEU D 346 -9.32 -48.24 -3.39
C LEU D 346 -8.75 -48.97 -2.19
N PRO D 347 -9.33 -50.14 -1.84
CA PRO D 347 -8.85 -50.83 -0.64
C PRO D 347 -7.71 -51.79 -0.94
N GLY D 348 -6.67 -51.77 -0.12
CA GLY D 348 -5.55 -52.68 -0.31
C GLY D 348 -4.37 -52.35 0.58
N VAL D 349 -3.58 -53.35 0.94
CA VAL D 349 -2.42 -53.13 1.80
C VAL D 349 -1.40 -52.26 1.11
N GLN D 350 -1.14 -52.52 -0.16
CA GLN D 350 -0.17 -51.73 -0.91
C GLN D 350 -0.49 -50.25 -0.81
N GLN D 351 -1.77 -49.92 -0.72
CA GLN D 351 -2.16 -48.51 -0.66
C GLN D 351 -1.67 -47.87 0.64
N GLU D 352 -1.91 -48.53 1.77
CA GLU D 352 -1.43 -47.99 3.04
C GLU D 352 0.09 -48.06 3.13
N TYR D 353 0.69 -49.11 2.55
CA TYR D 353 2.14 -49.17 2.54
C TYR D 353 2.75 -48.11 1.65
N GLY D 354 1.96 -47.53 0.75
CA GLY D 354 2.41 -46.46 -0.12
C GLY D 354 1.96 -45.07 0.28
N GLY D 355 1.22 -44.94 1.38
CA GLY D 355 0.81 -43.63 1.85
C GLY D 355 -0.41 -43.07 1.15
N ILE D 356 -1.56 -43.73 1.27
CA ILE D 356 -2.80 -43.18 0.75
C ILE D 356 -3.20 -41.94 1.54
N ILE D 357 -2.87 -41.90 2.83
CA ILE D 357 -3.30 -40.80 3.68
C ILE D 357 -2.70 -39.48 3.21
N ARG D 358 -1.42 -39.49 2.86
CA ARG D 358 -0.78 -38.27 2.36
C ARG D 358 -1.37 -37.87 1.01
N HIS D 359 -1.44 -38.81 0.07
CA HIS D 359 -1.77 -38.47 -1.30
C HIS D 359 -3.22 -38.05 -1.44
N GLY D 360 -4.13 -38.74 -0.76
CA GLY D 360 -5.54 -38.41 -0.87
C GLY D 360 -5.88 -37.05 -0.28
N ALA D 361 -5.03 -36.56 0.62
CA ALA D 361 -5.25 -35.25 1.21
C ALA D 361 -4.89 -34.13 0.24
N LYS D 362 -4.05 -34.40 -0.77
CA LYS D 362 -3.64 -33.35 -1.69
C LYS D 362 -4.82 -32.83 -2.50
N LEU D 363 -5.67 -33.74 -3.00
CA LEU D 363 -6.83 -33.30 -3.77
C LEU D 363 -7.78 -32.47 -2.91
N LEU D 364 -7.99 -32.90 -1.67
CA LEU D 364 -8.85 -32.14 -0.76
C LEU D 364 -8.28 -30.76 -0.48
N TYR D 365 -6.97 -30.68 -0.25
CA TYR D 365 -6.33 -29.39 -0.03
C TYR D 365 -6.49 -28.49 -1.25
N ALA D 366 -6.29 -29.05 -2.44
CA ALA D 366 -6.40 -28.25 -3.66
C ALA D 366 -7.83 -27.75 -3.86
N TYR D 367 -8.82 -28.58 -3.56
CA TYR D 367 -10.22 -28.17 -3.73
C TYR D 367 -10.63 -27.14 -2.68
N ALA D 368 -10.13 -27.27 -1.45
CA ALA D 368 -10.54 -26.34 -0.40
C ALA D 368 -9.84 -25.00 -0.54
N GLU D 369 -8.59 -25.00 -0.98
CA GLU D 369 -7.83 -23.75 -1.07
C GLU D 369 -8.30 -22.89 -2.23
N ALA D 370 -8.95 -23.48 -3.22
CA ALA D 370 -9.28 -22.77 -4.45
C ALA D 370 -10.32 -21.70 -4.22
N THR D 371 -10.19 -20.59 -4.97
CA THR D 371 -11.13 -19.48 -4.88
C THR D 371 -11.80 -19.12 -6.19
N VAL D 372 -11.57 -19.88 -7.26
CA VAL D 372 -12.22 -19.64 -8.54
C VAL D 372 -13.65 -20.19 -8.48
N PRO D 373 -14.56 -19.74 -9.35
CA PRO D 373 -15.91 -20.30 -9.33
C PRO D 373 -15.90 -21.79 -9.62
N LYS D 374 -16.72 -22.53 -8.88
CA LYS D 374 -16.80 -23.97 -9.03
C LYS D 374 -18.24 -24.38 -9.31
N VAL D 375 -18.41 -25.37 -10.18
CA VAL D 375 -19.70 -25.97 -10.46
C VAL D 375 -19.55 -27.47 -10.32
N THR D 376 -20.47 -28.11 -9.60
CA THR D 376 -20.40 -29.54 -9.32
C THR D 376 -21.72 -30.19 -9.71
N ILE D 377 -21.61 -31.36 -10.37
CA ILE D 377 -22.78 -32.13 -10.77
C ILE D 377 -22.59 -33.56 -10.30
N ILE D 378 -23.53 -34.05 -9.50
CA ILE D 378 -23.50 -35.42 -8.99
C ILE D 378 -24.45 -36.24 -9.86
N THR D 379 -23.88 -37.16 -10.65
CA THR D 379 -24.71 -37.92 -11.58
C THR D 379 -25.37 -39.11 -10.89
N ARG D 380 -24.57 -40.01 -10.32
CA ARG D 380 -25.13 -41.22 -9.75
C ARG D 380 -24.88 -41.37 -8.25
N LYS D 381 -23.64 -41.33 -7.79
CA LYS D 381 -23.39 -41.69 -6.40
C LYS D 381 -22.20 -40.93 -5.84
N ALA D 382 -22.17 -40.85 -4.52
CA ALA D 382 -21.08 -40.21 -3.79
C ALA D 382 -21.13 -40.70 -2.35
N TYR D 383 -20.10 -41.44 -1.93
CA TYR D 383 -20.10 -42.09 -0.64
C TYR D 383 -18.86 -41.72 0.16
N GLY D 384 -19.04 -41.61 1.47
CA GLY D 384 -17.95 -41.45 2.41
C GLY D 384 -17.16 -40.19 2.18
N GLY D 385 -15.85 -40.28 2.48
CA GLY D 385 -14.99 -39.12 2.34
C GLY D 385 -14.79 -38.70 0.90
N ALA D 386 -15.05 -39.60 -0.05
CA ALA D 386 -14.93 -39.24 -1.46
C ALA D 386 -15.91 -38.14 -1.83
N TYR D 387 -17.12 -38.17 -1.24
CA TYR D 387 -18.07 -37.09 -1.47
C TYR D 387 -17.53 -35.78 -0.94
N ASP D 388 -16.89 -35.80 0.22
CA ASP D 388 -16.32 -34.57 0.77
C ASP D 388 -15.20 -34.04 -0.12
N VAL D 389 -14.34 -34.93 -0.60
CA VAL D 389 -13.15 -34.49 -1.34
C VAL D 389 -13.54 -33.85 -2.66
N MET D 390 -14.46 -34.46 -3.40
CA MET D 390 -14.75 -34.01 -4.77
C MET D 390 -15.67 -32.79 -4.74
N SER D 391 -15.11 -31.69 -4.25
CA SER D 391 -15.73 -30.36 -4.31
C SER D 391 -17.17 -30.37 -3.78
N SER D 392 -17.30 -30.70 -2.50
CA SER D 392 -18.61 -30.66 -1.88
C SER D 392 -19.03 -29.22 -1.60
N LYS D 393 -20.32 -29.04 -1.37
CA LYS D 393 -20.87 -27.69 -1.15
C LYS D 393 -20.27 -27.02 0.07
N HIS D 394 -19.82 -27.78 1.06
CA HIS D 394 -19.31 -27.18 2.27
C HIS D 394 -17.92 -26.56 2.08
N LEU D 395 -17.21 -26.96 1.04
CA LEU D 395 -15.90 -26.37 0.73
C LEU D 395 -16.05 -25.12 -0.12
N ARG D 396 -16.91 -24.20 0.31
CA ARG D 396 -17.12 -22.91 -0.34
C ARG D 396 -17.45 -23.07 -1.82
N GLY D 397 -18.20 -24.12 -2.14
CA GLY D 397 -18.64 -24.33 -3.50
C GLY D 397 -19.73 -23.34 -3.87
N ASP D 398 -19.74 -22.93 -5.14
CA ASP D 398 -20.69 -21.92 -5.58
C ASP D 398 -22.07 -22.52 -5.80
N SER D 399 -22.18 -23.47 -6.73
CA SER D 399 -23.45 -24.09 -7.03
C SER D 399 -23.25 -25.58 -7.21
N ASN D 400 -24.13 -26.37 -6.61
CA ASN D 400 -24.08 -27.82 -6.70
C ASN D 400 -25.41 -28.35 -7.20
N TYR D 401 -25.34 -29.33 -8.10
CA TYR D 401 -26.53 -29.91 -8.71
C TYR D 401 -26.45 -31.43 -8.65
N ALA D 402 -27.61 -32.06 -8.72
CA ALA D 402 -27.71 -33.52 -8.71
C ALA D 402 -28.72 -33.97 -9.76
N TRP D 403 -28.58 -35.21 -10.19
CA TRP D 403 -29.50 -35.80 -11.14
C TRP D 403 -30.53 -36.66 -10.41
N PRO D 404 -31.71 -36.87 -11.00
CA PRO D 404 -32.83 -37.41 -10.21
C PRO D 404 -32.61 -38.80 -9.65
N HIS D 405 -31.65 -39.56 -10.18
CA HIS D 405 -31.37 -40.90 -9.69
C HIS D 405 -30.07 -40.98 -8.89
N ALA D 406 -29.64 -39.87 -8.30
CA ALA D 406 -28.39 -39.86 -7.56
C ALA D 406 -28.55 -40.56 -6.22
N GLU D 407 -27.41 -40.76 -5.54
CA GLU D 407 -27.38 -41.33 -4.21
C GLU D 407 -26.26 -40.68 -3.42
N ILE D 408 -26.58 -40.16 -2.23
CA ILE D 408 -25.58 -39.59 -1.36
C ILE D 408 -25.77 -40.16 0.04
N ALA D 409 -24.89 -41.07 0.45
CA ALA D 409 -25.01 -41.75 1.72
C ALA D 409 -23.65 -41.88 2.37
N VAL D 410 -23.66 -42.22 3.66
CA VAL D 410 -22.41 -42.36 4.41
C VAL D 410 -21.60 -43.53 3.86
N MET D 411 -22.24 -44.65 3.59
CA MET D 411 -21.58 -45.81 3.00
C MET D 411 -22.62 -46.68 2.34
N GLY D 412 -22.17 -47.81 1.80
CA GLY D 412 -23.08 -48.74 1.16
C GLY D 412 -24.11 -49.28 2.14
N ALA D 413 -25.19 -49.80 1.56
CA ALA D 413 -26.32 -50.25 2.38
C ALA D 413 -25.92 -51.41 3.29
N ALA D 414 -25.06 -52.30 2.80
CA ALA D 414 -24.70 -53.49 3.58
C ALA D 414 -24.01 -53.11 4.87
N GLY D 415 -23.00 -52.24 4.79
CA GLY D 415 -22.26 -51.85 5.99
C GLY D 415 -23.13 -51.11 6.99
N ALA D 416 -23.99 -50.22 6.50
CA ALA D 416 -24.89 -49.50 7.39
C ALA D 416 -25.85 -50.46 8.09
N CYS D 417 -26.41 -51.42 7.34
CA CYS D 417 -27.31 -52.39 7.96
C CYS D 417 -26.57 -53.25 8.99
N LYS D 418 -25.32 -53.59 8.70
CA LYS D 418 -24.54 -54.39 9.66
C LYS D 418 -24.28 -53.60 10.95
N LEU D 419 -23.86 -52.34 10.82
CA LEU D 419 -23.53 -51.55 11.99
C LEU D 419 -24.77 -51.14 12.79
N LEU D 420 -25.92 -50.99 12.14
CA LEU D 420 -27.12 -50.55 12.83
C LEU D 420 -27.87 -51.68 13.53
N TYR D 421 -27.49 -52.94 13.31
CA TYR D 421 -28.15 -54.07 13.95
C TYR D 421 -27.08 -55.14 14.18
N SER D 422 -26.55 -55.17 15.40
CA SER D 422 -25.43 -56.03 15.74
C SER D 422 -25.75 -57.52 15.61
N LYS D 423 -26.66 -58.02 16.44
CA LYS D 423 -27.04 -59.42 16.44
C LYS D 423 -28.54 -59.60 16.15
N GLU D 424 -29.08 -58.76 15.28
CA GLU D 424 -30.49 -58.83 14.93
C GLU D 424 -30.77 -60.16 14.23
N THR D 425 -32.01 -60.62 14.29
CA THR D 425 -32.40 -61.93 13.79
C THR D 425 -31.91 -62.16 12.37
N ALA D 426 -31.50 -63.40 12.09
CA ALA D 426 -30.99 -63.74 10.77
C ALA D 426 -32.04 -63.50 9.70
N GLU D 427 -31.59 -63.49 8.45
CA GLU D 427 -32.31 -63.11 7.25
C GLU D 427 -32.61 -61.61 7.25
N GLN D 428 -31.97 -60.82 8.12
CA GLN D 428 -32.23 -59.39 8.20
C GLN D 428 -31.85 -58.68 6.92
N GLN D 429 -31.02 -59.33 6.10
CA GLN D 429 -30.58 -58.74 4.85
C GLN D 429 -31.73 -58.26 3.99
N ALA D 430 -32.69 -59.16 3.73
CA ALA D 430 -33.70 -58.92 2.69
C ALA D 430 -34.62 -57.77 3.05
N GLN D 431 -35.08 -57.70 4.30
CA GLN D 431 -36.07 -56.72 4.70
C GLN D 431 -35.46 -55.47 5.33
N ARG D 432 -34.13 -55.38 5.38
CA ARG D 432 -33.47 -54.19 5.92
C ARG D 432 -32.62 -53.46 4.89
N ILE D 433 -31.84 -54.18 4.09
CA ILE D 433 -30.99 -53.49 3.11
C ILE D 433 -31.85 -52.77 2.07
N ALA D 434 -32.89 -53.43 1.58
CA ALA D 434 -33.77 -52.79 0.61
C ALA D 434 -34.42 -51.54 1.21
N ASP D 435 -34.91 -51.64 2.45
CA ASP D 435 -35.57 -50.50 3.07
C ASP D 435 -34.61 -49.35 3.27
N TYR D 436 -33.39 -49.64 3.75
CA TYR D 436 -32.44 -48.57 4.00
C TYR D 436 -32.02 -47.89 2.70
N GLU D 437 -31.77 -48.68 1.65
CA GLU D 437 -31.42 -48.08 0.36
C GLU D 437 -32.57 -47.25 -0.18
N LYS D 438 -33.81 -47.71 -0.01
CA LYS D 438 -34.95 -46.94 -0.47
C LYS D 438 -35.08 -45.62 0.29
N THR D 439 -34.85 -45.65 1.59
CA THR D 439 -35.16 -44.49 2.42
C THR D 439 -34.05 -43.45 2.43
N PHE D 440 -32.79 -43.89 2.38
CA PHE D 440 -31.68 -42.96 2.57
C PHE D 440 -30.64 -42.95 1.46
N CYS D 441 -30.72 -43.87 0.49
CA CYS D 441 -29.82 -43.83 -0.67
C CYS D 441 -30.54 -43.16 -1.83
N THR D 442 -30.80 -41.86 -1.65
CA THR D 442 -31.55 -41.06 -2.60
C THR D 442 -31.21 -39.60 -2.32
N PRO D 443 -31.30 -38.71 -3.32
CA PRO D 443 -30.91 -37.31 -3.07
C PRO D 443 -31.94 -36.53 -2.27
N LEU D 444 -33.06 -37.14 -1.88
CA LEU D 444 -34.07 -36.39 -1.12
C LEU D 444 -33.53 -35.95 0.23
N SER D 445 -32.81 -36.82 0.95
CA SER D 445 -32.31 -36.45 2.26
C SER D 445 -31.24 -35.36 2.16
N ALA D 446 -30.32 -35.50 1.21
CA ALA D 446 -29.28 -34.50 1.03
C ALA D 446 -29.87 -33.17 0.58
N ALA D 447 -30.98 -33.21 -0.17
CA ALA D 447 -31.66 -31.98 -0.55
C ALA D 447 -32.39 -31.37 0.63
N ARG D 448 -32.94 -32.20 1.50
CA ARG D 448 -33.58 -31.69 2.71
C ARG D 448 -32.57 -30.99 3.61
N LYS D 449 -31.38 -31.56 3.74
CA LYS D 449 -30.36 -30.91 4.56
C LYS D 449 -29.84 -29.62 3.94
N GLY D 450 -29.95 -29.47 2.63
CA GLY D 450 -29.45 -28.30 1.95
C GLY D 450 -28.07 -28.45 1.36
N PHE D 451 -27.69 -29.64 0.90
CA PHE D 451 -26.34 -29.84 0.40
C PHE D 451 -26.28 -29.75 -1.13
N VAL D 452 -27.42 -29.85 -1.79
CA VAL D 452 -27.53 -29.63 -3.23
C VAL D 452 -28.53 -28.52 -3.45
N ASP D 453 -28.20 -27.61 -4.37
CA ASP D 453 -29.11 -26.48 -4.63
C ASP D 453 -30.45 -26.97 -5.16
N ALA D 454 -30.43 -27.78 -6.22
CA ALA D 454 -31.68 -28.25 -6.80
C ALA D 454 -31.44 -29.57 -7.51
N VAL D 455 -32.51 -30.33 -7.68
CA VAL D 455 -32.51 -31.56 -8.45
C VAL D 455 -33.04 -31.23 -9.84
N ILE D 456 -32.23 -31.49 -10.86
CA ILE D 456 -32.51 -31.01 -12.21
C ILE D 456 -32.64 -32.19 -13.16
N ASP D 457 -33.41 -31.96 -14.23
CA ASP D 457 -33.42 -32.88 -15.35
C ASP D 457 -32.04 -32.88 -16.02
N PRO D 458 -31.58 -34.04 -16.47
CA PRO D 458 -30.26 -34.09 -17.13
C PRO D 458 -30.22 -33.32 -18.44
N SER D 459 -31.36 -32.86 -18.96
CA SER D 459 -31.35 -32.13 -20.22
C SER D 459 -31.06 -30.65 -20.03
N GLU D 460 -31.04 -30.16 -18.79
CA GLU D 460 -30.85 -28.73 -18.52
C GLU D 460 -29.44 -28.41 -18.07
N THR D 461 -28.51 -29.36 -18.16
CA THR D 461 -27.18 -29.14 -17.60
C THR D 461 -26.45 -28.02 -18.32
N ARG D 462 -26.52 -28.00 -19.65
CA ARG D 462 -25.83 -26.94 -20.40
C ARG D 462 -26.40 -25.57 -20.06
N MET D 463 -27.72 -25.46 -19.98
CA MET D 463 -28.35 -24.20 -19.64
C MET D 463 -27.90 -23.72 -18.26
N ARG D 464 -27.95 -24.62 -17.27
CA ARG D 464 -27.59 -24.24 -15.91
C ARG D 464 -26.12 -23.85 -15.82
N VAL D 465 -25.24 -24.62 -16.48
CA VAL D 465 -23.81 -24.34 -16.40
C VAL D 465 -23.49 -23.01 -17.06
N CYS D 466 -24.08 -22.74 -18.22
CA CYS D 466 -23.83 -21.46 -18.88
C CYS D 466 -24.34 -20.29 -18.04
N GLU D 467 -25.54 -20.43 -17.47
CA GLU D 467 -26.08 -19.36 -16.63
C GLU D 467 -25.18 -19.09 -15.44
N ASP D 468 -24.80 -20.14 -14.71
CA ASP D 468 -24.01 -19.96 -13.51
C ASP D 468 -22.63 -19.41 -13.84
N LEU D 469 -22.01 -19.91 -14.90
CA LEU D 469 -20.67 -19.46 -15.25
C LEU D 469 -20.68 -18.03 -15.77
N GLU D 470 -21.80 -17.59 -16.37
CA GLU D 470 -21.91 -16.20 -16.76
C GLU D 470 -22.11 -15.30 -15.55
N ARG D 471 -22.96 -15.72 -14.61
CA ARG D 471 -23.20 -14.90 -13.43
C ARG D 471 -21.97 -14.78 -12.54
N LEU D 472 -21.21 -15.87 -12.38
CA LEU D 472 -20.08 -15.91 -11.46
C LEU D 472 -18.82 -15.27 -12.02
N ALA D 473 -18.93 -14.44 -13.05
CA ALA D 473 -17.75 -13.96 -13.77
C ALA D 473 -16.90 -13.05 -12.90
N ARG D 474 -17.49 -12.42 -11.88
CA ARG D 474 -16.81 -11.38 -11.11
C ARG D 474 -16.81 -11.66 -9.62
N LYS D 475 -16.51 -12.89 -9.22
CA LYS D 475 -16.41 -13.23 -7.80
C LYS D 475 -15.04 -12.83 -7.27
N GLN D 476 -15.01 -12.27 -6.07
CA GLN D 476 -13.76 -11.85 -5.44
C GLN D 476 -13.69 -12.42 -4.02
N LEU D 477 -12.88 -13.47 -3.86
CA LEU D 477 -12.70 -14.13 -2.58
C LEU D 477 -11.22 -14.16 -2.23
N GLN D 478 -10.92 -14.02 -0.94
CA GLN D 478 -9.54 -13.96 -0.48
C GLN D 478 -9.37 -14.80 0.78
N ASN D 479 -8.24 -15.49 0.87
CA ASN D 479 -7.85 -16.30 2.00
C ASN D 479 -7.13 -15.46 3.03
N PRO D 480 -7.02 -15.95 4.27
CA PRO D 480 -6.28 -15.19 5.29
C PRO D 480 -4.82 -15.02 4.92
N TRP D 481 -4.19 -14.01 5.52
CA TRP D 481 -2.83 -13.68 5.14
C TRP D 481 -1.86 -14.79 5.54
N LYS D 482 -1.04 -15.21 4.57
CA LYS D 482 -0.03 -16.24 4.79
C LYS D 482 1.18 -15.93 3.92
N LYS D 483 2.36 -16.31 4.41
CA LYS D 483 3.52 -16.31 3.53
C LYS D 483 3.35 -17.34 2.42
N HIS D 484 2.86 -18.52 2.77
CA HIS D 484 2.42 -19.57 1.85
C HIS D 484 1.80 -20.67 2.69
N GLY D 485 1.16 -21.61 2.01
CA GLY D 485 0.54 -22.72 2.69
C GLY D 485 1.57 -23.77 3.10
N ASN D 486 1.06 -24.87 3.64
CA ASN D 486 1.87 -26.04 3.97
C ASN D 486 1.08 -27.26 3.50
N ILE D 487 1.19 -27.58 2.21
CA ILE D 487 0.43 -28.66 1.60
C ILE D 487 1.06 -29.98 2.03
N PRO D 488 0.29 -31.05 2.23
CA PRO D 488 0.92 -32.34 2.53
C PRO D 488 1.66 -32.90 1.34
N LEU D 489 2.99 -32.82 1.36
CA LEU D 489 3.79 -33.31 0.24
C LEU D 489 3.78 -34.82 0.21
N PRO E 1 -54.50 -25.37 -14.69
CA PRO E 1 -54.12 -25.73 -13.32
C PRO E 1 -53.87 -24.50 -12.44
N THR E 2 -54.81 -24.23 -11.53
CA THR E 2 -54.71 -23.10 -10.61
C THR E 2 -54.99 -23.58 -9.19
N ALA E 3 -54.33 -24.65 -8.79
CA ALA E 3 -54.62 -25.34 -7.54
C ALA E 3 -54.02 -24.60 -6.35
N ALA E 4 -54.72 -24.68 -5.21
CA ALA E 4 -54.22 -24.29 -3.90
C ALA E 4 -54.00 -22.80 -3.73
N GLU E 5 -54.18 -22.03 -4.80
CA GLU E 5 -54.10 -20.58 -4.73
C GLU E 5 -55.47 -19.93 -4.82
N ASP E 6 -56.55 -20.72 -4.95
CA ASP E 6 -57.88 -20.15 -4.91
C ASP E 6 -58.22 -19.62 -3.52
N LEU E 7 -57.76 -20.33 -2.49
CA LEU E 7 -57.99 -19.88 -1.11
C LEU E 7 -57.32 -18.53 -0.86
N ARG E 8 -56.13 -18.33 -1.41
CA ARG E 8 -55.45 -17.05 -1.24
C ARG E 8 -56.15 -15.90 -1.96
N HIS E 9 -56.38 -16.05 -3.27
CA HIS E 9 -57.00 -14.97 -4.06
C HIS E 9 -58.40 -14.59 -3.59
N LYS E 10 -59.11 -15.53 -2.97
CA LYS E 10 -60.45 -15.25 -2.48
C LYS E 10 -60.44 -14.13 -1.43
N LYS E 11 -59.31 -13.93 -0.77
CA LYS E 11 -59.20 -12.87 0.22
C LYS E 11 -58.62 -11.62 -0.41
N LYS E 12 -58.73 -11.49 -1.73
CA LYS E 12 -58.20 -10.33 -2.43
C LYS E 12 -56.73 -10.10 -2.14
N ARG E 13 -55.94 -11.17 -2.17
CA ARG E 13 -54.51 -11.05 -1.91
C ARG E 13 -53.70 -11.93 -2.85
N LEU E 14 -52.46 -11.52 -3.13
CA LEU E 14 -51.62 -12.29 -4.05
C LEU E 14 -50.69 -13.25 -3.32
N THR E 15 -49.98 -14.09 -4.08
CA THR E 15 -49.10 -15.07 -3.46
C THR E 15 -47.64 -14.67 -3.64
N ALA E 16 -46.76 -15.26 -2.84
CA ALA E 16 -45.34 -14.91 -2.92
C ALA E 16 -44.78 -15.18 -4.31
N MET E 17 -45.10 -16.36 -4.87
CA MET E 17 -44.58 -16.70 -6.18
C MET E 17 -45.09 -15.75 -7.25
N GLU E 18 -46.35 -15.33 -7.15
CA GLU E 18 -46.89 -14.38 -8.11
C GLU E 18 -46.16 -13.05 -8.02
N ARG E 19 -45.84 -12.60 -6.81
CA ARG E 19 -45.08 -11.37 -6.63
C ARG E 19 -43.71 -11.49 -7.26
N VAL E 20 -43.04 -12.61 -7.04
CA VAL E 20 -41.71 -12.82 -7.63
C VAL E 20 -41.80 -12.82 -9.15
N GLN E 21 -42.83 -13.48 -9.70
CA GLN E 21 -43.02 -13.51 -11.14
C GLN E 21 -43.24 -12.11 -11.70
N LEU E 22 -44.03 -11.29 -11.00
CA LEU E 22 -44.27 -9.92 -11.44
C LEU E 22 -43.01 -9.05 -11.38
N PHE E 23 -42.15 -9.26 -10.40
CA PHE E 23 -40.99 -8.39 -10.25
C PHE E 23 -39.97 -8.59 -11.37
N CYS E 24 -39.50 -9.83 -11.55
CA CYS E 24 -38.38 -10.08 -12.44
C CYS E 24 -38.82 -10.08 -13.91
N ASP E 25 -37.89 -10.47 -14.78
CA ASP E 25 -38.14 -10.57 -16.19
C ASP E 25 -39.07 -11.76 -16.46
N PRO E 26 -39.65 -11.85 -17.66
CA PRO E 26 -40.68 -12.88 -17.90
C PRO E 26 -40.23 -14.30 -17.60
N GLY E 27 -39.00 -14.66 -17.94
CA GLY E 27 -38.60 -16.05 -17.77
C GLY E 27 -37.21 -16.24 -17.21
N THR E 28 -36.76 -15.32 -16.35
CA THR E 28 -35.39 -15.34 -15.87
C THR E 28 -35.29 -15.56 -14.35
N PHE E 29 -36.24 -16.25 -13.75
CA PHE E 29 -36.16 -16.59 -12.33
C PHE E 29 -35.76 -18.05 -12.17
N ARG E 30 -34.74 -18.29 -11.36
CA ARG E 30 -34.25 -19.64 -11.10
C ARG E 30 -34.28 -19.86 -9.59
N GLU E 31 -35.34 -20.52 -9.11
CA GLU E 31 -35.49 -20.76 -7.68
C GLU E 31 -34.31 -21.57 -7.17
N ARG E 32 -33.74 -21.15 -6.05
CA ARG E 32 -32.51 -21.78 -5.59
C ARG E 32 -32.79 -23.05 -4.80
N ASP E 33 -33.54 -22.93 -3.70
CA ASP E 33 -33.78 -24.07 -2.83
C ASP E 33 -35.28 -24.28 -2.68
N ALA E 34 -35.73 -25.52 -2.86
CA ALA E 34 -37.17 -25.78 -2.86
C ALA E 34 -37.61 -26.98 -2.05
N LEU E 35 -36.72 -27.87 -1.63
CA LEU E 35 -37.10 -29.07 -0.88
C LEU E 35 -36.35 -29.05 0.45
N VAL E 36 -36.91 -28.36 1.44
CA VAL E 36 -36.28 -28.21 2.75
C VAL E 36 -37.36 -28.30 3.82
N GLU E 37 -37.05 -29.02 4.90
CA GLU E 37 -38.00 -29.24 5.99
C GLU E 37 -37.45 -28.71 7.30
N HIS E 38 -38.34 -28.57 8.28
CA HIS E 38 -38.01 -27.82 9.49
C HIS E 38 -37.26 -28.66 10.52
N GLU E 39 -37.43 -29.98 10.50
CA GLU E 39 -36.81 -30.91 11.44
C GLU E 39 -36.84 -30.39 12.88
N CYS E 40 -38.07 -30.20 13.37
CA CYS E 40 -38.29 -29.59 14.69
C CYS E 40 -38.41 -30.64 15.80
N HIS E 41 -39.36 -31.55 15.67
CA HIS E 41 -39.58 -32.64 16.63
C HIS E 41 -39.89 -32.12 18.03
N ASN E 42 -40.94 -31.31 18.12
CA ASN E 42 -41.42 -30.78 19.39
C ASN E 42 -42.90 -30.42 19.23
N PHE E 43 -43.59 -30.35 20.38
CA PHE E 43 -44.97 -29.88 20.47
C PHE E 43 -45.86 -30.35 19.33
N GLY E 44 -45.80 -31.63 18.99
CA GLY E 44 -46.63 -32.15 17.92
C GLY E 44 -46.37 -31.51 16.56
N MET E 45 -45.11 -31.19 16.28
CA MET E 45 -44.72 -30.64 14.98
C MET E 45 -43.97 -31.66 14.14
N GLU E 46 -43.76 -32.87 14.66
CA GLU E 46 -43.09 -33.91 13.90
C GLU E 46 -43.83 -34.24 12.61
N LYS E 47 -45.11 -33.92 12.53
CA LYS E 47 -45.91 -34.09 11.33
C LYS E 47 -45.96 -32.76 10.56
N ARG E 48 -46.83 -32.72 9.56
CA ARG E 48 -47.08 -31.53 8.73
C ARG E 48 -45.78 -30.85 8.31
N LYS E 49 -44.89 -31.62 7.71
CA LYS E 49 -43.72 -31.02 7.08
C LYS E 49 -44.10 -30.39 5.75
N VAL E 50 -43.33 -29.38 5.35
CA VAL E 50 -43.63 -28.61 4.14
C VAL E 50 -42.40 -28.61 3.24
N PRO E 51 -42.56 -28.79 1.93
CA PRO E 51 -41.39 -28.84 1.04
C PRO E 51 -40.62 -27.54 0.96
N GLY E 52 -41.31 -26.42 0.71
CA GLY E 52 -40.62 -25.15 0.58
C GLY E 52 -40.16 -24.55 1.88
N ASP E 53 -40.81 -24.91 2.99
CA ASP E 53 -40.50 -24.36 4.32
C ASP E 53 -40.74 -22.85 4.36
N GLY E 54 -41.77 -22.40 3.65
CA GLY E 54 -42.28 -21.05 3.81
C GLY E 54 -41.48 -19.94 3.20
N PHE E 55 -40.41 -20.23 2.45
CA PHE E 55 -39.57 -19.22 1.84
C PHE E 55 -39.34 -19.53 0.38
N ILE E 56 -39.26 -18.49 -0.44
CA ILE E 56 -38.91 -18.61 -1.85
C ILE E 56 -37.71 -17.70 -2.11
N THR E 57 -36.56 -18.30 -2.39
CA THR E 57 -35.34 -17.57 -2.66
C THR E 57 -34.82 -17.98 -4.02
N GLY E 58 -34.34 -17.00 -4.79
CA GLY E 58 -33.86 -17.27 -6.13
C GLY E 58 -32.83 -16.23 -6.53
N THR E 59 -32.64 -16.10 -7.84
CA THR E 59 -31.74 -15.09 -8.37
C THR E 59 -32.46 -14.06 -9.23
N GLY E 60 -33.12 -14.47 -10.30
CA GLY E 60 -33.84 -13.52 -11.14
C GLY E 60 -32.92 -12.61 -11.93
N LYS E 61 -33.56 -11.67 -12.64
CA LYS E 61 -32.86 -10.71 -13.50
C LYS E 61 -33.79 -9.57 -13.88
N VAL E 62 -33.37 -8.33 -13.65
CA VAL E 62 -34.19 -7.15 -13.89
C VAL E 62 -33.49 -6.25 -14.89
N PHE E 63 -34.17 -5.93 -15.99
CA PHE E 63 -33.65 -5.03 -17.02
C PHE E 63 -32.30 -5.50 -17.53
N GLY E 64 -32.11 -6.81 -17.60
CA GLY E 64 -30.86 -7.37 -18.05
C GLY E 64 -29.77 -7.39 -17.02
N ARG E 65 -30.02 -6.88 -15.81
CA ARG E 65 -29.03 -6.84 -14.76
C ARG E 65 -29.41 -7.81 -13.65
N PRO E 66 -28.44 -8.48 -13.03
CA PRO E 66 -28.77 -9.50 -12.03
C PRO E 66 -29.29 -8.88 -10.74
N VAL E 67 -29.96 -9.73 -9.96
CA VAL E 67 -30.53 -9.35 -8.68
C VAL E 67 -30.56 -10.60 -7.81
N PHE E 68 -30.90 -10.44 -6.54
CA PHE E 68 -31.20 -11.54 -5.64
C PHE E 68 -32.42 -11.16 -4.82
N LEU E 69 -33.25 -12.14 -4.48
CA LEU E 69 -34.46 -11.80 -3.74
C LEU E 69 -34.93 -13.00 -2.92
N PHE E 70 -35.83 -12.71 -1.98
CA PHE E 70 -36.51 -13.73 -1.21
C PHE E 70 -37.88 -13.20 -0.82
N SER E 71 -38.83 -14.11 -0.62
CA SER E 71 -40.19 -13.73 -0.32
C SER E 71 -40.78 -14.66 0.74
N HIS E 72 -41.41 -14.07 1.75
CA HIS E 72 -42.09 -14.86 2.77
C HIS E 72 -43.40 -15.41 2.21
N ASP E 73 -43.88 -16.48 2.85
CA ASP E 73 -45.10 -17.16 2.46
C ASP E 73 -46.06 -17.16 3.64
N PHE E 74 -47.25 -16.59 3.46
CA PHE E 74 -48.17 -16.47 4.58
C PHE E 74 -48.99 -17.72 4.82
N THR E 75 -49.22 -18.53 3.78
CA THR E 75 -50.03 -19.72 3.94
C THR E 75 -49.35 -20.75 4.84
N VAL E 76 -48.03 -20.90 4.71
CA VAL E 76 -47.30 -21.95 5.41
C VAL E 76 -46.83 -21.40 6.75
N PHE E 77 -47.46 -21.87 7.83
CA PHE E 77 -47.07 -21.56 9.20
C PHE E 77 -47.12 -20.07 9.52
N GLY E 78 -47.83 -19.29 8.72
CA GLY E 78 -47.89 -17.86 8.96
C GLY E 78 -46.63 -17.10 8.61
N GLY E 79 -45.68 -17.74 7.94
CA GLY E 79 -44.44 -17.08 7.56
C GLY E 79 -43.40 -16.97 8.65
N SER E 80 -43.55 -17.74 9.73
CA SER E 80 -42.64 -17.65 10.85
C SER E 80 -41.23 -18.11 10.46
N LEU E 81 -40.23 -17.46 11.02
CA LEU E 81 -38.84 -17.84 10.78
C LEU E 81 -38.43 -18.96 11.72
N SER E 82 -37.33 -19.61 11.37
CA SER E 82 -36.86 -20.77 12.11
C SER E 82 -35.35 -20.87 11.96
N ARG E 83 -34.79 -21.90 12.59
CA ARG E 83 -33.37 -22.19 12.38
C ARG E 83 -33.08 -22.52 10.92
N THR E 84 -34.09 -22.99 10.20
CA THR E 84 -33.91 -23.46 8.84
C THR E 84 -34.28 -22.43 7.78
N ASN E 85 -35.31 -21.62 8.04
CA ASN E 85 -35.66 -20.55 7.11
C ASN E 85 -34.52 -19.55 6.96
N ALA E 86 -33.92 -19.16 8.08
CA ALA E 86 -32.89 -18.13 8.05
C ALA E 86 -31.62 -18.59 7.33
N ALA E 87 -31.38 -19.90 7.24
CA ALA E 87 -30.19 -20.39 6.57
C ALA E 87 -30.20 -20.02 5.10
N LYS E 88 -31.34 -20.14 4.44
CA LYS E 88 -31.44 -19.79 3.03
C LYS E 88 -31.16 -18.31 2.82
N VAL E 89 -31.73 -17.46 3.67
CA VAL E 89 -31.51 -16.02 3.54
C VAL E 89 -30.05 -15.68 3.78
N VAL E 90 -29.43 -16.32 4.77
CA VAL E 90 -28.02 -16.07 5.03
C VAL E 90 -27.17 -16.46 3.82
N ARG E 91 -27.48 -17.62 3.22
CA ARG E 91 -26.72 -18.05 2.05
C ARG E 91 -26.87 -17.06 0.90
N ILE E 92 -28.10 -16.58 0.67
CA ILE E 92 -28.33 -15.61 -0.40
C ILE E 92 -27.55 -14.33 -0.16
N MET E 93 -27.60 -13.81 1.07
CA MET E 93 -26.88 -12.55 1.36
C MET E 93 -25.38 -12.74 1.25
N GLU E 94 -24.85 -13.88 1.68
CA GLU E 94 -23.42 -14.12 1.56
C GLU E 94 -23.00 -14.18 0.10
N GLU E 95 -23.78 -14.88 -0.74
CA GLU E 95 -23.47 -14.95 -2.16
C GLU E 95 -23.55 -13.56 -2.80
N ALA E 96 -24.55 -12.77 -2.42
CA ALA E 96 -24.67 -11.42 -2.95
C ALA E 96 -23.63 -10.48 -2.36
N ALA E 97 -22.90 -10.92 -1.34
CA ALA E 97 -21.78 -10.14 -0.84
C ALA E 97 -20.51 -10.47 -1.62
N LYS E 98 -20.31 -11.74 -1.96
CA LYS E 98 -19.16 -12.11 -2.78
C LYS E 98 -19.24 -11.44 -4.16
N ILE E 99 -20.40 -11.52 -4.80
CA ILE E 99 -20.62 -10.89 -6.09
C ILE E 99 -21.28 -9.55 -5.85
N GLY E 100 -20.95 -8.55 -6.66
CA GLY E 100 -21.51 -7.23 -6.45
C GLY E 100 -22.94 -7.07 -6.90
N VAL E 101 -23.88 -7.68 -6.17
CA VAL E 101 -25.29 -7.69 -6.55
C VAL E 101 -26.13 -7.25 -5.35
N PRO E 102 -27.21 -6.51 -5.55
CA PRO E 102 -28.07 -6.11 -4.42
C PRO E 102 -29.05 -7.21 -4.03
N VAL E 103 -29.82 -6.92 -2.98
CA VAL E 103 -30.79 -7.87 -2.42
C VAL E 103 -32.09 -7.13 -2.15
N ILE E 104 -33.21 -7.76 -2.51
CA ILE E 104 -34.54 -7.21 -2.30
C ILE E 104 -35.41 -8.26 -1.64
N GLY E 105 -36.07 -7.91 -0.55
CA GLY E 105 -36.87 -8.86 0.20
C GLY E 105 -38.28 -8.38 0.41
N PHE E 106 -39.24 -9.29 0.21
CA PHE E 106 -40.66 -9.01 0.40
C PHE E 106 -41.11 -9.67 1.70
N ASN E 107 -41.28 -8.86 2.75
CA ASN E 107 -41.54 -9.38 4.09
C ASN E 107 -43.04 -9.63 4.27
N ASP E 108 -43.38 -10.79 4.84
CA ASP E 108 -44.76 -11.12 5.13
C ASP E 108 -44.92 -11.91 6.42
N SER E 109 -43.86 -12.06 7.21
CA SER E 109 -43.88 -12.96 8.35
C SER E 109 -44.84 -12.48 9.43
N GLY E 110 -45.53 -13.43 10.06
CA GLY E 110 -46.39 -13.14 11.17
C GLY E 110 -45.71 -13.08 12.51
N GLY E 111 -44.41 -13.33 12.57
CA GLY E 111 -43.65 -13.33 13.79
C GLY E 111 -42.73 -14.53 13.84
N ALA E 112 -42.19 -14.80 15.03
CA ALA E 112 -41.30 -15.93 15.20
C ALA E 112 -42.09 -17.23 15.35
N ARG E 113 -41.40 -18.34 15.13
CA ARG E 113 -41.98 -19.67 15.29
C ARG E 113 -41.69 -20.14 16.71
N ILE E 114 -42.74 -20.27 17.52
CA ILE E 114 -42.54 -20.59 18.93
C ILE E 114 -42.07 -22.01 19.10
N HIS E 115 -42.47 -22.91 18.21
CA HIS E 115 -42.18 -24.34 18.37
C HIS E 115 -40.71 -24.66 18.23
N GLU E 116 -39.88 -23.73 17.76
CA GLU E 116 -38.45 -23.95 17.65
C GLU E 116 -37.67 -23.47 18.87
N GLY E 117 -38.30 -22.74 19.78
CA GLY E 117 -37.56 -22.23 20.92
C GLY E 117 -36.66 -21.08 20.51
N VAL E 118 -35.42 -21.10 21.01
CA VAL E 118 -34.50 -19.98 20.81
C VAL E 118 -33.81 -20.03 19.44
N ASP E 119 -34.10 -21.06 18.65
CA ASP E 119 -33.51 -21.13 17.32
C ASP E 119 -33.98 -19.99 16.43
N SER E 120 -35.22 -19.55 16.63
CA SER E 120 -35.70 -18.37 15.90
C SER E 120 -34.89 -17.14 16.25
N LEU E 121 -34.56 -16.98 17.53
CA LEU E 121 -33.69 -15.87 17.93
C LEU E 121 -32.32 -15.98 17.29
N ALA E 122 -31.80 -17.20 17.19
CA ALA E 122 -30.51 -17.40 16.53
C ALA E 122 -30.56 -16.94 15.07
N GLY E 123 -31.61 -17.38 14.35
CA GLY E 123 -31.75 -16.97 12.97
C GLY E 123 -31.89 -15.46 12.81
N TYR E 124 -32.70 -14.85 13.68
CA TYR E 124 -32.83 -13.40 13.65
C TYR E 124 -31.50 -12.71 13.85
N ALA E 125 -30.70 -13.20 14.80
CA ALA E 125 -29.41 -12.58 15.07
C ALA E 125 -28.48 -12.69 13.87
N ASP E 126 -28.48 -13.86 13.21
CA ASP E 126 -27.63 -14.01 12.02
C ASP E 126 -28.04 -13.06 10.92
N ILE E 127 -29.34 -12.93 10.67
CA ILE E 127 -29.80 -12.00 9.64
C ILE E 127 -29.44 -10.57 10.00
N PHE E 128 -29.59 -10.21 11.27
CA PHE E 128 -29.23 -8.86 11.71
C PHE E 128 -27.76 -8.58 11.47
N LEU E 129 -26.89 -9.55 11.80
CA LEU E 129 -25.46 -9.34 11.59
C LEU E 129 -25.12 -9.21 10.12
N ARG E 130 -25.73 -10.02 9.26
CA ARG E 130 -25.45 -9.88 7.84
C ARG E 130 -25.89 -8.51 7.33
N ASN E 131 -27.07 -8.05 7.75
CA ASN E 131 -27.52 -6.72 7.34
C ASN E 131 -26.55 -5.64 7.83
N THR E 132 -26.09 -5.75 9.07
CA THR E 132 -25.19 -4.75 9.62
C THR E 132 -23.86 -4.73 8.88
N LEU E 133 -23.30 -5.91 8.60
CA LEU E 133 -21.99 -5.97 7.95
C LEU E 133 -22.08 -5.49 6.50
N PHE E 134 -23.12 -5.88 5.77
CA PHE E 134 -23.16 -5.61 4.35
C PHE E 134 -23.87 -4.30 4.01
N SER E 135 -24.27 -3.50 4.99
CA SER E 135 -24.85 -2.20 4.69
C SER E 135 -23.75 -1.23 4.27
N GLY E 136 -23.93 -0.60 3.11
CA GLY E 136 -22.89 0.19 2.50
C GLY E 136 -22.03 -0.57 1.50
N VAL E 137 -22.21 -1.88 1.38
CA VAL E 137 -21.53 -2.68 0.37
C VAL E 137 -22.43 -2.93 -0.83
N ILE E 138 -23.64 -3.42 -0.58
CA ILE E 138 -24.64 -3.64 -1.62
C ILE E 138 -25.93 -2.97 -1.20
N PRO E 139 -26.64 -2.28 -2.09
CA PRO E 139 -27.90 -1.66 -1.69
C PRO E 139 -28.92 -2.71 -1.28
N GLN E 140 -29.71 -2.38 -0.26
CA GLN E 140 -30.74 -3.27 0.25
C GLN E 140 -32.08 -2.54 0.25
N ILE E 141 -33.07 -3.13 -0.39
CA ILE E 141 -34.42 -2.59 -0.45
C ILE E 141 -35.37 -3.62 0.15
N SER E 142 -36.35 -3.15 0.92
CA SER E 142 -37.31 -4.02 1.57
C SER E 142 -38.71 -3.50 1.32
N VAL E 143 -39.64 -4.42 1.05
CA VAL E 143 -41.04 -4.09 0.85
C VAL E 143 -41.87 -4.95 1.80
N ILE E 144 -42.88 -4.36 2.41
CA ILE E 144 -43.71 -5.03 3.39
C ILE E 144 -45.10 -5.21 2.81
N MET E 145 -45.47 -6.46 2.52
CA MET E 145 -46.72 -6.75 1.85
C MET E 145 -47.83 -7.17 2.79
N GLY E 146 -47.49 -7.59 4.01
CA GLY E 146 -48.48 -8.02 4.96
C GLY E 146 -48.07 -7.70 6.37
N PRO E 147 -48.60 -8.44 7.33
CA PRO E 147 -48.22 -8.21 8.74
C PRO E 147 -46.73 -8.42 8.94
N CYS E 148 -46.17 -7.63 9.85
CA CYS E 148 -44.75 -7.73 10.21
C CYS E 148 -44.63 -7.25 11.64
N ALA E 149 -44.57 -8.19 12.59
CA ALA E 149 -44.59 -7.86 14.01
C ALA E 149 -43.44 -8.55 14.70
N GLY E 150 -43.36 -8.36 16.02
CA GLY E 150 -42.31 -8.97 16.80
C GLY E 150 -40.97 -8.31 16.56
N GLY E 151 -39.92 -9.05 16.89
CA GLY E 151 -38.57 -8.57 16.67
C GLY E 151 -38.08 -8.63 15.24
N ALA E 152 -38.87 -9.23 14.34
CA ALA E 152 -38.50 -9.30 12.94
C ALA E 152 -38.50 -7.94 12.27
N VAL E 153 -39.09 -6.93 12.92
CA VAL E 153 -39.19 -5.60 12.35
C VAL E 153 -37.83 -4.94 12.18
N TYR E 154 -36.82 -5.41 12.91
CA TYR E 154 -35.55 -4.68 12.96
C TYR E 154 -34.75 -4.83 11.67
N SER E 155 -34.79 -6.00 11.04
CA SER E 155 -34.03 -6.17 9.80
C SER E 155 -34.50 -5.25 8.68
N PRO E 156 -35.80 -5.01 8.45
CA PRO E 156 -36.16 -3.96 7.48
C PRO E 156 -35.63 -2.58 7.86
N ALA E 157 -35.51 -2.30 9.16
CA ALA E 157 -35.07 -0.99 9.59
C ALA E 157 -33.64 -0.70 9.15
N ILE E 158 -32.76 -1.69 9.25
CA ILE E 158 -31.36 -1.48 8.88
C ILE E 158 -31.22 -1.31 7.38
N THR E 159 -32.16 -1.86 6.60
CA THR E 159 -32.09 -1.75 5.16
C THR E 159 -32.25 -0.29 4.73
N ASP E 160 -31.76 0.00 3.52
CA ASP E 160 -31.67 1.39 3.08
C ASP E 160 -33.03 2.02 2.88
N PHE E 161 -33.95 1.32 2.24
CA PHE E 161 -35.27 1.86 1.95
C PHE E 161 -36.34 0.83 2.28
N THR E 162 -37.43 1.29 2.89
CA THR E 162 -38.55 0.44 3.22
C THR E 162 -39.81 1.03 2.60
N PHE E 163 -40.55 0.22 1.87
CA PHE E 163 -41.80 0.64 1.26
C PHE E 163 -42.94 -0.18 1.84
N MET E 164 -44.16 0.33 1.69
CA MET E 164 -45.32 -0.26 2.32
C MET E 164 -46.47 -0.33 1.33
N VAL E 165 -47.31 -1.34 1.50
CA VAL E 165 -48.53 -1.50 0.71
C VAL E 165 -49.70 -0.99 1.54
N GLU E 166 -50.68 -0.38 0.88
CA GLU E 166 -51.64 0.46 1.57
C GLU E 166 -52.63 -0.36 2.41
N THR E 167 -53.40 -1.23 1.76
CA THR E 167 -54.59 -1.78 2.42
C THR E 167 -54.23 -2.81 3.48
N SER E 168 -53.26 -3.68 3.18
CA SER E 168 -53.10 -4.93 3.92
C SER E 168 -51.67 -5.09 4.42
N SER E 169 -51.14 -4.08 5.09
CA SER E 169 -49.81 -4.17 5.67
C SER E 169 -49.73 -3.31 6.92
N TYR E 170 -48.90 -3.74 7.86
CA TYR E 170 -48.64 -2.97 9.07
C TYR E 170 -47.35 -3.48 9.70
N MET E 171 -46.78 -2.68 10.60
CA MET E 171 -45.54 -3.05 11.26
C MET E 171 -45.43 -2.31 12.59
N PHE E 172 -45.00 -3.04 13.61
CA PHE E 172 -44.79 -2.49 14.95
C PHE E 172 -44.02 -3.52 15.77
N VAL E 173 -43.50 -3.06 16.91
CA VAL E 173 -42.71 -3.94 17.77
C VAL E 173 -43.61 -4.80 18.64
N THR E 174 -44.58 -4.21 19.33
CA THR E 174 -45.43 -4.91 20.27
C THR E 174 -46.89 -4.79 19.86
N GLY E 175 -47.62 -5.88 20.02
CA GLY E 175 -49.01 -5.94 19.62
C GLY E 175 -49.92 -5.11 20.50
N PRO E 176 -51.13 -4.82 20.03
CA PRO E 176 -52.07 -4.03 20.83
C PRO E 176 -52.57 -4.73 22.07
N GLU E 177 -52.47 -6.07 22.14
CA GLU E 177 -52.90 -6.79 23.32
C GLU E 177 -52.07 -6.39 24.53
N VAL E 178 -50.76 -6.30 24.37
CA VAL E 178 -49.90 -5.89 25.48
C VAL E 178 -50.16 -4.44 25.85
N VAL E 179 -50.41 -3.59 24.84
CA VAL E 179 -50.73 -2.20 25.12
C VAL E 179 -51.98 -2.10 25.97
N SER E 180 -53.00 -2.89 25.65
CA SER E 180 -54.21 -2.92 26.47
C SER E 180 -53.90 -3.46 27.86
N ALA E 181 -53.03 -4.47 27.94
CA ALA E 181 -52.73 -5.09 29.23
C ALA E 181 -52.06 -4.12 30.19
N VAL E 182 -51.13 -3.30 29.69
CA VAL E 182 -50.35 -2.42 30.56
C VAL E 182 -50.97 -1.03 30.68
N GLY E 183 -51.30 -0.39 29.56
CA GLY E 183 -51.82 0.97 29.63
C GLY E 183 -53.32 1.03 29.75
N GLY E 184 -54.02 0.08 29.14
CA GLY E 184 -55.47 0.03 29.21
C GLY E 184 -56.19 0.70 28.07
N LYS E 185 -55.51 1.02 26.98
CA LYS E 185 -56.12 1.67 25.83
C LYS E 185 -56.35 0.66 24.71
N LEU E 186 -57.50 0.74 24.06
CA LEU E 186 -57.88 -0.17 22.99
C LEU E 186 -57.60 0.50 21.66
N VAL E 187 -56.55 0.03 20.97
CA VAL E 187 -56.13 0.57 19.69
C VAL E 187 -56.06 -0.57 18.69
N THR E 188 -56.60 -0.36 17.49
CA THR E 188 -56.57 -1.40 16.47
C THR E 188 -55.17 -1.52 15.87
N LYS E 189 -54.98 -2.60 15.10
CA LYS E 189 -53.68 -2.83 14.48
C LYS E 189 -53.34 -1.73 13.48
N ASP E 190 -54.31 -1.31 12.68
CA ASP E 190 -54.07 -0.25 11.70
C ASP E 190 -53.85 1.09 12.39
N GLU E 191 -54.60 1.37 13.45
CA GLU E 191 -54.41 2.61 14.18
C GLU E 191 -53.03 2.65 14.85
N LEU E 192 -52.45 1.48 15.11
CA LEU E 192 -51.15 1.43 15.78
C LEU E 192 -50.01 1.52 14.78
N GLY E 193 -49.98 0.60 13.81
CA GLY E 193 -48.86 0.55 12.89
C GLY E 193 -49.22 0.51 11.42
N GLY E 194 -50.28 1.21 11.04
CA GLY E 194 -50.72 1.22 9.66
C GLY E 194 -49.76 1.99 8.75
N PRO E 195 -49.90 1.80 7.44
CA PRO E 195 -48.98 2.49 6.51
C PRO E 195 -49.02 4.00 6.62
N HIS E 196 -50.18 4.58 6.89
CA HIS E 196 -50.26 6.03 7.04
C HIS E 196 -49.45 6.51 8.25
N VAL E 197 -49.51 5.76 9.35
CA VAL E 197 -48.82 6.16 10.57
C VAL E 197 -47.32 6.24 10.33
N HIS E 198 -46.76 5.22 9.66
CA HIS E 198 -45.34 5.22 9.37
C HIS E 198 -44.99 6.13 8.21
N ALA E 199 -45.96 6.52 7.38
CA ALA E 199 -45.69 7.45 6.30
C ALA E 199 -45.60 8.88 6.81
N THR E 200 -46.39 9.24 7.82
CA THR E 200 -46.46 10.63 8.28
C THR E 200 -45.87 10.83 9.67
N LYS E 201 -46.09 9.91 10.60
CA LYS E 201 -45.76 10.19 11.99
C LYS E 201 -44.36 9.75 12.37
N SER E 202 -44.01 8.49 12.12
CA SER E 202 -42.73 7.95 12.57
C SER E 202 -41.60 8.16 11.57
N GLY E 203 -41.91 8.32 10.29
CA GLY E 203 -40.88 8.53 9.29
C GLY E 203 -40.06 7.32 8.93
N VAL E 204 -40.56 6.12 9.22
CA VAL E 204 -39.80 4.91 8.92
C VAL E 204 -39.98 4.52 7.45
N SER E 205 -41.23 4.48 6.99
CA SER E 205 -41.52 4.01 5.63
C SER E 205 -41.12 5.07 4.61
N ALA E 206 -40.46 4.64 3.54
CA ALA E 206 -39.97 5.59 2.54
C ALA E 206 -41.00 5.84 1.44
N GLY E 207 -42.12 5.12 1.45
CA GLY E 207 -43.14 5.34 0.44
C GLY E 207 -44.32 4.42 0.70
N THR E 208 -45.39 4.66 -0.05
CA THR E 208 -46.58 3.82 0.02
C THR E 208 -47.14 3.64 -1.38
N PHE E 209 -47.60 2.43 -1.67
CA PHE E 209 -48.16 2.09 -2.96
C PHE E 209 -49.61 1.62 -2.80
N PRO E 210 -50.45 1.82 -3.80
CA PRO E 210 -51.86 1.43 -3.66
C PRO E 210 -52.09 -0.07 -3.88
N ASN E 211 -51.33 -0.68 -4.77
CA ASN E 211 -51.51 -2.09 -5.11
C ASN E 211 -50.16 -2.76 -5.22
N ASP E 212 -50.18 -4.10 -5.17
CA ASP E 212 -48.95 -4.86 -5.37
C ASP E 212 -48.43 -4.71 -6.79
N ILE E 213 -49.33 -4.66 -7.77
CA ILE E 213 -48.93 -4.54 -9.17
C ILE E 213 -48.18 -3.23 -9.39
N VAL E 214 -48.73 -2.13 -8.88
CA VAL E 214 -48.06 -0.84 -8.98
C VAL E 214 -46.76 -0.86 -8.20
N ALA E 215 -46.75 -1.57 -7.06
CA ALA E 215 -45.53 -1.68 -6.27
C ALA E 215 -44.40 -2.31 -7.08
N MET E 216 -44.68 -3.42 -7.75
CA MET E 216 -43.65 -4.04 -8.60
C MET E 216 -43.26 -3.12 -9.75
N ALA E 217 -44.25 -2.50 -10.41
CA ALA E 217 -43.96 -1.69 -11.58
C ALA E 217 -43.03 -0.53 -11.23
N GLN E 218 -43.26 0.09 -10.08
CA GLN E 218 -42.39 1.20 -9.69
C GLN E 218 -41.11 0.73 -9.01
N LEU E 219 -41.10 -0.46 -8.42
CA LEU E 219 -39.86 -0.97 -7.86
C LEU E 219 -38.85 -1.26 -8.96
N ARG E 220 -39.31 -1.74 -10.12
CA ARG E 220 -38.41 -1.87 -11.26
C ARG E 220 -37.81 -0.53 -11.65
N ARG E 221 -38.64 0.51 -11.69
CA ARG E 221 -38.16 1.83 -12.06
C ARG E 221 -37.13 2.34 -11.05
N LEU E 222 -37.37 2.11 -9.76
CA LEU E 222 -36.39 2.50 -8.76
C LEU E 222 -35.08 1.73 -8.96
N TYR E 223 -35.18 0.43 -9.24
CA TYR E 223 -33.99 -0.37 -9.43
C TYR E 223 -33.17 0.10 -10.62
N SER E 224 -33.83 0.70 -11.62
CA SER E 224 -33.09 1.19 -12.78
C SER E 224 -32.12 2.30 -12.44
N TYR E 225 -32.23 2.90 -11.26
CA TYR E 225 -31.35 4.02 -10.88
C TYR E 225 -30.09 3.55 -10.17
N LEU E 226 -30.19 2.47 -9.39
CA LEU E 226 -29.17 2.14 -8.43
C LEU E 226 -27.91 1.56 -9.11
N PRO E 227 -26.74 1.78 -8.53
CA PRO E 227 -25.55 1.06 -8.98
C PRO E 227 -25.52 -0.35 -8.41
N LEU E 228 -24.81 -1.23 -9.11
CA LEU E 228 -24.89 -2.65 -8.78
C LEU E 228 -24.20 -2.97 -7.46
N SER E 229 -23.12 -2.27 -7.13
CA SER E 229 -22.36 -2.60 -5.94
C SER E 229 -21.64 -1.36 -5.43
N ASN E 230 -20.73 -1.58 -4.49
CA ASN E 230 -19.97 -0.49 -3.90
C ASN E 230 -18.89 0.01 -4.85
N ARG E 231 -18.25 -0.91 -5.58
CA ARG E 231 -17.12 -0.57 -6.42
C ARG E 231 -17.52 -0.26 -7.86
N ASP E 232 -18.74 -0.58 -8.26
CA ASP E 232 -19.19 -0.33 -9.63
C ASP E 232 -19.52 1.15 -9.83
N PRO E 233 -19.41 1.65 -11.06
CA PRO E 233 -19.67 3.07 -11.31
C PRO E 233 -21.16 3.35 -11.45
N VAL E 234 -21.47 4.64 -11.40
CA VAL E 234 -22.87 5.08 -11.51
C VAL E 234 -23.40 4.74 -12.90
N PRO E 235 -24.58 4.13 -13.01
CA PRO E 235 -25.10 3.77 -14.33
C PRO E 235 -25.42 5.01 -15.17
N VAL E 236 -25.23 4.86 -16.47
CA VAL E 236 -25.55 5.91 -17.44
C VAL E 236 -26.41 5.28 -18.54
N LEU E 237 -27.57 5.87 -18.79
CA LEU E 237 -28.47 5.33 -19.79
C LEU E 237 -28.55 6.27 -20.99
N PRO E 238 -28.81 5.73 -22.18
CA PRO E 238 -29.02 6.60 -23.34
C PRO E 238 -30.27 7.45 -23.16
N THR E 239 -30.23 8.66 -23.71
CA THR E 239 -31.36 9.58 -23.57
C THR E 239 -31.29 10.60 -24.71
N ALA E 240 -32.44 10.86 -25.32
CA ALA E 240 -32.50 11.83 -26.42
C ALA E 240 -32.46 13.27 -25.91
N ASP E 241 -32.73 13.50 -24.64
CA ASP E 241 -32.68 14.84 -24.09
C ASP E 241 -31.25 15.36 -24.11
N GLU E 242 -31.11 16.68 -24.25
CA GLU E 242 -29.82 17.31 -24.44
C GLU E 242 -29.69 18.56 -23.59
N ARG E 243 -28.45 18.92 -23.27
CA ARG E 243 -28.16 20.07 -22.43
C ARG E 243 -28.47 21.40 -23.09
N TYR E 244 -28.73 21.40 -24.40
CA TYR E 244 -29.00 22.63 -25.13
C TYR E 244 -30.48 22.95 -25.21
N ARG E 245 -31.33 22.17 -24.55
CA ARG E 245 -32.74 22.49 -24.48
C ARG E 245 -32.93 23.82 -23.77
N ASP E 246 -33.82 24.66 -24.30
CA ASP E 246 -33.99 26.00 -23.78
C ASP E 246 -34.82 25.98 -22.49
N VAL E 247 -34.28 26.59 -21.44
CA VAL E 247 -35.02 26.82 -20.20
C VAL E 247 -34.89 28.31 -19.87
N SER E 248 -35.85 29.10 -20.35
CA SER E 248 -35.92 30.51 -20.00
C SER E 248 -37.04 30.80 -19.01
N SER E 249 -37.86 29.81 -18.70
CA SER E 249 -38.95 30.01 -17.75
C SER E 249 -38.43 30.20 -16.32
N LEU E 250 -37.15 29.91 -16.08
CA LEU E 250 -36.60 30.07 -14.75
C LEU E 250 -36.37 31.54 -14.40
N ASN E 251 -36.40 32.43 -15.37
CA ASN E 251 -36.18 33.85 -15.09
C ASN E 251 -37.32 34.45 -14.30
N THR E 252 -38.50 33.82 -14.32
CA THR E 252 -39.70 34.39 -13.72
C THR E 252 -40.21 33.62 -12.52
N VAL E 253 -39.55 32.53 -12.13
CA VAL E 253 -40.07 31.68 -11.06
C VAL E 253 -40.07 32.43 -9.74
N VAL E 254 -38.97 33.11 -9.42
CA VAL E 254 -38.84 33.82 -8.15
C VAL E 254 -39.66 35.10 -8.20
N PRO E 255 -40.63 35.28 -7.32
CA PRO E 255 -41.40 36.52 -7.31
C PRO E 255 -40.55 37.71 -6.88
N THR E 256 -40.96 38.90 -7.30
CA THR E 256 -40.23 40.10 -6.92
C THR E 256 -40.52 40.58 -5.50
N GLU E 257 -41.48 39.95 -4.84
CA GLU E 257 -41.75 40.29 -3.44
C GLU E 257 -41.05 39.30 -2.53
N VAL E 258 -40.57 39.74 -1.39
CA VAL E 258 -39.82 38.85 -0.51
C VAL E 258 -40.69 38.04 0.44
N LYS E 259 -41.99 38.32 0.47
CA LYS E 259 -42.89 37.64 1.39
C LYS E 259 -43.87 36.71 0.69
N GLU E 260 -43.71 36.53 -0.61
CA GLU E 260 -44.59 35.65 -1.36
C GLU E 260 -43.93 34.29 -1.53
N ALA E 261 -44.73 33.24 -1.64
CA ALA E 261 -44.17 31.89 -1.71
C ALA E 261 -44.19 31.31 -3.11
N TYR E 262 -43.36 30.30 -3.35
CA TYR E 262 -43.39 29.63 -4.63
C TYR E 262 -43.02 28.16 -4.46
N ASP E 263 -43.27 27.38 -5.51
CA ASP E 263 -43.04 25.95 -5.48
C ASP E 263 -41.65 25.63 -6.04
N MET E 264 -40.83 24.96 -5.24
CA MET E 264 -39.46 24.69 -5.68
C MET E 264 -39.42 23.69 -6.82
N ARG E 265 -40.48 22.90 -7.00
CA ARG E 265 -40.52 21.96 -8.11
C ARG E 265 -40.46 22.69 -9.45
N ASP E 266 -40.95 23.93 -9.48
CA ASP E 266 -40.85 24.73 -10.71
C ASP E 266 -39.40 25.04 -11.06
N VAL E 267 -38.50 24.91 -10.09
CA VAL E 267 -37.06 25.05 -10.37
C VAL E 267 -36.41 23.69 -10.57
N ILE E 268 -36.88 22.68 -9.85
CA ILE E 268 -36.26 21.36 -9.94
C ILE E 268 -36.52 20.74 -11.31
N TYR E 269 -37.77 20.81 -11.79
CA TYR E 269 -38.15 20.05 -12.98
C TYR E 269 -37.43 20.50 -14.25
N PRO E 270 -37.28 21.80 -14.55
CA PRO E 270 -36.59 22.16 -15.80
C PRO E 270 -35.16 21.67 -15.90
N VAL E 271 -34.42 21.64 -14.78
CA VAL E 271 -32.99 21.32 -14.86
C VAL E 271 -32.79 19.84 -15.19
N ILE E 272 -33.56 18.95 -14.57
CA ILE E 272 -33.38 17.52 -14.78
C ILE E 272 -34.07 17.11 -16.07
N ASP E 273 -33.82 15.89 -16.52
CA ASP E 273 -34.43 15.38 -17.74
C ASP E 273 -35.92 15.11 -17.52
N HIS E 274 -36.66 15.06 -18.62
CA HIS E 274 -38.11 15.01 -18.56
C HIS E 274 -38.59 13.70 -17.94
N ASP E 275 -39.57 13.83 -17.03
CA ASP E 275 -40.24 12.69 -16.41
C ASP E 275 -39.23 11.73 -15.79
N SER E 276 -38.31 12.27 -15.01
CA SER E 276 -37.27 11.46 -14.39
C SER E 276 -37.04 11.84 -12.93
N PHE E 277 -38.11 12.00 -12.16
CA PHE E 277 -38.00 12.28 -10.73
C PHE E 277 -38.69 11.17 -9.96
N PHE E 278 -38.04 10.69 -8.90
CA PHE E 278 -38.57 9.62 -8.05
C PHE E 278 -38.48 10.11 -6.61
N GLU E 279 -39.52 10.79 -6.14
CA GLU E 279 -39.50 11.38 -4.81
C GLU E 279 -39.44 10.30 -3.74
N ILE E 280 -38.67 10.59 -2.69
CA ILE E 280 -38.50 9.69 -1.54
C ILE E 280 -39.17 10.34 -0.33
N GLN E 281 -40.02 9.59 0.35
CA GLN E 281 -40.77 10.09 1.50
C GLN E 281 -41.59 11.34 1.15
N PRO E 282 -42.58 11.21 0.27
CA PRO E 282 -43.27 12.41 -0.22
C PRO E 282 -44.19 13.06 0.80
N GLN E 283 -44.66 12.33 1.81
CA GLN E 283 -45.66 12.83 2.73
C GLN E 283 -45.12 13.16 4.11
N PHE E 284 -43.81 13.15 4.29
CA PHE E 284 -43.18 13.35 5.58
C PHE E 284 -42.21 14.51 5.50
N ALA E 285 -42.34 15.48 6.41
CA ALA E 285 -41.49 16.65 6.45
C ALA E 285 -41.47 17.35 5.09
N LYS E 286 -42.63 17.86 4.70
CA LYS E 286 -42.81 18.37 3.35
C LYS E 286 -41.99 19.61 3.06
N ASN E 287 -41.40 20.24 4.08
CA ASN E 287 -40.59 21.44 3.84
C ASN E 287 -39.26 21.12 3.18
N ILE E 288 -38.91 19.86 2.98
CA ILE E 288 -37.69 19.46 2.29
C ILE E 288 -38.02 18.33 1.31
N ILE E 289 -37.39 18.37 0.14
CA ILE E 289 -37.62 17.38 -0.91
C ILE E 289 -36.33 16.60 -1.14
N CYS E 290 -36.45 15.28 -1.20
CA CYS E 290 -35.32 14.40 -1.51
C CYS E 290 -35.78 13.33 -2.50
N GLY E 291 -34.87 12.91 -3.35
CA GLY E 291 -35.20 11.88 -4.31
C GLY E 291 -34.07 11.66 -5.29
N PHE E 292 -34.35 10.87 -6.32
CA PHE E 292 -33.40 10.58 -7.38
C PHE E 292 -33.86 11.21 -8.68
N ALA E 293 -32.90 11.52 -9.54
CA ALA E 293 -33.19 12.10 -10.84
C ALA E 293 -32.00 11.89 -11.76
N ARG E 294 -32.21 12.10 -13.05
CA ARG E 294 -31.17 11.94 -14.06
C ARG E 294 -30.82 13.29 -14.67
N VAL E 295 -29.54 13.52 -14.91
CA VAL E 295 -29.04 14.72 -15.57
C VAL E 295 -28.16 14.24 -16.72
N GLU E 296 -28.63 14.41 -17.95
CA GLU E 296 -27.90 14.00 -19.15
C GLU E 296 -27.64 12.49 -19.13
N GLY E 297 -28.61 11.73 -18.63
CA GLY E 297 -28.54 10.29 -18.69
C GLY E 297 -27.83 9.61 -17.55
N ARG E 298 -27.43 10.33 -16.52
CA ARG E 298 -26.77 9.75 -15.35
C ARG E 298 -27.54 10.11 -14.09
N SER E 299 -27.68 9.15 -13.19
CA SER E 299 -28.48 9.34 -12.00
C SER E 299 -27.77 10.25 -11.00
N VAL E 300 -28.51 11.18 -10.41
CA VAL E 300 -27.99 12.10 -9.40
C VAL E 300 -28.96 12.14 -8.23
N CYS E 301 -28.54 12.82 -7.18
CA CYS E 301 -29.34 12.96 -5.97
C CYS E 301 -29.77 14.40 -5.80
N ILE E 302 -31.04 14.60 -5.43
CA ILE E 302 -31.65 15.91 -5.36
C ILE E 302 -32.10 16.18 -3.93
N ILE E 303 -31.69 17.33 -3.39
CA ILE E 303 -32.09 17.75 -2.04
C ILE E 303 -32.33 19.26 -2.08
N ALA E 304 -33.57 19.68 -1.89
CA ALA E 304 -33.92 21.08 -2.01
C ALA E 304 -34.96 21.46 -0.95
N ASN E 305 -34.89 22.71 -0.51
CA ASN E 305 -35.87 23.24 0.42
C ASN E 305 -37.15 23.63 -0.33
N GLN E 306 -38.20 23.90 0.42
CA GLN E 306 -39.45 24.31 -0.20
C GLN E 306 -40.10 25.42 0.61
N PRO E 307 -40.11 26.66 0.11
CA PRO E 307 -40.76 27.75 0.84
C PRO E 307 -42.28 27.63 0.84
N LYS E 308 -42.84 26.67 0.11
CA LYS E 308 -44.29 26.49 0.14
C LYS E 308 -44.77 26.09 1.53
N VAL E 309 -44.02 25.21 2.20
CA VAL E 309 -44.42 24.63 3.47
C VAL E 309 -43.54 25.21 4.58
N GLN E 310 -44.16 25.95 5.50
CA GLN E 310 -43.49 26.47 6.68
C GLN E 310 -42.28 27.34 6.35
N ALA E 311 -42.35 28.06 5.23
CA ALA E 311 -41.32 29.01 4.83
C ALA E 311 -39.96 28.33 4.62
N GLY E 312 -39.96 27.04 4.34
CA GLY E 312 -38.73 26.33 4.03
C GLY E 312 -37.73 26.34 5.17
N VAL E 313 -38.21 26.06 6.37
CA VAL E 313 -37.40 26.16 7.58
C VAL E 313 -36.91 24.77 7.97
N LEU E 314 -35.63 24.66 8.29
CA LEU E 314 -35.08 23.39 8.74
C LEU E 314 -35.65 22.99 10.09
N ASP E 315 -35.62 21.69 10.37
CA ASP E 315 -36.33 21.12 11.50
C ASP E 315 -35.65 19.83 11.90
N ILE E 316 -36.28 19.08 12.82
CA ILE E 316 -35.74 17.79 13.23
C ILE E 316 -35.95 16.76 12.13
N ASP E 317 -37.21 16.60 11.70
CA ASP E 317 -37.55 15.56 10.74
C ASP E 317 -36.86 15.79 9.40
N SER E 318 -36.83 17.05 8.95
CA SER E 318 -36.13 17.37 7.71
C SER E 318 -34.65 17.06 7.83
N SER E 319 -34.05 17.34 8.99
CA SER E 319 -32.64 17.04 9.18
C SER E 319 -32.38 15.55 9.08
N VAL E 320 -33.21 14.74 9.73
CA VAL E 320 -33.02 13.29 9.67
C VAL E 320 -33.17 12.78 8.24
N LYS E 321 -34.20 13.25 7.54
CA LYS E 321 -34.45 12.82 6.16
C LYS E 321 -33.27 13.15 5.26
N GLY E 322 -32.83 14.41 5.28
CA GLY E 322 -31.71 14.80 4.45
C GLY E 322 -30.43 14.08 4.81
N ALA E 323 -30.19 13.85 6.10
CA ALA E 323 -28.97 13.17 6.52
C ALA E 323 -28.93 11.75 5.99
N ARG E 324 -30.04 11.02 6.12
CA ARG E 324 -30.07 9.65 5.62
C ARG E 324 -29.87 9.62 4.11
N MET E 325 -30.53 10.54 3.39
CA MET E 325 -30.38 10.56 1.94
C MET E 325 -28.95 10.86 1.52
N VAL E 326 -28.31 11.84 2.15
CA VAL E 326 -26.93 12.19 1.79
C VAL E 326 -26.00 11.03 2.09
N ARG E 327 -26.17 10.39 3.25
CA ARG E 327 -25.28 9.29 3.60
C ARG E 327 -25.39 8.15 2.60
N PHE E 328 -26.63 7.78 2.23
CA PHE E 328 -26.78 6.71 1.23
C PHE E 328 -26.19 7.12 -0.11
N ALA E 329 -26.43 8.36 -0.54
CA ALA E 329 -25.95 8.78 -1.85
C ALA E 329 -24.42 8.76 -1.90
N ASP E 330 -23.77 9.22 -0.83
CA ASP E 330 -22.32 9.22 -0.82
C ASP E 330 -21.75 7.81 -0.72
N ALA E 331 -22.43 6.92 0.00
CA ALA E 331 -21.89 5.58 0.18
C ALA E 331 -21.68 4.87 -1.15
N PHE E 332 -22.44 5.23 -2.18
CA PHE E 332 -22.40 4.53 -3.45
C PHE E 332 -21.98 5.42 -4.62
N ASN E 333 -21.31 6.54 -4.35
CA ASN E 333 -20.71 7.39 -5.38
C ASN E 333 -21.76 7.92 -6.35
N ILE E 334 -22.69 8.70 -5.81
CA ILE E 334 -23.76 9.31 -6.59
C ILE E 334 -23.66 10.83 -6.41
N PRO E 335 -23.60 11.61 -7.48
CA PRO E 335 -23.47 13.07 -7.33
C PRO E 335 -24.68 13.67 -6.64
N ILE E 336 -24.43 14.80 -5.95
CA ILE E 336 -25.45 15.48 -5.16
C ILE E 336 -25.64 16.89 -5.71
N ILE E 337 -26.90 17.26 -5.94
CA ILE E 337 -27.25 18.61 -6.37
C ILE E 337 -28.26 19.17 -5.40
N THR E 338 -28.00 20.38 -4.88
CA THR E 338 -28.83 20.99 -3.85
C THR E 338 -29.29 22.37 -4.28
N PHE E 339 -30.51 22.72 -3.88
CA PHE E 339 -31.07 24.05 -4.05
C PHE E 339 -31.39 24.62 -2.68
N VAL E 340 -30.95 25.84 -2.42
CA VAL E 340 -30.94 26.41 -1.07
C VAL E 340 -31.94 27.56 -0.99
N ASP E 341 -32.84 27.49 -0.01
CA ASP E 341 -33.71 28.61 0.33
C ASP E 341 -34.17 28.40 1.77
N VAL E 342 -33.48 29.04 2.73
CA VAL E 342 -33.74 28.81 4.14
C VAL E 342 -33.63 30.11 4.94
N PRO E 343 -34.62 30.44 5.76
CA PRO E 343 -34.47 31.60 6.65
C PRO E 343 -33.88 31.24 8.01
N GLY E 344 -33.72 29.96 8.33
CA GLY E 344 -33.14 29.59 9.60
C GLY E 344 -33.78 28.30 10.11
N PHE E 345 -33.75 28.15 11.44
CA PHE E 345 -34.27 26.98 12.12
C PHE E 345 -35.61 27.31 12.79
N LEU E 346 -36.40 26.28 13.01
CA LEU E 346 -37.75 26.48 13.53
C LEU E 346 -37.68 26.79 15.02
N PRO E 347 -38.22 27.95 15.43
CA PRO E 347 -38.10 28.32 16.85
C PRO E 347 -39.24 27.78 17.69
N GLY E 348 -38.93 27.21 18.86
CA GLY E 348 -39.97 26.70 19.74
C GLY E 348 -39.41 25.89 20.89
N VAL E 349 -40.11 25.87 22.02
CA VAL E 349 -39.65 25.13 23.18
C VAL E 349 -39.64 23.64 22.89
N GLN E 350 -40.68 23.15 22.24
CA GLN E 350 -40.76 21.73 21.92
C GLN E 350 -39.51 21.28 21.18
N GLN E 351 -38.94 22.17 20.38
CA GLN E 351 -37.75 21.80 19.60
C GLN E 351 -36.57 21.52 20.51
N GLU E 352 -36.30 22.42 21.47
CA GLU E 352 -35.21 22.19 22.40
C GLU E 352 -35.53 21.04 23.35
N TYR E 353 -36.80 20.88 23.72
CA TYR E 353 -37.15 19.75 24.57
C TYR E 353 -37.03 18.43 23.81
N GLY E 354 -37.00 18.48 22.49
CA GLY E 354 -36.83 17.31 21.66
C GLY E 354 -35.43 17.10 21.10
N GLY E 355 -34.49 17.98 21.39
CA GLY E 355 -33.13 17.83 20.94
C GLY E 355 -32.89 18.28 19.52
N ILE E 356 -33.08 19.58 19.25
CA ILE E 356 -32.73 20.12 17.94
C ILE E 356 -31.21 20.10 17.74
N ILE E 357 -30.45 20.23 18.82
CA ILE E 357 -29.00 20.32 18.72
C ILE E 357 -28.42 19.03 18.16
N ARG E 358 -28.92 17.88 18.63
CA ARG E 358 -28.44 16.60 18.11
C ARG E 358 -28.85 16.42 16.65
N HIS E 359 -30.14 16.64 16.36
CA HIS E 359 -30.66 16.27 15.04
C HIS E 359 -30.14 17.18 13.96
N GLY E 360 -30.04 18.49 14.23
CA GLY E 360 -29.57 19.41 13.21
C GLY E 360 -28.11 19.19 12.86
N ALA E 361 -27.35 18.58 13.76
CA ALA E 361 -25.95 18.29 13.48
C ALA E 361 -25.78 17.11 12.52
N LYS E 362 -26.79 16.25 12.40
CA LYS E 362 -26.67 15.10 11.52
C LYS E 362 -26.54 15.51 10.06
N LEU E 363 -27.34 16.47 9.63
CA LEU E 363 -27.25 16.93 8.24
C LEU E 363 -25.89 17.57 7.96
N LEU E 364 -25.39 18.36 8.91
CA LEU E 364 -24.09 18.98 8.74
C LEU E 364 -22.98 17.93 8.67
N TYR E 365 -23.06 16.91 9.53
CA TYR E 365 -22.08 15.84 9.49
C TYR E 365 -22.13 15.10 8.15
N ALA E 366 -23.34 14.82 7.66
CA ALA E 366 -23.46 14.11 6.38
C ALA E 366 -22.91 14.94 5.24
N TYR E 367 -23.15 16.25 5.25
CA TYR E 367 -22.66 17.10 4.17
C TYR E 367 -21.14 17.26 4.23
N ALA E 368 -20.57 17.35 5.44
CA ALA E 368 -19.13 17.56 5.55
C ALA E 368 -18.35 16.28 5.26
N GLU E 369 -18.89 15.13 5.67
CA GLU E 369 -18.17 13.88 5.49
C GLU E 369 -18.15 13.43 4.03
N ALA E 370 -19.07 13.93 3.23
CA ALA E 370 -19.24 13.42 1.87
C ALA E 370 -18.07 13.80 0.97
N THR E 371 -17.72 12.90 0.04
CA THR E 371 -16.63 13.12 -0.89
C THR E 371 -17.04 13.04 -2.36
N VAL E 372 -18.33 12.89 -2.65
CA VAL E 372 -18.82 12.86 -4.03
C VAL E 372 -18.89 14.29 -4.55
N PRO E 373 -18.90 14.51 -5.87
CA PRO E 373 -19.03 15.87 -6.39
C PRO E 373 -20.33 16.51 -5.94
N LYS E 374 -20.26 17.78 -5.55
CA LYS E 374 -21.42 18.53 -5.08
C LYS E 374 -21.61 19.77 -5.92
N VAL E 375 -22.85 20.12 -6.19
CA VAL E 375 -23.21 21.36 -6.87
C VAL E 375 -24.29 22.03 -6.02
N THR E 376 -24.12 23.32 -5.78
CA THR E 376 -25.05 24.07 -4.93
C THR E 376 -25.51 25.32 -5.64
N ILE E 377 -26.81 25.60 -5.56
CA ILE E 377 -27.41 26.78 -6.17
C ILE E 377 -28.23 27.51 -5.11
N ILE E 378 -27.91 28.77 -4.86
CA ILE E 378 -28.63 29.60 -3.90
C ILE E 378 -29.59 30.46 -4.70
N THR E 379 -30.89 30.21 -4.54
CA THR E 379 -31.88 30.95 -5.33
C THR E 379 -32.20 32.29 -4.70
N ARG E 380 -32.70 32.29 -3.46
CA ARG E 380 -33.13 33.54 -2.86
C ARG E 380 -32.36 33.91 -1.59
N LYS E 381 -32.30 33.04 -0.59
CA LYS E 381 -31.76 33.49 0.68
C LYS E 381 -31.09 32.34 1.42
N ALA E 382 -30.20 32.72 2.35
CA ALA E 382 -29.49 31.77 3.20
C ALA E 382 -28.97 32.54 4.40
N TYR E 383 -29.47 32.22 5.59
CA TYR E 383 -29.16 32.97 6.79
C TYR E 383 -28.64 32.06 7.88
N GLY E 384 -27.69 32.59 8.67
CA GLY E 384 -27.22 31.96 9.87
C GLY E 384 -26.57 30.60 9.62
N GLY E 385 -26.74 29.71 10.59
CA GLY E 385 -26.13 28.40 10.49
C GLY E 385 -26.75 27.54 9.40
N ALA E 386 -27.96 27.88 8.97
CA ALA E 386 -28.59 27.14 7.88
C ALA E 386 -27.79 27.26 6.60
N TYR E 387 -27.21 28.44 6.35
CA TYR E 387 -26.33 28.59 5.19
C TYR E 387 -25.12 27.68 5.30
N ASP E 388 -24.54 27.57 6.49
CA ASP E 388 -23.40 26.68 6.68
C ASP E 388 -23.79 25.22 6.45
N VAL E 389 -24.94 24.80 6.96
CA VAL E 389 -25.32 23.40 6.93
C VAL E 389 -25.57 22.93 5.50
N MET E 390 -26.30 23.73 4.71
CA MET E 390 -26.76 23.29 3.39
C MET E 390 -25.63 23.43 2.36
N SER E 391 -24.60 22.59 2.55
CA SER E 391 -23.52 22.42 1.60
C SER E 391 -22.90 23.74 1.17
N SER E 392 -22.32 24.44 2.14
CA SER E 392 -21.62 25.68 1.83
C SER E 392 -20.28 25.39 1.17
N LYS E 393 -19.72 26.41 0.53
CA LYS E 393 -18.47 26.26 -0.19
C LYS E 393 -17.32 25.84 0.70
N HIS E 394 -17.37 26.19 2.00
CA HIS E 394 -16.27 25.88 2.89
C HIS E 394 -16.21 24.41 3.26
N LEU E 395 -17.32 23.68 3.09
CA LEU E 395 -17.32 22.24 3.36
C LEU E 395 -16.90 21.45 2.13
N ARG E 396 -15.75 21.83 1.56
CA ARG E 396 -15.13 21.14 0.43
C ARG E 396 -16.11 20.99 -0.73
N GLY E 397 -16.95 22.01 -0.93
CA GLY E 397 -17.87 22.01 -2.05
C GLY E 397 -17.12 22.27 -3.35
N ASP E 398 -17.59 21.64 -4.43
CA ASP E 398 -16.91 21.76 -5.70
C ASP E 398 -17.21 23.09 -6.38
N SER E 399 -18.48 23.34 -6.69
CA SER E 399 -18.87 24.57 -7.35
C SER E 399 -20.15 25.09 -6.73
N ASN E 400 -20.18 26.39 -6.46
CA ASN E 400 -21.35 27.04 -5.87
C ASN E 400 -21.79 28.20 -6.75
N TYR E 401 -23.09 28.34 -6.91
CA TYR E 401 -23.67 29.37 -7.77
C TYR E 401 -24.79 30.08 -7.03
N ALA E 402 -25.08 31.30 -7.46
CA ALA E 402 -26.14 32.11 -6.89
C ALA E 402 -26.92 32.80 -8.00
N TRP E 403 -28.15 33.16 -7.68
CA TRP E 403 -29.00 33.88 -8.63
C TRP E 403 -28.98 35.36 -8.31
N PRO E 404 -29.25 36.22 -9.31
CA PRO E 404 -28.93 37.65 -9.14
C PRO E 404 -29.68 38.35 -8.02
N HIS E 405 -30.78 37.78 -7.53
CA HIS E 405 -31.55 38.39 -6.45
C HIS E 405 -31.38 37.66 -5.13
N ALA E 406 -30.27 36.95 -4.95
CA ALA E 406 -30.06 36.19 -3.73
C ALA E 406 -29.72 37.11 -2.56
N GLU E 407 -29.69 36.54 -1.37
CA GLU E 407 -29.29 37.24 -0.15
C GLU E 407 -28.54 36.29 0.76
N ILE E 408 -27.34 36.68 1.18
CA ILE E 408 -26.57 35.88 2.13
C ILE E 408 -26.09 36.79 3.25
N ALA E 409 -26.71 36.66 4.42
CA ALA E 409 -26.40 37.52 5.55
C ALA E 409 -26.38 36.71 6.83
N VAL E 410 -25.82 37.32 7.88
CA VAL E 410 -25.74 36.64 9.17
C VAL E 410 -27.12 36.39 9.74
N MET E 411 -28.00 37.38 9.68
CA MET E 411 -29.37 37.22 10.12
C MET E 411 -30.23 38.27 9.45
N GLY E 412 -31.51 38.28 9.80
CA GLY E 412 -32.42 39.26 9.24
C GLY E 412 -32.00 40.68 9.57
N ALA E 413 -32.54 41.62 8.79
CA ALA E 413 -32.12 43.02 8.94
C ALA E 413 -32.51 43.59 10.29
N ALA E 414 -33.67 43.18 10.82
CA ALA E 414 -34.16 43.74 12.08
C ALA E 414 -33.21 43.42 13.23
N GLY E 415 -32.81 42.16 13.36
CA GLY E 415 -31.93 41.78 14.46
C GLY E 415 -30.57 42.44 14.36
N ALA E 416 -30.02 42.52 13.15
CA ALA E 416 -28.73 43.18 12.96
C ALA E 416 -28.83 44.65 13.33
N CYS E 417 -29.88 45.33 12.90
CA CYS E 417 -30.05 46.74 13.25
C CYS E 417 -30.20 46.92 14.75
N LYS E 418 -30.92 45.99 15.40
CA LYS E 418 -31.07 46.09 16.86
C LYS E 418 -29.73 45.92 17.56
N LEU E 419 -28.96 44.91 17.18
CA LEU E 419 -27.70 44.64 17.86
C LEU E 419 -26.63 45.69 17.55
N LEU E 420 -26.68 46.32 16.38
CA LEU E 420 -25.67 47.30 16.00
C LEU E 420 -25.93 48.69 16.56
N TYR E 421 -27.09 48.93 17.15
CA TYR E 421 -27.41 50.24 17.72
C TYR E 421 -28.30 50.00 18.96
N SER E 422 -27.67 49.99 20.13
CA SER E 422 -28.34 49.64 21.38
C SER E 422 -29.47 50.59 21.72
N LYS E 423 -29.14 51.85 22.02
CA LYS E 423 -30.13 52.85 22.41
C LYS E 423 -30.11 54.03 21.45
N GLU E 424 -29.92 53.76 20.16
CA GLU E 424 -29.90 54.82 19.16
C GLU E 424 -31.28 55.46 19.07
N THR E 425 -31.32 56.71 18.61
CA THR E 425 -32.54 57.51 18.61
C THR E 425 -33.70 56.75 17.97
N ALA E 426 -34.90 56.94 18.54
CA ALA E 426 -36.09 56.27 18.04
C ALA E 426 -36.35 56.64 16.58
N GLU E 427 -37.22 55.85 15.95
CA GLU E 427 -37.53 55.84 14.52
C GLU E 427 -36.34 55.33 13.72
N GLN E 428 -35.33 54.71 14.36
CA GLN E 428 -34.14 54.25 13.66
C GLN E 428 -34.49 53.16 12.66
N GLN E 429 -35.66 52.55 12.82
CA GLN E 429 -36.09 51.47 11.94
C GLN E 429 -36.04 51.88 10.47
N ALA E 430 -36.67 53.01 10.14
CA ALA E 430 -36.92 53.35 8.74
C ALA E 430 -35.63 53.63 7.97
N GLN E 431 -34.71 54.38 8.57
CA GLN E 431 -33.52 54.82 7.88
C GLN E 431 -32.31 53.92 8.13
N ARG E 432 -32.49 52.83 8.87
CA ARG E 432 -31.39 51.89 9.11
C ARG E 432 -31.66 50.50 8.55
N ILE E 433 -32.86 49.96 8.73
CA ILE E 433 -33.13 48.62 8.21
C ILE E 433 -33.07 48.60 6.69
N ALA E 434 -33.64 49.60 6.05
CA ALA E 434 -33.58 49.67 4.59
C ALA E 434 -32.14 49.76 4.11
N ASP E 435 -31.35 50.62 4.75
CA ASP E 435 -29.96 50.79 4.33
C ASP E 435 -29.15 49.50 4.52
N TYR E 436 -29.34 48.84 5.67
CA TYR E 436 -28.57 47.63 5.93
C TYR E 436 -28.95 46.52 4.95
N GLU E 437 -30.25 46.36 4.67
CA GLU E 437 -30.68 45.36 3.72
C GLU E 437 -30.15 45.68 2.32
N LYS E 438 -30.14 46.96 1.95
CA LYS E 438 -29.60 47.34 0.65
C LYS E 438 -28.11 47.04 0.54
N THR E 439 -27.36 47.30 1.61
CA THR E 439 -25.91 47.25 1.52
C THR E 439 -25.35 45.84 1.71
N PHE E 440 -25.98 45.03 2.57
CA PHE E 440 -25.39 43.75 2.93
C PHE E 440 -26.29 42.54 2.72
N CYS E 441 -27.57 42.74 2.38
CA CYS E 441 -28.46 41.61 2.05
C CYS E 441 -28.52 41.46 0.54
N THR E 442 -27.38 41.09 -0.04
CA THR E 442 -27.21 40.97 -1.48
C THR E 442 -26.01 40.07 -1.71
N PRO E 443 -25.94 39.36 -2.85
CA PRO E 443 -24.81 38.44 -3.06
C PRO E 443 -23.51 39.14 -3.40
N LEU E 444 -23.49 40.47 -3.49
CA LEU E 444 -22.25 41.16 -3.84
C LEU E 444 -21.18 40.96 -2.78
N SER E 445 -21.54 41.06 -1.49
CA SER E 445 -20.54 40.91 -0.45
C SER E 445 -20.02 39.48 -0.39
N ALA E 446 -20.91 38.50 -0.48
CA ALA E 446 -20.48 37.10 -0.45
C ALA E 446 -19.63 36.77 -1.67
N ALA E 447 -19.90 37.42 -2.80
CA ALA E 447 -19.07 37.22 -3.99
C ALA E 447 -17.72 37.89 -3.83
N ARG E 448 -17.69 39.05 -3.16
CA ARG E 448 -16.42 39.71 -2.88
C ARG E 448 -15.54 38.85 -1.98
N LYS E 449 -16.13 38.22 -0.98
CA LYS E 449 -15.35 37.35 -0.09
C LYS E 449 -14.87 36.10 -0.80
N GLY E 450 -15.55 35.67 -1.86
CA GLY E 450 -15.20 34.45 -2.56
C GLY E 450 -15.97 33.23 -2.15
N PHE E 451 -17.22 33.37 -1.74
CA PHE E 451 -17.98 32.23 -1.25
C PHE E 451 -18.86 31.63 -2.33
N VAL E 452 -19.12 32.36 -3.41
CA VAL E 452 -19.83 31.86 -4.57
C VAL E 452 -18.92 32.04 -5.78
N ASP E 453 -18.88 31.01 -6.63
CA ASP E 453 -18.01 31.09 -7.81
C ASP E 453 -18.43 32.22 -8.72
N ALA E 454 -19.69 32.26 -9.11
CA ALA E 454 -20.15 33.30 -10.02
C ALA E 454 -21.64 33.54 -9.81
N VAL E 455 -22.09 34.71 -10.22
CA VAL E 455 -23.51 35.07 -10.23
C VAL E 455 -24.01 34.87 -11.65
N ILE E 456 -25.01 34.00 -11.81
CA ILE E 456 -25.43 33.54 -13.13
C ILE E 456 -26.88 33.91 -13.37
N ASP E 457 -27.21 34.05 -14.65
CA ASP E 457 -28.60 34.15 -15.05
C ASP E 457 -29.31 32.84 -14.76
N PRO E 458 -30.56 32.88 -14.31
CA PRO E 458 -31.29 31.63 -14.03
C PRO E 458 -31.52 30.77 -15.25
N SER E 459 -31.27 31.29 -16.46
CA SER E 459 -31.50 30.50 -17.66
C SER E 459 -30.33 29.59 -18.00
N GLU E 460 -29.20 29.74 -17.33
CA GLU E 460 -28.00 28.97 -17.63
C GLU E 460 -27.76 27.83 -16.66
N THR E 461 -28.72 27.53 -15.80
CA THR E 461 -28.49 26.54 -14.75
C THR E 461 -28.26 25.16 -15.33
N ARG E 462 -29.05 24.76 -16.33
CA ARG E 462 -28.86 23.44 -16.91
C ARG E 462 -27.50 23.32 -17.58
N MET E 463 -27.09 24.36 -18.32
CA MET E 463 -25.79 24.35 -18.97
C MET E 463 -24.67 24.20 -17.95
N ARG E 464 -24.72 25.02 -16.89
CA ARG E 464 -23.66 24.99 -15.89
C ARG E 464 -23.62 23.65 -15.17
N VAL E 465 -24.78 23.11 -14.81
CA VAL E 465 -24.83 21.85 -14.07
C VAL E 465 -24.30 20.72 -14.93
N CYS E 466 -24.70 20.66 -16.20
CA CYS E 466 -24.20 19.61 -17.07
C CYS E 466 -22.69 19.73 -17.27
N GLU E 467 -22.19 20.94 -17.49
CA GLU E 467 -20.75 21.12 -17.66
C GLU E 467 -19.99 20.66 -16.42
N ASP E 468 -20.40 21.13 -15.24
CA ASP E 468 -19.68 20.79 -14.03
C ASP E 468 -19.76 19.31 -13.71
N LEU E 469 -20.93 18.70 -13.91
CA LEU E 469 -21.09 17.29 -13.60
C LEU E 469 -20.34 16.42 -14.58
N GLU E 470 -20.15 16.90 -15.81
CA GLU E 470 -19.32 16.16 -16.76
C GLU E 470 -17.85 16.28 -16.40
N ARG E 471 -17.40 17.48 -16.02
CA ARG E 471 -15.99 17.66 -15.69
C ARG E 471 -15.60 16.91 -14.42
N LEU E 472 -16.48 16.90 -13.41
CA LEU E 472 -16.18 16.32 -12.10
C LEU E 472 -16.31 14.80 -12.08
N ALA E 473 -16.31 14.14 -13.22
CA ALA E 473 -16.63 12.72 -13.27
C ALA E 473 -15.58 11.86 -12.57
N ARG E 474 -14.35 12.36 -12.45
CA ARG E 474 -13.24 11.57 -11.97
C ARG E 474 -12.51 12.20 -10.79
N LYS E 475 -13.26 12.72 -9.81
CA LYS E 475 -12.65 13.26 -8.61
C LYS E 475 -12.31 12.14 -7.63
N GLN E 476 -11.14 12.25 -7.00
CA GLN E 476 -10.68 11.24 -6.04
C GLN E 476 -10.25 11.95 -4.76
N LEU E 477 -11.10 11.88 -3.73
CA LEU E 477 -10.84 12.48 -2.44
C LEU E 477 -10.95 11.43 -1.35
N GLN E 478 -10.10 11.55 -0.34
CA GLN E 478 -10.06 10.58 0.74
C GLN E 478 -9.95 11.27 2.09
N ASN E 479 -10.65 10.74 3.08
CA ASN E 479 -10.64 11.20 4.44
C ASN E 479 -9.50 10.56 5.23
N PRO E 480 -9.13 11.12 6.38
CA PRO E 480 -8.07 10.50 7.18
C PRO E 480 -8.49 9.12 7.66
N TRP E 481 -7.48 8.31 8.02
CA TRP E 481 -7.75 6.92 8.37
C TRP E 481 -8.55 6.83 9.67
N LYS E 482 -9.63 6.07 9.63
CA LYS E 482 -10.48 5.85 10.79
C LYS E 482 -11.04 4.44 10.72
N LYS E 483 -11.28 3.84 11.88
CA LYS E 483 -12.07 2.62 11.92
C LYS E 483 -13.50 2.89 11.48
N HIS E 484 -14.06 4.00 11.97
CA HIS E 484 -15.33 4.56 11.51
C HIS E 484 -15.52 5.89 12.23
N GLY E 485 -16.51 6.65 11.79
CA GLY E 485 -16.80 7.91 12.42
C GLY E 485 -17.55 7.74 13.71
N ASN E 486 -17.93 8.89 14.29
CA ASN E 486 -18.78 8.93 15.48
C ASN E 486 -19.82 10.01 15.23
N ILE E 487 -20.88 9.65 14.52
CA ILE E 487 -21.92 10.59 14.13
C ILE E 487 -22.78 10.89 15.36
N PRO E 488 -23.31 12.11 15.52
CA PRO E 488 -24.22 12.35 16.64
C PRO E 488 -25.55 11.63 16.45
N LEU E 489 -25.75 10.54 17.18
CA LEU E 489 -26.97 9.77 17.04
C LEU E 489 -28.14 10.51 17.67
N PRO F 1 -18.11 47.50 -29.63
CA PRO F 1 -17.60 47.83 -28.29
C PRO F 1 -16.18 47.32 -28.06
N THR F 2 -15.22 48.23 -28.06
CA THR F 2 -13.81 47.90 -27.84
C THR F 2 -13.23 48.84 -26.79
N ALA F 3 -13.93 48.97 -25.67
CA ALA F 3 -13.59 49.97 -24.66
C ALA F 3 -12.42 49.51 -23.79
N ALA F 4 -11.63 50.50 -23.36
CA ALA F 4 -10.62 50.34 -22.30
C ALA F 4 -9.45 49.47 -22.71
N GLU F 5 -9.49 48.87 -23.90
CA GLU F 5 -8.37 48.12 -24.43
C GLU F 5 -7.64 48.87 -25.54
N ASP F 6 -8.10 50.06 -25.89
CA ASP F 6 -7.36 50.87 -26.86
C ASP F 6 -6.04 51.34 -26.28
N LEU F 7 -6.02 51.66 -25.00
CA LEU F 7 -4.77 52.08 -24.35
C LEU F 7 -3.74 50.96 -24.38
N ARG F 8 -4.17 49.73 -24.18
CA ARG F 8 -3.25 48.59 -24.23
C ARG F 8 -2.69 48.35 -25.63
N HIS F 9 -3.57 48.16 -26.61
CA HIS F 9 -3.12 47.87 -27.99
C HIS F 9 -2.25 48.95 -28.60
N LYS F 10 -2.42 50.19 -28.16
CA LYS F 10 -1.62 51.29 -28.68
C LYS F 10 -0.13 51.08 -28.43
N LYS F 11 0.19 50.30 -27.41
CA LYS F 11 1.58 50.01 -27.10
C LYS F 11 2.01 48.70 -27.75
N LYS F 12 1.31 48.30 -28.80
CA LYS F 12 1.65 47.06 -29.50
C LYS F 12 1.69 45.85 -28.56
N ARG F 13 0.69 45.75 -27.68
CA ARG F 13 0.65 44.64 -26.75
C ARG F 13 -0.77 44.10 -26.59
N LEU F 14 -0.90 42.82 -26.25
CA LEU F 14 -2.22 42.22 -26.10
C LEU F 14 -2.69 42.20 -24.65
N THR F 15 -3.93 41.80 -24.43
CA THR F 15 -4.48 41.79 -23.08
C THR F 15 -4.59 40.37 -22.56
N ALA F 16 -4.72 40.21 -21.24
CA ALA F 16 -4.82 38.88 -20.66
C ALA F 16 -6.00 38.11 -21.21
N MET F 17 -7.16 38.76 -21.28
CA MET F 17 -8.36 38.08 -21.76
C MET F 17 -8.19 37.65 -23.22
N GLU F 18 -7.55 38.49 -24.03
CA GLU F 18 -7.32 38.12 -25.42
C GLU F 18 -6.41 36.91 -25.52
N ARG F 19 -5.39 36.84 -24.67
CA ARG F 19 -4.50 35.67 -24.66
C ARG F 19 -5.27 34.41 -24.28
N VAL F 20 -6.13 34.51 -23.27
CA VAL F 20 -6.93 33.36 -22.85
C VAL F 20 -7.86 32.94 -23.97
N GLN F 21 -8.49 33.90 -24.66
CA GLN F 21 -9.37 33.58 -25.78
C GLN F 21 -8.61 32.87 -26.89
N LEU F 22 -7.39 33.33 -27.19
CA LEU F 22 -6.58 32.69 -28.22
C LEU F 22 -6.16 31.28 -27.85
N PHE F 23 -5.89 31.02 -26.56
CA PHE F 23 -5.38 29.71 -26.19
C PHE F 23 -6.45 28.61 -26.33
N CYS F 24 -7.58 28.80 -25.66
CA CYS F 24 -8.57 27.72 -25.55
C CYS F 24 -9.38 27.60 -26.84
N ASP F 25 -10.41 26.75 -26.76
CA ASP F 25 -11.33 26.53 -27.87
C ASP F 25 -12.19 27.77 -28.06
N PRO F 26 -12.89 27.89 -29.20
CA PRO F 26 -13.59 29.15 -29.50
C PRO F 26 -14.57 29.60 -28.43
N GLY F 27 -15.32 28.68 -27.83
CA GLY F 27 -16.33 29.10 -26.89
C GLY F 27 -16.43 28.27 -25.62
N THR F 28 -15.29 27.75 -25.16
CA THR F 28 -15.28 26.81 -24.04
C THR F 28 -14.53 27.34 -22.83
N PHE F 29 -14.49 28.66 -22.63
CA PHE F 29 -13.86 29.23 -21.44
C PHE F 29 -14.94 29.69 -20.48
N ARG F 30 -14.85 29.27 -19.22
CA ARG F 30 -15.79 29.64 -18.18
C ARG F 30 -15.01 30.27 -17.03
N GLU F 31 -14.99 31.60 -17.00
CA GLU F 31 -14.24 32.32 -15.98
C GLU F 31 -14.79 31.96 -14.61
N ARG F 32 -13.89 31.66 -13.67
CA ARG F 32 -14.32 31.14 -12.38
C ARG F 32 -14.73 32.26 -11.44
N ASP F 33 -13.81 33.17 -11.14
CA ASP F 33 -14.07 34.22 -10.17
C ASP F 33 -13.82 35.57 -10.81
N ALA F 34 -14.76 36.50 -10.66
CA ALA F 34 -14.67 37.77 -11.36
C ALA F 34 -14.97 39.00 -10.52
N LEU F 35 -15.57 38.88 -9.34
CA LEU F 35 -15.92 40.03 -8.51
C LEU F 35 -15.23 39.85 -7.16
N VAL F 36 -13.98 40.28 -7.06
CA VAL F 36 -13.18 40.14 -5.85
C VAL F 36 -12.37 41.41 -5.66
N GLU F 37 -12.30 41.88 -4.41
CA GLU F 37 -11.58 43.12 -4.08
C GLU F 37 -10.48 42.85 -3.07
N HIS F 38 -9.57 43.81 -2.93
CA HIS F 38 -8.32 43.59 -2.22
C HIS F 38 -8.47 43.75 -0.71
N GLU F 39 -9.45 44.52 -0.25
CA GLU F 39 -9.69 44.81 1.17
C GLU F 39 -8.39 45.05 1.94
N CYS F 40 -7.68 46.11 1.52
CA CYS F 40 -6.36 46.41 2.07
C CYS F 40 -6.43 47.40 3.23
N HIS F 41 -7.00 48.59 2.99
CA HIS F 41 -7.18 49.61 4.02
C HIS F 41 -5.85 50.07 4.61
N ASN F 42 -4.96 50.54 3.73
CA ASN F 42 -3.67 51.09 4.14
C ASN F 42 -3.19 52.04 3.05
N PHE F 43 -2.28 52.93 3.44
CA PHE F 43 -1.57 53.83 2.52
C PHE F 43 -2.45 54.40 1.41
N GLY F 44 -3.65 54.87 1.76
CA GLY F 44 -4.53 55.44 0.76
C GLY F 44 -4.95 54.47 -0.32
N MET F 45 -5.14 53.20 0.04
CA MET F 45 -5.62 52.19 -0.89
C MET F 45 -7.07 51.81 -0.63
N GLU F 46 -7.70 52.43 0.37
CA GLU F 46 -9.11 52.16 0.67
C GLU F 46 -10.00 52.47 -0.53
N LYS F 47 -9.54 53.31 -1.43
CA LYS F 47 -10.24 53.64 -2.66
C LYS F 47 -9.72 52.76 -3.80
N ARG F 48 -10.12 53.11 -5.03
CA ARG F 48 -9.70 52.44 -6.26
C ARG F 48 -9.71 50.92 -6.12
N LYS F 49 -10.86 50.38 -5.71
CA LYS F 49 -11.05 48.94 -5.75
C LYS F 49 -11.32 48.49 -7.18
N VAL F 50 -10.97 47.24 -7.47
CA VAL F 50 -11.09 46.70 -8.82
C VAL F 50 -11.89 45.41 -8.77
N PRO F 51 -12.82 45.20 -9.71
CA PRO F 51 -13.66 43.99 -9.66
C PRO F 51 -12.89 42.69 -9.84
N GLY F 52 -12.06 42.60 -10.89
CA GLY F 52 -11.33 41.38 -11.14
C GLY F 52 -10.16 41.14 -10.21
N ASP F 53 -9.60 42.21 -9.63
CA ASP F 53 -8.43 42.13 -8.76
C ASP F 53 -7.22 41.58 -9.52
N GLY F 54 -7.10 41.94 -10.80
CA GLY F 54 -5.88 41.74 -11.54
C GLY F 54 -5.59 40.33 -12.00
N PHE F 55 -6.49 39.38 -11.80
CA PHE F 55 -6.29 38.00 -12.20
C PHE F 55 -7.49 37.49 -12.97
N ILE F 56 -7.23 36.62 -13.95
CA ILE F 56 -8.27 35.93 -14.70
C ILE F 56 -8.00 34.43 -14.59
N THR F 57 -8.86 33.73 -13.90
CA THR F 57 -8.74 32.29 -13.71
C THR F 57 -10.02 31.62 -14.22
N GLY F 58 -9.86 30.50 -14.91
CA GLY F 58 -10.98 29.80 -15.46
C GLY F 58 -10.67 28.33 -15.62
N THR F 59 -11.44 27.67 -16.49
CA THR F 59 -11.19 26.26 -16.79
C THR F 59 -10.80 26.04 -18.25
N GLY F 60 -11.64 26.42 -19.20
CA GLY F 60 -11.30 26.25 -20.60
C GLY F 60 -11.28 24.79 -21.04
N LYS F 61 -10.91 24.60 -22.31
CA LYS F 61 -10.86 23.28 -22.93
C LYS F 61 -10.04 23.33 -24.21
N VAL F 62 -9.05 22.45 -24.34
CA VAL F 62 -8.14 22.44 -25.49
C VAL F 62 -8.23 21.08 -26.18
N PHE F 63 -8.53 21.11 -27.48
CA PHE F 63 -8.60 19.90 -28.31
C PHE F 63 -9.56 18.88 -27.71
N GLY F 64 -10.63 19.36 -27.09
CA GLY F 64 -11.60 18.50 -26.47
C GLY F 64 -11.19 17.96 -25.12
N ARG F 65 -10.01 18.32 -24.62
CA ARG F 65 -9.53 17.86 -23.33
C ARG F 65 -9.49 19.02 -22.34
N PRO F 66 -9.80 18.78 -21.07
CA PRO F 66 -9.88 19.88 -20.11
C PRO F 66 -8.50 20.42 -19.76
N VAL F 67 -8.51 21.65 -19.23
CA VAL F 67 -7.31 22.34 -18.80
C VAL F 67 -7.71 23.28 -17.66
N PHE F 68 -6.71 23.88 -17.02
CA PHE F 68 -6.93 24.97 -16.08
C PHE F 68 -5.87 26.03 -16.35
N LEU F 69 -6.22 27.31 -16.17
CA LEU F 69 -5.26 28.35 -16.45
C LEU F 69 -5.55 29.59 -15.64
N PHE F 70 -4.56 30.48 -15.59
CA PHE F 70 -4.70 31.80 -14.99
C PHE F 70 -3.78 32.75 -15.72
N SER F 71 -4.14 34.04 -15.71
CA SER F 71 -3.37 35.04 -16.43
C SER F 71 -3.29 36.32 -15.62
N HIS F 72 -2.08 36.87 -15.50
CA HIS F 72 -1.90 38.15 -14.84
C HIS F 72 -2.40 39.28 -15.72
N ASP F 73 -2.69 40.41 -15.08
CA ASP F 73 -3.20 41.60 -15.76
C ASP F 73 -2.26 42.76 -15.45
N PHE F 74 -1.70 43.37 -16.49
CA PHE F 74 -0.71 44.42 -16.27
C PHE F 74 -1.34 45.78 -16.02
N THR F 75 -2.55 46.02 -16.54
CA THR F 75 -3.17 47.32 -16.37
C THR F 75 -3.53 47.58 -14.91
N VAL F 76 -4.00 46.56 -14.20
CA VAL F 76 -4.50 46.72 -12.84
C VAL F 76 -3.36 46.53 -11.87
N PHE F 77 -2.91 47.63 -11.25
CA PHE F 77 -1.89 47.62 -10.20
C PHE F 77 -0.57 47.01 -10.65
N GLY F 78 -0.32 46.93 -11.95
CA GLY F 78 0.91 46.35 -12.42
C GLY F 78 1.00 44.84 -12.28
N GLY F 79 -0.10 44.18 -11.95
CA GLY F 79 -0.08 42.74 -11.81
C GLY F 79 0.45 42.22 -10.49
N SER F 80 0.57 43.07 -9.49
CA SER F 80 1.15 42.67 -8.21
C SER F 80 0.26 41.65 -7.52
N LEU F 81 0.90 40.71 -6.83
CA LEU F 81 0.18 39.71 -6.06
C LEU F 81 -0.17 40.25 -4.68
N SER F 82 -1.11 39.58 -4.03
CA SER F 82 -1.63 40.02 -2.75
C SER F 82 -2.10 38.81 -1.97
N ARG F 83 -2.61 39.08 -0.76
CA ARG F 83 -3.25 38.02 0.02
C ARG F 83 -4.47 37.47 -0.71
N THR F 84 -5.06 38.27 -1.60
CA THR F 84 -6.32 37.91 -2.25
C THR F 84 -6.11 37.34 -3.64
N ASN F 85 -5.12 37.84 -4.39
CA ASN F 85 -4.83 37.28 -5.71
C ASN F 85 -4.41 35.82 -5.59
N ALA F 86 -3.54 35.51 -4.63
CA ALA F 86 -3.00 34.16 -4.53
C ALA F 86 -4.06 33.14 -4.12
N ALA F 87 -5.14 33.58 -3.49
CA ALA F 87 -6.19 32.65 -3.08
C ALA F 87 -6.83 31.97 -4.29
N LYS F 88 -7.09 32.74 -5.35
CA LYS F 88 -7.68 32.16 -6.55
C LYS F 88 -6.76 31.13 -7.17
N VAL F 89 -5.47 31.44 -7.25
CA VAL F 89 -4.51 30.52 -7.84
C VAL F 89 -4.41 29.25 -7.01
N VAL F 90 -4.41 29.40 -5.68
CA VAL F 90 -4.35 28.23 -4.81
C VAL F 90 -5.58 27.36 -5.01
N ARG F 91 -6.76 27.97 -5.12
CA ARG F 91 -7.97 27.19 -5.34
C ARG F 91 -7.91 26.44 -6.66
N ILE F 92 -7.44 27.10 -7.72
CA ILE F 92 -7.33 26.45 -9.02
C ILE F 92 -6.37 25.27 -8.96
N MET F 93 -5.20 25.46 -8.34
CA MET F 93 -4.23 24.36 -8.28
C MET F 93 -4.75 23.21 -7.43
N GLU F 94 -5.45 23.51 -6.34
CA GLU F 94 -6.01 22.43 -5.51
C GLU F 94 -7.06 21.64 -6.29
N GLU F 95 -7.93 22.34 -7.02
CA GLU F 95 -8.94 21.65 -7.81
C GLU F 95 -8.28 20.81 -8.91
N ALA F 96 -7.24 21.34 -9.55
CA ALA F 96 -6.52 20.58 -10.57
C ALA F 96 -5.66 19.48 -9.96
N ALA F 97 -5.52 19.46 -8.65
CA ALA F 97 -4.86 18.34 -8.00
C ALA F 97 -5.85 17.23 -7.70
N LYS F 98 -7.06 17.59 -7.28
CA LYS F 98 -8.09 16.57 -7.06
C LYS F 98 -8.43 15.85 -8.36
N ILE F 99 -8.65 16.59 -9.43
CA ILE F 99 -8.94 16.03 -10.75
C ILE F 99 -7.63 15.97 -11.51
N GLY F 100 -7.45 14.94 -12.33
CA GLY F 100 -6.21 14.79 -13.06
C GLY F 100 -6.08 15.73 -14.25
N VAL F 101 -5.88 17.02 -14.00
CA VAL F 101 -5.83 18.02 -15.06
C VAL F 101 -4.58 18.88 -14.87
N PRO F 102 -3.92 19.31 -15.94
CA PRO F 102 -2.73 20.17 -15.80
C PRO F 102 -3.12 21.63 -15.59
N VAL F 103 -2.08 22.46 -15.41
CA VAL F 103 -2.23 23.89 -15.16
C VAL F 103 -1.25 24.65 -16.02
N ILE F 104 -1.71 25.74 -16.62
CA ILE F 104 -0.87 26.60 -17.46
C ILE F 104 -1.08 28.05 -17.03
N GLY F 105 0.00 28.76 -16.78
CA GLY F 105 -0.08 30.13 -16.28
C GLY F 105 0.71 31.09 -17.14
N PHE F 106 0.10 32.24 -17.43
CA PHE F 106 0.73 33.30 -18.21
C PHE F 106 1.14 34.42 -17.26
N ASN F 107 2.43 34.50 -16.96
CA ASN F 107 2.93 35.42 -15.95
C ASN F 107 3.17 36.80 -16.55
N ASP F 108 2.73 37.84 -15.84
CA ASP F 108 2.95 39.21 -16.27
C ASP F 108 3.18 40.16 -15.10
N SER F 109 3.35 39.65 -13.88
CA SER F 109 3.38 40.49 -12.70
C SER F 109 4.63 41.39 -12.68
N GLY F 110 4.43 42.62 -12.23
CA GLY F 110 5.54 43.54 -12.04
C GLY F 110 6.28 43.40 -10.74
N GLY F 111 5.84 42.52 -9.86
CA GLY F 111 6.45 42.30 -8.57
C GLY F 111 5.39 42.19 -7.50
N ALA F 112 5.81 42.27 -6.25
CA ALA F 112 4.88 42.19 -5.13
C ALA F 112 4.16 43.52 -4.92
N ARG F 113 3.04 43.44 -4.20
CA ARG F 113 2.26 44.63 -3.84
C ARG F 113 2.74 45.10 -2.48
N ILE F 114 3.35 46.27 -2.44
CA ILE F 114 3.96 46.76 -1.20
C ILE F 114 2.89 47.14 -0.19
N HIS F 115 1.74 47.62 -0.67
CA HIS F 115 0.71 48.14 0.22
C HIS F 115 0.07 47.08 1.09
N GLU F 116 0.30 45.80 0.82
CA GLU F 116 -0.23 44.73 1.64
C GLU F 116 0.73 44.27 2.73
N GLY F 117 1.98 44.71 2.72
CA GLY F 117 2.93 44.24 3.71
C GLY F 117 3.34 42.81 3.43
N VAL F 118 3.38 41.99 4.49
CA VAL F 118 3.91 40.63 4.39
C VAL F 118 2.88 39.66 3.83
N ASP F 119 1.65 40.13 3.55
CA ASP F 119 0.64 39.25 2.98
C ASP F 119 1.06 38.77 1.59
N SER F 120 1.77 39.60 0.84
CA SER F 120 2.30 39.17 -0.45
C SER F 120 3.28 38.02 -0.27
N LEU F 121 4.13 38.08 0.75
CA LEU F 121 5.04 36.98 1.03
C LEU F 121 4.27 35.73 1.40
N ALA F 122 3.18 35.88 2.16
CA ALA F 122 2.34 34.73 2.50
C ALA F 122 1.78 34.06 1.24
N GLY F 123 1.23 34.87 0.33
CA GLY F 123 0.70 34.32 -0.90
C GLY F 123 1.77 33.63 -1.74
N TYR F 124 2.95 34.25 -1.84
CA TYR F 124 4.05 33.64 -2.57
C TYR F 124 4.41 32.29 -1.97
N ALA F 125 4.46 32.22 -0.64
CA ALA F 125 4.83 30.96 0.01
C ALA F 125 3.80 29.88 -0.27
N ASP F 126 2.52 30.23 -0.23
CA ASP F 126 1.49 29.24 -0.52
C ASP F 126 1.59 28.72 -1.94
N ILE F 127 1.81 29.62 -2.91
CA ILE F 127 1.96 29.18 -4.29
C ILE F 127 3.19 28.29 -4.45
N PHE F 128 4.29 28.66 -3.79
CA PHE F 128 5.50 27.84 -3.87
C PHE F 128 5.25 26.45 -3.31
N LEU F 129 4.54 26.34 -2.19
CA LEU F 129 4.28 25.03 -1.61
C LEU F 129 3.39 24.20 -2.52
N ARG F 130 2.37 24.81 -3.13
CA ARG F 130 1.52 24.04 -4.03
C ARG F 130 2.33 23.54 -5.24
N ASN F 131 3.18 24.39 -5.80
CA ASN F 131 4.03 23.96 -6.90
C ASN F 131 4.94 22.81 -6.48
N THR F 132 5.53 22.90 -5.30
CA THR F 132 6.45 21.86 -4.84
C THR F 132 5.72 20.54 -4.62
N LEU F 133 4.55 20.59 -3.99
CA LEU F 133 3.82 19.36 -3.70
C LEU F 133 3.29 18.70 -4.97
N PHE F 134 2.76 19.50 -5.90
CA PHE F 134 2.09 18.92 -7.06
C PHE F 134 3.01 18.71 -8.25
N SER F 135 4.31 18.96 -8.12
CA SER F 135 5.22 18.67 -9.21
C SER F 135 5.45 17.17 -9.32
N GLY F 136 5.25 16.62 -10.50
CA GLY F 136 5.24 15.19 -10.69
C GLY F 136 3.87 14.55 -10.61
N VAL F 137 2.85 15.31 -10.22
CA VAL F 137 1.47 14.82 -10.21
C VAL F 137 0.72 15.27 -11.46
N ILE F 138 0.77 16.57 -11.75
CA ILE F 138 0.15 17.13 -12.95
C ILE F 138 1.20 17.97 -13.66
N PRO F 139 1.30 17.90 -14.99
CA PRO F 139 2.29 18.73 -15.68
C PRO F 139 1.96 20.20 -15.51
N GLN F 140 3.01 21.01 -15.37
CA GLN F 140 2.88 22.45 -15.21
C GLN F 140 3.71 23.16 -16.27
N ILE F 141 3.06 24.03 -17.03
CA ILE F 141 3.73 24.83 -18.06
C ILE F 141 3.53 26.30 -17.73
N SER F 142 4.56 27.10 -17.94
CA SER F 142 4.52 28.52 -17.65
C SER F 142 5.04 29.31 -18.83
N VAL F 143 4.38 30.40 -19.16
CA VAL F 143 4.79 31.31 -20.23
C VAL F 143 4.91 32.70 -19.65
N ILE F 144 5.95 33.43 -20.04
CA ILE F 144 6.24 34.76 -19.51
C ILE F 144 6.02 35.77 -20.63
N MET F 145 4.98 36.59 -20.50
CA MET F 145 4.60 37.50 -21.57
C MET F 145 5.11 38.92 -21.34
N GLY F 146 5.46 39.27 -20.11
CA GLY F 146 5.94 40.59 -19.81
C GLY F 146 7.00 40.57 -18.72
N PRO F 147 7.14 41.68 -18.01
CA PRO F 147 8.11 41.73 -16.91
C PRO F 147 7.77 40.71 -15.83
N CYS F 148 8.81 40.17 -15.21
CA CYS F 148 8.66 39.21 -14.12
C CYS F 148 9.90 39.35 -13.25
N ALA F 149 9.76 40.08 -12.14
CA ALA F 149 10.90 40.40 -11.30
C ALA F 149 10.57 40.06 -9.85
N GLY F 150 11.52 40.34 -8.97
CA GLY F 150 11.33 40.07 -7.56
C GLY F 150 11.40 38.59 -7.25
N GLY F 151 10.82 38.22 -6.12
CA GLY F 151 10.76 36.82 -5.72
C GLY F 151 9.73 36.00 -6.44
N ALA F 152 8.88 36.63 -7.25
CA ALA F 152 7.87 35.89 -8.00
C ALA F 152 8.49 34.99 -9.06
N VAL F 153 9.76 35.18 -9.37
CA VAL F 153 10.44 34.40 -10.40
C VAL F 153 10.54 32.93 -10.04
N TYR F 154 10.44 32.59 -8.76
CA TYR F 154 10.76 31.24 -8.32
C TYR F 154 9.67 30.25 -8.72
N SER F 155 8.40 30.64 -8.68
CA SER F 155 7.34 29.72 -9.06
C SER F 155 7.43 29.26 -10.51
N PRO F 156 7.73 30.09 -11.51
CA PRO F 156 8.01 29.54 -12.85
C PRO F 156 9.17 28.56 -12.87
N ALA F 157 10.16 28.75 -12.00
CA ALA F 157 11.34 27.89 -12.02
C ALA F 157 10.97 26.46 -11.64
N ILE F 158 10.11 26.28 -10.65
CA ILE F 158 9.74 24.93 -10.22
C ILE F 158 8.90 24.23 -11.28
N THR F 159 8.20 24.99 -12.12
CA THR F 159 7.37 24.40 -13.16
C THR F 159 8.23 23.66 -14.16
N ASP F 160 7.60 22.73 -14.88
CA ASP F 160 8.35 21.81 -15.73
C ASP F 160 8.99 22.53 -16.91
N PHE F 161 8.24 23.40 -17.58
CA PHE F 161 8.76 24.09 -18.76
C PHE F 161 8.40 25.56 -18.68
N THR F 162 9.36 26.40 -19.05
CA THR F 162 9.16 27.84 -19.09
C THR F 162 9.49 28.36 -20.49
N PHE F 163 8.57 29.10 -21.08
CA PHE F 163 8.77 29.69 -22.39
C PHE F 163 8.76 31.21 -22.26
N MET F 164 9.30 31.87 -23.28
CA MET F 164 9.49 33.31 -23.23
C MET F 164 9.06 33.94 -24.55
N VAL F 165 8.58 35.16 -24.47
CA VAL F 165 8.22 35.96 -25.64
C VAL F 165 9.37 36.92 -25.92
N GLU F 166 9.62 37.18 -27.21
CA GLU F 166 10.89 37.77 -27.62
C GLU F 166 11.00 39.23 -27.24
N THR F 167 10.11 40.08 -27.75
CA THR F 167 10.35 41.51 -27.71
C THR F 167 10.16 42.10 -26.32
N SER F 168 9.12 41.66 -25.61
CA SER F 168 8.60 42.40 -24.46
C SER F 168 8.49 41.50 -23.23
N SER F 169 9.56 40.79 -22.91
CA SER F 169 9.57 39.97 -21.70
C SER F 169 10.98 39.90 -21.14
N TYR F 170 11.07 39.75 -19.82
CA TYR F 170 12.35 39.56 -19.15
C TYR F 170 12.09 39.00 -17.76
N MET F 171 13.13 38.45 -17.16
CA MET F 171 13.01 37.85 -15.83
C MET F 171 14.37 37.84 -15.14
N PHE F 172 14.37 38.19 -13.87
CA PHE F 172 15.57 38.20 -13.05
C PHE F 172 15.15 38.36 -11.58
N VAL F 173 16.11 38.11 -10.69
CA VAL F 173 15.81 38.20 -9.26
C VAL F 173 15.88 39.64 -8.77
N THR F 174 16.97 40.35 -9.10
CA THR F 174 17.21 41.69 -8.60
C THR F 174 17.35 42.66 -9.76
N GLY F 175 16.78 43.86 -9.59
CA GLY F 175 16.78 44.86 -10.63
C GLY F 175 18.15 45.46 -10.87
N PRO F 176 18.32 46.14 -12.01
CA PRO F 176 19.61 46.76 -12.32
C PRO F 176 19.95 47.93 -11.41
N GLU F 177 18.96 48.53 -10.74
CA GLU F 177 19.25 49.63 -9.83
C GLU F 177 20.15 49.17 -8.69
N VAL F 178 19.83 48.02 -8.09
CA VAL F 178 20.64 47.49 -7.00
C VAL F 178 22.02 47.10 -7.52
N VAL F 179 22.09 46.56 -8.73
CA VAL F 179 23.38 46.20 -9.31
C VAL F 179 24.26 47.43 -9.46
N SER F 180 23.67 48.54 -9.92
CA SER F 180 24.41 49.79 -10.00
C SER F 180 24.80 50.29 -8.61
N ALA F 181 23.91 50.11 -7.63
CA ALA F 181 24.18 50.61 -6.29
C ALA F 181 25.38 49.90 -5.64
N VAL F 182 25.49 48.60 -5.83
CA VAL F 182 26.52 47.82 -5.16
C VAL F 182 27.78 47.67 -6.01
N GLY F 183 27.64 47.24 -7.27
CA GLY F 183 28.81 47.00 -8.09
C GLY F 183 29.24 48.21 -8.88
N GLY F 184 28.29 49.04 -9.29
CA GLY F 184 28.60 50.24 -10.04
C GLY F 184 28.54 50.12 -11.54
N LYS F 185 27.97 49.04 -12.07
CA LYS F 185 27.86 48.83 -13.50
C LYS F 185 26.46 49.14 -13.98
N LEU F 186 26.36 49.81 -15.12
CA LEU F 186 25.07 50.21 -15.70
C LEU F 186 24.70 49.19 -16.77
N VAL F 187 23.69 48.38 -16.48
CA VAL F 187 23.21 47.34 -17.38
C VAL F 187 21.71 47.51 -17.55
N THR F 188 21.24 47.44 -18.79
CA THR F 188 19.81 47.60 -19.05
C THR F 188 19.04 46.34 -18.64
N LYS F 189 17.73 46.46 -18.60
CA LYS F 189 16.88 45.33 -18.22
C LYS F 189 17.02 44.17 -19.20
N ASP F 190 17.03 44.48 -20.51
CA ASP F 190 17.17 43.43 -21.51
C ASP F 190 18.57 42.82 -21.48
N GLU F 191 19.60 43.64 -21.28
CA GLU F 191 20.96 43.10 -21.17
C GLU F 191 21.11 42.21 -19.95
N LEU F 192 20.28 42.41 -18.93
CA LEU F 192 20.38 41.62 -17.72
C LEU F 192 19.57 40.32 -17.81
N GLY F 193 18.28 40.43 -18.10
CA GLY F 193 17.44 39.26 -18.09
C GLY F 193 16.56 39.09 -19.32
N GLY F 194 17.07 39.45 -20.49
CA GLY F 194 16.31 39.33 -21.71
C GLY F 194 16.12 37.89 -22.13
N PRO F 195 15.20 37.65 -23.06
CA PRO F 195 14.94 36.27 -23.50
C PRO F 195 16.16 35.57 -24.09
N HIS F 196 17.01 36.31 -24.80
CA HIS F 196 18.21 35.70 -25.37
C HIS F 196 19.15 35.21 -24.27
N VAL F 197 19.29 36.00 -23.20
CA VAL F 197 20.20 35.65 -22.11
C VAL F 197 19.80 34.34 -21.48
N HIS F 198 18.51 34.18 -21.21
CA HIS F 198 18.03 32.94 -20.61
C HIS F 198 17.91 31.82 -21.62
N ALA F 199 17.89 32.14 -22.92
CA ALA F 199 17.86 31.10 -23.94
C ALA F 199 19.24 30.47 -24.14
N THR F 200 20.30 31.26 -24.02
CA THR F 200 21.64 30.79 -24.33
C THR F 200 22.54 30.67 -23.11
N LYS F 201 22.47 31.62 -22.17
CA LYS F 201 23.49 31.68 -21.12
C LYS F 201 23.09 30.90 -19.88
N SER F 202 21.92 31.17 -19.32
CA SER F 202 21.53 30.56 -18.06
C SER F 202 20.82 29.21 -18.22
N GLY F 203 20.21 28.96 -19.36
CA GLY F 203 19.53 27.70 -19.58
C GLY F 203 18.22 27.53 -18.85
N VAL F 204 17.60 28.63 -18.41
CA VAL F 204 16.34 28.52 -17.68
C VAL F 204 15.17 28.37 -18.64
N SER F 205 15.11 29.22 -19.67
CA SER F 205 13.98 29.24 -20.59
C SER F 205 14.06 28.06 -21.55
N ALA F 206 12.93 27.38 -21.75
CA ALA F 206 12.91 26.19 -22.59
C ALA F 206 12.63 26.51 -24.04
N GLY F 207 12.33 27.77 -24.36
CA GLY F 207 12.08 28.15 -25.74
C GLY F 207 11.79 29.63 -25.82
N THR F 208 11.73 30.12 -27.06
CA THR F 208 11.39 31.51 -27.32
C THR F 208 10.50 31.60 -28.55
N PHE F 209 9.50 32.47 -28.49
CA PHE F 209 8.56 32.66 -29.57
C PHE F 209 8.61 34.10 -30.06
N PRO F 210 8.32 34.35 -31.33
CA PRO F 210 8.40 35.72 -31.86
C PRO F 210 7.19 36.56 -31.50
N ASN F 211 6.01 35.97 -31.44
CA ASN F 211 4.78 36.70 -31.18
C ASN F 211 3.92 35.92 -30.20
N ASP F 212 2.94 36.61 -29.61
CA ASP F 212 1.99 35.94 -28.74
C ASP F 212 1.11 34.98 -29.50
N ILE F 213 0.72 35.35 -30.73
CA ILE F 213 -0.14 34.50 -31.54
C ILE F 213 0.55 33.18 -31.84
N VAL F 214 1.81 33.24 -32.26
CA VAL F 214 2.58 32.03 -32.51
C VAL F 214 2.78 31.26 -31.22
N ALA F 215 2.95 31.97 -30.10
CA ALA F 215 3.11 31.32 -28.81
C ALA F 215 1.90 30.46 -28.49
N MET F 216 0.69 31.01 -28.63
CA MET F 216 -0.51 30.22 -28.40
C MET F 216 -0.62 29.06 -29.38
N ALA F 217 -0.36 29.33 -30.67
CA ALA F 217 -0.55 28.30 -31.69
C ALA F 217 0.35 27.10 -31.41
N GLN F 218 1.60 27.35 -31.00
CA GLN F 218 2.49 26.23 -30.71
C GLN F 218 2.29 25.67 -29.31
N LEU F 219 1.76 26.46 -28.37
CA LEU F 219 1.46 25.91 -27.05
C LEU F 219 0.35 24.86 -27.14
N ARG F 220 -0.63 25.09 -28.02
CA ARG F 220 -1.64 24.06 -28.25
C ARG F 220 -1.00 22.78 -28.77
N ARG F 221 -0.07 22.91 -29.71
CA ARG F 221 0.60 21.74 -30.27
C ARG F 221 1.40 21.00 -29.20
N LEU F 222 2.08 21.74 -28.33
CA LEU F 222 2.78 21.08 -27.24
C LEU F 222 1.82 20.37 -26.32
N TYR F 223 0.68 21.00 -26.01
CA TYR F 223 -0.29 20.38 -25.13
C TYR F 223 -0.85 19.09 -25.71
N SER F 224 -0.89 18.99 -27.04
CA SER F 224 -1.40 17.77 -27.66
C SER F 224 -0.54 16.55 -27.35
N TYR F 225 0.68 16.73 -26.84
CA TYR F 225 1.56 15.60 -26.55
C TYR F 225 1.38 15.07 -25.14
N LEU F 226 1.09 15.94 -24.19
CA LEU F 226 1.21 15.60 -22.78
C LEU F 226 0.09 14.67 -22.32
N PRO F 227 0.37 13.81 -21.35
CA PRO F 227 -0.71 13.07 -20.68
C PRO F 227 -1.41 13.93 -19.66
N LEU F 228 -2.66 13.57 -19.37
CA LEU F 228 -3.51 14.45 -18.57
C LEU F 228 -3.07 14.50 -17.12
N SER F 229 -2.57 13.39 -16.59
CA SER F 229 -2.22 13.35 -15.17
C SER F 229 -1.13 12.32 -14.94
N ASN F 230 -0.89 12.02 -13.66
CA ASN F 230 0.14 11.06 -13.30
C ASN F 230 -0.32 9.63 -13.57
N ARG F 231 -1.59 9.34 -13.33
CA ARG F 231 -2.10 7.98 -13.44
C ARG F 231 -2.68 7.67 -14.81
N ASP F 232 -2.90 8.68 -15.65
CA ASP F 232 -3.48 8.44 -16.97
C ASP F 232 -2.42 7.91 -17.94
N PRO F 233 -2.84 7.15 -18.95
CA PRO F 233 -1.86 6.58 -19.89
C PRO F 233 -1.43 7.58 -20.94
N VAL F 234 -0.37 7.20 -21.65
CA VAL F 234 0.19 8.07 -22.70
C VAL F 234 -0.82 8.20 -23.83
N PRO F 235 -1.10 9.41 -24.31
CA PRO F 235 -2.09 9.57 -25.38
C PRO F 235 -1.62 8.93 -26.67
N VAL F 236 -2.58 8.41 -27.44
CA VAL F 236 -2.33 7.83 -28.75
C VAL F 236 -3.30 8.46 -29.73
N LEU F 237 -2.77 9.02 -30.82
CA LEU F 237 -3.60 9.66 -31.80
C LEU F 237 -3.64 8.87 -33.10
N PRO F 238 -4.73 8.94 -33.86
CA PRO F 238 -4.75 8.29 -35.17
C PRO F 238 -3.74 8.93 -36.11
N THR F 239 -3.18 8.12 -36.99
CA THR F 239 -2.17 8.60 -37.93
C THR F 239 -2.11 7.66 -39.12
N ALA F 240 -2.07 8.25 -40.32
CA ALA F 240 -2.01 7.45 -41.54
C ALA F 240 -0.62 6.87 -41.79
N ASP F 241 0.41 7.40 -41.14
CA ASP F 241 1.75 6.87 -41.29
C ASP F 241 1.83 5.45 -40.73
N GLU F 242 2.71 4.64 -41.32
CA GLU F 242 2.79 3.23 -40.98
C GLU F 242 4.24 2.79 -40.85
N ARG F 243 4.45 1.72 -40.08
CA ARG F 243 5.78 1.20 -39.82
C ARG F 243 6.43 0.57 -41.04
N TYR F 244 5.67 0.33 -42.10
CA TYR F 244 6.20 -0.31 -43.30
C TYR F 244 6.71 0.69 -44.33
N ARG F 245 6.70 1.98 -44.00
CA ARG F 245 7.28 2.98 -44.88
C ARG F 245 8.77 2.70 -45.06
N ASP F 246 9.24 2.82 -46.29
CA ASP F 246 10.63 2.46 -46.60
C ASP F 246 11.58 3.56 -46.14
N VAL F 247 12.59 3.18 -45.37
CA VAL F 247 13.69 4.07 -45.00
C VAL F 247 14.99 3.33 -45.33
N SER F 248 15.49 3.55 -46.55
CA SER F 248 16.78 3.02 -46.94
C SER F 248 17.85 4.10 -47.00
N SER F 249 17.47 5.36 -46.82
CA SER F 249 18.45 6.44 -46.84
C SER F 249 19.36 6.40 -45.62
N LEU F 250 19.03 5.61 -44.61
CA LEU F 250 19.87 5.53 -43.42
C LEU F 250 21.15 4.73 -43.67
N ASN F 251 21.22 3.98 -44.78
CA ASN F 251 22.41 3.20 -45.06
C ASN F 251 23.60 4.08 -45.39
N THR F 252 23.36 5.32 -45.79
CA THR F 252 24.41 6.19 -46.29
C THR F 252 24.68 7.39 -45.40
N VAL F 253 23.96 7.54 -44.29
CA VAL F 253 24.11 8.74 -43.45
C VAL F 253 25.50 8.80 -42.83
N VAL F 254 25.98 7.69 -42.30
CA VAL F 254 27.28 7.66 -41.63
C VAL F 254 28.38 7.65 -42.68
N PRO F 255 29.27 8.64 -42.67
CA PRO F 255 30.37 8.63 -43.64
C PRO F 255 31.35 7.51 -43.36
N THR F 256 32.08 7.10 -44.39
CA THR F 256 33.07 6.04 -44.25
C THR F 256 34.36 6.51 -43.60
N GLU F 257 34.51 7.81 -43.40
CA GLU F 257 35.70 8.31 -42.71
C GLU F 257 35.36 8.56 -41.25
N VAL F 258 36.31 8.33 -40.35
CA VAL F 258 36.03 8.47 -38.92
C VAL F 258 36.20 9.89 -38.40
N LYS F 259 36.70 10.80 -39.24
CA LYS F 259 36.95 12.17 -38.79
C LYS F 259 36.01 13.18 -39.44
N GLU F 260 35.03 12.71 -40.20
CA GLU F 260 34.09 13.61 -40.84
C GLU F 260 32.82 13.70 -40.02
N ALA F 261 32.13 14.83 -40.08
CA ALA F 261 30.95 15.02 -39.24
C ALA F 261 29.65 14.85 -39.98
N TYR F 262 28.57 14.63 -39.26
CA TYR F 262 27.26 14.54 -39.90
C TYR F 262 26.19 15.05 -38.94
N ASP F 263 25.01 15.28 -39.48
CA ASP F 263 23.89 15.83 -38.71
C ASP F 263 23.02 14.69 -38.20
N MET F 264 22.83 14.63 -36.88
CA MET F 264 22.07 13.52 -36.30
C MET F 264 20.59 13.61 -36.66
N ARG F 265 20.11 14.80 -37.04
CA ARG F 265 18.71 14.92 -37.45
C ARG F 265 18.42 14.07 -38.67
N ASP F 266 19.43 13.82 -39.51
CA ASP F 266 19.25 12.94 -40.66
C ASP F 266 18.96 11.51 -40.23
N VAL F 267 19.28 11.16 -38.99
CA VAL F 267 18.92 9.87 -38.43
C VAL F 267 17.63 9.95 -37.63
N ILE F 268 17.41 11.07 -36.93
CA ILE F 268 16.23 11.20 -36.09
C ILE F 268 14.97 11.26 -36.95
N TYR F 269 14.97 12.06 -38.00
CA TYR F 269 13.74 12.35 -38.74
C TYR F 269 13.14 11.12 -39.42
N PRO F 270 13.90 10.26 -40.12
CA PRO F 270 13.26 9.10 -40.77
C PRO F 270 12.52 8.18 -39.82
N VAL F 271 13.03 7.97 -38.61
CA VAL F 271 12.45 6.97 -37.71
C VAL F 271 11.09 7.43 -37.20
N ILE F 272 10.97 8.69 -36.81
CA ILE F 272 9.72 9.20 -36.26
C ILE F 272 8.74 9.52 -37.37
N ASP F 273 7.50 9.78 -37.02
CA ASP F 273 6.49 10.12 -38.01
C ASP F 273 6.74 11.51 -38.57
N HIS F 274 6.16 11.76 -39.75
CA HIS F 274 6.46 12.98 -40.50
C HIS F 274 5.98 14.21 -39.76
N ASP F 275 6.83 15.23 -39.73
CA ASP F 275 6.50 16.55 -39.18
C ASP F 275 5.95 16.43 -37.77
N SER F 276 6.66 15.68 -36.93
CA SER F 276 6.21 15.46 -35.56
C SER F 276 7.36 15.57 -34.57
N PHE F 277 8.18 16.60 -34.68
CA PHE F 277 9.26 16.85 -33.73
C PHE F 277 9.06 18.22 -33.10
N PHE F 278 9.22 18.28 -31.78
CA PHE F 278 9.06 19.53 -31.02
C PHE F 278 10.30 19.69 -30.16
N GLU F 279 11.32 20.34 -30.70
CA GLU F 279 12.58 20.48 -30.00
C GLU F 279 12.43 21.32 -28.74
N ILE F 280 13.15 20.91 -27.70
CA ILE F 280 13.16 21.60 -26.41
C ILE F 280 14.54 22.21 -26.20
N GLN F 281 14.57 23.51 -25.88
CA GLN F 281 15.82 24.24 -25.70
C GLN F 281 16.71 24.15 -26.94
N PRO F 282 16.27 24.72 -28.07
CA PRO F 282 17.03 24.50 -29.32
C PRO F 282 18.34 25.25 -29.39
N GLN F 283 18.51 26.33 -28.62
CA GLN F 283 19.67 27.20 -28.76
C GLN F 283 20.67 27.06 -27.61
N PHE F 284 20.50 26.06 -26.75
CA PHE F 284 21.34 25.91 -25.57
C PHE F 284 21.95 24.51 -25.57
N ALA F 285 23.27 24.45 -25.43
CA ALA F 285 24.01 23.19 -25.42
C ALA F 285 23.68 22.38 -26.67
N LYS F 286 24.06 22.92 -27.81
CA LYS F 286 23.64 22.36 -29.10
C LYS F 286 24.23 20.98 -29.37
N ASN F 287 25.21 20.54 -28.58
CA ASN F 287 25.79 19.22 -28.81
C ASN F 287 24.86 18.08 -28.40
N ILE F 288 23.71 18.38 -27.80
CA ILE F 288 22.73 17.37 -27.44
C ILE F 288 21.34 17.87 -27.83
N ILE F 289 20.50 16.96 -28.31
CA ILE F 289 19.15 17.28 -28.76
C ILE F 289 18.16 16.56 -27.86
N CYS F 290 17.14 17.30 -27.40
CA CYS F 290 16.05 16.73 -26.62
C CYS F 290 14.74 17.30 -27.11
N GLY F 291 13.69 16.50 -27.03
CA GLY F 291 12.38 16.95 -27.45
C GLY F 291 11.37 15.82 -27.41
N PHE F 292 10.19 16.11 -27.96
CA PHE F 292 9.12 15.13 -28.05
C PHE F 292 8.86 14.76 -29.50
N ALA F 293 8.36 13.55 -29.70
CA ALA F 293 8.06 13.05 -31.04
C ALA F 293 7.08 11.90 -30.91
N ARG F 294 6.47 11.53 -32.04
CA ARG F 294 5.51 10.45 -32.10
C ARG F 294 6.07 9.29 -32.92
N VAL F 295 5.81 8.07 -32.46
CA VAL F 295 6.20 6.86 -33.17
C VAL F 295 4.94 6.01 -33.28
N GLU F 296 4.41 5.88 -34.49
CA GLU F 296 3.19 5.11 -34.74
C GLU F 296 2.02 5.66 -33.95
N GLY F 297 1.95 6.98 -33.82
CA GLY F 297 0.82 7.63 -33.19
C GLY F 297 0.87 7.77 -31.69
N ARG F 298 1.97 7.44 -31.05
CA ARG F 298 2.12 7.58 -29.60
C ARG F 298 3.35 8.44 -29.30
N SER F 299 3.21 9.34 -28.33
CA SER F 299 4.27 10.28 -28.02
C SER F 299 5.43 9.58 -27.30
N VAL F 300 6.65 9.91 -27.71
CA VAL F 300 7.86 9.37 -27.10
C VAL F 300 8.82 10.51 -26.82
N CYS F 301 9.91 10.20 -26.14
CA CYS F 301 10.93 11.17 -25.79
C CYS F 301 12.23 10.86 -26.54
N ILE F 302 12.86 11.89 -27.07
CA ILE F 302 14.03 11.75 -27.93
C ILE F 302 15.21 12.46 -27.28
N ILE F 303 16.33 11.74 -27.17
CA ILE F 303 17.57 12.29 -26.61
C ILE F 303 18.73 11.72 -27.42
N ALA F 304 19.41 12.57 -28.18
CA ALA F 304 20.49 12.11 -29.05
C ALA F 304 21.64 13.10 -29.04
N ASN F 305 22.85 12.57 -29.22
CA ASN F 305 24.03 13.39 -29.36
C ASN F 305 24.12 13.97 -30.77
N GLN F 306 25.01 14.94 -30.95
CA GLN F 306 25.19 15.53 -32.26
C GLN F 306 26.67 15.76 -32.54
N PRO F 307 27.29 14.99 -33.43
CA PRO F 307 28.70 15.21 -33.75
C PRO F 307 28.94 16.47 -34.54
N LYS F 308 27.89 17.17 -34.97
CA LYS F 308 28.07 18.44 -35.68
C LYS F 308 28.73 19.48 -34.79
N VAL F 309 28.33 19.54 -33.53
CA VAL F 309 28.77 20.57 -32.60
C VAL F 309 29.71 19.95 -31.57
N GLN F 310 30.96 20.38 -31.59
CA GLN F 310 31.97 19.99 -30.59
C GLN F 310 32.15 18.47 -30.53
N ALA F 311 32.01 17.80 -31.67
CA ALA F 311 32.26 16.35 -31.77
C ALA F 311 31.35 15.53 -30.87
N GLY F 312 30.18 16.08 -30.51
CA GLY F 312 29.20 15.35 -29.74
C GLY F 312 29.71 14.93 -28.37
N VAL F 313 30.35 15.85 -27.67
CA VAL F 313 31.01 15.56 -26.41
C VAL F 313 30.12 16.00 -25.26
N LEU F 314 29.96 15.12 -24.27
CA LEU F 314 29.17 15.46 -23.10
C LEU F 314 29.82 16.58 -22.29
N ASP F 315 29.01 17.28 -21.52
CA ASP F 315 29.44 18.52 -20.87
C ASP F 315 28.57 18.75 -19.65
N ILE F 316 28.71 19.93 -19.03
CA ILE F 316 27.88 20.28 -17.89
C ILE F 316 26.47 20.60 -18.34
N ASP F 317 26.34 21.54 -19.28
CA ASP F 317 25.03 22.01 -19.71
C ASP F 317 24.23 20.89 -20.36
N SER F 318 24.89 20.10 -21.20
CA SER F 318 24.21 18.97 -21.82
C SER F 318 23.73 17.97 -20.78
N SER F 319 24.54 17.75 -19.75
CA SER F 319 24.15 16.83 -18.68
C SER F 319 22.90 17.32 -17.97
N VAL F 320 22.86 18.61 -17.63
CA VAL F 320 21.70 19.16 -16.94
C VAL F 320 20.46 19.06 -17.82
N LYS F 321 20.59 19.43 -19.09
CA LYS F 321 19.48 19.37 -20.02
C LYS F 321 18.91 17.96 -20.15
N GLY F 322 19.77 16.99 -20.42
CA GLY F 322 19.32 15.61 -20.54
C GLY F 322 18.73 15.07 -19.26
N ALA F 323 19.31 15.43 -18.11
CA ALA F 323 18.81 14.93 -16.84
C ALA F 323 17.39 15.43 -16.59
N ARG F 324 17.16 16.73 -16.80
CA ARG F 324 15.82 17.26 -16.59
C ARG F 324 14.81 16.61 -17.54
N MET F 325 15.20 16.44 -18.80
CA MET F 325 14.28 15.83 -19.76
C MET F 325 13.94 14.40 -19.37
N VAL F 326 14.95 13.61 -19.00
CA VAL F 326 14.69 12.21 -18.62
C VAL F 326 13.81 12.14 -17.38
N ARG F 327 14.09 12.98 -16.38
CA ARG F 327 13.28 12.93 -15.16
C ARG F 327 11.83 13.26 -15.46
N PHE F 328 11.57 14.31 -16.26
CA PHE F 328 10.19 14.63 -16.58
C PHE F 328 9.53 13.51 -17.37
N ALA F 329 10.24 12.95 -18.34
CA ALA F 329 9.65 11.91 -19.18
C ALA F 329 9.28 10.68 -18.35
N ASP F 330 10.16 10.28 -17.43
CA ASP F 330 9.86 9.13 -16.60
C ASP F 330 8.75 9.41 -15.61
N ALA F 331 8.66 10.63 -15.10
CA ALA F 331 7.65 10.93 -14.09
C ALA F 331 6.24 10.67 -14.61
N PHE F 332 6.03 10.75 -15.91
CA PHE F 332 4.70 10.66 -16.50
C PHE F 332 4.56 9.49 -17.46
N ASN F 333 5.44 8.48 -17.38
CA ASN F 333 5.31 7.24 -18.13
C ASN F 333 5.32 7.48 -19.64
N ILE F 334 6.44 8.02 -20.12
CA ILE F 334 6.64 8.31 -21.53
C ILE F 334 7.87 7.54 -21.99
N PRO F 335 7.78 6.75 -23.06
CA PRO F 335 8.93 5.96 -23.50
C PRO F 335 10.09 6.86 -23.95
N ILE F 336 11.30 6.33 -23.82
CA ILE F 336 12.52 7.06 -24.12
C ILE F 336 13.27 6.34 -25.22
N ILE F 337 13.68 7.07 -26.25
CA ILE F 337 14.50 6.55 -27.34
C ILE F 337 15.75 7.40 -27.45
N THR F 338 16.91 6.76 -27.46
CA THR F 338 18.19 7.47 -27.46
C THR F 338 19.07 7.00 -28.61
N PHE F 339 19.84 7.94 -29.16
CA PHE F 339 20.85 7.66 -30.17
C PHE F 339 22.20 8.09 -29.62
N VAL F 340 23.19 7.22 -29.72
CA VAL F 340 24.46 7.38 -29.00
C VAL F 340 25.58 7.64 -30.00
N ASP F 341 26.32 8.72 -29.78
CA ASP F 341 27.57 8.97 -30.51
C ASP F 341 28.40 9.92 -29.66
N VAL F 342 29.33 9.37 -28.88
CA VAL F 342 30.10 10.16 -27.91
C VAL F 342 31.55 9.68 -27.84
N PRO F 343 32.52 10.59 -27.97
CA PRO F 343 33.92 10.21 -27.75
C PRO F 343 34.38 10.35 -26.31
N GLY F 344 33.58 10.97 -25.45
CA GLY F 344 33.97 11.12 -24.05
C GLY F 344 33.45 12.44 -23.50
N PHE F 345 34.15 12.92 -22.47
CA PHE F 345 33.81 14.16 -21.79
C PHE F 345 34.75 15.28 -22.21
N LEU F 346 34.28 16.51 -22.06
CA LEU F 346 35.04 17.65 -22.53
C LEU F 346 36.18 17.94 -21.57
N PRO F 347 37.43 17.94 -22.08
CA PRO F 347 38.56 18.13 -21.17
C PRO F 347 38.93 19.59 -20.98
N GLY F 348 39.16 20.02 -19.74
CA GLY F 348 39.54 21.39 -19.48
C GLY F 348 39.52 21.73 -18.01
N VAL F 349 40.36 22.67 -17.60
CA VAL F 349 40.44 23.07 -16.20
C VAL F 349 39.13 23.70 -15.75
N GLN F 350 38.57 24.56 -16.58
CA GLN F 350 37.32 25.23 -16.25
C GLN F 350 36.26 24.21 -15.88
N GLN F 351 36.31 23.04 -16.51
CA GLN F 351 35.30 22.02 -16.23
C GLN F 351 35.41 21.51 -14.80
N GLU F 352 36.62 21.18 -14.36
CA GLU F 352 36.80 20.72 -12.99
C GLU F 352 36.60 21.86 -12.01
N TYR F 353 36.97 23.08 -12.38
CA TYR F 353 36.72 24.22 -11.50
C TYR F 353 35.24 24.53 -11.40
N GLY F 354 34.44 24.03 -12.34
CA GLY F 354 33.00 24.20 -12.33
C GLY F 354 32.21 23.00 -11.85
N GLY F 355 32.87 21.91 -11.49
CA GLY F 355 32.17 20.75 -10.98
C GLY F 355 31.58 19.85 -12.05
N ILE F 356 32.43 19.26 -12.90
CA ILE F 356 31.95 18.28 -13.85
C ILE F 356 31.48 17.02 -13.13
N ILE F 357 32.12 16.69 -12.00
CA ILE F 357 31.80 15.45 -11.30
C ILE F 357 30.36 15.45 -10.82
N ARG F 358 29.90 16.57 -10.27
CA ARG F 358 28.50 16.66 -9.83
C ARG F 358 27.55 16.59 -11.01
N HIS F 359 27.80 17.41 -12.03
CA HIS F 359 26.81 17.58 -13.09
C HIS F 359 26.71 16.34 -13.97
N GLY F 360 27.84 15.71 -14.28
CA GLY F 360 27.80 14.53 -15.12
C GLY F 360 27.11 13.36 -14.46
N ALA F 361 27.05 13.35 -13.13
CA ALA F 361 26.37 12.28 -12.42
C ALA F 361 24.86 12.41 -12.50
N LYS F 362 24.34 13.61 -12.79
CA LYS F 362 22.89 13.79 -12.84
C LYS F 362 22.26 12.99 -13.97
N LEU F 363 22.88 13.01 -15.15
CA LEU F 363 22.35 12.25 -16.27
C LEU F 363 22.37 10.76 -15.98
N LEU F 364 23.46 10.27 -15.37
CA LEU F 364 23.54 8.86 -15.02
C LEU F 364 22.47 8.48 -14.01
N TYR F 365 22.26 9.33 -13.00
CA TYR F 365 21.22 9.08 -12.02
C TYR F 365 19.84 9.03 -12.67
N ALA F 366 19.57 9.98 -13.58
CA ALA F 366 18.28 10.01 -14.24
C ALA F 366 18.06 8.77 -15.11
N TYR F 367 19.12 8.31 -15.79
CA TYR F 367 18.97 7.14 -16.65
C TYR F 367 18.82 5.87 -15.81
N ALA F 368 19.51 5.77 -14.68
CA ALA F 368 19.45 4.55 -13.89
C ALA F 368 18.15 4.47 -13.10
N GLU F 369 17.63 5.60 -12.63
CA GLU F 369 16.44 5.59 -11.80
C GLU F 369 15.19 5.31 -12.63
N ALA F 370 15.24 5.53 -13.94
CA ALA F 370 14.06 5.47 -14.77
C ALA F 370 13.54 4.04 -14.91
N THR F 371 12.21 3.90 -14.99
CA THR F 371 11.56 2.61 -15.13
C THR F 371 10.67 2.49 -16.36
N VAL F 372 10.65 3.50 -17.23
CA VAL F 372 9.87 3.43 -18.47
C VAL F 372 10.63 2.61 -19.49
N PRO F 373 9.98 2.07 -20.52
CA PRO F 373 10.72 1.32 -21.54
C PRO F 373 11.75 2.21 -22.24
N LYS F 374 12.93 1.64 -22.47
CA LYS F 374 14.02 2.35 -23.10
C LYS F 374 14.48 1.59 -24.33
N VAL F 375 14.82 2.34 -25.38
CA VAL F 375 15.42 1.78 -26.59
C VAL F 375 16.67 2.59 -26.89
N THR F 376 17.77 1.90 -27.18
CA THR F 376 19.05 2.55 -27.41
C THR F 376 19.64 2.05 -28.72
N ILE F 377 20.18 2.98 -29.51
CA ILE F 377 20.82 2.67 -30.78
C ILE F 377 22.19 3.32 -30.81
N ILE F 378 23.23 2.51 -30.98
CA ILE F 378 24.60 2.99 -31.08
C ILE F 378 24.96 3.07 -32.55
N THR F 379 25.14 4.29 -33.06
CA THR F 379 25.40 4.45 -34.48
C THR F 379 26.89 4.25 -34.81
N ARG F 380 27.76 5.05 -34.20
CA ARG F 380 29.17 4.99 -34.55
C ARG F 380 30.07 4.60 -33.39
N LYS F 381 30.03 5.33 -32.27
CA LYS F 381 31.05 5.09 -31.26
C LYS F 381 30.51 5.37 -29.86
N ALA F 382 31.18 4.78 -28.88
CA ALA F 382 30.85 4.97 -27.48
C ALA F 382 32.06 4.58 -26.65
N TYR F 383 32.67 5.53 -25.96
CA TYR F 383 33.93 5.30 -25.27
C TYR F 383 33.82 5.70 -23.80
N GLY F 384 34.50 4.95 -22.95
CA GLY F 384 34.67 5.28 -21.56
C GLY F 384 33.36 5.36 -20.80
N GLY F 385 33.33 6.26 -19.81
CA GLY F 385 32.15 6.38 -18.98
C GLY F 385 30.95 6.95 -19.73
N ALA F 386 31.21 7.60 -20.87
CA ALA F 386 30.10 8.12 -21.66
C ALA F 386 29.22 6.99 -22.17
N TYR F 387 29.82 5.85 -22.53
CA TYR F 387 29.04 4.69 -22.92
C TYR F 387 28.16 4.21 -21.78
N ASP F 388 28.70 4.20 -20.55
CA ASP F 388 27.91 3.80 -19.39
C ASP F 388 26.75 4.75 -19.16
N VAL F 389 27.00 6.06 -19.26
CA VAL F 389 26.00 7.05 -18.90
C VAL F 389 24.81 7.00 -19.85
N MET F 390 25.07 6.94 -21.16
CA MET F 390 24.01 7.07 -22.15
C MET F 390 23.24 5.76 -22.31
N SER F 391 22.52 5.42 -21.24
CA SER F 391 21.55 4.32 -21.23
C SER F 391 22.17 3.01 -21.76
N SER F 392 23.18 2.53 -21.05
CA SER F 392 23.77 1.25 -21.41
C SER F 392 22.85 0.11 -20.99
N LYS F 393 23.11 -1.06 -21.56
CA LYS F 393 22.27 -2.23 -21.31
C LYS F 393 22.28 -2.64 -19.85
N HIS F 394 23.36 -2.36 -19.13
CA HIS F 394 23.46 -2.79 -17.73
C HIS F 394 22.56 -1.97 -16.81
N LEU F 395 22.15 -0.78 -17.23
CA LEU F 395 21.23 0.03 -16.43
C LEU F 395 19.78 -0.33 -16.72
N ARG F 396 19.47 -1.62 -16.63
CA ARG F 396 18.11 -2.14 -16.80
C ARG F 396 17.48 -1.68 -18.11
N GLY F 397 18.30 -1.58 -19.14
CA GLY F 397 17.79 -1.22 -20.46
C GLY F 397 17.02 -2.38 -21.07
N ASP F 398 15.98 -2.04 -21.83
CA ASP F 398 15.13 -3.08 -22.40
C ASP F 398 15.77 -3.72 -23.63
N SER F 399 16.03 -2.94 -24.66
CA SER F 399 16.62 -3.45 -25.88
C SER F 399 17.67 -2.49 -26.38
N ASN F 400 18.82 -3.01 -26.76
CA ASN F 400 19.93 -2.21 -27.27
C ASN F 400 20.34 -2.73 -28.63
N TYR F 401 20.62 -1.80 -29.56
CA TYR F 401 20.99 -2.15 -30.93
C TYR F 401 22.22 -1.36 -31.34
N ALA F 402 22.92 -1.88 -32.33
CA ALA F 402 24.12 -1.24 -32.87
C ALA F 402 24.10 -1.32 -34.38
N TRP F 403 24.83 -0.42 -35.02
CA TRP F 403 24.96 -0.41 -36.46
C TRP F 403 26.28 -1.07 -36.87
N PRO F 404 26.36 -1.60 -38.09
CA PRO F 404 27.46 -2.52 -38.41
C PRO F 404 28.84 -1.89 -38.34
N HIS F 405 28.95 -0.56 -38.37
CA HIS F 405 30.25 0.10 -38.30
C HIS F 405 30.49 0.77 -36.95
N ALA F 406 29.84 0.30 -35.89
CA ALA F 406 29.98 0.92 -34.59
C ALA F 406 31.33 0.57 -33.97
N GLU F 407 31.63 1.23 -32.85
CA GLU F 407 32.84 0.96 -32.08
C GLU F 407 32.53 1.15 -30.60
N ILE F 408 32.84 0.13 -29.79
CA ILE F 408 32.66 0.23 -28.35
C ILE F 408 33.95 -0.23 -27.67
N ALA F 409 34.71 0.72 -27.14
CA ALA F 409 36.00 0.41 -26.54
C ALA F 409 36.19 1.23 -25.28
N VAL F 410 37.18 0.84 -24.48
CA VAL F 410 37.46 1.52 -23.22
C VAL F 410 37.91 2.96 -23.48
N MET F 411 38.80 3.15 -24.47
CA MET F 411 39.25 4.47 -24.84
C MET F 411 39.80 4.41 -26.26
N GLY F 412 40.29 5.54 -26.73
CA GLY F 412 40.88 5.59 -28.06
C GLY F 412 42.07 4.66 -28.19
N ALA F 413 42.40 4.36 -29.46
CA ALA F 413 43.45 3.38 -29.73
C ALA F 413 44.81 3.86 -29.23
N ALA F 414 45.07 5.17 -29.33
CA ALA F 414 46.38 5.70 -28.95
C ALA F 414 46.66 5.48 -27.47
N GLY F 415 45.70 5.84 -26.60
CA GLY F 415 45.92 5.68 -25.18
C GLY F 415 46.06 4.23 -24.76
N ALA F 416 45.26 3.36 -25.35
CA ALA F 416 45.37 1.93 -25.04
C ALA F 416 46.73 1.39 -25.47
N CYS F 417 47.19 1.76 -26.65
CA CYS F 417 48.51 1.31 -27.10
C CYS F 417 49.61 1.84 -26.21
N LYS F 418 49.48 3.09 -25.75
CA LYS F 418 50.48 3.65 -24.85
C LYS F 418 50.51 2.90 -23.52
N LEU F 419 49.35 2.66 -22.92
CA LEU F 419 49.31 2.01 -21.61
C LEU F 419 49.68 0.53 -21.70
N LEU F 420 49.44 -0.13 -22.82
CA LEU F 420 49.73 -1.56 -22.94
C LEU F 420 51.18 -1.86 -23.29
N TYR F 421 51.97 -0.85 -23.62
CA TYR F 421 53.39 -1.06 -23.96
C TYR F 421 54.16 0.18 -23.49
N SER F 422 54.75 0.07 -22.29
CA SER F 422 55.40 1.20 -21.65
C SER F 422 56.58 1.75 -22.44
N LYS F 423 57.64 0.96 -22.58
CA LYS F 423 58.84 1.37 -23.29
C LYS F 423 59.13 0.45 -24.47
N GLU F 424 58.08 0.01 -25.16
CA GLU F 424 58.25 -0.87 -26.31
C GLU F 424 58.96 -0.12 -27.42
N THR F 425 59.63 -0.85 -28.31
CA THR F 425 60.49 -0.27 -29.34
C THR F 425 59.77 0.81 -30.11
N ALA F 426 60.51 1.87 -30.47
CA ALA F 426 59.95 2.99 -31.20
C ALA F 426 59.37 2.53 -32.54
N GLU F 427 58.56 3.41 -33.12
CA GLU F 427 57.73 3.18 -34.31
C GLU F 427 56.59 2.22 -33.99
N GLN F 428 56.32 1.93 -32.71
CA GLN F 428 55.28 0.98 -32.34
C GLN F 428 53.91 1.46 -32.77
N GLN F 429 53.80 2.76 -33.06
CA GLN F 429 52.52 3.35 -33.47
C GLN F 429 51.90 2.61 -34.64
N ALA F 430 52.68 2.45 -35.72
CA ALA F 430 52.11 2.02 -36.99
C ALA F 430 51.58 0.58 -36.93
N GLN F 431 52.34 -0.33 -36.32
CA GLN F 431 51.97 -1.74 -36.33
C GLN F 431 51.20 -2.16 -35.08
N ARG F 432 50.88 -1.24 -34.18
CA ARG F 432 50.10 -1.56 -33.00
C ARG F 432 48.76 -0.85 -32.95
N ILE F 433 48.71 0.45 -33.26
CA ILE F 433 47.43 1.16 -33.20
C ILE F 433 46.45 0.61 -34.23
N ALA F 434 46.93 0.35 -35.45
CA ALA F 434 46.06 -0.21 -36.47
C ALA F 434 45.52 -1.57 -36.04
N ASP F 435 46.40 -2.42 -35.50
CA ASP F 435 45.97 -3.75 -35.10
C ASP F 435 44.97 -3.70 -33.96
N TYR F 436 45.21 -2.84 -32.97
CA TYR F 436 44.30 -2.75 -31.83
C TYR F 436 42.94 -2.22 -32.27
N GLU F 437 42.92 -1.20 -33.12
CA GLU F 437 41.66 -0.67 -33.61
C GLU F 437 40.91 -1.72 -34.43
N LYS F 438 41.64 -2.50 -35.24
CA LYS F 438 41.01 -3.55 -36.02
C LYS F 438 40.40 -4.63 -35.13
N THR F 439 41.11 -5.00 -34.06
CA THR F 439 40.71 -6.17 -33.29
C THR F 439 39.65 -5.85 -32.24
N PHE F 440 39.71 -4.65 -31.64
CA PHE F 440 38.84 -4.37 -30.50
C PHE F 440 38.00 -3.11 -30.64
N CYS F 441 38.21 -2.30 -31.67
CA CYS F 441 37.33 -1.14 -31.93
C CYS F 441 36.29 -1.52 -32.97
N THR F 442 35.42 -2.44 -32.57
CA THR F 442 34.39 -3.00 -33.44
C THR F 442 33.31 -3.59 -32.55
N PRO F 443 32.06 -3.66 -33.01
CA PRO F 443 31.00 -4.19 -32.14
C PRO F 443 31.03 -5.69 -31.94
N LEU F 444 31.98 -6.40 -32.56
CA LEU F 444 32.02 -7.85 -32.42
C LEU F 444 32.31 -8.25 -30.97
N SER F 445 33.25 -7.59 -30.32
CA SER F 445 33.59 -7.96 -28.95
C SER F 445 32.44 -7.65 -28.00
N ALA F 446 31.83 -6.47 -28.14
CA ALA F 446 30.70 -6.11 -27.28
C ALA F 446 29.51 -7.03 -27.52
N ALA F 447 29.36 -7.52 -28.76
CA ALA F 447 28.30 -8.47 -29.04
C ALA F 447 28.62 -9.84 -28.45
N ARG F 448 29.90 -10.22 -28.46
CA ARG F 448 30.31 -11.48 -27.84
C ARG F 448 30.03 -11.46 -26.34
N LYS F 449 30.32 -10.33 -25.69
CA LYS F 449 30.05 -10.23 -24.25
C LYS F 449 28.56 -10.22 -23.94
N GLY F 450 27.72 -9.82 -24.89
CA GLY F 450 26.30 -9.73 -24.67
C GLY F 450 25.78 -8.37 -24.28
N PHE F 451 26.41 -7.29 -24.76
CA PHE F 451 26.01 -5.95 -24.34
C PHE F 451 25.07 -5.30 -25.34
N VAL F 452 25.01 -5.83 -26.57
CA VAL F 452 24.05 -5.40 -27.58
C VAL F 452 23.24 -6.61 -27.99
N ASP F 453 21.92 -6.43 -28.14
CA ASP F 453 21.07 -7.55 -28.51
C ASP F 453 21.44 -8.09 -29.88
N ALA F 454 21.49 -7.22 -30.89
CA ALA F 454 21.81 -7.68 -32.23
C ALA F 454 22.42 -6.52 -33.02
N VAL F 455 23.16 -6.89 -34.07
CA VAL F 455 23.70 -5.94 -35.02
C VAL F 455 22.77 -5.91 -36.22
N ILE F 456 22.24 -4.73 -36.53
CA ILE F 456 21.15 -4.61 -37.50
C ILE F 456 21.58 -3.71 -38.64
N ASP F 457 20.97 -3.94 -39.80
CA ASP F 457 21.08 -3.01 -40.90
C ASP F 457 20.41 -1.68 -40.52
N PRO F 458 21.00 -0.56 -40.94
CA PRO F 458 20.38 0.74 -40.60
C PRO F 458 19.02 0.95 -41.23
N SER F 459 18.61 0.09 -42.16
CA SER F 459 17.30 0.26 -42.80
C SER F 459 16.16 -0.33 -41.99
N GLU F 460 16.46 -1.09 -40.95
CA GLU F 460 15.44 -1.77 -40.17
C GLU F 460 15.13 -1.07 -38.85
N THR F 461 15.66 0.15 -38.66
CA THR F 461 15.52 0.79 -37.36
C THR F 461 14.06 1.09 -37.05
N ARG F 462 13.31 1.60 -38.02
CA ARG F 462 11.90 1.91 -37.77
C ARG F 462 11.11 0.67 -37.42
N MET F 463 11.34 -0.42 -38.16
CA MET F 463 10.66 -1.67 -37.88
C MET F 463 10.96 -2.16 -36.47
N ARG F 464 12.24 -2.18 -36.10
CA ARG F 464 12.63 -2.68 -34.78
C ARG F 464 12.05 -1.80 -33.68
N VAL F 465 12.12 -0.48 -33.85
CA VAL F 465 11.64 0.43 -32.81
C VAL F 465 10.14 0.28 -32.63
N CYS F 466 9.39 0.21 -33.74
CA CYS F 466 7.95 0.04 -33.61
C CYS F 466 7.59 -1.29 -32.95
N GLU F 467 8.26 -2.37 -33.35
CA GLU F 467 7.99 -3.67 -32.73
C GLU F 467 8.26 -3.64 -31.24
N ASP F 468 9.44 -3.15 -30.83
CA ASP F 468 9.79 -3.14 -29.43
C ASP F 468 8.88 -2.25 -28.61
N LEU F 469 8.55 -1.07 -29.15
CA LEU F 469 7.71 -0.13 -28.42
C LEU F 469 6.28 -0.64 -28.31
N GLU F 470 5.84 -1.43 -29.28
CA GLU F 470 4.52 -2.04 -29.17
C GLU F 470 4.52 -3.16 -28.14
N ARG F 471 5.57 -3.99 -28.14
CA ARG F 471 5.62 -5.09 -27.18
C ARG F 471 5.76 -4.61 -25.75
N LEU F 472 6.56 -3.56 -25.53
CA LEU F 472 6.88 -3.08 -24.19
C LEU F 472 5.79 -2.21 -23.59
N ALA F 473 4.57 -2.27 -24.11
CA ALA F 473 3.54 -1.31 -23.71
C ALA F 473 3.12 -1.50 -22.26
N ARG F 474 3.31 -2.69 -21.70
CA ARG F 474 2.77 -3.03 -20.39
C ARG F 474 3.83 -3.53 -19.42
N LYS F 475 4.98 -2.86 -19.37
CA LYS F 475 6.02 -3.22 -18.41
C LYS F 475 5.71 -2.61 -17.05
N GLN F 476 5.93 -3.39 -15.99
CA GLN F 476 5.69 -2.94 -14.62
C GLN F 476 6.93 -3.19 -13.78
N LEU F 477 7.69 -2.14 -13.50
CA LEU F 477 8.90 -2.23 -12.70
C LEU F 477 8.81 -1.25 -11.54
N GLN F 478 9.36 -1.65 -10.40
CA GLN F 478 9.29 -0.84 -9.20
C GLN F 478 10.63 -0.83 -8.48
N ASN F 479 10.99 0.33 -7.94
CA ASN F 479 12.20 0.55 -7.17
C ASN F 479 11.95 0.23 -5.70
N PRO F 480 13.01 0.02 -4.92
CA PRO F 480 12.83 -0.24 -3.49
C PRO F 480 12.18 0.93 -2.78
N TRP F 481 11.58 0.65 -1.64
CA TRP F 481 10.81 1.68 -0.94
C TRP F 481 11.71 2.78 -0.42
N LYS F 482 11.35 4.03 -0.73
CA LYS F 482 12.08 5.21 -0.30
C LYS F 482 11.08 6.33 -0.05
N LYS F 483 11.42 7.20 0.90
CA LYS F 483 10.69 8.46 1.00
C LYS F 483 10.92 9.32 -0.23
N HIS F 484 12.17 9.39 -0.68
CA HIS F 484 12.57 9.97 -1.95
C HIS F 484 14.07 9.70 -2.12
N GLY F 485 14.57 9.96 -3.31
CA GLY F 485 15.98 9.77 -3.58
C GLY F 485 16.81 10.88 -3.01
N ASN F 486 18.11 10.82 -3.30
CA ASN F 486 19.07 11.87 -2.96
C ASN F 486 19.95 12.09 -4.19
N ILE F 487 19.45 12.88 -5.13
CA ILE F 487 20.14 13.10 -6.40
C ILE F 487 21.30 14.06 -6.14
N PRO F 488 22.43 13.93 -6.85
CA PRO F 488 23.51 14.91 -6.67
C PRO F 488 23.11 16.26 -7.24
N LEU F 489 22.80 17.21 -6.36
CA LEU F 489 22.38 18.53 -6.82
C LEU F 489 23.58 19.30 -7.35
N VAL G 1 -57.33 -46.38 -29.62
CA VAL G 1 -56.78 -47.68 -30.02
C VAL G 1 -55.36 -47.86 -29.51
N LEU G 2 -54.97 -49.11 -29.28
CA LEU G 2 -53.66 -49.44 -28.76
C LEU G 2 -52.89 -50.22 -29.82
N VAL G 3 -51.62 -49.89 -30.00
CA VAL G 3 -50.80 -50.57 -31.00
C VAL G 3 -50.13 -51.80 -30.40
N ALA G 4 -49.52 -52.63 -31.24
CA ALA G 4 -48.85 -53.83 -30.75
C ALA G 4 -47.38 -53.89 -31.16
N ASN G 5 -46.91 -52.85 -31.84
CA ASN G 5 -45.51 -52.82 -32.27
C ASN G 5 -44.73 -51.72 -31.59
N ARG G 6 -43.40 -51.82 -31.61
CA ARG G 6 -42.57 -50.80 -30.98
C ARG G 6 -41.56 -50.22 -31.96
N GLY G 7 -41.90 -50.24 -33.24
CA GLY G 7 -41.02 -49.65 -34.24
C GLY G 7 -41.60 -48.40 -34.87
N GLU G 8 -41.08 -48.08 -36.06
CA GLU G 8 -41.52 -46.89 -36.76
C GLU G 8 -43.01 -46.94 -37.06
N ILE G 9 -43.53 -48.14 -37.28
CA ILE G 9 -44.94 -48.28 -37.59
C ILE G 9 -45.80 -47.80 -36.43
N ALA G 10 -45.37 -48.06 -35.21
CA ALA G 10 -46.11 -47.60 -34.05
C ALA G 10 -46.22 -46.09 -34.10
N CYS G 11 -45.11 -45.42 -34.38
CA CYS G 11 -45.12 -43.97 -34.49
C CYS G 11 -46.04 -43.55 -35.62
N ARG G 12 -45.98 -44.26 -36.74
CA ARG G 12 -46.85 -43.94 -37.86
C ARG G 12 -48.30 -43.97 -37.43
N VAL G 13 -48.68 -45.02 -36.72
CA VAL G 13 -50.07 -45.16 -36.29
C VAL G 13 -50.46 -44.02 -35.36
N MET G 14 -49.63 -43.75 -34.37
CA MET G 14 -49.93 -42.67 -33.43
C MET G 14 -49.81 -41.34 -34.14
N ALA G 15 -49.54 -41.38 -35.44
CA ALA G 15 -49.46 -40.14 -36.21
C ALA G 15 -50.67 -40.03 -37.13
N THR G 16 -51.14 -41.16 -37.63
CA THR G 16 -52.33 -41.15 -38.48
C THR G 16 -53.53 -40.68 -37.68
N CYS G 17 -53.52 -40.99 -36.38
CA CYS G 17 -54.62 -40.59 -35.52
C CYS G 17 -54.72 -39.08 -35.43
N ARG G 18 -53.61 -38.38 -35.59
CA ARG G 18 -53.62 -36.92 -35.54
C ARG G 18 -54.78 -36.38 -36.35
N ARG G 19 -54.81 -36.67 -37.65
CA ARG G 19 -55.94 -36.26 -38.47
C ARG G 19 -57.24 -37.00 -38.10
N LEU G 20 -57.13 -38.29 -37.81
CA LEU G 20 -58.31 -39.07 -37.49
C LEU G 20 -58.84 -38.74 -36.10
N GLY G 21 -58.16 -37.84 -35.40
CA GLY G 21 -58.60 -37.45 -34.08
C GLY G 21 -58.87 -38.65 -33.19
N ILE G 22 -57.94 -39.59 -33.15
CA ILE G 22 -58.12 -40.80 -32.36
C ILE G 22 -57.09 -40.90 -31.25
N LYS G 23 -57.52 -40.82 -29.99
CA LYS G 23 -56.58 -41.00 -28.91
C LYS G 23 -55.95 -42.39 -28.97
N THR G 24 -54.65 -42.43 -28.70
CA THR G 24 -53.85 -43.62 -28.88
C THR G 24 -53.14 -44.00 -27.58
N VAL G 25 -52.88 -45.29 -27.44
CA VAL G 25 -52.14 -45.84 -26.31
C VAL G 25 -51.01 -46.69 -26.86
N ALA G 26 -49.86 -46.66 -26.17
CA ALA G 26 -48.68 -47.39 -26.62
C ALA G 26 -48.03 -48.06 -25.43
N VAL G 27 -47.91 -49.39 -25.50
CA VAL G 27 -47.20 -50.14 -24.46
C VAL G 27 -45.71 -50.19 -24.79
N TYR G 28 -44.92 -50.60 -23.80
CA TYR G 28 -43.47 -50.60 -23.92
C TYR G 28 -42.88 -51.61 -22.95
N SER G 29 -41.62 -51.96 -23.20
CA SER G 29 -40.83 -52.76 -22.27
C SER G 29 -39.92 -51.83 -21.45
N THR G 30 -39.23 -52.42 -20.47
CA THR G 30 -38.44 -51.61 -19.55
C THR G 30 -37.31 -50.88 -20.25
N ALA G 31 -36.63 -51.55 -21.19
CA ALA G 31 -35.52 -50.89 -21.88
C ALA G 31 -36.01 -49.74 -22.74
N ASP G 32 -37.26 -49.78 -23.19
CA ASP G 32 -37.80 -48.77 -24.10
C ASP G 32 -38.53 -47.65 -23.39
N GLU G 33 -38.15 -47.34 -22.15
CA GLU G 33 -38.80 -46.25 -21.44
C GLU G 33 -38.54 -44.90 -22.11
N GLN G 34 -37.49 -44.80 -22.91
CA GLN G 34 -37.13 -43.55 -23.57
C GLN G 34 -37.32 -43.59 -25.08
N ALA G 35 -38.03 -44.59 -25.59
CA ALA G 35 -38.34 -44.62 -27.01
C ALA G 35 -39.30 -43.48 -27.35
N LYS G 36 -39.24 -43.03 -28.60
CA LYS G 36 -40.08 -41.90 -29.00
C LYS G 36 -41.55 -42.25 -28.94
N HIS G 37 -41.93 -43.47 -29.35
CA HIS G 37 -43.33 -43.83 -29.41
C HIS G 37 -43.98 -43.81 -28.03
N VAL G 38 -43.19 -43.88 -26.96
CA VAL G 38 -43.73 -43.77 -25.62
C VAL G 38 -44.22 -42.35 -25.36
N LYS G 39 -43.41 -41.35 -25.74
CA LYS G 39 -43.79 -39.96 -25.52
C LYS G 39 -44.78 -39.46 -26.56
N VAL G 40 -44.80 -40.07 -27.74
CA VAL G 40 -45.72 -39.65 -28.77
C VAL G 40 -47.11 -40.15 -28.40
N ALA G 41 -47.17 -41.23 -27.63
CA ALA G 41 -48.45 -41.80 -27.24
C ALA G 41 -49.16 -40.96 -26.19
N ASP G 42 -50.46 -41.18 -26.05
CA ASP G 42 -51.21 -40.47 -25.02
C ASP G 42 -51.12 -41.27 -23.74
N GLU G 43 -51.03 -42.59 -23.86
CA GLU G 43 -50.93 -43.45 -22.70
C GLU G 43 -49.85 -44.51 -22.89
N SER G 44 -49.18 -44.88 -21.80
CA SER G 44 -48.14 -45.90 -21.88
C SER G 44 -48.20 -46.86 -20.70
N VAL G 45 -48.04 -48.15 -20.96
CA VAL G 45 -48.07 -49.15 -19.90
C VAL G 45 -46.90 -50.10 -20.04
N CYS G 46 -46.28 -50.50 -18.93
CA CYS G 46 -45.10 -51.33 -19.04
C CYS G 46 -45.49 -52.80 -19.22
N ILE G 47 -44.69 -53.53 -19.99
CA ILE G 47 -44.96 -54.93 -20.31
C ILE G 47 -43.77 -55.79 -19.88
N GLY G 48 -43.17 -55.45 -18.75
CA GLY G 48 -42.18 -56.31 -18.15
C GLY G 48 -40.82 -56.25 -18.80
N PRO G 49 -40.01 -57.29 -18.59
CA PRO G 49 -38.62 -57.24 -19.01
C PRO G 49 -38.50 -57.13 -20.52
N PRO G 50 -37.40 -56.58 -21.02
CA PRO G 50 -37.30 -56.26 -22.46
C PRO G 50 -36.92 -57.43 -23.34
N ALA G 51 -36.64 -58.59 -22.77
CA ALA G 51 -36.40 -59.75 -23.62
C ALA G 51 -37.62 -59.90 -24.50
N SER G 52 -37.45 -60.41 -25.71
CA SER G 52 -38.58 -60.49 -26.64
C SER G 52 -39.82 -61.18 -26.09
N VAL G 53 -39.64 -62.29 -25.39
CA VAL G 53 -40.80 -63.05 -24.92
C VAL G 53 -41.75 -62.23 -24.03
N GLU G 54 -41.21 -61.63 -22.98
CA GLU G 54 -42.05 -60.84 -22.09
C GLU G 54 -42.44 -59.54 -22.75
N SER G 55 -41.57 -59.04 -23.62
CA SER G 55 -41.84 -57.75 -24.26
C SER G 55 -42.77 -57.90 -25.46
N TYR G 56 -44.01 -57.45 -25.31
CA TYR G 56 -44.97 -57.49 -26.41
C TYR G 56 -45.42 -58.90 -26.76
N LEU G 57 -44.48 -59.84 -26.82
CA LEU G 57 -44.82 -61.23 -27.12
C LEU G 57 -45.60 -61.87 -25.98
N CYS G 58 -45.61 -61.25 -24.81
CA CYS G 58 -46.34 -61.77 -23.68
C CYS G 58 -47.82 -61.49 -23.83
N ILE G 59 -48.47 -62.20 -24.74
CA ILE G 59 -49.89 -61.98 -24.99
C ILE G 59 -50.66 -61.77 -23.70
N ASP G 60 -50.47 -62.65 -22.72
CA ASP G 60 -51.24 -62.55 -21.49
C ASP G 60 -51.16 -61.16 -20.90
N LYS G 61 -49.96 -60.61 -20.82
CA LYS G 61 -49.82 -59.25 -20.32
C LYS G 61 -50.52 -58.28 -21.26
N ILE G 62 -50.28 -58.40 -22.55
CA ILE G 62 -50.87 -57.50 -23.52
C ILE G 62 -52.40 -57.54 -23.50
N VAL G 63 -52.98 -58.73 -23.61
CA VAL G 63 -54.43 -58.83 -23.65
C VAL G 63 -55.03 -58.40 -22.33
N ASP G 64 -54.39 -58.76 -21.22
CA ASP G 64 -54.87 -58.32 -19.92
C ASP G 64 -54.80 -56.81 -19.84
N ALA G 65 -53.69 -56.24 -20.31
CA ALA G 65 -53.52 -54.79 -20.26
C ALA G 65 -54.63 -54.10 -21.04
N CYS G 66 -55.22 -54.81 -21.99
CA CYS G 66 -56.29 -54.23 -22.78
C CYS G 66 -57.59 -54.23 -22.00
N LYS G 67 -57.60 -53.53 -20.86
CA LYS G 67 -58.79 -53.48 -20.03
C LYS G 67 -58.92 -52.17 -19.28
N LYS G 68 -58.09 -51.20 -19.61
CA LYS G 68 -58.10 -49.94 -18.87
C LYS G 68 -58.22 -48.73 -19.79
N THR G 69 -57.72 -48.83 -21.00
CA THR G 69 -57.74 -47.71 -21.93
C THR G 69 -59.16 -47.30 -22.29
N GLY G 70 -60.05 -48.26 -22.44
CA GLY G 70 -61.42 -47.95 -22.84
C GLY G 70 -61.52 -47.98 -24.35
N ALA G 71 -60.38 -47.84 -25.02
CA ALA G 71 -60.37 -47.88 -26.48
C ALA G 71 -61.23 -49.03 -26.99
N GLN G 72 -62.15 -48.75 -27.91
CA GLN G 72 -63.04 -49.78 -28.43
C GLN G 72 -62.34 -50.68 -29.45
N ALA G 73 -61.14 -50.29 -29.85
CA ALA G 73 -60.38 -51.11 -30.79
C ALA G 73 -58.89 -51.04 -30.45
N VAL G 74 -58.13 -52.02 -30.91
CA VAL G 74 -56.70 -52.07 -30.64
C VAL G 74 -55.94 -52.57 -31.86
N HIS G 75 -55.03 -51.74 -32.37
CA HIS G 75 -54.25 -52.13 -33.55
C HIS G 75 -53.45 -53.39 -33.30
N PRO G 76 -53.36 -54.26 -34.32
CA PRO G 76 -52.57 -55.48 -34.18
C PRO G 76 -51.12 -55.25 -34.58
N GLY G 77 -50.81 -54.10 -35.17
CA GLY G 77 -49.46 -53.82 -35.63
C GLY G 77 -49.13 -54.59 -36.89
N TYR G 78 -47.84 -54.81 -37.16
CA TYR G 78 -47.47 -55.59 -38.32
C TYR G 78 -46.40 -56.62 -37.97
N GLY G 79 -45.74 -56.45 -36.83
CA GLY G 79 -44.70 -57.38 -36.43
C GLY G 79 -45.12 -58.22 -35.24
N PHE G 80 -44.14 -58.76 -34.51
CA PHE G 80 -44.44 -59.55 -33.33
C PHE G 80 -45.56 -60.53 -33.62
N LEU G 81 -46.58 -60.55 -32.75
CA LEU G 81 -47.68 -61.49 -32.92
C LEU G 81 -48.88 -60.90 -33.66
N SER G 82 -48.62 -60.05 -34.64
CA SER G 82 -49.69 -59.46 -35.42
C SER G 82 -50.46 -60.54 -36.17
N GLU G 83 -51.72 -60.29 -36.50
CA GLU G 83 -52.53 -61.26 -37.23
C GLU G 83 -52.29 -62.68 -36.75
N ASN G 84 -52.52 -62.93 -35.47
CA ASN G 84 -52.35 -64.28 -34.92
C ASN G 84 -53.65 -64.81 -34.36
N GLY G 85 -53.92 -66.09 -34.57
CA GLY G 85 -55.15 -66.69 -34.08
C GLY G 85 -55.17 -66.79 -32.56
N GLU G 86 -54.15 -67.41 -32.00
CA GLU G 86 -54.05 -67.52 -30.54
C GLU G 86 -54.28 -66.14 -29.97
N PHE G 87 -53.98 -65.12 -30.76
CA PHE G 87 -54.22 -63.76 -30.32
C PHE G 87 -55.62 -63.32 -30.74
N GLN G 88 -56.03 -63.64 -31.98
CA GLN G 88 -57.39 -63.31 -32.40
C GLN G 88 -58.41 -63.99 -31.49
N SER G 89 -58.14 -65.24 -31.12
CA SER G 89 -59.04 -65.95 -30.21
C SER G 89 -59.15 -65.23 -28.87
N ALA G 90 -58.02 -64.82 -28.31
CA ALA G 90 -58.03 -64.14 -27.02
C ALA G 90 -58.76 -62.82 -27.09
N LEU G 91 -58.54 -62.05 -28.16
CA LEU G 91 -59.24 -60.78 -28.27
C LEU G 91 -60.73 -60.95 -28.47
N GLN G 92 -61.16 -62.02 -29.17
CA GLN G 92 -62.60 -62.25 -29.26
C GLN G 92 -63.16 -62.93 -28.01
N LYS G 93 -62.31 -63.44 -27.11
CA LYS G 93 -62.80 -63.86 -25.80
C LYS G 93 -63.33 -62.66 -25.02
N ASN G 94 -62.57 -61.57 -25.02
CA ASN G 94 -62.97 -60.36 -24.32
C ASN G 94 -63.80 -59.45 -25.23
N ASN G 95 -64.08 -59.90 -26.46
CA ASN G 95 -64.99 -59.22 -27.37
C ASN G 95 -64.48 -57.82 -27.73
N ILE G 96 -63.35 -57.78 -28.43
CA ILE G 96 -62.75 -56.53 -28.86
C ILE G 96 -62.31 -56.64 -30.32
N VAL G 97 -62.16 -55.48 -30.96
CA VAL G 97 -61.88 -55.41 -32.40
C VAL G 97 -60.41 -55.75 -32.66
N PHE G 98 -60.14 -56.34 -33.83
CA PHE G 98 -58.77 -56.77 -34.12
C PHE G 98 -58.07 -55.80 -35.06
N VAL G 99 -58.83 -54.93 -35.72
CA VAL G 99 -58.24 -54.00 -36.68
C VAL G 99 -57.39 -54.79 -37.66
N GLY G 100 -57.90 -55.92 -38.12
CA GLY G 100 -57.16 -56.74 -39.05
C GLY G 100 -58.04 -57.71 -39.82
N PRO G 101 -57.43 -58.64 -40.57
CA PRO G 101 -58.19 -59.58 -41.39
C PRO G 101 -58.92 -60.63 -40.56
N ASP G 102 -59.82 -61.38 -41.19
CA ASP G 102 -60.56 -62.42 -40.49
C ASP G 102 -59.70 -63.66 -40.41
N ALA G 103 -60.00 -64.53 -39.46
CA ALA G 103 -59.18 -65.73 -39.25
C ALA G 103 -59.15 -66.60 -40.49
N HIS G 104 -60.32 -66.97 -41.02
CA HIS G 104 -60.40 -68.02 -42.04
C HIS G 104 -59.47 -67.71 -43.21
N SER G 105 -59.51 -66.47 -43.71
CA SER G 105 -58.61 -66.07 -44.78
C SER G 105 -57.15 -66.17 -44.36
N ILE G 106 -56.84 -65.74 -43.14
CA ILE G 106 -55.45 -65.72 -42.69
C ILE G 106 -54.87 -67.12 -42.65
N GLU G 107 -55.57 -68.05 -42.00
CA GLU G 107 -55.08 -69.43 -41.97
C GLU G 107 -55.19 -70.12 -43.32
N SER G 108 -56.09 -69.67 -44.20
CA SER G 108 -56.21 -70.32 -45.50
C SER G 108 -55.08 -69.91 -46.44
N MET G 109 -54.54 -68.70 -46.27
CA MET G 109 -53.57 -68.18 -47.21
C MET G 109 -52.14 -68.11 -46.67
N GLY G 110 -51.97 -67.72 -45.40
CA GLY G 110 -50.63 -67.68 -44.84
C GLY G 110 -50.05 -69.05 -44.55
N ASP G 111 -50.89 -70.09 -44.58
CA ASP G 111 -50.41 -71.44 -44.34
C ASP G 111 -49.41 -71.86 -45.43
N LYS G 112 -48.42 -72.64 -45.02
CA LYS G 112 -47.37 -73.06 -45.95
C LYS G 112 -47.91 -73.92 -47.07
N ILE G 113 -48.79 -74.88 -46.75
CA ILE G 113 -49.36 -75.77 -47.75
C ILE G 113 -50.82 -75.36 -47.99
N GLU G 114 -51.42 -75.94 -49.04
CA GLU G 114 -52.78 -75.69 -49.49
C GLU G 114 -52.86 -74.31 -50.13
N SER G 115 -51.78 -73.53 -50.04
CA SER G 115 -51.71 -72.29 -50.80
C SER G 115 -51.70 -72.58 -52.30
N LYS G 116 -51.02 -73.65 -52.69
CA LYS G 116 -51.07 -74.10 -54.08
C LYS G 116 -52.48 -74.50 -54.48
N ARG G 117 -53.27 -75.03 -53.53
CA ARG G 117 -54.65 -75.38 -53.83
C ARG G 117 -55.47 -74.15 -54.18
N LEU G 118 -55.39 -73.12 -53.34
CA LEU G 118 -56.09 -71.89 -53.64
C LEU G 118 -55.54 -71.33 -54.95
N ALA G 119 -54.24 -71.51 -55.17
CA ALA G 119 -53.62 -71.02 -56.38
C ALA G 119 -54.22 -71.71 -57.60
N GLN G 120 -54.34 -73.02 -57.53
CA GLN G 120 -54.89 -73.77 -58.65
C GLN G 120 -56.41 -73.82 -58.58
N ARG G 121 -56.97 -73.31 -57.49
CA ARG G 121 -58.42 -73.25 -57.38
C ARG G 121 -58.94 -72.60 -58.63
N ALA G 122 -58.35 -71.46 -59.00
CA ALA G 122 -58.74 -70.80 -60.24
C ALA G 122 -57.53 -70.76 -61.15
N GLY G 123 -56.50 -71.51 -60.81
CA GLY G 123 -55.29 -71.53 -61.62
C GLY G 123 -54.51 -70.25 -61.47
N VAL G 124 -55.10 -69.14 -61.91
CA VAL G 124 -54.47 -67.84 -61.75
C VAL G 124 -53.01 -67.85 -62.21
N THR G 125 -52.75 -68.47 -63.36
CA THR G 125 -51.39 -68.51 -63.91
C THR G 125 -50.37 -68.91 -62.85
N CYS G 126 -50.57 -70.06 -62.22
CA CYS G 126 -49.62 -70.53 -61.22
C CYS G 126 -48.44 -71.20 -61.91
N ILE G 127 -47.41 -71.55 -61.14
CA ILE G 127 -46.23 -72.19 -61.71
C ILE G 127 -46.58 -73.21 -62.78
N PRO G 128 -45.99 -73.07 -63.97
CA PRO G 128 -46.25 -74.00 -65.07
C PRO G 128 -45.15 -75.05 -65.20
N GLY G 129 -45.55 -76.22 -65.66
CA GLY G 129 -44.66 -77.33 -65.85
C GLY G 129 -45.43 -78.63 -65.87
N PHE G 130 -44.77 -79.68 -66.39
CA PHE G 130 -45.38 -81.01 -66.44
C PHE G 130 -45.64 -81.52 -65.04
N ILE G 131 -46.92 -81.64 -64.68
CA ILE G 131 -47.32 -81.98 -63.31
C ILE G 131 -47.26 -83.50 -63.20
N GLY G 132 -46.08 -84.00 -62.86
CA GLY G 132 -45.91 -85.43 -62.69
C GLY G 132 -44.46 -85.83 -62.88
N GLU G 133 -44.21 -87.12 -62.67
CA GLU G 133 -42.87 -87.66 -62.79
C GLU G 133 -42.47 -87.78 -64.25
N VAL G 134 -41.21 -87.43 -64.55
CA VAL G 134 -40.65 -87.64 -65.87
C VAL G 134 -39.75 -88.88 -65.81
N LYS G 135 -40.28 -90.02 -66.27
CA LYS G 135 -39.61 -91.30 -66.14
C LYS G 135 -38.57 -91.56 -67.22
N THR G 136 -38.58 -90.78 -68.30
CA THR G 136 -37.71 -91.00 -69.44
C THR G 136 -37.14 -89.67 -69.92
N HIS G 137 -35.96 -89.75 -70.56
CA HIS G 137 -35.35 -88.55 -71.12
C HIS G 137 -36.17 -87.98 -72.27
N GLU G 138 -36.87 -88.84 -73.01
CA GLU G 138 -37.71 -88.37 -74.10
C GLU G 138 -38.82 -87.46 -73.58
N ASP G 139 -39.46 -87.85 -72.47
CA ASP G 139 -40.49 -87.01 -71.88
C ASP G 139 -39.91 -85.68 -71.42
N LEU G 140 -38.71 -85.71 -70.82
CA LEU G 140 -38.09 -84.48 -70.35
C LEU G 140 -37.83 -83.52 -71.50
N LEU G 141 -37.28 -84.04 -72.61
CA LEU G 141 -37.04 -83.18 -73.76
C LEU G 141 -38.34 -82.66 -74.35
N ARG G 142 -39.35 -83.52 -74.48
CA ARG G 142 -40.62 -83.09 -75.05
C ARG G 142 -41.27 -82.01 -74.21
N PHE G 143 -41.25 -82.16 -72.89
CA PHE G 143 -41.89 -81.17 -72.02
C PHE G 143 -41.04 -79.90 -71.91
N ALA G 144 -39.71 -80.02 -72.07
CA ALA G 144 -38.89 -78.82 -72.16
C ALA G 144 -39.22 -78.02 -73.41
N ARG G 145 -39.41 -78.71 -74.54
CA ARG G 145 -39.75 -78.01 -75.77
C ARG G 145 -41.17 -77.46 -75.73
N GLU G 146 -42.07 -78.16 -75.03
CA GLU G 146 -43.43 -77.66 -74.88
C GLU G 146 -43.43 -76.16 -74.66
N ILE G 147 -42.67 -75.70 -73.67
CA ILE G 147 -42.62 -74.27 -73.37
C ILE G 147 -41.24 -73.67 -73.69
N GLY G 148 -40.29 -74.52 -74.05
CA GLY G 148 -38.95 -74.04 -74.34
C GLY G 148 -38.38 -73.28 -73.15
N TYR G 149 -38.73 -73.70 -71.95
CA TYR G 149 -38.26 -73.02 -70.75
C TYR G 149 -36.89 -73.50 -70.33
N PRO G 150 -36.25 -72.79 -69.39
CA PRO G 150 -34.96 -73.24 -68.87
C PRO G 150 -35.09 -74.47 -67.98
N VAL G 151 -36.11 -75.30 -68.19
CA VAL G 151 -36.27 -76.57 -67.46
C VAL G 151 -36.68 -76.47 -65.98
N MET G 152 -36.06 -75.57 -65.21
CA MET G 152 -36.37 -75.50 -63.79
C MET G 152 -36.42 -76.92 -63.20
N ILE G 153 -35.36 -77.69 -63.40
CA ILE G 153 -35.33 -79.04 -62.83
C ILE G 153 -35.30 -78.96 -61.32
N LYS G 154 -36.30 -79.57 -60.68
CA LYS G 154 -36.37 -79.54 -59.23
C LYS G 154 -36.95 -80.86 -58.73
N ALA G 155 -36.43 -81.34 -57.61
CA ALA G 155 -36.88 -82.61 -57.06
C ALA G 155 -38.30 -82.49 -56.51
N SER G 156 -39.03 -83.61 -56.57
CA SER G 156 -40.38 -83.62 -56.02
C SER G 156 -40.37 -83.47 -54.51
N GLY G 157 -39.42 -84.12 -53.83
CA GLY G 157 -39.35 -84.07 -52.39
C GLY G 157 -38.30 -83.11 -51.86
N GLY G 158 -37.43 -82.62 -52.76
CA GLY G 158 -36.41 -81.69 -52.35
C GLY G 158 -36.94 -80.27 -52.17
N GLY G 159 -36.25 -79.51 -51.33
CA GLY G 159 -36.65 -78.15 -51.06
C GLY G 159 -35.43 -77.29 -50.74
N GLY G 160 -35.67 -75.97 -50.75
CA GLY G 160 -34.63 -75.03 -50.40
C GLY G 160 -33.60 -74.76 -51.47
N GLY G 161 -33.78 -75.31 -52.68
CA GLY G 161 -32.82 -75.14 -53.74
C GLY G 161 -31.88 -76.30 -53.97
N LYS G 162 -32.06 -77.41 -53.26
CA LYS G 162 -31.25 -78.59 -53.47
C LYS G 162 -31.90 -79.51 -54.51
N GLY G 163 -31.07 -80.06 -55.39
CA GLY G 163 -31.58 -80.87 -56.47
C GLY G 163 -32.13 -80.09 -57.65
N MET G 164 -31.63 -78.88 -57.88
CA MET G 164 -32.11 -78.02 -58.96
C MET G 164 -30.95 -77.73 -59.90
N ARG G 165 -31.19 -77.90 -61.20
CA ARG G 165 -30.24 -77.54 -62.23
C ARG G 165 -30.99 -76.91 -63.40
N VAL G 166 -30.34 -75.95 -64.05
CA VAL G 166 -30.96 -75.10 -65.06
C VAL G 166 -30.54 -75.60 -66.44
N ALA G 167 -31.50 -76.09 -67.21
CA ALA G 167 -31.24 -76.65 -68.53
C ALA G 167 -31.73 -75.71 -69.61
N TYR G 168 -30.86 -75.41 -70.58
CA TYR G 168 -31.19 -74.51 -71.68
C TYR G 168 -31.47 -75.23 -72.99
N ASN G 169 -30.89 -76.41 -73.19
CA ASN G 169 -31.13 -77.17 -74.42
C ASN G 169 -31.32 -78.64 -74.05
N ASP G 170 -31.57 -79.46 -75.07
CA ASP G 170 -31.92 -80.86 -74.84
C ASP G 170 -30.74 -81.65 -74.25
N THR G 171 -29.54 -81.40 -74.76
CA THR G 171 -28.35 -82.05 -74.20
C THR G 171 -28.14 -81.63 -72.75
N GLN G 172 -28.30 -80.33 -72.48
CA GLN G 172 -28.25 -79.87 -71.10
C GLN G 172 -29.34 -80.50 -70.26
N CYS G 173 -30.54 -80.68 -70.84
CA CYS G 173 -31.62 -81.34 -70.12
C CYS G 173 -31.22 -82.75 -69.72
N VAL G 174 -30.64 -83.52 -70.65
CA VAL G 174 -30.29 -84.90 -70.36
C VAL G 174 -29.18 -84.95 -69.31
N GLU G 175 -28.13 -84.15 -69.49
CA GLU G 175 -27.02 -84.17 -68.54
C GLU G 175 -27.45 -83.73 -67.16
N TYR G 176 -28.29 -82.70 -67.08
CA TYR G 176 -28.73 -82.19 -65.79
C TYR G 176 -29.74 -83.12 -65.13
N TYR G 177 -30.53 -83.86 -65.92
CA TYR G 177 -31.37 -84.90 -65.35
C TYR G 177 -30.52 -86.04 -64.79
N ASP G 178 -29.46 -86.41 -65.51
CA ASP G 178 -28.54 -87.43 -65.03
C ASP G 178 -27.90 -87.01 -63.71
N MET G 179 -27.51 -85.74 -63.58
CA MET G 179 -26.93 -85.27 -62.32
C MET G 179 -28.00 -85.16 -61.23
N CYS G 180 -29.20 -84.71 -61.59
CA CYS G 180 -30.25 -84.49 -60.60
C CYS G 180 -30.73 -85.79 -59.98
N ARG G 181 -30.90 -86.83 -60.81
CA ARG G 181 -31.33 -88.12 -60.25
C ARG G 181 -30.29 -88.66 -59.30
N GLU G 182 -29.01 -88.57 -59.66
CA GLU G 182 -27.94 -89.05 -58.79
C GLU G 182 -27.90 -88.26 -57.47
N GLU G 183 -28.07 -86.95 -57.55
CA GLU G 183 -28.08 -86.12 -56.34
C GLU G 183 -29.27 -86.47 -55.44
N ALA G 184 -30.47 -86.51 -56.02
CA ALA G 184 -31.68 -86.64 -55.23
C ALA G 184 -31.84 -88.05 -54.66
N LYS G 185 -31.39 -89.08 -55.39
CA LYS G 185 -31.48 -90.44 -54.86
C LYS G 185 -30.66 -90.58 -53.58
N ALA G 186 -29.49 -89.95 -53.54
CA ALA G 186 -28.67 -89.97 -52.34
C ALA G 186 -29.18 -89.04 -51.25
N ALA G 187 -29.71 -87.87 -51.62
CA ALA G 187 -30.01 -86.83 -50.64
C ALA G 187 -31.41 -86.91 -50.05
N PHE G 188 -32.42 -87.29 -50.85
CA PHE G 188 -33.80 -87.26 -50.39
C PHE G 188 -34.54 -88.57 -50.62
N HIS G 189 -33.85 -89.64 -51.02
CA HIS G 189 -34.44 -90.96 -51.22
C HIS G 189 -35.57 -90.95 -52.24
N SER G 190 -35.61 -89.95 -53.12
CA SER G 190 -36.63 -89.85 -54.15
C SER G 190 -35.97 -89.50 -55.48
N ASP G 191 -36.27 -90.30 -56.50
CA ASP G 191 -35.79 -90.06 -57.86
C ASP G 191 -36.83 -89.35 -58.73
N LYS G 192 -37.99 -89.03 -58.15
CA LYS G 192 -39.08 -88.42 -58.92
C LYS G 192 -38.76 -86.96 -59.20
N MET G 193 -38.58 -86.62 -60.47
CA MET G 193 -38.23 -85.27 -60.88
C MET G 193 -39.42 -84.58 -61.52
N LEU G 194 -39.41 -83.25 -61.46
CA LEU G 194 -40.40 -82.43 -62.11
C LEU G 194 -39.70 -81.35 -62.93
N VAL G 195 -40.33 -80.95 -64.03
CA VAL G 195 -39.80 -79.92 -64.92
C VAL G 195 -40.81 -78.79 -65.00
N GLU G 196 -40.32 -77.56 -64.85
CA GLU G 196 -41.18 -76.38 -64.82
C GLU G 196 -40.51 -75.25 -65.59
N ARG G 197 -41.29 -74.23 -65.90
CA ARG G 197 -40.81 -73.07 -66.64
C ARG G 197 -39.86 -72.27 -65.76
N PHE G 198 -38.57 -72.46 -65.96
CA PHE G 198 -37.59 -71.67 -65.22
C PHE G 198 -37.55 -70.24 -65.75
N ILE G 199 -37.17 -69.31 -64.87
CA ILE G 199 -37.14 -67.89 -65.19
C ILE G 199 -35.75 -67.54 -65.69
N ASP G 200 -35.68 -66.83 -66.82
CA ASP G 200 -34.40 -66.35 -67.32
C ASP G 200 -33.63 -65.60 -66.25
N HIS G 201 -34.19 -64.48 -65.79
CA HIS G 201 -33.65 -63.68 -64.70
C HIS G 201 -34.82 -62.99 -64.00
N PRO G 202 -35.00 -63.19 -62.70
CA PRO G 202 -36.20 -62.72 -62.04
C PRO G 202 -36.09 -61.25 -61.62
N ARG G 203 -37.26 -60.63 -61.46
CA ARG G 203 -37.37 -59.29 -60.93
C ARG G 203 -38.16 -59.22 -59.63
N HIS G 204 -38.88 -60.28 -59.26
CA HIS G 204 -39.59 -60.34 -57.99
C HIS G 204 -40.58 -59.18 -57.84
N ILE G 205 -41.33 -58.92 -58.91
CA ILE G 205 -42.33 -57.86 -58.88
C ILE G 205 -43.40 -58.20 -57.84
N GLU G 206 -43.84 -57.19 -57.11
CA GLU G 206 -44.87 -57.36 -56.09
C GLU G 206 -46.07 -56.47 -56.42
N ILE G 207 -47.26 -57.00 -56.23
CA ILE G 207 -48.51 -56.29 -56.50
C ILE G 207 -49.22 -56.07 -55.18
N GLN G 208 -49.63 -54.83 -54.93
CA GLN G 208 -50.32 -54.46 -53.70
C GLN G 208 -51.82 -54.64 -53.86
N VAL G 209 -52.48 -54.93 -52.72
CA VAL G 209 -53.92 -55.17 -52.70
C VAL G 209 -54.51 -54.50 -51.46
N ILE G 210 -55.69 -53.91 -51.63
CA ILE G 210 -56.50 -53.42 -50.52
C ILE G 210 -57.93 -53.92 -50.74
N ALA G 211 -58.69 -54.01 -49.65
CA ALA G 211 -60.07 -54.48 -49.73
C ALA G 211 -60.87 -53.87 -48.59
N ASP G 212 -62.08 -54.38 -48.38
CA ASP G 212 -62.95 -53.86 -47.33
C ASP G 212 -64.00 -54.91 -46.97
N ARG G 213 -64.57 -54.76 -45.77
CA ARG G 213 -65.55 -55.73 -45.28
C ARG G 213 -66.92 -55.53 -45.92
N ARG G 214 -67.16 -54.40 -46.57
CA ARG G 214 -68.40 -54.16 -47.30
C ARG G 214 -68.24 -54.34 -48.80
N GLY G 215 -67.26 -53.67 -49.40
CA GLY G 215 -67.05 -53.78 -50.83
C GLY G 215 -66.04 -52.75 -51.30
N ASN G 216 -66.25 -52.28 -52.53
CA ASN G 216 -65.40 -51.25 -53.14
C ASN G 216 -63.94 -51.67 -53.13
N THR G 217 -63.69 -52.95 -53.46
CA THR G 217 -62.33 -53.46 -53.46
C THR G 217 -61.50 -52.74 -54.51
N VAL G 218 -60.26 -52.39 -54.15
CA VAL G 218 -59.37 -51.62 -55.00
C VAL G 218 -58.03 -52.34 -55.09
N TYR G 219 -57.38 -52.22 -56.25
CA TYR G 219 -56.03 -52.73 -56.44
C TYR G 219 -55.05 -51.56 -56.38
N LEU G 220 -54.07 -51.65 -55.51
CA LEU G 220 -53.05 -50.61 -55.44
C LEU G 220 -51.97 -50.88 -56.47
N PRO G 221 -51.28 -49.83 -56.94
CA PRO G 221 -50.21 -50.03 -57.92
C PRO G 221 -49.11 -50.91 -57.37
N GLU G 222 -48.49 -51.69 -58.26
CA GLU G 222 -47.51 -52.70 -57.88
C GLU G 222 -46.26 -52.07 -57.27
N ARG G 223 -45.33 -52.91 -56.81
CA ARG G 223 -44.05 -52.43 -56.30
C ARG G 223 -42.92 -53.34 -56.78
N GLU G 224 -41.70 -53.01 -56.34
CA GLU G 224 -40.50 -53.75 -56.69
C GLU G 224 -39.80 -54.19 -55.41
N CYS G 225 -39.31 -55.42 -55.39
CA CYS G 225 -38.46 -55.91 -54.30
C CYS G 225 -37.36 -56.78 -54.88
N SER G 226 -36.76 -56.33 -55.98
CA SER G 226 -35.78 -57.15 -56.69
C SER G 226 -34.51 -57.34 -55.87
N ILE G 227 -33.93 -56.24 -55.36
CA ILE G 227 -32.69 -56.34 -54.62
C ILE G 227 -32.93 -57.08 -53.31
N GLN G 228 -32.06 -58.05 -53.02
CA GLN G 228 -32.26 -58.90 -51.85
C GLN G 228 -30.92 -59.48 -51.42
N ARG G 229 -30.55 -59.23 -50.17
CA ARG G 229 -29.35 -59.81 -49.56
C ARG G 229 -29.78 -60.76 -48.46
N ARG G 230 -29.29 -62.01 -48.53
CA ARG G 230 -29.62 -63.05 -47.56
C ARG G 230 -31.12 -63.20 -47.40
N ASN G 231 -31.84 -63.06 -48.51
CA ASN G 231 -33.31 -63.08 -48.54
C ASN G 231 -33.91 -61.93 -47.74
N GLN G 232 -33.21 -60.80 -47.68
CA GLN G 232 -33.75 -59.56 -47.13
C GLN G 232 -33.57 -58.45 -48.15
N LYS G 233 -34.66 -57.72 -48.41
CA LYS G 233 -34.66 -56.70 -49.45
C LYS G 233 -34.12 -55.37 -48.91
N VAL G 234 -33.65 -54.53 -49.83
CA VAL G 234 -32.97 -53.29 -49.50
C VAL G 234 -33.66 -52.07 -50.14
N ILE G 235 -33.81 -52.09 -51.45
CA ILE G 235 -34.31 -50.95 -52.21
C ILE G 235 -35.61 -51.33 -52.91
N GLU G 236 -36.59 -50.43 -52.86
CA GLU G 236 -37.92 -50.71 -53.38
C GLU G 236 -38.40 -49.53 -54.22
N GLU G 237 -39.36 -49.81 -55.11
CA GLU G 237 -39.84 -48.83 -56.07
C GLU G 237 -41.16 -49.32 -56.66
N ALA G 238 -42.20 -48.47 -56.60
CA ALA G 238 -43.52 -48.97 -56.94
C ALA G 238 -43.74 -49.12 -58.45
N PRO G 239 -43.66 -48.04 -59.26
CA PRO G 239 -43.89 -48.21 -60.70
C PRO G 239 -42.66 -48.72 -61.44
N SER G 240 -42.45 -50.03 -61.43
CA SER G 240 -41.28 -50.62 -62.10
C SER G 240 -41.28 -50.26 -63.59
N VAL G 241 -40.09 -50.27 -64.16
CA VAL G 241 -39.92 -49.82 -65.54
C VAL G 241 -40.65 -50.74 -66.52
N LEU G 242 -40.60 -52.05 -66.26
CA LEU G 242 -41.22 -53.03 -67.15
C LEU G 242 -42.70 -53.13 -66.77
N LEU G 243 -43.43 -52.07 -67.12
CA LEU G 243 -44.85 -51.95 -66.78
C LEU G 243 -45.63 -51.68 -68.05
N ASP G 244 -46.46 -52.63 -68.46
CA ASP G 244 -47.40 -52.46 -69.56
C ASP G 244 -48.81 -52.60 -69.03
N ALA G 245 -49.70 -51.70 -69.48
CA ALA G 245 -51.08 -51.74 -69.02
C ALA G 245 -51.75 -53.07 -69.36
N THR G 246 -51.34 -53.69 -70.46
CA THR G 246 -51.88 -54.99 -70.84
C THR G 246 -51.74 -56.00 -69.70
N THR G 247 -50.56 -56.06 -69.10
CA THR G 247 -50.38 -56.93 -67.94
C THR G 247 -50.99 -56.31 -66.70
N ARG G 248 -50.70 -55.04 -66.42
CA ARG G 248 -50.99 -54.44 -65.12
C ARG G 248 -52.48 -54.40 -64.82
N LYS G 249 -53.30 -54.06 -65.82
CA LYS G 249 -54.74 -54.01 -65.58
C LYS G 249 -55.28 -55.38 -65.21
N ALA G 250 -54.84 -56.42 -65.92
CA ALA G 250 -55.22 -57.78 -65.58
C ALA G 250 -54.67 -58.18 -64.23
N MET G 251 -53.50 -57.67 -63.85
CA MET G 251 -52.94 -57.96 -62.53
C MET G 251 -53.85 -57.43 -61.44
N GLY G 252 -54.28 -56.18 -61.57
CA GLY G 252 -55.18 -55.61 -60.59
C GLY G 252 -56.51 -56.33 -60.54
N GLU G 253 -57.08 -56.64 -61.71
CA GLU G 253 -58.37 -57.32 -61.74
C GLU G 253 -58.27 -58.72 -61.15
N GLU G 254 -57.19 -59.44 -61.45
CA GLU G 254 -57.02 -60.79 -60.92
C GLU G 254 -56.73 -60.76 -59.42
N ALA G 255 -56.00 -59.74 -58.95
CA ALA G 255 -55.79 -59.59 -57.52
C ALA G 255 -57.10 -59.36 -56.80
N VAL G 256 -57.96 -58.49 -57.35
CA VAL G 256 -59.26 -58.25 -56.73
C VAL G 256 -60.11 -59.52 -56.78
N ALA G 257 -60.06 -60.25 -57.90
CA ALA G 257 -60.82 -61.49 -58.00
C ALA G 257 -60.37 -62.51 -56.96
N MET G 258 -59.06 -62.65 -56.77
CA MET G 258 -58.55 -63.55 -55.74
C MET G 258 -58.94 -63.08 -54.35
N ALA G 259 -59.03 -61.76 -54.16
CA ALA G 259 -59.39 -61.20 -52.86
C ALA G 259 -60.69 -61.77 -52.29
N ARG G 260 -61.77 -61.66 -53.06
CA ARG G 260 -63.07 -62.17 -52.61
C ARG G 260 -63.08 -63.69 -52.54
N ALA G 261 -62.12 -64.33 -53.19
CA ALA G 261 -62.07 -65.80 -53.23
C ALA G 261 -62.02 -66.41 -51.82
N VAL G 262 -61.09 -65.94 -51.00
CA VAL G 262 -61.01 -66.42 -49.62
C VAL G 262 -61.67 -65.41 -48.69
N GLN G 263 -62.40 -64.46 -49.27
CA GLN G 263 -63.08 -63.45 -48.45
C GLN G 263 -62.07 -62.70 -47.60
N TYR G 264 -60.95 -62.34 -48.20
CA TYR G 264 -59.91 -61.62 -47.47
C TYR G 264 -60.37 -60.22 -47.08
N VAL G 265 -60.08 -59.81 -45.85
CA VAL G 265 -60.48 -58.48 -45.39
C VAL G 265 -59.33 -57.48 -45.47
N SER G 266 -58.35 -57.63 -44.60
CA SER G 266 -57.20 -56.72 -44.61
C SER G 266 -56.10 -57.29 -45.49
N ALA G 267 -56.17 -57.02 -46.79
CA ALA G 267 -55.21 -57.59 -47.72
C ALA G 267 -53.77 -57.30 -47.38
N GLY G 268 -52.90 -58.30 -47.53
CA GLY G 268 -51.49 -58.09 -47.30
C GLY G 268 -50.92 -57.61 -48.62
N THR G 269 -50.43 -58.53 -49.43
CA THR G 269 -49.92 -58.17 -50.75
C THR G 269 -49.66 -59.38 -51.63
N VAL G 270 -49.70 -59.19 -52.95
CA VAL G 270 -49.46 -60.30 -53.87
C VAL G 270 -48.02 -60.34 -54.36
N GLU G 271 -47.45 -61.55 -54.42
CA GLU G 271 -46.09 -61.73 -54.89
C GLU G 271 -46.10 -62.32 -56.30
N ASN G 272 -45.16 -61.87 -57.13
CA ASN G 272 -45.00 -62.36 -58.50
C ASN G 272 -43.52 -62.45 -58.86
N VAL G 273 -43.25 -63.25 -59.88
CA VAL G 273 -41.93 -63.31 -60.52
C VAL G 273 -42.12 -63.00 -62.00
N VAL G 274 -41.38 -62.03 -62.50
CA VAL G 274 -41.58 -61.52 -63.85
C VAL G 274 -40.28 -61.64 -64.64
N ASN G 275 -40.39 -62.19 -65.84
CA ASN G 275 -39.36 -62.35 -66.86
C ASN G 275 -39.52 -61.27 -67.92
N PRO G 276 -38.44 -60.97 -68.69
CA PRO G 276 -38.54 -59.95 -69.73
C PRO G 276 -39.67 -60.15 -70.73
N GLN G 277 -40.34 -61.30 -70.69
CA GLN G 277 -41.47 -61.57 -71.58
C GLN G 277 -42.82 -61.27 -70.92
N LYS G 278 -42.81 -60.62 -69.76
CA LYS G 278 -44.01 -60.06 -69.13
C LYS G 278 -45.01 -61.15 -68.76
N GLN G 279 -44.59 -62.04 -67.87
CA GLN G 279 -45.45 -63.03 -67.26
C GLN G 279 -45.81 -62.59 -65.83
N PHE G 280 -46.55 -63.45 -65.14
CA PHE G 280 -46.95 -63.18 -63.76
C PHE G 280 -47.31 -64.48 -63.07
N TYR G 281 -47.06 -64.55 -61.76
CA TYR G 281 -47.18 -65.80 -61.01
C TYR G 281 -47.73 -65.49 -59.61
N PHE G 282 -49.03 -65.65 -59.42
CA PHE G 282 -49.63 -65.38 -58.11
C PHE G 282 -49.40 -66.53 -57.15
N LEU G 283 -48.48 -66.33 -56.21
CA LEU G 283 -48.17 -67.29 -55.15
C LEU G 283 -47.23 -66.64 -54.15
N GLU G 284 -46.96 -67.31 -53.04
CA GLU G 284 -46.15 -66.69 -51.99
C GLU G 284 -46.85 -65.40 -51.59
N MET G 285 -48.18 -65.40 -51.65
CA MET G 285 -48.94 -64.20 -51.31
C MET G 285 -48.75 -63.84 -49.84
N ASN G 286 -48.87 -62.55 -49.53
CA ASN G 286 -48.67 -62.09 -48.16
C ASN G 286 -49.99 -61.72 -47.50
N THR G 287 -50.06 -61.89 -46.18
CA THR G 287 -51.27 -61.51 -45.45
C THR G 287 -50.90 -60.58 -44.31
N ARG G 288 -49.70 -60.02 -44.36
CA ARG G 288 -49.26 -59.09 -43.32
C ARG G 288 -49.25 -57.68 -43.87
N LEU G 289 -49.39 -56.69 -43.00
CA LEU G 289 -49.38 -55.30 -43.44
C LEU G 289 -47.97 -54.87 -43.81
N GLN G 290 -47.65 -54.94 -45.09
CA GLN G 290 -46.31 -54.55 -45.55
C GLN G 290 -46.14 -53.05 -45.35
N VAL G 291 -44.98 -52.66 -44.83
CA VAL G 291 -44.73 -51.24 -44.56
C VAL G 291 -43.91 -50.60 -45.67
N GLU G 292 -43.92 -51.20 -46.86
CA GLU G 292 -43.23 -50.59 -47.99
C GLU G 292 -44.22 -49.73 -48.73
N HIS G 293 -45.44 -49.65 -48.21
CA HIS G 293 -46.49 -48.84 -48.85
C HIS G 293 -46.17 -47.35 -48.94
N PRO G 294 -45.32 -46.81 -48.05
CA PRO G 294 -45.03 -45.39 -48.22
C PRO G 294 -44.77 -45.06 -49.68
N ILE G 295 -44.04 -45.91 -50.38
CA ILE G 295 -43.78 -45.69 -51.80
C ILE G 295 -45.10 -45.55 -52.55
N THR G 296 -46.00 -46.50 -52.37
CA THR G 296 -47.29 -46.46 -53.04
C THR G 296 -48.06 -45.24 -52.61
N GLU G 297 -48.04 -44.96 -51.31
CA GLU G 297 -48.73 -43.77 -50.80
C GLU G 297 -48.17 -42.52 -51.43
N GLU G 298 -46.89 -42.56 -51.84
CA GLU G 298 -46.30 -41.41 -52.49
C GLU G 298 -46.75 -41.29 -53.93
N ILE G 299 -47.10 -42.42 -54.55
CA ILE G 299 -47.58 -42.40 -55.93
C ILE G 299 -49.10 -42.41 -55.99
N THR G 300 -49.76 -42.44 -54.83
CA THR G 300 -51.22 -42.47 -54.79
C THR G 300 -51.81 -41.52 -53.77
N GLY G 301 -51.41 -41.67 -52.51
CA GLY G 301 -51.99 -40.85 -51.45
C GLY G 301 -52.99 -41.70 -50.71
N VAL G 302 -53.00 -42.99 -51.01
CA VAL G 302 -53.96 -43.91 -50.39
C VAL G 302 -53.43 -44.25 -49.00
N ASP G 303 -54.05 -43.69 -47.97
CA ASP G 303 -53.63 -43.90 -46.59
C ASP G 303 -54.13 -45.26 -46.13
N LEU G 304 -53.27 -46.28 -46.27
CA LEU G 304 -53.68 -47.64 -45.93
C LEU G 304 -54.13 -47.75 -44.48
N VAL G 305 -53.43 -47.05 -43.57
CA VAL G 305 -53.77 -47.15 -42.15
C VAL G 305 -55.18 -46.63 -41.91
N GLU G 306 -55.50 -45.46 -42.47
CA GLU G 306 -56.83 -44.89 -42.28
C GLU G 306 -57.91 -45.78 -42.88
N GLN G 307 -57.68 -46.28 -44.09
CA GLN G 307 -58.70 -47.10 -44.74
C GLN G 307 -58.91 -48.42 -43.99
N MET G 308 -57.83 -49.04 -43.50
CA MET G 308 -58.00 -50.31 -42.80
C MET G 308 -58.67 -50.10 -41.44
N LEU G 309 -58.34 -49.02 -40.74
CA LEU G 309 -59.02 -48.77 -39.48
C LEU G 309 -60.49 -48.39 -39.70
N ARG G 310 -60.79 -47.75 -40.83
CA ARG G 310 -62.18 -47.46 -41.16
C ARG G 310 -62.94 -48.75 -41.47
N ALA G 311 -62.30 -49.66 -42.20
CA ALA G 311 -62.91 -50.96 -42.50
C ALA G 311 -63.03 -51.83 -41.26
N ALA G 312 -62.22 -51.57 -40.24
CA ALA G 312 -62.33 -52.34 -39.00
C ALA G 312 -63.63 -52.05 -38.26
N ALA G 313 -64.37 -51.00 -38.65
CA ALA G 313 -65.64 -50.67 -38.04
C ALA G 313 -66.83 -51.05 -38.92
N ASP G 314 -66.60 -51.91 -39.93
CA ASP G 314 -67.63 -52.34 -40.86
C ASP G 314 -68.18 -51.13 -41.65
N LEU G 315 -67.29 -50.40 -42.29
CA LEU G 315 -67.63 -49.35 -43.24
C LEU G 315 -66.81 -49.54 -44.50
N PRO G 316 -67.36 -49.15 -45.66
CA PRO G 316 -66.59 -49.26 -46.90
C PRO G 316 -65.55 -48.17 -46.99
N LEU G 317 -64.68 -48.28 -48.01
CA LEU G 317 -63.56 -47.35 -48.13
C LEU G 317 -63.93 -45.99 -48.64
N SER G 318 -62.94 -45.11 -48.74
CA SER G 318 -63.16 -43.77 -49.25
C SER G 318 -62.51 -43.61 -50.60
N ILE G 319 -62.14 -44.73 -51.22
CA ILE G 319 -61.45 -44.69 -52.52
C ILE G 319 -61.88 -45.83 -53.45
N THR G 320 -61.91 -45.57 -54.76
CA THR G 320 -62.24 -46.62 -55.72
C THR G 320 -61.21 -46.63 -56.84
N GLN G 321 -61.07 -47.77 -57.54
CA GLN G 321 -60.02 -47.89 -58.56
C GLN G 321 -60.12 -46.85 -59.65
N ASP G 322 -61.23 -46.12 -59.69
CA ASP G 322 -61.41 -45.12 -60.75
C ASP G 322 -60.53 -43.89 -60.55
N ASP G 323 -60.29 -43.50 -59.31
CA ASP G 323 -59.53 -42.27 -59.11
C ASP G 323 -58.05 -42.54 -58.86
N ILE G 324 -57.66 -43.78 -58.62
CA ILE G 324 -56.26 -44.11 -58.36
C ILE G 324 -55.45 -43.91 -59.64
N THR G 325 -54.36 -43.15 -59.52
CA THR G 325 -53.51 -42.82 -60.65
C THR G 325 -52.05 -42.89 -60.19
N ILE G 326 -51.16 -42.30 -60.99
CA ILE G 326 -49.74 -42.24 -60.70
C ILE G 326 -49.24 -40.82 -60.97
N ASN G 327 -48.55 -40.23 -60.00
CA ASN G 327 -48.02 -38.88 -60.11
C ASN G 327 -46.50 -38.85 -60.16
N GLY G 328 -45.87 -39.93 -60.57
CA GLY G 328 -44.44 -40.08 -60.56
C GLY G 328 -44.06 -41.41 -59.96
N HIS G 329 -42.90 -41.44 -59.29
CA HIS G 329 -42.51 -42.65 -58.58
C HIS G 329 -41.60 -42.29 -57.42
N ALA G 330 -41.49 -43.23 -56.48
CA ALA G 330 -40.79 -43.01 -55.22
C ALA G 330 -39.79 -44.12 -54.99
N THR G 331 -38.70 -43.79 -54.30
CA THR G 331 -37.66 -44.75 -53.95
C THR G 331 -37.54 -44.84 -52.43
N GLU G 332 -37.40 -46.06 -51.94
CA GLU G 332 -37.31 -46.32 -50.50
C GLU G 332 -36.13 -47.23 -50.22
N CYS G 333 -35.41 -46.93 -49.14
CA CYS G 333 -34.29 -47.76 -48.71
C CYS G 333 -34.35 -47.93 -47.19
N ARG G 334 -33.66 -48.97 -46.72
CA ARG G 334 -33.66 -49.33 -45.31
C ARG G 334 -32.24 -49.18 -44.77
N VAL G 335 -32.12 -48.53 -43.60
CA VAL G 335 -30.83 -48.25 -42.98
C VAL G 335 -30.61 -49.24 -41.85
N TYR G 336 -29.58 -50.08 -41.99
CA TYR G 336 -29.28 -51.11 -41.00
C TYR G 336 -28.03 -50.73 -40.21
N ALA G 337 -27.95 -51.24 -38.99
CA ALA G 337 -26.76 -51.13 -38.18
C ALA G 337 -25.70 -52.17 -38.54
N GLU G 338 -25.83 -52.77 -39.72
CA GLU G 338 -24.95 -53.86 -40.15
C GLU G 338 -23.71 -53.31 -40.84
N ASP G 339 -22.53 -53.53 -40.27
CA ASP G 339 -21.29 -53.06 -40.88
C ASP G 339 -20.88 -53.88 -42.10
N PRO G 340 -21.15 -53.37 -43.32
CA PRO G 340 -20.88 -54.20 -44.50
C PRO G 340 -19.39 -54.39 -44.81
N MET G 341 -18.64 -53.32 -44.90
CA MET G 341 -17.24 -53.43 -45.28
C MET G 341 -16.50 -54.38 -44.37
N LYS G 342 -16.93 -54.48 -43.11
CA LYS G 342 -16.31 -55.40 -42.17
C LYS G 342 -17.10 -56.69 -42.09
N ASN G 343 -17.20 -57.41 -43.20
CA ASN G 343 -17.89 -58.71 -43.19
C ASN G 343 -19.25 -58.67 -42.53
N TYR G 344 -20.05 -57.65 -42.82
CA TYR G 344 -21.40 -57.57 -42.27
C TYR G 344 -21.43 -57.72 -40.75
N PHE G 345 -20.44 -57.17 -40.07
CA PHE G 345 -20.40 -57.25 -38.61
C PHE G 345 -21.51 -56.42 -37.97
N PRO G 346 -22.25 -57.01 -37.01
CA PRO G 346 -23.33 -56.28 -36.33
C PRO G 346 -22.80 -55.35 -35.24
N SER G 347 -23.30 -54.11 -35.21
CA SER G 347 -22.84 -53.15 -34.22
C SER G 347 -23.95 -52.72 -33.27
N ILE G 348 -24.02 -53.31 -32.09
CA ILE G 348 -25.15 -53.01 -31.20
C ILE G 348 -24.78 -52.49 -29.82
N GLY G 349 -25.69 -51.76 -29.19
CA GLY G 349 -25.45 -51.30 -27.83
C GLY G 349 -24.82 -49.94 -27.83
N ARG G 350 -24.91 -49.26 -28.96
CA ARG G 350 -24.30 -47.96 -29.07
C ARG G 350 -25.38 -46.90 -29.23
N LEU G 351 -25.53 -46.05 -28.23
CA LEU G 351 -26.51 -44.98 -28.35
C LEU G 351 -25.99 -44.01 -29.39
N THR G 352 -26.88 -43.24 -29.97
CA THR G 352 -26.47 -42.31 -31.00
C THR G 352 -25.69 -41.15 -30.40
N MET G 353 -24.37 -41.15 -30.57
CA MET G 353 -23.58 -40.03 -30.09
C MET G 353 -24.36 -38.80 -30.45
N TYR G 354 -24.63 -38.62 -31.75
CA TYR G 354 -25.48 -37.51 -32.16
C TYR G 354 -25.91 -37.74 -33.60
N GLN G 355 -27.20 -37.60 -33.88
CA GLN G 355 -27.71 -37.84 -35.23
C GLN G 355 -28.75 -36.83 -35.72
N GLU G 356 -28.75 -36.54 -37.01
CA GLU G 356 -29.75 -35.62 -37.58
C GLU G 356 -30.26 -36.14 -38.91
N PRO G 357 -31.60 -36.19 -39.09
CA PRO G 357 -32.09 -36.81 -40.33
C PRO G 357 -32.23 -35.85 -41.50
N THR G 358 -32.10 -36.37 -42.72
CA THR G 358 -32.29 -35.53 -43.90
C THR G 358 -33.76 -35.18 -44.02
N GLY G 359 -34.06 -33.90 -44.12
CA GLY G 359 -35.45 -33.47 -44.18
C GLY G 359 -35.76 -32.52 -45.31
N ALA G 360 -34.99 -32.57 -46.38
CA ALA G 360 -35.21 -31.68 -47.51
C ALA G 360 -36.14 -32.33 -48.54
N GLY G 361 -37.42 -31.99 -48.49
CA GLY G 361 -38.38 -32.54 -49.43
C GLY G 361 -38.37 -34.06 -49.46
N VAL G 362 -38.11 -34.68 -48.32
CA VAL G 362 -38.07 -36.14 -48.26
C VAL G 362 -38.80 -36.64 -47.02
N ARG G 363 -39.16 -37.92 -47.01
CA ARG G 363 -39.84 -38.49 -45.85
C ARG G 363 -38.98 -39.53 -45.14
N CYS G 364 -39.03 -39.53 -43.82
CA CYS G 364 -38.24 -40.49 -43.04
C CYS G 364 -39.06 -41.03 -41.89
N ASP G 365 -39.20 -42.35 -41.82
CA ASP G 365 -39.96 -42.98 -40.75
C ASP G 365 -39.00 -43.76 -39.89
N SER G 366 -38.93 -43.42 -38.62
CA SER G 366 -37.97 -44.08 -37.74
C SER G 366 -38.40 -44.08 -36.30
N GLY G 367 -37.93 -45.05 -35.54
CA GLY G 367 -38.21 -45.06 -34.12
C GLY G 367 -37.01 -44.77 -33.24
N ILE G 368 -35.92 -44.24 -33.80
CA ILE G 368 -34.67 -44.04 -33.09
C ILE G 368 -34.39 -42.54 -33.07
N ILE G 369 -34.77 -41.89 -31.98
CA ILE G 369 -34.49 -40.47 -31.76
C ILE G 369 -33.10 -40.31 -31.18
N GLU G 370 -32.66 -39.06 -31.07
CA GLU G 370 -31.36 -38.73 -30.48
C GLU G 370 -31.22 -39.36 -29.10
N GLY G 371 -30.06 -39.94 -28.82
CA GLY G 371 -29.86 -40.60 -27.54
C GLY G 371 -30.68 -41.86 -27.41
N SER G 372 -30.65 -42.70 -28.44
CA SER G 372 -31.40 -43.95 -28.41
C SER G 372 -30.44 -45.09 -28.71
N GLN G 373 -30.79 -46.30 -28.30
CA GLN G 373 -29.88 -47.42 -28.47
C GLN G 373 -30.54 -48.65 -29.06
N ILE G 374 -29.74 -49.54 -29.62
CA ILE G 374 -30.27 -50.77 -30.19
C ILE G 374 -29.79 -52.00 -29.43
N SER G 375 -30.73 -52.79 -28.88
CA SER G 375 -30.31 -54.01 -28.23
C SER G 375 -30.04 -55.11 -29.26
N VAL G 376 -29.37 -56.16 -28.81
CA VAL G 376 -29.08 -57.28 -29.68
C VAL G 376 -30.36 -58.03 -30.04
N TYR G 377 -31.32 -58.11 -29.12
CA TYR G 377 -32.52 -58.92 -29.30
C TYR G 377 -33.68 -58.12 -29.88
N TYR G 378 -33.44 -57.44 -30.99
CA TYR G 378 -34.47 -56.66 -31.67
C TYR G 378 -34.04 -56.46 -33.12
N ASP G 379 -34.79 -55.63 -33.84
CA ASP G 379 -34.44 -55.33 -35.21
C ASP G 379 -33.39 -54.21 -35.24
N PRO G 380 -32.26 -54.42 -35.90
CA PRO G 380 -31.22 -53.38 -35.99
C PRO G 380 -31.51 -52.27 -36.99
N LEU G 381 -32.73 -52.15 -37.49
CA LEU G 381 -33.07 -51.09 -38.44
C LEU G 381 -32.96 -49.73 -37.77
N ILE G 382 -32.39 -48.76 -38.49
CA ILE G 382 -32.27 -47.40 -37.97
C ILE G 382 -33.39 -46.53 -38.52
N CYS G 383 -33.44 -46.37 -39.84
CA CYS G 383 -34.41 -45.49 -40.47
C CYS G 383 -34.90 -46.11 -41.77
N LYS G 384 -36.07 -45.65 -42.21
CA LYS G 384 -36.69 -46.10 -43.46
C LYS G 384 -36.80 -44.87 -44.37
N LEU G 385 -35.74 -44.59 -45.11
CA LEU G 385 -35.68 -43.37 -45.91
C LEU G 385 -36.39 -43.58 -47.24
N SER G 386 -37.40 -42.75 -47.50
CA SER G 386 -38.16 -42.80 -48.74
C SER G 386 -38.30 -41.40 -49.30
N THR G 387 -38.04 -41.26 -50.61
CA THR G 387 -38.09 -39.94 -51.23
C THR G 387 -39.07 -39.92 -52.39
N TRP G 388 -39.88 -38.88 -52.47
CA TRP G 388 -40.83 -38.77 -53.56
C TRP G 388 -40.14 -38.38 -54.86
N GLY G 389 -40.75 -38.74 -55.97
CA GLY G 389 -40.19 -38.38 -57.26
C GLY G 389 -41.20 -38.54 -58.38
N ARG G 390 -40.80 -38.20 -59.59
CA ARG G 390 -41.68 -38.39 -60.74
C ARG G 390 -40.85 -39.03 -61.82
N ASP G 391 -39.56 -38.72 -61.84
CA ASP G 391 -38.67 -39.32 -62.83
C ASP G 391 -37.61 -40.12 -62.11
N ARG G 392 -37.06 -41.12 -62.79
CA ARG G 392 -36.00 -41.91 -62.18
C ARG G 392 -34.86 -40.98 -61.80
N ALA G 393 -34.41 -40.19 -62.75
CA ALA G 393 -33.28 -39.28 -62.49
C ALA G 393 -33.62 -38.33 -61.36
N GLU G 394 -34.79 -37.74 -61.40
CA GLU G 394 -35.18 -36.78 -60.37
C GLU G 394 -35.26 -37.45 -59.01
N CYS G 395 -35.96 -38.58 -58.94
CA CYS G 395 -36.14 -39.25 -57.66
C CYS G 395 -34.82 -39.77 -57.12
N ILE G 396 -33.97 -40.30 -57.99
CA ILE G 396 -32.69 -40.85 -57.55
C ILE G 396 -31.75 -39.76 -57.04
N GLY G 397 -31.54 -38.74 -57.86
CA GLY G 397 -30.69 -37.64 -57.44
C GLY G 397 -31.08 -37.19 -56.05
N ARG G 398 -32.38 -37.10 -55.79
CA ARG G 398 -32.84 -36.70 -54.48
C ARG G 398 -32.28 -37.63 -53.43
N MET G 399 -32.40 -38.93 -53.67
CA MET G 399 -31.87 -39.92 -52.74
C MET G 399 -30.38 -39.71 -52.57
N GLU G 400 -29.67 -39.59 -53.68
CA GLU G 400 -28.24 -39.35 -53.62
C GLU G 400 -27.95 -38.21 -52.66
N LYS G 401 -28.57 -37.07 -52.91
CA LYS G 401 -28.34 -35.91 -52.05
C LYS G 401 -28.77 -36.20 -50.61
N ALA G 402 -29.91 -36.87 -50.43
CA ALA G 402 -30.45 -37.08 -49.09
C ALA G 402 -29.61 -38.08 -48.30
N LEU G 403 -28.89 -38.97 -48.98
CA LEU G 403 -28.03 -39.90 -48.26
C LEU G 403 -26.89 -39.18 -47.54
N ASP G 404 -26.29 -38.19 -48.20
CA ASP G 404 -25.12 -37.50 -47.66
C ASP G 404 -25.46 -36.58 -46.49
N GLU G 405 -26.71 -36.17 -46.34
CA GLU G 405 -27.08 -35.25 -45.27
C GLU G 405 -27.56 -35.98 -44.03
N TYR G 406 -27.50 -37.31 -44.01
CA TYR G 406 -27.93 -38.11 -42.86
C TYR G 406 -26.72 -38.26 -41.94
N VAL G 407 -26.70 -37.47 -40.87
CA VAL G 407 -25.60 -37.54 -39.91
C VAL G 407 -25.91 -38.62 -38.89
N ILE G 408 -25.09 -39.66 -38.86
CA ILE G 408 -25.19 -40.73 -37.88
C ILE G 408 -23.84 -40.85 -37.19
N ARG G 409 -23.84 -40.74 -35.87
CA ARG G 409 -22.62 -40.88 -35.08
C ARG G 409 -22.89 -41.74 -33.87
N GLY G 410 -21.94 -42.62 -33.54
CA GLY G 410 -22.05 -43.51 -32.41
C GLY G 410 -22.11 -44.98 -32.75
N LEU G 411 -22.26 -45.35 -34.02
CA LEU G 411 -22.33 -46.74 -34.46
C LEU G 411 -22.26 -46.78 -35.97
N ARG G 412 -21.92 -47.95 -36.50
CA ARG G 412 -21.78 -48.11 -37.94
C ARG G 412 -23.14 -48.24 -38.62
N HIS G 413 -23.10 -48.36 -39.94
CA HIS G 413 -24.30 -48.48 -40.75
C HIS G 413 -23.89 -48.91 -42.15
N ASN G 414 -24.88 -49.08 -43.01
CA ASN G 414 -24.67 -49.55 -44.38
C ASN G 414 -24.94 -48.48 -45.42
N ILE G 415 -24.87 -47.20 -45.05
CA ILE G 415 -25.19 -46.13 -45.98
C ILE G 415 -24.23 -46.13 -47.17
N CYS G 416 -22.98 -46.54 -46.95
CA CYS G 416 -22.03 -46.60 -48.05
C CYS G 416 -22.49 -47.58 -49.13
N LEU G 417 -23.03 -48.73 -48.72
CA LEU G 417 -23.52 -49.70 -49.69
C LEU G 417 -24.69 -49.13 -50.49
N LEU G 418 -25.62 -48.47 -49.82
CA LEU G 418 -26.77 -47.88 -50.50
C LEU G 418 -26.31 -46.83 -51.50
N ARG G 419 -25.39 -45.97 -51.08
CA ARG G 419 -24.85 -44.94 -51.97
C ARG G 419 -24.20 -45.56 -53.20
N ASP G 420 -23.34 -46.56 -52.99
CA ASP G 420 -22.64 -47.16 -54.11
C ASP G 420 -23.61 -47.86 -55.07
N VAL G 421 -24.63 -48.53 -54.51
CA VAL G 421 -25.60 -49.20 -55.36
C VAL G 421 -26.39 -48.20 -56.18
N VAL G 422 -26.82 -47.10 -55.57
CA VAL G 422 -27.61 -46.11 -56.30
C VAL G 422 -26.76 -45.45 -57.38
N THR G 423 -25.51 -45.13 -57.07
CA THR G 423 -24.68 -44.40 -58.02
C THR G 423 -24.20 -45.27 -59.19
N GLU G 424 -24.34 -46.59 -59.09
CA GLU G 424 -23.83 -47.47 -60.13
C GLU G 424 -24.58 -47.24 -61.43
N PRO G 425 -23.88 -47.13 -62.57
CA PRO G 425 -24.60 -46.94 -63.85
C PRO G 425 -25.48 -48.12 -64.23
N ARG G 426 -25.18 -49.32 -63.72
CA ARG G 426 -26.06 -50.46 -63.97
C ARG G 426 -27.43 -50.24 -63.36
N TYR G 427 -27.49 -49.67 -62.16
CA TYR G 427 -28.77 -49.41 -61.53
C TYR G 427 -29.54 -48.31 -62.25
N ARG G 428 -28.82 -47.31 -62.78
CA ARG G 428 -29.47 -46.24 -63.53
C ARG G 428 -29.77 -46.63 -64.98
N SER G 429 -29.30 -47.80 -65.42
CA SER G 429 -29.61 -48.25 -66.77
C SER G 429 -31.11 -48.41 -66.96
N GLY G 430 -31.80 -48.93 -65.95
CA GLY G 430 -33.24 -49.04 -66.02
C GLY G 430 -33.77 -50.35 -65.47
N SER G 431 -33.04 -51.45 -65.68
CA SER G 431 -33.47 -52.78 -65.27
C SER G 431 -32.40 -53.45 -64.43
N ILE G 432 -32.84 -54.30 -63.50
CA ILE G 432 -31.98 -55.04 -62.59
C ILE G 432 -32.54 -56.46 -62.45
N THR G 433 -31.88 -57.26 -61.62
CA THR G 433 -32.32 -58.62 -61.32
C THR G 433 -32.27 -58.85 -59.82
N THR G 434 -32.69 -60.05 -59.40
CA THR G 434 -32.65 -60.41 -57.99
C THR G 434 -31.28 -60.90 -57.55
N ASN G 435 -30.46 -61.42 -58.47
CA ASN G 435 -29.09 -61.79 -58.18
C ASN G 435 -28.13 -60.62 -58.41
N TYR G 436 -28.66 -59.40 -58.40
CA TYR G 436 -27.88 -58.22 -58.76
C TYR G 436 -26.71 -58.00 -57.81
N LEU G 437 -26.96 -58.14 -56.50
CA LEU G 437 -25.96 -57.77 -55.51
C LEU G 437 -24.70 -58.61 -55.63
N GLN G 438 -24.82 -59.92 -55.38
CA GLN G 438 -23.64 -60.78 -55.43
C GLN G 438 -23.03 -60.81 -56.83
N GLU G 439 -23.84 -60.55 -57.86
CA GLU G 439 -23.29 -60.42 -59.21
C GLU G 439 -22.34 -59.23 -59.30
N GLN G 440 -22.71 -58.12 -58.67
CA GLN G 440 -21.86 -56.93 -58.68
C GLN G 440 -20.91 -56.85 -57.50
N TYR G 441 -21.03 -57.75 -56.52
CA TYR G 441 -20.10 -57.83 -55.38
C TYR G 441 -19.65 -59.27 -55.21
N PRO G 442 -18.69 -59.71 -56.03
CA PRO G 442 -18.26 -61.12 -55.92
C PRO G 442 -17.51 -61.42 -54.64
N ASN G 443 -16.49 -60.64 -54.30
CA ASN G 443 -15.65 -60.88 -53.13
C ASN G 443 -15.93 -59.79 -52.09
N GLY G 444 -16.66 -60.15 -51.04
CA GLY G 444 -16.96 -59.19 -49.98
C GLY G 444 -17.69 -57.97 -50.51
N PHE G 445 -17.27 -56.80 -50.03
CA PHE G 445 -17.78 -55.54 -50.52
C PHE G 445 -16.63 -54.55 -50.62
N LYS G 446 -16.58 -53.82 -51.73
CA LYS G 446 -15.54 -52.81 -51.93
C LYS G 446 -16.18 -51.58 -52.55
N LYS G 447 -16.18 -50.46 -51.83
CA LYS G 447 -16.79 -49.24 -52.31
C LYS G 447 -16.03 -48.68 -53.51
N ALA G 448 -16.77 -48.13 -54.47
CA ALA G 448 -16.16 -47.52 -55.64
C ALA G 448 -15.38 -46.27 -55.24
N GLU G 449 -14.39 -45.94 -56.07
CA GLU G 449 -13.43 -44.89 -55.76
C GLU G 449 -13.90 -43.54 -56.30
N LEU G 450 -13.01 -42.56 -56.31
CA LEU G 450 -13.31 -41.19 -56.71
C LEU G 450 -12.61 -40.85 -58.02
N THR G 451 -13.27 -40.05 -58.85
CA THR G 451 -12.65 -39.53 -60.04
C THR G 451 -11.76 -38.34 -59.71
N ALA G 452 -11.00 -37.88 -60.71
CA ALA G 452 -10.03 -36.81 -60.47
C ALA G 452 -10.71 -35.52 -60.01
N GLU G 453 -11.81 -35.14 -60.67
CA GLU G 453 -12.46 -33.87 -60.34
C GLU G 453 -13.11 -33.91 -58.98
N GLU G 454 -13.66 -35.06 -58.59
CA GLU G 454 -14.24 -35.18 -57.25
C GLU G 454 -13.17 -35.01 -56.17
N MET G 455 -12.00 -35.64 -56.38
CA MET G 455 -10.92 -35.52 -55.41
C MET G 455 -10.38 -34.09 -55.37
N GLN G 456 -10.29 -33.43 -56.52
CA GLN G 456 -9.90 -32.03 -56.54
C GLN G 456 -10.88 -31.18 -55.75
N LEU G 457 -12.19 -31.38 -55.96
CA LEU G 457 -13.18 -30.61 -55.22
C LEU G 457 -13.07 -30.87 -53.73
N MET G 458 -12.83 -32.12 -53.33
CA MET G 458 -12.64 -32.42 -51.92
C MET G 458 -11.44 -31.67 -51.37
N TYR G 459 -10.35 -31.61 -52.13
CA TYR G 459 -9.20 -30.83 -51.71
C TYR G 459 -9.56 -29.36 -51.51
N GLU G 460 -10.29 -28.80 -52.47
CA GLU G 460 -10.61 -27.37 -52.38
C GLU G 460 -11.46 -27.08 -51.16
N VAL G 461 -12.45 -27.93 -50.90
CA VAL G 461 -13.33 -27.75 -49.75
C VAL G 461 -12.54 -27.90 -48.45
N ALA G 462 -11.61 -28.86 -48.42
CA ALA G 462 -10.79 -29.04 -47.22
C ALA G 462 -9.95 -27.79 -46.94
N ALA G 463 -9.36 -27.22 -47.99
CA ALA G 463 -8.56 -26.00 -47.79
C ALA G 463 -9.43 -24.85 -47.28
N CYS G 464 -10.62 -24.70 -47.86
CA CYS G 464 -11.51 -23.64 -47.41
C CYS G 464 -11.89 -23.82 -45.94
N VAL G 465 -12.21 -25.05 -45.55
CA VAL G 465 -12.59 -25.32 -44.16
C VAL G 465 -11.42 -25.03 -43.23
N HIS G 466 -10.21 -25.44 -43.63
CA HIS G 466 -9.03 -25.18 -42.81
C HIS G 466 -8.85 -23.68 -42.59
N LEU G 467 -8.95 -22.89 -43.64
CA LEU G 467 -8.77 -21.45 -43.47
C LEU G 467 -9.87 -20.84 -42.59
N LYS G 468 -11.12 -21.27 -42.80
CA LYS G 468 -12.21 -20.70 -42.01
C LYS G 468 -12.03 -21.00 -40.53
N ARG G 469 -11.66 -22.24 -40.20
CA ARG G 469 -11.47 -22.58 -38.79
C ARG G 469 -10.20 -21.94 -38.23
N GLU G 470 -9.21 -21.67 -39.08
CA GLU G 470 -8.01 -20.98 -38.62
C GLU G 470 -8.31 -19.55 -38.22
N ARG G 471 -9.09 -18.84 -39.04
CA ARG G 471 -9.38 -17.43 -38.74
C ARG G 471 -10.13 -17.24 -37.43
N LEU G 472 -10.79 -18.27 -36.93
CA LEU G 472 -11.55 -18.15 -35.69
C LEU G 472 -10.65 -17.88 -34.50
N HIS G 473 -9.48 -18.54 -34.46
CA HIS G 473 -8.64 -18.49 -33.27
C HIS G 473 -7.91 -17.16 -33.11
N TYR G 474 -7.72 -16.42 -34.20
CA TYR G 474 -6.97 -15.17 -34.12
C TYR G 474 -7.77 -14.11 -33.38
N THR G 475 -7.05 -13.14 -32.82
CA THR G 475 -7.65 -12.11 -31.96
C THR G 475 -7.83 -10.81 -32.72
N GLN G 476 -9.05 -10.29 -32.72
CA GLN G 476 -9.41 -8.97 -33.26
C GLN G 476 -9.07 -8.96 -34.74
N GLY G 477 -8.45 -7.89 -35.27
CA GLY G 477 -8.15 -7.77 -36.67
C GLY G 477 -6.80 -8.28 -37.10
N THR G 478 -6.03 -8.88 -36.19
CA THR G 478 -4.72 -9.40 -36.53
C THR G 478 -4.82 -10.78 -37.14
N ALA G 479 -5.58 -10.92 -38.23
CA ALA G 479 -5.85 -12.22 -38.83
C ALA G 479 -5.44 -12.24 -40.29
N PRO G 480 -5.04 -13.39 -40.81
CA PRO G 480 -4.63 -13.48 -42.21
C PRO G 480 -5.84 -13.69 -43.12
N SER G 481 -5.57 -13.60 -44.42
CA SER G 481 -6.61 -13.82 -45.42
C SER G 481 -6.16 -14.63 -46.62
N GLU G 482 -4.91 -15.03 -46.70
CA GLU G 482 -4.46 -15.80 -47.86
C GLU G 482 -3.29 -16.69 -47.45
N ARG G 483 -3.28 -17.91 -47.99
CA ARG G 483 -2.22 -18.88 -47.73
C ARG G 483 -1.97 -19.66 -49.01
N GLN G 484 -0.97 -20.55 -48.95
CA GLN G 484 -0.69 -21.51 -50.02
C GLN G 484 -0.49 -22.86 -49.37
N LEU G 485 -1.46 -23.75 -49.56
CA LEU G 485 -1.45 -25.04 -48.89
C LEU G 485 -1.04 -26.13 -49.87
N TYR G 486 -0.59 -27.26 -49.32
CA TYR G 486 -0.11 -28.41 -50.10
C TYR G 486 -0.86 -29.64 -49.62
N LEU G 487 -1.95 -29.98 -50.31
CA LEU G 487 -2.79 -31.10 -49.89
C LEU G 487 -2.33 -32.40 -50.51
N SER G 488 -2.37 -33.48 -49.73
CA SER G 488 -1.93 -34.79 -50.19
C SER G 488 -2.54 -35.84 -49.26
N VAL G 489 -3.44 -36.66 -49.80
CA VAL G 489 -4.03 -37.73 -49.01
C VAL G 489 -3.10 -38.93 -48.98
N GLY G 490 -3.18 -39.71 -47.93
CA GLY G 490 -2.32 -40.87 -47.78
C GLY G 490 -1.10 -40.59 -46.91
N ALA G 491 -0.56 -41.66 -46.33
CA ALA G 491 0.59 -41.53 -45.44
C ALA G 491 1.87 -41.20 -46.18
N GLY G 492 1.92 -41.38 -47.50
CA GLY G 492 3.09 -41.09 -48.29
C GLY G 492 3.00 -39.83 -49.13
N GLN G 493 1.98 -39.00 -48.92
CA GLN G 493 1.79 -37.77 -49.69
C GLN G 493 1.66 -38.07 -51.18
N GLU G 494 0.63 -38.85 -51.51
CA GLU G 494 0.36 -39.22 -52.89
C GLU G 494 -0.33 -38.07 -53.61
N GLY G 495 0.34 -37.51 -54.60
CA GLY G 495 -0.24 -36.43 -55.39
C GLY G 495 -0.31 -35.11 -54.68
N GLU G 496 0.85 -34.51 -54.40
CA GLU G 496 0.89 -33.19 -53.79
C GLU G 496 0.26 -32.17 -54.72
N THR G 497 -0.83 -31.57 -54.29
CA THR G 497 -1.56 -30.59 -55.08
C THR G 497 -1.50 -29.22 -54.42
N PRO G 498 -0.70 -28.29 -54.91
CA PRO G 498 -0.70 -26.93 -54.35
C PRO G 498 -2.07 -26.28 -54.49
N VAL G 499 -2.48 -25.56 -53.44
CA VAL G 499 -3.78 -24.90 -53.41
C VAL G 499 -3.60 -23.52 -52.79
N TYR G 500 -4.38 -22.55 -53.26
CA TYR G 500 -4.45 -21.21 -52.70
C TYR G 500 -5.81 -21.01 -52.05
N VAL G 501 -5.98 -19.85 -51.40
CA VAL G 501 -7.25 -19.48 -50.79
C VAL G 501 -7.19 -18.00 -50.46
N ARG G 502 -8.33 -17.32 -50.53
CA ARG G 502 -8.32 -15.86 -50.39
C ARG G 502 -9.34 -15.32 -49.39
N TYR G 503 -10.45 -16.03 -49.18
CA TYR G 503 -11.46 -15.63 -48.21
C TYR G 503 -11.91 -14.18 -48.42
N LEU G 504 -12.56 -13.94 -49.56
CA LEU G 504 -12.98 -12.57 -49.87
C LEU G 504 -14.14 -12.12 -48.99
N ASP G 505 -15.02 -13.02 -48.58
CA ASP G 505 -16.13 -12.72 -47.68
C ASP G 505 -16.24 -13.83 -46.65
N ASP G 506 -17.37 -13.85 -45.93
CA ASP G 506 -17.56 -14.82 -44.86
C ASP G 506 -17.71 -16.25 -45.40
N SER G 507 -18.34 -16.39 -46.56
CA SER G 507 -18.57 -17.70 -47.16
C SER G 507 -18.22 -17.70 -48.63
N HIS G 508 -17.16 -16.99 -48.99
CA HIS G 508 -16.69 -16.95 -50.37
C HIS G 508 -15.17 -16.94 -50.39
N PHE G 509 -14.60 -17.72 -51.28
CA PHE G 509 -13.15 -17.83 -51.42
C PHE G 509 -12.79 -17.62 -52.89
N GLU G 510 -11.48 -17.60 -53.18
CA GLU G 510 -10.96 -17.39 -54.51
C GLU G 510 -9.94 -18.47 -54.85
N ILE G 511 -10.35 -19.72 -54.69
CA ILE G 511 -9.45 -20.84 -54.85
C ILE G 511 -8.79 -20.82 -56.22
N GLY G 512 -7.49 -21.12 -56.25
CA GLY G 512 -6.74 -21.21 -57.47
C GLY G 512 -5.60 -22.19 -57.31
N ALA G 513 -4.85 -22.39 -58.38
CA ALA G 513 -3.72 -23.31 -58.33
C ALA G 513 -2.65 -22.81 -57.36
N SER G 514 -2.25 -21.56 -57.52
CA SER G 514 -1.27 -20.93 -56.65
C SER G 514 -1.42 -19.42 -56.78
N LYS G 515 -0.44 -18.68 -56.31
CA LYS G 515 -0.40 -17.26 -56.60
C LYS G 515 -0.20 -17.05 -58.11
N HIS G 516 -0.66 -15.90 -58.58
CA HIS G 516 -0.70 -15.56 -60.01
C HIS G 516 -1.22 -16.72 -60.85
N GLY G 517 -2.37 -17.25 -60.42
CA GLY G 517 -3.09 -18.24 -61.18
C GLY G 517 -4.57 -17.90 -61.21
N PRO G 518 -5.25 -18.28 -62.29
CA PRO G 518 -6.67 -17.92 -62.42
C PRO G 518 -7.50 -18.47 -61.26
N PHE G 519 -8.49 -17.69 -60.84
CA PHE G 519 -9.29 -17.98 -59.67
C PHE G 519 -10.74 -18.25 -60.08
N ARG G 520 -11.44 -19.06 -59.27
CA ARG G 520 -12.76 -19.55 -59.63
C ARG G 520 -13.89 -18.98 -58.79
N LYS G 521 -13.64 -18.61 -57.53
CA LYS G 521 -14.65 -18.04 -56.64
C LYS G 521 -15.81 -19.02 -56.41
N MET G 522 -15.48 -20.10 -55.70
CA MET G 522 -16.50 -21.05 -55.25
C MET G 522 -17.18 -20.50 -53.99
N GLU G 523 -17.96 -21.35 -53.32
CA GLU G 523 -18.64 -20.97 -52.09
C GLU G 523 -18.75 -22.19 -51.18
N VAL G 524 -18.53 -21.96 -49.89
CA VAL G 524 -18.65 -22.99 -48.86
C VAL G 524 -19.40 -22.40 -47.68
N VAL G 525 -20.40 -23.11 -47.18
CA VAL G 525 -21.15 -22.64 -46.01
C VAL G 525 -21.11 -23.70 -44.92
N TRP G 526 -20.30 -23.48 -43.88
CA TRP G 526 -20.16 -24.47 -42.80
C TRP G 526 -20.05 -23.84 -41.41
N LYS G 527 -20.85 -24.32 -40.47
CA LYS G 527 -20.75 -23.83 -39.10
C LYS G 527 -19.59 -24.49 -38.39
N ALA G 528 -18.80 -23.73 -37.66
CA ALA G 528 -17.61 -24.28 -37.02
C ALA G 528 -17.88 -25.52 -36.17
N SER G 529 -17.07 -26.56 -36.36
CA SER G 529 -17.22 -27.79 -35.57
C SER G 529 -18.57 -28.48 -35.78
N TYR G 530 -19.10 -28.42 -36.99
CA TYR G 530 -20.36 -29.10 -37.30
C TYR G 530 -20.18 -30.08 -38.45
N PRO G 531 -21.15 -30.98 -38.65
CA PRO G 531 -20.96 -31.99 -39.69
C PRO G 531 -21.20 -31.51 -41.11
N ILE G 532 -22.39 -30.93 -41.36
CA ILE G 532 -22.81 -30.66 -42.73
C ILE G 532 -21.97 -29.53 -43.32
N ILE G 533 -21.56 -29.68 -44.58
CA ILE G 533 -20.79 -28.66 -45.30
C ILE G 533 -21.29 -28.46 -46.74
N ARG G 534 -22.16 -27.48 -47.02
CA ARG G 534 -22.72 -27.28 -48.37
C ARG G 534 -21.86 -26.42 -49.31
N VAL G 535 -21.40 -27.01 -50.42
CA VAL G 535 -20.51 -26.30 -51.32
C VAL G 535 -21.06 -26.31 -52.74
N LYS G 536 -21.11 -25.14 -53.37
CA LYS G 536 -21.71 -25.06 -54.69
C LYS G 536 -20.88 -24.28 -55.69
N ASP G 537 -20.18 -24.98 -56.58
CA ASP G 537 -19.44 -24.30 -57.62
C ASP G 537 -20.31 -24.25 -58.86
N GLY G 538 -20.59 -23.06 -59.36
CA GLY G 538 -21.47 -22.93 -60.50
C GLY G 538 -22.79 -23.61 -60.18
N GLU G 539 -23.20 -24.54 -61.03
CA GLU G 539 -24.45 -25.25 -60.82
C GLU G 539 -24.26 -26.44 -59.90
N ALA G 540 -23.18 -27.18 -60.12
CA ALA G 540 -22.90 -28.36 -59.30
C ALA G 540 -23.03 -28.06 -57.81
N GLU G 541 -23.61 -28.99 -57.05
CA GLU G 541 -23.72 -28.82 -55.61
C GLU G 541 -23.29 -30.09 -54.91
N THR G 542 -22.55 -29.96 -53.81
CA THR G 542 -22.06 -31.13 -53.11
C THR G 542 -22.26 -30.95 -51.60
N VAL G 543 -22.36 -32.06 -50.87
CA VAL G 543 -22.52 -31.97 -49.45
C VAL G 543 -21.52 -32.93 -48.90
N LEU G 544 -20.62 -32.45 -48.10
CA LEU G 544 -19.62 -33.27 -47.44
C LEU G 544 -19.78 -33.13 -45.94
N GLN G 545 -19.06 -33.96 -45.19
CA GLN G 545 -19.16 -33.98 -43.74
C GLN G 545 -17.78 -33.83 -43.12
N PHE G 546 -17.74 -33.26 -41.92
CA PHE G 546 -16.50 -32.97 -41.20
C PHE G 546 -16.51 -33.76 -39.90
N TRP G 547 -15.66 -34.78 -39.82
CA TRP G 547 -15.62 -35.63 -38.63
C TRP G 547 -14.77 -35.01 -37.52
N GLY G 548 -13.49 -34.81 -37.79
CA GLY G 548 -12.59 -34.28 -36.77
C GLY G 548 -11.22 -34.05 -37.37
N THR G 549 -10.29 -33.64 -36.51
CA THR G 549 -8.96 -33.27 -36.95
C THR G 549 -7.98 -33.30 -35.78
N ASN G 550 -6.70 -33.34 -36.11
CA ASN G 550 -5.61 -33.20 -35.14
C ASN G 550 -4.66 -32.08 -35.54
N GLU G 551 -5.15 -31.15 -36.38
CA GLU G 551 -4.52 -29.92 -36.84
C GLU G 551 -3.49 -30.14 -37.94
N VAL G 552 -3.22 -31.39 -38.34
CA VAL G 552 -2.41 -31.65 -39.52
C VAL G 552 -3.20 -32.52 -40.48
N THR G 553 -4.13 -33.30 -39.93
CA THR G 553 -4.93 -34.24 -40.69
C THR G 553 -6.41 -33.94 -40.45
N TYR G 554 -7.19 -33.90 -41.53
CA TYR G 554 -8.60 -33.60 -41.47
C TYR G 554 -9.42 -34.83 -41.80
N GLY G 555 -10.38 -35.16 -40.94
CA GLY G 555 -11.27 -36.26 -41.20
C GLY G 555 -12.54 -35.80 -41.89
N MET G 556 -12.57 -35.92 -43.21
CA MET G 556 -13.69 -35.45 -44.01
C MET G 556 -14.33 -36.61 -44.76
N GLN G 557 -15.65 -36.54 -44.90
CA GLN G 557 -16.43 -37.59 -45.55
C GLN G 557 -16.82 -37.14 -46.94
N MET G 558 -16.60 -38.01 -47.93
CA MET G 558 -16.94 -37.72 -49.32
C MET G 558 -17.69 -38.93 -49.89
N ARG G 559 -18.94 -38.70 -50.31
CA ARG G 559 -19.79 -39.74 -50.89
C ARG G 559 -19.97 -40.91 -49.92
N GLY G 560 -20.24 -40.57 -48.67
CA GLY G 560 -20.45 -41.56 -47.63
C GLY G 560 -19.25 -42.45 -47.37
N THR G 561 -18.06 -41.85 -47.33
CA THR G 561 -16.83 -42.59 -47.10
C THR G 561 -15.86 -41.67 -46.37
N THR G 562 -15.13 -42.24 -45.42
CA THR G 562 -14.19 -41.47 -44.62
C THR G 562 -12.82 -41.42 -45.27
N PHE G 563 -12.22 -40.23 -45.23
CA PHE G 563 -10.86 -40.02 -45.70
C PHE G 563 -10.12 -39.18 -44.66
N ASP G 564 -8.81 -39.06 -44.86
CA ASP G 564 -7.97 -38.22 -44.01
C ASP G 564 -7.05 -37.40 -44.90
N VAL G 565 -7.49 -36.19 -45.24
CA VAL G 565 -6.70 -35.29 -46.06
C VAL G 565 -5.69 -34.57 -45.19
N ASN G 566 -4.49 -34.36 -45.73
CA ASN G 566 -3.44 -33.62 -45.04
C ASN G 566 -3.34 -32.22 -45.62
N VAL G 567 -3.44 -31.21 -44.75
CA VAL G 567 -3.39 -29.82 -45.15
C VAL G 567 -2.21 -29.19 -44.43
N MET G 568 -1.13 -28.94 -45.16
CA MET G 568 0.10 -28.44 -44.57
C MET G 568 0.75 -27.44 -45.51
N SER G 569 1.57 -26.56 -44.93
CA SER G 569 2.17 -25.46 -45.67
C SER G 569 3.45 -25.93 -46.35
N ASP G 570 4.25 -24.97 -46.82
CA ASP G 570 5.50 -25.32 -47.50
C ASP G 570 6.49 -25.98 -46.54
N LEU G 571 6.69 -25.37 -45.37
CA LEU G 571 7.65 -25.90 -44.40
C LEU G 571 7.23 -27.29 -43.93
N GLN G 572 5.96 -27.45 -43.56
CA GLN G 572 5.49 -28.76 -43.10
C GLN G 572 5.61 -29.81 -44.19
N SER G 573 5.30 -29.45 -45.44
CA SER G 573 5.43 -30.41 -46.52
C SER G 573 6.88 -30.81 -46.74
N THR G 574 7.79 -29.84 -46.79
CA THR G 574 9.19 -30.15 -47.02
C THR G 574 9.82 -30.87 -45.84
N LEU G 575 9.24 -30.77 -44.64
CA LEU G 575 9.80 -31.42 -43.46
C LEU G 575 9.17 -32.76 -43.15
N ALA G 576 7.96 -33.04 -43.64
CA ALA G 576 7.30 -34.30 -43.33
C ALA G 576 7.96 -35.48 -44.00
N HIS G 577 8.83 -35.25 -44.98
CA HIS G 577 9.62 -36.35 -45.54
C HIS G 577 10.60 -36.89 -44.50
N PHE G 578 11.20 -36.01 -43.71
CA PHE G 578 12.24 -36.39 -42.76
C PHE G 578 11.64 -36.67 -41.38
N VAL G 579 10.70 -37.60 -41.31
CA VAL G 579 10.00 -37.93 -40.07
C VAL G 579 9.93 -39.46 -39.97
N PRO G 580 10.33 -40.06 -38.85
CA PRO G 580 10.22 -41.51 -38.72
C PRO G 580 8.76 -41.95 -38.77
N ILE G 581 8.53 -43.10 -39.39
CA ILE G 581 7.21 -43.72 -39.43
C ILE G 581 7.38 -45.12 -38.84
N THR G 582 7.18 -45.24 -37.53
CA THR G 582 7.30 -46.53 -36.87
C THR G 582 6.07 -47.38 -37.17
N GLU G 583 6.24 -48.69 -37.06
CA GLU G 583 5.15 -49.64 -37.26
C GLU G 583 4.73 -50.22 -35.92
N ALA G 584 3.43 -50.17 -35.64
CA ALA G 584 2.92 -50.63 -34.36
C ALA G 584 3.00 -52.16 -34.27
N THR G 585 3.03 -52.65 -33.04
CA THR G 585 3.15 -54.09 -32.81
C THR G 585 1.94 -54.82 -33.36
N THR G 586 2.21 -55.86 -34.15
CA THR G 586 1.17 -56.71 -34.71
C THR G 586 1.30 -58.06 -34.01
N ASN G 587 0.64 -58.18 -32.85
CA ASN G 587 0.74 -59.36 -32.00
C ASN G 587 -0.59 -60.09 -32.01
N THR G 588 -0.56 -61.34 -32.46
CA THR G 588 -1.71 -62.24 -32.38
C THR G 588 -1.36 -63.28 -31.31
N LYS G 589 -1.68 -62.95 -30.06
CA LYS G 589 -1.36 -63.82 -28.94
C LYS G 589 -2.40 -63.65 -27.85
N GLN G 590 -2.14 -64.26 -26.71
CA GLN G 590 -3.09 -64.34 -25.62
C GLN G 590 -3.45 -62.96 -25.07
N ILE G 591 -4.71 -62.80 -24.66
CA ILE G 591 -5.21 -61.57 -24.07
C ILE G 591 -5.38 -61.78 -22.58
N LEU G 592 -4.96 -60.78 -21.79
CA LEU G 592 -4.97 -60.85 -20.35
C LEU G 592 -5.96 -59.84 -19.77
N SER G 593 -6.43 -60.13 -18.56
CA SER G 593 -7.38 -59.25 -17.90
C SER G 593 -6.63 -58.08 -17.26
N PRO G 594 -6.98 -56.83 -17.57
CA PRO G 594 -6.21 -55.70 -17.03
C PRO G 594 -6.21 -55.63 -15.50
N MET G 595 -7.29 -56.00 -14.85
CA MET G 595 -7.46 -55.81 -13.42
C MET G 595 -8.07 -57.04 -12.79
N PRO G 596 -7.85 -57.25 -11.48
CA PRO G 596 -8.51 -58.36 -10.79
C PRO G 596 -10.01 -58.18 -10.74
N GLY G 597 -10.70 -59.31 -10.57
CA GLY G 597 -12.14 -59.30 -10.52
C GLY G 597 -12.70 -60.72 -10.47
N VAL G 598 -13.93 -60.85 -10.94
CA VAL G 598 -14.63 -62.14 -11.00
C VAL G 598 -15.31 -62.24 -12.36
N ILE G 599 -15.22 -63.42 -12.97
CA ILE G 599 -15.86 -63.68 -14.25
C ILE G 599 -17.23 -64.28 -13.98
N VAL G 600 -18.29 -63.58 -14.39
CA VAL G 600 -19.65 -64.04 -14.14
C VAL G 600 -20.31 -64.51 -15.42
N ALA G 601 -19.97 -63.92 -16.56
CA ALA G 601 -20.56 -64.29 -17.84
C ALA G 601 -19.48 -64.40 -18.91
N ILE G 602 -19.62 -65.39 -19.78
CA ILE G 602 -18.75 -65.58 -20.93
C ILE G 602 -19.63 -65.55 -22.18
N LYS G 603 -19.04 -65.11 -23.28
CA LYS G 603 -19.75 -64.99 -24.56
C LYS G 603 -19.23 -65.92 -25.63
N VAL G 604 -17.90 -66.01 -25.78
CA VAL G 604 -17.34 -66.84 -26.84
C VAL G 604 -17.00 -68.23 -26.30
N GLN G 605 -16.85 -69.21 -27.24
CA GLN G 605 -16.61 -70.64 -27.07
C GLN G 605 -15.13 -70.98 -27.31
N PRO G 606 -14.62 -72.05 -26.72
CA PRO G 606 -13.17 -72.32 -26.79
C PRO G 606 -12.76 -72.85 -28.16
N GLY G 607 -11.76 -72.20 -28.76
CA GLY G 607 -11.22 -72.63 -30.03
C GLY G 607 -12.15 -72.50 -31.21
N GLN G 608 -12.87 -71.38 -31.33
CA GLN G 608 -13.65 -71.10 -32.52
C GLN G 608 -13.35 -69.70 -33.06
N MET G 609 -14.13 -69.27 -34.03
CA MET G 609 -13.86 -68.00 -34.71
C MET G 609 -14.18 -66.81 -33.80
N VAL G 610 -13.40 -65.75 -33.96
CA VAL G 610 -13.60 -64.48 -33.26
C VAL G 610 -13.38 -63.36 -34.26
N VAL G 611 -14.20 -62.32 -34.14
CA VAL G 611 -14.13 -61.16 -35.03
C VAL G 611 -13.97 -59.90 -34.18
N ALA G 612 -13.48 -58.84 -34.80
CA ALA G 612 -13.23 -57.59 -34.10
C ALA G 612 -14.53 -57.03 -33.52
N GLY G 613 -14.43 -56.45 -32.33
CA GLY G 613 -15.56 -55.84 -31.68
C GLY G 613 -16.52 -56.78 -31.00
N GLU G 614 -16.18 -58.06 -30.88
CA GLU G 614 -17.07 -59.02 -30.24
C GLU G 614 -16.77 -59.10 -28.74
N GLU G 615 -17.80 -58.97 -27.92
CA GLU G 615 -17.61 -59.13 -26.50
C GLU G 615 -17.18 -60.57 -26.23
N LEU G 616 -16.32 -60.77 -25.24
CA LEU G 616 -15.82 -62.10 -24.96
C LEU G 616 -16.29 -62.61 -23.60
N LEU G 617 -16.20 -61.75 -22.58
CA LEU G 617 -16.60 -62.15 -21.24
C LEU G 617 -16.80 -60.91 -20.37
N THR G 618 -17.28 -61.11 -19.15
CA THR G 618 -17.55 -59.97 -18.26
C THR G 618 -17.11 -60.17 -16.83
N LEU G 619 -16.09 -59.45 -16.40
CA LEU G 619 -15.68 -59.50 -15.02
C LEU G 619 -16.50 -58.57 -14.16
N GLU G 620 -16.74 -58.92 -12.90
CA GLU G 620 -17.44 -58.05 -11.98
C GLU G 620 -16.55 -57.74 -10.80
N ALA G 621 -16.28 -56.47 -10.54
CA ALA G 621 -15.38 -56.07 -9.45
C ALA G 621 -15.91 -54.91 -8.67
N MET G 622 -15.85 -55.01 -7.35
CA MET G 622 -16.33 -53.93 -6.50
C MET G 622 -17.67 -53.45 -7.03
N LYS G 623 -18.59 -54.38 -7.27
CA LYS G 623 -19.93 -54.02 -7.75
C LYS G 623 -19.92 -53.32 -9.10
N MET G 624 -19.39 -53.98 -10.12
CA MET G 624 -19.33 -53.38 -11.45
C MET G 624 -18.93 -54.41 -12.48
N ARG G 625 -19.78 -54.61 -13.48
CA ARG G 625 -19.47 -55.56 -14.54
C ARG G 625 -18.85 -54.88 -15.73
N ASN G 626 -17.61 -55.22 -16.03
CA ASN G 626 -16.96 -54.66 -17.20
C ASN G 626 -17.24 -55.60 -18.36
N LYS G 627 -16.53 -55.43 -19.47
CA LYS G 627 -16.70 -56.33 -20.60
C LYS G 627 -15.57 -56.19 -21.60
N ILE G 628 -14.49 -56.93 -21.38
CA ILE G 628 -13.37 -56.89 -22.31
C ILE G 628 -13.70 -57.66 -23.57
N HIS G 629 -13.48 -57.03 -24.73
CA HIS G 629 -13.85 -57.67 -25.99
C HIS G 629 -12.64 -58.04 -26.82
N ALA G 630 -12.87 -58.49 -28.04
CA ALA G 630 -11.76 -58.84 -28.93
C ALA G 630 -11.50 -57.66 -29.87
N GLN G 631 -10.36 -57.01 -29.70
CA GLN G 631 -10.05 -55.85 -30.52
C GLN G 631 -10.02 -56.21 -31.99
N ALA G 632 -9.24 -57.22 -32.35
CA ALA G 632 -9.15 -57.65 -33.74
C ALA G 632 -8.42 -58.97 -33.89
N ASP G 633 -9.03 -59.93 -34.56
CA ASP G 633 -8.41 -61.23 -34.81
C ASP G 633 -9.33 -62.11 -35.63
N GLY G 634 -8.83 -63.26 -36.06
CA GLY G 634 -9.67 -64.17 -36.82
C GLY G 634 -10.16 -65.35 -35.99
N LYS G 635 -9.26 -65.96 -35.24
CA LYS G 635 -9.62 -67.14 -34.43
C LYS G 635 -8.85 -67.22 -33.13
N VAL G 636 -9.11 -68.27 -32.36
CA VAL G 636 -8.46 -68.44 -31.06
C VAL G 636 -8.17 -69.91 -30.82
N LYS G 637 -7.20 -70.17 -29.94
CA LYS G 637 -6.86 -71.51 -29.46
C LYS G 637 -6.45 -71.37 -28.01
N GLU G 638 -7.25 -71.92 -27.10
CA GLU G 638 -7.13 -71.58 -25.68
C GLU G 638 -8.05 -72.46 -24.85
N VAL G 639 -8.00 -72.26 -23.54
CA VAL G 639 -8.86 -72.94 -22.58
C VAL G 639 -9.59 -71.90 -21.75
N LYS G 640 -10.91 -72.00 -21.70
CA LYS G 640 -11.74 -70.98 -21.07
C LYS G 640 -11.62 -71.00 -19.56
N VAL G 641 -11.62 -69.81 -18.96
CA VAL G 641 -11.69 -69.69 -17.51
C VAL G 641 -13.14 -69.85 -17.09
N LYS G 642 -13.38 -70.78 -16.17
CA LYS G 642 -14.74 -71.18 -15.84
C LYS G 642 -15.47 -70.08 -15.07
N LEU G 643 -16.79 -70.22 -15.00
CA LEU G 643 -17.64 -69.25 -14.33
C LEU G 643 -17.30 -69.19 -12.85
N GLY G 644 -17.30 -67.97 -12.30
CA GLY G 644 -17.04 -67.78 -10.89
C GLY G 644 -15.60 -68.00 -10.46
N ALA G 645 -14.65 -67.89 -11.37
CA ALA G 645 -13.24 -68.09 -11.05
C ALA G 645 -12.66 -66.76 -10.56
N THR G 646 -12.80 -66.52 -9.26
CA THR G 646 -12.33 -65.28 -8.63
C THR G 646 -10.81 -65.31 -8.47
N VAL G 647 -10.12 -65.38 -9.60
CA VAL G 647 -8.66 -65.43 -9.58
C VAL G 647 -8.06 -64.18 -10.24
N GLU G 648 -8.33 -63.98 -11.52
CA GLU G 648 -7.87 -62.80 -12.30
C GLU G 648 -6.39 -62.55 -11.98
N ASP G 649 -6.02 -61.35 -11.51
CA ASP G 649 -4.61 -60.97 -11.31
C ASP G 649 -3.82 -61.10 -12.60
N ASN G 650 -4.37 -60.53 -13.67
CA ASN G 650 -3.71 -60.47 -14.98
C ASN G 650 -3.35 -61.86 -15.50
N GLU G 651 -4.26 -62.81 -15.35
CA GLU G 651 -4.09 -64.13 -15.91
C GLU G 651 -4.47 -64.15 -17.38
N VAL G 652 -4.22 -65.28 -18.03
CA VAL G 652 -4.57 -65.46 -19.43
C VAL G 652 -5.97 -66.04 -19.54
N LEU G 653 -6.97 -65.16 -19.59
CA LEU G 653 -8.35 -65.61 -19.67
C LEU G 653 -8.63 -66.28 -21.02
N VAL G 654 -8.22 -65.63 -22.11
CA VAL G 654 -8.36 -66.17 -23.46
C VAL G 654 -7.01 -66.04 -24.16
N GLU G 655 -6.62 -67.08 -24.88
CA GLU G 655 -5.37 -67.11 -25.61
C GLU G 655 -5.64 -67.18 -27.10
N LEU G 656 -5.09 -66.23 -27.85
CA LEU G 656 -5.36 -66.09 -29.28
C LEU G 656 -4.22 -66.72 -30.07
N GLU G 657 -4.53 -67.77 -30.83
CA GLU G 657 -3.54 -68.42 -31.68
C GLU G 657 -4.20 -68.97 -32.93
N VAL H 1 21.01 55.92 47.83
CA VAL H 1 22.23 56.55 47.33
C VAL H 1 22.56 56.05 45.93
N LEU H 2 23.24 56.89 45.16
CA LEU H 2 23.62 56.58 43.79
C LEU H 2 25.14 56.49 43.69
N VAL H 3 25.62 55.47 42.98
CA VAL H 3 27.06 55.30 42.83
C VAL H 3 27.59 56.07 41.62
N ALA H 4 28.90 56.15 41.49
CA ALA H 4 29.49 56.88 40.37
C ALA H 4 30.44 56.01 39.56
N ASN H 5 30.57 54.74 39.93
CA ASN H 5 31.47 53.84 39.20
C ASN H 5 30.70 52.71 38.51
N ARG H 6 31.34 52.08 37.54
CA ARG H 6 30.68 50.99 36.81
C ARG H 6 31.50 49.71 36.87
N GLY H 7 32.30 49.55 37.93
CA GLY H 7 33.07 48.33 38.09
C GLY H 7 32.60 47.48 39.25
N GLU H 8 33.50 46.62 39.71
CA GLU H 8 33.17 45.73 40.81
C GLU H 8 32.78 46.49 42.06
N ILE H 9 33.36 47.67 42.24
CA ILE H 9 33.07 48.47 43.42
C ILE H 9 31.60 48.87 43.45
N ALA H 10 31.05 49.17 42.27
CA ALA H 10 29.65 49.55 42.20
C ALA H 10 28.81 48.40 42.73
N CYS H 11 29.12 47.18 42.30
CA CYS H 11 28.40 46.02 42.78
C CYS H 11 28.59 45.86 44.27
N ARG H 12 29.82 46.09 44.74
CA ARG H 12 30.09 46.00 46.17
C ARG H 12 29.17 46.94 46.93
N VAL H 13 29.06 48.17 46.47
CA VAL H 13 28.24 49.16 47.16
C VAL H 13 26.78 48.73 47.17
N MET H 14 26.28 48.33 46.01
CA MET H 14 24.88 47.90 45.93
C MET H 14 24.71 46.59 46.66
N ALA H 15 25.78 46.11 47.28
CA ALA H 15 25.70 44.87 48.06
C ALA H 15 25.80 45.19 49.54
N THR H 16 26.57 46.21 49.89
CA THR H 16 26.68 46.61 51.30
C THR H 16 25.33 47.12 51.77
N CYS H 17 24.57 47.72 50.86
CA CYS H 17 23.26 48.24 51.22
C CYS H 17 22.32 47.13 51.65
N ARG H 18 22.53 45.92 51.14
CA ARG H 18 21.70 44.79 51.52
C ARG H 18 21.50 44.76 53.03
N ARG H 19 22.57 44.65 53.79
CA ARG H 19 22.45 44.71 55.24
C ARG H 19 22.03 46.11 55.73
N LEU H 20 22.58 47.16 55.12
CA LEU H 20 22.28 48.52 55.55
C LEU H 20 20.87 48.92 55.14
N GLY H 21 20.15 48.03 54.46
CA GLY H 21 18.80 48.32 54.04
C GLY H 21 18.70 49.66 53.34
N ILE H 22 19.60 49.91 52.39
CA ILE H 22 19.60 51.19 51.68
C ILE H 22 19.29 51.01 50.20
N LYS H 23 18.16 51.53 49.75
CA LYS H 23 17.88 51.46 48.32
C LYS H 23 18.94 52.19 47.52
N THR H 24 19.33 51.60 46.40
CA THR H 24 20.46 52.05 45.61
C THR H 24 20.02 52.31 44.17
N VAL H 25 20.74 53.24 43.53
CA VAL H 25 20.53 53.58 42.13
C VAL H 25 21.87 53.48 41.42
N ALA H 26 21.85 53.01 40.18
CA ALA H 26 23.07 52.83 39.41
C ALA H 26 22.86 53.34 38.00
N VAL H 27 23.69 54.30 37.58
CA VAL H 27 23.65 54.79 36.21
C VAL H 27 24.55 53.94 35.32
N TYR H 28 24.39 54.10 34.01
CA TYR H 28 25.10 53.28 33.04
C TYR H 28 25.20 54.02 31.72
N SER H 29 26.11 53.54 30.87
CA SER H 29 26.20 53.98 29.49
C SER H 29 25.49 52.99 28.58
N THR H 30 25.40 53.35 27.30
CA THR H 30 24.63 52.54 26.35
C THR H 30 25.23 51.15 26.19
N ALA H 31 26.55 51.04 26.11
CA ALA H 31 27.16 49.73 25.94
C ALA H 31 26.95 48.84 27.15
N ASP H 32 26.76 49.43 28.32
CA ASP H 32 26.65 48.68 29.57
C ASP H 32 25.20 48.39 29.95
N GLU H 33 24.31 48.27 28.98
CA GLU H 33 22.91 47.95 29.30
C GLU H 33 22.77 46.57 29.92
N GLN H 34 23.75 45.69 29.69
CA GLN H 34 23.69 44.32 30.19
C GLN H 34 24.72 44.05 31.28
N ALA H 35 25.34 45.09 31.84
CA ALA H 35 26.24 44.89 32.96
C ALA H 35 25.46 44.41 34.18
N LYS H 36 26.14 43.67 35.06
CA LYS H 36 25.46 43.13 36.23
C LYS H 36 24.98 44.23 37.16
N HIS H 37 25.78 45.29 37.35
CA HIS H 37 25.41 46.33 38.30
C HIS H 37 24.14 47.04 37.90
N VAL H 38 23.74 46.96 36.64
CA VAL H 38 22.48 47.54 36.20
C VAL H 38 21.32 46.75 36.78
N LYS H 39 21.39 45.42 36.71
CA LYS H 39 20.31 44.59 37.23
C LYS H 39 20.36 44.44 38.75
N VAL H 40 21.54 44.62 39.34
CA VAL H 40 21.66 44.50 40.77
C VAL H 40 21.08 45.75 41.41
N ALA H 41 21.09 46.85 40.66
CA ALA H 41 20.57 48.10 41.18
C ALA H 41 19.05 48.12 41.25
N ASP H 42 18.51 49.04 42.04
CA ASP H 42 17.07 49.18 42.13
C ASP H 42 16.61 50.11 41.03
N GLU H 43 17.47 51.07 40.68
CA GLU H 43 17.14 52.03 39.62
C GLU H 43 18.30 52.22 38.68
N SER H 44 18.02 52.46 37.40
CA SER H 44 19.07 52.66 36.42
C SER H 44 18.72 53.78 35.45
N VAL H 45 19.68 54.65 35.14
CA VAL H 45 19.44 55.75 34.22
C VAL H 45 20.57 55.81 33.20
N CYS H 46 20.24 56.10 31.94
CA CYS H 46 21.29 56.09 30.93
C CYS H 46 22.05 57.41 30.91
N ILE H 47 23.34 57.34 30.62
CA ILE H 47 24.22 58.51 30.62
C ILE H 47 24.88 58.65 29.26
N GLY H 48 24.14 58.38 28.20
CA GLY H 48 24.60 58.68 26.87
C GLY H 48 25.62 57.70 26.31
N PRO H 49 26.38 58.15 25.32
CA PRO H 49 27.25 57.23 24.59
C PRO H 49 28.32 56.67 25.50
N PRO H 50 28.85 55.48 25.17
CA PRO H 50 29.75 54.79 26.10
C PRO H 50 31.19 55.25 26.07
N ALA H 51 31.54 56.17 25.19
CA ALA H 51 32.89 56.72 25.22
C ALA H 51 33.08 57.28 26.61
N SER H 52 34.30 57.25 27.12
CA SER H 52 34.54 57.67 28.51
C SER H 52 33.99 59.05 28.86
N VAL H 53 34.17 60.02 27.98
CA VAL H 53 33.75 61.39 28.32
C VAL H 53 32.26 61.50 28.65
N GLU H 54 31.40 61.03 27.76
CA GLU H 54 29.96 61.11 28.02
C GLU H 54 29.57 60.09 29.08
N SER H 55 30.29 58.99 29.16
CA SER H 55 29.95 57.95 30.10
C SER H 55 30.49 58.24 31.49
N TYR H 56 29.61 58.60 32.42
CA TYR H 56 30.02 58.85 33.81
C TYR H 56 30.85 60.11 33.97
N LEU H 57 31.79 60.33 33.05
CA LEU H 57 32.63 61.53 33.11
C LEU H 57 31.83 62.78 32.78
N CYS H 58 30.64 62.60 32.21
CA CYS H 58 29.79 63.74 31.87
C CYS H 58 29.12 64.28 33.11
N ILE H 59 29.89 64.94 33.97
CA ILE H 59 29.35 65.47 35.21
C ILE H 59 27.97 66.09 35.00
N ASP H 60 27.83 66.96 34.00
CA ASP H 60 26.56 67.64 33.80
C ASP H 60 25.40 66.66 33.75
N LYS H 61 25.56 65.59 33.00
CA LYS H 61 24.52 64.57 32.95
C LYS H 61 24.36 63.94 34.31
N ILE H 62 25.47 63.54 34.92
CA ILE H 62 25.42 62.88 36.22
C ILE H 62 24.78 63.75 37.31
N VAL H 63 25.25 64.98 37.46
CA VAL H 63 24.73 65.84 38.51
C VAL H 63 23.28 66.19 38.22
N ASP H 64 22.95 66.43 36.96
CA ASP H 64 21.57 66.71 36.60
C ASP H 64 20.72 65.49 36.91
N ALA H 65 21.22 64.31 36.57
CA ALA H 65 20.47 63.08 36.81
C ALA H 65 20.18 62.92 38.29
N CYS H 66 21.00 63.55 39.13
CA CYS H 66 20.80 63.46 40.57
C CYS H 66 19.68 64.38 41.01
N LYS H 67 18.48 64.15 40.49
CA LYS H 67 17.34 64.99 40.84
C LYS H 67 16.03 64.23 40.82
N LYS H 68 16.09 62.91 40.69
CA LYS H 68 14.86 62.12 40.58
C LYS H 68 14.80 60.98 41.58
N THR H 69 15.96 60.46 41.96
CA THR H 69 16.00 59.32 42.87
C THR H 69 15.43 59.67 44.25
N GLY H 70 15.69 60.89 44.72
CA GLY H 70 15.23 61.27 46.04
C GLY H 70 16.29 60.94 47.06
N ALA H 71 17.18 60.02 46.71
CA ALA H 71 18.26 59.65 47.62
C ALA H 71 18.89 60.89 48.24
N GLN H 72 19.01 60.90 49.57
CA GLN H 72 19.57 62.06 50.26
C GLN H 72 21.09 62.11 50.15
N ALA H 73 21.68 61.03 49.64
CA ALA H 73 23.13 61.00 49.46
C ALA H 73 23.47 60.25 48.19
N VAL H 74 24.68 60.48 47.67
CA VAL H 74 25.11 59.81 46.45
C VAL H 74 26.58 59.44 46.54
N HIS H 75 26.90 58.15 46.43
CA HIS H 75 28.29 57.71 46.51
C HIS H 75 29.14 58.34 45.42
N PRO H 76 30.38 58.70 45.77
CA PRO H 76 31.29 59.26 44.77
C PRO H 76 32.07 58.18 44.04
N GLY H 77 31.99 56.94 44.51
CA GLY H 77 32.76 55.86 43.90
C GLY H 77 34.23 55.93 44.25
N TYR H 78 35.08 55.32 43.43
CA TYR H 78 36.52 55.42 43.69
C TYR H 78 37.28 55.76 42.41
N GLY H 79 36.64 55.57 41.26
CA GLY H 79 37.30 55.85 40.00
C GLY H 79 36.72 57.07 39.31
N PHE H 80 36.91 57.16 38.00
CA PHE H 80 36.36 58.28 37.25
C PHE H 80 36.62 59.59 37.97
N LEU H 81 35.58 60.40 38.14
CA LEU H 81 35.75 61.70 38.78
C LEU H 81 35.44 61.68 40.28
N SER H 82 35.80 60.59 40.95
CA SER H 82 35.58 60.51 42.38
C SER H 82 36.39 61.56 43.11
N GLU H 83 35.95 61.96 44.30
CA GLU H 83 36.66 62.97 45.08
C GLU H 83 37.19 64.10 44.22
N ASN H 84 36.31 64.78 43.50
CA ASN H 84 36.72 65.89 42.66
C ASN H 84 36.05 67.19 43.09
N GLY H 85 36.79 68.29 43.06
CA GLY H 85 36.23 69.57 43.47
C GLY H 85 35.19 70.07 42.50
N GLU H 86 35.56 70.18 41.22
CA GLU H 86 34.61 70.61 40.21
C GLU H 86 33.35 69.80 40.39
N PHE H 87 33.49 68.60 40.95
CA PHE H 87 32.32 67.77 41.23
C PHE H 87 31.79 68.09 42.62
N GLN H 88 32.68 68.22 43.62
CA GLN H 88 32.23 68.58 44.95
C GLN H 88 31.51 69.92 44.92
N SER H 89 32.03 70.87 44.15
CA SER H 89 31.39 72.18 44.02
C SER H 89 29.97 72.03 43.46
N ALA H 90 29.83 71.25 42.39
CA ALA H 90 28.52 71.08 41.76
C ALA H 90 27.54 70.41 42.72
N LEU H 91 27.99 69.39 43.44
CA LEU H 91 27.07 68.73 44.36
C LEU H 91 26.68 69.63 45.53
N GLN H 92 27.58 70.52 45.99
CA GLN H 92 27.16 71.46 47.01
C GLN H 92 26.39 72.64 46.44
N LYS H 93 26.38 72.83 45.12
CA LYS H 93 25.46 73.79 44.52
C LYS H 93 24.02 73.35 44.73
N ASN H 94 23.74 72.08 44.50
CA ASN H 94 22.41 71.54 44.68
C ASN H 94 22.22 71.01 46.10
N ASN H 95 23.23 71.18 46.96
CA ASN H 95 23.13 70.88 48.38
C ASN H 95 22.84 69.41 48.63
N ILE H 96 23.81 68.56 48.27
CA ILE H 96 23.68 67.12 48.45
C ILE H 96 24.98 66.57 49.03
N VAL H 97 24.89 65.39 49.66
CA VAL H 97 26.00 64.78 50.38
C VAL H 97 27.00 64.18 49.39
N PHE H 98 28.28 64.17 49.77
CA PHE H 98 29.31 63.68 48.86
C PHE H 98 29.77 62.27 49.21
N VAL H 99 29.43 61.83 50.42
CA VAL H 99 29.87 60.51 50.85
C VAL H 99 31.37 60.39 50.65
N GLY H 100 32.11 61.43 51.01
CA GLY H 100 33.55 61.43 50.84
C GLY H 100 34.25 62.46 51.69
N PRO H 101 35.56 62.65 51.46
CA PRO H 101 36.34 63.60 52.27
C PRO H 101 36.00 65.04 51.99
N ASP H 102 36.49 65.96 52.83
CA ASP H 102 36.23 67.36 52.62
C ASP H 102 37.22 67.91 51.60
N ALA H 103 36.88 69.03 50.98
CA ALA H 103 37.72 69.58 49.93
C ALA H 103 39.12 69.91 50.46
N HIS H 104 39.19 70.71 51.53
CA HIS H 104 40.47 71.29 51.94
C HIS H 104 41.54 70.22 52.11
N SER H 105 41.21 69.12 52.78
CA SER H 105 42.15 68.02 52.93
C SER H 105 42.52 67.41 51.59
N ILE H 106 41.54 67.24 50.71
CA ILE H 106 41.79 66.58 49.42
C ILE H 106 42.78 67.40 48.58
N GLU H 107 42.51 68.70 48.42
CA GLU H 107 43.46 69.51 47.66
C GLU H 107 44.76 69.76 48.42
N SER H 108 44.76 69.65 49.75
CA SER H 108 46.01 69.87 50.48
C SER H 108 46.95 68.66 50.37
N MET H 109 46.39 67.46 50.22
CA MET H 109 47.19 66.26 50.25
C MET H 109 47.37 65.57 48.90
N GLY H 110 46.32 65.52 48.08
CA GLY H 110 46.46 64.92 46.77
C GLY H 110 47.25 65.76 45.79
N ASP H 111 47.48 67.03 46.12
CA ASP H 111 48.26 67.90 45.26
C ASP H 111 49.69 67.38 45.11
N LYS H 112 50.25 67.57 43.91
CA LYS H 112 51.59 67.08 43.63
C LYS H 112 52.64 67.76 44.50
N ILE H 113 52.56 69.07 44.66
CA ILE H 113 53.52 69.82 45.47
C ILE H 113 52.86 70.22 46.78
N GLU H 114 53.68 70.71 47.71
CA GLU H 114 53.27 71.13 49.05
C GLU H 114 52.96 69.91 49.91
N SER H 115 52.92 68.73 49.29
CA SER H 115 52.82 67.49 50.06
C SER H 115 54.06 67.32 50.92
N LYS H 116 55.23 67.69 50.38
CA LYS H 116 56.45 67.67 51.18
C LYS H 116 56.35 68.66 52.34
N ARG H 117 55.63 69.77 52.16
CA ARG H 117 55.45 70.72 53.24
C ARG H 117 54.67 70.10 54.40
N LEU H 118 53.54 69.47 54.09
CA LEU H 118 52.79 68.79 55.13
C LEU H 118 53.66 67.69 55.72
N ALA H 119 54.47 67.06 54.87
CA ALA H 119 55.35 66.00 55.33
C ALA H 119 56.34 66.53 56.34
N GLN H 120 56.96 67.66 56.02
CA GLN H 120 57.94 68.24 56.92
C GLN H 120 57.27 69.12 57.96
N ARG H 121 55.97 69.33 57.82
CA ARG H 121 55.24 70.10 58.81
C ARG H 121 55.56 69.53 60.16
N ALA H 122 55.45 68.21 60.28
CA ALA H 122 55.83 67.56 61.52
C ALA H 122 56.98 66.61 61.26
N GLY H 123 57.59 66.74 60.08
CA GLY H 123 58.70 65.87 59.72
C GLY H 123 58.22 64.47 59.42
N VAL H 124 57.68 63.80 60.43
CA VAL H 124 57.12 62.46 60.23
C VAL H 124 58.09 61.55 59.47
N THR H 125 59.36 61.59 59.84
CA THR H 125 60.36 60.73 59.18
C THR H 125 60.25 60.77 57.67
N CYS H 126 60.33 61.96 57.09
CA CYS H 126 60.28 62.09 55.64
C CYS H 126 61.64 61.78 55.04
N ILE H 127 61.71 61.72 53.72
CA ILE H 127 62.97 61.42 53.04
C ILE H 127 64.16 62.13 53.70
N PRO H 128 65.19 61.36 54.08
CA PRO H 128 66.38 61.93 54.70
C PRO H 128 67.51 62.13 53.70
N GLY H 129 68.31 63.14 53.96
CA GLY H 129 69.44 63.49 53.13
C GLY H 129 69.84 64.93 53.34
N PHE H 130 71.06 65.26 52.90
CA PHE H 130 71.57 66.62 53.01
C PHE H 130 70.72 67.56 52.17
N ILE H 131 69.99 68.45 52.82
CA ILE H 131 69.01 69.31 52.15
C ILE H 131 69.79 70.52 51.62
N GLY H 132 70.33 70.37 50.42
CA GLY H 132 71.05 71.45 49.78
C GLY H 132 72.02 70.91 48.75
N GLU H 133 72.68 71.85 48.08
CA GLU H 133 73.63 71.53 47.04
C GLU H 133 74.92 71.00 47.64
N VAL H 134 75.48 69.96 47.03
CA VAL H 134 76.80 69.45 47.40
C VAL H 134 77.80 69.95 46.36
N LYS H 135 78.53 71.01 46.73
CA LYS H 135 79.43 71.70 45.81
C LYS H 135 80.79 71.03 45.68
N THR H 136 81.13 70.13 46.59
CA THR H 136 82.45 69.51 46.61
C THR H 136 82.32 68.01 46.87
N HIS H 137 83.31 67.25 46.41
CA HIS H 137 83.33 65.82 46.66
C HIS H 137 83.49 65.51 48.14
N GLU H 138 84.21 66.36 48.87
CA GLU H 138 84.37 66.14 50.31
C GLU H 138 83.03 66.17 51.03
N ASP H 139 82.18 67.14 50.68
CA ASP H 139 80.85 67.21 51.27
C ASP H 139 80.04 65.95 50.93
N LEU H 140 80.13 65.50 49.68
CA LEU H 140 79.39 64.31 49.27
C LEU H 140 79.80 63.09 50.08
N LEU H 141 81.12 62.89 50.25
CA LEU H 141 81.59 61.77 51.03
C LEU H 141 81.18 61.90 52.50
N ARG H 142 81.30 63.10 53.06
CA ARG H 142 80.94 63.30 54.46
C ARG H 142 79.47 63.02 54.70
N PHE H 143 78.60 63.51 53.80
CA PHE H 143 77.17 63.30 53.99
C PHE H 143 76.76 61.87 53.65
N ALA H 144 77.50 61.20 52.77
CA ALA H 144 77.26 59.77 52.57
C ALA H 144 77.59 58.97 53.81
N ARG H 145 78.70 59.32 54.48
CA ARG H 145 79.06 58.61 55.70
C ARG H 145 78.12 58.96 56.85
N GLU H 146 77.62 60.19 56.86
CA GLU H 146 76.66 60.59 57.88
C GLU H 146 75.68 59.45 58.16
N ILE H 147 75.04 58.94 57.11
CA ILE H 147 74.07 57.87 57.28
C ILE H 147 74.55 56.56 56.66
N GLY H 148 75.69 56.62 55.96
CA GLY H 148 76.20 55.42 55.31
C GLY H 148 75.17 54.84 54.36
N TYR H 149 74.39 55.70 53.72
CA TYR H 149 73.34 55.23 52.81
C TYR H 149 73.89 54.98 51.42
N PRO H 150 73.08 54.33 50.56
CA PRO H 150 73.52 54.12 49.18
C PRO H 150 73.49 55.41 48.37
N VAL H 151 73.67 56.57 49.01
CA VAL H 151 73.76 57.86 48.31
C VAL H 151 72.46 58.41 47.69
N MET H 152 71.67 57.58 47.01
CA MET H 152 70.49 58.09 46.34
C MET H 152 70.81 59.39 45.61
N ILE H 153 71.83 59.37 44.76
CA ILE H 153 72.17 60.57 44.02
C ILE H 153 71.04 60.92 43.06
N LYS H 154 70.49 62.12 43.20
CA LYS H 154 69.39 62.54 42.33
C LYS H 154 69.51 64.03 42.07
N ALA H 155 69.18 64.44 40.85
CA ALA H 155 69.29 65.84 40.48
C ALA H 155 68.23 66.67 41.18
N SER H 156 68.57 67.94 41.44
CA SER H 156 67.60 68.84 42.06
C SER H 156 66.43 69.13 41.13
N GLY H 157 66.70 69.32 39.85
CA GLY H 157 65.66 69.63 38.89
C GLY H 157 65.21 68.44 38.06
N GLY H 158 65.95 67.33 38.15
CA GLY H 158 65.59 66.15 37.40
C GLY H 158 64.46 65.38 38.06
N GLY H 159 63.72 64.63 37.24
CA GLY H 159 62.63 63.83 37.73
C GLY H 159 62.44 62.59 36.90
N GLY H 160 61.63 61.68 37.43
CA GLY H 160 61.30 60.45 36.73
C GLY H 160 62.37 59.39 36.73
N GLY H 161 63.46 59.58 37.47
CA GLY H 161 64.55 58.63 37.51
C GLY H 161 65.74 58.97 36.65
N LYS H 162 65.75 60.15 36.04
CA LYS H 162 66.91 60.57 35.25
C LYS H 162 67.87 61.37 36.12
N GLY H 163 69.17 61.12 35.93
CA GLY H 163 70.18 61.73 36.76
C GLY H 163 70.36 61.09 38.12
N MET H 164 70.08 59.80 38.25
CA MET H 164 70.18 59.08 39.51
C MET H 164 71.20 57.96 39.35
N ARG H 165 72.13 57.88 40.30
CA ARG H 165 73.08 56.77 40.37
C ARG H 165 73.25 56.36 41.83
N VAL H 166 73.48 55.07 42.04
CA VAL H 166 73.49 54.46 43.36
C VAL H 166 74.93 54.24 43.79
N ALA H 167 75.34 54.94 44.85
CA ALA H 167 76.72 54.89 45.34
C ALA H 167 76.77 54.10 46.63
N TYR H 168 77.67 53.13 46.70
CA TYR H 168 77.84 52.29 47.89
C TYR H 168 79.07 52.64 48.72
N ASN H 169 80.09 53.22 48.11
CA ASN H 169 81.29 53.61 48.84
C ASN H 169 81.75 54.97 48.34
N ASP H 170 82.83 55.49 48.95
CA ASP H 170 83.28 56.84 48.66
C ASP H 170 83.78 56.98 47.22
N THR H 171 84.54 55.99 46.75
CA THR H 171 84.98 56.02 45.36
C THR H 171 83.81 55.96 44.40
N GLN H 172 82.83 55.10 44.70
CA GLN H 172 81.59 55.08 43.92
C GLN H 172 80.88 56.42 44.01
N CYS H 173 80.88 57.04 45.19
CA CYS H 173 80.27 58.36 45.32
C CYS H 173 80.91 59.37 44.39
N VAL H 174 82.24 59.41 44.36
CA VAL H 174 82.94 60.39 43.53
C VAL H 174 82.69 60.11 42.05
N GLU H 175 82.83 58.85 41.62
CA GLU H 175 82.63 58.53 40.22
C GLU H 175 81.20 58.79 39.77
N TYR H 176 80.22 58.45 40.62
CA TYR H 176 78.83 58.65 40.25
C TYR H 176 78.44 60.12 40.31
N TYR H 177 79.07 60.92 41.17
CA TYR H 177 78.86 62.36 41.13
C TYR H 177 79.44 62.95 39.86
N ASP H 178 80.62 62.47 39.44
CA ASP H 178 81.21 62.90 38.19
C ASP H 178 80.31 62.58 37.00
N MET H 179 79.70 61.40 36.99
CA MET H 179 78.77 61.07 35.91
C MET H 179 77.47 61.86 36.01
N CYS H 180 76.97 62.05 37.23
CA CYS H 180 75.69 62.73 37.42
C CYS H 180 75.76 64.19 37.01
N ARG H 181 76.84 64.89 37.38
CA ARG H 181 76.96 66.28 36.98
C ARG H 181 77.01 66.42 35.47
N GLU H 182 77.77 65.53 34.80
CA GLU H 182 77.85 65.57 33.34
C GLU H 182 76.50 65.29 32.70
N GLU H 183 75.76 64.33 33.24
CA GLU H 183 74.43 64.02 32.70
C GLU H 183 73.47 65.18 32.89
N ALA H 184 73.40 65.71 34.12
CA ALA H 184 72.39 66.70 34.45
C ALA H 184 72.68 68.05 33.82
N LYS H 185 73.95 68.43 33.66
CA LYS H 185 74.27 69.69 33.02
C LYS H 185 73.77 69.71 31.58
N ALA H 186 73.90 68.58 30.88
CA ALA H 186 73.40 68.49 29.52
C ALA H 186 71.88 68.32 29.45
N ALA H 187 71.29 67.58 30.39
CA ALA H 187 69.88 67.21 30.28
C ALA H 187 68.91 68.20 30.89
N PHE H 188 69.26 68.82 32.02
CA PHE H 188 68.32 69.68 32.73
C PHE H 188 68.89 71.06 33.05
N HIS H 189 70.06 71.41 32.52
CA HIS H 189 70.68 72.72 32.70
C HIS H 189 70.93 73.05 34.17
N SER H 190 71.00 72.04 35.03
CA SER H 190 71.25 72.23 36.45
C SER H 190 72.30 71.23 36.91
N ASP H 191 73.35 71.74 37.56
CA ASP H 191 74.39 70.91 38.14
C ASP H 191 74.19 70.69 39.63
N LYS H 192 73.11 71.22 40.20
CA LYS H 192 72.87 71.13 41.64
C LYS H 192 72.40 69.71 41.99
N MET H 193 73.21 69.00 42.76
CA MET H 193 72.92 67.63 43.13
C MET H 193 72.50 67.55 44.60
N LEU H 194 71.74 66.51 44.91
CA LEU H 194 71.34 66.22 46.28
C LEU H 194 71.63 64.76 46.59
N VAL H 195 71.94 64.49 47.85
CA VAL H 195 72.26 63.14 48.32
C VAL H 195 71.26 62.78 49.42
N GLU H 196 70.68 61.58 49.30
CA GLU H 196 69.66 61.12 50.22
C GLU H 196 69.88 59.65 50.55
N ARG H 197 69.21 59.19 51.59
CA ARG H 197 69.33 57.80 52.03
C ARG H 197 68.66 56.88 51.02
N PHE H 198 69.45 56.27 50.15
CA PHE H 198 68.90 55.32 49.19
C PHE H 198 68.52 54.02 49.89
N ILE H 199 67.54 53.33 49.32
CA ILE H 199 67.01 52.10 49.89
C ILE H 199 67.77 50.92 49.30
N ASP H 200 68.23 50.01 50.16
CA ASP H 200 68.88 48.78 49.70
C ASP H 200 68.02 48.07 48.67
N HIS H 201 66.84 47.63 49.09
CA HIS H 201 65.84 47.00 48.23
C HIS H 201 64.47 47.28 48.82
N PRO H 202 63.57 47.90 48.07
CA PRO H 202 62.31 48.37 48.65
C PRO H 202 61.26 47.26 48.71
N ARG H 203 60.30 47.46 49.62
CA ARG H 203 59.14 46.60 49.73
C ARG H 203 57.83 47.33 49.50
N HIS H 204 57.84 48.66 49.48
CA HIS H 204 56.64 49.45 49.17
C HIS H 204 55.50 49.12 50.12
N ILE H 205 55.80 49.03 51.41
CA ILE H 205 54.77 48.74 52.40
C ILE H 205 53.76 49.87 52.43
N GLU H 206 52.49 49.52 52.56
CA GLU H 206 51.40 50.50 52.61
C GLU H 206 50.64 50.35 53.91
N ILE H 207 50.29 51.49 54.52
CA ILE H 207 49.57 51.52 55.78
C ILE H 207 48.19 52.10 55.52
N GLN H 208 47.16 51.41 56.01
CA GLN H 208 45.78 51.84 55.82
C GLN H 208 45.35 52.76 56.95
N VAL H 209 44.41 53.67 56.64
CA VAL H 209 43.91 54.65 57.59
C VAL H 209 42.40 54.78 57.41
N ILE H 210 41.70 54.91 58.54
CA ILE H 210 40.28 55.27 58.55
C ILE H 210 40.11 56.38 59.58
N ALA H 211 39.05 57.18 59.42
CA ALA H 211 38.77 58.28 60.32
C ALA H 211 37.27 58.54 60.36
N ASP H 212 36.88 59.67 60.95
CA ASP H 212 35.48 60.03 61.06
C ASP H 212 35.34 61.52 61.30
N ARG H 213 34.16 62.05 60.98
CA ARG H 213 33.90 63.48 61.12
C ARG H 213 33.68 63.90 62.56
N ARG H 214 33.43 62.96 63.47
CA ARG H 214 33.29 63.24 64.88
C ARG H 214 34.54 62.89 65.68
N GLY H 215 35.02 61.66 65.53
CA GLY H 215 36.21 61.22 66.27
C GLY H 215 36.42 59.73 66.11
N ASN H 216 36.95 59.13 67.18
CA ASN H 216 37.20 57.70 67.23
C ASN H 216 38.05 57.23 66.06
N THR H 217 39.08 58.01 65.73
CA THR H 217 39.94 57.67 64.61
C THR H 217 40.67 56.36 64.88
N VAL H 218 40.74 55.51 63.85
CA VAL H 218 41.31 54.18 63.96
C VAL H 218 42.33 53.99 62.86
N TYR H 219 43.39 53.22 63.15
CA TYR H 219 44.38 52.83 62.16
C TYR H 219 44.12 51.39 61.74
N LEU H 220 43.95 51.17 60.45
CA LEU H 220 43.77 49.81 59.96
C LEU H 220 45.12 49.15 59.76
N PRO H 221 45.18 47.81 59.86
CA PRO H 221 46.45 47.11 59.65
C PRO H 221 47.01 47.36 58.25
N GLU H 222 48.34 47.39 58.17
CA GLU H 222 49.02 47.76 56.94
C GLU H 222 48.78 46.75 55.82
N ARG H 223 49.30 47.03 54.62
CA ARG H 223 49.22 46.10 53.50
C ARG H 223 50.54 46.07 52.75
N GLU H 224 50.56 45.26 51.68
CA GLU H 224 51.73 45.09 50.83
C GLU H 224 51.34 45.41 49.39
N CYS H 225 52.21 46.13 48.69
CA CYS H 225 52.06 46.36 47.25
C CYS H 225 53.41 46.27 46.57
N SER H 226 54.22 45.28 46.97
CA SER H 226 55.59 45.20 46.48
C SER H 226 55.65 44.88 44.99
N ILE H 227 54.93 43.85 44.56
CA ILE H 227 54.97 43.44 43.16
C ILE H 227 54.33 44.53 42.30
N GLN H 228 55.02 44.90 41.22
CA GLN H 228 54.55 45.99 40.39
C GLN H 228 55.13 45.85 38.99
N ARG H 229 54.25 45.80 37.99
CA ARG H 229 54.64 45.77 36.59
C ARG H 229 54.18 47.06 35.93
N ARG H 230 55.13 47.75 35.28
CA ARG H 230 54.84 49.02 34.61
C ARG H 230 54.17 50.01 35.55
N ASN H 231 54.60 50.00 36.83
CA ASN H 231 54.01 50.81 37.88
C ASN H 231 52.54 50.43 38.13
N GLN H 232 52.19 49.17 37.90
CA GLN H 232 50.88 48.64 38.29
C GLN H 232 51.08 47.39 39.11
N LYS H 233 50.41 47.33 40.26
CA LYS H 233 50.60 46.23 41.21
C LYS H 233 49.71 45.05 40.84
N VAL H 234 50.12 43.86 41.33
CA VAL H 234 49.48 42.59 40.96
C VAL H 234 48.99 41.84 42.19
N ILE H 235 49.90 41.57 43.14
CA ILE H 235 49.61 40.74 44.30
C ILE H 235 49.76 41.56 45.57
N GLU H 236 48.83 41.39 46.49
CA GLU H 236 48.78 42.19 47.71
C GLU H 236 48.54 41.29 48.92
N GLU H 237 48.92 41.79 50.09
CA GLU H 237 48.87 41.01 51.33
C GLU H 237 48.99 41.96 52.52
N ALA H 238 48.05 41.86 53.46
CA ALA H 238 48.02 42.89 54.49
C ALA H 238 49.09 42.70 55.56
N PRO H 239 49.12 41.59 56.32
CA PRO H 239 50.16 41.45 57.35
C PRO H 239 51.49 40.98 56.79
N SER H 240 52.30 41.90 56.28
CA SER H 240 53.58 41.55 55.70
C SER H 240 54.46 40.86 56.73
N VAL H 241 55.41 40.06 56.24
CA VAL H 241 56.23 39.22 57.11
C VAL H 241 57.11 40.08 58.00
N LEU H 242 57.67 41.16 57.45
CA LEU H 242 58.57 42.03 58.18
C LEU H 242 57.73 43.01 58.99
N LEU H 243 57.09 42.49 60.03
CA LEU H 243 56.18 43.26 60.87
C LEU H 243 56.61 43.12 62.32
N ASP H 244 57.06 44.21 62.91
CA ASP H 244 57.38 44.28 64.33
C ASP H 244 56.47 45.31 64.98
N ALA H 245 55.92 44.97 66.15
CA ALA H 245 55.02 45.88 66.85
C ALA H 245 55.71 47.19 67.18
N THR H 246 57.02 47.16 67.41
CA THR H 246 57.77 48.38 67.68
C THR H 246 57.56 49.41 66.57
N THR H 247 57.67 48.99 65.32
CA THR H 247 57.38 49.89 64.22
C THR H 247 55.88 50.09 64.04
N ARG H 248 55.12 48.99 64.01
CA ARG H 248 53.72 49.03 63.56
C ARG H 248 52.85 49.91 64.46
N LYS H 249 53.03 49.81 65.77
CA LYS H 249 52.22 50.62 66.68
C LYS H 249 52.47 52.10 66.45
N ALA H 250 53.74 52.48 66.31
CA ALA H 250 54.07 53.86 65.98
C ALA H 250 53.55 54.25 64.61
N MET H 251 53.50 53.31 63.67
CA MET H 251 52.95 53.60 62.35
C MET H 251 51.49 53.98 62.46
N GLY H 252 50.72 53.19 63.20
CA GLY H 252 49.30 53.50 63.39
C GLY H 252 49.10 54.81 64.11
N GLU H 253 49.87 55.04 65.18
CA GLU H 253 49.72 56.28 65.95
C GLU H 253 50.09 57.49 65.11
N GLU H 254 51.17 57.39 64.32
CA GLU H 254 51.59 58.52 63.48
C GLU H 254 50.62 58.75 62.34
N ALA H 255 50.03 57.67 61.80
CA ALA H 255 49.00 57.84 60.78
C ALA H 255 47.79 58.56 61.33
N VAL H 256 47.35 58.19 62.53
CA VAL H 256 46.23 58.89 63.15
C VAL H 256 46.59 60.33 63.45
N ALA H 257 47.82 60.58 63.91
CA ALA H 257 48.25 61.95 64.18
C ALA H 257 48.24 62.79 62.92
N MET H 258 48.73 62.24 61.81
CA MET H 258 48.70 62.96 60.55
C MET H 258 47.27 63.18 60.07
N ALA H 259 46.39 62.25 60.38
CA ALA H 259 44.98 62.35 59.97
C ALA H 259 44.34 63.67 60.40
N ARG H 260 44.37 63.96 61.69
CA ARG H 260 43.77 65.20 62.20
C ARG H 260 44.54 66.44 61.74
N ALA H 261 45.78 66.24 61.28
CA ALA H 261 46.62 67.36 60.87
C ALA H 261 45.97 68.20 59.77
N VAL H 262 45.51 67.55 58.71
CA VAL H 262 44.81 68.26 57.65
C VAL H 262 43.31 68.08 57.81
N GLN H 263 42.89 67.57 58.96
CA GLN H 263 41.47 67.37 59.22
C GLN H 263 40.88 66.46 58.16
N TYR H 264 41.58 65.39 57.83
CA TYR H 264 41.11 64.47 56.80
C TYR H 264 39.86 63.72 57.28
N VAL H 265 38.88 63.57 56.41
CA VAL H 265 37.66 62.86 56.76
C VAL H 265 37.66 61.43 56.27
N SER H 266 37.52 61.25 54.96
CA SER H 266 37.52 59.90 54.39
C SER H 266 38.93 59.51 54.01
N ALA H 267 39.68 58.97 54.95
CA ALA H 267 41.09 58.63 54.69
C ALA H 267 41.30 57.71 53.51
N GLY H 268 42.32 57.99 52.71
CA GLY H 268 42.64 57.11 51.61
C GLY H 268 43.57 56.06 52.16
N THR H 269 44.87 56.29 52.07
CA THR H 269 45.84 55.37 52.65
C THR H 269 47.25 55.94 52.67
N VAL H 270 48.08 55.45 53.58
CA VAL H 270 49.44 55.94 53.69
C VAL H 270 50.45 55.06 52.96
N GLU H 271 51.39 55.69 52.26
CA GLU H 271 52.41 54.95 51.52
C GLU H 271 53.74 55.04 52.26
N ASN H 272 54.49 53.94 52.23
CA ASN H 272 55.82 53.87 52.85
C ASN H 272 56.76 53.03 51.99
N VAL H 273 58.04 53.22 52.22
CA VAL H 273 59.10 52.38 51.66
C VAL H 273 59.92 51.83 52.81
N VAL H 274 60.07 50.51 52.86
CA VAL H 274 60.68 49.84 54.01
C VAL H 274 61.87 49.02 53.54
N ASN H 275 62.99 49.19 54.22
CA ASN H 275 64.25 48.46 54.08
C ASN H 275 64.36 47.40 55.17
N PRO H 276 65.20 46.37 54.96
CA PRO H 276 65.36 45.32 55.99
C PRO H 276 65.71 45.83 57.38
N GLN H 277 66.03 47.11 57.52
CA GLN H 277 66.32 47.71 58.82
C GLN H 277 65.12 48.38 59.46
N LYS H 278 63.93 48.17 58.89
CA LYS H 278 62.66 48.56 59.52
C LYS H 278 62.56 50.08 59.70
N GLN H 279 62.58 50.78 58.58
CA GLN H 279 62.31 52.21 58.55
C GLN H 279 60.90 52.45 58.02
N PHE H 280 60.54 53.73 57.89
CA PHE H 280 59.24 54.11 57.37
C PHE H 280 59.29 55.54 56.84
N TYR H 281 58.49 55.82 55.80
CA TYR H 281 58.57 57.08 55.06
C TYR H 281 57.17 57.51 54.66
N PHE H 282 56.56 58.41 55.44
CA PHE H 282 55.20 58.88 55.12
C PHE H 282 55.24 59.93 54.01
N LEU H 283 54.84 59.52 52.81
CA LEU H 283 54.74 60.41 51.65
C LEU H 283 54.07 59.66 50.51
N GLU H 284 53.74 60.34 49.42
CA GLU H 284 52.99 59.71 48.34
C GLU H 284 51.70 59.19 48.95
N MET H 285 51.18 59.89 49.95
CA MET H 285 49.96 59.46 50.61
C MET H 285 48.78 59.46 49.65
N ASN H 286 47.80 58.59 49.89
CA ASN H 286 46.65 58.50 49.00
C ASN H 286 45.40 59.11 49.63
N THR H 287 44.52 59.65 48.81
CA THR H 287 43.27 60.22 49.32
C THR H 287 42.10 59.59 48.59
N ARG H 288 42.34 58.48 47.91
CA ARG H 288 41.27 57.79 47.19
C ARG H 288 40.91 56.51 47.92
N LEU H 289 39.67 56.05 47.74
CA LEU H 289 39.23 54.82 48.39
C LEU H 289 39.86 53.61 47.74
N GLN H 290 40.97 53.13 48.30
CA GLN H 290 41.64 51.97 47.74
C GLN H 290 40.77 50.75 47.90
N VAL H 291 40.67 49.94 46.83
CA VAL H 291 39.81 48.77 46.88
C VAL H 291 40.61 47.51 47.17
N GLU H 292 41.78 47.66 47.77
CA GLU H 292 42.56 46.49 48.15
C GLU H 292 42.20 46.13 49.58
N HIS H 293 41.27 46.89 50.16
CA HIS H 293 40.84 46.64 51.53
C HIS H 293 40.23 45.26 51.77
N PRO H 294 39.65 44.62 50.74
CA PRO H 294 39.12 43.30 51.03
C PRO H 294 40.10 42.48 51.87
N ILE H 295 41.39 42.57 51.55
CA ILE H 295 42.39 41.85 52.33
C ILE H 295 42.31 42.26 53.79
N THR H 296 42.31 43.55 54.06
CA THR H 296 42.23 44.04 55.43
C THR H 296 40.92 43.62 56.05
N GLU H 297 39.84 43.73 55.29
CA GLU H 297 38.53 43.32 55.80
C GLU H 297 38.54 41.83 56.13
N GLU H 298 39.39 41.08 55.46
CA GLU H 298 39.49 39.65 55.76
C GLU H 298 40.28 39.41 57.04
N ILE H 299 41.19 40.33 57.36
CA ILE H 299 41.97 40.19 58.59
C ILE H 299 41.37 41.02 59.73
N THR H 300 40.27 41.71 59.46
CA THR H 300 39.64 42.55 60.48
C THR H 300 38.13 42.40 60.52
N GLY H 301 37.47 42.65 59.39
CA GLY H 301 36.02 42.60 59.36
C GLY H 301 35.52 44.03 59.38
N VAL H 302 36.43 44.98 59.23
CA VAL H 302 36.09 46.39 59.26
C VAL H 302 35.48 46.77 57.91
N ASP H 303 34.17 46.94 57.86
CA ASP H 303 33.48 47.25 56.62
C ASP H 303 33.67 48.73 56.30
N LEU H 304 34.69 49.03 55.49
CA LEU H 304 35.02 50.43 55.20
C LEU H 304 33.83 51.16 54.57
N VAL H 305 33.10 50.48 53.69
CA VAL H 305 31.99 51.13 53.01
C VAL H 305 30.93 51.56 54.01
N GLU H 306 30.56 50.66 54.93
CA GLU H 306 29.54 50.97 55.92
C GLU H 306 29.99 52.11 56.82
N GLN H 307 31.24 52.04 57.30
CA GLN H 307 31.73 53.07 58.21
C GLN H 307 31.81 54.43 57.53
N MET H 308 32.25 54.46 56.26
CA MET H 308 32.37 55.75 55.59
C MET H 308 31.00 56.34 55.26
N LEU H 309 30.03 55.49 54.88
CA LEU H 309 28.69 56.03 54.64
C LEU H 309 28.04 56.46 55.94
N ARG H 310 28.36 55.80 57.06
CA ARG H 310 27.86 56.24 58.35
C ARG H 310 28.46 57.58 58.75
N ALA H 311 29.76 57.76 58.50
CA ALA H 311 30.42 59.03 58.76
C ALA H 311 29.96 60.14 57.82
N ALA H 312 29.43 59.77 56.65
CA ALA H 312 28.89 60.77 55.74
C ALA H 312 27.65 61.47 56.29
N ALA H 313 27.05 60.93 57.36
CA ALA H 313 25.89 61.53 57.99
C ALA H 313 26.23 62.23 59.30
N ASP H 314 27.51 62.51 59.53
CA ASP H 314 27.98 63.15 60.76
C ASP H 314 27.66 62.30 61.99
N LEU H 315 28.10 61.05 61.94
CA LEU H 315 28.07 60.14 63.08
C LEU H 315 29.43 59.50 63.25
N PRO H 316 29.82 59.17 64.48
CA PRO H 316 31.10 58.50 64.69
C PRO H 316 31.02 57.03 64.30
N LEU H 317 32.18 56.37 64.27
CA LEU H 317 32.24 54.99 63.80
C LEU H 317 31.71 53.97 64.76
N SER H 318 31.72 52.70 64.35
CA SER H 318 31.26 51.63 65.22
C SER H 318 32.44 50.77 65.65
N ILE H 319 33.65 51.28 65.46
CA ILE H 319 34.85 50.51 65.80
C ILE H 319 35.95 51.39 66.40
N THR H 320 36.75 50.85 67.31
CA THR H 320 37.88 51.60 67.88
C THR H 320 39.14 50.73 67.84
N GLN H 321 40.31 51.35 67.86
CA GLN H 321 41.56 50.60 67.73
C GLN H 321 41.74 49.52 68.78
N ASP H 322 40.90 49.54 69.80
CA ASP H 322 41.05 48.56 70.88
C ASP H 322 40.61 47.16 70.46
N ASP H 323 39.59 47.06 69.61
CA ASP H 323 39.11 45.73 69.27
C ASP H 323 39.71 45.20 67.98
N ILE H 324 40.38 46.04 67.19
CA ILE H 324 40.96 45.61 65.93
C ILE H 324 42.11 44.65 66.21
N THR H 325 42.09 43.50 65.55
CA THR H 325 43.08 42.45 65.75
C THR H 325 43.41 41.84 64.39
N ILE H 326 44.03 40.67 64.42
CA ILE H 326 44.41 39.92 63.23
C ILE H 326 44.04 38.46 63.43
N ASN H 327 43.31 37.88 62.47
CA ASN H 327 42.88 36.49 62.54
C ASN H 327 43.54 35.62 61.49
N GLY H 328 44.71 36.03 60.99
CA GLY H 328 45.38 35.35 59.91
C GLY H 328 45.84 36.36 58.89
N HIS H 329 45.86 35.95 57.62
CA HIS H 329 46.18 36.89 56.55
C HIS H 329 45.53 36.43 55.26
N ALA H 330 45.41 37.36 54.33
CA ALA H 330 44.68 37.15 53.08
C ALA H 330 45.55 37.55 51.90
N THR H 331 45.34 36.88 50.77
CA THR H 331 46.05 37.18 49.54
C THR H 331 45.06 37.61 48.46
N GLU H 332 45.42 38.63 47.70
CA GLU H 332 44.56 39.18 46.66
C GLU H 332 45.36 39.34 45.37
N CYS H 333 44.73 39.00 44.25
CA CYS H 333 45.35 39.17 42.94
C CYS H 333 44.32 39.75 41.98
N ARG H 334 44.83 40.34 40.89
CA ARG H 334 44.02 41.00 39.88
C ARG H 334 44.14 40.26 38.57
N VAL H 335 43.01 40.00 37.92
CA VAL H 335 42.97 39.25 36.67
C VAL H 335 42.78 40.22 35.52
N TYR H 336 43.76 40.29 34.63
CA TYR H 336 43.74 41.21 33.50
C TYR H 336 43.50 40.44 32.21
N ALA H 337 42.93 41.14 31.24
CA ALA H 337 42.79 40.62 29.89
C ALA H 337 44.07 40.77 29.07
N GLU H 338 45.20 40.99 29.74
CA GLU H 338 46.47 41.26 29.07
C GLU H 338 47.19 39.95 28.78
N ASP H 339 47.41 39.65 27.50
CA ASP H 339 48.12 38.41 27.13
C ASP H 339 49.62 38.51 27.38
N PRO H 340 50.11 37.92 28.49
CA PRO H 340 51.53 38.10 28.82
C PRO H 340 52.49 37.36 27.90
N MET H 341 52.29 36.07 27.70
CA MET H 341 53.23 35.29 26.90
C MET H 341 53.40 35.89 25.51
N LYS H 342 52.36 36.55 25.01
CA LYS H 342 52.46 37.19 23.71
C LYS H 342 52.76 38.68 23.87
N ASN H 343 53.91 39.00 24.45
CA ASN H 343 54.33 40.39 24.58
C ASN H 343 53.24 41.30 25.15
N TYR H 344 52.56 40.84 26.19
CA TYR H 344 51.54 41.66 26.84
C TYR H 344 50.51 42.22 25.86
N PHE H 345 50.13 41.43 24.87
CA PHE H 345 49.14 41.88 23.89
C PHE H 345 47.76 42.00 24.51
N PRO H 346 47.08 43.13 24.27
CA PRO H 346 45.73 43.33 24.82
C PRO H 346 44.66 42.62 24.01
N SER H 347 43.75 41.92 24.69
CA SER H 347 42.70 41.17 23.99
C SER H 347 41.31 41.71 24.31
N ILE H 348 40.75 42.54 23.45
CA ILE H 348 39.47 43.17 23.78
C ILE H 348 38.34 42.93 22.78
N GLY H 349 37.10 43.02 23.24
CA GLY H 349 35.97 42.91 22.33
C GLY H 349 35.50 41.49 22.26
N ARG H 350 35.91 40.68 23.23
CA ARG H 350 35.53 39.29 23.22
C ARG H 350 34.62 39.01 24.38
N LEU H 351 33.36 38.70 24.09
CA LEU H 351 32.45 38.35 25.17
C LEU H 351 32.89 37.00 25.72
N THR H 352 32.51 36.72 26.95
CA THR H 352 32.91 35.47 27.56
C THR H 352 32.18 34.31 26.94
N MET H 353 32.87 33.54 26.10
CA MET H 353 32.25 32.34 25.54
C MET H 353 31.51 31.69 26.66
N TYR H 354 32.23 31.35 27.73
CA TYR H 354 31.56 30.81 28.91
C TYR H 354 32.54 30.84 30.07
N GLN H 355 32.11 31.36 31.23
CA GLN H 355 33.00 31.46 32.39
C GLN H 355 32.36 31.08 33.71
N GLU H 356 33.14 30.50 34.63
CA GLU H 356 32.62 30.16 35.96
C GLU H 356 33.64 30.48 37.03
N PRO H 357 33.24 31.21 38.09
CA PRO H 357 34.26 31.62 39.07
C PRO H 357 34.52 30.61 40.16
N THR H 358 35.74 30.62 40.71
CA THR H 358 36.05 29.73 41.82
C THR H 358 35.32 30.22 43.06
N GLY H 359 34.55 29.35 43.70
CA GLY H 359 33.78 29.76 44.86
C GLY H 359 33.94 28.85 46.07
N ALA H 360 35.08 28.18 46.17
CA ALA H 360 35.31 27.28 47.30
C ALA H 360 36.01 28.00 48.44
N GLY H 361 35.25 28.46 49.42
CA GLY H 361 35.82 29.16 50.55
C GLY H 361 36.67 30.35 50.16
N VAL H 362 36.31 31.01 49.07
CA VAL H 362 37.07 32.17 48.59
C VAL H 362 36.13 33.30 48.20
N ARG H 363 36.67 34.51 48.09
CA ARG H 363 35.85 35.65 47.69
C ARG H 363 36.28 36.21 46.34
N CYS H 364 35.31 36.60 45.53
CA CYS H 364 35.60 37.14 44.21
C CYS H 364 34.72 38.34 43.90
N ASP H 365 35.32 39.48 43.60
CA ASP H 365 34.57 40.68 43.30
C ASP H 365 34.79 41.01 41.85
N SER H 366 33.71 41.05 41.08
CA SER H 366 33.85 41.30 39.65
C SER H 366 32.62 41.93 39.05
N GLY H 367 32.80 42.65 37.97
CA GLY H 367 31.67 43.19 37.25
C GLY H 367 31.40 42.55 35.91
N ILE H 368 31.98 41.39 35.64
CA ILE H 368 31.89 40.74 34.34
C ILE H 368 31.17 39.41 34.53
N ILE H 369 29.86 39.41 34.30
CA ILE H 369 29.05 38.20 34.34
C ILE H 369 29.14 37.46 33.01
N GLU H 370 28.56 36.26 32.97
CA GLU H 370 28.51 35.47 31.76
C GLU H 370 27.92 36.26 30.60
N GLY H 371 28.52 36.16 29.43
CA GLY H 371 28.05 36.93 28.28
C GLY H 371 28.29 38.41 28.44
N SER H 372 29.50 38.77 28.85
CA SER H 372 29.85 40.18 29.01
C SER H 372 31.10 40.48 28.21
N GLN H 373 31.31 41.74 27.86
CA GLN H 373 32.44 42.08 27.00
C GLN H 373 33.26 43.25 27.52
N ILE H 374 34.48 43.37 27.04
CA ILE H 374 35.34 44.47 27.46
C ILE H 374 35.66 45.40 26.29
N SER H 375 35.29 46.67 26.39
CA SER H 375 35.67 47.60 25.34
C SER H 375 37.12 48.03 25.50
N VAL H 376 37.66 48.62 24.43
CA VAL H 376 39.03 49.11 24.47
C VAL H 376 39.16 50.31 25.42
N TYR H 377 38.13 51.15 25.50
CA TYR H 377 38.18 52.40 26.26
C TYR H 377 37.66 52.22 27.68
N TYR H 378 38.21 51.25 28.41
CA TYR H 378 37.83 51.01 29.79
C TYR H 378 38.95 50.21 30.46
N ASP H 379 38.69 49.77 31.69
CA ASP H 379 39.67 48.96 32.38
C ASP H 379 39.52 47.50 31.96
N PRO H 380 40.60 46.86 31.50
CA PRO H 380 40.54 45.45 31.10
C PRO H 380 40.54 44.45 32.25
N LEU H 381 40.31 44.88 33.49
CA LEU H 381 40.27 43.97 34.61
C LEU H 381 39.08 43.01 34.49
N ILE H 382 39.32 41.75 34.81
CA ILE H 382 38.26 40.74 34.77
C ILE H 382 37.70 40.52 36.17
N CYS H 383 38.54 40.06 37.09
CA CYS H 383 38.11 39.72 38.43
C CYS H 383 39.17 40.10 39.43
N LYS H 384 38.75 40.25 40.68
CA LYS H 384 39.63 40.60 41.79
C LYS H 384 39.57 39.46 42.80
N LEU H 385 40.40 38.44 42.57
CA LEU H 385 40.34 37.23 43.37
C LEU H 385 41.11 37.40 44.67
N SER H 386 40.41 37.23 45.79
CA SER H 386 41.01 37.35 47.12
C SER H 386 40.59 36.16 47.97
N THR H 387 41.56 35.55 48.65
CA THR H 387 41.28 34.36 49.44
C THR H 387 41.69 34.56 50.89
N TRP H 388 40.84 34.15 51.81
CA TRP H 388 41.15 34.29 53.23
C TRP H 388 42.17 33.25 53.66
N GLY H 389 42.92 33.55 54.71
CA GLY H 389 43.89 32.60 55.22
C GLY H 389 44.35 32.98 56.60
N ARG H 390 45.21 32.16 57.19
CA ARG H 390 45.76 32.47 58.49
C ARG H 390 47.25 32.23 58.41
N ASP H 391 47.64 31.27 57.58
CA ASP H 391 49.06 30.99 57.40
C ASP H 391 49.43 31.23 55.95
N ARG H 392 50.70 31.55 55.71
CA ARG H 392 51.14 31.75 54.35
C ARG H 392 50.85 30.51 53.54
N ALA H 393 51.30 29.36 54.03
CA ALA H 393 51.09 28.12 53.31
C ALA H 393 49.61 27.85 53.09
N GLU H 394 48.82 28.01 54.14
CA GLU H 394 47.39 27.75 54.02
C GLU H 394 46.74 28.70 53.03
N CYS H 395 47.00 29.98 53.18
CA CYS H 395 46.37 30.98 52.30
C CYS H 395 46.83 30.82 50.87
N ILE H 396 48.10 30.52 50.66
CA ILE H 396 48.64 30.38 49.31
C ILE H 396 48.09 29.16 48.62
N GLY H 397 48.20 28.00 49.26
CA GLY H 397 47.65 26.79 48.69
C GLY H 397 46.24 27.03 48.21
N ARG H 398 45.45 27.74 49.00
CA ARG H 398 44.09 28.03 48.61
C ARG H 398 44.08 28.75 47.29
N MET H 399 44.91 29.78 47.16
CA MET H 399 45.00 30.53 45.92
C MET H 399 45.40 29.60 44.80
N GLU H 400 46.44 28.80 45.02
CA GLU H 400 46.88 27.85 44.02
C GLU H 400 45.69 27.06 43.52
N LYS H 401 44.97 26.43 44.44
CA LYS H 401 43.82 25.62 44.05
C LYS H 401 42.76 26.48 43.36
N ALA H 402 42.50 27.69 43.89
CA ALA H 402 41.42 28.51 43.36
C ALA H 402 41.76 29.07 41.98
N LEU H 403 43.04 29.19 41.64
CA LEU H 403 43.39 29.66 40.30
C LEU H 403 42.96 28.66 39.23
N ASP H 404 43.17 27.37 39.49
CA ASP H 404 42.90 26.33 38.50
C ASP H 404 41.41 26.11 38.25
N GLU H 405 40.54 26.51 39.17
CA GLU H 405 39.11 26.29 39.02
C GLU H 405 38.41 27.47 38.36
N TYR H 406 39.15 28.50 37.95
CA TYR H 406 38.56 29.67 37.31
C TYR H 406 38.49 29.39 35.82
N VAL H 407 37.30 29.04 35.34
CA VAL H 407 37.11 28.76 33.91
C VAL H 407 36.83 30.08 33.19
N ILE H 408 37.74 30.46 32.29
CA ILE H 408 37.57 31.63 31.45
C ILE H 408 37.71 31.18 30.00
N ARG H 409 36.69 31.45 29.19
CA ARG H 409 36.72 31.11 27.77
C ARG H 409 36.21 32.28 26.96
N GLY H 410 36.86 32.54 25.83
CA GLY H 410 36.47 33.62 24.94
C GLY H 410 37.50 34.72 24.79
N LEU H 411 38.55 34.74 25.60
CA LEU H 411 39.59 35.76 25.55
C LEU H 411 40.73 35.33 26.45
N ARG H 412 41.90 35.94 26.21
CA ARG H 412 43.09 35.58 26.98
C ARG H 412 43.08 36.25 28.35
N HIS H 413 44.10 35.95 29.14
CA HIS H 413 44.25 36.48 30.48
C HIS H 413 45.67 36.22 30.95
N ASN H 414 45.96 36.65 32.18
CA ASN H 414 47.29 36.52 32.76
C ASN H 414 47.34 35.54 33.92
N ILE H 415 46.41 34.59 33.98
CA ILE H 415 46.35 33.66 35.10
C ILE H 415 47.62 32.81 35.16
N CYS H 416 48.24 32.52 34.01
CA CYS H 416 49.46 31.74 33.99
C CYS H 416 50.57 32.46 34.76
N LEU H 417 50.69 33.78 34.55
CA LEU H 417 51.70 34.55 35.26
C LEU H 417 51.47 34.53 36.76
N LEU H 418 50.21 34.70 37.19
CA LEU H 418 49.90 34.67 38.62
C LEU H 418 50.25 33.31 39.22
N ARG H 419 49.87 32.23 38.52
CA ARG H 419 50.17 30.88 38.98
C ARG H 419 51.68 30.67 39.12
N ASP H 420 52.45 31.05 38.09
CA ASP H 420 53.88 30.84 38.14
C ASP H 420 54.54 31.66 39.25
N VAL H 421 54.07 32.90 39.45
CA VAL H 421 54.63 33.74 40.49
C VAL H 421 54.35 33.14 41.87
N VAL H 422 53.12 32.67 42.09
CA VAL H 422 52.77 32.12 43.39
C VAL H 422 53.54 30.83 43.66
N THR H 423 53.69 29.98 42.64
CA THR H 423 54.33 28.69 42.84
C THR H 423 55.84 28.80 43.00
N GLU H 424 56.44 29.94 42.68
CA GLU H 424 57.88 30.07 42.73
C GLU H 424 58.37 29.94 44.16
N PRO H 425 59.44 29.16 44.41
CA PRO H 425 59.95 29.05 45.78
C PRO H 425 60.49 30.35 46.34
N ARG H 426 60.90 31.27 45.47
CA ARG H 426 61.34 32.59 45.94
C ARG H 426 60.19 33.33 46.61
N TYR H 427 58.99 33.24 46.05
CA TYR H 427 57.84 33.91 46.63
C TYR H 427 57.44 33.27 47.96
N ARG H 428 57.57 31.94 48.06
CA ARG H 428 57.26 31.25 49.29
C ARG H 428 58.39 31.31 50.32
N SER H 429 59.54 31.86 49.93
CA SER H 429 60.65 32.01 50.90
C SER H 429 60.23 32.90 52.06
N GLY H 430 59.49 33.96 51.77
CA GLY H 430 58.98 34.83 52.82
C GLY H 430 59.08 36.30 52.49
N SER H 431 60.14 36.71 51.79
CA SER H 431 60.38 38.12 51.49
C SER H 431 60.60 38.29 49.99
N ILE H 432 60.21 39.47 49.48
CA ILE H 432 60.32 39.83 48.08
C ILE H 432 60.76 41.29 47.99
N THR H 433 60.86 41.80 46.77
CA THR H 433 61.21 43.20 46.52
C THR H 433 60.28 43.77 45.47
N THR H 434 60.45 45.07 45.17
CA THR H 434 59.64 45.71 44.15
C THR H 434 60.18 45.48 42.74
N ASN H 435 61.48 45.20 42.60
CA ASN H 435 62.05 44.81 41.32
C ASN H 435 61.99 43.30 41.11
N TYR H 436 61.09 42.62 41.81
CA TYR H 436 61.03 41.16 41.80
C TYR H 436 60.72 40.61 40.41
N LEU H 437 59.76 41.22 39.73
CA LEU H 437 59.26 40.66 38.48
C LEU H 437 60.35 40.60 37.41
N GLN H 438 60.83 41.78 36.99
CA GLN H 438 61.84 41.79 35.93
C GLN H 438 63.13 41.10 36.37
N GLU H 439 63.39 41.06 37.67
CA GLU H 439 64.52 40.28 38.17
C GLU H 439 64.34 38.80 37.87
N GLN H 440 63.11 38.28 38.05
CA GLN H 440 62.84 36.88 37.77
C GLN H 440 62.34 36.63 36.35
N TYR H 441 62.07 37.68 35.57
CA TYR H 441 61.69 37.54 34.16
C TYR H 441 62.55 38.48 33.33
N PRO H 442 63.79 38.09 33.04
CA PRO H 442 64.67 38.99 32.25
C PRO H 442 64.21 39.18 30.82
N ASN H 443 63.98 38.09 30.09
CA ASN H 443 63.63 38.15 28.68
C ASN H 443 62.18 37.73 28.52
N GLY H 444 61.29 38.70 28.28
CA GLY H 444 59.88 38.40 28.08
C GLY H 444 59.28 37.68 29.28
N PHE H 445 58.47 36.67 29.00
CA PHE H 445 57.93 35.80 30.03
C PHE H 445 57.95 34.37 29.54
N LYS H 446 58.37 33.45 30.41
CA LYS H 446 58.40 32.03 30.06
C LYS H 446 57.91 31.24 31.27
N LYS H 447 56.78 30.55 31.11
CA LYS H 447 56.20 29.78 32.19
C LYS H 447 57.08 28.60 32.56
N ALA H 448 57.16 28.31 33.85
CA ALA H 448 57.92 27.17 34.32
C ALA H 448 57.29 25.86 33.85
N GLU H 449 58.13 24.83 33.76
CA GLU H 449 57.76 23.56 33.16
C GLU H 449 57.21 22.60 34.21
N LEU H 450 57.05 21.33 33.85
CA LEU H 450 56.47 20.31 34.71
C LEU H 450 57.53 19.30 35.12
N THR H 451 57.40 18.79 36.34
CA THR H 451 58.25 17.71 36.80
C THR H 451 57.73 16.37 36.27
N ALA H 452 58.52 15.32 36.48
CA ALA H 452 58.17 14.02 35.93
C ALA H 452 56.86 13.50 36.49
N GLU H 453 56.66 13.61 37.80
CA GLU H 453 55.46 13.04 38.42
C GLU H 453 54.21 13.81 38.00
N GLU H 454 54.32 15.13 37.84
CA GLU H 454 53.18 15.91 37.37
C GLU H 454 52.78 15.49 35.96
N MET H 455 53.76 15.30 35.08
CA MET H 455 53.45 14.87 33.72
C MET H 455 52.87 13.47 33.70
N GLN H 456 53.38 12.58 34.55
CA GLN H 456 52.80 11.24 34.67
C GLN H 456 51.34 11.33 35.11
N LEU H 457 51.04 12.15 36.13
CA LEU H 457 49.68 12.28 36.59
C LEU H 457 48.78 12.83 35.49
N MET H 458 49.27 13.80 34.72
CA MET H 458 48.50 14.32 33.60
C MET H 458 48.20 13.23 32.59
N TYR H 459 49.20 12.38 32.30
CA TYR H 459 48.96 11.24 31.41
C TYR H 459 47.86 10.34 31.96
N GLU H 460 47.92 10.02 33.25
CA GLU H 460 46.96 9.10 33.82
C GLU H 460 45.55 9.67 33.74
N VAL H 461 45.40 10.95 34.06
CA VAL H 461 44.10 11.60 34.01
C VAL H 461 43.58 11.66 32.57
N ALA H 462 44.48 11.91 31.61
CA ALA H 462 44.05 11.94 30.22
C ALA H 462 43.53 10.57 29.77
N ALA H 463 44.22 9.50 30.17
CA ALA H 463 43.76 8.17 29.82
C ALA H 463 42.40 7.87 30.43
N CYS H 464 42.22 8.23 31.70
CA CYS H 464 40.93 8.01 32.36
C CYS H 464 39.81 8.76 31.64
N VAL H 465 40.06 10.02 31.28
CA VAL H 465 39.06 10.83 30.60
C VAL H 465 38.73 10.21 29.24
N HIS H 466 39.75 9.76 28.52
CA HIS H 466 39.52 9.14 27.22
C HIS H 466 38.61 7.92 27.35
N LEU H 467 38.89 7.06 28.32
CA LEU H 467 38.07 5.87 28.48
C LEU H 467 36.65 6.23 28.88
N LYS H 468 36.48 7.19 29.79
CA LYS H 468 35.14 7.55 30.24
C LYS H 468 34.31 8.11 29.09
N ARG H 469 34.91 8.97 28.26
CA ARG H 469 34.15 9.52 27.14
C ARG H 469 33.94 8.48 26.05
N GLU H 470 34.83 7.50 25.94
CA GLU H 470 34.64 6.42 24.98
C GLU H 470 33.45 5.56 25.34
N ARG H 471 33.30 5.20 26.62
CA ARG H 471 32.21 4.33 27.02
C ARG H 471 30.84 4.94 26.78
N LEU H 472 30.76 6.27 26.66
CA LEU H 472 29.47 6.92 26.46
C LEU H 472 28.85 6.55 25.11
N HIS H 473 29.68 6.44 24.08
CA HIS H 473 29.14 6.27 22.72
C HIS H 473 28.62 4.86 22.47
N TYR H 474 29.09 3.87 23.22
CA TYR H 474 28.66 2.50 22.99
C TYR H 474 27.20 2.31 23.37
N THR H 475 26.58 1.30 22.78
CA THR H 475 25.15 1.05 22.94
C THR H 475 24.91 -0.09 23.92
N GLN H 476 24.09 0.17 24.93
CA GLN H 476 23.62 -0.83 25.91
C GLN H 476 24.82 -1.44 26.61
N GLY H 477 24.88 -2.77 26.78
CA GLY H 477 25.96 -3.41 27.49
C GLY H 477 27.12 -3.87 26.65
N THR H 478 27.12 -3.56 25.35
CA THR H 478 28.21 -3.96 24.47
C THR H 478 29.36 -2.97 24.55
N ALA H 479 29.89 -2.75 25.76
CA ALA H 479 30.92 -1.75 25.97
C ALA H 479 32.16 -2.35 26.61
N PRO H 480 33.34 -1.81 26.32
CA PRO H 480 34.57 -2.35 26.90
C PRO H 480 34.83 -1.78 28.28
N SER H 481 35.83 -2.35 28.95
CA SER H 481 36.23 -1.88 30.26
C SER H 481 37.73 -1.81 30.48
N GLU H 482 38.55 -2.21 29.51
CA GLU H 482 39.99 -2.16 29.71
C GLU H 482 40.68 -1.98 28.37
N ARG H 483 41.74 -1.18 28.36
CA ARG H 483 42.53 -0.91 27.17
C ARG H 483 43.99 -0.80 27.58
N GLN H 484 44.86 -0.62 26.58
CA GLN H 484 46.27 -0.31 26.80
C GLN H 484 46.62 0.83 25.86
N LEU H 485 46.83 2.02 26.43
CA LEU H 485 47.06 3.21 25.64
C LEU H 485 48.54 3.58 25.66
N TYR H 486 48.95 4.38 24.68
CA TYR H 486 50.34 4.82 24.51
C TYR H 486 50.35 6.34 24.42
N LEU H 487 50.56 7.00 25.54
CA LEU H 487 50.51 8.46 25.57
C LEU H 487 51.88 9.07 25.28
N SER H 488 51.87 10.16 24.51
CA SER H 488 53.11 10.83 24.12
C SER H 488 52.76 12.25 23.68
N VAL H 489 53.21 13.25 24.45
CA VAL H 489 52.97 14.64 24.08
C VAL H 489 54.01 15.07 23.05
N GLY H 490 53.63 16.04 22.22
CA GLY H 490 54.53 16.52 21.18
C GLY H 490 54.27 15.88 19.84
N ALA H 491 54.65 16.58 18.78
CA ALA H 491 54.43 16.10 17.42
C ALA H 491 55.34 14.93 17.05
N GLY H 492 56.40 14.69 17.82
CA GLY H 492 57.31 13.60 17.55
C GLY H 492 57.20 12.42 18.49
N GLN H 493 56.16 12.37 19.32
CA GLN H 493 55.95 11.29 20.29
C GLN H 493 57.14 11.19 21.25
N GLU H 494 57.37 12.28 21.99
CA GLU H 494 58.46 12.33 22.95
C GLU H 494 58.05 11.61 24.23
N GLY H 495 58.74 10.52 24.53
CA GLY H 495 58.49 9.77 25.75
C GLY H 495 57.21 8.95 25.71
N GLU H 496 57.18 7.93 24.86
CA GLU H 496 56.04 7.03 24.81
C GLU H 496 55.88 6.31 26.15
N THR H 497 54.77 6.56 26.82
CA THR H 497 54.51 5.95 28.12
C THR H 497 53.30 5.03 28.03
N PRO H 498 53.50 3.71 28.03
CA PRO H 498 52.35 2.80 28.04
C PRO H 498 51.51 2.99 29.30
N VAL H 499 50.20 2.93 29.13
CA VAL H 499 49.24 3.13 30.23
C VAL H 499 48.12 2.11 30.08
N TYR H 500 47.61 1.64 31.21
CA TYR H 500 46.44 0.77 31.29
C TYR H 500 45.28 1.53 31.91
N VAL H 501 44.11 0.89 31.94
CA VAL H 501 42.93 1.46 32.57
C VAL H 501 41.91 0.34 32.72
N ARG H 502 41.10 0.41 33.78
CA ARG H 502 40.20 -0.70 34.09
C ARG H 502 38.76 -0.30 34.34
N TYR H 503 38.52 0.92 34.82
CA TYR H 503 37.15 1.43 35.04
C TYR H 503 36.33 0.46 35.89
N LEU H 504 36.75 0.32 37.15
CA LEU H 504 36.05 -0.62 38.03
C LEU H 504 34.68 -0.11 38.44
N ASP H 505 34.50 1.20 38.56
CA ASP H 505 33.21 1.82 38.88
C ASP H 505 33.02 3.04 37.99
N ASP H 506 32.04 3.88 38.34
CA ASP H 506 31.72 5.05 37.53
C ASP H 506 32.81 6.10 37.60
N SER H 507 33.47 6.24 38.74
CA SER H 507 34.51 7.24 38.92
C SER H 507 35.73 6.64 39.61
N HIS H 508 36.06 5.40 39.26
CA HIS H 508 37.22 4.73 39.82
C HIS H 508 37.87 3.89 38.74
N PHE H 509 39.19 3.94 38.67
CA PHE H 509 39.97 3.20 37.69
C PHE H 509 41.07 2.42 38.41
N GLU H 510 41.82 1.62 37.66
CA GLU H 510 42.89 0.80 38.18
C GLU H 510 44.16 1.00 37.37
N ILE H 511 44.55 2.27 37.22
CA ILE H 511 45.66 2.62 36.36
C ILE H 511 46.91 1.86 36.76
N GLY H 512 47.65 1.38 35.76
CA GLY H 512 48.91 0.70 35.96
C GLY H 512 49.80 0.91 34.77
N ALA H 513 51.02 0.36 34.85
CA ALA H 513 51.97 0.48 33.75
C ALA H 513 51.44 -0.23 32.50
N SER H 514 51.04 -1.48 32.66
CA SER H 514 50.49 -2.28 31.56
C SER H 514 49.70 -3.42 32.19
N LYS H 515 49.37 -4.42 31.38
CA LYS H 515 48.83 -5.65 31.93
C LYS H 515 49.88 -6.32 32.80
N HIS H 516 49.40 -7.13 33.76
CA HIS H 516 50.23 -7.76 34.78
C HIS H 516 51.24 -6.79 35.37
N GLY H 517 50.74 -5.63 35.78
CA GLY H 517 51.52 -4.66 36.51
C GLY H 517 50.73 -4.13 37.69
N PRO H 518 51.42 -3.75 38.77
CA PRO H 518 50.71 -3.30 39.97
C PRO H 518 49.83 -2.09 39.68
N PHE H 519 48.67 -2.07 40.34
CA PHE H 519 47.65 -1.06 40.09
C PHE H 519 47.47 -0.18 41.32
N ARG H 520 47.03 1.06 41.09
CA ARG H 520 47.00 2.08 42.14
C ARG H 520 45.60 2.49 42.58
N LYS H 521 44.60 2.40 41.71
CA LYS H 521 43.21 2.74 42.02
C LYS H 521 43.07 4.21 42.43
N MET H 522 43.30 5.10 41.46
CA MET H 522 43.06 6.51 41.65
C MET H 522 41.57 6.80 41.48
N GLU H 523 41.21 8.09 41.39
CA GLU H 523 39.82 8.51 41.21
C GLU H 523 39.78 9.77 40.37
N VAL H 524 38.83 9.83 39.44
CA VAL H 524 38.60 10.99 38.60
C VAL H 524 37.09 11.26 38.56
N VAL H 525 36.69 12.51 38.76
CA VAL H 525 35.28 12.87 38.70
C VAL H 525 35.08 13.99 37.67
N TRP H 526 34.56 13.65 36.49
CA TRP H 526 34.38 14.65 35.44
C TRP H 526 33.09 14.48 34.65
N LYS H 527 32.32 15.56 34.49
CA LYS H 527 31.11 15.50 33.69
C LYS H 527 31.46 15.59 32.22
N ALA H 528 30.84 14.75 31.39
CA ALA H 528 31.20 14.71 29.97
C ALA H 528 31.15 16.08 29.30
N SER H 529 32.19 16.41 28.54
CA SER H 529 32.23 17.68 27.81
C SER H 529 32.19 18.90 28.72
N TYR H 530 32.81 18.81 29.89
CA TYR H 530 32.86 19.95 30.81
C TYR H 530 34.30 20.31 31.14
N PRO H 531 34.52 21.49 31.72
CA PRO H 531 35.90 21.91 31.95
C PRO H 531 36.56 21.26 33.17
N ILE H 532 35.92 21.38 34.34
CA ILE H 532 36.59 21.02 35.59
C ILE H 532 36.74 19.50 35.67
N ILE H 533 37.92 19.06 36.13
CA ILE H 533 38.20 17.63 36.32
C ILE H 533 38.92 17.35 37.66
N ARG H 534 38.22 16.97 38.72
CA ARG H 534 38.85 16.74 40.04
C ARG H 534 39.42 15.33 40.25
N VAL H 535 40.74 15.25 40.46
CA VAL H 535 41.39 13.94 40.59
C VAL H 535 42.18 13.86 41.89
N LYS H 536 41.98 12.79 42.65
CA LYS H 536 42.62 12.69 43.94
C LYS H 536 43.27 11.34 44.20
N ASP H 537 44.60 11.28 44.06
CA ASP H 537 45.29 10.04 44.37
C ASP H 537 45.79 10.14 45.80
N GLY H 538 45.38 9.20 46.65
CA GLY H 538 45.76 9.27 48.04
C GLY H 538 45.34 10.62 48.61
N GLU H 539 46.29 11.35 49.18
CA GLU H 539 45.98 12.65 49.76
C GLU H 539 46.05 13.74 48.70
N ALA H 540 47.08 13.68 47.86
CA ALA H 540 47.24 14.68 46.81
C ALA H 540 45.96 14.92 46.03
N GLU H 541 45.66 16.19 45.72
CA GLU H 541 44.48 16.51 44.93
C GLU H 541 44.86 17.47 43.83
N THR H 542 44.30 17.27 42.63
CA THR H 542 44.64 18.12 41.51
C THR H 542 43.38 18.51 40.75
N VAL H 543 43.42 19.63 40.05
CA VAL H 543 42.27 20.04 39.27
C VAL H 543 42.83 20.41 37.95
N LEU H 544 42.37 19.76 36.93
CA LEU H 544 42.77 20.04 35.56
C LEU H 544 41.53 20.44 34.76
N GLN H 545 41.75 20.91 33.54
CA GLN H 545 40.68 21.37 32.68
C GLN H 545 40.74 20.68 31.33
N PHE H 546 39.58 20.54 30.70
CA PHE H 546 39.42 19.83 29.43
C PHE H 546 38.92 20.82 28.39
N TRP H 547 39.78 21.18 27.43
CA TRP H 547 39.40 22.16 26.43
C TRP H 547 38.62 21.51 25.28
N GLY H 548 39.25 20.57 24.58
CA GLY H 548 38.62 19.95 23.43
C GLY H 548 39.51 18.85 22.88
N THR H 549 39.05 18.26 21.78
CA THR H 549 39.74 17.12 21.20
C THR H 549 39.32 16.94 19.76
N ASN H 550 40.13 16.18 19.02
CA ASN H 550 39.81 15.73 17.67
C ASN H 550 39.90 14.22 17.55
N GLU H 551 39.79 13.53 18.68
CA GLU H 551 39.71 12.08 18.87
C GLU H 551 41.07 11.40 18.76
N VAL H 552 42.15 12.11 18.48
CA VAL H 552 43.50 11.55 18.57
C VAL H 552 44.32 12.42 19.49
N THR H 553 43.95 13.68 19.60
CA THR H 553 44.68 14.65 20.41
C THR H 553 43.72 15.29 21.40
N TYR H 554 44.15 15.39 22.66
CA TYR H 554 43.32 15.94 23.73
C TYR H 554 43.89 17.27 24.19
N GLY H 555 43.04 18.29 24.23
CA GLY H 555 43.45 19.58 24.74
C GLY H 555 43.16 19.72 26.22
N MET H 556 44.17 19.47 27.05
CA MET H 556 44.00 19.48 28.49
C MET H 556 44.91 20.53 29.11
N GLN H 557 44.41 21.16 30.17
CA GLN H 557 45.11 22.24 30.86
C GLN H 557 45.71 21.71 32.15
N MET H 558 46.99 22.00 32.39
CA MET H 558 47.70 21.58 33.59
C MET H 558 48.44 22.79 34.16
N ARG H 559 48.09 23.17 35.38
CA ARG H 559 48.71 24.30 36.08
C ARG H 559 48.58 25.60 35.27
N GLY H 560 47.37 25.82 34.76
CA GLY H 560 47.08 27.01 33.98
C GLY H 560 47.88 27.13 32.71
N THR H 561 48.03 26.01 31.99
CA THR H 561 48.79 25.99 30.75
C THR H 561 48.18 24.94 29.84
N THR H 562 48.12 25.24 28.56
CA THR H 562 47.51 24.35 27.58
C THR H 562 48.54 23.37 27.02
N PHE H 563 48.12 22.12 26.89
CA PHE H 563 48.93 21.08 26.27
C PHE H 563 48.04 20.30 25.32
N ASP H 564 48.66 19.44 24.52
CA ASP H 564 47.95 18.56 23.60
C ASP H 564 48.55 17.15 23.73
N VAL H 565 47.95 16.34 24.60
CA VAL H 565 48.38 14.97 24.80
C VAL H 565 47.78 14.09 23.72
N ASN H 566 48.56 13.12 23.25
CA ASN H 566 48.11 12.16 22.26
C ASN H 566 47.81 10.83 22.95
N VAL H 567 46.59 10.33 22.75
CA VAL H 567 46.14 9.09 23.35
C VAL H 567 45.78 8.15 22.21
N MET H 568 46.63 7.15 21.96
CA MET H 568 46.46 6.25 20.84
C MET H 568 46.85 4.84 21.25
N SER H 569 46.31 3.86 20.54
CA SER H 569 46.50 2.46 20.87
C SER H 569 47.79 1.94 20.25
N ASP H 570 47.96 0.61 20.24
CA ASP H 570 49.17 0.01 19.67
C ASP H 570 49.25 0.27 18.17
N LEU H 571 48.15 0.00 17.45
CA LEU H 571 48.16 0.17 16.00
C LEU H 571 48.40 1.62 15.61
N GLN H 572 47.69 2.55 16.25
CA GLN H 572 47.86 3.96 15.93
C GLN H 572 49.27 4.43 16.25
N SER H 573 49.85 3.97 17.36
CA SER H 573 51.21 4.36 17.70
C SER H 573 52.21 3.83 16.67
N THR H 574 52.09 2.55 16.32
CA THR H 574 53.02 1.97 15.37
C THR H 574 52.84 2.52 13.95
N LEU H 575 51.66 3.09 13.66
CA LEU H 575 51.41 3.61 12.32
C LEU H 575 51.65 5.11 12.21
N ALA H 576 51.64 5.86 13.32
CA ALA H 576 51.83 7.29 13.24
C ALA H 576 53.24 7.69 12.86
N HIS H 577 54.19 6.75 12.91
CA HIS H 577 55.53 7.03 12.40
C HIS H 577 55.49 7.22 10.89
N PHE H 578 54.70 6.41 10.19
CA PHE H 578 54.66 6.41 8.73
C PHE H 578 53.56 7.34 8.21
N VAL H 579 53.62 8.61 8.59
CA VAL H 579 52.61 9.60 8.22
C VAL H 579 53.33 10.86 7.79
N PRO H 580 53.03 11.43 6.62
CA PRO H 580 53.68 12.68 6.22
C PRO H 580 53.33 13.81 7.16
N ILE H 581 54.31 14.68 7.42
CA ILE H 581 54.11 15.88 8.22
C ILE H 581 54.53 17.05 7.34
N THR H 582 53.56 17.61 6.62
CA THR H 582 53.84 18.76 5.76
C THR H 582 54.00 20.03 6.60
N GLU H 583 54.71 20.99 6.05
CA GLU H 583 54.91 22.28 6.69
C GLU H 583 54.08 23.34 5.99
N ALA H 584 53.29 24.08 6.77
CA ALA H 584 52.41 25.09 6.19
C ALA H 584 53.20 26.27 5.66
N THR H 585 52.59 26.98 4.72
CA THR H 585 53.26 28.12 4.09
C THR H 585 53.55 29.21 5.11
N THR H 586 54.81 29.66 5.13
CA THR H 586 55.23 30.75 6.00
C THR H 586 55.51 31.94 5.09
N ASN H 587 54.46 32.71 4.79
CA ASN H 587 54.54 33.82 3.85
C ASN H 587 54.37 35.13 4.61
N THR H 588 55.40 35.98 4.54
CA THR H 588 55.34 37.34 5.06
C THR H 588 55.28 38.27 3.85
N LYS H 589 54.06 38.53 3.38
CA LYS H 589 53.87 39.34 2.19
C LYS H 589 52.54 40.08 2.31
N GLN H 590 52.17 40.74 1.22
CA GLN H 590 51.01 41.63 1.19
C GLN H 590 49.71 40.88 1.49
N ILE H 591 48.79 41.56 2.17
CA ILE H 591 47.48 41.01 2.51
C ILE H 591 46.45 41.68 1.62
N LEU H 592 45.52 40.88 1.10
CA LEU H 592 44.51 41.34 0.16
C LEU H 592 43.12 41.25 0.79
N SER H 593 42.20 42.06 0.29
CA SER H 593 40.84 42.07 0.79
C SER H 593 40.05 40.91 0.17
N PRO H 594 39.45 40.03 0.96
CA PRO H 594 38.77 38.87 0.38
C PRO H 594 37.63 39.22 -0.58
N MET H 595 36.89 40.28 -0.31
CA MET H 595 35.70 40.62 -1.05
C MET H 595 35.65 42.11 -1.36
N PRO H 596 34.91 42.51 -2.39
CA PRO H 596 34.74 43.94 -2.66
C PRO H 596 33.97 44.64 -1.56
N GLY H 597 34.16 45.96 -1.49
CA GLY H 597 33.51 46.75 -0.47
C GLY H 597 34.02 48.19 -0.50
N VAL H 598 33.90 48.84 0.66
CA VAL H 598 34.35 50.22 0.84
C VAL H 598 35.10 50.30 2.17
N ILE H 599 36.22 51.01 2.16
CA ILE H 599 37.02 51.21 3.37
C ILE H 599 36.55 52.51 4.01
N VAL H 600 36.03 52.42 5.23
CA VAL H 600 35.52 53.59 5.93
C VAL H 600 36.42 53.98 7.09
N ALA H 601 37.06 53.00 7.73
CA ALA H 601 37.94 53.27 8.86
C ALA H 601 39.22 52.47 8.74
N ILE H 602 40.33 53.09 9.12
CA ILE H 602 41.63 52.45 9.17
C ILE H 602 42.15 52.56 10.60
N LYS H 603 42.97 51.58 11.01
CA LYS H 603 43.50 51.52 12.36
C LYS H 603 45.01 51.67 12.40
N VAL H 604 45.74 50.99 11.53
CA VAL H 604 47.20 51.04 11.56
C VAL H 604 47.70 52.11 10.58
N GLN H 605 48.98 52.54 10.80
CA GLN H 605 49.75 53.59 10.12
C GLN H 605 50.73 52.98 9.11
N PRO H 606 51.11 53.71 8.07
CA PRO H 606 51.93 53.11 7.00
C PRO H 606 53.38 52.93 7.42
N GLY H 607 53.87 51.71 7.27
CA GLY H 607 55.26 51.41 7.56
C GLY H 607 55.65 51.48 9.02
N GLN H 608 54.82 50.95 9.92
CA GLN H 608 55.19 50.82 11.32
C GLN H 608 54.94 49.41 11.83
N MET H 609 55.08 49.21 13.13
CA MET H 609 54.98 47.89 13.72
C MET H 609 53.55 47.37 13.69
N VAL H 610 53.42 46.06 13.54
CA VAL H 610 52.13 45.37 13.58
C VAL H 610 52.34 44.07 14.36
N VAL H 611 51.34 43.73 15.18
CA VAL H 611 51.37 42.53 16.00
C VAL H 611 50.13 41.70 15.71
N ALA H 612 50.22 40.41 16.03
CA ALA H 612 49.13 39.48 15.77
C ALA H 612 47.86 39.90 16.47
N GLY H 613 46.72 39.72 15.81
CA GLY H 613 45.43 40.03 16.38
C GLY H 613 45.06 41.50 16.39
N GLU H 614 45.81 42.36 15.70
CA GLU H 614 45.49 43.78 15.68
C GLU H 614 44.59 44.08 14.50
N GLU H 615 43.48 44.78 14.75
CA GLU H 615 42.62 45.18 13.66
C GLU H 615 43.39 46.16 12.79
N LEU H 616 43.16 46.11 11.48
CA LEU H 616 43.90 47.00 10.57
C LEU H 616 42.99 48.01 9.90
N LEU H 617 41.84 47.57 9.43
CA LEU H 617 40.90 48.47 8.76
C LEU H 617 39.51 47.85 8.69
N THR H 618 38.53 48.60 8.21
CA THR H 618 37.17 48.09 8.16
C THR H 618 36.42 48.41 6.87
N LEU H 619 36.15 47.38 6.07
CA LEU H 619 35.36 47.59 4.88
C LEU H 619 33.89 47.55 5.18
N GLU H 620 33.07 48.30 4.46
CA GLU H 620 31.63 48.25 4.63
C GLU H 620 30.99 47.85 3.31
N ALA H 621 30.23 46.76 3.31
CA ALA H 621 29.61 46.26 2.08
C ALA H 621 28.18 45.84 2.28
N MET H 622 27.30 46.26 1.37
CA MET H 622 25.91 45.90 1.49
C MET H 622 25.45 46.11 2.92
N LYS H 623 25.74 47.28 3.48
CA LYS H 623 25.31 47.59 4.84
C LYS H 623 25.91 46.65 5.88
N MET H 624 27.23 46.60 5.97
CA MET H 624 27.89 45.73 6.94
C MET H 624 29.38 46.04 7.03
N ARG H 625 29.84 46.39 8.22
CA ARG H 625 31.25 46.69 8.40
C ARG H 625 32.00 45.46 8.89
N ASN H 626 32.94 44.98 8.10
CA ASN H 626 33.76 43.86 8.52
C ASN H 626 34.98 44.43 9.20
N LYS H 627 35.99 43.61 9.45
CA LYS H 627 37.23 44.10 10.04
C LYS H 627 38.35 43.10 9.89
N ILE H 628 39.05 43.15 8.77
CA ILE H 628 40.18 42.26 8.56
C ILE H 628 41.38 42.68 9.39
N HIS H 629 41.96 41.76 10.15
CA HIS H 629 43.06 42.12 11.03
C HIS H 629 44.37 41.52 10.58
N ALA H 630 45.41 41.67 11.40
CA ALA H 630 46.71 41.09 11.08
C ALA H 630 46.86 39.76 11.80
N GLN H 631 46.86 38.67 11.05
CA GLN H 631 46.95 37.36 11.66
C GLN H 631 48.23 37.21 12.49
N ALA H 632 49.37 37.48 11.87
CA ALA H 632 50.65 37.39 12.57
C ALA H 632 51.78 37.99 11.77
N ASP H 633 52.54 38.91 12.38
CA ASP H 633 53.68 39.53 11.71
C ASP H 633 54.36 40.49 12.66
N GLY H 634 55.51 41.03 12.27
CA GLY H 634 56.20 41.99 13.10
C GLY H 634 56.04 43.41 12.60
N LYS H 635 56.22 43.61 11.29
CA LYS H 635 56.13 44.96 10.73
C LYS H 635 55.55 44.97 9.32
N VAL H 636 55.45 46.15 8.73
CA VAL H 636 54.90 46.29 7.39
C VAL H 636 55.66 47.37 6.61
N LYS H 637 55.56 47.28 5.28
CA LYS H 637 56.10 48.30 4.37
C LYS H 637 55.15 48.36 3.19
N GLU H 638 54.44 49.49 3.04
CA GLU H 638 53.29 49.54 2.14
C GLU H 638 52.78 50.96 2.04
N VAL H 639 51.74 51.14 1.22
CA VAL H 639 51.06 52.42 1.03
C VAL H 639 49.58 52.22 1.32
N LYS H 640 49.04 53.03 2.22
CA LYS H 640 47.67 52.86 2.71
C LYS H 640 46.65 53.23 1.65
N VAL H 641 45.57 52.44 1.60
CA VAL H 641 44.43 52.79 0.77
C VAL H 641 43.59 53.83 1.50
N LYS H 642 43.32 54.94 0.83
CA LYS H 642 42.74 56.09 1.50
C LYS H 642 41.27 55.84 1.83
N LEU H 643 40.73 56.69 2.71
CA LEU H 643 39.36 56.56 3.16
C LEU H 643 38.39 56.74 2.00
N GLY H 644 37.33 55.92 1.98
CA GLY H 644 36.32 56.02 0.95
C GLY H 644 36.74 55.53 -0.41
N ALA H 645 37.76 54.67 -0.50
CA ALA H 645 38.22 54.15 -1.77
C ALA H 645 37.40 52.92 -2.14
N THR H 646 36.27 53.16 -2.79
CA THR H 646 35.34 52.10 -3.19
C THR H 646 35.88 51.34 -4.40
N VAL H 647 37.04 50.71 -4.20
CA VAL H 647 37.66 49.95 -5.27
C VAL H 647 37.71 48.46 -4.94
N GLU H 648 38.42 48.08 -3.87
CA GLU H 648 38.52 46.69 -3.40
C GLU H 648 38.79 45.77 -4.59
N ASP H 649 37.96 44.75 -4.82
CA ASP H 649 38.21 43.75 -5.86
C ASP H 649 39.55 43.05 -5.66
N ASN H 650 39.77 42.61 -4.42
CA ASN H 650 40.96 41.83 -4.04
C ASN H 650 42.24 42.59 -4.36
N GLU H 651 42.26 43.89 -4.06
CA GLU H 651 43.47 44.68 -4.20
C GLU H 651 44.38 44.49 -3.00
N VAL H 652 45.57 45.08 -3.08
CA VAL H 652 46.53 45.03 -1.99
C VAL H 652 46.33 46.21 -1.06
N LEU H 653 45.46 46.06 -0.07
CA LEU H 653 45.18 47.14 0.87
C LEU H 653 46.39 47.45 1.73
N VAL H 654 47.00 46.42 2.30
CA VAL H 654 48.21 46.54 3.11
C VAL H 654 49.22 45.51 2.63
N GLU H 655 50.48 45.93 2.51
CA GLU H 655 51.55 45.06 2.05
C GLU H 655 52.55 44.85 3.19
N LEU H 656 52.81 43.59 3.53
CA LEU H 656 53.64 43.25 4.66
C LEU H 656 55.05 42.90 4.17
N GLU H 657 56.03 43.69 4.59
CA GLU H 657 57.42 43.42 4.23
C GLU H 657 58.35 43.87 5.35
N VAL I 1 -25.94 -33.34 67.31
CA VAL I 1 -26.98 -32.52 67.93
C VAL I 1 -27.43 -31.42 66.98
N LEU I 2 -28.68 -31.00 67.13
CA LEU I 2 -29.28 -29.97 66.30
C LEU I 2 -29.57 -28.74 67.15
N VAL I 3 -29.27 -27.57 66.61
CA VAL I 3 -29.52 -26.33 67.34
C VAL I 3 -30.92 -25.80 67.07
N ALA I 4 -31.33 -24.80 67.83
CA ALA I 4 -32.66 -24.23 67.65
C ALA I 4 -32.62 -22.73 67.37
N ASN I 5 -31.43 -22.16 67.29
CA ASN I 5 -31.29 -20.72 67.04
C ASN I 5 -30.64 -20.45 65.69
N ARG I 6 -30.79 -19.23 65.19
CA ARG I 6 -30.19 -18.87 63.91
C ARG I 6 -29.32 -17.64 64.04
N GLY I 7 -28.76 -17.42 65.23
CA GLY I 7 -27.85 -16.31 65.41
C GLY I 7 -26.42 -16.72 65.66
N GLU I 8 -25.66 -15.82 66.26
CA GLU I 8 -24.25 -16.09 66.53
C GLU I 8 -24.09 -17.31 67.43
N ILE I 9 -25.05 -17.53 68.31
CA ILE I 9 -24.96 -18.66 69.23
C ILE I 9 -24.97 -19.97 68.46
N ALA I 10 -25.75 -20.04 67.39
CA ALA I 10 -25.80 -21.25 66.60
C ALA I 10 -24.40 -21.53 66.07
N CYS I 11 -23.75 -20.51 65.55
CA CYS I 11 -22.39 -20.67 65.05
C CYS I 11 -21.47 -21.09 66.18
N ARG I 12 -21.65 -20.49 67.34
CA ARG I 12 -20.82 -20.86 68.49
C ARG I 12 -20.96 -22.34 68.78
N VAL I 13 -22.18 -22.83 68.79
CA VAL I 13 -22.40 -24.24 69.09
C VAL I 13 -21.75 -25.13 68.05
N MET I 14 -21.99 -24.82 66.78
CA MET I 14 -21.39 -25.62 65.71
C MET I 14 -19.90 -25.40 65.68
N ALA I 15 -19.38 -24.62 66.63
CA ALA I 15 -17.95 -24.41 66.72
C ALA I 15 -17.38 -25.13 67.93
N THR I 16 -18.17 -25.20 69.00
CA THR I 16 -17.72 -25.92 70.19
C THR I 16 -17.58 -27.39 69.86
N CYS I 17 -18.41 -27.88 68.94
CA CYS I 17 -18.36 -29.28 68.54
C CYS I 17 -17.02 -29.62 67.89
N ARG I 18 -16.39 -28.63 67.27
CA ARG I 18 -15.09 -28.86 66.65
C ARG I 18 -14.18 -29.65 67.57
N ARG I 19 -13.89 -29.11 68.75
CA ARG I 19 -13.10 -29.86 69.72
C ARG I 19 -13.86 -31.08 70.28
N LEU I 20 -15.15 -30.92 70.53
CA LEU I 20 -15.93 -32.01 71.10
C LEU I 20 -16.19 -33.10 70.07
N GLY I 21 -15.71 -32.90 68.84
CA GLY I 21 -15.90 -33.90 67.80
C GLY I 21 -17.34 -34.33 67.68
N ILE I 22 -18.27 -33.38 67.65
CA ILE I 22 -19.68 -33.71 67.58
C ILE I 22 -20.31 -33.21 66.28
N LYS I 23 -20.74 -34.13 65.42
CA LYS I 23 -21.43 -33.70 64.22
C LYS I 23 -22.69 -32.91 64.57
N THR I 24 -22.92 -31.84 63.81
CA THR I 24 -23.97 -30.88 64.10
C THR I 24 -24.89 -30.73 62.90
N VAL I 25 -26.14 -30.37 63.20
CA VAL I 25 -27.16 -30.10 62.20
C VAL I 25 -27.75 -28.72 62.51
N ALA I 26 -28.08 -27.99 61.45
CA ALA I 26 -28.62 -26.64 61.61
C ALA I 26 -29.78 -26.44 60.66
N VAL I 27 -30.96 -26.12 61.19
CA VAL I 27 -32.11 -25.80 60.36
C VAL I 27 -32.11 -24.32 60.01
N TYR I 28 -32.95 -23.95 59.04
CA TYR I 28 -32.97 -22.60 58.52
C TYR I 28 -34.33 -22.32 57.90
N SER I 29 -34.61 -21.04 57.71
CA SER I 29 -35.77 -20.59 56.94
C SER I 29 -35.34 -20.24 55.52
N THR I 30 -36.33 -19.94 54.67
CA THR I 30 -36.05 -19.72 53.25
C THR I 30 -35.14 -18.50 53.03
N ALA I 31 -35.38 -17.42 53.77
CA ALA I 31 -34.56 -16.22 53.60
C ALA I 31 -33.12 -16.47 54.03
N ASP I 32 -32.89 -17.41 54.95
CA ASP I 32 -31.57 -17.65 55.50
C ASP I 32 -30.82 -18.76 54.78
N GLU I 33 -31.09 -18.96 53.48
CA GLU I 33 -30.37 -19.99 52.74
C GLU I 33 -28.88 -19.67 52.62
N GLN I 34 -28.51 -18.40 52.79
CA GLN I 34 -27.12 -17.97 52.64
C GLN I 34 -26.50 -17.52 53.97
N ALA I 35 -27.14 -17.82 55.09
CA ALA I 35 -26.54 -17.52 56.38
C ALA I 35 -25.32 -18.40 56.60
N LYS I 36 -24.38 -17.90 57.40
CA LYS I 36 -23.15 -18.65 57.62
C LYS I 36 -23.40 -19.96 58.35
N HIS I 37 -24.30 -19.96 59.33
CA HIS I 37 -24.53 -21.15 60.12
C HIS I 37 -25.06 -22.30 59.29
N VAL I 38 -25.62 -22.01 58.11
CA VAL I 38 -26.06 -23.06 57.21
C VAL I 38 -24.86 -23.81 56.63
N LYS I 39 -23.85 -23.05 56.19
CA LYS I 39 -22.67 -23.68 55.60
C LYS I 39 -21.71 -24.22 56.66
N VAL I 40 -21.77 -23.67 57.86
CA VAL I 40 -20.89 -24.14 58.92
C VAL I 40 -21.41 -25.47 59.42
N ALA I 41 -22.71 -25.69 59.27
CA ALA I 41 -23.32 -26.93 59.73
C ALA I 41 -22.97 -28.12 58.85
N ASP I 42 -23.16 -29.32 59.36
CA ASP I 42 -22.92 -30.51 58.58
C ASP I 42 -24.19 -30.85 57.82
N GLU I 43 -25.33 -30.54 58.43
CA GLU I 43 -26.61 -30.80 57.80
C GLU I 43 -27.54 -29.61 57.92
N SER I 44 -28.39 -29.40 56.91
CA SER I 44 -29.33 -28.29 56.95
C SER I 44 -30.70 -28.68 56.40
N VAL I 45 -31.76 -28.27 57.09
CA VAL I 45 -33.12 -28.60 56.65
C VAL I 45 -33.97 -27.34 56.65
N CYS I 46 -34.84 -27.19 55.65
CA CYS I 46 -35.62 -25.97 55.58
C CYS I 46 -36.85 -26.05 56.48
N ILE I 47 -37.22 -24.91 57.07
CA ILE I 47 -38.34 -24.84 58.01
C ILE I 47 -39.35 -23.82 57.51
N GLY I 48 -39.58 -23.78 56.20
CA GLY I 48 -40.66 -23.01 55.63
C GLY I 48 -40.41 -21.52 55.57
N PRO I 49 -41.48 -20.74 55.48
CA PRO I 49 -41.33 -19.32 55.20
C PRO I 49 -40.60 -18.62 56.32
N PRO I 50 -39.96 -17.49 56.02
CA PRO I 50 -39.06 -16.87 57.01
C PRO I 50 -39.75 -16.00 58.05
N ALA I 51 -41.06 -15.82 57.95
CA ALA I 51 -41.76 -15.10 59.00
C ALA I 51 -41.46 -15.83 60.28
N SER I 52 -41.41 -15.11 61.40
CA SER I 52 -41.02 -15.73 62.66
C SER I 52 -41.81 -16.98 63.03
N VAL I 53 -43.12 -16.96 62.85
CA VAL I 53 -43.94 -18.09 63.27
C VAL I 53 -43.53 -19.42 62.62
N GLU I 54 -43.47 -19.45 61.30
CA GLU I 54 -43.08 -20.68 60.61
C GLU I 54 -41.59 -20.93 60.77
N SER I 55 -40.82 -19.86 60.91
CA SER I 55 -39.38 -20.02 61.02
C SER I 55 -38.95 -20.35 62.43
N TYR I 56 -38.53 -21.59 62.66
CA TYR I 56 -38.03 -21.99 63.98
C TYR I 56 -39.13 -22.06 65.04
N LEU I 57 -40.02 -21.07 65.05
CA LEU I 57 -41.12 -21.07 66.02
C LEU I 57 -42.14 -22.16 65.70
N CYS I 58 -42.07 -22.71 64.49
CA CYS I 58 -43.00 -23.77 64.11
C CYS I 58 -42.58 -25.08 64.75
N ILE I 59 -42.80 -25.19 66.05
CA ILE I 59 -42.42 -26.40 66.76
C ILE I 59 -42.74 -27.67 65.97
N ASP I 60 -43.96 -27.77 65.45
CA ASP I 60 -44.36 -28.98 64.75
C ASP I 60 -43.35 -29.34 63.66
N LYS I 61 -42.95 -28.37 62.87
CA LYS I 61 -41.95 -28.62 61.85
C LYS I 61 -40.64 -29.01 62.51
N ILE I 62 -40.22 -28.24 63.50
CA ILE I 62 -38.94 -28.52 64.17
C ILE I 62 -38.91 -29.89 64.82
N VAL I 63 -39.90 -30.21 65.65
CA VAL I 63 -39.89 -31.49 66.34
C VAL I 63 -40.03 -32.63 65.35
N ASP I 64 -40.86 -32.45 64.34
CA ASP I 64 -40.99 -33.48 63.31
C ASP I 64 -39.66 -33.64 62.59
N ALA I 65 -39.01 -32.54 62.27
CA ALA I 65 -37.74 -32.60 61.57
C ALA I 65 -36.71 -33.37 62.38
N CYS I 66 -36.92 -33.42 63.69
CA CYS I 66 -36.00 -34.14 64.56
C CYS I 66 -36.25 -35.64 64.48
N LYS I 67 -36.11 -36.20 63.28
CA LYS I 67 -36.35 -37.63 63.10
C LYS I 67 -35.48 -38.23 62.01
N LYS I 68 -34.51 -37.47 61.52
CA LYS I 68 -33.68 -37.96 60.42
C LYS I 68 -32.19 -37.86 60.71
N THR I 69 -31.81 -36.89 61.52
CA THR I 69 -30.40 -36.68 61.81
C THR I 69 -29.78 -37.87 62.55
N GLY I 70 -30.54 -38.48 63.44
CA GLY I 70 -30.01 -39.60 64.23
C GLY I 70 -29.39 -39.06 65.50
N ALA I 71 -29.04 -37.79 65.50
CA ALA I 71 -28.46 -37.18 66.69
C ALA I 71 -29.23 -37.59 67.94
N GLN I 72 -28.53 -38.08 68.95
CA GLN I 72 -29.19 -38.53 70.17
C GLN I 72 -29.61 -37.36 71.06
N ALA I 73 -29.15 -36.17 70.72
CA ALA I 73 -29.53 -34.98 71.47
C ALA I 73 -29.71 -33.79 70.54
N VAL I 74 -30.44 -32.78 71.00
CA VAL I 74 -30.68 -31.60 70.18
C VAL I 74 -30.64 -30.34 71.05
N HIS I 75 -29.74 -29.42 70.74
CA HIS I 75 -29.63 -28.19 71.50
C HIS I 75 -30.92 -27.40 71.49
N PRO I 76 -31.27 -26.78 72.62
CA PRO I 76 -32.47 -25.95 72.67
C PRO I 76 -32.19 -24.51 72.28
N GLY I 77 -30.91 -24.16 72.16
CA GLY I 77 -30.55 -22.78 71.83
C GLY I 77 -30.72 -21.86 73.02
N TYR I 78 -30.87 -20.57 72.78
CA TYR I 78 -31.11 -19.64 73.88
C TYR I 78 -32.26 -18.69 73.56
N GLY I 79 -32.61 -18.58 72.30
CA GLY I 79 -33.69 -17.68 71.91
C GLY I 79 -34.93 -18.43 71.46
N PHE I 80 -35.77 -17.77 70.68
CA PHE I 80 -36.99 -18.42 70.18
C PHE I 80 -37.67 -19.18 71.30
N LEU I 81 -38.00 -20.44 71.04
CA LEU I 81 -38.72 -21.24 72.03
C LEU I 81 -37.81 -22.11 72.88
N SER I 82 -36.63 -21.58 73.22
CA SER I 82 -35.71 -22.32 74.07
C SER I 82 -36.32 -22.54 75.44
N GLU I 83 -35.88 -23.59 76.14
CA GLU I 83 -36.40 -23.89 77.48
C GLU I 83 -37.90 -23.67 77.58
N ASN I 84 -38.66 -24.37 76.73
CA ASN I 84 -40.12 -24.26 76.77
C ASN I 84 -40.76 -25.59 77.10
N GLY I 85 -41.82 -25.58 77.90
CA GLY I 85 -42.49 -26.80 78.26
C GLY I 85 -43.23 -27.42 77.10
N GLU I 86 -44.10 -26.65 76.45
CA GLU I 86 -44.81 -27.14 75.29
C GLU I 86 -43.80 -27.78 74.36
N PHE I 87 -42.56 -27.31 74.44
CA PHE I 87 -41.50 -27.90 73.65
C PHE I 87 -40.85 -29.05 74.41
N GLN I 88 -40.58 -28.87 75.70
CA GLN I 88 -40.03 -29.96 76.49
C GLN I 88 -40.97 -31.17 76.47
N SER I 89 -42.28 -30.91 76.56
CA SER I 89 -43.25 -32.00 76.51
C SER I 89 -43.17 -32.74 75.18
N ALA I 90 -43.11 -32.00 74.07
CA ALA I 90 -43.05 -32.63 72.76
C ALA I 90 -41.78 -33.45 72.59
N LEU I 91 -40.64 -32.92 73.05
CA LEU I 91 -39.40 -33.66 72.91
C LEU I 91 -39.38 -34.91 73.79
N GLN I 92 -40.03 -34.87 74.97
CA GLN I 92 -40.13 -36.11 75.74
C GLN I 92 -41.23 -37.03 75.26
N LYS I 93 -42.12 -36.56 74.38
CA LYS I 93 -43.03 -37.48 73.70
C LYS I 93 -42.26 -38.43 72.81
N ASN I 94 -41.31 -37.91 72.04
CA ASN I 94 -40.49 -38.72 71.15
C ASN I 94 -39.24 -39.21 71.86
N ASN I 95 -39.11 -38.91 73.15
CA ASN I 95 -38.04 -39.44 74.01
C ASN I 95 -36.66 -39.04 73.51
N ILE I 96 -36.38 -37.72 73.57
CA ILE I 96 -35.10 -37.18 73.15
C ILE I 96 -34.62 -36.17 74.18
N VAL I 97 -33.30 -35.92 74.18
CA VAL I 97 -32.64 -35.10 75.17
C VAL I 97 -32.93 -33.63 74.90
N PHE I 98 -32.97 -32.81 75.96
CA PHE I 98 -33.31 -31.40 75.80
C PHE I 98 -32.07 -30.51 75.87
N VAL I 99 -30.97 -31.05 76.36
CA VAL I 99 -29.76 -30.26 76.50
C VAL I 99 -30.09 -28.98 77.26
N GLY I 100 -30.88 -29.10 78.31
CA GLY I 100 -31.28 -27.93 79.09
C GLY I 100 -31.78 -28.29 80.47
N PRO I 101 -32.32 -27.30 81.19
CA PRO I 101 -32.79 -27.53 82.57
C PRO I 101 -34.04 -28.38 82.64
N ASP I 102 -34.40 -28.83 83.83
CA ASP I 102 -35.59 -29.64 84.00
C ASP I 102 -36.80 -28.74 84.08
N ALA I 103 -37.97 -29.28 83.80
CA ALA I 103 -39.19 -28.46 83.77
C ALA I 103 -39.45 -27.80 85.13
N HIS I 104 -39.50 -28.61 86.19
CA HIS I 104 -40.00 -28.11 87.47
C HIS I 104 -39.27 -26.84 87.90
N SER I 105 -37.94 -26.84 87.81
CA SER I 105 -37.18 -25.64 88.14
C SER I 105 -37.53 -24.48 87.21
N ILE I 106 -37.68 -24.76 85.91
CA ILE I 106 -37.92 -23.69 84.95
C ILE I 106 -39.25 -23.00 85.24
N GLU I 107 -40.33 -23.77 85.39
CA GLU I 107 -41.61 -23.14 85.72
C GLU I 107 -41.65 -22.61 87.14
N SER I 108 -40.82 -23.11 88.06
CA SER I 108 -40.84 -22.60 89.42
C SER I 108 -40.14 -21.25 89.52
N MET I 109 -39.14 -21.01 88.67
CA MET I 109 -38.32 -19.80 88.79
C MET I 109 -38.58 -18.76 87.73
N GLY I 110 -38.77 -19.17 86.46
CA GLY I 110 -39.06 -18.20 85.42
C GLY I 110 -40.45 -17.61 85.51
N ASP I 111 -41.33 -18.20 86.31
CA ASP I 111 -42.68 -17.68 86.48
C ASP I 111 -42.64 -16.29 87.08
N LYS I 112 -43.59 -15.45 86.65
CA LYS I 112 -43.63 -14.07 87.13
C LYS I 112 -43.89 -13.98 88.62
N ILE I 113 -44.84 -14.77 89.13
CA ILE I 113 -45.19 -14.76 90.54
C ILE I 113 -44.64 -16.03 91.18
N GLU I 114 -44.68 -16.06 92.52
CA GLU I 114 -44.18 -17.14 93.36
C GLU I 114 -42.65 -17.14 93.36
N SER I 115 -42.05 -16.32 92.51
CA SER I 115 -40.61 -16.11 92.58
C SER I 115 -40.24 -15.45 93.90
N LYS I 116 -41.08 -14.52 94.37
CA LYS I 116 -40.88 -13.95 95.69
C LYS I 116 -41.00 -15.01 96.78
N ARG I 117 -41.84 -16.02 96.57
CA ARG I 117 -41.95 -17.10 97.54
C ARG I 117 -40.64 -17.87 97.67
N LEU I 118 -40.07 -18.27 96.54
CA LEU I 118 -38.79 -18.95 96.58
C LEU I 118 -37.77 -18.01 97.17
N ALA I 119 -37.90 -16.71 96.87
CA ALA I 119 -36.97 -15.72 97.38
C ALA I 119 -37.04 -15.67 98.90
N GLN I 120 -38.25 -15.63 99.44
CA GLN I 120 -38.42 -15.57 100.88
C GLN I 120 -38.40 -16.96 101.49
N ARG I 121 -38.38 -17.98 100.64
CA ARG I 121 -38.29 -19.34 101.14
C ARG I 121 -37.14 -19.39 102.11
N ALA I 122 -35.98 -18.87 101.69
CA ALA I 122 -34.84 -18.80 102.59
C ALA I 122 -34.49 -17.35 102.80
N GLY I 123 -35.37 -16.44 102.38
CA GLY I 123 -35.11 -15.01 102.53
C GLY I 123 -34.05 -14.55 101.55
N VAL I 124 -32.84 -15.06 101.71
CA VAL I 124 -31.76 -14.73 100.77
C VAL I 124 -31.66 -13.22 100.54
N THR I 125 -31.76 -12.43 101.60
CA THR I 125 -31.64 -10.98 101.48
C THR I 125 -32.50 -10.44 100.35
N CYS I 126 -33.80 -10.72 100.39
CA CYS I 126 -34.70 -10.20 99.38
C CYS I 126 -35.08 -8.76 99.70
N ILE I 127 -35.79 -8.10 98.79
CA ILE I 127 -36.19 -6.71 99.00
C ILE I 127 -36.63 -6.46 100.43
N PRO I 128 -36.03 -5.46 101.08
CA PRO I 128 -36.39 -5.11 102.47
C PRO I 128 -37.34 -3.93 102.52
N GLY I 129 -38.17 -3.95 103.55
CA GLY I 129 -39.16 -2.91 103.78
C GLY I 129 -40.27 -3.41 104.66
N PHE I 130 -41.03 -2.47 105.22
CA PHE I 130 -42.17 -2.81 106.06
C PHE I 130 -43.22 -3.56 105.25
N ILE I 131 -43.41 -4.84 105.56
CA ILE I 131 -44.27 -5.72 104.76
C ILE I 131 -45.70 -5.50 105.27
N GLY I 132 -46.37 -4.50 104.70
CA GLY I 132 -47.74 -4.23 105.07
C GLY I 132 -48.10 -2.78 104.77
N GLU I 133 -49.37 -2.47 105.00
CA GLU I 133 -49.90 -1.14 104.76
C GLU I 133 -49.39 -0.16 105.81
N VAL I 134 -49.02 1.03 105.38
CA VAL I 134 -48.68 2.13 106.30
C VAL I 134 -49.88 3.06 106.36
N LYS I 135 -50.67 2.94 107.43
CA LYS I 135 -51.92 3.66 107.56
C LYS I 135 -51.76 5.08 108.10
N THR I 136 -50.59 5.40 108.65
CA THR I 136 -50.35 6.69 109.28
C THR I 136 -48.98 7.22 108.89
N HIS I 137 -48.86 8.55 108.93
CA HIS I 137 -47.56 9.18 108.64
C HIS I 137 -46.51 8.82 109.68
N GLU I 138 -46.93 8.61 110.93
CA GLU I 138 -45.99 8.23 111.98
C GLU I 138 -45.32 6.89 111.66
N ASP I 139 -46.12 5.91 111.20
CA ASP I 139 -45.55 4.64 110.81
C ASP I 139 -44.59 4.79 109.65
N LEU I 140 -44.94 5.62 108.68
CA LEU I 140 -44.06 5.83 107.53
C LEU I 140 -42.72 6.41 107.95
N LEU I 141 -42.74 7.43 108.82
CA LEU I 141 -41.49 8.00 109.30
C LEU I 141 -40.69 6.99 110.11
N ARG I 142 -41.36 6.25 110.99
CA ARG I 142 -40.66 5.28 111.83
C ARG I 142 -39.99 4.20 110.99
N PHE I 143 -40.70 3.69 109.97
CA PHE I 143 -40.14 2.64 109.14
C PHE I 143 -39.10 3.19 108.18
N ALA I 144 -39.21 4.46 107.78
CA ALA I 144 -38.13 5.07 107.01
C ALA I 144 -36.86 5.19 107.84
N ARG I 145 -36.99 5.57 109.11
CA ARG I 145 -35.81 5.66 109.97
C ARG I 145 -35.25 4.29 110.31
N GLU I 146 -36.13 3.29 110.41
CA GLU I 146 -35.67 1.93 110.67
C GLU I 146 -34.40 1.64 109.88
N ILE I 147 -34.45 1.86 108.57
CA ILE I 147 -33.30 1.59 107.72
C ILE I 147 -32.70 2.88 107.15
N GLY I 148 -33.37 4.01 107.38
CA GLY I 148 -32.88 5.26 106.84
C GLY I 148 -32.74 5.19 105.34
N TYR I 149 -33.61 4.43 104.69
CA TYR I 149 -33.54 4.28 103.24
C TYR I 149 -34.23 5.41 102.51
N PRO I 150 -34.03 5.51 101.19
CA PRO I 150 -34.73 6.53 100.41
C PRO I 150 -36.20 6.21 100.24
N VAL I 151 -36.81 5.50 101.19
CA VAL I 151 -38.26 5.21 101.18
C VAL I 151 -38.78 4.23 100.12
N MET I 152 -38.33 4.35 98.87
CA MET I 152 -38.86 3.48 97.82
C MET I 152 -40.38 3.39 97.95
N ILE I 153 -41.05 4.53 97.98
CA ILE I 153 -42.51 4.51 98.06
C ILE I 153 -43.09 3.90 96.80
N LYS I 154 -43.86 2.83 96.94
CA LYS I 154 -44.45 2.17 95.80
C LYS I 154 -45.81 1.63 96.18
N ALA I 155 -46.76 1.70 95.24
CA ALA I 155 -48.11 1.24 95.52
C ALA I 155 -48.16 -0.28 95.63
N SER I 156 -49.10 -0.77 96.45
CA SER I 156 -49.27 -2.21 96.59
C SER I 156 -49.77 -2.84 95.30
N GLY I 157 -50.71 -2.17 94.62
CA GLY I 157 -51.27 -2.70 93.39
C GLY I 157 -50.70 -2.10 92.14
N GLY I 158 -49.93 -1.02 92.29
CA GLY I 158 -49.31 -0.38 91.13
C GLY I 158 -48.09 -1.13 90.64
N GLY I 159 -47.80 -0.96 89.35
CA GLY I 159 -46.65 -1.61 88.75
C GLY I 159 -46.08 -0.76 87.62
N GLY I 160 -44.88 -1.15 87.20
CA GLY I 160 -44.23 -0.49 86.08
C GLY I 160 -43.60 0.84 86.40
N GLY I 161 -43.57 1.26 87.68
CA GLY I 161 -43.01 2.53 88.06
C GLY I 161 -44.02 3.63 88.30
N LYS I 162 -45.31 3.32 88.27
CA LYS I 162 -46.34 4.31 88.58
C LYS I 162 -46.68 4.28 90.07
N GLY I 163 -46.86 5.46 90.65
CA GLY I 163 -47.10 5.55 92.07
C GLY I 163 -45.86 5.42 92.93
N MET I 164 -44.69 5.80 92.42
CA MET I 164 -43.42 5.69 93.14
C MET I 164 -42.83 7.08 93.28
N ARG I 165 -42.43 7.43 94.51
CA ARG I 165 -41.71 8.66 94.79
C ARG I 165 -40.59 8.37 95.79
N VAL I 166 -39.49 9.09 95.64
CA VAL I 166 -38.26 8.83 96.39
C VAL I 166 -38.14 9.84 97.52
N ALA I 167 -38.20 9.35 98.75
CA ALA I 167 -38.17 10.21 99.93
C ALA I 167 -36.81 10.08 100.63
N TYR I 168 -36.19 11.22 100.91
CA TYR I 168 -34.89 11.25 101.58
C TYR I 168 -34.97 11.64 103.04
N ASN I 169 -35.98 12.39 103.45
CA ASN I 169 -36.13 12.78 104.85
C ASN I 169 -37.60 12.66 105.23
N ASP I 170 -37.89 12.96 106.50
CA ASP I 170 -39.24 12.74 107.03
C ASP I 170 -40.26 13.67 106.37
N THR I 171 -39.89 14.94 106.18
CA THR I 171 -40.79 15.86 105.49
C THR I 171 -41.03 15.41 104.06
N GLN I 172 -39.98 14.97 103.37
CA GLN I 172 -40.14 14.39 102.04
C GLN I 172 -41.01 13.14 102.10
N CYS I 173 -40.85 12.33 103.15
CA CYS I 173 -41.69 11.15 103.29
C CYS I 173 -43.16 11.53 103.37
N VAL I 174 -43.49 12.54 104.20
CA VAL I 174 -44.89 12.94 104.36
C VAL I 174 -45.45 13.51 103.07
N GLU I 175 -44.70 14.42 102.44
CA GLU I 175 -45.18 15.05 101.22
C GLU I 175 -45.36 14.01 100.09
N TYR I 176 -44.41 13.10 99.97
CA TYR I 176 -44.47 12.10 98.91
C TYR I 176 -45.54 11.06 99.20
N TYR I 177 -45.82 10.76 100.47
CA TYR I 177 -46.96 9.90 100.79
C TYR I 177 -48.28 10.60 100.45
N ASP I 178 -48.36 11.91 100.72
CA ASP I 178 -49.54 12.67 100.35
C ASP I 178 -49.76 12.66 98.84
N MET I 179 -48.69 12.79 98.06
CA MET I 179 -48.84 12.73 96.61
C MET I 179 -49.14 11.31 96.13
N CYS I 180 -48.51 10.30 96.75
CA CYS I 180 -48.68 8.92 96.31
C CYS I 180 -50.09 8.42 96.55
N ARG I 181 -50.67 8.73 97.71
CA ARG I 181 -52.03 8.29 97.98
C ARG I 181 -53.00 8.92 96.98
N GLU I 182 -52.83 10.21 96.68
CA GLU I 182 -53.70 10.88 95.72
C GLU I 182 -53.55 10.28 94.33
N GLU I 183 -52.32 9.97 93.92
CA GLU I 183 -52.09 9.36 92.61
C GLU I 183 -52.71 7.97 92.54
N ALA I 184 -52.43 7.13 93.54
CA ALA I 184 -52.83 5.73 93.47
C ALA I 184 -54.33 5.55 93.66
N LYS I 185 -54.98 6.39 94.46
CA LYS I 185 -56.42 6.28 94.63
C LYS I 185 -57.15 6.51 93.31
N ALA I 186 -56.66 7.46 92.51
CA ALA I 186 -57.24 7.72 91.21
C ALA I 186 -56.83 6.69 90.17
N ALA I 187 -55.59 6.21 90.21
CA ALA I 187 -55.06 5.39 89.13
C ALA I 187 -55.30 3.89 89.28
N PHE I 188 -55.24 3.35 90.50
CA PHE I 188 -55.33 1.93 90.71
C PHE I 188 -56.37 1.52 91.75
N HIS I 189 -57.20 2.46 92.22
CA HIS I 189 -58.27 2.19 93.18
C HIS I 189 -57.77 1.59 94.48
N SER I 190 -56.48 1.77 94.79
CA SER I 190 -55.89 1.26 96.02
C SER I 190 -55.05 2.35 96.67
N ASP I 191 -55.33 2.61 97.94
CA ASP I 191 -54.55 3.56 98.73
C ASP I 191 -53.49 2.88 99.59
N LYS I 192 -53.37 1.55 99.50
CA LYS I 192 -52.44 0.81 100.32
C LYS I 192 -51.02 1.01 99.82
N MET I 193 -50.18 1.64 100.62
CA MET I 193 -48.80 1.95 100.26
C MET I 193 -47.84 1.03 101.01
N LEU I 194 -46.67 0.84 100.40
CA LEU I 194 -45.59 0.10 101.02
C LEU I 194 -44.30 0.91 100.94
N VAL I 195 -43.44 0.74 101.94
CA VAL I 195 -42.17 1.45 102.02
C VAL I 195 -41.05 0.41 102.04
N GLU I 196 -40.04 0.62 101.20
CA GLU I 196 -38.94 -0.32 101.07
C GLU I 196 -37.62 0.45 100.94
N ARG I 197 -36.52 -0.28 101.11
CA ARG I 197 -35.19 0.32 101.04
C ARG I 197 -34.89 0.70 99.60
N PHE I 198 -35.06 1.97 99.26
CA PHE I 198 -34.71 2.44 97.93
C PHE I 198 -33.19 2.51 97.76
N ILE I 199 -32.76 2.36 96.51
CA ILE I 199 -31.34 2.32 96.18
C ILE I 199 -30.89 3.74 95.84
N ASP I 200 -29.78 4.17 96.44
CA ASP I 200 -29.20 5.47 96.10
C ASP I 200 -29.02 5.62 94.60
N HIS I 201 -28.18 4.77 94.01
CA HIS I 201 -27.95 4.70 92.57
C HIS I 201 -27.56 3.27 92.23
N PRO I 202 -28.29 2.61 91.34
CA PRO I 202 -28.06 1.17 91.11
C PRO I 202 -26.93 0.91 90.15
N ARG I 203 -26.38 -0.29 90.26
CA ARG I 203 -25.38 -0.79 89.32
C ARG I 203 -25.83 -2.04 88.59
N HIS I 204 -26.91 -2.70 89.02
CA HIS I 204 -27.46 -3.86 88.33
C HIS I 204 -26.41 -4.97 88.17
N ILE I 205 -25.68 -5.24 89.24
CA ILE I 205 -24.69 -6.29 89.20
C ILE I 205 -25.37 -7.64 88.97
N GLU I 206 -24.75 -8.48 88.15
CA GLU I 206 -25.27 -9.80 87.84
C GLU I 206 -24.26 -10.87 88.24
N ILE I 207 -24.75 -11.95 88.82
CA ILE I 207 -23.92 -13.06 89.28
C ILE I 207 -24.24 -14.27 88.42
N GLN I 208 -23.20 -14.92 87.90
CA GLN I 208 -23.36 -16.08 87.05
C GLN I 208 -23.38 -17.35 87.88
N VAL I 209 -24.08 -18.37 87.38
CA VAL I 209 -24.22 -19.65 88.06
C VAL I 209 -24.11 -20.78 87.05
N ILE I 210 -23.44 -21.85 87.45
CA ILE I 210 -23.43 -23.10 86.69
C ILE I 210 -23.70 -24.23 87.69
N ALA I 211 -24.21 -25.35 87.18
CA ALA I 211 -24.52 -26.51 88.01
C ALA I 211 -24.41 -27.77 87.18
N ASP I 212 -24.89 -28.89 87.73
CA ASP I 212 -24.81 -30.17 87.06
C ASP I 212 -25.85 -31.12 87.64
N ARG I 213 -26.20 -32.14 86.85
CA ARG I 213 -27.22 -33.11 87.27
C ARG I 213 -26.70 -34.10 88.29
N ARG I 214 -25.38 -34.21 88.46
CA ARG I 214 -24.78 -35.07 89.48
C ARG I 214 -24.32 -34.28 90.70
N GLY I 215 -23.51 -33.24 90.49
CA GLY I 215 -23.01 -32.46 91.59
C GLY I 215 -21.95 -31.49 91.13
N ASN I 216 -20.98 -31.24 92.02
CA ASN I 216 -19.84 -30.36 91.72
C ASN I 216 -20.31 -28.98 91.26
N THR I 217 -21.34 -28.46 91.93
CA THR I 217 -21.88 -27.16 91.57
C THR I 217 -20.82 -26.08 91.77
N VAL I 218 -20.73 -25.16 90.80
CA VAL I 218 -19.72 -24.11 90.80
C VAL I 218 -20.41 -22.77 90.59
N TYR I 219 -19.85 -21.73 91.20
CA TYR I 219 -20.30 -20.36 90.99
C TYR I 219 -19.33 -19.66 90.05
N LEU I 220 -19.84 -19.11 88.95
CA LEU I 220 -18.99 -18.37 88.04
C LEU I 220 -18.85 -16.93 88.52
N PRO I 221 -17.75 -16.26 88.19
CA PRO I 221 -17.57 -14.87 88.60
C PRO I 221 -18.67 -13.97 88.04
N GLU I 222 -19.02 -12.95 88.82
CA GLU I 222 -20.15 -12.08 88.50
C GLU I 222 -19.92 -11.28 87.23
N ARG I 223 -20.92 -10.52 86.79
CA ARG I 223 -20.79 -9.64 85.64
C ARG I 223 -21.47 -8.31 85.92
N GLU I 224 -21.43 -7.43 84.90
CA GLU I 224 -22.01 -6.10 84.98
C GLU I 224 -22.99 -5.93 83.83
N CYS I 225 -24.15 -5.33 84.10
CA CYS I 225 -25.10 -4.94 83.07
C CYS I 225 -25.70 -3.58 83.41
N SER I 226 -24.85 -2.66 83.87
CA SER I 226 -25.35 -1.38 84.36
C SER I 226 -25.95 -0.53 83.23
N ILE I 227 -25.21 -0.38 82.12
CA ILE I 227 -25.68 0.46 81.03
C ILE I 227 -26.90 -0.19 80.38
N GLN I 228 -27.94 0.60 80.17
CA GLN I 228 -29.19 0.06 79.66
C GLN I 228 -29.98 1.17 78.97
N ARG I 229 -30.31 0.96 77.71
CA ARG I 229 -31.16 1.87 76.94
C ARG I 229 -32.46 1.17 76.62
N ARG I 230 -33.59 1.80 76.98
CA ARG I 230 -34.92 1.26 76.77
C ARG I 230 -35.03 -0.15 77.34
N ASN I 231 -34.40 -0.36 78.50
CA ASN I 231 -34.33 -1.67 79.14
C ASN I 231 -33.59 -2.70 78.28
N GLN I 232 -32.63 -2.23 77.48
CA GLN I 232 -31.72 -3.12 76.76
C GLN I 232 -30.29 -2.70 77.05
N LYS I 233 -29.46 -3.67 77.42
CA LYS I 233 -28.09 -3.39 77.84
C LYS I 233 -27.16 -3.30 76.64
N VAL I 234 -26.03 -2.62 76.83
CA VAL I 234 -25.09 -2.31 75.77
C VAL I 234 -23.68 -2.83 76.08
N ILE I 235 -23.13 -2.43 77.23
CA ILE I 235 -21.74 -2.72 77.58
C ILE I 235 -21.73 -3.56 78.85
N GLU I 236 -20.87 -4.58 78.87
CA GLU I 236 -20.83 -5.54 79.96
C GLU I 236 -19.37 -5.78 80.37
N GLU I 237 -19.19 -6.25 81.60
CA GLU I 237 -17.86 -6.43 82.19
C GLU I 237 -17.98 -7.32 83.42
N ALA I 238 -17.18 -8.39 83.46
CA ALA I 238 -17.41 -9.37 84.52
C ALA I 238 -16.89 -8.93 85.89
N PRO I 239 -15.58 -8.67 86.07
CA PRO I 239 -15.11 -8.27 87.40
C PRO I 239 -15.32 -6.80 87.68
N SER I 240 -16.52 -6.43 88.13
CA SER I 240 -16.82 -5.03 88.40
C SER I 240 -15.88 -4.46 89.45
N VAL I 241 -15.71 -3.14 89.41
CA VAL I 241 -14.71 -2.49 90.27
C VAL I 241 -15.10 -2.63 91.74
N LEU I 242 -16.39 -2.50 92.05
CA LEU I 242 -16.86 -2.58 93.43
C LEU I 242 -17.03 -4.05 93.79
N LEU I 243 -15.89 -4.72 93.96
CA LEU I 243 -15.84 -6.15 94.24
C LEU I 243 -14.99 -6.37 95.49
N ASP I 244 -15.64 -6.83 96.56
CA ASP I 244 -14.96 -7.24 97.78
C ASP I 244 -15.23 -8.72 98.02
N ALA I 245 -14.18 -9.46 98.38
CA ALA I 245 -14.32 -10.89 98.62
C ALA I 245 -15.34 -11.17 99.72
N THR I 246 -15.46 -10.27 100.70
CA THR I 246 -16.45 -10.42 101.77
C THR I 246 -17.85 -10.62 101.19
N THR I 247 -18.23 -9.79 100.23
CA THR I 247 -19.52 -9.99 99.57
C THR I 247 -19.45 -11.14 98.57
N ARG I 248 -18.44 -11.14 97.71
CA ARG I 248 -18.44 -12.02 96.54
C ARG I 248 -18.44 -13.50 96.92
N LYS I 249 -17.67 -13.89 97.93
CA LYS I 249 -17.64 -15.28 98.34
C LYS I 249 -19.00 -15.73 98.82
N ALA I 250 -19.66 -14.90 99.64
CA ALA I 250 -21.01 -15.21 100.07
C ALA I 250 -21.98 -15.20 98.91
N MET I 251 -21.75 -14.37 97.90
CA MET I 251 -22.61 -14.36 96.72
C MET I 251 -22.55 -15.71 96.01
N GLY I 252 -21.33 -16.21 95.78
CA GLY I 252 -21.18 -17.50 95.15
C GLY I 252 -21.78 -18.62 95.97
N GLU I 253 -21.53 -18.62 97.28
CA GLU I 253 -22.05 -19.67 98.15
C GLU I 253 -23.58 -19.64 98.18
N GLU I 254 -24.17 -18.44 98.26
CA GLU I 254 -25.62 -18.33 98.31
C GLU I 254 -26.25 -18.68 96.97
N ALA I 255 -25.57 -18.35 95.86
CA ALA I 255 -26.06 -18.77 94.56
C ALA I 255 -26.07 -20.29 94.44
N VAL I 256 -25.00 -20.94 94.89
CA VAL I 256 -24.97 -22.40 94.86
C VAL I 256 -26.05 -22.99 95.78
N ALA I 257 -26.24 -22.37 96.95
CA ALA I 257 -27.28 -22.86 97.88
C ALA I 257 -28.66 -22.74 97.25
N MET I 258 -28.95 -21.61 96.59
CA MET I 258 -30.23 -21.45 95.92
C MET I 258 -30.38 -22.44 94.77
N ALA I 259 -29.26 -22.77 94.12
CA ALA I 259 -29.28 -23.70 92.99
C ALA I 259 -29.96 -25.03 93.33
N ARG I 260 -29.48 -25.71 94.35
CA ARG I 260 -30.05 -26.99 94.76
C ARG I 260 -31.46 -26.83 95.32
N ALA I 261 -31.82 -25.60 95.71
CA ALA I 261 -33.13 -25.35 96.31
C ALA I 261 -34.28 -25.79 95.41
N VAL I 262 -34.26 -25.36 94.15
CA VAL I 262 -35.28 -25.78 93.21
C VAL I 262 -34.74 -26.89 92.32
N GLN I 263 -33.59 -27.45 92.70
CA GLN I 263 -32.98 -28.52 91.93
C GLN I 263 -32.73 -28.07 90.51
N TYR I 264 -32.20 -26.86 90.36
CA TYR I 264 -31.94 -26.31 89.03
C TYR I 264 -30.81 -27.09 88.35
N VAL I 265 -30.98 -27.37 87.06
CA VAL I 265 -29.96 -28.10 86.32
C VAL I 265 -29.08 -27.17 85.49
N SER I 266 -29.65 -26.62 84.42
CA SER I 266 -28.89 -25.70 83.57
C SER I 266 -29.09 -24.28 84.05
N ALA I 267 -28.28 -23.85 85.01
CA ALA I 267 -28.45 -22.52 85.59
C ALA I 267 -28.42 -21.39 84.57
N GLY I 268 -29.31 -20.41 84.74
CA GLY I 268 -29.30 -19.26 83.86
C GLY I 268 -28.34 -18.29 84.50
N THR I 269 -28.86 -17.37 85.31
CA THR I 269 -27.98 -16.43 86.02
C THR I 269 -28.72 -15.67 87.10
N VAL I 270 -27.99 -15.20 88.10
CA VAL I 270 -28.60 -14.45 89.20
C VAL I 270 -28.53 -12.94 89.01
N GLU I 271 -29.62 -12.25 89.30
CA GLU I 271 -29.66 -10.79 89.18
C GLU I 271 -29.59 -10.15 90.56
N ASN I 272 -28.89 -9.02 90.64
CA ASN I 272 -28.75 -8.26 91.87
C ASN I 272 -28.77 -6.77 91.57
N VAL I 273 -29.06 -5.99 92.60
CA VAL I 273 -28.93 -4.54 92.58
C VAL I 273 -28.01 -4.14 93.73
N VAL I 274 -26.95 -3.39 93.42
CA VAL I 274 -25.90 -3.09 94.39
C VAL I 274 -25.75 -1.59 94.52
N ASN I 275 -25.74 -1.11 95.76
CA ASN I 275 -25.50 0.25 96.20
C ASN I 275 -24.07 0.40 96.69
N PRO I 276 -23.53 1.64 96.73
CA PRO I 276 -22.15 1.84 97.20
C PRO I 276 -21.84 1.26 98.57
N GLN I 277 -22.86 0.79 99.29
CA GLN I 277 -22.68 0.17 100.60
C GLN I 277 -22.60 -1.36 100.52
N LYS I 278 -22.50 -1.91 99.31
CA LYS I 278 -22.20 -3.32 99.09
C LYS I 278 -23.28 -4.23 99.67
N GLN I 279 -24.49 -4.09 99.13
CA GLN I 279 -25.59 -4.99 99.40
C GLN I 279 -25.79 -5.95 98.23
N PHE I 280 -26.82 -6.79 98.34
CA PHE I 280 -27.14 -7.75 97.28
C PHE I 280 -28.58 -8.19 97.42
N TYR I 281 -29.21 -8.48 96.28
CA TYR I 281 -30.66 -8.73 96.23
C TYR I 281 -30.94 -9.84 95.21
N PHE I 282 -31.09 -11.08 95.68
CA PHE I 282 -31.37 -12.19 94.77
C PHE I 282 -32.83 -12.21 94.36
N LEU I 283 -33.11 -11.79 93.13
CA LEU I 283 -34.44 -11.82 92.55
C LEU I 283 -34.34 -11.46 91.07
N GLU I 284 -35.43 -11.58 90.32
CA GLU I 284 -35.36 -11.36 88.88
C GLU I 284 -34.34 -12.33 88.33
N MET I 285 -34.24 -13.51 88.94
CA MET I 285 -33.26 -14.50 88.50
C MET I 285 -33.56 -14.98 87.09
N ASN I 286 -32.52 -15.39 86.36
CA ASN I 286 -32.71 -15.82 84.99
C ASN I 286 -32.58 -17.33 84.86
N THR I 287 -33.29 -17.92 83.91
CA THR I 287 -33.20 -19.36 83.69
C THR I 287 -32.85 -19.62 82.22
N ARG I 288 -32.40 -18.58 81.52
CA ARG I 288 -32.03 -18.74 80.12
C ARG I 288 -30.52 -18.69 79.98
N LEU I 289 -29.99 -19.32 78.93
CA LEU I 289 -28.55 -19.32 78.71
C LEU I 289 -28.08 -17.96 78.23
N GLN I 290 -27.63 -17.12 79.16
CA GLN I 290 -27.14 -15.79 78.80
C GLN I 290 -25.89 -15.91 77.94
N VAL I 291 -25.82 -15.14 76.87
CA VAL I 291 -24.67 -15.21 75.98
C VAL I 291 -23.68 -14.11 76.26
N GLU I 292 -23.70 -13.55 77.46
CA GLU I 292 -22.71 -12.55 77.83
C GLU I 292 -21.56 -13.26 78.50
N HIS I 293 -21.63 -14.58 78.57
CA HIS I 293 -20.58 -15.38 79.20
C HIS I 293 -19.21 -15.25 78.54
N PRO I 294 -19.16 -14.92 77.22
CA PRO I 294 -17.82 -14.79 76.67
C PRO I 294 -16.91 -14.00 77.60
N ILE I 295 -17.43 -12.93 78.19
CA ILE I 295 -16.63 -12.16 79.13
C ILE I 295 -16.10 -13.06 80.25
N THR I 296 -17.00 -13.82 80.87
CA THR I 296 -16.60 -14.70 81.96
C THR I 296 -15.64 -15.76 81.44
N GLU I 297 -15.93 -16.29 80.26
CA GLU I 297 -15.04 -17.28 79.67
C GLU I 297 -13.67 -16.68 79.42
N GLU I 298 -13.61 -15.38 79.23
CA GLU I 298 -12.32 -14.72 79.02
C GLU I 298 -11.58 -14.56 80.34
N ILE I 299 -12.32 -14.47 81.44
CA ILE I 299 -11.69 -14.34 82.74
C ILE I 299 -11.59 -15.69 83.45
N THR I 300 -12.06 -16.75 82.81
CA THR I 300 -12.02 -18.08 83.42
C THR I 300 -11.56 -19.16 82.45
N GLY I 301 -12.26 -19.31 81.33
CA GLY I 301 -11.94 -20.36 80.37
C GLY I 301 -12.97 -21.45 80.57
N VAL I 302 -14.00 -21.16 81.34
CA VAL I 302 -15.04 -22.16 81.62
C VAL I 302 -15.97 -22.21 80.42
N ASP I 303 -15.87 -23.27 79.62
CA ASP I 303 -16.67 -23.41 78.42
C ASP I 303 -18.07 -23.87 78.80
N LEU I 304 -18.98 -22.90 78.97
CA LEU I 304 -20.33 -23.22 79.43
C LEU I 304 -21.01 -24.21 78.49
N VAL I 305 -20.81 -24.04 77.18
CA VAL I 305 -21.48 -24.92 76.22
C VAL I 305 -21.05 -26.35 76.41
N GLU I 306 -19.73 -26.57 76.53
CA GLU I 306 -19.22 -27.92 76.70
C GLU I 306 -19.71 -28.53 78.00
N GLN I 307 -19.66 -27.77 79.10
CA GLN I 307 -20.06 -28.31 80.39
C GLN I 307 -21.55 -28.63 80.41
N MET I 308 -22.39 -27.77 79.81
CA MET I 308 -23.82 -28.04 79.84
C MET I 308 -24.18 -29.22 78.94
N LEU I 309 -23.52 -29.36 77.78
CA LEU I 309 -23.80 -30.53 76.96
C LEU I 309 -23.28 -31.81 77.62
N ARG I 310 -22.19 -31.71 78.39
CA ARG I 310 -21.72 -32.87 79.13
C ARG I 310 -22.70 -33.25 80.24
N ALA I 311 -23.25 -32.25 80.92
CA ALA I 311 -24.25 -32.50 81.95
C ALA I 311 -25.57 -32.99 81.36
N ALA I 312 -25.82 -32.72 80.09
CA ALA I 312 -27.02 -33.23 79.44
C ALA I 312 -27.01 -34.74 79.28
N ALA I 313 -25.86 -35.38 79.48
CA ALA I 313 -25.73 -36.83 79.40
C ALA I 313 -25.64 -37.48 80.78
N ASP I 314 -26.00 -36.75 81.83
CA ASP I 314 -25.93 -37.24 83.21
C ASP I 314 -24.48 -37.59 83.59
N LEU I 315 -23.59 -36.61 83.43
CA LEU I 315 -22.22 -36.68 83.90
C LEU I 315 -21.90 -35.40 84.66
N PRO I 316 -21.03 -35.48 85.66
CA PRO I 316 -20.64 -34.26 86.39
C PRO I 316 -19.67 -33.42 85.57
N LEU I 317 -19.40 -32.22 86.05
CA LEU I 317 -18.57 -31.28 85.29
C LEU I 317 -17.09 -31.58 85.31
N SER I 318 -16.32 -30.77 84.61
CA SER I 318 -14.88 -30.95 84.57
C SER I 318 -14.20 -29.82 85.32
N ILE I 319 -14.96 -29.08 86.12
CA ILE I 319 -14.41 -27.95 86.86
C ILE I 319 -15.01 -27.80 88.25
N THR I 320 -14.23 -27.32 89.21
CA THR I 320 -14.74 -27.09 90.57
C THR I 320 -14.33 -25.70 91.04
N GLN I 321 -15.07 -25.13 91.99
CA GLN I 321 -14.80 -23.76 92.43
C GLN I 321 -13.39 -23.54 92.92
N ASP I 322 -12.65 -24.62 93.13
CA ASP I 322 -11.30 -24.48 93.66
C ASP I 322 -10.32 -23.93 92.62
N ASP I 323 -10.50 -24.29 91.35
CA ASP I 323 -9.52 -23.84 90.37
C ASP I 323 -9.95 -22.57 89.64
N ILE I 324 -11.21 -22.15 89.79
CA ILE I 324 -11.69 -20.95 89.11
C ILE I 324 -11.01 -19.73 89.71
N THR I 325 -10.44 -18.89 88.84
CA THR I 325 -9.71 -17.70 89.26
C THR I 325 -10.04 -16.57 88.30
N ILE I 326 -9.22 -15.53 88.33
CA ILE I 326 -9.38 -14.36 87.46
C ILE I 326 -8.01 -14.00 86.89
N ASN I 327 -7.94 -13.84 85.57
CA ASN I 327 -6.69 -13.51 84.88
C ASN I 327 -6.73 -12.11 84.25
N GLY I 328 -7.58 -11.23 84.77
CA GLY I 328 -7.78 -9.93 84.20
C GLY I 328 -9.27 -9.65 84.09
N HIS I 329 -9.65 -8.88 83.08
CA HIS I 329 -11.08 -8.65 82.83
C HIS I 329 -11.29 -8.35 81.35
N ALA I 330 -12.54 -8.51 80.93
CA ALA I 330 -12.91 -8.42 79.53
C ALA I 330 -14.08 -7.45 79.36
N THR I 331 -14.14 -6.80 78.21
CA THR I 331 -15.21 -5.88 77.88
C THR I 331 -15.95 -6.39 76.64
N GLU I 332 -17.28 -6.29 76.68
CA GLU I 332 -18.12 -6.76 75.59
C GLU I 332 -19.13 -5.68 75.23
N CYS I 333 -19.37 -5.51 73.93
CA CYS I 333 -20.36 -4.57 73.45
C CYS I 333 -21.16 -5.22 72.32
N ARG I 334 -22.33 -4.66 72.06
CA ARG I 334 -23.26 -5.17 71.06
C ARG I 334 -23.44 -4.14 69.97
N VAL I 335 -23.37 -4.59 68.71
CA VAL I 335 -23.45 -3.71 67.55
C VAL I 335 -24.84 -3.85 66.94
N TYR I 336 -25.60 -2.75 66.96
CA TYR I 336 -26.96 -2.74 66.45
C TYR I 336 -27.02 -1.99 65.12
N ALA I 337 -28.02 -2.35 64.31
CA ALA I 337 -28.33 -1.61 63.10
C ALA I 337 -29.17 -0.38 63.37
N GLU I 338 -29.20 0.08 64.62
CA GLU I 338 -30.05 1.18 65.03
C GLU I 338 -29.33 2.51 64.84
N ASP I 339 -29.85 3.38 63.97
CA ASP I 339 -29.23 4.68 63.73
C ASP I 339 -29.47 5.66 64.88
N PRO I 340 -28.48 5.85 65.78
CA PRO I 340 -28.74 6.70 66.95
C PRO I 340 -28.86 8.18 66.66
N MET I 341 -27.90 8.75 65.96
CA MET I 341 -27.91 10.19 65.72
C MET I 341 -29.22 10.61 65.05
N LYS I 342 -29.81 9.72 64.27
CA LYS I 342 -31.08 10.03 63.62
C LYS I 342 -32.23 9.45 64.42
N ASN I 343 -32.40 9.91 65.65
CA ASN I 343 -33.53 9.47 66.46
C ASN I 343 -33.71 7.95 66.49
N TYR I 344 -32.62 7.22 66.64
CA TYR I 344 -32.71 5.77 66.75
C TYR I 344 -33.48 5.13 65.61
N PHE I 345 -33.33 5.67 64.40
CA PHE I 345 -34.03 5.12 63.24
C PHE I 345 -33.48 3.75 62.85
N PRO I 346 -34.38 2.78 62.64
CA PRO I 346 -33.96 1.42 62.26
C PRO I 346 -33.61 1.32 60.78
N SER I 347 -32.48 0.70 60.46
CA SER I 347 -32.06 0.57 59.06
C SER I 347 -32.01 -0.88 58.60
N ILE I 348 -33.05 -1.34 57.91
CA ILE I 348 -33.10 -2.76 57.56
C ILE I 348 -33.23 -3.06 56.07
N GLY I 349 -32.79 -4.25 55.66
CA GLY I 349 -32.97 -4.64 54.27
C GLY I 349 -31.77 -4.26 53.45
N ARG I 350 -30.67 -3.97 54.13
CA ARG I 350 -29.48 -3.56 53.42
C ARG I 350 -28.41 -4.61 53.58
N LEU I 351 -28.06 -5.27 52.49
CA LEU I 351 -26.98 -6.24 52.56
C LEU I 351 -25.70 -5.48 52.77
N THR I 352 -24.69 -6.15 53.31
CA THR I 352 -23.43 -5.48 53.59
C THR I 352 -22.70 -5.19 52.30
N MET I 353 -22.71 -3.93 51.88
CA MET I 353 -21.94 -3.56 50.70
C MET I 353 -20.63 -4.28 50.82
N TYR I 354 -19.90 -4.02 51.91
CA TYR I 354 -18.67 -4.77 52.15
C TYR I 354 -18.24 -4.54 53.59
N GLN I 355 -17.92 -5.62 54.31
CA GLN I 355 -17.54 -5.50 55.72
C GLN I 355 -16.35 -6.36 56.13
N GLU I 356 -15.54 -5.87 57.07
CA GLU I 356 -14.41 -6.67 57.57
C GLU I 356 -14.28 -6.52 59.08
N PRO I 357 -14.18 -7.64 59.82
CA PRO I 357 -14.17 -7.49 61.28
C PRO I 357 -12.81 -7.26 61.88
N THR I 358 -12.76 -6.59 63.02
CA THR I 358 -11.49 -6.39 63.71
C THR I 358 -11.04 -7.72 64.29
N GLY I 359 -9.82 -8.13 63.98
CA GLY I 359 -9.33 -9.41 64.45
C GLY I 359 -7.96 -9.36 65.10
N ALA I 360 -7.61 -8.21 65.67
CA ALA I 360 -6.31 -8.07 66.31
C ALA I 360 -6.39 -8.39 67.79
N GLY I 361 -6.04 -9.62 68.16
CA GLY I 361 -6.08 -10.02 69.56
C GLY I 361 -7.43 -9.81 70.20
N VAL I 362 -8.50 -9.94 69.42
CA VAL I 362 -9.85 -9.74 69.95
C VAL I 362 -10.78 -10.84 69.46
N ARG I 363 -11.93 -10.99 70.12
CA ARG I 363 -12.90 -12.01 69.72
C ARG I 363 -14.19 -11.38 69.21
N CYS I 364 -14.76 -11.96 68.16
CA CYS I 364 -15.99 -11.44 67.58
C CYS I 364 -16.93 -12.58 67.22
N ASP I 365 -18.14 -12.56 67.76
CA ASP I 365 -19.11 -13.60 67.49
C ASP I 365 -20.23 -12.96 66.71
N SER I 366 -20.49 -13.47 65.50
CA SER I 366 -21.51 -12.87 64.66
C SER I 366 -22.10 -13.85 63.68
N GLY I 367 -23.32 -13.61 63.26
CA GLY I 367 -23.92 -14.43 62.24
C GLY I 367 -24.10 -13.75 60.89
N ILE I 368 -23.44 -12.62 60.68
CA ILE I 368 -23.64 -11.79 59.49
C ILE I 368 -22.32 -11.76 58.74
N ILE I 369 -22.17 -12.64 57.75
CA ILE I 369 -21.00 -12.66 56.88
C ILE I 369 -21.19 -11.67 55.74
N GLU I 370 -20.12 -11.48 54.96
CA GLU I 370 -20.16 -10.61 53.80
C GLU I 370 -21.32 -10.96 52.88
N GLY I 371 -22.02 -9.94 52.40
CA GLY I 371 -23.17 -10.19 51.55
C GLY I 371 -24.33 -10.82 52.30
N SER I 372 -24.65 -10.26 53.47
CA SER I 372 -25.75 -10.77 54.26
C SER I 372 -26.70 -9.63 54.58
N GLN I 373 -27.95 -9.94 54.87
CA GLN I 373 -28.94 -8.90 55.10
C GLN I 373 -29.76 -9.09 56.36
N ILE I 374 -30.38 -8.01 56.82
CA ILE I 374 -31.22 -8.10 58.01
C ILE I 374 -32.67 -7.82 57.69
N SER I 375 -33.56 -8.78 57.97
CA SER I 375 -34.97 -8.51 57.77
C SER I 375 -35.53 -7.69 58.93
N VAL I 376 -36.71 -7.12 58.71
CA VAL I 376 -37.37 -6.35 59.76
C VAL I 376 -37.82 -7.26 60.90
N TYR I 377 -38.24 -8.48 60.59
CA TYR I 377 -38.82 -9.39 61.58
C TYR I 377 -37.77 -10.31 62.21
N TYR I 378 -36.71 -9.72 62.73
CA TYR I 378 -35.65 -10.48 63.40
C TYR I 378 -34.87 -9.54 64.30
N ASP I 379 -33.79 -10.04 64.87
CA ASP I 379 -32.94 -9.20 65.70
C ASP I 379 -31.97 -8.39 64.82
N PRO I 380 -31.96 -7.07 64.96
CA PRO I 380 -31.04 -6.24 64.16
C PRO I 380 -29.59 -6.23 64.65
N LEU I 381 -29.20 -7.16 65.52
CA LEU I 381 -27.82 -7.21 65.99
C LEU I 381 -26.88 -7.58 64.84
N ILE I 382 -25.73 -6.91 64.80
CA ILE I 382 -24.72 -7.18 63.77
C ILE I 382 -23.64 -8.09 64.33
N CYS I 383 -22.93 -7.62 65.36
CA CYS I 383 -21.81 -8.36 65.92
C CYS I 383 -21.79 -8.17 67.42
N LYS I 384 -21.12 -9.11 68.10
CA LYS I 384 -20.96 -9.10 69.55
C LYS I 384 -19.47 -9.00 69.83
N LEU I 385 -18.95 -7.78 69.86
CA LEU I 385 -17.51 -7.56 69.99
C LEU I 385 -17.09 -7.63 71.44
N SER I 386 -16.18 -8.54 71.74
CA SER I 386 -15.65 -8.73 73.09
C SER I 386 -14.14 -8.80 73.04
N THR I 387 -13.47 -8.07 73.92
CA THR I 387 -12.02 -8.03 73.90
C THR I 387 -11.45 -8.44 75.25
N TRP I 388 -10.42 -9.28 75.23
CA TRP I 388 -9.80 -9.71 76.48
C TRP I 388 -8.94 -8.61 77.07
N GLY I 389 -8.74 -8.65 78.38
CA GLY I 389 -7.91 -7.68 79.03
C GLY I 389 -7.52 -8.11 80.42
N ARG I 390 -6.72 -7.30 81.10
CA ARG I 390 -6.35 -7.59 82.47
C ARG I 390 -6.52 -6.32 83.26
N ASP I 391 -6.30 -5.19 82.60
CA ASP I 391 -6.47 -3.90 83.25
C ASP I 391 -7.56 -3.13 82.55
N ARG I 392 -8.21 -2.22 83.27
CA ARG I 392 -9.24 -1.41 82.65
C ARG I 392 -8.63 -0.66 81.48
N ALA I 393 -7.53 0.04 81.72
CA ALA I 393 -6.89 0.82 80.67
C ALA I 393 -6.50 -0.07 79.51
N GLU I 394 -5.87 -1.20 79.81
CA GLU I 394 -5.43 -2.10 78.75
C GLU I 394 -6.60 -2.63 77.96
N CYS I 395 -7.62 -3.14 78.65
CA CYS I 395 -8.76 -3.73 77.98
C CYS I 395 -9.54 -2.69 77.19
N ILE I 396 -9.68 -1.49 77.74
CA ILE I 396 -10.45 -0.45 77.08
C ILE I 396 -9.74 0.04 75.83
N GLY I 397 -8.48 0.43 75.97
CA GLY I 397 -7.71 0.87 74.83
C GLY I 397 -7.88 -0.11 73.68
N ARG I 398 -7.83 -1.40 73.99
CA ARG I 398 -8.00 -2.40 72.97
C ARG I 398 -9.32 -2.20 72.26
N MET I 399 -10.39 -2.03 73.03
CA MET I 399 -11.70 -1.81 72.46
C MET I 399 -11.68 -0.55 71.60
N GLU I 400 -11.13 0.53 72.15
CA GLU I 400 -11.01 1.77 71.39
C GLU I 400 -10.42 1.47 70.03
N LYS I 401 -9.25 0.85 70.03
CA LYS I 401 -8.58 0.56 68.76
C LYS I 401 -9.43 -0.38 67.90
N ALA I 402 -10.05 -1.40 68.52
CA ALA I 402 -10.78 -2.39 67.74
C ALA I 402 -12.07 -1.83 67.16
N LEU I 403 -12.63 -0.78 67.76
CA LEU I 403 -13.82 -0.17 67.19
C LEU I 403 -13.53 0.46 65.84
N ASP I 404 -12.40 1.14 65.72
CA ASP I 404 -12.07 1.89 64.50
C ASP I 404 -11.73 0.99 63.32
N GLU I 405 -11.34 -0.27 63.57
CA GLU I 405 -10.95 -1.17 62.48
C GLU I 405 -12.11 -2.01 61.99
N TYR I 406 -13.32 -1.79 62.49
CA TYR I 406 -14.51 -2.53 62.06
C TYR I 406 -15.11 -1.80 60.88
N VAL I 407 -14.85 -2.31 59.68
CA VAL I 407 -15.39 -1.72 58.46
C VAL I 407 -16.78 -2.26 58.21
N ILE I 408 -17.78 -1.39 58.27
CA ILE I 408 -19.16 -1.74 57.96
C ILE I 408 -19.64 -0.79 56.86
N ARG I 409 -20.11 -1.34 55.75
CA ARG I 409 -20.62 -0.54 54.66
C ARG I 409 -21.91 -1.16 54.15
N GLY I 410 -22.89 -0.32 53.84
CA GLY I 410 -24.18 -0.75 53.32
C GLY I 410 -25.36 -0.47 54.24
N LEU I 411 -25.13 -0.03 55.47
CA LEU I 411 -26.20 0.26 56.41
C LEU I 411 -25.60 0.95 57.63
N ARG I 412 -26.44 1.63 58.39
CA ARG I 412 -25.98 2.37 59.55
C ARG I 412 -25.74 1.44 60.74
N HIS I 413 -25.28 2.03 61.83
CA HIS I 413 -24.98 1.29 63.05
C HIS I 413 -24.81 2.29 64.18
N ASN I 414 -24.52 1.76 65.38
CA ASN I 414 -24.37 2.58 66.58
C ASN I 414 -22.94 2.62 67.10
N ILE I 415 -21.96 2.36 66.24
CA ILE I 415 -20.56 2.31 66.70
C ILE I 415 -20.12 3.66 67.24
N CYS I 416 -20.66 4.75 66.71
CA CYS I 416 -20.30 6.07 67.21
C CYS I 416 -20.69 6.23 68.68
N LEU I 417 -21.87 5.74 69.04
CA LEU I 417 -22.31 5.82 70.43
C LEU I 417 -21.40 5.01 71.34
N LEU I 418 -21.03 3.79 70.92
CA LEU I 418 -20.14 2.97 71.72
C LEU I 418 -18.79 3.64 71.91
N ARG I 419 -18.24 4.19 70.82
CA ARG I 419 -16.97 4.90 70.89
C ARG I 419 -17.04 6.07 71.86
N ASP I 420 -18.08 6.90 71.74
CA ASP I 420 -18.18 8.07 72.60
C ASP I 420 -18.36 7.68 74.06
N VAL I 421 -19.14 6.62 74.32
CA VAL I 421 -19.34 6.18 75.69
C VAL I 421 -18.03 5.68 76.29
N VAL I 422 -17.27 4.89 75.52
CA VAL I 422 -16.02 4.34 76.04
C VAL I 422 -15.01 5.45 76.28
N THR I 423 -14.92 6.42 75.37
CA THR I 423 -13.92 7.47 75.48
C THR I 423 -14.22 8.47 76.58
N GLU I 424 -15.45 8.50 77.09
CA GLU I 424 -15.83 9.49 78.07
C GLU I 424 -15.02 9.32 79.35
N PRO I 425 -14.47 10.40 79.93
CA PRO I 425 -13.72 10.25 81.19
C PRO I 425 -14.57 9.77 82.35
N ARG I 426 -15.88 10.00 82.31
CA ARG I 426 -16.76 9.47 83.35
C ARG I 426 -16.73 7.94 83.36
N TYR I 427 -16.73 7.32 82.17
CA TYR I 427 -16.69 5.87 82.09
C TYR I 427 -15.36 5.33 82.56
N ARG I 428 -14.27 6.05 82.27
CA ARG I 428 -12.95 5.62 82.72
C ARG I 428 -12.66 6.00 84.17
N SER I 429 -13.55 6.77 84.82
CA SER I 429 -13.37 7.11 86.22
C SER I 429 -13.34 5.85 87.09
N GLY I 430 -14.20 4.88 86.77
CA GLY I 430 -14.20 3.62 87.49
C GLY I 430 -15.58 3.10 87.81
N SER I 431 -16.52 4.00 88.11
CA SER I 431 -17.87 3.62 88.50
C SER I 431 -18.90 4.33 87.64
N ILE I 432 -20.03 3.67 87.44
CA ILE I 432 -21.15 4.18 86.64
C ILE I 432 -22.45 3.81 87.33
N THR I 433 -23.57 4.16 86.71
CA THR I 433 -24.90 3.83 87.21
C THR I 433 -25.76 3.30 86.08
N THR I 434 -26.99 2.91 86.41
CA THR I 434 -27.91 2.42 85.39
C THR I 434 -28.64 3.54 84.66
N ASN I 435 -28.76 4.72 85.26
CA ASN I 435 -29.28 5.90 84.59
C ASN I 435 -28.19 6.70 83.90
N TYR I 436 -27.06 6.05 83.62
CA TYR I 436 -25.88 6.75 83.09
C TYR I 436 -26.16 7.38 81.73
N LEU I 437 -26.83 6.64 80.84
CA LEU I 437 -26.98 7.09 79.46
C LEU I 437 -27.76 8.38 79.37
N GLN I 438 -29.04 8.36 79.75
CA GLN I 438 -29.86 9.56 79.64
C GLN I 438 -29.32 10.68 80.53
N GLU I 439 -28.60 10.34 81.60
CA GLU I 439 -27.94 11.37 82.39
C GLU I 439 -26.89 12.10 81.58
N GLN I 440 -26.13 11.36 80.77
CA GLN I 440 -25.10 11.96 79.93
C GLN I 440 -25.59 12.34 78.53
N TYR I 441 -26.81 11.95 78.16
CA TYR I 441 -27.41 12.33 76.88
C TYR I 441 -28.81 12.86 77.15
N PRO I 442 -28.93 14.12 77.58
CA PRO I 442 -30.26 14.66 77.88
C PRO I 442 -31.13 14.85 76.64
N ASN I 443 -30.63 15.53 75.61
CA ASN I 443 -31.40 15.83 74.40
C ASN I 443 -30.83 15.02 73.25
N GLY I 444 -31.56 13.97 72.86
CA GLY I 444 -31.13 13.15 71.74
C GLY I 444 -29.77 12.54 71.98
N PHE I 445 -28.94 12.56 70.94
CA PHE I 445 -27.55 12.13 71.04
C PHE I 445 -26.68 13.07 70.22
N LYS I 446 -25.55 13.47 70.79
CA LYS I 446 -24.61 14.35 70.09
C LYS I 446 -23.20 13.86 70.38
N LYS I 447 -22.51 13.42 69.33
CA LYS I 447 -21.16 12.89 69.49
C LYS I 447 -20.20 14.00 69.90
N ALA I 448 -19.24 13.64 70.76
CA ALA I 448 -18.23 14.59 71.20
C ALA I 448 -17.31 14.97 70.03
N GLU I 449 -16.72 16.15 70.15
CA GLU I 449 -15.96 16.76 69.05
C GLU I 449 -14.48 16.36 69.15
N LEU I 450 -13.65 17.04 68.37
CA LEU I 450 -12.22 16.74 68.27
C LEU I 450 -11.40 17.86 68.88
N THR I 451 -10.28 17.49 69.50
CA THR I 451 -9.33 18.48 70.00
C THR I 451 -8.45 18.98 68.85
N ALA I 452 -7.66 20.02 69.15
CA ALA I 452 -6.85 20.64 68.10
C ALA I 452 -5.84 19.66 67.50
N GLU I 453 -5.16 18.89 68.35
CA GLU I 453 -4.11 18.01 67.85
C GLU I 453 -4.70 16.86 67.03
N GLU I 454 -5.87 16.36 67.42
CA GLU I 454 -6.51 15.31 66.63
C GLU I 454 -6.89 15.82 65.25
N MET I 455 -7.42 17.04 65.17
CA MET I 455 -7.79 17.60 63.88
C MET I 455 -6.56 17.87 63.03
N GLN I 456 -5.47 18.33 63.66
CA GLN I 456 -4.21 18.50 62.94
C GLN I 456 -3.73 17.18 62.37
N LEU I 457 -3.76 16.12 63.17
CA LEU I 457 -3.31 14.81 62.69
C LEU I 457 -4.19 14.33 61.53
N MET I 458 -5.49 14.56 61.63
CA MET I 458 -6.38 14.20 60.53
C MET I 458 -6.01 14.95 59.26
N TYR I 459 -5.70 16.24 59.39
CA TYR I 459 -5.24 17.01 58.24
C TYR I 459 -3.98 16.40 57.65
N GLU I 460 -3.02 16.06 58.49
CA GLU I 460 -1.74 15.53 57.98
C GLU I 460 -1.96 14.24 57.23
N VAL I 461 -2.78 13.35 57.79
CA VAL I 461 -3.06 12.06 57.16
C VAL I 461 -3.79 12.26 55.84
N ALA I 462 -4.73 13.22 55.80
CA ALA I 462 -5.44 13.49 54.57
C ALA I 462 -4.49 13.97 53.48
N ALA I 463 -3.56 14.85 53.82
CA ALA I 463 -2.59 15.32 52.84
C ALA I 463 -1.71 14.18 52.33
N CYS I 464 -1.26 13.31 53.24
CA CYS I 464 -0.44 12.17 52.82
C CYS I 464 -1.21 11.26 51.88
N VAL I 465 -2.47 10.97 52.20
CA VAL I 465 -3.29 10.12 51.34
C VAL I 465 -3.49 10.75 49.98
N HIS I 466 -3.75 12.05 49.95
CA HIS I 466 -3.93 12.75 48.68
C HIS I 466 -2.71 12.62 47.81
N LEU I 467 -1.51 12.85 48.38
CA LEU I 467 -0.30 12.75 47.58
C LEU I 467 -0.07 11.33 47.09
N LYS I 468 -0.29 10.33 47.96
CA LYS I 468 -0.06 8.95 47.57
C LYS I 468 -0.98 8.53 46.42
N ARG I 469 -2.25 8.91 46.49
CA ARG I 469 -3.17 8.56 45.41
C ARG I 469 -2.90 9.39 44.16
N GLU I 470 -2.36 10.59 44.32
CA GLU I 470 -2.01 11.39 43.15
C GLU I 470 -0.86 10.76 42.38
N ARG I 471 0.18 10.28 43.07
CA ARG I 471 1.33 9.72 42.39
C ARG I 471 0.99 8.49 41.57
N LEU I 472 -0.11 7.82 41.87
CA LEU I 472 -0.49 6.61 41.14
C LEU I 472 -0.81 6.91 39.69
N HIS I 473 -1.48 8.03 39.43
CA HIS I 473 -1.99 8.30 38.08
C HIS I 473 -0.90 8.71 37.10
N TYR I 474 0.22 9.24 37.60
CA TYR I 474 1.27 9.70 36.71
C TYR I 474 1.96 8.53 36.02
N THR I 475 2.55 8.82 34.86
CA THR I 475 3.14 7.79 34.01
C THR I 475 4.66 7.76 34.17
N GLN I 476 5.19 6.58 34.47
CA GLN I 476 6.63 6.30 34.52
C GLN I 476 7.26 7.22 35.56
N GLY I 477 8.40 7.85 35.29
CA GLY I 477 9.10 8.67 36.24
C GLY I 477 8.75 10.14 36.22
N THR I 478 7.78 10.55 35.40
CA THR I 478 7.38 11.94 35.33
C THR I 478 6.39 12.28 36.44
N ALA I 479 6.78 12.06 37.69
CA ALA I 479 5.88 12.24 38.82
C ALA I 479 6.46 13.20 39.83
N PRO I 480 5.61 13.93 40.55
CA PRO I 480 6.11 14.89 41.54
C PRO I 480 6.38 14.21 42.88
N SER I 481 7.00 14.96 43.78
CA SER I 481 7.29 14.45 45.12
C SER I 481 7.04 15.46 46.23
N GLU I 482 6.64 16.69 45.92
CA GLU I 482 6.41 17.67 46.97
C GLU I 482 5.37 18.68 46.51
N ARG I 483 4.50 19.08 47.44
CA ARG I 483 3.46 20.05 47.18
C ARG I 483 3.27 20.91 48.42
N GLN I 484 2.40 21.91 48.31
CA GLN I 484 1.98 22.72 49.44
C GLN I 484 0.46 22.82 49.38
N LEU I 485 -0.20 22.14 50.30
CA LEU I 485 -1.66 22.06 50.29
C LEU I 485 -2.25 22.99 51.36
N TYR I 486 -3.52 23.31 51.19
CA TYR I 486 -4.26 24.22 52.08
C TYR I 486 -5.53 23.51 52.52
N LEU I 487 -5.48 22.85 53.67
CA LEU I 487 -6.62 22.08 54.14
C LEU I 487 -7.56 22.92 54.99
N SER I 488 -8.86 22.71 54.81
CA SER I 488 -9.87 23.48 55.54
C SER I 488 -11.19 22.70 55.47
N VAL I 489 -11.65 22.21 56.62
CA VAL I 489 -12.92 21.50 56.68
C VAL I 489 -14.06 22.50 56.74
N GLY I 490 -15.21 22.09 56.24
CA GLY I 490 -16.38 22.97 56.23
C GLY I 490 -16.55 23.68 54.91
N ALA I 491 -17.80 24.07 54.63
CA ALA I 491 -18.13 24.73 53.38
C ALA I 491 -17.59 26.15 53.29
N GLY I 492 -17.19 26.74 54.40
CA GLY I 492 -16.65 28.09 54.43
C GLY I 492 -15.17 28.18 54.64
N GLN I 493 -14.44 27.07 54.55
CA GLN I 493 -12.99 27.03 54.76
C GLN I 493 -12.62 27.57 56.14
N GLU I 494 -13.12 26.88 57.16
CA GLU I 494 -12.85 27.26 58.54
C GLU I 494 -11.47 26.76 58.95
N GLY I 495 -10.57 27.70 59.23
CA GLY I 495 -9.24 27.35 59.68
C GLY I 495 -8.34 26.82 58.58
N GLU I 496 -7.99 27.67 57.62
CA GLU I 496 -7.06 27.29 56.58
C GLU I 496 -5.71 26.96 57.18
N THR I 497 -5.29 25.71 57.05
CA THR I 497 -4.01 25.24 57.61
C THR I 497 -3.07 24.84 56.48
N PRO I 498 -2.06 25.65 56.17
CA PRO I 498 -1.08 25.22 55.16
C PRO I 498 -0.35 23.96 55.59
N VAL I 499 -0.12 23.06 54.63
CA VAL I 499 0.53 21.78 54.87
C VAL I 499 1.50 21.50 53.74
N TYR I 500 2.63 20.87 54.06
CA TYR I 500 3.60 20.39 53.09
C TYR I 500 3.58 18.87 53.06
N VAL I 501 4.35 18.30 52.14
CA VAL I 501 4.50 16.84 52.04
C VAL I 501 5.69 16.56 51.13
N ARG I 502 6.41 15.47 51.41
CA ARG I 502 7.66 15.22 50.70
C ARG I 502 7.78 13.82 50.10
N TYR I 503 7.11 12.83 50.69
CA TYR I 503 7.12 11.46 50.18
C TYR I 503 8.54 10.96 49.94
N LEU I 504 9.29 10.79 51.04
CA LEU I 504 10.68 10.36 50.92
C LEU I 504 10.78 8.89 50.52
N ASP I 505 9.83 8.05 50.93
CA ASP I 505 9.79 6.64 50.56
C ASP I 505 8.35 6.27 50.22
N ASP I 506 8.09 4.96 50.14
CA ASP I 506 6.76 4.48 49.75
C ASP I 506 5.72 4.77 50.83
N SER I 507 6.12 4.69 52.09
CA SER I 507 5.20 4.90 53.21
C SER I 507 5.82 5.82 54.25
N HIS I 508 6.55 6.84 53.80
CA HIS I 508 7.15 7.80 54.69
C HIS I 508 7.09 9.18 54.06
N PHE I 509 6.72 10.18 54.85
CA PHE I 509 6.61 11.55 54.39
C PHE I 509 7.40 12.46 55.33
N GLU I 510 7.46 13.74 54.99
CA GLU I 510 8.20 14.75 55.76
C GLU I 510 7.31 15.94 56.04
N ILE I 511 6.13 15.67 56.60
CA ILE I 511 5.13 16.70 56.81
C ILE I 511 5.70 17.85 57.62
N GLY I 512 5.37 19.08 57.20
CA GLY I 512 5.77 20.28 57.91
C GLY I 512 4.74 21.36 57.69
N ALA I 513 4.98 22.52 58.32
CA ALA I 513 4.06 23.63 58.18
C ALA I 513 4.03 24.13 56.74
N SER I 514 5.21 24.39 56.17
CA SER I 514 5.34 24.85 54.80
C SER I 514 6.77 24.54 54.36
N LYS I 515 7.19 25.14 53.25
CA LYS I 515 8.59 25.10 52.89
C LYS I 515 9.41 25.86 53.93
N HIS I 516 10.68 25.49 54.05
CA HIS I 516 11.60 25.99 55.08
C HIS I 516 10.94 26.02 56.45
N GLY I 517 10.35 24.89 56.81
CA GLY I 517 9.82 24.68 58.14
C GLY I 517 10.22 23.31 58.66
N PRO I 518 10.38 23.18 59.98
CA PRO I 518 10.84 21.91 60.54
C PRO I 518 9.90 20.76 60.18
N PHE I 519 10.48 19.59 59.94
CA PHE I 519 9.76 18.43 59.45
C PHE I 519 9.77 17.33 60.52
N ARG I 520 8.74 16.48 60.49
CA ARG I 520 8.52 15.49 61.54
C ARG I 520 8.74 14.05 61.12
N LYS I 521 8.53 13.72 59.85
CA LYS I 521 8.72 12.36 59.32
C LYS I 521 7.81 11.35 60.02
N MET I 522 6.51 11.51 59.77
CA MET I 522 5.52 10.53 60.22
C MET I 522 5.51 9.34 59.27
N GLU I 523 4.51 8.47 59.41
CA GLU I 523 4.36 7.29 58.56
C GLU I 523 2.89 6.99 58.36
N VAL I 524 2.52 6.64 57.13
CA VAL I 524 1.17 6.24 56.78
C VAL I 524 1.25 5.01 55.90
N VAL I 525 0.44 3.99 56.21
CA VAL I 525 0.41 2.78 55.40
C VAL I 525 -1.02 2.50 54.93
N TRP I 526 -1.30 2.79 53.66
CA TRP I 526 -2.66 2.60 53.13
C TRP I 526 -2.70 2.05 51.71
N LYS I 527 -3.49 1.02 51.48
CA LYS I 527 -3.64 0.47 50.14
C LYS I 527 -4.60 1.33 49.34
N ALA I 528 -4.27 1.63 48.10
CA ALA I 528 -5.11 2.52 47.31
C ALA I 528 -6.58 2.10 47.24
N SER I 529 -7.48 3.04 47.48
CA SER I 529 -8.91 2.76 47.41
C SER I 529 -9.37 1.72 48.43
N TYR I 530 -8.77 1.72 49.62
CA TYR I 530 -9.18 0.80 50.67
C TYR I 530 -9.58 1.57 51.92
N PRO I 531 -10.26 0.89 52.86
CA PRO I 531 -10.74 1.64 54.04
C PRO I 531 -9.68 1.93 55.09
N ILE I 532 -8.99 0.89 55.57
CA ILE I 532 -8.13 1.04 56.74
C ILE I 532 -6.90 1.86 56.39
N ILE I 533 -6.54 2.78 57.29
CA ILE I 533 -5.35 3.62 57.13
C ILE I 533 -4.52 3.74 58.42
N ARG I 534 -3.47 2.93 58.62
CA ARG I 534 -2.68 2.96 59.86
C ARG I 534 -1.56 4.00 59.91
N VAL I 535 -1.64 4.94 60.85
CA VAL I 535 -0.67 6.03 60.91
C VAL I 535 -0.03 6.11 62.29
N LYS I 536 1.29 6.16 62.34
CA LYS I 536 1.97 6.14 63.63
C LYS I 536 3.05 7.20 63.77
N ASP I 537 2.75 8.28 64.46
CA ASP I 537 3.77 9.29 64.72
C ASP I 537 4.38 9.01 66.07
N GLY I 538 5.69 8.79 66.10
CA GLY I 538 6.34 8.44 67.35
C GLY I 538 5.67 7.22 67.93
N GLU I 539 5.22 7.32 69.17
CA GLU I 539 4.56 6.19 69.82
C GLU I 539 3.07 6.16 69.49
N ALA I 540 2.43 7.32 69.51
CA ALA I 540 1.00 7.40 69.20
C ALA I 540 0.65 6.65 67.93
N GLU I 541 -0.47 5.93 67.96
CA GLU I 541 -0.92 5.22 66.77
C GLU I 541 -2.39 5.49 66.54
N THR I 542 -2.79 5.68 65.28
CA THR I 542 -4.18 6.00 64.97
C THR I 542 -4.64 5.18 63.78
N VAL I 543 -5.96 4.95 63.69
CA VAL I 543 -6.47 4.22 62.56
C VAL I 543 -7.63 5.01 62.09
N LEU I 544 -7.58 5.44 60.87
CA LEU I 544 -8.66 6.19 60.25
C LEU I 544 -9.17 5.41 59.05
N GLN I 545 -10.28 5.86 58.47
CA GLN I 545 -10.90 5.18 57.34
C GLN I 545 -11.12 6.15 56.20
N PHE I 546 -11.11 5.62 54.98
CA PHE I 546 -11.24 6.41 53.75
C PHE I 546 -12.50 5.97 53.03
N TRP I 547 -13.50 6.86 53.02
CA TRP I 547 -14.78 6.51 52.39
C TRP I 547 -14.75 6.75 50.88
N GLY I 548 -14.51 7.99 50.46
CA GLY I 548 -14.53 8.32 49.05
C GLY I 548 -14.15 9.76 48.85
N THR I 549 -14.19 10.18 47.59
CA THR I 549 -13.75 11.52 47.22
C THR I 549 -14.32 11.92 45.88
N ASN I 550 -14.30 13.23 45.61
CA ASN I 550 -14.64 13.79 44.31
C ASN I 550 -13.52 14.66 43.78
N GLU I 551 -12.30 14.43 44.27
CA GLU I 551 -11.02 15.02 43.87
C GLU I 551 -10.82 16.44 44.42
N VAL I 552 -11.78 17.01 45.13
CA VAL I 552 -11.56 18.26 45.85
C VAL I 552 -11.90 18.05 47.31
N THR I 553 -12.78 17.10 47.58
CA THR I 553 -13.25 16.81 48.93
C THR I 553 -13.01 15.35 49.24
N TYR I 554 -12.47 15.08 50.43
CA TYR I 554 -12.13 13.73 50.85
C TYR I 554 -13.06 13.30 51.98
N GLY I 555 -13.67 12.13 51.81
CA GLY I 555 -14.50 11.57 52.86
C GLY I 555 -13.73 10.65 53.77
N MET I 556 -13.26 11.18 54.91
CA MET I 556 -12.43 10.43 55.83
C MET I 556 -13.12 10.32 57.19
N GLN I 557 -12.93 9.17 57.83
CA GLN I 557 -13.55 8.88 59.11
C GLN I 557 -12.52 9.03 60.23
N MET I 558 -12.90 9.76 61.29
CA MET I 558 -12.03 9.99 62.44
C MET I 558 -12.83 9.70 63.71
N ARG I 559 -12.38 8.72 64.48
CA ARG I 559 -13.03 8.32 65.74
C ARG I 559 -14.48 7.93 65.51
N GLY I 560 -14.70 7.12 64.47
CA GLY I 560 -16.02 6.64 64.14
C GLY I 560 -17.00 7.73 63.77
N THR I 561 -16.55 8.71 62.99
CA THR I 561 -17.39 9.83 62.58
C THR I 561 -16.92 10.28 61.21
N THR I 562 -17.88 10.63 60.36
CA THR I 562 -17.58 11.04 58.99
C THR I 562 -17.33 12.54 58.92
N PHE I 563 -16.31 12.91 58.14
CA PHE I 563 -16.00 14.30 57.85
C PHE I 563 -15.72 14.43 56.37
N ASP I 564 -15.61 15.66 55.91
CA ASP I 564 -15.27 15.97 54.52
C ASP I 564 -14.20 17.05 54.52
N VAL I 565 -12.94 16.63 54.48
CA VAL I 565 -11.82 17.56 54.45
C VAL I 565 -11.59 18.02 53.01
N ASN I 566 -11.24 19.29 52.84
CA ASN I 566 -10.93 19.85 51.54
C ASN I 566 -9.43 19.98 51.39
N VAL I 567 -8.88 19.41 50.33
CA VAL I 567 -7.45 19.43 50.06
C VAL I 567 -7.26 20.11 48.72
N MET I 568 -6.78 21.35 48.74
CA MET I 568 -6.65 22.16 47.54
C MET I 568 -5.38 22.98 47.61
N SER I 569 -4.88 23.36 46.44
CA SER I 569 -3.61 24.06 46.32
C SER I 569 -3.82 25.57 46.52
N ASP I 570 -2.80 26.36 46.17
CA ASP I 570 -2.90 27.80 46.32
C ASP I 570 -3.95 28.38 45.39
N LEU I 571 -3.93 28.00 44.11
CA LEU I 571 -4.87 28.56 43.15
C LEU I 571 -6.30 28.17 43.51
N GLN I 572 -6.53 26.90 43.82
CA GLN I 572 -7.88 26.46 44.18
C GLN I 572 -8.37 27.17 45.43
N SER I 573 -7.50 27.34 46.43
CA SER I 573 -7.91 28.03 47.65
C SER I 573 -8.26 29.48 47.37
N THR I 574 -7.41 30.18 46.62
CA THR I 574 -7.68 31.59 46.33
C THR I 574 -8.87 31.78 45.40
N LEU I 575 -9.25 30.74 44.65
CA LEU I 575 -10.37 30.86 43.73
C LEU I 575 -11.68 30.35 44.29
N ALA I 576 -11.65 29.49 45.31
CA ALA I 576 -12.89 28.94 45.85
C ALA I 576 -13.71 29.98 46.60
N HIS I 577 -13.12 31.13 46.92
CA HIS I 577 -13.93 32.22 47.48
C HIS I 577 -14.92 32.75 46.45
N PHE I 578 -14.50 32.85 45.20
CA PHE I 578 -15.30 33.45 44.14
C PHE I 578 -16.11 32.39 43.39
N VAL I 579 -16.93 31.64 44.12
CA VAL I 579 -17.71 30.55 43.56
C VAL I 579 -19.12 30.64 44.13
N PRO I 580 -20.17 30.63 43.31
CA PRO I 580 -21.53 30.68 43.84
C PRO I 580 -21.83 29.44 44.67
N ILE I 581 -22.58 29.64 45.74
CA ILE I 581 -23.05 28.55 46.59
C ILE I 581 -24.58 28.64 46.62
N THR I 582 -25.23 27.95 45.69
CA THR I 582 -26.68 27.96 45.65
C THR I 582 -27.26 27.09 46.76
N GLU I 583 -28.50 27.38 47.13
CA GLU I 583 -29.20 26.61 48.15
C GLU I 583 -30.27 25.75 47.47
N ALA I 584 -30.27 24.46 47.78
CA ALA I 584 -31.20 23.54 47.16
C ALA I 584 -32.63 23.78 47.68
N THR I 585 -33.60 23.37 46.87
CA THR I 585 -34.99 23.59 47.21
C THR I 585 -35.36 22.82 48.48
N THR I 586 -35.97 23.52 49.44
CA THR I 586 -36.45 22.94 50.67
C THR I 586 -37.97 22.93 50.60
N ASN I 587 -38.53 21.90 49.99
CA ASN I 587 -39.96 21.80 49.74
C ASN I 587 -40.55 20.70 50.62
N THR I 588 -41.49 21.08 51.48
CA THR I 588 -42.27 20.13 52.27
C THR I 588 -43.68 20.14 51.69
N LYS I 589 -43.89 19.30 50.68
CA LYS I 589 -45.17 19.26 49.99
C LYS I 589 -45.42 17.84 49.49
N GLN I 590 -46.48 17.70 48.71
CA GLN I 590 -46.96 16.39 48.28
C GLN I 590 -45.93 15.67 47.41
N ILE I 591 -45.89 14.34 47.55
CA ILE I 591 -45.00 13.48 46.79
C ILE I 591 -45.81 12.74 45.74
N LEU I 592 -45.28 12.68 44.52
CA LEU I 592 -45.96 12.08 43.39
C LEU I 592 -45.24 10.82 42.93
N SER I 593 -45.98 9.94 42.27
CA SER I 593 -45.40 8.69 41.78
C SER I 593 -44.67 8.94 40.47
N PRO I 594 -43.40 8.59 40.36
CA PRO I 594 -42.64 8.90 39.13
C PRO I 594 -43.23 8.28 37.87
N MET I 595 -43.78 7.08 37.97
CA MET I 595 -44.21 6.32 36.80
C MET I 595 -45.56 5.68 37.05
N PRO I 596 -46.31 5.37 35.99
CA PRO I 596 -47.58 4.65 36.17
C PRO I 596 -47.36 3.24 36.71
N GLY I 597 -48.41 2.70 37.31
CA GLY I 597 -48.34 1.38 37.89
C GLY I 597 -49.61 1.05 38.66
N VAL I 598 -49.46 0.15 39.63
CA VAL I 598 -50.55 -0.29 40.49
C VAL I 598 -50.02 -0.33 41.93
N ILE I 599 -50.83 0.16 42.85
CA ILE I 599 -50.48 0.15 44.27
C ILE I 599 -51.06 -1.13 44.88
N VAL I 600 -50.19 -1.99 45.38
CA VAL I 600 -50.63 -3.27 45.95
C VAL I 600 -50.48 -3.28 47.46
N ALA I 601 -49.47 -2.59 47.99
CA ALA I 601 -49.24 -2.55 49.42
C ALA I 601 -48.94 -1.12 49.86
N ILE I 602 -49.46 -0.76 51.04
CA ILE I 602 -49.18 0.52 51.68
C ILE I 602 -48.58 0.25 53.04
N LYS I 603 -47.73 1.16 53.51
CA LYS I 603 -47.04 1.02 54.78
C LYS I 603 -47.45 2.06 55.80
N VAL I 604 -47.56 3.32 55.41
CA VAL I 604 -47.88 4.39 56.35
C VAL I 604 -49.39 4.65 56.34
N GLN I 605 -49.88 5.31 57.44
CA GLN I 605 -51.26 5.65 57.78
C GLN I 605 -51.53 7.13 57.48
N PRO I 606 -52.79 7.50 57.22
CA PRO I 606 -53.09 8.87 56.78
C PRO I 606 -53.01 9.87 57.92
N GLY I 607 -52.22 10.93 57.71
CA GLY I 607 -52.10 11.99 58.69
C GLY I 607 -51.42 11.62 59.98
N GLN I 608 -50.32 10.88 59.93
CA GLN I 608 -49.51 10.61 61.10
C GLN I 608 -48.04 10.91 60.84
N MET I 609 -47.19 10.55 61.78
CA MET I 609 -45.77 10.89 61.69
C MET I 609 -45.08 10.08 60.61
N VAL I 610 -44.08 10.71 59.97
CA VAL I 610 -43.24 10.06 58.98
C VAL I 610 -41.80 10.52 59.23
N VAL I 611 -40.86 9.59 59.06
CA VAL I 611 -39.45 9.86 59.27
C VAL I 611 -38.69 9.47 58.00
N ALA I 612 -37.49 10.04 57.87
CA ALA I 612 -36.67 9.80 56.68
C ALA I 612 -36.34 8.32 56.53
N GLY I 613 -36.34 7.84 55.30
CA GLY I 613 -35.99 6.47 55.01
C GLY I 613 -37.08 5.45 55.26
N GLU I 614 -38.31 5.89 55.54
CA GLU I 614 -39.39 4.95 55.79
C GLU I 614 -40.11 4.62 54.49
N GLU I 615 -40.29 3.34 54.22
CA GLU I 615 -41.05 2.95 53.04
C GLU I 615 -42.49 3.42 53.22
N LEU I 616 -43.14 3.83 52.14
CA LEU I 616 -44.50 4.34 52.25
C LEU I 616 -45.51 3.44 51.56
N LEU I 617 -45.18 2.98 50.36
CA LEU I 617 -46.08 2.12 49.60
C LEU I 617 -45.33 1.42 48.48
N THR I 618 -45.99 0.51 47.78
CA THR I 618 -45.33 -0.25 46.73
C THR I 618 -46.15 -0.40 45.45
N LEU I 619 -45.74 0.25 44.37
CA LEU I 619 -46.40 0.06 43.11
C LEU I 619 -45.87 -1.16 42.38
N GLU I 620 -46.72 -1.84 41.61
CA GLU I 620 -46.28 -2.97 40.82
C GLU I 620 -46.55 -2.70 39.35
N ALA I 621 -45.53 -2.73 38.52
CA ALA I 621 -45.69 -2.42 37.10
C ALA I 621 -44.95 -3.37 36.21
N MET I 622 -45.60 -3.84 35.17
CA MET I 622 -44.96 -4.77 34.25
C MET I 622 -44.23 -5.83 35.04
N LYS I 623 -44.90 -6.44 36.01
CA LYS I 623 -44.31 -7.50 36.82
C LYS I 623 -43.10 -7.03 37.61
N MET I 624 -43.28 -6.05 38.49
CA MET I 624 -42.18 -5.53 39.28
C MET I 624 -42.69 -4.61 40.38
N ARG I 625 -42.41 -4.94 41.63
CA ARG I 625 -42.82 -4.11 42.74
C ARG I 625 -41.74 -3.14 43.14
N ASN I 626 -41.99 -1.85 43.00
CA ASN I 626 -41.03 -0.86 43.44
C ASN I 626 -41.35 -0.52 44.89
N LYS I 627 -40.77 0.55 45.40
CA LYS I 627 -41.09 0.99 46.76
C LYS I 627 -40.61 2.40 47.02
N ILE I 628 -41.43 3.38 46.68
CA ILE I 628 -41.06 4.77 46.93
C ILE I 628 -41.19 5.09 48.42
N HIS I 629 -40.14 5.67 49.00
CA HIS I 629 -40.17 5.94 50.43
C HIS I 629 -40.22 7.43 50.74
N ALA I 630 -40.09 7.77 52.01
CA ALA I 630 -40.08 9.18 52.39
C ALA I 630 -38.65 9.65 52.56
N GLN I 631 -38.19 10.51 51.66
CA GLN I 631 -36.81 10.97 51.72
C GLN I 631 -36.51 11.65 53.04
N ALA I 632 -37.31 12.64 53.42
CA ALA I 632 -37.11 13.35 54.67
C ALA I 632 -38.28 14.25 55.02
N ASP I 633 -38.82 14.09 56.23
CA ASP I 633 -39.93 14.95 56.68
C ASP I 633 -40.32 14.56 58.10
N GLY I 634 -41.21 15.34 58.70
CA GLY I 634 -41.66 15.02 60.05
C GLY I 634 -43.04 14.40 60.07
N LYS I 635 -43.97 14.99 59.32
CA LYS I 635 -45.35 14.50 59.30
C LYS I 635 -46.02 14.66 57.96
N VAL I 636 -47.28 14.25 57.88
CA VAL I 636 -48.04 14.34 56.62
C VAL I 636 -49.48 14.71 56.91
N LYS I 637 -50.15 15.26 55.89
CA LYS I 637 -51.58 15.55 55.91
C LYS I 637 -52.09 15.30 54.50
N GLU I 638 -52.93 14.28 54.33
CA GLU I 638 -53.24 13.77 52.99
C GLU I 638 -54.34 12.72 53.08
N VAL I 639 -54.71 12.20 51.91
CA VAL I 639 -55.70 11.13 51.79
C VAL I 639 -55.06 9.99 51.00
N LYS I 640 -55.10 8.79 51.57
CA LYS I 640 -54.40 7.64 51.00
C LYS I 640 -55.07 7.14 49.74
N VAL I 641 -54.25 6.73 48.77
CA VAL I 641 -54.75 6.06 47.58
C VAL I 641 -55.00 4.60 47.92
N LYS I 642 -56.22 4.13 47.66
CA LYS I 642 -56.65 2.83 48.15
C LYS I 642 -55.95 1.71 47.38
N LEU I 643 -56.01 0.50 47.96
CA LEU I 643 -55.38 -0.67 47.37
C LEU I 643 -55.97 -0.98 46.00
N GLY I 644 -55.10 -1.36 45.07
CA GLY I 644 -55.55 -1.73 43.74
C GLY I 644 -56.01 -0.59 42.88
N ALA I 645 -55.58 0.64 43.15
CA ALA I 645 -55.98 1.80 42.37
C ALA I 645 -55.03 1.94 41.19
N THR I 646 -55.35 1.25 40.09
CA THR I 646 -54.53 1.25 38.89
C THR I 646 -54.71 2.56 38.13
N VAL I 647 -54.33 3.66 38.76
CA VAL I 647 -54.46 4.97 38.15
C VAL I 647 -53.10 5.61 37.91
N GLU I 648 -52.35 5.88 38.98
CA GLU I 648 -50.98 6.44 38.93
C GLU I 648 -50.97 7.62 37.94
N ASP I 649 -50.12 7.60 36.92
CA ASP I 649 -49.95 8.72 36.00
C ASP I 649 -49.56 9.99 36.75
N ASN I 650 -48.55 9.86 37.62
CA ASN I 650 -47.97 10.97 38.36
C ASN I 650 -49.02 11.70 39.19
N GLU I 651 -49.89 10.94 39.85
CA GLU I 651 -50.86 11.51 40.76
C GLU I 651 -50.22 11.77 42.13
N VAL I 652 -50.99 12.41 43.01
CA VAL I 652 -50.53 12.70 44.36
C VAL I 652 -50.93 11.56 45.28
N LEU I 653 -50.05 10.55 45.39
CA LEU I 653 -50.34 9.39 46.23
C LEU I 653 -50.35 9.79 47.70
N VAL I 654 -49.33 10.52 48.15
CA VAL I 654 -49.23 11.01 49.51
C VAL I 654 -48.90 12.50 49.46
N GLU I 655 -49.55 13.29 50.30
CA GLU I 655 -49.34 14.73 50.36
C GLU I 655 -48.75 15.09 51.71
N LEU I 656 -47.61 15.78 51.69
CA LEU I 656 -46.86 16.09 52.91
C LEU I 656 -47.15 17.53 53.32
N GLU I 657 -47.76 17.70 54.48
CA GLU I 657 -48.05 19.03 55.02
C GLU I 657 -47.97 19.02 56.54
N VAL J 1 28.87 -8.16 -70.40
CA VAL J 1 29.57 -6.94 -70.78
C VAL J 1 29.71 -6.00 -69.58
N LEU J 2 30.75 -5.18 -69.59
CA LEU J 2 31.04 -4.24 -68.53
C LEU J 2 30.91 -2.82 -69.06
N VAL J 3 30.27 -1.95 -68.28
CA VAL J 3 30.09 -0.56 -68.70
C VAL J 3 31.27 0.29 -68.26
N ALA J 4 31.33 1.52 -68.76
CA ALA J 4 32.43 2.42 -68.41
C ALA J 4 31.93 3.73 -67.79
N ASN J 5 30.62 3.86 -67.62
CA ASN J 5 30.06 5.08 -67.06
C ASN J 5 29.40 4.83 -65.71
N ARG J 6 29.18 5.89 -64.94
CA ARG J 6 28.56 5.75 -63.63
C ARG J 6 27.33 6.63 -63.51
N GLY J 7 26.69 6.93 -64.63
CA GLY J 7 25.49 7.74 -64.60
C GLY J 7 24.24 6.96 -64.99
N GLU J 8 23.22 7.70 -65.39
CA GLU J 8 21.96 7.06 -65.77
C GLU J 8 22.15 6.10 -66.92
N ILE J 9 23.09 6.40 -67.79
CA ILE J 9 23.32 5.54 -68.94
C ILE J 9 23.77 4.15 -68.50
N ALA J 10 24.57 4.09 -67.45
CA ALA J 10 25.01 2.80 -66.95
C ALA J 10 23.80 1.99 -66.55
N CYS J 11 22.88 2.61 -65.83
CA CYS J 11 21.66 1.92 -65.43
C CYS J 11 20.87 1.51 -66.66
N ARG J 12 20.81 2.39 -67.65
CA ARG J 12 20.10 2.06 -68.88
C ARG J 12 20.67 0.80 -69.50
N VAL J 13 21.99 0.72 -69.58
CA VAL J 13 22.62 -0.44 -70.18
C VAL J 13 22.32 -1.70 -69.40
N MET J 14 22.49 -1.64 -68.08
CA MET J 14 22.22 -2.80 -67.25
C MET J 14 20.72 -3.07 -67.23
N ALA J 15 19.97 -2.29 -67.99
CA ALA J 15 18.53 -2.51 -68.07
C ALA J 15 18.18 -3.08 -69.44
N THR J 16 18.91 -2.67 -70.47
CA THR J 16 18.66 -3.19 -71.81
C THR J 16 19.00 -4.67 -71.83
N CYS J 17 19.96 -5.07 -71.01
CA CYS J 17 20.36 -6.47 -70.96
C CYS J 17 19.22 -7.35 -70.45
N ARG J 18 18.34 -6.77 -69.64
CA ARG J 18 17.20 -7.53 -69.14
C ARG J 18 16.55 -8.34 -70.24
N ARG J 19 16.06 -7.66 -71.28
CA ARG J 19 15.51 -8.37 -72.42
C ARG J 19 16.58 -9.13 -73.22
N LEU J 20 17.75 -8.52 -73.38
CA LEU J 20 18.81 -9.17 -74.15
C LEU J 20 19.44 -10.32 -73.38
N GLY J 21 18.96 -10.57 -72.17
CA GLY J 21 19.49 -11.66 -71.37
C GLY J 21 20.99 -11.65 -71.31
N ILE J 22 21.58 -10.49 -71.02
CA ILE J 22 23.03 -10.37 -70.97
C ILE J 22 23.52 -10.01 -69.58
N LYS J 23 24.24 -10.92 -68.93
CA LYS J 23 24.81 -10.58 -67.64
C LYS J 23 25.75 -9.39 -67.76
N THR J 24 25.66 -8.51 -66.77
CA THR J 24 26.35 -7.23 -66.79
C THR J 24 27.23 -7.07 -65.55
N VAL J 25 28.29 -6.29 -65.72
CA VAL J 25 29.21 -5.95 -64.64
C VAL J 25 29.34 -4.43 -64.61
N ALA J 26 29.47 -3.88 -63.40
CA ALA J 26 29.55 -2.44 -63.23
C ALA J 26 30.63 -2.12 -62.20
N VAL J 27 31.62 -1.33 -62.62
CA VAL J 27 32.65 -0.87 -61.69
C VAL J 27 32.21 0.42 -61.01
N TYR J 28 32.93 0.79 -59.96
CA TYR J 28 32.55 1.93 -59.14
C TYR J 28 33.78 2.47 -58.42
N SER J 29 33.66 3.70 -57.93
CA SER J 29 34.64 4.29 -57.04
C SER J 29 34.18 4.15 -55.59
N THR J 30 35.06 4.55 -54.67
CA THR J 30 34.77 4.34 -53.24
C THR J 30 33.55 5.14 -52.79
N ALA J 31 33.41 6.38 -53.26
CA ALA J 31 32.27 7.19 -52.83
C ALA J 31 30.96 6.62 -53.36
N ASP J 32 31.00 5.89 -54.47
CA ASP J 32 29.80 5.38 -55.12
C ASP J 32 29.46 3.96 -54.70
N GLU J 33 29.81 3.55 -53.48
CA GLU J 33 29.49 2.21 -53.02
C GLU J 33 27.98 2.02 -52.88
N GLN J 34 27.23 3.11 -52.76
CA GLN J 34 25.78 3.05 -52.58
C GLN J 34 25.01 3.57 -53.79
N ALA J 35 25.66 3.75 -54.92
CA ALA J 35 24.95 4.14 -56.13
C ALA J 35 24.05 2.99 -56.60
N LYS J 36 22.97 3.35 -57.29
CA LYS J 36 22.02 2.33 -57.72
C LYS J 36 22.64 1.37 -58.71
N HIS J 37 23.47 1.86 -59.63
CA HIS J 37 24.02 1.02 -60.68
C HIS J 37 24.91 -0.07 -60.10
N VAL J 38 25.39 0.10 -58.87
CA VAL J 38 26.18 -0.94 -58.23
C VAL J 38 25.29 -2.12 -57.87
N LYS J 39 24.11 -1.85 -57.30
CA LYS J 39 23.20 -2.92 -56.92
C LYS J 39 22.42 -3.48 -58.10
N VAL J 40 22.26 -2.67 -59.16
CA VAL J 40 21.54 -3.14 -60.32
C VAL J 40 22.42 -4.10 -61.09
N ALA J 41 23.73 -3.93 -60.94
CA ALA J 41 24.68 -4.77 -61.66
C ALA J 41 24.75 -6.19 -61.08
N ASP J 42 25.28 -7.12 -61.86
CA ASP J 42 25.45 -8.47 -61.37
C ASP J 42 26.78 -8.56 -60.67
N GLU J 43 27.75 -7.78 -61.15
CA GLU J 43 29.08 -7.78 -60.54
C GLU J 43 29.59 -6.36 -60.35
N SER J 44 30.36 -6.13 -59.29
CA SER J 44 30.91 -4.81 -59.04
C SER J 44 32.35 -4.87 -58.56
N VAL J 45 33.21 -4.00 -59.09
CA VAL J 45 34.60 -3.99 -58.69
C VAL J 45 35.04 -2.56 -58.36
N CYS J 46 35.86 -2.39 -57.33
CA CYS J 46 36.22 -1.02 -56.95
C CYS J 46 37.38 -0.52 -57.81
N ILE J 47 37.36 0.79 -58.10
CA ILE J 47 38.36 1.41 -58.95
C ILE J 47 39.03 2.56 -58.19
N GLY J 48 39.28 2.35 -56.91
CA GLY J 48 40.09 3.27 -56.15
C GLY J 48 39.39 4.55 -55.75
N PRO J 49 40.18 5.58 -55.44
CA PRO J 49 39.60 6.79 -54.85
C PRO J 49 38.64 7.47 -55.81
N PRO J 50 37.69 8.24 -55.29
CA PRO J 50 36.61 8.77 -56.14
C PRO J 50 36.97 10.02 -56.93
N ALA J 51 38.16 10.56 -56.73
CA ALA J 51 38.56 11.69 -57.57
C ALA J 51 38.45 11.22 -58.99
N SER J 52 38.14 12.12 -59.91
CA SER J 52 37.91 11.70 -61.30
C SER J 52 39.03 10.88 -61.92
N VAL J 53 40.28 11.27 -61.69
CA VAL J 53 41.40 10.57 -62.33
C VAL J 53 41.44 9.07 -62.02
N GLU J 54 41.44 8.72 -60.74
CA GLU J 54 41.48 7.31 -60.36
C GLU J 54 40.14 6.66 -60.63
N SER J 55 39.07 7.44 -60.55
CA SER J 55 37.75 6.88 -60.75
C SER J 55 37.39 6.76 -62.21
N TYR J 56 37.37 5.53 -62.74
CA TYR J 56 36.97 5.30 -64.13
C TYR J 56 38.01 5.83 -65.13
N LEU J 57 38.53 7.02 -64.89
CA LEU J 57 39.54 7.58 -65.78
C LEU J 57 40.86 6.82 -65.69
N CYS J 58 41.01 6.01 -64.64
CA CYS J 58 42.23 5.23 -64.48
C CYS J 58 42.22 4.04 -65.41
N ILE J 59 42.41 4.30 -66.69
CA ILE J 59 42.40 3.22 -67.69
C ILE J 59 43.12 1.98 -67.19
N ASP J 60 44.33 2.15 -66.67
CA ASP J 60 45.12 0.99 -66.24
C ASP J 60 44.31 0.09 -65.31
N LYS J 61 43.65 0.70 -64.33
CA LYS J 61 42.82 -0.08 -63.43
C LYS J 61 41.67 -0.70 -64.21
N ILE J 62 40.99 0.11 -65.01
CA ILE J 62 39.85 -0.38 -65.77
C ILE J 62 40.20 -1.52 -66.72
N VAL J 63 41.22 -1.32 -67.55
CA VAL J 63 41.58 -2.34 -68.53
C VAL J 63 42.11 -3.57 -67.82
N ASP J 64 42.88 -3.38 -66.75
CA ASP J 64 43.36 -4.53 -65.99
C ASP J 64 42.19 -5.26 -65.38
N ALA J 65 41.23 -4.51 -64.84
CA ALA J 65 40.07 -5.12 -64.22
C ALA J 65 39.30 -5.97 -65.22
N CYS J 66 39.45 -5.65 -66.50
CA CYS J 66 38.78 -6.40 -67.54
C CYS J 66 39.48 -7.72 -67.79
N LYS J 67 39.57 -8.56 -66.76
CA LYS J 67 40.26 -9.85 -66.90
C LYS J 67 39.65 -10.92 -66.01
N LYS J 68 38.50 -10.63 -65.40
CA LYS J 68 37.91 -11.59 -64.47
C LYS J 68 36.45 -11.89 -64.79
N THR J 69 35.76 -10.92 -65.36
CA THR J 69 34.34 -11.12 -65.66
C THR J 69 34.10 -12.23 -66.66
N GLY J 70 34.98 -12.36 -67.65
CA GLY J 70 34.79 -13.36 -68.68
C GLY J 70 33.99 -12.79 -69.82
N ALA J 71 33.26 -11.71 -69.55
CA ALA J 71 32.48 -11.06 -70.58
C ALA J 71 33.30 -10.91 -71.86
N GLN J 72 32.74 -11.36 -72.98
CA GLN J 72 33.46 -11.28 -74.25
C GLN J 72 33.46 -9.88 -74.83
N ALA J 73 32.67 -8.99 -74.24
CA ALA J 73 32.63 -7.60 -74.69
C ALA J 73 32.47 -6.67 -73.52
N VAL J 74 32.83 -5.40 -73.70
CA VAL J 74 32.73 -4.42 -72.63
C VAL J 74 32.28 -3.07 -73.19
N HIS J 75 31.13 -2.58 -72.70
CA HIS J 75 30.62 -1.30 -73.18
C HIS J 75 31.61 -0.17 -72.92
N PRO J 76 31.71 0.77 -73.88
CA PRO J 76 32.60 1.92 -73.69
C PRO J 76 31.88 3.06 -72.99
N GLY J 77 30.57 2.98 -72.83
CA GLY J 77 29.81 4.05 -72.22
C GLY J 77 29.65 5.24 -73.16
N TYR J 78 29.39 6.42 -72.62
CA TYR J 78 29.29 7.60 -73.47
C TYR J 78 30.09 8.76 -72.91
N GLY J 79 30.45 8.68 -71.63
CA GLY J 79 31.21 9.75 -71.00
C GLY J 79 32.63 9.35 -70.71
N PHE J 80 33.27 10.04 -69.76
CA PHE J 80 34.63 9.70 -69.38
C PHE J 80 35.49 9.46 -70.62
N LEU J 81 36.20 8.34 -70.64
CA LEU J 81 37.10 8.06 -71.76
C LEU J 81 36.45 7.17 -72.82
N SER J 82 35.17 7.37 -73.07
CA SER J 82 34.49 6.59 -74.10
C SER J 82 35.09 6.88 -75.46
N GLU J 83 34.96 5.95 -76.40
CA GLU J 83 35.50 6.14 -77.75
C GLU J 83 36.86 6.82 -77.74
N ASN J 84 37.82 6.22 -77.05
CA ASN J 84 39.17 6.78 -77.02
C ASN J 84 40.19 5.82 -77.60
N GLY J 85 41.16 6.35 -78.34
CA GLY J 85 42.17 5.51 -78.96
C GLY J 85 43.10 4.90 -77.94
N GLU J 86 43.71 5.74 -77.11
CA GLU J 86 44.59 5.24 -76.06
C GLU J 86 43.85 4.13 -75.34
N PHE J 87 42.53 4.19 -75.36
CA PHE J 87 41.73 3.14 -74.75
C PHE J 87 41.45 2.04 -75.78
N GLN J 88 41.10 2.43 -77.01
CA GLN J 88 40.88 1.43 -78.04
C GLN J 88 42.14 0.61 -78.27
N SER J 89 43.30 1.26 -78.25
CA SER J 89 44.56 0.55 -78.41
C SER J 89 44.76 -0.46 -77.29
N ALA J 90 44.52 -0.05 -76.05
CA ALA J 90 44.71 -0.95 -74.91
C ALA J 90 43.75 -2.14 -74.98
N LEU J 91 42.49 -1.89 -75.35
CA LEU J 91 41.55 -3.01 -75.43
C LEU J 91 41.89 -3.96 -76.57
N GLN J 92 42.45 -3.45 -77.68
CA GLN J 92 42.89 -4.38 -78.72
C GLN J 92 44.24 -5.00 -78.41
N LYS J 93 44.98 -4.49 -77.42
CA LYS J 93 46.15 -5.22 -76.95
C LYS J 93 45.75 -6.55 -76.32
N ASN J 94 44.72 -6.52 -75.48
CA ASN J 94 44.22 -7.73 -74.83
C ASN J 94 43.15 -8.40 -75.69
N ASN J 95 42.89 -7.88 -76.88
CA ASN J 95 42.01 -8.50 -77.87
C ASN J 95 40.59 -8.67 -77.35
N ILE J 96 39.92 -7.53 -77.12
CA ILE J 96 38.55 -7.52 -76.63
C ILE J 96 37.73 -6.50 -77.42
N VAL J 97 36.42 -6.69 -77.40
CA VAL J 97 35.49 -5.90 -78.21
C VAL J 97 35.32 -4.51 -77.60
N PHE J 98 35.07 -3.52 -78.44
CA PHE J 98 34.96 -2.14 -77.94
C PHE J 98 33.51 -1.68 -77.85
N VAL J 99 32.61 -2.41 -78.51
CA VAL J 99 31.21 -2.03 -78.50
C VAL J 99 31.10 -0.57 -78.93
N GLY J 100 31.85 -0.19 -79.95
CA GLY J 100 31.84 1.18 -80.43
C GLY J 100 32.36 1.33 -81.84
N PRO J 101 32.55 2.58 -82.29
CA PRO J 101 33.01 2.82 -83.67
C PRO J 101 34.46 2.43 -83.89
N ASP J 102 34.90 2.41 -85.14
CA ASP J 102 36.28 2.07 -85.44
C ASP J 102 37.15 3.30 -85.27
N ALA J 103 38.44 3.10 -85.08
CA ALA J 103 39.34 4.21 -84.82
C ALA J 103 39.33 5.21 -85.96
N HIS J 104 39.59 4.74 -87.19
CA HIS J 104 39.86 5.64 -88.30
C HIS J 104 38.76 6.68 -88.46
N SER J 105 37.50 6.25 -88.41
CA SER J 105 36.39 7.19 -88.49
C SER J 105 36.39 8.16 -87.32
N ILE J 106 36.67 7.65 -86.11
CA ILE J 106 36.61 8.50 -84.91
C ILE J 106 37.65 9.62 -84.99
N GLU J 107 38.90 9.27 -85.27
CA GLU J 107 39.91 10.33 -85.41
C GLU J 107 39.74 11.15 -86.67
N SER J 108 39.07 10.64 -87.71
CA SER J 108 38.88 11.43 -88.91
C SER J 108 37.79 12.48 -88.73
N MET J 109 36.81 12.20 -87.88
CA MET J 109 35.65 13.09 -87.76
C MET J 109 35.60 13.88 -86.47
N GLY J 110 35.97 13.28 -85.34
CA GLY J 110 35.98 14.03 -84.08
C GLY J 110 37.11 15.03 -83.98
N ASP J 111 38.10 14.93 -84.86
CA ASP J 111 39.21 15.86 -84.86
C ASP J 111 38.72 17.28 -85.13
N LYS J 112 39.38 18.25 -84.48
CA LYS J 112 38.97 19.64 -84.63
C LYS J 112 39.15 20.15 -86.05
N ILE J 113 40.27 19.83 -86.70
CA ILE J 113 40.54 20.26 -88.05
C ILE J 113 40.38 19.08 -88.99
N GLU J 114 40.39 19.37 -90.29
CA GLU J 114 40.22 18.40 -91.37
C GLU J 114 38.77 17.93 -91.43
N SER J 115 37.97 18.30 -90.43
CA SER J 115 36.54 18.07 -90.51
C SER J 115 35.93 18.86 -91.66
N LYS J 116 36.42 20.08 -91.87
CA LYS J 116 36.00 20.86 -93.03
C LYS J 116 36.40 20.16 -94.33
N ARG J 117 37.53 19.43 -94.33
CA ARG J 117 37.93 18.70 -95.51
C ARG J 117 36.92 17.62 -95.86
N LEU J 118 36.55 16.81 -94.87
CA LEU J 118 35.54 15.80 -95.12
C LEU J 118 34.25 16.50 -95.51
N ALA J 119 33.99 17.65 -94.92
CA ALA J 119 32.79 18.40 -95.23
C ALA J 119 32.78 18.81 -96.69
N GLN J 120 33.90 19.35 -97.15
CA GLN J 120 33.98 19.78 -98.55
C GLN J 120 34.37 18.64 -99.45
N ARG J 121 34.69 17.49 -98.86
CA ARG J 121 35.02 16.32 -99.67
C ARG J 121 33.89 16.15 -100.67
N ALA J 122 32.66 16.18 -100.18
CA ALA J 122 31.51 16.08 -101.07
C ALA J 122 30.72 17.37 -100.96
N GLY J 123 31.29 18.38 -100.32
CA GLY J 123 30.61 19.65 -100.14
C GLY J 123 29.49 19.53 -99.13
N VAL J 124 28.49 18.71 -99.44
CA VAL J 124 27.39 18.48 -98.49
C VAL J 124 26.84 19.78 -97.92
N THR J 125 26.65 20.78 -98.77
CA THR J 125 26.09 22.06 -98.32
C THR J 125 26.79 22.58 -97.07
N CYS J 126 28.10 22.72 -97.13
CA CYS J 126 28.84 23.25 -95.98
C CYS J 126 28.74 24.77 -95.96
N ILE J 127 29.24 25.39 -94.89
CA ILE J 127 29.19 26.83 -94.77
C ILE J 127 29.47 27.54 -96.09
N PRO J 128 28.57 28.43 -96.52
CA PRO J 128 28.75 29.17 -97.76
C PRO J 128 29.29 30.57 -97.52
N GLY J 129 30.04 31.04 -98.50
CA GLY J 129 30.65 32.36 -98.43
C GLY J 129 31.84 32.44 -99.36
N PHE J 130 32.24 33.68 -99.67
CA PHE J 130 33.40 33.91 -100.53
C PHE J 130 34.66 33.36 -99.88
N ILE J 131 35.22 32.30 -100.46
CA ILE J 131 36.34 31.59 -99.86
C ILE J 131 37.61 32.33 -100.24
N GLY J 132 37.96 33.33 -99.44
CA GLY J 132 39.17 34.10 -99.68
C GLY J 132 39.07 35.48 -99.05
N GLU J 133 40.17 36.21 -99.17
CA GLU J 133 40.26 37.54 -98.59
C GLU J 133 39.45 38.53 -99.42
N VAL J 134 38.75 39.43 -98.73
CA VAL J 134 38.05 40.53 -99.38
C VAL J 134 38.89 41.79 -99.19
N LYS J 135 39.65 42.15 -100.23
CA LYS J 135 40.61 43.25 -100.15
C LYS J 135 39.99 44.63 -100.36
N THR J 136 38.77 44.69 -100.86
CA THR J 136 38.11 45.95 -101.20
C THR J 136 36.66 45.92 -100.74
N HIS J 137 36.12 47.12 -100.49
CA HIS J 137 34.72 47.23 -100.09
C HIS J 137 33.79 46.81 -101.24
N GLU J 138 34.20 47.04 -102.49
CA GLU J 138 33.38 46.63 -103.62
C GLU J 138 33.19 45.13 -103.64
N ASP J 139 34.26 44.36 -103.39
CA ASP J 139 34.14 42.91 -103.33
C ASP J 139 33.21 42.49 -102.20
N LEU J 140 33.32 43.15 -101.05
CA LEU J 140 32.47 42.80 -99.91
C LEU J 140 31.00 43.01 -100.24
N LEU J 141 30.67 44.16 -100.85
CA LEU J 141 29.29 44.42 -101.23
C LEU J 141 28.80 43.43 -102.28
N ARG J 142 29.64 43.14 -103.28
CA ARG J 142 29.24 42.22 -104.34
C ARG J 142 28.98 40.83 -103.79
N PHE J 143 29.85 40.35 -102.91
CA PHE J 143 29.67 39.01 -102.35
C PHE J 143 28.54 38.97 -101.33
N ALA J 144 28.27 40.09 -100.65
CA ALA J 144 27.08 40.15 -99.80
C ALA J 144 25.81 40.05 -100.62
N ARG J 145 25.77 40.73 -101.77
CA ARG J 145 24.59 40.65 -102.63
C ARG J 145 24.48 39.28 -103.29
N GLU J 146 25.62 38.66 -103.59
CA GLU J 146 25.58 37.32 -104.16
C GLU J 146 24.50 36.48 -103.51
N ILE J 147 24.53 36.41 -102.18
CA ILE J 147 23.54 35.61 -101.47
C ILE J 147 22.60 36.47 -100.64
N GLY J 148 22.88 37.77 -100.57
CA GLY J 148 22.05 38.67 -99.78
C GLY J 148 21.99 38.21 -98.34
N TYR J 149 23.07 37.63 -97.85
CA TYR J 149 23.12 37.14 -96.48
C TYR J 149 23.45 38.23 -95.48
N PRO J 150 23.27 37.94 -94.18
CA PRO J 150 23.64 38.93 -93.16
C PRO J 150 25.16 39.06 -93.02
N VAL J 151 25.91 38.79 -94.08
CA VAL J 151 27.38 38.99 -94.09
C VAL J 151 28.22 38.00 -93.26
N MET J 152 27.80 37.68 -92.04
CA MET J 152 28.61 36.81 -91.20
C MET J 152 30.08 37.22 -91.28
N ILE J 153 30.37 38.50 -91.03
CA ILE J 153 31.75 38.95 -91.06
C ILE J 153 32.54 38.27 -89.95
N LYS J 154 33.58 37.55 -90.31
CA LYS J 154 34.40 36.86 -89.33
C LYS J 154 35.86 36.87 -89.77
N ALA J 155 36.76 37.02 -88.81
CA ALA J 155 38.18 37.08 -89.14
C ALA J 155 38.69 35.72 -89.59
N SER J 156 39.71 35.74 -90.45
CA SER J 156 40.31 34.50 -90.92
C SER J 156 41.03 33.77 -89.78
N GLY J 157 41.74 34.52 -88.94
CA GLY J 157 42.49 33.93 -87.85
C GLY J 157 41.79 34.02 -86.50
N GLY J 158 40.72 34.81 -86.43
CA GLY J 158 39.99 34.96 -85.19
C GLY J 158 39.07 33.77 -84.93
N GLY J 159 38.79 33.54 -83.64
CA GLY J 159 37.92 32.45 -83.25
C GLY J 159 37.16 32.79 -81.98
N GLY J 160 36.16 31.97 -81.70
CA GLY J 160 35.38 32.13 -80.49
C GLY J 160 34.35 33.23 -80.52
N GLY J 161 34.15 33.89 -81.66
CA GLY J 161 33.21 34.99 -81.77
C GLY J 161 33.82 36.37 -81.72
N LYS J 162 35.14 36.48 -81.71
CA LYS J 162 35.80 37.78 -81.74
C LYS J 162 36.08 38.18 -83.18
N GLY J 163 35.86 39.46 -83.47
CA GLY J 163 36.01 39.96 -84.83
C GLY J 163 34.84 39.64 -85.74
N MET J 164 33.64 39.52 -85.20
CA MET J 164 32.44 39.19 -85.96
C MET J 164 31.43 40.33 -85.82
N ARG J 165 30.90 40.80 -86.94
CA ARG J 165 29.82 41.77 -86.96
C ARG J 165 28.82 41.39 -88.03
N VAL J 166 27.55 41.68 -87.77
CA VAL J 166 26.44 41.23 -88.60
C VAL J 166 25.97 42.38 -89.47
N ALA J 167 26.13 42.23 -90.78
CA ALA J 167 25.79 43.27 -91.74
C ALA J 167 24.52 42.90 -92.49
N TYR J 168 23.56 43.82 -92.53
CA TYR J 168 22.30 43.60 -93.22
C TYR J 168 22.19 44.32 -94.56
N ASN J 169 22.91 45.43 -94.75
CA ASN J 169 22.88 46.16 -96.01
C ASN J 169 24.30 46.58 -96.36
N ASP J 170 24.43 47.23 -97.51
CA ASP J 170 25.76 47.57 -98.02
C ASP J 170 26.46 48.59 -97.14
N THR J 171 25.74 49.61 -96.67
CA THR J 171 26.33 50.59 -95.76
C THR J 171 26.75 49.91 -94.46
N GLN J 172 25.90 49.02 -93.92
CA GLN J 172 26.29 48.23 -92.77
C GLN J 172 27.50 47.38 -93.07
N CYS J 173 27.56 46.81 -94.28
CA CYS J 173 28.72 46.01 -94.67
C CYS J 173 30.00 46.84 -94.61
N VAL J 174 29.97 48.06 -95.15
CA VAL J 174 31.17 48.89 -95.18
C VAL J 174 31.57 49.31 -93.77
N GLU J 175 30.60 49.77 -92.98
CA GLU J 175 30.92 50.22 -91.62
C GLU J 175 31.44 49.07 -90.76
N TYR J 176 30.82 47.89 -90.89
CA TYR J 176 31.24 46.75 -90.08
C TYR J 176 32.56 46.18 -90.55
N TYR J 177 32.87 46.29 -91.85
CA TYR J 177 34.21 45.92 -92.31
C TYR J 177 35.26 46.89 -91.78
N ASP J 178 34.92 48.18 -91.75
CA ASP J 178 35.82 49.18 -91.17
C ASP J 178 36.09 48.89 -89.69
N MET J 179 35.05 48.50 -88.94
CA MET J 179 35.27 48.15 -87.55
C MET J 179 36.02 46.83 -87.39
N CYS J 180 35.71 45.85 -88.24
CA CYS J 180 36.30 44.53 -88.13
C CYS J 180 37.80 44.55 -88.42
N ARG J 181 38.21 45.28 -89.47
CA ARG J 181 39.63 45.36 -89.77
C ARG J 181 40.39 46.02 -88.62
N GLU J 182 39.84 47.09 -88.04
CA GLU J 182 40.48 47.76 -86.92
C GLU J 182 40.59 46.83 -85.71
N GLU J 183 39.52 46.08 -85.43
CA GLU J 183 39.56 45.15 -84.30
C GLU J 183 40.58 44.03 -84.52
N ALA J 184 40.54 43.40 -85.70
CA ALA J 184 41.35 42.22 -85.94
C ALA J 184 42.83 42.55 -86.11
N LYS J 185 43.15 43.72 -86.68
CA LYS J 185 44.55 44.09 -86.81
C LYS J 185 45.21 44.23 -85.45
N ALA J 186 44.48 44.78 -84.47
CA ALA J 186 45.02 44.90 -83.12
C ALA J 186 44.98 43.58 -82.36
N ALA J 187 43.94 42.76 -82.56
CA ALA J 187 43.73 41.60 -81.71
C ALA J 187 44.42 40.33 -82.20
N PHE J 188 44.48 40.10 -83.52
CA PHE J 188 45.00 38.85 -84.04
C PHE J 188 46.08 39.04 -85.10
N HIS J 189 46.55 40.26 -85.31
CA HIS J 189 47.63 40.57 -86.26
C HIS J 189 47.28 40.15 -87.68
N SER J 190 45.99 40.00 -87.99
CA SER J 190 45.55 39.62 -89.32
C SER J 190 44.39 40.51 -89.74
N ASP J 191 44.52 41.14 -90.91
CA ASP J 191 43.46 41.95 -91.50
C ASP J 191 42.64 41.18 -92.52
N LYS J 192 42.93 39.90 -92.74
CA LYS J 192 42.24 39.11 -93.75
C LYS J 192 40.85 38.74 -93.26
N MET J 193 39.83 39.26 -93.93
CA MET J 193 38.44 39.02 -93.56
C MET J 193 37.78 38.06 -94.52
N LEU J 194 36.74 37.38 -94.03
CA LEU J 194 35.93 36.50 -94.84
C LEU J 194 34.46 36.84 -94.61
N VAL J 195 33.66 36.64 -95.66
CA VAL J 195 32.23 36.91 -95.62
C VAL J 195 31.48 35.62 -95.92
N GLU J 196 30.49 35.30 -95.10
CA GLU J 196 29.74 34.06 -95.22
C GLU J 196 28.26 34.33 -94.98
N ARG J 197 27.43 33.37 -95.34
CA ARG J 197 25.98 33.48 -95.18
C ARG J 197 25.63 33.41 -93.70
N PHE J 198 25.40 34.57 -93.09
CA PHE J 198 24.99 34.59 -91.70
C PHE J 198 23.54 34.14 -91.56
N ILE J 199 23.22 33.59 -90.41
CA ILE J 199 21.89 33.04 -90.14
C ILE J 199 21.03 34.13 -89.50
N ASP J 200 19.82 34.32 -90.02
CA ASP J 200 18.87 35.25 -89.42
C ASP J 200 18.72 34.99 -87.94
N HIS J 201 18.21 33.81 -87.58
CA HIS J 201 18.06 33.35 -86.21
C HIS J 201 18.14 31.83 -86.22
N PRO J 202 19.08 31.25 -85.48
CA PRO J 202 19.32 29.80 -85.60
C PRO J 202 18.36 28.98 -84.75
N ARG J 203 18.21 27.73 -85.16
CA ARG J 203 17.44 26.75 -84.40
C ARG J 203 18.28 25.56 -83.95
N HIS J 204 19.49 25.39 -84.49
CA HIS J 204 20.40 24.33 -84.05
C HIS J 204 19.77 22.95 -84.19
N ILE J 205 19.11 22.72 -85.32
CA ILE J 205 18.49 21.41 -85.57
C ILE J 205 19.57 20.35 -85.61
N GLU J 206 19.26 19.19 -85.03
CA GLU J 206 20.18 18.05 -85.01
C GLU J 206 19.54 16.85 -85.69
N ILE J 207 20.32 16.13 -86.49
CA ILE J 207 19.86 14.96 -87.21
C ILE J 207 20.57 13.75 -86.65
N GLN J 208 19.80 12.71 -86.32
CA GLN J 208 20.34 11.48 -85.76
C GLN J 208 20.72 10.51 -86.86
N VAL J 209 21.72 9.67 -86.57
CA VAL J 209 22.23 8.70 -87.52
C VAL J 209 22.52 7.39 -86.80
N ILE J 210 22.19 6.27 -87.46
CA ILE J 210 22.60 4.94 -87.01
C ILE J 210 23.17 4.21 -88.22
N ALA J 211 24.02 3.22 -87.96
CA ALA J 211 24.65 2.45 -89.03
C ALA J 211 24.95 1.05 -88.52
N ASP J 212 25.73 0.30 -89.29
CA ASP J 212 26.09 -1.07 -88.93
C ASP J 212 27.35 -1.48 -89.68
N ARG J 213 28.03 -2.50 -89.13
CA ARG J 213 29.28 -2.98 -89.71
C ARG J 213 29.05 -3.83 -90.96
N ARG J 214 27.83 -4.29 -91.20
CA ARG J 214 27.49 -5.04 -92.40
C ARG J 214 26.75 -4.18 -93.43
N GLY J 215 25.67 -3.52 -93.01
CA GLY J 215 24.92 -2.69 -93.93
C GLY J 215 23.61 -2.23 -93.30
N ASN J 216 22.59 -2.11 -94.14
CA ASN J 216 21.25 -1.72 -93.69
C ASN J 216 21.29 -0.40 -92.91
N THR J 217 22.07 0.55 -93.41
CA THR J 217 22.20 1.83 -92.74
C THR J 217 20.85 2.56 -92.72
N VAL J 218 20.52 3.15 -91.57
CA VAL J 218 19.24 3.81 -91.38
C VAL J 218 19.48 5.21 -90.84
N TYR J 219 18.61 6.14 -91.21
CA TYR J 219 18.62 7.49 -90.67
C TYR J 219 17.51 7.63 -89.64
N LEU J 220 17.87 8.03 -88.44
CA LEU J 220 16.86 8.26 -87.41
C LEU J 220 16.27 9.65 -87.56
N PRO J 221 15.03 9.84 -87.11
CA PRO J 221 14.41 11.16 -87.20
C PRO J 221 15.19 12.21 -86.41
N GLU J 222 15.19 13.44 -86.91
CA GLU J 222 16.01 14.51 -86.37
C GLU J 222 15.58 14.89 -84.96
N ARG J 223 16.31 15.80 -84.33
CA ARG J 223 15.96 16.31 -83.01
C ARG J 223 16.17 17.82 -82.94
N GLU J 224 15.91 18.38 -81.76
CA GLU J 224 16.05 19.81 -81.51
C GLU J 224 16.97 20.01 -80.31
N CYS J 225 17.86 20.98 -80.40
CA CYS J 225 18.69 21.40 -79.27
C CYS J 225 18.84 22.91 -79.28
N SER J 226 17.72 23.61 -79.54
CA SER J 226 17.78 25.06 -79.69
C SER J 226 18.13 25.76 -78.39
N ILE J 227 17.42 25.43 -77.31
CA ILE J 227 17.65 26.10 -76.03
C ILE J 227 19.02 25.72 -75.51
N GLN J 228 19.78 26.73 -75.09
CA GLN J 228 21.16 26.51 -74.66
C GLN J 228 21.59 27.61 -73.72
N ARG J 229 22.01 27.23 -72.52
CA ARG J 229 22.56 28.16 -71.53
C ARG J 229 24.03 27.85 -71.34
N ARG J 230 24.89 28.87 -71.50
CA ARG J 230 26.34 28.72 -71.36
C ARG J 230 26.86 27.59 -72.24
N ASN J 231 26.29 27.46 -73.43
CA ASN J 231 26.59 26.38 -74.37
C ASN J 231 26.24 25.01 -73.80
N GLN J 232 25.22 24.94 -72.94
CA GLN J 232 24.66 23.69 -72.47
C GLN J 232 23.15 23.70 -72.71
N LYS J 233 22.64 22.64 -73.33
CA LYS J 233 21.25 22.57 -73.72
C LYS J 233 20.38 22.09 -72.57
N VAL J 234 19.09 22.41 -72.65
CA VAL J 234 18.13 22.15 -71.57
C VAL J 234 16.95 21.32 -72.05
N ILE J 235 16.25 21.77 -73.09
CA ILE J 235 15.02 21.15 -73.54
C ILE J 235 15.22 20.67 -74.98
N GLU J 236 14.72 19.47 -75.25
CA GLU J 236 14.93 18.81 -76.54
C GLU J 236 13.62 18.24 -77.05
N GLU J 237 13.54 18.03 -78.36
CA GLU J 237 12.31 17.58 -79.03
C GLU J 237 12.65 17.08 -80.42
N ALA J 238 12.22 15.86 -80.74
CA ALA J 238 12.71 15.26 -81.98
C ALA J 238 12.02 15.82 -83.22
N PRO J 239 10.69 15.69 -83.39
CA PRO J 239 10.07 16.22 -84.62
C PRO J 239 9.79 17.72 -84.54
N SER J 240 10.82 18.53 -84.84
CA SER J 240 10.66 19.97 -84.78
C SER J 240 9.55 20.44 -85.71
N VAL J 241 8.97 21.60 -85.37
CA VAL J 241 7.81 22.10 -86.09
C VAL J 241 8.16 22.42 -87.54
N LEU J 242 9.33 23.01 -87.77
CA LEU J 242 9.75 23.39 -89.12
C LEU J 242 10.34 22.17 -89.80
N LEU J 243 9.47 21.24 -90.16
CA LEU J 243 9.85 19.97 -90.76
C LEU J 243 9.08 19.79 -92.06
N ASP J 244 9.78 19.81 -93.18
CA ASP J 244 9.22 19.49 -94.48
C ASP J 244 9.93 18.27 -95.04
N ALA J 245 9.15 17.34 -95.61
CA ALA J 245 9.72 16.13 -96.16
C ALA J 245 10.74 16.43 -97.26
N THR J 246 10.53 17.53 -97.99
CA THR J 246 11.47 17.93 -99.03
C THR J 246 12.89 18.04 -98.47
N THR J 247 13.03 18.71 -97.33
CA THR J 247 14.34 18.79 -96.68
C THR J 247 14.67 17.47 -95.98
N ARG J 248 13.74 16.95 -95.18
CA ARG J 248 14.06 15.87 -94.25
C ARG J 248 14.50 14.60 -94.95
N LYS J 249 13.84 14.24 -96.05
CA LYS J 249 14.24 13.03 -96.77
C LYS J 249 15.67 13.14 -97.29
N ALA J 250 15.99 14.31 -97.86
CA ALA J 250 17.36 14.53 -98.31
C ALA J 250 18.33 14.58 -97.15
N MET J 251 17.88 15.05 -95.98
CA MET J 251 18.73 15.05 -94.80
C MET J 251 19.12 13.63 -94.42
N GLY J 252 18.13 12.74 -94.36
CA GLY J 252 18.42 11.35 -94.04
C GLY J 252 19.30 10.69 -95.08
N GLU J 253 19.01 10.92 -96.36
CA GLU J 253 19.81 10.31 -97.42
C GLU J 253 21.24 10.82 -97.40
N GLU J 254 21.43 12.12 -97.17
CA GLU J 254 22.77 12.69 -97.15
C GLU J 254 23.52 12.25 -95.90
N ALA J 255 22.82 12.09 -94.78
CA ALA J 255 23.46 11.56 -93.57
C ALA J 255 23.95 10.14 -93.81
N VAL J 256 23.12 9.30 -94.44
CA VAL J 256 23.55 7.94 -94.74
C VAL J 256 24.72 7.95 -95.73
N ALA J 257 24.67 8.83 -96.73
CA ALA J 257 25.76 8.92 -97.69
C ALA J 257 27.06 9.33 -97.02
N MET J 258 27.00 10.30 -96.10
CA MET J 258 28.20 10.69 -95.37
C MET J 258 28.68 9.56 -94.46
N ALA J 259 27.75 8.76 -93.94
CA ALA J 259 28.11 7.65 -93.06
C ALA J 259 29.15 6.71 -93.66
N ARG J 260 28.87 6.16 -94.84
CA ARG J 260 29.80 5.25 -95.50
C ARG J 260 31.07 5.97 -95.97
N ALA J 261 31.01 7.29 -96.04
CA ALA J 261 32.15 8.07 -96.53
C ALA J 261 33.41 7.81 -95.71
N VAL J 262 33.30 7.92 -94.39
CA VAL J 262 34.44 7.64 -93.52
C VAL J 262 34.31 6.24 -92.95
N GLN J 263 33.37 5.46 -93.48
CA GLN J 263 33.15 4.10 -93.00
C GLN J 263 32.83 4.12 -91.51
N TYR J 264 31.96 5.04 -91.12
CA TYR J 264 31.59 5.15 -89.71
C TYR J 264 30.79 3.94 -89.27
N VAL J 265 31.08 3.43 -88.07
CA VAL J 265 30.36 2.27 -87.56
C VAL J 265 29.27 2.67 -86.56
N SER J 266 29.67 3.10 -85.38
CA SER J 266 28.70 3.52 -84.37
C SER J 266 28.43 5.01 -84.50
N ALA J 267 27.50 5.38 -85.36
CA ALA J 267 27.23 6.79 -85.62
C ALA J 267 26.89 7.58 -84.38
N GLY J 268 27.42 8.81 -84.28
CA GLY J 268 27.09 9.66 -83.16
C GLY J 268 25.85 10.41 -83.58
N THR J 269 26.03 11.61 -84.15
CA THR J 269 24.88 12.36 -84.66
C THR J 269 25.31 13.55 -85.51
N VAL J 270 24.43 13.98 -86.40
CA VAL J 270 24.74 15.10 -87.28
C VAL J 270 24.21 16.43 -86.76
N GLU J 271 25.02 17.49 -86.84
CA GLU J 271 24.61 18.80 -86.39
C GLU J 271 24.30 19.69 -87.58
N ASN J 272 23.27 20.53 -87.44
CA ASN J 272 22.87 21.48 -88.47
C ASN J 272 22.43 22.79 -87.83
N VAL J 273 22.43 23.85 -88.65
CA VAL J 273 21.85 25.14 -88.30
C VAL J 273 20.81 25.48 -89.36
N VAL J 274 19.58 25.77 -88.92
CA VAL J 274 18.46 25.94 -89.83
C VAL J 274 17.85 27.32 -89.62
N ASN J 275 17.65 28.03 -90.73
CA ASN J 275 16.98 29.32 -90.85
C ASN J 275 15.55 29.12 -91.34
N PRO J 276 14.66 30.10 -91.12
CA PRO J 276 13.27 29.97 -91.58
C PRO J 276 13.10 29.65 -93.06
N GLN J 277 14.19 29.71 -93.83
CA GLN J 277 14.15 29.37 -95.25
C GLN J 277 14.57 27.92 -95.52
N LYS J 278 14.69 27.11 -94.48
CA LYS J 278 14.84 25.65 -94.60
C LYS J 278 16.14 25.28 -95.33
N GLN J 279 17.25 25.66 -94.72
CA GLN J 279 18.57 25.24 -95.16
C GLN J 279 19.09 24.14 -94.23
N PHE J 280 20.33 23.72 -94.49
CA PHE J 280 20.97 22.69 -93.67
C PHE J 280 22.47 22.76 -93.85
N TYR J 281 23.21 22.43 -92.78
CA TYR J 281 24.66 22.62 -92.74
C TYR J 281 25.31 21.47 -91.99
N PHE J 282 25.82 20.47 -92.73
CA PHE J 282 26.46 19.32 -92.08
C PHE J 282 27.88 19.66 -91.63
N LEU J 283 28.05 19.85 -90.33
CA LEU J 283 29.35 20.12 -89.72
C LEU J 283 29.19 20.07 -88.20
N GLU J 284 30.30 20.13 -87.47
CA GLU J 284 30.22 19.98 -86.01
C GLU J 284 29.57 18.64 -85.74
N MET J 285 29.81 17.67 -86.61
CA MET J 285 29.21 16.35 -86.45
C MET J 285 29.68 15.68 -85.17
N ASN J 286 28.86 14.82 -84.60
CA ASN J 286 29.22 14.16 -83.35
C ASN J 286 29.57 12.69 -83.58
N THR J 287 30.47 12.15 -82.76
CA THR J 287 30.83 10.74 -82.87
C THR J 287 30.64 10.06 -81.52
N ARG J 288 29.91 10.72 -80.61
CA ARG J 288 29.66 10.14 -79.30
C ARG J 288 28.22 9.68 -79.22
N LEU J 289 27.95 8.70 -78.35
CA LEU J 289 26.58 8.21 -78.19
C LEU J 289 25.74 9.20 -77.43
N GLN J 290 25.01 10.04 -78.16
CA GLN J 290 24.16 11.03 -77.53
C GLN J 290 23.03 10.35 -76.77
N VAL J 291 22.77 10.80 -75.55
CA VAL J 291 21.73 10.16 -74.74
C VAL J 291 20.43 10.94 -74.79
N GLU J 292 20.24 11.74 -75.84
CA GLU J 292 18.98 12.44 -76.00
C GLU J 292 18.07 11.58 -76.86
N HIS J 293 18.55 10.40 -77.23
CA HIS J 293 17.78 9.48 -78.06
C HIS J 293 16.46 9.03 -77.43
N PRO J 294 16.36 9.01 -76.09
CA PRO J 294 15.06 8.60 -75.56
C PRO J 294 13.92 9.26 -76.32
N ILE J 295 14.06 10.53 -76.64
CA ILE J 295 13.02 11.21 -77.41
C ILE J 295 12.77 10.48 -78.72
N THR J 296 13.83 10.20 -79.46
CA THR J 296 13.68 9.50 -80.73
C THR J 296 13.11 8.12 -80.50
N GLU J 297 13.60 7.44 -79.47
CA GLU J 297 13.09 6.11 -79.16
C GLU J 297 11.60 6.18 -78.83
N GLU J 298 11.15 7.33 -78.35
CA GLU J 298 9.73 7.49 -78.04
C GLU J 298 8.93 7.71 -79.32
N ILE J 299 9.56 8.27 -80.34
CA ILE J 299 8.88 8.50 -81.60
C ILE J 299 9.17 7.38 -82.60
N THR J 300 9.97 6.40 -82.20
CA THR J 300 10.32 5.31 -83.09
C THR J 300 10.26 3.94 -82.41
N GLY J 301 11.01 3.77 -81.32
CA GLY J 301 11.07 2.47 -80.66
C GLY J 301 12.37 1.83 -81.06
N VAL J 302 13.24 2.59 -81.71
CA VAL J 302 14.52 2.07 -82.17
C VAL J 302 15.47 2.03 -80.97
N ASP J 303 15.72 0.83 -80.45
CA ASP J 303 16.57 0.67 -79.27
C ASP J 303 18.04 0.78 -79.70
N LEU J 304 18.59 1.99 -79.61
CA LEU J 304 19.95 2.21 -80.09
C LEU J 304 20.95 1.31 -79.36
N VAL J 305 20.76 1.10 -78.07
CA VAL J 305 21.70 0.28 -77.30
C VAL J 305 21.72 -1.14 -77.84
N GLU J 306 20.53 -1.73 -78.05
CA GLU J 306 20.46 -3.09 -78.54
C GLU J 306 21.07 -3.21 -79.93
N GLN J 307 20.75 -2.26 -80.82
CA GLN J 307 21.24 -2.34 -82.19
C GLN J 307 22.77 -2.17 -82.23
N MET J 308 23.30 -1.27 -81.42
CA MET J 308 24.75 -1.06 -81.45
C MET J 308 25.49 -2.24 -80.84
N LEU J 309 24.94 -2.84 -79.77
CA LEU J 309 25.61 -4.01 -79.23
C LEU J 309 25.48 -5.20 -80.17
N ARG J 310 24.39 -5.28 -80.94
CA ARG J 310 24.27 -6.33 -81.96
C ARG J 310 25.28 -6.11 -83.07
N ALA J 311 25.47 -4.87 -83.50
CA ALA J 311 26.47 -4.56 -84.52
C ALA J 311 27.89 -4.74 -84.01
N ALA J 312 28.09 -4.69 -82.69
CA ALA J 312 29.42 -4.94 -82.13
C ALA J 312 29.88 -6.38 -82.33
N ALA J 313 28.97 -7.28 -82.71
CA ALA J 313 29.30 -8.67 -82.97
C ALA J 313 29.37 -8.99 -84.46
N ASP J 314 29.45 -7.97 -85.31
CA ASP J 314 29.48 -8.13 -86.77
C ASP J 314 28.20 -8.81 -87.26
N LEU J 315 27.06 -8.21 -86.92
CA LEU J 315 25.76 -8.60 -87.45
C LEU J 315 25.02 -7.34 -87.91
N PRO J 316 24.18 -7.45 -88.92
CA PRO J 316 23.41 -6.28 -89.37
C PRO J 316 22.27 -5.99 -88.41
N LEU J 317 21.62 -4.86 -88.63
CA LEU J 317 20.56 -4.42 -87.70
C LEU J 317 19.26 -5.16 -87.84
N SER J 318 18.29 -4.80 -87.00
CA SER J 318 16.98 -5.43 -87.05
C SER J 318 15.95 -4.43 -87.54
N ILE J 319 16.42 -3.33 -88.12
CA ILE J 319 15.52 -2.28 -88.61
C ILE J 319 16.00 -1.64 -89.91
N THR J 320 15.07 -1.22 -90.77
CA THR J 320 15.43 -0.54 -92.01
C THR J 320 14.60 0.73 -92.16
N GLN J 321 15.08 1.69 -92.94
CA GLN J 321 14.39 2.98 -93.05
C GLN J 321 12.95 2.86 -93.54
N ASP J 322 12.58 1.68 -94.02
CA ASP J 322 11.24 1.50 -94.55
C ASP J 322 10.17 1.48 -93.45
N ASP J 323 10.51 0.91 -92.28
CA ASP J 323 9.48 0.79 -91.26
C ASP J 323 9.52 1.94 -90.25
N ILE J 324 10.58 2.74 -90.26
CA ILE J 324 10.68 3.85 -89.31
C ILE J 324 9.63 4.90 -89.64
N THR J 325 8.88 5.30 -88.62
CA THR J 325 7.78 6.27 -88.78
C THR J 325 7.80 7.21 -87.58
N ILE J 326 6.69 7.92 -87.38
CA ILE J 326 6.51 8.84 -86.27
C ILE J 326 5.12 8.62 -85.68
N ASN J 327 5.05 8.43 -84.37
CA ASN J 327 3.79 8.20 -83.66
C ASN J 327 3.42 9.36 -82.74
N GLY J 328 3.93 10.55 -83.00
CA GLY J 328 3.75 11.69 -82.14
C GLY J 328 5.07 12.38 -81.92
N HIS J 329 5.24 12.98 -80.75
CA HIS J 329 6.52 13.57 -80.40
C HIS J 329 6.69 13.58 -78.89
N ALA J 330 7.94 13.73 -78.47
CA ALA J 330 8.32 13.60 -77.07
C ALA J 330 9.14 14.81 -76.65
N THR J 331 9.03 15.17 -75.37
CA THR J 331 9.78 16.29 -74.80
C THR J 331 10.68 15.77 -73.69
N GLU J 332 11.91 16.27 -73.65
CA GLU J 332 12.90 15.85 -72.67
C GLU J 332 13.54 17.08 -72.04
N CYS J 333 13.76 17.01 -70.72
CA CYS J 333 14.44 18.08 -69.99
C CYS J 333 15.43 17.46 -69.03
N ARG J 334 16.39 18.29 -68.60
CA ARG J 334 17.46 17.87 -67.72
C ARG J 334 17.35 18.63 -66.41
N VAL J 335 17.47 17.91 -65.29
CA VAL J 335 17.31 18.48 -63.95
C VAL J 335 18.70 18.65 -63.35
N TYR J 336 19.08 19.89 -63.08
CA TYR J 336 20.39 20.21 -62.54
C TYR J 336 20.27 20.62 -61.08
N ALA J 337 21.35 20.41 -60.33
CA ALA J 337 21.47 20.91 -58.97
C ALA J 337 21.87 22.37 -58.92
N GLU J 338 21.72 23.09 -60.03
CA GLU J 338 22.17 24.47 -60.15
C GLU J 338 21.08 25.43 -59.68
N ASP J 339 21.33 26.19 -58.62
CA ASP J 339 20.34 27.15 -58.11
C ASP J 339 20.24 28.38 -59.00
N PRO J 340 19.20 28.46 -59.86
CA PRO J 340 19.14 29.58 -60.80
C PRO J 340 18.82 30.93 -60.17
N MET J 341 17.74 31.00 -59.40
CA MET J 341 17.32 32.27 -58.84
C MET J 341 18.45 32.92 -58.04
N LYS J 342 19.32 32.09 -57.45
CA LYS J 342 20.46 32.62 -56.71
C LYS J 342 21.71 32.63 -57.58
N ASN J 343 21.68 33.39 -58.66
CA ASN J 343 22.86 33.51 -59.51
C ASN J 343 23.49 32.18 -59.89
N TYR J 344 22.67 31.20 -60.24
CA TYR J 344 23.20 29.91 -60.67
C TYR J 344 24.18 29.31 -59.67
N PHE J 345 23.92 29.48 -58.38
CA PHE J 345 24.79 28.92 -57.35
C PHE J 345 24.72 27.40 -57.32
N PRO J 346 25.87 26.73 -57.30
CA PRO J 346 25.91 25.26 -57.25
C PRO J 346 25.67 24.72 -55.84
N SER J 347 24.80 23.73 -55.71
CA SER J 347 24.48 23.17 -54.39
C SER J 347 24.91 21.71 -54.29
N ILE J 348 26.06 21.43 -53.69
CA ILE J 348 26.56 20.06 -53.67
C ILE J 348 26.84 19.48 -52.28
N GLY J 349 26.80 18.16 -52.17
CA GLY J 349 27.14 17.53 -50.90
C GLY J 349 25.91 17.32 -50.05
N ARG J 350 24.76 17.40 -50.68
CA ARG J 350 23.53 17.26 -49.95
C ARG J 350 22.83 15.99 -50.38
N LEU J 351 22.74 15.02 -49.49
CA LEU J 351 22.02 13.81 -49.82
C LEU J 351 20.54 14.17 -49.90
N THR J 352 19.79 13.35 -50.62
CA THR J 352 18.37 13.64 -50.78
C THR J 352 17.63 13.40 -49.48
N MET J 353 17.26 14.46 -48.78
CA MET J 353 16.46 14.30 -47.58
C MET J 353 15.42 13.25 -47.91
N TYR J 354 14.62 13.52 -48.93
CA TYR J 354 13.67 12.50 -49.38
C TYR J 354 13.14 12.91 -50.76
N GLN J 355 13.14 11.98 -51.71
CA GLN J 355 12.69 12.30 -53.07
C GLN J 355 11.82 11.22 -53.70
N GLU J 356 10.86 11.63 -54.54
CA GLU J 356 10.02 10.67 -55.25
C GLU J 356 9.79 11.11 -56.69
N PRO J 357 10.01 10.21 -57.66
CA PRO J 357 9.91 10.69 -59.05
C PRO J 357 8.51 10.61 -59.64
N THR J 358 8.22 11.47 -60.60
CA THR J 358 6.93 11.42 -61.27
C THR J 358 6.89 10.19 -62.15
N GLY J 359 5.86 9.37 -61.98
CA GLY J 359 5.78 8.13 -62.76
C GLY J 359 4.45 7.90 -63.44
N ALA J 360 3.73 8.98 -63.73
CA ALA J 360 2.42 8.86 -64.37
C ALA J 360 2.56 8.92 -65.89
N GLY J 361 2.58 7.77 -66.54
CA GLY J 361 2.70 7.73 -67.98
C GLY J 361 3.90 8.50 -68.52
N VAL J 362 4.98 8.52 -67.75
CA VAL J 362 6.18 9.24 -68.16
C VAL J 362 7.42 8.41 -67.91
N ARG J 363 8.53 8.77 -68.55
CA ARG J 363 9.78 8.04 -68.35
C ARG J 363 10.83 8.91 -67.66
N CYS J 364 11.59 8.31 -66.75
CA CYS J 364 12.62 9.04 -66.03
C CYS J 364 13.88 8.19 -65.91
N ASP J 365 15.01 8.72 -66.38
CA ASP J 365 16.26 8.00 -66.31
C ASP J 365 17.17 8.75 -65.37
N SER J 366 17.60 8.09 -64.31
CA SER J 366 18.42 8.76 -63.31
C SER J 366 19.31 7.81 -62.55
N GLY J 367 20.42 8.32 -62.05
CA GLY J 367 21.28 7.51 -61.22
C GLY J 367 21.29 7.90 -59.75
N ILE J 368 20.33 8.69 -59.31
CA ILE J 368 20.31 9.23 -57.96
C ILE J 368 19.06 8.69 -57.26
N ILE J 369 19.23 7.60 -56.51
CA ILE J 369 18.17 7.01 -55.70
C ILE J 369 18.07 7.73 -54.37
N GLU J 370 17.03 7.40 -53.61
CA GLU J 370 16.83 7.95 -52.27
C GLU J 370 18.08 7.78 -51.42
N GLY J 371 18.46 8.82 -50.69
CA GLY J 371 19.66 8.76 -49.88
C GLY J 371 20.91 8.71 -50.71
N SER J 372 21.01 9.59 -51.71
CA SER J 372 22.18 9.64 -52.56
C SER J 372 22.72 11.06 -52.57
N GLN J 373 23.99 11.22 -52.89
CA GLN J 373 24.60 12.55 -52.82
C GLN J 373 25.40 12.91 -54.06
N ILE J 374 25.63 14.20 -54.25
CA ILE J 374 26.41 14.66 -55.40
C ILE J 374 27.72 15.29 -54.97
N SER J 375 28.84 14.74 -55.43
CA SER J 375 30.11 15.39 -55.11
C SER J 375 30.35 16.58 -56.04
N VAL J 376 31.29 17.43 -55.65
CA VAL J 376 31.65 18.58 -56.47
C VAL J 376 32.32 18.14 -57.77
N TYR J 377 33.10 17.07 -57.73
CA TYR J 377 33.90 16.63 -58.88
C TYR J 377 33.17 15.61 -59.75
N TYR J 378 31.95 15.94 -60.17
CA TYR J 378 31.17 15.06 -61.03
C TYR J 378 30.09 15.90 -61.71
N ASP J 379 29.20 15.23 -62.42
CA ASP J 379 28.10 15.93 -63.06
C ASP J 379 26.97 16.18 -62.06
N PRO J 380 26.54 17.42 -61.89
CA PRO J 380 25.44 17.71 -60.96
C PRO J 380 24.04 17.39 -61.48
N LEU J 381 23.92 16.62 -62.55
CA LEU J 381 22.61 16.24 -63.08
C LEU J 381 21.87 15.35 -62.08
N ILE J 382 20.58 15.61 -61.92
CA ILE J 382 19.75 14.81 -61.03
C ILE J 382 18.98 13.76 -61.82
N CYS J 383 18.12 14.21 -62.73
CA CYS J 383 17.27 13.31 -63.49
C CYS J 383 17.13 13.81 -64.92
N LYS J 384 16.75 12.90 -65.81
CA LYS J 384 16.55 13.19 -67.22
C LYS J 384 15.08 12.88 -67.53
N LEU J 385 14.22 13.86 -67.30
CA LEU J 385 12.79 13.65 -67.41
C LEU J 385 12.34 13.78 -68.87
N SER J 386 11.75 12.72 -69.41
CA SER J 386 11.25 12.70 -70.77
C SER J 386 9.84 12.15 -70.79
N THR J 387 8.95 12.81 -71.51
CA THR J 387 7.55 12.40 -71.55
C THR J 387 7.10 12.16 -72.97
N TRP J 388 6.38 11.06 -73.18
CA TRP J 388 5.88 10.75 -74.52
C TRP J 388 4.69 11.63 -74.87
N GLY J 389 4.49 11.83 -76.16
CA GLY J 389 3.35 12.63 -76.60
C GLY J 389 3.07 12.43 -78.07
N ARG J 390 2.03 13.08 -78.57
CA ARG J 390 1.72 13.00 -79.99
C ARG J 390 1.46 14.41 -80.45
N ASP J 391 0.93 15.24 -79.55
CA ASP J 391 0.65 16.63 -79.90
C ASP J 391 1.48 17.53 -79.00
N ARG J 392 1.80 18.72 -79.46
CA ARG J 392 2.54 19.65 -78.64
C ARG J 392 1.78 19.89 -77.35
N ALA J 393 0.51 20.24 -77.48
CA ALA J 393 -0.29 20.53 -76.30
C ALA J 393 -0.36 19.33 -75.38
N GLU J 394 -0.62 18.15 -75.95
CA GLU J 394 -0.72 16.94 -75.14
C GLU J 394 0.59 16.63 -74.45
N CYS J 395 1.69 16.64 -75.21
CA CYS J 395 2.98 16.29 -74.65
C CYS J 395 3.43 17.31 -73.61
N ILE J 396 3.17 18.59 -73.87
CA ILE J 396 3.60 19.64 -72.95
C ILE J 396 2.82 19.58 -71.65
N GLY J 397 1.49 19.58 -71.75
CA GLY J 397 0.67 19.49 -70.55
C GLY J 397 1.18 18.39 -69.67
N ARG J 398 1.53 17.25 -70.26
CA ARG J 398 2.03 16.13 -69.49
C ARG J 398 3.25 16.57 -68.71
N MET J 399 4.18 17.24 -69.38
CA MET J 399 5.38 17.72 -68.72
C MET J 399 5.00 18.66 -67.61
N GLU J 400 4.14 19.62 -67.91
CA GLU J 400 3.67 20.55 -66.89
C GLU J 400 3.24 19.79 -65.66
N LYS J 401 2.32 18.85 -65.83
CA LYS J 401 1.83 18.08 -64.70
C LYS J 401 2.96 17.28 -64.05
N ALA J 402 3.83 16.68 -64.86
CA ALA J 402 4.87 15.82 -64.31
C ALA J 402 5.93 16.60 -63.56
N LEU J 403 6.11 17.88 -63.89
CA LEU J 403 7.08 18.68 -63.16
C LEU J 403 6.66 18.87 -61.70
N ASP J 404 5.38 19.12 -61.46
CA ASP J 404 4.88 19.42 -60.12
C ASP J 404 4.88 18.21 -59.20
N GLU J 405 4.89 17.00 -59.74
CA GLU J 405 4.85 15.79 -58.91
C GLU J 405 6.23 15.26 -58.56
N TYR J 406 7.29 15.97 -58.96
CA TYR J 406 8.65 15.54 -58.67
C TYR J 406 9.05 16.13 -57.33
N VAL J 407 9.00 15.30 -56.29
CA VAL J 407 9.38 15.74 -54.95
C VAL J 407 10.88 15.61 -54.79
N ILE J 408 11.55 16.74 -54.60
CA ILE J 408 12.99 16.78 -54.32
C ILE J 408 13.18 17.55 -53.04
N ARG J 409 13.84 16.93 -52.05
CA ARG J 409 14.13 17.59 -50.78
C ARG J 409 15.57 17.30 -50.39
N GLY J 410 16.24 18.30 -49.86
CA GLY J 410 17.62 18.18 -49.42
C GLY J 410 18.62 19.02 -50.18
N LEU J 411 18.23 19.63 -51.30
CA LEU J 411 19.11 20.45 -52.11
C LEU J 411 18.28 21.17 -53.15
N ARG J 412 18.85 22.24 -53.72
CA ARG J 412 18.14 23.05 -54.69
C ARG J 412 18.15 22.38 -56.06
N HIS J 413 17.49 23.04 -57.01
CA HIS J 413 17.39 22.54 -58.38
C HIS J 413 16.87 23.67 -59.26
N ASN J 414 16.71 23.37 -60.55
CA ASN J 414 16.28 24.35 -61.53
C ASN J 414 14.89 24.05 -62.09
N ILE J 415 14.06 23.32 -61.35
CA ILE J 415 12.74 22.94 -61.85
C ILE J 415 11.88 24.18 -62.09
N CYS J 416 12.08 25.23 -61.30
CA CYS J 416 11.30 26.45 -61.50
C CYS J 416 11.58 27.04 -62.88
N LEU J 417 12.84 27.05 -63.30
CA LEU J 417 13.18 27.57 -64.63
C LEU J 417 12.52 26.76 -65.73
N LEU J 418 12.57 25.43 -65.61
CA LEU J 418 11.94 24.57 -66.62
C LEU J 418 10.45 24.82 -66.69
N ARG J 419 9.80 24.91 -65.52
CA ARG J 419 8.38 25.18 -65.47
C ARG J 419 8.03 26.50 -66.14
N ASP J 420 8.77 27.56 -65.80
CA ASP J 420 8.48 28.87 -66.36
C ASP J 420 8.71 28.90 -67.87
N VAL J 421 9.77 28.23 -68.34
CA VAL J 421 10.04 28.20 -69.77
C VAL J 421 8.93 27.46 -70.50
N VAL J 422 8.49 26.32 -69.97
CA VAL J 422 7.45 25.54 -70.64
C VAL J 422 6.13 26.31 -70.66
N THR J 423 5.79 26.98 -69.56
CA THR J 423 4.50 27.65 -69.47
C THR J 423 4.44 28.93 -70.30
N GLU J 424 5.58 29.44 -70.74
CA GLU J 424 5.60 30.71 -71.45
C GLU J 424 4.84 30.59 -72.77
N PRO J 425 3.96 31.55 -73.10
CA PRO J 425 3.24 31.46 -74.38
C PRO J 425 4.16 31.55 -75.60
N ARG J 426 5.33 32.16 -75.46
CA ARG J 426 6.30 32.17 -76.56
C ARG J 426 6.74 30.77 -76.92
N TYR J 427 6.98 29.93 -75.90
CA TYR J 427 7.39 28.56 -76.17
C TYR J 427 6.27 27.75 -76.79
N ARG J 428 5.03 28.00 -76.39
CA ARG J 428 3.89 27.31 -76.97
C ARG J 428 3.45 27.90 -78.30
N SER J 429 4.04 29.03 -78.72
CA SER J 429 3.70 29.61 -80.01
C SER J 429 4.03 28.64 -81.14
N GLY J 430 5.16 27.94 -81.03
CA GLY J 430 5.52 26.94 -82.01
C GLY J 430 6.98 26.96 -82.40
N SER J 431 7.59 28.15 -82.45
CA SER J 431 8.97 28.30 -82.87
C SER J 431 9.75 29.08 -81.83
N ILE J 432 11.05 28.78 -81.74
CA ILE J 432 11.98 29.40 -80.80
C ILE J 432 13.30 29.63 -81.52
N THR J 433 14.29 30.16 -80.79
CA THR J 433 15.63 30.39 -81.31
C THR J 433 16.65 29.89 -80.30
N THR J 434 17.93 30.00 -80.66
CA THR J 434 19.00 29.60 -79.74
C THR J 434 19.37 30.69 -78.75
N ASN J 435 19.09 31.95 -79.07
CA ASN J 435 19.25 33.05 -78.12
C ASN J 435 17.99 33.29 -77.31
N TYR J 436 17.12 32.28 -77.22
CA TYR J 436 15.82 32.44 -76.59
C TYR J 436 15.93 32.80 -75.11
N LEU J 437 16.83 32.11 -74.39
CA LEU J 437 16.88 32.25 -72.94
C LEU J 437 17.22 33.68 -72.53
N GLN J 438 18.43 34.14 -72.87
CA GLN J 438 18.84 35.48 -72.46
C GLN J 438 17.96 36.54 -73.07
N GLU J 439 17.35 36.25 -74.22
CA GLU J 439 16.36 37.18 -74.78
C GLU J 439 15.17 37.33 -73.85
N GLN J 440 14.71 36.23 -73.28
CA GLN J 440 13.57 36.29 -72.35
C GLN J 440 13.98 36.46 -70.90
N TYR J 441 15.27 36.40 -70.58
CA TYR J 441 15.77 36.63 -69.22
C TYR J 441 16.92 37.62 -69.30
N PRO J 442 16.62 38.92 -69.44
CA PRO J 442 17.72 39.91 -69.55
C PRO J 442 18.53 40.06 -68.28
N ASN J 443 17.87 40.30 -67.14
CA ASN J 443 18.56 40.55 -65.87
C ASN J 443 18.32 39.35 -64.94
N GLY J 444 19.35 38.52 -64.78
CA GLY J 444 19.24 37.37 -63.90
C GLY J 444 18.12 36.44 -64.32
N PHE J 445 17.38 35.96 -63.33
CA PHE J 445 16.18 35.17 -63.58
C PHE J 445 15.10 35.59 -62.60
N LYS J 446 13.88 35.73 -63.10
CA LYS J 446 12.74 36.10 -62.26
C LYS J 446 11.54 35.27 -62.70
N LYS J 447 11.06 34.41 -61.82
CA LYS J 447 9.93 33.54 -62.12
C LYS J 447 8.65 34.35 -62.31
N ALA J 448 7.83 33.93 -63.27
CA ALA J 448 6.55 34.58 -63.51
C ALA J 448 5.61 34.38 -62.33
N GLU J 449 4.67 35.31 -62.18
CA GLU J 449 3.81 35.39 -61.02
C GLU J 449 2.52 34.60 -61.24
N LEU J 450 1.54 34.78 -60.36
CA LEU J 450 0.29 34.04 -60.39
C LEU J 450 -0.86 34.96 -60.77
N THR J 451 -1.84 34.42 -61.49
CA THR J 451 -3.05 35.15 -61.78
C THR J 451 -4.01 35.07 -60.59
N ALA J 452 -5.10 35.85 -60.67
CA ALA J 452 -6.01 35.93 -59.53
C ALA J 452 -6.65 34.59 -59.21
N GLU J 453 -7.09 33.86 -60.23
CA GLU J 453 -7.79 32.60 -59.99
C GLU J 453 -6.85 31.53 -59.44
N GLU J 454 -5.59 31.52 -59.89
CA GLU J 454 -4.63 30.58 -59.34
C GLU J 454 -4.39 30.84 -57.86
N MET J 455 -4.25 32.12 -57.49
CA MET J 455 -4.03 32.46 -56.08
C MET J 455 -5.25 32.14 -55.25
N GLN J 456 -6.44 32.36 -55.79
CA GLN J 456 -7.66 31.97 -55.10
C GLN J 456 -7.70 30.46 -54.86
N LEU J 457 -7.37 29.68 -55.89
CA LEU J 457 -7.37 28.22 -55.74
C LEU J 457 -6.35 27.79 -54.68
N MET J 458 -5.18 28.42 -54.68
CA MET J 458 -4.18 28.11 -53.65
C MET J 458 -4.72 28.41 -52.27
N TYR J 459 -5.42 29.53 -52.11
CA TYR J 459 -6.06 29.84 -50.83
C TYR J 459 -7.04 28.74 -50.43
N GLU J 460 -7.89 28.31 -51.37
CA GLU J 460 -8.91 27.34 -51.04
C GLU J 460 -8.28 26.03 -50.60
N VAL J 461 -7.25 25.59 -51.32
CA VAL J 461 -6.56 24.34 -50.99
C VAL J 461 -5.87 24.45 -49.63
N ALA J 462 -5.28 25.61 -49.35
CA ALA J 462 -4.64 25.81 -48.05
C ALA J 462 -5.65 25.71 -46.91
N ALA J 463 -6.83 26.31 -47.09
CA ALA J 463 -7.85 26.22 -46.06
C ALA J 463 -8.31 24.78 -45.86
N CYS J 464 -8.50 24.04 -46.95
CA CYS J 464 -8.92 22.65 -46.84
C CYS J 464 -7.87 21.83 -46.10
N VAL J 465 -6.59 22.03 -46.43
CA VAL J 465 -5.52 21.29 -45.77
C VAL J 465 -5.48 21.63 -44.28
N HIS J 466 -5.63 22.91 -43.96
CA HIS J 466 -5.61 23.32 -42.55
C HIS J 466 -6.73 22.61 -41.78
N LEU J 467 -7.94 22.58 -42.33
CA LEU J 467 -9.04 21.93 -41.61
C LEU J 467 -8.80 20.44 -41.47
N LYS J 468 -8.30 19.79 -42.54
CA LYS J 468 -8.09 18.35 -42.47
C LYS J 468 -7.05 17.99 -41.43
N ARG J 469 -5.95 18.75 -41.36
CA ARG J 469 -4.93 18.46 -40.36
C ARG J 469 -5.40 18.85 -38.97
N GLU J 470 -6.29 19.84 -38.86
CA GLU J 470 -6.83 20.20 -37.55
C GLU J 470 -7.70 19.08 -36.98
N ARG J 471 -8.56 18.49 -37.80
CA ARG J 471 -9.46 17.45 -37.31
C ARG J 471 -8.72 16.22 -36.79
N LEU J 472 -7.47 16.02 -37.20
CA LEU J 472 -6.72 14.85 -36.75
C LEU J 472 -6.45 14.90 -35.25
N HIS J 473 -6.15 16.09 -34.71
CA HIS J 473 -5.69 16.18 -33.33
C HIS J 473 -6.82 16.00 -32.32
N TYR J 474 -8.07 16.25 -32.72
CA TYR J 474 -9.19 16.15 -31.79
C TYR J 474 -9.44 14.70 -31.41
N THR J 475 -10.05 14.51 -30.24
CA THR J 475 -10.27 13.19 -29.66
C THR J 475 -11.70 12.73 -29.89
N GLN J 476 -11.86 11.55 -30.47
CA GLN J 476 -13.14 10.85 -30.63
C GLN J 476 -14.06 11.74 -31.47
N GLY J 477 -15.33 11.90 -31.10
CA GLY J 477 -16.29 12.67 -31.86
C GLY J 477 -16.41 14.13 -31.48
N THR J 478 -15.58 14.62 -30.57
CA THR J 478 -15.62 16.01 -30.16
C THR J 478 -14.83 16.89 -31.13
N ALA J 479 -15.18 16.84 -32.41
CA ALA J 479 -14.41 17.55 -33.43
C ALA J 479 -15.32 18.49 -34.22
N PRO J 480 -14.76 19.59 -34.72
CA PRO J 480 -15.56 20.54 -35.49
C PRO J 480 -15.66 20.13 -36.95
N SER J 481 -16.51 20.85 -37.67
CA SER J 481 -16.69 20.60 -39.10
C SER J 481 -16.79 21.86 -39.94
N GLU J 482 -16.79 23.04 -39.35
CA GLU J 482 -16.91 24.25 -40.14
C GLU J 482 -16.22 25.40 -39.43
N ARG J 483 -15.56 26.25 -40.21
CA ARG J 483 -14.85 27.42 -39.69
C ARG J 483 -14.99 28.56 -40.69
N GLN J 484 -14.46 29.72 -40.32
CA GLN J 484 -14.36 30.87 -41.23
C GLN J 484 -12.94 31.41 -41.09
N LEU J 485 -12.14 31.20 -42.13
CA LEU J 485 -10.74 31.57 -42.08
C LEU J 485 -10.49 32.85 -42.88
N TYR J 486 -9.38 33.50 -42.59
CA TYR J 486 -8.99 34.77 -43.22
C TYR J 486 -7.58 34.62 -43.76
N LEU J 487 -7.46 34.26 -45.04
CA LEU J 487 -6.16 34.00 -45.63
C LEU J 487 -5.56 35.28 -46.23
N SER J 488 -4.25 35.44 -46.06
CA SER J 488 -3.56 36.62 -46.55
C SER J 488 -2.07 36.30 -46.62
N VAL J 489 -1.52 36.25 -47.84
CA VAL J 489 -0.10 35.99 -48.00
C VAL J 489 0.68 37.29 -47.80
N GLY J 490 1.93 37.16 -47.36
CA GLY J 490 2.75 38.33 -47.11
C GLY J 490 2.75 38.72 -45.65
N ALA J 491 3.83 39.42 -45.25
CA ALA J 491 3.98 39.84 -43.86
C ALA J 491 3.03 40.96 -43.47
N GLY J 492 2.43 41.65 -44.44
CA GLY J 492 1.51 42.72 -44.17
C GLY J 492 0.04 42.39 -44.41
N GLN J 493 -0.30 41.12 -44.60
CA GLN J 493 -1.67 40.69 -44.86
C GLN J 493 -2.24 41.38 -46.11
N GLU J 494 -1.58 41.13 -47.23
CA GLU J 494 -2.00 41.72 -48.50
C GLU J 494 -3.19 40.94 -49.06
N GLY J 495 -4.34 41.58 -49.15
CA GLY J 495 -5.52 40.94 -49.71
C GLY J 495 -6.17 39.93 -48.81
N GLU J 496 -6.72 40.39 -47.69
CA GLU J 496 -7.45 39.50 -46.79
C GLU J 496 -8.65 38.91 -47.51
N THR J 497 -8.66 37.60 -47.69
CA THR J 497 -9.75 36.90 -48.37
C THR J 497 -10.48 35.99 -47.41
N PRO J 498 -11.67 36.34 -46.95
CA PRO J 498 -12.44 35.42 -46.10
C PRO J 498 -12.75 34.12 -46.84
N VAL J 499 -12.66 33.02 -46.12
CA VAL J 499 -12.90 31.68 -46.68
C VAL J 499 -13.69 30.86 -45.66
N TYR J 500 -14.57 30.00 -46.16
CA TYR J 500 -15.31 29.03 -45.36
C TYR J 500 -14.82 27.63 -45.69
N VAL J 501 -15.34 26.65 -44.95
CA VAL J 501 -15.03 25.25 -45.20
C VAL J 501 -16.05 24.41 -44.42
N ARG J 502 -16.39 23.24 -44.96
CA ARG J 502 -17.47 22.46 -44.37
C ARG J 502 -17.14 21.00 -44.12
N TYR J 503 -16.22 20.43 -44.90
CA TYR J 503 -15.79 19.04 -44.71
C TYR J 503 -16.97 18.08 -44.65
N LEU J 504 -17.67 17.96 -45.78
CA LEU J 504 -18.85 17.09 -45.81
C LEU J 504 -18.48 15.62 -45.76
N ASP J 505 -17.33 15.23 -46.31
CA ASP J 505 -16.84 13.85 -46.28
C ASP J 505 -15.34 13.88 -45.97
N ASP J 506 -14.69 12.73 -46.19
CA ASP J 506 -13.27 12.62 -45.87
C ASP J 506 -12.41 13.44 -46.82
N SER J 507 -12.80 13.54 -48.08
CA SER J 507 -12.04 14.27 -49.08
C SER J 507 -12.95 15.17 -49.91
N HIS J 508 -13.94 15.78 -49.27
CA HIS J 508 -14.85 16.69 -49.93
C HIS J 508 -15.19 17.83 -49.00
N PHE J 509 -15.18 19.05 -49.53
CA PHE J 509 -15.48 20.25 -48.76
C PHE J 509 -16.55 21.05 -49.50
N GLU J 510 -16.99 22.14 -48.88
CA GLU J 510 -18.03 23.02 -49.43
C GLU J 510 -17.57 24.46 -49.40
N ILE J 511 -16.38 24.70 -49.96
CA ILE J 511 -15.76 26.01 -49.88
C ILE J 511 -16.69 27.08 -50.44
N GLY J 512 -16.74 28.22 -49.74
CA GLY J 512 -17.51 29.36 -50.17
C GLY J 512 -16.87 30.64 -49.67
N ALA J 513 -17.47 31.77 -50.03
CA ALA J 513 -16.94 33.05 -49.59
C ALA J 513 -17.02 33.19 -48.08
N SER J 514 -18.19 32.93 -47.51
CA SER J 514 -18.42 33.00 -46.08
C SER J 514 -19.66 32.18 -45.78
N LYS J 515 -20.20 32.35 -44.57
CA LYS J 515 -21.51 31.79 -44.28
C LYS J 515 -22.56 32.48 -45.15
N HIS J 516 -23.66 31.77 -45.40
CA HIS J 516 -24.72 32.19 -46.31
C HIS J 516 -24.16 32.73 -47.63
N GLY J 517 -23.25 31.94 -48.21
CA GLY J 517 -22.73 32.22 -49.53
C GLY J 517 -22.72 30.96 -50.37
N PRO J 518 -22.87 31.09 -51.68
CA PRO J 518 -22.93 29.90 -52.53
C PRO J 518 -21.67 29.05 -52.41
N PHE J 519 -21.86 27.73 -52.46
CA PHE J 519 -20.79 26.78 -52.23
C PHE J 519 -20.50 26.00 -53.52
N ARG J 520 -19.26 25.52 -53.65
CA ARG J 520 -18.78 24.93 -54.89
C ARG J 520 -18.53 23.43 -54.82
N LYS J 521 -18.18 22.90 -53.65
CA LYS J 521 -17.93 21.47 -53.46
C LYS J 521 -16.77 20.98 -54.34
N MET J 522 -15.58 21.46 -54.01
CA MET J 522 -14.35 20.97 -54.63
C MET J 522 -13.93 19.65 -53.98
N GLU J 523 -12.72 19.19 -54.27
CA GLU J 523 -12.19 17.97 -53.71
C GLU J 523 -10.69 18.10 -53.53
N VAL J 524 -10.18 17.59 -52.40
CA VAL J 524 -8.75 17.58 -52.11
C VAL J 524 -8.41 16.21 -51.54
N VAL J 525 -7.35 15.59 -52.04
CA VAL J 525 -6.91 14.30 -51.52
C VAL J 525 -5.46 14.38 -51.08
N TRP J 526 -5.22 14.44 -49.77
CA TRP J 526 -3.86 14.57 -49.24
C TRP J 526 -3.60 13.75 -47.99
N LYS J 527 -2.52 12.99 -47.98
CA LYS J 527 -2.16 12.22 -46.79
C LYS J 527 -1.47 13.13 -45.78
N ALA J 528 -1.84 13.01 -44.51
CA ALA J 528 -1.29 13.92 -43.51
C ALA J 528 0.23 13.97 -43.49
N SER J 529 0.80 15.18 -43.47
CA SER J 529 2.25 15.35 -43.42
C SER J 529 2.97 14.76 -44.63
N TYR J 530 2.36 14.86 -45.80
CA TYR J 530 2.99 14.37 -47.03
C TYR J 530 3.09 15.48 -48.05
N PRO J 531 3.90 15.29 -49.10
CA PRO J 531 4.09 16.39 -50.05
C PRO J 531 2.95 16.56 -51.05
N ILE J 532 2.60 15.50 -51.77
CA ILE J 532 1.69 15.64 -52.91
C ILE J 532 0.28 15.95 -52.42
N ILE J 533 -0.38 16.89 -53.12
CA ILE J 533 -1.77 17.26 -52.80
C ILE J 533 -2.63 17.40 -54.07
N ARG J 534 -3.40 16.37 -54.48
CA ARG J 534 -4.19 16.44 -55.71
C ARG J 534 -5.59 17.06 -55.56
N VAL J 535 -5.83 18.17 -56.25
CA VAL J 535 -7.10 18.89 -56.11
C VAL J 535 -7.77 19.08 -57.44
N LYS J 536 -9.05 18.73 -57.54
CA LYS J 536 -9.74 18.81 -58.82
C LYS J 536 -11.10 19.48 -58.76
N ASP J 537 -11.18 20.72 -59.18
CA ASP J 537 -12.46 21.40 -59.23
C ASP J 537 -13.01 21.25 -60.63
N GLY J 538 -14.19 20.66 -60.75
CA GLY J 538 -14.74 20.42 -62.06
C GLY J 538 -13.75 19.63 -62.89
N GLU J 539 -13.40 20.15 -64.07
CA GLU J 539 -12.45 19.46 -64.93
C GLU J 539 -11.02 19.82 -64.55
N ALA J 540 -10.77 21.09 -64.29
CA ALA J 540 -9.42 21.53 -63.92
C ALA J 540 -8.80 20.65 -62.84
N GLU J 541 -7.52 20.35 -62.98
CA GLU J 541 -6.82 19.55 -61.98
C GLU J 541 -5.50 20.23 -61.63
N THR J 542 -5.14 20.23 -60.35
CA THR J 542 -3.91 20.88 -59.94
C THR J 542 -3.16 20.00 -58.95
N VAL J 543 -1.84 20.17 -58.86
CA VAL J 543 -1.08 19.40 -57.91
C VAL J 543 -0.21 20.38 -57.23
N LEU J 544 -0.34 20.48 -55.94
CA LEU J 544 0.47 21.36 -55.13
C LEU J 544 1.24 20.52 -54.12
N GLN J 545 2.17 21.16 -53.41
CA GLN J 545 3.02 20.47 -52.46
C GLN J 545 2.97 21.18 -51.11
N PHE J 546 3.17 20.40 -50.04
CA PHE J 546 3.09 20.88 -48.67
C PHE J 546 4.45 20.71 -48.02
N TRP J 547 5.14 21.83 -47.76
CA TRP J 547 6.48 21.76 -47.19
C TRP J 547 6.43 21.62 -45.67
N GLY J 548 5.84 22.60 -44.98
CA GLY J 548 5.80 22.59 -43.54
C GLY J 548 5.00 23.75 -43.02
N THR J 549 4.95 23.87 -41.69
CA THR J 549 4.13 24.90 -41.06
C THR J 549 4.61 25.13 -39.63
N ASN J 550 4.20 26.26 -39.07
CA ASN J 550 4.40 26.59 -37.67
C ASN J 550 3.07 26.92 -36.99
N GLU J 551 1.97 26.45 -37.57
CA GLU J 551 0.58 26.51 -37.10
C GLU J 551 -0.07 27.87 -37.31
N VAL J 552 0.64 28.87 -37.84
CA VAL J 552 0.01 30.12 -38.25
C VAL J 552 0.36 30.36 -39.71
N THR J 553 1.48 29.82 -40.16
CA THR J 553 1.96 30.01 -41.52
C THR J 553 2.17 28.65 -42.16
N TYR J 554 1.71 28.51 -43.40
CA TYR J 554 1.78 27.26 -44.13
C TYR J 554 2.75 27.40 -45.30
N GLY J 555 3.71 26.48 -45.39
CA GLY J 555 4.63 26.46 -46.50
C GLY J 555 4.14 25.58 -47.63
N MET J 556 3.50 26.18 -48.62
CA MET J 556 2.90 25.44 -49.72
C MET J 556 3.54 25.86 -51.04
N GLN J 557 3.69 24.89 -51.94
CA GLN J 557 4.32 25.10 -53.23
C GLN J 557 3.26 25.18 -54.31
N MET J 558 3.36 26.20 -55.17
CA MET J 558 2.42 26.41 -56.27
C MET J 558 3.22 26.68 -57.53
N ARG J 559 3.07 25.81 -58.53
CA ARG J 559 3.75 25.94 -59.83
C ARG J 559 5.27 25.97 -59.64
N GLY J 560 5.76 25.06 -58.80
CA GLY J 560 7.18 24.95 -58.55
C GLY J 560 7.78 26.19 -57.90
N THR J 561 7.08 26.76 -56.93
CA THR J 561 7.54 27.96 -56.25
C THR J 561 7.02 27.91 -54.83
N THR J 562 7.84 28.35 -53.88
CA THR J 562 7.50 28.32 -52.47
C THR J 562 6.79 29.61 -52.07
N PHE J 563 5.73 29.46 -51.27
CA PHE J 563 5.02 30.58 -50.68
C PHE J 563 4.77 30.26 -49.21
N ASP J 564 4.30 31.28 -48.49
CA ASP J 564 3.93 31.13 -47.08
C ASP J 564 2.57 31.80 -46.87
N VAL J 565 1.51 31.01 -46.98
CA VAL J 565 0.16 31.52 -46.77
C VAL J 565 -0.14 31.53 -45.28
N ASN J 566 -0.87 32.56 -44.84
CA ASN J 566 -1.28 32.68 -43.46
C ASN J 566 -2.75 32.31 -43.34
N VAL J 567 -3.05 31.36 -42.46
CA VAL J 567 -4.40 30.88 -42.24
C VAL J 567 -4.74 31.15 -40.78
N MET J 568 -5.59 32.16 -40.54
CA MET J 568 -5.91 32.57 -39.19
C MET J 568 -7.38 32.97 -39.11
N SER J 569 -7.93 32.89 -37.91
CA SER J 569 -9.34 33.12 -37.68
C SER J 569 -9.62 34.61 -37.52
N ASP J 570 -10.82 34.95 -37.03
CA ASP J 570 -11.19 36.34 -36.84
C ASP J 570 -10.33 37.00 -35.77
N LEU J 571 -10.19 36.34 -34.63
CA LEU J 571 -9.42 36.92 -33.52
C LEU J 571 -7.96 37.10 -33.91
N GLN J 572 -7.36 36.07 -34.50
CA GLN J 572 -5.96 36.16 -34.89
C GLN J 572 -5.75 37.25 -35.94
N SER J 573 -6.67 37.37 -36.89
CA SER J 573 -6.54 38.41 -37.91
C SER J 573 -6.64 39.79 -37.29
N THR J 574 -7.64 40.01 -36.43
CA THR J 574 -7.82 41.32 -35.82
C THR J 574 -6.71 41.65 -34.83
N LEU J 575 -5.99 40.65 -34.32
CA LEU J 575 -4.93 40.89 -33.35
C LEU J 575 -3.54 40.95 -33.97
N ALA J 576 -3.36 40.38 -35.16
CA ALA J 576 -2.03 40.38 -35.77
C ALA J 576 -1.59 41.77 -36.23
N HIS J 577 -2.52 42.72 -36.30
CA HIS J 577 -2.12 44.11 -36.57
C HIS J 577 -1.31 44.66 -35.41
N PHE J 578 -1.69 44.34 -34.18
CA PHE J 578 -1.06 44.90 -32.98
C PHE J 578 0.06 44.00 -32.48
N VAL J 579 1.04 43.72 -33.33
CA VAL J 579 2.14 42.83 -33.00
C VAL J 579 3.43 43.49 -33.48
N PRO J 580 4.46 43.62 -32.64
CA PRO J 580 5.72 44.20 -33.11
C PRO J 580 6.36 43.35 -34.19
N ILE J 581 6.97 44.00 -35.15
CA ILE J 581 7.73 43.33 -36.20
C ILE J 581 9.14 43.91 -36.15
N THR J 582 10.02 43.26 -35.39
CA THR J 582 11.39 43.70 -35.29
C THR J 582 12.16 43.33 -36.55
N GLU J 583 13.24 44.07 -36.80
CA GLU J 583 14.11 43.81 -37.93
C GLU J 583 15.42 43.20 -37.44
N ALA J 584 15.81 42.07 -38.04
CA ALA J 584 17.01 41.37 -37.61
C ALA J 584 18.25 42.16 -38.00
N THR J 585 19.34 41.89 -37.27
CA THR J 585 20.59 42.60 -37.51
C THR J 585 21.12 42.29 -38.91
N THR J 586 21.44 43.35 -39.64
CA THR J 586 22.04 43.24 -40.98
C THR J 586 23.49 43.70 -40.84
N ASN J 587 24.36 42.77 -40.47
CA ASN J 587 25.76 43.07 -40.20
C ASN J 587 26.63 42.44 -41.27
N THR J 588 27.37 43.28 -42.00
CA THR J 588 28.37 42.82 -42.95
C THR J 588 29.73 43.14 -42.33
N LYS J 589 30.24 42.20 -41.54
CA LYS J 589 31.49 42.39 -40.83
C LYS J 589 32.19 41.05 -40.66
N GLN J 590 33.27 41.08 -39.88
CA GLN J 590 34.14 39.91 -39.74
C GLN J 590 33.42 38.73 -39.12
N ILE J 591 33.79 37.52 -39.56
CA ILE J 591 33.23 36.28 -39.05
C ILE J 591 34.28 35.61 -38.16
N LEU J 592 33.84 35.10 -37.01
CA LEU J 592 34.70 34.50 -36.02
C LEU J 592 34.43 33.01 -35.89
N SER J 593 35.43 32.28 -35.43
CA SER J 593 35.30 30.83 -35.25
C SER J 593 34.57 30.54 -33.95
N PRO J 594 33.47 29.79 -33.96
CA PRO J 594 32.70 29.58 -32.72
C PRO J 594 33.49 28.89 -31.62
N MET J 595 34.38 27.97 -31.96
CA MET J 595 35.08 27.15 -30.98
C MET J 595 36.55 27.03 -31.33
N PRO J 596 37.39 26.73 -30.34
CA PRO J 596 38.81 26.50 -30.63
C PRO J 596 39.02 25.26 -31.48
N GLY J 597 40.17 25.22 -32.15
CA GLY J 597 40.49 24.11 -33.02
C GLY J 597 41.76 24.38 -33.81
N VAL J 598 41.87 23.71 -34.96
CA VAL J 598 43.00 23.85 -35.86
C VAL J 598 42.47 23.98 -37.29
N ILE J 599 43.05 24.90 -38.05
CA ILE J 599 42.67 25.10 -39.44
C ILE J 599 43.59 24.24 -40.30
N VAL J 600 43.01 23.28 -41.01
CA VAL J 600 43.81 22.37 -41.84
C VAL J 600 43.61 22.66 -43.32
N ALA J 601 42.42 23.11 -43.71
CA ALA J 601 42.13 23.40 -45.11
C ALA J 601 41.39 24.72 -45.23
N ILE J 602 41.73 25.48 -46.27
CA ILE J 602 41.04 26.73 -46.60
C ILE J 602 40.51 26.60 -48.02
N LYS J 603 39.40 27.30 -48.29
CA LYS J 603 38.74 27.23 -49.59
C LYS J 603 38.77 28.55 -50.33
N VAL J 604 38.50 29.67 -49.65
CA VAL J 604 38.43 30.96 -50.32
C VAL J 604 39.78 31.67 -50.19
N GLN J 605 40.01 32.69 -51.08
CA GLN J 605 41.20 33.50 -51.29
C GLN J 605 41.01 34.89 -50.65
N PRO J 606 42.11 35.55 -50.27
CA PRO J 606 41.98 36.81 -49.52
C PRO J 606 41.55 37.97 -50.41
N GLY J 607 40.49 38.65 -49.98
CA GLY J 607 40.01 39.83 -50.69
C GLY J 607 39.43 39.57 -52.06
N GLN J 608 38.62 38.52 -52.21
CA GLN J 608 37.88 38.30 -53.45
C GLN J 608 36.40 38.06 -53.18
N MET J 609 35.66 37.67 -54.21
CA MET J 609 34.22 37.53 -54.10
C MET J 609 33.85 36.32 -53.26
N VAL J 610 32.74 36.44 -52.53
CA VAL J 610 32.17 35.36 -51.74
C VAL J 610 30.65 35.40 -51.93
N VAL J 611 30.06 34.20 -52.02
CA VAL J 611 28.62 34.07 -52.21
C VAL J 611 28.07 33.18 -51.10
N ALA J 612 26.76 33.30 -50.87
CA ALA J 612 26.09 32.56 -49.81
C ALA J 612 26.25 31.06 -50.02
N GLY J 613 26.44 30.34 -48.92
CA GLY J 613 26.55 28.89 -48.97
C GLY J 613 27.88 28.35 -49.41
N GLU J 614 28.91 29.19 -49.53
CA GLU J 614 30.22 28.72 -49.95
C GLU J 614 31.05 28.35 -48.74
N GLU J 615 31.63 27.15 -48.76
CA GLU J 615 32.52 26.77 -47.66
C GLU J 615 33.72 27.68 -47.70
N LEU J 616 34.26 28.02 -46.52
CA LEU J 616 35.39 28.93 -46.46
C LEU J 616 36.65 28.25 -45.96
N LEU J 617 36.53 27.46 -44.90
CA LEU J 617 37.67 26.77 -44.33
C LEU J 617 37.22 25.63 -43.43
N THR J 618 38.16 24.84 -42.93
CA THR J 618 37.81 23.69 -42.10
C THR J 618 38.68 23.51 -40.87
N LEU J 619 38.12 23.74 -39.68
CA LEU J 619 38.86 23.48 -38.47
C LEU J 619 38.76 22.02 -38.07
N GLU J 620 39.80 21.48 -37.44
CA GLU J 620 39.77 20.12 -36.95
C GLU J 620 40.00 20.14 -35.45
N ALA J 621 39.07 19.59 -34.68
CA ALA J 621 39.18 19.60 -33.21
C ALA J 621 38.80 18.29 -32.60
N MET J 622 39.61 17.82 -31.66
CA MET J 622 39.32 16.56 -31.01
C MET J 622 38.92 15.53 -32.06
N LYS J 623 39.72 15.40 -33.11
CA LYS J 623 39.45 14.43 -34.16
C LYS J 623 38.12 14.66 -34.87
N MET J 624 37.96 15.83 -35.48
CA MET J 624 36.72 16.15 -36.19
C MET J 624 36.88 17.40 -37.02
N ARG J 625 36.67 17.29 -38.33
CA ARG J 625 36.77 18.44 -39.19
C ARG J 625 35.42 19.09 -39.41
N ASN J 626 35.27 20.33 -38.97
CA ASN J 626 34.02 21.04 -39.21
C ASN J 626 34.18 21.79 -40.52
N LYS J 627 33.28 22.72 -40.79
CA LYS J 627 33.40 23.52 -42.01
C LYS J 627 32.49 24.74 -41.96
N ILE J 628 32.98 25.82 -41.37
CA ILE J 628 32.19 27.05 -41.32
C ILE J 628 32.16 27.73 -42.68
N HIS J 629 30.97 28.07 -43.15
CA HIS J 629 30.84 28.66 -44.48
C HIS J 629 30.43 30.11 -44.44
N ALA J 630 30.14 30.69 -45.60
CA ALA J 630 29.69 32.06 -45.65
C ALA J 630 28.17 32.09 -45.76
N GLN J 631 27.51 32.55 -44.71
CA GLN J 631 26.05 32.55 -44.71
C GLN J 631 25.50 33.38 -45.85
N ALA J 632 25.95 34.63 -45.96
CA ALA J 632 25.48 35.51 -47.03
C ALA J 632 26.31 36.78 -47.11
N ASP J 633 26.83 37.09 -48.31
CA ASP J 633 27.60 38.31 -48.51
C ASP J 633 28.03 38.41 -49.96
N GLY J 634 28.61 39.54 -50.35
CA GLY J 634 29.09 39.69 -51.71
C GLY J 634 30.60 39.56 -51.82
N LYS J 635 31.33 40.22 -50.93
CA LYS J 635 32.79 40.18 -50.97
C LYS J 635 33.43 40.24 -49.60
N VAL J 636 34.76 40.23 -49.56
CA VAL J 636 35.49 40.26 -48.30
C VAL J 636 36.75 41.11 -48.44
N LYS J 637 37.24 41.58 -47.29
CA LYS J 637 38.51 42.30 -47.20
C LYS J 637 39.13 41.92 -45.87
N GLU J 638 40.25 41.19 -45.91
CA GLU J 638 40.75 40.52 -44.71
C GLU J 638 42.11 39.90 -44.99
N VAL J 639 42.68 39.28 -43.96
CA VAL J 639 43.95 38.56 -44.05
C VAL J 639 43.73 37.13 -43.56
N LYS J 640 44.12 36.17 -44.39
CA LYS J 640 43.83 34.77 -44.14
C LYS J 640 44.66 34.22 -42.99
N VAL J 641 44.04 33.36 -42.16
CA VAL J 641 44.77 32.63 -41.15
C VAL J 641 45.45 31.44 -41.81
N LYS J 642 46.76 31.32 -41.61
CA LYS J 642 47.55 30.36 -42.37
C LYS J 642 47.26 28.93 -41.91
N LEU J 643 47.68 27.97 -42.74
CA LEU J 643 47.46 26.57 -42.46
C LEU J 643 48.17 26.14 -41.18
N GLY J 644 47.50 25.32 -40.38
CA GLY J 644 48.09 24.81 -39.16
C GLY J 644 48.20 25.81 -38.04
N ALA J 645 47.40 26.87 -38.05
CA ALA J 645 47.45 27.89 -37.01
C ALA J 645 46.54 27.46 -35.86
N THR J 646 47.11 26.68 -34.94
CA THR J 646 46.37 26.14 -33.80
C THR J 646 46.17 27.23 -32.75
N VAL J 647 45.44 28.27 -33.14
CA VAL J 647 45.19 29.38 -32.24
C VAL J 647 43.69 29.49 -31.91
N GLU J 648 42.86 29.75 -32.91
CA GLU J 648 41.40 29.83 -32.78
C GLU J 648 41.05 30.69 -31.55
N ASP J 649 40.28 30.17 -30.60
CA ASP J 649 39.80 30.95 -29.45
C ASP J 649 39.01 32.18 -29.91
N ASN J 650 38.07 31.93 -30.82
CA ASN J 650 37.15 32.96 -31.31
C ASN J 650 37.89 34.14 -31.90
N GLU J 651 38.93 33.86 -32.69
CA GLU J 651 39.63 34.90 -33.42
C GLU J 651 38.90 35.25 -34.70
N VAL J 652 39.40 36.28 -35.39
CA VAL J 652 38.82 36.72 -36.65
C VAL J 652 39.52 36.00 -37.80
N LEU J 653 39.00 34.82 -38.16
CA LEU J 653 39.59 34.04 -39.24
C LEU J 653 39.44 34.74 -40.58
N VAL J 654 38.22 35.20 -40.87
CA VAL J 654 37.93 35.94 -42.10
C VAL J 654 37.14 37.18 -41.72
N GLU J 655 37.49 38.31 -42.33
CA GLU J 655 36.84 39.59 -42.07
C GLU J 655 36.11 40.06 -43.32
N LEU J 656 34.83 40.33 -43.19
CA LEU J 656 33.97 40.66 -44.33
C LEU J 656 33.79 42.17 -44.39
N GLU J 657 34.27 42.79 -45.47
CA GLU J 657 34.10 44.22 -45.66
C GLU J 657 33.97 44.54 -47.14
C11 BTI K . 31.12 -45.69 -9.85
O11 BTI K . 32.15 -45.04 -9.73
C10 BTI K . 30.03 -45.54 -8.82
C9 BTI K . 30.19 -44.16 -8.20
C8 BTI K . 28.95 -43.75 -7.43
C7 BTI K . 29.32 -42.55 -6.57
C2 BTI K . 28.14 -42.15 -5.70
S1 BTI K . 27.00 -43.48 -5.64
C6 BTI K . 25.56 -42.47 -5.77
C5 BTI K . 25.96 -41.15 -6.37
N3 BTI K . 25.71 -41.08 -7.79
C3 BTI K . 26.81 -40.79 -8.46
O3 BTI K . 26.86 -40.61 -9.66
N2 BTI K . 27.84 -40.73 -7.66
C4 BTI K . 27.45 -40.94 -6.29
C11 BTI L . -48.50 -8.49 29.80
O11 BTI L . -48.16 -9.58 30.19
C10 BTI L . -47.52 -7.35 29.86
C9 BTI L . -46.13 -7.94 29.81
C8 BTI L . -45.07 -6.90 29.51
C7 BTI L . -43.72 -7.50 29.83
C2 BTI L . -42.62 -6.47 29.62
S1 BTI L . -43.35 -4.88 29.58
C6 BTI L . -42.35 -4.26 28.26
C5 BTI L . -41.80 -5.45 27.49
N3 BTI L . -42.56 -5.76 26.30
C3 BTI L . -42.99 -7.01 26.33
O3 BTI L . -43.59 -7.55 25.43
N2 BTI L . -42.67 -7.59 27.46
C4 BTI L . -41.91 -6.71 28.30
C11 BTI M . -17.06 -54.96 0.07
O11 BTI M . -18.25 -54.67 0.06
C10 BTI M . -16.11 -54.24 -0.85
C9 BTI M . -16.73 -52.88 -1.17
C8 BTI M . -15.73 -51.94 -1.79
C7 BTI M . -16.49 -50.77 -2.37
C2 BTI M . -15.54 -49.82 -3.09
S1 BTI M . -14.03 -50.66 -3.40
C6 BTI M . -12.98 -49.31 -3.01
C5 BTI M . -13.77 -48.34 -2.14
N3 BTI M . -13.50 -48.50 -0.73
C3 BTI M . -14.62 -48.75 -0.06
O3 BTI M . -14.69 -48.86 1.15
N2 BTI M . -15.64 -48.84 -0.87
C4 BTI M . -15.26 -48.61 -2.23
C11 BTI N . -39.04 37.96 13.65
O11 BTI N . -38.57 38.75 12.86
C10 BTI N . -39.27 36.53 13.23
C9 BTI N . -38.30 36.24 12.09
C8 BTI N . -38.18 34.77 11.82
C7 BTI N . -37.48 34.59 10.48
C2 BTI N . -37.40 33.12 10.12
S1 BTI N . -38.56 32.22 11.09
C6 BTI N . -37.51 30.84 11.40
C5 BTI N . -36.07 31.29 11.17
N3 BTI N . -35.40 31.63 12.40
C3 BTI N . -34.92 32.87 12.36
O3 BTI N . -34.26 33.39 13.22
N2 BTI N . -35.27 33.46 11.24
C4 BTI N . -36.02 32.58 10.39
C11 BTI O . 44.71 13.74 -27.58
O11 BTI O . 44.73 12.70 -28.21
C10 BTI O . 43.41 14.48 -27.42
C9 BTI O . 42.29 13.47 -27.57
C8 BTI O . 40.97 14.03 -27.08
C7 BTI O . 39.87 13.11 -27.57
C2 BTI O . 38.50 13.65 -27.18
S1 BTI O . 38.67 15.36 -26.76
C6 BTI O . 37.59 15.30 -25.38
C5 BTI O . 37.48 13.86 -24.92
N3 BTI O . 38.34 13.56 -23.80
C3 BTI O . 39.16 12.56 -24.08
O3 BTI O . 39.94 12.06 -23.30
N2 BTI O . 39.00 12.16 -25.32
C4 BTI O . 37.96 12.91 -25.98
C11 BTI P . 21.30 49.91 -2.07
O11 BTI P . 20.63 50.32 -1.14
C10 BTI P . 21.99 48.58 -1.94
C9 BTI P . 21.21 47.75 -0.95
C8 BTI P . 21.59 46.29 -1.00
C7 BTI P . 21.03 45.61 0.24
C2 BTI P . 21.45 44.15 0.28
S1 BTI P . 22.80 43.91 -0.83
C6 BTI P . 22.24 42.38 -1.46
C5 BTI P . 20.75 42.26 -1.21
N3 BTI P . 19.94 42.62 -2.35
C3 BTI P . 19.11 43.60 -2.06
O3 BTI P . 18.28 44.06 -2.81
N2 BTI P . 19.29 44.02 -0.82
C4 BTI P . 20.30 43.26 -0.16
#